data_6UQO
#
_entry.id   6UQO
#
loop_
_entity.id
_entity.type
_entity.pdbx_description
1 polymer 'ATP-dependent Clp protease ATP-binding subunit ClpA'
2 polymer 'ATP-dependent Clp endopeptidase proteolytic subunit ClpP'
3 polymer RepA-GFP
4 non-polymer "ADENOSINE-5'-DIPHOSPHATE"
5 non-polymer 'PHOSPHOTHIOPHOSPHORIC ACID-ADENYLATE ESTER'
#
loop_
_entity_poly.entity_id
_entity_poly.type
_entity_poly.pdbx_seq_one_letter_code
_entity_poly.pdbx_strand_id
1 'polypeptide(L)'
;MENFTTNLNQLARVGGIDPLIGREKELERAIQVLCRRRKNNPLLVGESGVGKTAIAEGLAWRIVQGDVPEVMADCTIYSL
DIGSLLAGTKYRGDFEKRFKALLKQLEQDTNSILFIDEIHTIIGAGAASGGQVDAANLIKPLLSSGKIRVIGSTTYQEFS
NIFEKDRALARRFQKIDITEPSIEETVQIINGLKPKYEAHHDVRYTAKAVRAAVELAVKYINDRHLPDKAIDVIDEAGAR
ARLMPVSKRKKTVNVADIESVVARIARIPEKSVSQSDRDTLKNLGDRLKMLVFGQDKAIEALTEAIKMARAGLGHEHKPV
GSFLFAGPTGVGKTEVTVQLSKALGIELLRFDMSEYMERHTVSRLIGAPPGYVGFDQGGLLTDAVIKHPHAVLLLDEIEK
AHPDVFNILLQVMDNGTLTDNNGRKADFRNVVLVMTTNAGVRETERKSIGLIHQDNSTDAMEEIKKIFTPEFRNRLDNII
WFDHLSTDVIHQVVDKFIVELQVQLDQKGVSLEVSQEARNWLAEKGYDRAMGARPMARVIQDNLKKPLANELLFGSLVDG
GQVTVALDKEKNELTYGF
;
A,B,C,D,E,F
2 'polypeptide(L)'
;ALVPMVIEQTSRGERSFDIYSRLLKERVIFLTGQVEDHMANLIVAQMLFLEAENPEKDIYLYINSPGGVITAGMSIYDTM
QFIKPDVSTICMGQAASMGAFLLTAGAKGKRFCLPNSRVMIHQPLGGYQGQATDIEIHAREILKVKGRMNELMALHTGQS
LEQIERDTERDRFLSAPEAVEYGLVDSILTHR
;
G,H,I,J,K,L,M,N,O,P,Q,R,S,T
3 'polypeptide(L)' (UNK)(UNK)(UNK)(UNK)(UNK)(UNK)(UNK)(UNK)(UNK) X,Y
#
loop_
_chem_comp.id
_chem_comp.type
_chem_comp.name
_chem_comp.formula
ADP non-polymer ADENOSINE-5'-DIPHOSPHATE 'C10 H15 N5 O10 P2'
AGS non-polymer 'PHOSPHOTHIOPHOSPHORIC ACID-ADENYLATE ESTER' 'C10 H16 N5 O12 P3 S'
#
# COMPACT_ATOMS: atom_id res chain seq x y z
N MET A 1 35.74 10.93 -70.05
CA MET A 1 36.57 10.44 -68.96
C MET A 1 37.73 11.39 -68.80
N GLU A 2 37.90 12.26 -69.78
CA GLU A 2 39.05 13.15 -69.84
C GLU A 2 39.21 14.01 -68.59
N ASN A 3 38.10 14.43 -67.99
CA ASN A 3 38.14 15.22 -66.78
C ASN A 3 37.40 14.52 -65.65
N PHE A 4 37.27 13.19 -65.74
CA PHE A 4 36.57 12.45 -64.72
C PHE A 4 37.46 11.40 -64.12
N THR A 5 38.32 10.77 -64.92
CA THR A 5 39.12 9.71 -64.36
C THR A 5 40.60 9.91 -64.55
N THR A 6 41.34 9.35 -63.61
CA THR A 6 42.79 9.35 -63.64
C THR A 6 43.37 7.98 -63.92
N ASN A 7 44.30 7.91 -64.84
CA ASN A 7 44.96 6.65 -65.13
C ASN A 7 46.00 6.43 -64.07
N LEU A 8 45.77 5.49 -63.17
CA LEU A 8 46.66 5.31 -62.05
C LEU A 8 47.93 4.61 -62.44
N ASN A 9 47.93 3.97 -63.61
CA ASN A 9 49.14 3.29 -64.00
C ASN A 9 50.09 4.35 -64.44
N GLN A 10 49.53 5.38 -65.03
CA GLN A 10 50.36 6.46 -65.51
C GLN A 10 50.96 7.15 -64.32
N LEU A 11 50.19 7.28 -63.26
CA LEU A 11 50.74 7.93 -62.08
C LEU A 11 51.80 7.08 -61.46
N ALA A 12 51.60 5.76 -61.40
CA ALA A 12 52.62 4.91 -60.81
C ALA A 12 53.93 5.04 -61.58
N ARG A 13 53.86 5.19 -62.91
CA ARG A 13 55.06 5.37 -63.70
C ARG A 13 55.75 6.71 -63.43
N VAL A 14 54.96 7.77 -63.26
CA VAL A 14 55.48 9.11 -62.97
C VAL A 14 56.09 9.24 -61.58
N GLY A 15 55.43 8.67 -60.60
CA GLY A 15 55.79 8.69 -59.19
C GLY A 15 54.54 8.23 -58.50
N GLY A 16 53.60 9.15 -58.30
CA GLY A 16 52.30 8.72 -57.85
C GLY A 16 52.23 7.98 -56.52
N ILE A 17 51.74 6.76 -56.67
CA ILE A 17 51.44 5.77 -55.66
C ILE A 17 52.62 5.09 -54.99
N ASP A 18 52.58 5.09 -53.67
CA ASP A 18 53.57 4.42 -52.85
C ASP A 18 53.35 2.92 -52.92
N PRO A 19 54.37 2.09 -52.81
CA PRO A 19 54.25 0.66 -52.82
C PRO A 19 53.58 0.23 -51.53
N LEU A 20 52.90 -0.90 -51.56
CA LEU A 20 52.36 -1.44 -50.32
C LEU A 20 53.35 -2.25 -49.56
N ILE A 21 53.29 -2.09 -48.27
CA ILE A 21 54.12 -2.82 -47.36
C ILE A 21 53.26 -3.80 -46.57
N GLY A 22 53.48 -5.11 -46.74
CA GLY A 22 52.74 -6.09 -45.93
C GLY A 22 51.24 -6.33 -46.21
N ARG A 23 50.77 -6.14 -47.42
CA ARG A 23 49.34 -6.32 -47.72
C ARG A 23 49.07 -7.37 -48.75
N GLU A 24 49.90 -8.38 -48.78
CA GLU A 24 49.77 -9.45 -49.72
C GLU A 24 48.47 -10.21 -49.60
N LYS A 25 47.95 -10.41 -48.41
CA LYS A 25 46.72 -11.20 -48.34
C LYS A 25 45.53 -10.46 -48.92
N GLU A 26 45.48 -9.15 -48.72
CA GLU A 26 44.39 -8.37 -49.24
C GLU A 26 44.46 -8.40 -50.76
N LEU A 27 45.67 -8.32 -51.30
CA LEU A 27 45.85 -8.34 -52.73
C LEU A 27 45.48 -9.69 -53.30
N GLU A 28 45.83 -10.77 -52.62
CA GLU A 28 45.50 -12.08 -53.14
C GLU A 28 44.00 -12.21 -53.28
N ARG A 29 43.26 -11.66 -52.32
CA ARG A 29 41.82 -11.76 -52.41
C ARG A 29 41.29 -10.86 -53.51
N ALA A 30 41.82 -9.65 -53.65
CA ALA A 30 41.32 -8.78 -54.70
C ALA A 30 41.49 -9.43 -56.07
N ILE A 31 42.59 -10.13 -56.26
CA ILE A 31 42.80 -10.79 -57.53
C ILE A 31 41.83 -11.93 -57.67
N GLN A 32 41.61 -12.69 -56.61
CA GLN A 32 40.68 -13.79 -56.67
C GLN A 32 39.32 -13.33 -57.13
N VAL A 33 38.89 -12.14 -56.69
CA VAL A 33 37.61 -11.61 -57.09
C VAL A 33 37.58 -11.12 -58.52
N LEU A 34 38.58 -10.36 -58.92
CA LEU A 34 38.57 -9.80 -60.25
C LEU A 34 38.62 -10.87 -61.31
N CYS A 35 39.22 -12.00 -60.98
CA CYS A 35 39.36 -13.11 -61.90
C CYS A 35 38.10 -13.98 -62.07
N ARG A 36 37.01 -13.62 -61.42
CA ARG A 36 35.74 -14.33 -61.56
C ARG A 36 35.02 -13.97 -62.88
N ARG A 37 33.98 -14.74 -63.27
CA ARG A 37 33.37 -14.36 -64.56
C ARG A 37 32.20 -13.42 -64.34
N ARG A 38 31.61 -13.45 -63.16
CA ARG A 38 30.50 -12.59 -62.81
C ARG A 38 30.66 -12.06 -61.44
N LYS A 39 30.16 -10.86 -61.24
CA LYS A 39 30.22 -10.16 -59.97
C LYS A 39 31.67 -9.98 -59.57
N ASN A 40 32.52 -9.77 -60.53
CA ASN A 40 33.93 -9.63 -60.25
C ASN A 40 34.24 -8.19 -59.94
N ASN A 41 33.71 -7.77 -58.81
CA ASN A 41 33.76 -6.41 -58.36
C ASN A 41 34.07 -6.38 -56.87
N PRO A 42 35.32 -6.33 -56.45
CA PRO A 42 35.68 -6.38 -55.06
C PRO A 42 35.30 -5.07 -54.44
N LEU A 43 35.00 -5.10 -53.17
CA LEU A 43 34.72 -3.94 -52.37
C LEU A 43 35.56 -3.95 -51.12
N LEU A 44 36.33 -2.91 -50.90
CA LEU A 44 37.17 -2.89 -49.73
C LEU A 44 36.45 -2.14 -48.62
N VAL A 45 36.22 -2.82 -47.51
CA VAL A 45 35.48 -2.22 -46.42
C VAL A 45 36.38 -2.12 -45.20
N GLY A 46 36.48 -0.93 -44.65
CA GLY A 46 37.35 -0.75 -43.48
C GLY A 46 36.95 0.38 -42.56
N GLU A 47 37.96 1.00 -41.99
CA GLU A 47 37.85 2.13 -41.08
C GLU A 47 38.74 3.16 -41.70
N SER A 48 38.56 4.43 -41.42
CA SER A 48 39.44 5.32 -42.15
C SER A 48 40.85 5.18 -41.61
N GLY A 49 41.85 5.44 -42.45
CA GLY A 49 43.21 5.43 -41.98
C GLY A 49 43.81 4.05 -41.79
N VAL A 50 43.31 3.02 -42.48
CA VAL A 50 43.87 1.69 -42.30
C VAL A 50 44.49 1.16 -43.58
N GLY A 51 44.73 2.02 -44.56
CA GLY A 51 45.27 1.60 -45.84
C GLY A 51 44.19 1.17 -46.80
N LYS A 52 42.97 1.50 -46.47
CA LYS A 52 41.80 1.14 -47.24
C LYS A 52 41.89 1.65 -48.69
N THR A 53 42.40 2.87 -48.86
CA THR A 53 42.58 3.46 -50.19
C THR A 53 43.90 3.03 -50.75
N ALA A 54 44.87 2.93 -49.86
CA ALA A 54 46.21 2.62 -50.28
C ALA A 54 46.25 1.30 -51.01
N ILE A 55 45.44 0.33 -50.59
CA ILE A 55 45.47 -0.96 -51.23
C ILE A 55 45.02 -0.92 -52.67
N ALA A 56 43.94 -0.22 -52.97
CA ALA A 56 43.51 -0.18 -54.36
C ALA A 56 44.58 0.49 -55.21
N GLU A 57 45.19 1.53 -54.68
CA GLU A 57 46.23 2.23 -55.41
C GLU A 57 47.40 1.30 -55.63
N GLY A 58 47.69 0.52 -54.60
CA GLY A 58 48.77 -0.43 -54.60
C GLY A 58 48.61 -1.43 -55.71
N LEU A 59 47.39 -1.82 -56.02
CA LEU A 59 47.24 -2.77 -57.10
C LEU A 59 47.66 -2.12 -58.40
N ALA A 60 47.27 -0.88 -58.65
CA ALA A 60 47.68 -0.27 -59.91
C ALA A 60 49.19 -0.23 -59.99
N TRP A 61 49.83 0.06 -58.86
CA TRP A 61 51.27 0.15 -58.84
C TRP A 61 51.89 -1.21 -59.20
N ARG A 62 51.40 -2.27 -58.58
CA ARG A 62 51.91 -3.60 -58.84
C ARG A 62 51.67 -4.03 -60.28
N ILE A 63 50.59 -3.59 -60.90
CA ILE A 63 50.39 -3.99 -62.27
C ILE A 63 51.49 -3.38 -63.11
N VAL A 64 51.77 -2.11 -62.86
CA VAL A 64 52.79 -1.37 -63.59
C VAL A 64 54.15 -1.99 -63.45
N GLN A 65 54.44 -2.48 -62.27
CA GLN A 65 55.72 -3.10 -62.00
C GLN A 65 55.81 -4.56 -62.44
N GLY A 66 54.73 -5.15 -62.94
CA GLY A 66 54.77 -6.55 -63.33
C GLY A 66 54.75 -7.50 -62.13
N ASP A 67 54.14 -7.08 -61.03
CA ASP A 67 54.07 -7.85 -59.79
C ASP A 67 52.73 -8.55 -59.62
N VAL A 68 52.08 -8.78 -60.74
CA VAL A 68 50.80 -9.43 -60.77
C VAL A 68 50.85 -10.62 -61.75
N PRO A 69 49.95 -11.61 -61.66
CA PRO A 69 49.80 -12.71 -62.59
C PRO A 69 49.49 -12.09 -63.92
N GLU A 70 49.84 -12.76 -65.02
CA GLU A 70 49.67 -12.26 -66.39
C GLU A 70 48.21 -12.03 -66.74
N VAL A 71 47.35 -12.57 -65.93
CA VAL A 71 45.93 -12.43 -66.05
C VAL A 71 45.61 -10.94 -65.99
N MET A 72 46.34 -10.21 -65.15
CA MET A 72 46.18 -8.79 -64.93
C MET A 72 47.02 -7.95 -65.88
N ALA A 73 47.73 -8.59 -66.80
CA ALA A 73 48.60 -7.85 -67.65
C ALA A 73 47.81 -6.86 -68.43
N ASP A 74 48.42 -5.71 -68.61
CA ASP A 74 47.88 -4.62 -69.39
C ASP A 74 46.61 -4.02 -68.84
N CYS A 75 46.25 -4.34 -67.62
CA CYS A 75 45.08 -3.74 -67.06
C CYS A 75 45.37 -2.36 -66.55
N THR A 76 44.38 -1.50 -66.70
CA THR A 76 44.49 -0.14 -66.22
C THR A 76 43.42 0.17 -65.24
N ILE A 77 43.81 0.69 -64.08
CA ILE A 77 42.86 1.04 -63.03
C ILE A 77 42.79 2.55 -62.82
N TYR A 78 41.84 3.19 -63.50
CA TYR A 78 41.67 4.64 -63.38
C TYR A 78 40.70 4.99 -62.26
N SER A 79 41.06 6.01 -61.47
CA SER A 79 40.23 6.45 -60.37
C SER A 79 39.21 7.49 -60.81
N LEU A 80 37.97 7.32 -60.38
CA LEU A 80 36.89 8.25 -60.74
C LEU A 80 36.52 9.32 -59.75
N ASP A 81 36.54 10.56 -60.25
CA ASP A 81 36.19 11.75 -59.52
C ASP A 81 34.71 12.04 -59.64
N ILE A 82 33.97 11.70 -58.60
CA ILE A 82 32.52 11.86 -58.61
C ILE A 82 32.18 13.33 -58.62
N GLY A 83 32.95 14.12 -57.89
CA GLY A 83 32.70 15.53 -57.83
C GLY A 83 32.69 16.14 -59.23
N SER A 84 33.73 15.89 -60.03
CA SER A 84 33.73 16.51 -61.35
C SER A 84 32.67 15.89 -62.25
N LEU A 85 32.31 14.63 -62.00
CA LEU A 85 31.30 13.94 -62.78
C LEU A 85 29.92 14.53 -62.58
N LEU A 86 29.60 14.91 -61.35
CA LEU A 86 28.26 15.40 -61.07
C LEU A 86 28.10 16.92 -61.13
N ALA A 87 29.18 17.65 -60.92
CA ALA A 87 29.12 19.10 -60.91
C ALA A 87 28.83 19.66 -62.29
N GLY A 88 28.17 20.82 -62.36
CA GLY A 88 28.00 21.45 -63.66
C GLY A 88 26.94 20.88 -64.59
N THR A 89 25.79 20.50 -64.04
CA THR A 89 24.72 19.92 -64.85
C THR A 89 23.44 20.79 -64.85
N LYS A 90 22.47 20.38 -64.03
CA LYS A 90 21.13 20.98 -63.86
C LYS A 90 20.12 20.88 -65.02
N TYR A 91 20.35 20.01 -66.00
CA TYR A 91 19.35 19.77 -67.03
C TYR A 91 18.94 18.32 -67.08
N ARG A 92 17.78 18.07 -67.65
CA ARG A 92 17.18 16.76 -67.61
C ARG A 92 18.03 15.65 -68.17
N GLY A 93 18.75 15.91 -69.24
CA GLY A 93 19.51 14.84 -69.84
C GLY A 93 20.98 14.82 -69.46
N ASP A 94 21.40 15.64 -68.51
CA ASP A 94 22.84 15.75 -68.25
C ASP A 94 23.52 14.60 -67.56
N PHE A 95 22.88 14.07 -66.53
CA PHE A 95 23.45 12.95 -65.77
C PHE A 95 23.40 11.63 -66.53
N GLU A 96 22.45 11.52 -67.46
CA GLU A 96 22.32 10.30 -68.26
C GLU A 96 23.24 10.29 -69.47
N LYS A 97 23.66 11.49 -69.89
CA LYS A 97 24.54 11.63 -71.03
C LYS A 97 25.98 11.56 -70.64
N ARG A 98 26.35 12.28 -69.59
CA ARG A 98 27.73 12.33 -69.18
C ARG A 98 28.20 10.98 -68.67
N PHE A 99 27.35 10.34 -67.89
CA PHE A 99 27.65 9.07 -67.31
C PHE A 99 27.78 8.03 -68.40
N LYS A 100 26.85 8.01 -69.35
CA LYS A 100 26.95 7.02 -70.39
C LYS A 100 28.19 7.24 -71.21
N ALA A 101 28.58 8.48 -71.46
CA ALA A 101 29.80 8.69 -72.22
C ALA A 101 31.00 8.11 -71.47
N LEU A 102 31.02 8.30 -70.15
CA LEU A 102 32.11 7.76 -69.35
C LEU A 102 32.14 6.28 -69.49
N LEU A 103 31.00 5.64 -69.38
CA LEU A 103 30.98 4.21 -69.44
C LEU A 103 31.43 3.72 -70.80
N LYS A 104 31.02 4.38 -71.87
CA LYS A 104 31.41 3.91 -73.18
C LYS A 104 32.92 3.83 -73.34
N GLN A 105 33.63 4.76 -72.73
CA GLN A 105 35.06 4.83 -72.85
C GLN A 105 35.79 3.78 -71.99
N LEU A 106 35.04 3.08 -71.14
CA LEU A 106 35.57 2.01 -70.31
C LEU A 106 35.12 0.68 -70.94
N GLU A 107 33.91 0.68 -71.49
CA GLU A 107 33.27 -0.47 -72.12
C GLU A 107 34.03 -0.93 -73.33
N GLN A 108 34.63 0.02 -74.04
CA GLN A 108 35.40 -0.25 -75.23
C GLN A 108 36.67 -1.06 -74.96
N ASP A 109 37.14 -1.10 -73.72
CA ASP A 109 38.35 -1.83 -73.37
C ASP A 109 37.92 -3.22 -72.91
N THR A 110 38.87 -4.07 -72.57
CA THR A 110 38.52 -5.37 -72.04
C THR A 110 39.30 -5.50 -70.76
N ASN A 111 40.33 -4.66 -70.68
CA ASN A 111 41.27 -4.68 -69.56
C ASN A 111 41.14 -3.46 -68.66
N SER A 112 40.02 -2.77 -68.73
CA SER A 112 39.83 -1.59 -67.90
C SER A 112 39.12 -1.91 -66.61
N ILE A 113 39.63 -1.36 -65.53
CA ILE A 113 39.09 -1.50 -64.21
C ILE A 113 38.78 -0.13 -63.66
N LEU A 114 37.59 0.04 -63.13
CA LEU A 114 37.25 1.33 -62.58
C LEU A 114 37.30 1.30 -61.05
N PHE A 115 37.95 2.28 -60.45
CA PHE A 115 38.03 2.39 -59.01
C PHE A 115 37.20 3.53 -58.48
N ILE A 116 36.23 3.19 -57.67
CA ILE A 116 35.34 4.17 -57.13
C ILE A 116 35.46 4.28 -55.65
N ASP A 117 35.95 5.41 -55.19
CA ASP A 117 36.04 5.53 -53.77
C ASP A 117 34.70 6.05 -53.34
N GLU A 118 34.48 6.21 -52.06
CA GLU A 118 33.19 6.74 -51.61
C GLU A 118 32.05 6.01 -52.31
N ILE A 119 32.15 4.69 -52.41
CA ILE A 119 31.18 3.93 -53.18
C ILE A 119 29.78 4.10 -52.68
N HIS A 120 29.61 4.30 -51.39
CA HIS A 120 28.33 4.42 -50.76
C HIS A 120 27.64 5.72 -51.06
N THR A 121 28.37 6.63 -51.71
CA THR A 121 27.83 7.91 -52.14
C THR A 121 26.89 7.62 -53.28
N ILE A 122 27.32 6.73 -54.16
CA ILE A 122 26.55 6.30 -55.32
C ILE A 122 25.25 5.63 -54.86
N ILE A 123 25.34 4.92 -53.74
CA ILE A 123 24.18 4.25 -53.17
C ILE A 123 23.20 5.35 -52.78
N GLY A 124 21.92 5.02 -52.80
CA GLY A 124 20.89 6.00 -52.50
C GLY A 124 20.55 6.79 -53.75
N ALA A 125 21.06 6.32 -54.89
CA ALA A 125 20.86 6.93 -56.20
C ALA A 125 21.85 8.05 -56.47
N GLY A 126 22.74 8.30 -55.52
CA GLY A 126 23.74 9.34 -55.67
C GLY A 126 23.10 10.68 -55.96
N ALA A 127 23.60 11.37 -56.98
CA ALA A 127 23.04 12.66 -57.35
C ALA A 127 21.85 12.45 -58.28
N ALA A 128 20.77 11.91 -57.73
CA ALA A 128 19.56 11.65 -58.49
C ALA A 128 18.38 12.36 -57.83
N SER A 129 17.59 13.07 -58.63
CA SER A 129 16.45 13.78 -58.07
C SER A 129 15.13 13.57 -58.81
N GLY A 130 14.08 13.27 -58.04
CA GLY A 130 12.74 13.08 -58.58
C GLY A 130 12.10 11.72 -58.81
N GLY A 131 12.76 10.61 -58.52
CA GLY A 131 12.10 9.33 -58.72
C GLY A 131 13.01 8.33 -59.43
N GLN A 132 13.65 7.50 -58.64
CA GLN A 132 14.57 6.47 -59.09
C GLN A 132 15.63 7.00 -60.04
N VAL A 133 15.83 6.33 -61.18
CA VAL A 133 16.87 6.66 -62.17
C VAL A 133 18.14 7.19 -61.52
N ASP A 134 18.61 6.45 -60.54
CA ASP A 134 19.77 6.75 -59.77
C ASP A 134 20.94 6.19 -60.51
N ALA A 135 22.14 6.67 -60.25
CA ALA A 135 23.31 6.05 -60.86
C ALA A 135 23.22 4.53 -60.66
N ALA A 136 22.68 4.09 -59.54
CA ALA A 136 22.53 2.67 -59.28
C ALA A 136 21.75 1.94 -60.35
N ASN A 137 20.81 2.61 -60.98
CA ASN A 137 19.89 1.95 -61.87
C ASN A 137 20.49 1.99 -63.28
N LEU A 138 21.66 2.58 -63.40
CA LEU A 138 22.35 2.66 -64.67
C LEU A 138 23.41 1.59 -64.62
N ILE A 139 23.89 1.35 -63.42
CA ILE A 139 25.00 0.46 -63.12
C ILE A 139 24.63 -1.00 -62.96
N LYS A 140 23.56 -1.30 -62.23
CA LYS A 140 23.21 -2.70 -61.99
C LYS A 140 23.30 -3.60 -63.23
N PRO A 141 22.74 -3.26 -64.40
CA PRO A 141 22.74 -4.07 -65.60
C PRO A 141 24.13 -4.34 -66.15
N LEU A 142 25.11 -3.55 -65.74
CA LEU A 142 26.43 -3.73 -66.27
C LEU A 142 27.17 -4.68 -65.36
N LEU A 143 26.95 -4.52 -64.07
CA LEU A 143 27.65 -5.36 -63.12
C LEU A 143 27.24 -6.81 -63.36
N SER A 144 25.99 -7.01 -63.75
CA SER A 144 25.40 -8.30 -64.02
C SER A 144 25.95 -9.00 -65.25
N SER A 145 26.54 -8.23 -66.17
CA SER A 145 27.04 -8.79 -67.42
C SER A 145 28.52 -9.03 -67.33
N GLY A 146 29.16 -8.35 -66.40
CA GLY A 146 30.60 -8.47 -66.24
C GLY A 146 31.31 -7.53 -67.21
N LYS A 147 30.57 -6.60 -67.81
CA LYS A 147 31.16 -5.70 -68.77
C LYS A 147 32.20 -4.77 -68.16
N ILE A 148 31.94 -4.25 -66.97
CA ILE A 148 32.89 -3.34 -66.33
C ILE A 148 33.26 -3.86 -64.98
N ARG A 149 34.55 -3.96 -64.70
CA ARG A 149 34.96 -4.40 -63.39
C ARG A 149 35.12 -3.20 -62.49
N VAL A 150 34.47 -3.23 -61.34
CA VAL A 150 34.55 -2.11 -60.43
C VAL A 150 35.12 -2.47 -59.09
N ILE A 151 36.09 -1.70 -58.66
CA ILE A 151 36.67 -1.88 -57.34
C ILE A 151 36.07 -0.82 -56.45
N GLY A 152 35.40 -1.22 -55.40
CA GLY A 152 34.79 -0.26 -54.51
C GLY A 152 35.61 -0.01 -53.27
N SER A 153 35.20 0.97 -52.49
CA SER A 153 35.82 1.30 -51.22
C SER A 153 34.88 2.07 -50.30
N THR A 154 34.73 1.58 -49.07
CA THR A 154 33.90 2.24 -48.08
C THR A 154 34.28 1.82 -46.67
N THR A 155 33.49 2.23 -45.70
CA THR A 155 33.75 1.88 -44.32
C THR A 155 32.69 0.93 -43.82
N TYR A 156 32.92 0.32 -42.69
CA TYR A 156 31.96 -0.63 -42.16
C TYR A 156 30.63 -0.02 -41.84
N GLN A 157 30.63 1.18 -41.34
CA GLN A 157 29.40 1.80 -40.93
C GLN A 157 28.62 2.28 -42.13
N GLU A 158 29.30 2.83 -43.11
CA GLU A 158 28.57 3.30 -44.25
C GLU A 158 28.10 2.12 -45.05
N PHE A 159 28.93 1.07 -45.01
CA PHE A 159 28.68 -0.16 -45.73
C PHE A 159 27.35 -0.79 -45.31
N SER A 160 27.09 -0.83 -44.01
CA SER A 160 25.83 -1.42 -43.56
C SER A 160 24.66 -0.47 -43.66
N ASN A 161 24.90 0.84 -43.65
CA ASN A 161 23.79 1.75 -43.79
C ASN A 161 23.27 1.91 -45.22
N ILE A 162 24.10 1.69 -46.23
CA ILE A 162 23.66 1.82 -47.62
C ILE A 162 23.45 0.49 -48.35
N PHE A 163 24.42 -0.39 -48.23
CA PHE A 163 24.40 -1.66 -48.89
C PHE A 163 23.62 -2.60 -48.03
N GLU A 164 23.19 -3.68 -48.63
CA GLU A 164 22.43 -4.71 -47.94
C GLU A 164 21.05 -4.21 -47.54
N LYS A 165 20.65 -3.16 -48.22
CA LYS A 165 19.34 -2.55 -48.18
C LYS A 165 18.97 -2.53 -49.61
N ASP A 166 19.79 -1.88 -50.43
CA ASP A 166 19.57 -2.05 -51.84
C ASP A 166 20.23 -3.35 -52.17
N ARG A 167 19.52 -4.44 -51.92
CA ARG A 167 20.08 -5.77 -51.96
C ARG A 167 20.67 -6.13 -53.29
N ALA A 168 20.08 -5.67 -54.36
CA ALA A 168 20.63 -6.03 -55.65
C ALA A 168 22.06 -5.48 -55.79
N LEU A 169 22.45 -4.43 -55.07
CA LEU A 169 23.81 -3.96 -55.18
C LEU A 169 24.71 -4.63 -54.19
N ALA A 170 24.14 -5.39 -53.28
CA ALA A 170 24.94 -5.99 -52.27
C ALA A 170 25.46 -7.28 -52.82
N ARG A 171 24.65 -7.94 -53.62
CA ARG A 171 25.07 -9.25 -54.07
C ARG A 171 25.93 -9.13 -55.30
N ARG A 172 26.16 -7.93 -55.77
CA ARG A 172 26.95 -7.72 -56.96
C ARG A 172 28.39 -7.31 -56.62
N PHE A 173 28.70 -7.20 -55.33
CA PHE A 173 30.06 -6.85 -54.89
C PHE A 173 30.63 -7.87 -53.94
N GLN A 174 31.94 -8.03 -53.96
CA GLN A 174 32.56 -8.98 -53.06
C GLN A 174 33.31 -8.29 -51.96
N LYS A 175 32.82 -8.42 -50.74
CA LYS A 175 33.43 -7.71 -49.63
C LYS A 175 34.74 -8.29 -49.13
N ILE A 176 35.71 -7.41 -48.95
CA ILE A 176 37.03 -7.70 -48.41
C ILE A 176 37.27 -6.85 -47.15
N ASP A 177 37.63 -7.49 -46.04
CA ASP A 177 37.85 -6.80 -44.77
C ASP A 177 39.25 -6.23 -44.62
N ILE A 178 39.39 -4.92 -44.54
CA ILE A 178 40.71 -4.33 -44.41
C ILE A 178 40.92 -3.90 -42.97
N THR A 179 41.77 -4.64 -42.26
CA THR A 179 42.03 -4.37 -40.85
C THR A 179 43.13 -3.32 -40.64
N GLU A 180 43.36 -2.99 -39.37
CA GLU A 180 44.37 -2.02 -38.99
C GLU A 180 45.66 -2.71 -38.55
N PRO A 181 46.76 -2.36 -39.20
CA PRO A 181 48.06 -2.93 -38.89
C PRO A 181 48.43 -2.82 -37.41
N SER A 182 49.26 -3.74 -36.95
CA SER A 182 49.79 -3.79 -35.60
C SER A 182 50.90 -2.78 -35.43
N ILE A 183 51.42 -2.65 -34.21
CA ILE A 183 52.53 -1.73 -33.96
C ILE A 183 53.74 -2.09 -34.77
N GLU A 184 54.07 -3.35 -34.81
CA GLU A 184 55.24 -3.77 -35.53
C GLU A 184 55.06 -3.52 -37.02
N GLU A 185 53.85 -3.77 -37.51
CA GLU A 185 53.53 -3.56 -38.90
C GLU A 185 53.55 -2.08 -39.22
N THR A 186 53.10 -1.27 -38.28
CA THR A 186 53.08 0.17 -38.50
C THR A 186 54.51 0.66 -38.64
N VAL A 187 55.42 0.12 -37.82
CA VAL A 187 56.82 0.50 -37.92
C VAL A 187 57.36 0.11 -39.27
N GLN A 188 57.01 -1.09 -39.75
CA GLN A 188 57.48 -1.53 -41.06
C GLN A 188 56.95 -0.59 -42.13
N ILE A 189 55.71 -0.15 -41.98
CA ILE A 189 55.12 0.79 -42.93
C ILE A 189 55.88 2.10 -42.88
N ILE A 190 56.17 2.60 -41.69
CA ILE A 190 56.89 3.85 -41.62
C ILE A 190 58.23 3.71 -42.25
N ASN A 191 58.97 2.67 -41.94
CA ASN A 191 60.30 2.57 -42.51
C ASN A 191 60.31 2.39 -44.01
N GLY A 192 59.35 1.67 -44.58
CA GLY A 192 59.34 1.56 -46.03
C GLY A 192 59.03 2.91 -46.68
N LEU A 193 58.14 3.70 -46.07
CA LEU A 193 57.75 4.99 -46.62
C LEU A 193 58.73 6.11 -46.26
N LYS A 194 59.42 5.94 -45.14
CA LYS A 194 60.38 6.86 -44.54
C LYS A 194 61.26 7.67 -45.47
N PRO A 195 61.90 7.12 -46.52
CA PRO A 195 62.78 7.89 -47.36
C PRO A 195 62.11 9.13 -47.94
N LYS A 196 60.78 9.15 -48.09
CA LYS A 196 60.17 10.33 -48.66
C LYS A 196 59.90 11.39 -47.62
N TYR A 197 59.94 11.02 -46.36
CA TYR A 197 59.71 11.97 -45.32
C TYR A 197 61.03 12.60 -45.10
N GLU A 198 62.07 11.78 -45.13
CA GLU A 198 63.38 12.32 -44.92
C GLU A 198 63.74 13.23 -46.07
N ALA A 199 63.40 12.83 -47.30
CA ALA A 199 63.69 13.64 -48.46
C ALA A 199 62.93 14.96 -48.46
N HIS A 200 61.66 14.94 -48.06
CA HIS A 200 60.90 16.17 -48.02
C HIS A 200 61.42 17.12 -46.96
N HIS A 201 61.71 16.56 -45.80
CA HIS A 201 62.09 17.35 -44.66
C HIS A 201 63.58 17.55 -44.45
N ASP A 202 64.46 16.88 -45.20
CA ASP A 202 65.90 17.05 -45.01
C ASP A 202 66.27 16.74 -43.58
N VAL A 203 65.70 15.65 -43.11
CA VAL A 203 65.90 15.15 -41.75
C VAL A 203 66.25 13.71 -41.79
N ARG A 204 66.70 13.19 -40.68
CA ARG A 204 66.91 11.76 -40.58
C ARG A 204 66.25 11.27 -39.32
N TYR A 205 65.54 10.16 -39.36
CA TYR A 205 64.91 9.73 -38.10
C TYR A 205 65.70 8.56 -37.51
N THR A 206 65.82 8.55 -36.19
CA THR A 206 66.51 7.44 -35.55
C THR A 206 65.59 6.25 -35.48
N ALA A 207 66.16 5.08 -35.22
CA ALA A 207 65.34 3.88 -35.07
C ALA A 207 64.42 4.01 -33.88
N LYS A 208 64.93 4.66 -32.84
CA LYS A 208 64.16 4.84 -31.64
C LYS A 208 63.04 5.82 -31.89
N ALA A 209 63.31 6.87 -32.68
CA ALA A 209 62.28 7.85 -32.98
C ALA A 209 61.12 7.22 -33.72
N VAL A 210 61.42 6.30 -34.63
CA VAL A 210 60.34 5.66 -35.35
C VAL A 210 59.54 4.75 -34.46
N ARG A 211 60.22 3.94 -33.65
CA ARG A 211 59.43 3.07 -32.82
C ARG A 211 58.65 3.87 -31.82
N ALA A 212 59.26 4.92 -31.27
CA ALA A 212 58.56 5.73 -30.31
C ALA A 212 57.35 6.38 -30.94
N ALA A 213 57.45 6.83 -32.18
CA ALA A 213 56.28 7.47 -32.77
C ALA A 213 55.10 6.54 -32.78
N VAL A 214 55.34 5.27 -33.06
CA VAL A 214 54.23 4.35 -33.10
C VAL A 214 53.73 4.06 -31.69
N GLU A 215 54.63 3.78 -30.75
CA GLU A 215 54.20 3.43 -29.39
C GLU A 215 53.53 4.58 -28.67
N LEU A 216 54.03 5.78 -28.86
CA LEU A 216 53.48 6.95 -28.23
C LEU A 216 52.13 7.25 -28.82
N ALA A 217 51.99 7.09 -30.14
CA ALA A 217 50.69 7.34 -30.72
C ALA A 217 49.69 6.32 -30.17
N VAL A 218 50.09 5.07 -29.98
CA VAL A 218 49.11 4.14 -29.44
C VAL A 218 48.68 4.52 -28.05
N LYS A 219 49.64 4.89 -27.21
CA LYS A 219 49.31 5.23 -25.85
C LYS A 219 48.54 6.52 -25.69
N TYR A 220 48.89 7.55 -26.44
CA TYR A 220 48.26 8.82 -26.19
C TYR A 220 47.30 9.38 -27.24
N ILE A 221 47.33 8.90 -28.48
CA ILE A 221 46.46 9.47 -29.50
C ILE A 221 45.35 8.47 -29.78
N ASN A 222 44.12 8.86 -29.49
CA ASN A 222 42.99 7.93 -29.56
C ASN A 222 41.84 8.20 -30.52
N ASP A 223 42.03 9.00 -31.58
CA ASP A 223 40.93 9.26 -32.49
C ASP A 223 41.06 8.63 -33.87
N ARG A 224 42.02 7.73 -34.04
CA ARG A 224 42.21 7.10 -35.33
C ARG A 224 43.15 5.91 -35.26
N HIS A 225 43.29 5.26 -36.41
CA HIS A 225 44.12 4.09 -36.61
C HIS A 225 45.60 4.43 -36.95
N LEU A 226 46.51 3.49 -36.64
CA LEU A 226 47.95 3.69 -36.78
C LEU A 226 48.57 4.11 -38.10
N PRO A 227 48.19 3.59 -39.26
CA PRO A 227 48.77 3.98 -40.53
C PRO A 227 48.58 5.45 -40.78
N ASP A 228 47.63 6.08 -40.09
CA ASP A 228 47.45 7.50 -40.26
C ASP A 228 48.22 8.21 -39.14
N LYS A 229 47.90 7.91 -37.88
CA LYS A 229 48.49 8.70 -36.81
C LYS A 229 49.97 8.50 -36.54
N ALA A 230 50.53 7.30 -36.72
CA ALA A 230 51.94 7.19 -36.40
C ALA A 230 52.74 7.94 -37.44
N ILE A 231 52.25 7.89 -38.65
CA ILE A 231 52.87 8.53 -39.77
C ILE A 231 52.75 10.01 -39.55
N ASP A 232 51.59 10.44 -39.08
CA ASP A 232 51.37 11.85 -38.85
C ASP A 232 52.38 12.38 -37.84
N VAL A 233 52.74 11.57 -36.84
CA VAL A 233 53.73 12.00 -35.86
C VAL A 233 55.07 12.19 -36.56
N ILE A 234 55.44 11.25 -37.42
CA ILE A 234 56.69 11.33 -38.15
C ILE A 234 56.73 12.59 -39.01
N ASP A 235 55.63 12.87 -39.69
CA ASP A 235 55.54 14.06 -40.54
C ASP A 235 55.56 15.31 -39.69
N GLU A 236 54.83 15.28 -38.57
CA GLU A 236 54.78 16.42 -37.68
C GLU A 236 56.18 16.74 -37.15
N ALA A 237 56.87 15.71 -36.68
CA ALA A 237 58.23 15.87 -36.17
C ALA A 237 59.16 16.31 -37.29
N GLY A 238 58.90 15.79 -38.49
CA GLY A 238 59.70 16.12 -39.64
C GLY A 238 59.62 17.61 -39.86
N ALA A 239 58.40 18.17 -39.91
CA ALA A 239 58.26 19.60 -40.16
C ALA A 239 58.97 20.39 -39.08
N ARG A 240 58.87 19.95 -37.82
CA ARG A 240 59.57 20.72 -36.82
C ARG A 240 61.04 20.68 -37.10
N ALA A 241 61.55 19.49 -37.40
CA ALA A 241 62.94 19.24 -37.65
C ALA A 241 63.44 19.92 -38.91
N ARG A 242 62.59 20.10 -39.93
CA ARG A 242 63.00 20.82 -41.12
C ARG A 242 63.23 22.28 -40.73
N LEU A 243 62.35 22.80 -39.85
CA LEU A 243 62.42 24.15 -39.32
C LEU A 243 63.49 24.36 -38.25
N MET A 244 63.78 23.36 -37.43
CA MET A 244 64.78 23.46 -36.36
C MET A 244 66.17 24.02 -36.80
N PRO A 245 66.73 23.71 -37.97
CA PRO A 245 67.94 24.28 -38.51
C PRO A 245 67.95 25.83 -38.50
N VAL A 246 66.79 26.52 -38.40
CA VAL A 246 66.84 28.00 -38.39
C VAL A 246 67.57 28.48 -37.12
N SER A 247 67.63 27.58 -36.11
CA SER A 247 68.26 27.75 -34.82
C SER A 247 69.54 26.90 -34.77
N LYS A 248 69.94 26.44 -35.95
CA LYS A 248 71.08 25.61 -36.29
C LYS A 248 71.09 24.23 -35.64
N ARG A 249 69.93 23.60 -35.57
CA ARG A 249 69.83 22.24 -35.06
C ARG A 249 70.16 21.22 -36.16
N LYS A 250 70.51 20.02 -35.71
CA LYS A 250 70.84 18.90 -36.58
C LYS A 250 69.62 18.32 -37.30
N LYS A 251 69.91 17.61 -38.39
CA LYS A 251 68.93 16.93 -39.23
C LYS A 251 68.24 15.77 -38.53
N THR A 252 68.96 15.07 -37.68
CA THR A 252 68.42 13.91 -36.99
C THR A 252 67.30 14.24 -35.99
N VAL A 253 66.22 13.47 -36.10
CA VAL A 253 65.03 13.54 -35.28
C VAL A 253 65.06 12.41 -34.30
N ASN A 254 65.09 12.75 -33.02
CA ASN A 254 65.19 11.68 -32.03
C ASN A 254 63.87 11.50 -31.31
N VAL A 255 63.86 10.56 -30.39
CA VAL A 255 62.69 10.29 -29.59
C VAL A 255 62.21 11.54 -28.90
N ALA A 256 63.10 12.37 -28.41
CA ALA A 256 62.67 13.57 -27.71
C ALA A 256 61.78 14.47 -28.57
N ASP A 257 62.02 14.50 -29.89
CA ASP A 257 61.24 15.34 -30.77
C ASP A 257 59.92 14.68 -31.01
N ILE A 258 59.95 13.37 -31.10
CA ILE A 258 58.73 12.60 -31.27
C ILE A 258 57.83 12.77 -30.05
N GLU A 259 58.41 12.71 -28.85
CA GLU A 259 57.67 12.89 -27.61
C GLU A 259 57.11 14.29 -27.50
N SER A 260 57.86 15.28 -27.95
CA SER A 260 57.38 16.65 -27.89
C SER A 260 56.15 16.77 -28.76
N VAL A 261 56.19 16.12 -29.93
CA VAL A 261 55.08 16.10 -30.85
C VAL A 261 53.87 15.35 -30.33
N VAL A 262 54.07 14.15 -29.79
CA VAL A 262 52.92 13.41 -29.30
C VAL A 262 52.30 14.14 -28.14
N ALA A 263 53.10 14.66 -27.22
CA ALA A 263 52.49 15.36 -26.12
C ALA A 263 51.70 16.56 -26.64
N ARG A 264 52.21 17.24 -27.68
CA ARG A 264 51.47 18.37 -28.18
C ARG A 264 50.14 17.94 -28.80
N ILE A 265 50.14 16.82 -29.54
CA ILE A 265 48.95 16.32 -30.21
C ILE A 265 47.89 15.83 -29.25
N ALA A 266 48.34 15.08 -28.25
CA ALA A 266 47.48 14.47 -27.26
C ALA A 266 47.12 15.44 -26.12
N ARG A 267 47.62 16.67 -26.19
CA ARG A 267 47.41 17.73 -25.21
C ARG A 267 47.85 17.35 -23.78
N ILE A 268 49.08 16.86 -23.70
CA ILE A 268 49.75 16.42 -22.48
C ILE A 268 50.80 17.44 -22.01
N PRO A 269 50.84 17.86 -20.72
CA PRO A 269 51.80 18.83 -20.20
C PRO A 269 53.17 18.40 -20.62
N GLU A 270 53.99 19.37 -21.00
CA GLU A 270 55.28 19.04 -21.57
C GLU A 270 56.11 18.07 -20.74
N LYS A 271 56.61 17.07 -21.45
CA LYS A 271 57.47 16.00 -20.99
C LYS A 271 56.87 15.10 -19.90
N SER A 272 55.56 15.24 -19.63
CA SER A 272 54.85 14.40 -18.65
C SER A 272 54.44 13.13 -19.36
N VAL A 273 54.68 13.16 -20.65
CA VAL A 273 54.47 12.13 -21.60
C VAL A 273 55.52 11.03 -21.40
N SER A 274 56.71 11.39 -20.86
CA SER A 274 57.79 10.41 -20.73
C SER A 274 58.69 10.52 -19.50
N GLN A 275 59.74 11.34 -19.60
CA GLN A 275 60.80 11.38 -18.59
C GLN A 275 60.84 12.52 -17.56
N SER A 276 60.06 13.60 -17.70
CA SER A 276 60.21 14.69 -16.73
C SER A 276 59.92 14.22 -15.33
N ASP A 277 58.94 13.34 -15.23
CA ASP A 277 58.45 12.82 -13.98
C ASP A 277 59.55 12.21 -13.15
N ARG A 278 60.63 11.69 -13.72
CA ARG A 278 61.61 11.11 -12.82
C ARG A 278 62.09 12.15 -11.79
N ASP A 279 62.09 13.42 -12.15
CA ASP A 279 62.56 14.45 -11.24
C ASP A 279 61.45 15.15 -10.46
N THR A 280 60.22 14.65 -10.55
CA THR A 280 59.16 15.26 -9.76
C THR A 280 58.63 14.18 -8.86
N LEU A 281 58.73 12.96 -9.31
CA LEU A 281 58.21 11.84 -8.55
C LEU A 281 58.99 11.68 -7.28
N LYS A 282 60.28 11.95 -7.37
CA LYS A 282 61.18 11.81 -6.26
C LYS A 282 60.85 12.73 -5.11
N ASN A 283 60.09 13.79 -5.34
CA ASN A 283 59.75 14.71 -4.28
C ASN A 283 58.25 14.91 -4.18
N LEU A 284 57.48 14.01 -4.81
CA LEU A 284 56.04 14.15 -4.84
C LEU A 284 55.48 14.05 -3.46
N GLY A 285 56.01 13.14 -2.68
CA GLY A 285 55.49 12.95 -1.35
C GLY A 285 55.64 14.21 -0.52
N ASP A 286 56.70 14.97 -0.75
CA ASP A 286 56.90 16.14 0.05
C ASP A 286 56.09 17.29 -0.47
N ARG A 287 55.90 17.34 -1.77
CA ARG A 287 55.10 18.43 -2.28
C ARG A 287 53.74 18.35 -1.64
N LEU A 288 53.24 17.13 -1.45
CA LEU A 288 51.95 16.94 -0.82
C LEU A 288 52.01 17.06 0.71
N LYS A 289 53.07 16.58 1.37
CA LYS A 289 53.13 16.69 2.82
C LYS A 289 53.14 18.14 3.26
N MET A 290 53.69 19.01 2.44
CA MET A 290 53.70 20.42 2.77
C MET A 290 52.30 21.06 2.70
N LEU A 291 51.36 20.43 2.03
CA LEU A 291 50.02 20.96 1.86
C LEU A 291 49.02 20.33 2.83
N VAL A 292 49.23 19.06 3.15
CA VAL A 292 48.34 18.33 4.06
C VAL A 292 49.08 17.89 5.31
N PHE A 293 48.61 18.36 6.47
CA PHE A 293 49.22 18.00 7.74
C PHE A 293 48.79 16.62 8.20
N GLY A 294 49.75 15.81 8.65
CA GLY A 294 49.46 14.48 9.12
C GLY A 294 49.14 13.52 7.98
N GLN A 295 48.39 12.47 8.29
CA GLN A 295 48.01 11.48 7.29
C GLN A 295 49.15 11.22 6.32
N ASP A 296 50.36 11.18 6.85
CA ASP A 296 51.54 11.00 6.05
C ASP A 296 51.50 9.70 5.33
N LYS A 297 50.95 8.70 5.98
CA LYS A 297 50.85 7.38 5.41
C LYS A 297 49.92 7.33 4.21
N ALA A 298 48.91 8.23 4.15
CA ALA A 298 48.02 8.20 3.02
C ALA A 298 48.75 8.74 1.83
N ILE A 299 49.53 9.75 2.09
CA ILE A 299 50.24 10.41 1.04
C ILE A 299 51.23 9.43 0.47
N GLU A 300 51.93 8.74 1.34
CA GLU A 300 52.89 7.79 0.86
C GLU A 300 52.25 6.66 0.11
N ALA A 301 51.11 6.15 0.57
CA ALA A 301 50.52 5.04 -0.15
C ALA A 301 50.19 5.40 -1.60
N LEU A 302 49.68 6.61 -1.81
CA LEU A 302 49.36 7.00 -3.16
C LEU A 302 50.60 7.23 -3.97
N THR A 303 51.59 7.83 -3.35
CA THR A 303 52.79 8.19 -4.03
C THR A 303 53.51 6.95 -4.50
N GLU A 304 53.55 5.91 -3.67
CA GLU A 304 54.24 4.72 -4.08
C GLU A 304 53.50 4.05 -5.23
N ALA A 305 52.18 4.05 -5.19
CA ALA A 305 51.43 3.45 -6.27
C ALA A 305 51.70 4.14 -7.60
N ILE A 306 51.81 5.45 -7.59
CA ILE A 306 52.05 6.16 -8.82
C ILE A 306 53.40 5.81 -9.36
N LYS A 307 54.40 5.79 -8.49
CA LYS A 307 55.73 5.49 -8.93
C LYS A 307 55.84 4.11 -9.54
N MET A 308 55.22 3.10 -8.95
CA MET A 308 55.41 1.80 -9.57
C MET A 308 54.68 1.75 -10.90
N ALA A 309 53.55 2.45 -11.01
CA ALA A 309 52.97 2.53 -12.33
C ALA A 309 53.88 3.23 -13.33
N ARG A 310 54.55 4.30 -12.93
CA ARG A 310 55.44 5.01 -13.83
C ARG A 310 56.61 4.17 -14.24
N ALA A 311 57.06 3.34 -13.33
CA ALA A 311 58.19 2.46 -13.52
C ALA A 311 57.85 1.35 -14.51
N GLY A 312 56.58 1.15 -14.82
CA GLY A 312 56.20 0.08 -15.72
C GLY A 312 55.87 -1.20 -15.00
N LEU A 313 55.53 -1.13 -13.72
CA LEU A 313 55.23 -2.31 -12.95
C LEU A 313 53.73 -2.49 -12.69
N GLY A 314 52.89 -1.77 -13.42
CA GLY A 314 51.44 -1.82 -13.21
C GLY A 314 50.75 -2.89 -14.07
N HIS A 315 49.43 -2.74 -14.23
CA HIS A 315 48.65 -3.68 -15.01
C HIS A 315 48.24 -3.08 -16.36
N GLU A 316 48.12 -3.93 -17.36
CA GLU A 316 47.74 -3.49 -18.70
C GLU A 316 46.21 -3.47 -18.84
N HIS A 317 45.52 -4.00 -17.83
CA HIS A 317 44.08 -4.04 -17.85
C HIS A 317 43.45 -3.34 -16.69
N LYS A 318 44.17 -2.54 -15.94
CA LYS A 318 43.52 -1.96 -14.79
C LYS A 318 43.76 -0.48 -14.73
N PRO A 319 42.98 0.29 -13.96
CA PRO A 319 43.16 1.69 -13.69
C PRO A 319 44.50 1.84 -13.05
N VAL A 320 45.04 3.05 -13.04
CA VAL A 320 46.35 3.27 -12.47
C VAL A 320 46.29 2.81 -11.06
N GLY A 321 45.20 3.10 -10.39
CA GLY A 321 45.03 2.57 -9.06
C GLY A 321 43.62 2.77 -8.56
N SER A 322 43.22 1.97 -7.58
CA SER A 322 41.88 2.07 -7.01
C SER A 322 41.88 1.66 -5.55
N PHE A 323 41.65 2.64 -4.67
CA PHE A 323 41.62 2.38 -3.24
C PHE A 323 40.56 3.23 -2.55
N LEU A 324 40.06 2.74 -1.42
CA LEU A 324 39.04 3.45 -0.66
C LEU A 324 39.65 4.19 0.53
N PHE A 325 39.35 5.48 0.63
CA PHE A 325 39.87 6.30 1.72
C PHE A 325 38.87 6.32 2.83
N ALA A 326 39.19 5.65 3.91
CA ALA A 326 38.26 5.49 5.00
C ALA A 326 38.63 6.33 6.19
N GLY A 327 37.72 7.16 6.64
CA GLY A 327 38.06 7.96 7.81
C GLY A 327 37.01 9.00 8.12
N PRO A 328 37.20 9.77 9.19
CA PRO A 328 36.31 10.78 9.70
C PRO A 328 36.13 11.89 8.71
N THR A 329 35.05 12.63 8.84
CA THR A 329 34.78 13.79 8.01
C THR A 329 35.73 14.93 8.31
N GLY A 330 36.19 15.62 7.26
CA GLY A 330 37.01 16.80 7.48
C GLY A 330 38.45 16.52 7.88
N VAL A 331 39.05 15.50 7.31
CA VAL A 331 40.42 15.14 7.67
C VAL A 331 41.36 15.19 6.47
N GLY A 332 40.95 15.90 5.42
CA GLY A 332 41.74 16.04 4.22
C GLY A 332 41.61 14.91 3.18
N LYS A 333 40.54 14.13 3.20
CA LYS A 333 40.43 13.07 2.20
C LYS A 333 40.34 13.73 0.82
N THR A 334 39.40 14.66 0.67
CA THR A 334 39.21 15.37 -0.58
C THR A 334 40.43 16.22 -0.90
N GLU A 335 41.14 16.65 0.14
CA GLU A 335 42.34 17.47 -0.03
C GLU A 335 43.45 16.68 -0.71
N VAL A 336 43.79 15.54 -0.12
CA VAL A 336 44.84 14.68 -0.67
C VAL A 336 44.62 14.47 -2.16
N THR A 337 43.36 14.26 -2.55
CA THR A 337 43.02 14.04 -3.95
C THR A 337 43.17 15.30 -4.79
N VAL A 338 42.71 16.43 -4.29
CA VAL A 338 42.80 17.64 -5.06
C VAL A 338 44.22 18.05 -5.29
N GLN A 339 45.04 17.99 -4.25
CA GLN A 339 46.38 18.44 -4.43
C GLN A 339 47.15 17.47 -5.31
N LEU A 340 46.82 16.18 -5.26
CA LEU A 340 47.46 15.27 -6.16
C LEU A 340 47.17 15.57 -7.61
N SER A 341 45.93 15.89 -7.95
CA SER A 341 45.67 16.14 -9.36
C SER A 341 46.47 17.33 -9.82
N LYS A 342 46.66 18.32 -8.93
CA LYS A 342 47.46 19.45 -9.34
C LYS A 342 48.91 19.07 -9.48
N ALA A 343 49.40 18.29 -8.54
CA ALA A 343 50.79 17.89 -8.53
C ALA A 343 51.18 17.12 -9.78
N LEU A 344 50.26 16.33 -10.30
CA LEU A 344 50.51 15.52 -11.47
C LEU A 344 50.14 16.19 -12.79
N GLY A 345 49.57 17.38 -12.76
CA GLY A 345 49.16 18.03 -14.01
C GLY A 345 47.94 17.41 -14.71
N ILE A 346 46.98 16.85 -13.97
CA ILE A 346 45.83 16.21 -14.60
C ILE A 346 44.53 16.78 -14.06
N GLU A 347 43.41 16.57 -14.72
CA GLU A 347 42.18 17.12 -14.16
C GLU A 347 41.59 16.22 -13.11
N LEU A 348 40.51 16.70 -12.54
CA LEU A 348 39.78 16.00 -11.51
C LEU A 348 38.34 15.91 -11.90
N LEU A 349 37.81 14.73 -11.88
CA LEU A 349 36.43 14.53 -12.21
C LEU A 349 35.72 14.24 -10.92
N ARG A 350 34.57 14.84 -10.68
CA ARG A 350 33.94 14.54 -9.40
C ARG A 350 32.50 14.18 -9.51
N PHE A 351 32.16 13.11 -8.83
CA PHE A 351 30.79 12.68 -8.78
C PHE A 351 30.40 12.50 -7.35
N ASP A 352 29.17 12.85 -7.03
CA ASP A 352 28.67 12.72 -5.69
C ASP A 352 27.71 11.58 -5.59
N MET A 353 28.08 10.52 -4.91
CA MET A 353 27.26 9.33 -4.91
C MET A 353 25.94 9.51 -4.22
N SER A 354 25.77 10.58 -3.46
CA SER A 354 24.51 10.81 -2.79
C SER A 354 23.43 11.18 -3.79
N GLU A 355 23.82 11.47 -5.03
CA GLU A 355 22.86 11.79 -6.06
C GLU A 355 22.39 10.51 -6.77
N TYR A 356 22.95 9.37 -6.39
CA TYR A 356 22.59 8.12 -7.02
C TYR A 356 22.17 7.08 -6.02
N MET A 357 21.12 7.37 -5.26
CA MET A 357 20.66 6.45 -4.23
C MET A 357 19.39 5.71 -4.62
N GLU A 358 18.97 5.85 -5.85
CA GLU A 358 17.72 5.26 -6.30
C GLU A 358 17.94 4.50 -7.59
N ARG A 359 17.21 3.42 -7.79
CA ARG A 359 17.47 2.56 -8.95
C ARG A 359 17.34 3.21 -10.31
N HIS A 360 16.50 4.19 -10.46
CA HIS A 360 16.32 4.77 -11.76
C HIS A 360 17.44 5.71 -12.17
N THR A 361 18.39 5.94 -11.29
CA THR A 361 19.45 6.86 -11.58
C THR A 361 20.69 6.26 -12.23
N VAL A 362 20.86 4.96 -12.25
CA VAL A 362 22.13 4.45 -12.77
C VAL A 362 22.34 4.78 -14.24
N SER A 363 21.28 4.73 -15.01
CA SER A 363 21.37 4.99 -16.44
C SER A 363 21.87 6.38 -16.72
N ARG A 364 21.83 7.27 -15.75
CA ARG A 364 22.33 8.59 -15.94
C ARG A 364 23.83 8.56 -16.20
N LEU A 365 24.53 7.60 -15.60
CA LEU A 365 25.98 7.50 -15.71
C LEU A 365 26.42 6.84 -16.99
N ILE A 366 25.60 5.92 -17.49
CA ILE A 366 25.89 5.18 -18.72
C ILE A 366 25.19 5.70 -19.98
N GLY A 367 23.90 6.04 -19.87
CA GLY A 367 23.05 6.50 -20.95
C GLY A 367 21.84 5.57 -21.10
N ALA A 368 20.69 6.11 -21.49
CA ALA A 368 19.47 5.32 -21.63
C ALA A 368 19.59 4.40 -22.84
N PRO A 369 18.94 3.26 -22.90
CA PRO A 369 18.97 2.38 -24.01
C PRO A 369 18.20 2.98 -25.17
N PRO A 370 18.39 2.52 -26.40
CA PRO A 370 17.69 2.95 -27.57
C PRO A 370 16.20 2.84 -27.40
N GLY A 371 15.51 3.85 -27.89
CA GLY A 371 14.08 3.96 -27.81
C GLY A 371 13.56 4.72 -26.61
N TYR A 372 14.43 5.05 -25.66
CA TYR A 372 13.93 5.73 -24.48
C TYR A 372 14.31 7.17 -24.34
N VAL A 373 13.47 7.90 -23.63
CA VAL A 373 13.75 9.28 -23.34
C VAL A 373 14.97 9.31 -22.50
N GLY A 374 15.93 10.13 -22.87
CA GLY A 374 17.19 10.20 -22.15
C GLY A 374 18.33 9.59 -22.96
N PHE A 375 18.02 8.97 -24.09
CA PHE A 375 19.00 8.32 -24.96
C PHE A 375 20.20 9.17 -25.31
N ASP A 376 20.00 10.44 -25.56
CA ASP A 376 21.12 11.27 -25.99
C ASP A 376 22.18 11.60 -24.94
N GLN A 377 22.08 11.07 -23.72
CA GLN A 377 23.19 11.17 -22.78
C GLN A 377 24.20 10.08 -23.07
N GLY A 378 25.45 10.45 -23.29
CA GLY A 378 26.50 9.47 -23.60
C GLY A 378 27.01 8.79 -22.35
N GLY A 379 26.45 9.21 -21.24
CA GLY A 379 26.69 8.78 -19.88
C GLY A 379 27.45 9.84 -19.17
N LEU A 380 27.02 10.29 -18.01
CA LEU A 380 27.84 11.34 -17.46
C LEU A 380 29.25 10.84 -17.19
N LEU A 381 29.38 9.60 -16.75
CA LEU A 381 30.68 9.09 -16.45
C LEU A 381 31.40 8.70 -17.68
N THR A 382 30.71 8.06 -18.59
CA THR A 382 31.42 7.67 -19.77
C THR A 382 31.75 8.82 -20.68
N ASP A 383 31.05 9.94 -20.63
CA ASP A 383 31.55 11.03 -21.45
C ASP A 383 32.79 11.61 -20.79
N ALA A 384 32.75 11.76 -19.47
CA ALA A 384 33.87 12.39 -18.81
C ALA A 384 35.18 11.68 -19.01
N VAL A 385 35.18 10.35 -19.05
CA VAL A 385 36.47 9.69 -19.16
C VAL A 385 36.81 9.32 -20.57
N ILE A 386 36.03 9.80 -21.51
CA ILE A 386 36.38 9.64 -22.91
C ILE A 386 37.05 10.93 -23.30
N LYS A 387 36.48 12.04 -22.85
CA LYS A 387 37.02 13.36 -23.10
C LYS A 387 38.38 13.57 -22.44
N HIS A 388 38.56 13.03 -21.23
CA HIS A 388 39.80 13.19 -20.49
C HIS A 388 40.41 11.88 -20.04
N PRO A 389 41.08 11.12 -20.89
CA PRO A 389 41.63 9.82 -20.60
C PRO A 389 42.64 9.82 -19.45
N HIS A 390 43.20 10.98 -19.11
CA HIS A 390 44.17 11.07 -18.02
C HIS A 390 43.62 12.01 -16.99
N ALA A 391 43.15 11.46 -15.90
CA ALA A 391 42.49 12.23 -14.87
C ALA A 391 42.40 11.42 -13.59
N VAL A 392 42.11 12.10 -12.52
CA VAL A 392 41.82 11.41 -11.28
C VAL A 392 40.35 11.56 -11.04
N LEU A 393 39.71 10.45 -10.76
CA LEU A 393 38.28 10.36 -10.60
C LEU A 393 37.90 10.17 -9.17
N LEU A 394 37.13 11.10 -8.63
CA LEU A 394 36.75 11.05 -7.24
C LEU A 394 35.28 10.79 -7.03
N LEU A 395 34.96 9.72 -6.31
CA LEU A 395 33.57 9.41 -6.02
C LEU A 395 33.30 9.64 -4.55
N ASP A 396 32.54 10.67 -4.24
CA ASP A 396 32.31 11.00 -2.84
C ASP A 396 31.23 10.15 -2.21
N GLU A 397 31.40 9.84 -0.94
CA GLU A 397 30.39 9.14 -0.15
C GLU A 397 29.92 7.85 -0.82
N ILE A 398 30.88 7.03 -1.22
CA ILE A 398 30.59 5.76 -1.85
C ILE A 398 29.80 4.85 -0.91
N GLU A 399 29.54 5.34 0.30
CA GLU A 399 28.80 4.58 1.30
C GLU A 399 27.31 4.90 1.24
N LYS A 400 26.84 5.28 0.05
CA LYS A 400 25.46 5.62 -0.16
C LYS A 400 24.96 5.19 -1.52
N ALA A 401 25.85 4.90 -2.44
CA ALA A 401 25.41 4.61 -3.78
C ALA A 401 24.48 3.43 -3.80
N HIS A 402 23.45 3.52 -4.61
CA HIS A 402 22.54 2.42 -4.77
C HIS A 402 23.37 1.22 -5.20
N PRO A 403 23.11 -0.01 -4.73
CA PRO A 403 23.83 -1.20 -5.10
C PRO A 403 24.04 -1.36 -6.58
N ASP A 404 23.12 -0.91 -7.42
CA ASP A 404 23.34 -1.11 -8.84
C ASP A 404 24.56 -0.37 -9.35
N VAL A 405 25.01 0.64 -8.63
CA VAL A 405 26.18 1.41 -8.96
C VAL A 405 27.43 0.58 -8.74
N PHE A 406 27.44 -0.17 -7.66
CA PHE A 406 28.62 -0.90 -7.31
C PHE A 406 28.86 -1.95 -8.35
N ASN A 407 27.79 -2.47 -8.88
CA ASN A 407 27.90 -3.49 -9.87
C ASN A 407 28.56 -2.99 -11.16
N ILE A 408 28.58 -1.69 -11.37
CA ILE A 408 29.20 -1.12 -12.54
C ILE A 408 30.67 -0.91 -12.24
N LEU A 409 30.96 -0.43 -11.05
CA LEU A 409 32.33 -0.19 -10.67
C LEU A 409 33.10 -1.47 -10.69
N LEU A 410 32.48 -2.59 -10.43
CA LEU A 410 33.25 -3.81 -10.44
C LEU A 410 33.91 -4.02 -11.78
N GLN A 411 33.25 -3.67 -12.87
CA GLN A 411 33.86 -3.87 -14.16
C GLN A 411 34.97 -2.90 -14.41
N VAL A 412 34.80 -1.69 -13.91
CA VAL A 412 35.82 -0.73 -14.14
C VAL A 412 37.07 -1.10 -13.39
N MET A 413 36.92 -1.45 -12.14
CA MET A 413 38.08 -1.76 -11.35
C MET A 413 38.82 -2.98 -11.86
N ASP A 414 38.10 -3.97 -12.34
CA ASP A 414 38.80 -5.16 -12.81
C ASP A 414 39.35 -5.09 -14.22
N ASN A 415 38.62 -4.49 -15.16
CA ASN A 415 39.11 -4.50 -16.53
C ASN A 415 39.30 -3.15 -17.20
N GLY A 416 39.13 -2.04 -16.48
CA GLY A 416 39.41 -0.76 -17.05
C GLY A 416 38.36 -0.21 -18.01
N THR A 417 37.16 -0.78 -18.13
CA THR A 417 36.29 -0.19 -19.13
C THR A 417 34.80 -0.41 -18.99
N LEU A 418 34.04 0.58 -19.48
CA LEU A 418 32.58 0.56 -19.59
C LEU A 418 32.12 0.74 -21.00
N THR A 419 30.99 0.17 -21.37
CA THR A 419 30.50 0.42 -22.71
C THR A 419 29.34 1.39 -22.61
N ASP A 420 29.34 2.46 -23.38
CA ASP A 420 28.24 3.43 -23.24
C ASP A 420 27.05 2.99 -24.06
N ASN A 421 26.02 3.82 -24.15
CA ASN A 421 24.83 3.33 -24.82
C ASN A 421 24.90 3.39 -26.32
N ASN A 422 26.04 3.79 -26.89
CA ASN A 422 26.19 3.80 -28.32
C ASN A 422 27.22 2.77 -28.71
N GLY A 423 27.65 1.96 -27.75
CA GLY A 423 28.64 0.94 -27.99
C GLY A 423 30.09 1.41 -27.95
N ARG A 424 30.39 2.60 -27.42
CA ARG A 424 31.77 3.07 -27.37
C ARG A 424 32.42 2.61 -26.11
N LYS A 425 33.74 2.46 -26.12
CA LYS A 425 34.41 2.07 -24.90
C LYS A 425 35.01 3.24 -24.14
N ALA A 426 34.70 3.30 -22.87
CA ALA A 426 35.25 4.27 -21.95
C ALA A 426 36.45 3.60 -21.33
N ASP A 427 37.66 4.11 -21.62
CA ASP A 427 38.91 3.49 -21.17
C ASP A 427 39.49 4.18 -19.94
N PHE A 428 39.52 3.47 -18.82
CA PHE A 428 39.96 4.01 -17.53
C PHE A 428 41.37 3.57 -17.16
N ARG A 429 42.02 2.91 -18.11
CA ARG A 429 43.37 2.37 -17.92
C ARG A 429 44.42 3.44 -17.72
N ASN A 430 43.96 4.68 -17.65
CA ASN A 430 44.87 5.80 -17.44
C ASN A 430 44.40 6.72 -16.34
N VAL A 431 43.57 6.22 -15.42
CA VAL A 431 43.10 7.09 -14.36
C VAL A 431 43.28 6.51 -12.99
N VAL A 432 43.20 7.40 -12.03
CA VAL A 432 43.30 7.02 -10.64
C VAL A 432 41.93 7.13 -10.03
N LEU A 433 41.45 6.04 -9.47
CA LEU A 433 40.14 6.03 -8.86
C LEU A 433 40.17 6.13 -7.36
N VAL A 434 39.56 7.18 -6.84
CA VAL A 434 39.50 7.39 -5.41
C VAL A 434 38.09 7.42 -4.94
N MET A 435 37.79 6.58 -3.98
CA MET A 435 36.47 6.53 -3.42
C MET A 435 36.58 6.91 -1.97
N THR A 436 35.73 7.78 -1.48
CA THR A 436 35.90 8.13 -0.08
C THR A 436 34.71 7.69 0.74
N THR A 437 34.96 7.38 2.00
CA THR A 437 33.94 6.93 2.94
C THR A 437 34.28 7.13 4.40
N ASN A 438 33.24 7.20 5.21
CA ASN A 438 33.37 7.34 6.66
C ASN A 438 32.59 6.19 7.26
N ALA A 439 32.59 5.07 6.55
CA ALA A 439 31.87 3.87 6.93
C ALA A 439 32.36 3.18 8.19
N GLY A 440 33.67 3.02 8.35
CA GLY A 440 34.14 2.33 9.55
C GLY A 440 34.35 3.28 10.72
N VAL A 441 33.96 4.54 10.57
CA VAL A 441 34.26 5.51 11.60
C VAL A 441 33.43 5.46 12.83
N ARG A 442 32.12 5.29 12.65
CA ARG A 442 31.20 5.23 13.79
C ARG A 442 31.22 3.85 14.42
N GLU A 443 32.32 3.13 14.23
CA GLU A 443 32.46 1.79 14.77
C GLU A 443 33.61 1.71 15.77
N THR A 444 34.36 2.79 15.89
CA THR A 444 35.48 2.83 16.80
C THR A 444 35.42 4.01 17.74
N GLU A 445 34.38 4.82 17.62
CA GLU A 445 34.22 5.96 18.49
C GLU A 445 33.32 5.56 19.65
N ARG A 446 32.88 4.31 19.67
CA ARG A 446 31.94 3.87 20.67
C ARG A 446 32.46 2.68 21.45
N LYS A 447 31.99 2.55 22.67
CA LYS A 447 32.35 1.40 23.46
C LYS A 447 31.12 0.55 23.61
N SER A 448 31.32 -0.72 23.92
CA SER A 448 30.18 -1.61 24.11
C SER A 448 29.39 -1.22 25.34
N ILE A 449 28.17 -1.74 25.42
CA ILE A 449 27.29 -1.41 26.52
C ILE A 449 27.32 -2.50 27.57
N GLY A 450 27.71 -2.17 28.78
CA GLY A 450 27.77 -3.18 29.81
C GLY A 450 28.72 -2.76 30.88
N LEU A 451 28.90 -3.59 31.87
CA LEU A 451 29.81 -3.23 32.92
C LEU A 451 31.22 -3.59 32.51
N ILE A 452 31.38 -4.62 31.71
CA ILE A 452 32.70 -5.04 31.30
C ILE A 452 32.93 -4.71 29.85
N HIS A 453 33.96 -3.95 29.55
CA HIS A 453 34.19 -3.59 28.17
C HIS A 453 34.77 -4.72 27.34
N GLN A 454 34.33 -4.76 26.12
CA GLN A 454 34.75 -5.70 25.12
C GLN A 454 35.78 -5.03 24.25
N ASP A 455 36.57 -5.78 23.47
CA ASP A 455 37.47 -5.07 22.58
C ASP A 455 36.68 -4.16 21.67
N ASN A 456 37.08 -2.89 21.63
CA ASN A 456 36.36 -1.90 20.86
C ASN A 456 37.15 -1.34 19.68
N SER A 457 38.23 -2.01 19.27
CA SER A 457 39.04 -1.50 18.16
C SER A 457 39.02 -2.42 16.95
N THR A 458 39.04 -3.73 17.20
CA THR A 458 39.04 -4.70 16.12
C THR A 458 37.77 -4.64 15.27
N ASP A 459 37.23 -3.45 15.06
CA ASP A 459 36.03 -3.33 14.25
C ASP A 459 36.29 -2.51 12.99
N ALA A 460 37.35 -1.71 13.02
CA ALA A 460 37.68 -0.87 11.89
C ALA A 460 37.81 -1.79 10.68
N MET A 461 37.03 -2.87 10.68
CA MET A 461 37.09 -3.82 9.58
C MET A 461 35.89 -4.73 9.36
N GLU A 462 34.97 -4.85 10.32
CA GLU A 462 33.87 -5.73 10.05
C GLU A 462 32.81 -4.87 9.42
N GLU A 463 32.72 -3.65 9.88
CA GLU A 463 31.71 -2.79 9.30
C GLU A 463 32.02 -2.60 7.83
N ILE A 464 33.28 -2.44 7.46
CA ILE A 464 33.56 -2.32 6.04
C ILE A 464 33.21 -3.61 5.32
N LYS A 465 33.60 -4.75 5.87
CA LYS A 465 33.32 -6.03 5.22
C LYS A 465 31.84 -6.33 5.05
N LYS A 466 31.00 -5.79 5.91
CA LYS A 466 29.56 -5.99 5.82
C LYS A 466 28.88 -5.02 4.85
N ILE A 467 29.60 -4.03 4.37
CA ILE A 467 29.04 -3.05 3.46
C ILE A 467 29.45 -3.32 2.04
N PHE A 468 30.72 -3.60 1.86
CA PHE A 468 31.24 -3.79 0.54
C PHE A 468 31.38 -5.27 0.26
N THR A 469 30.61 -5.75 -0.69
CA THR A 469 30.57 -7.17 -1.03
C THR A 469 31.97 -7.70 -1.32
N PRO A 470 32.33 -8.95 -0.98
CA PRO A 470 33.64 -9.52 -1.22
C PRO A 470 34.19 -9.33 -2.61
N GLU A 471 33.38 -9.42 -3.65
CA GLU A 471 33.94 -9.24 -4.97
C GLU A 471 34.36 -7.81 -5.25
N PHE A 472 33.89 -6.88 -4.45
CA PHE A 472 34.23 -5.49 -4.59
C PHE A 472 35.50 -5.29 -3.87
N ARG A 473 35.56 -5.81 -2.67
CA ARG A 473 36.72 -5.58 -1.86
C ARG A 473 37.95 -6.17 -2.50
N ASN A 474 37.77 -7.26 -3.20
CA ASN A 474 38.85 -7.98 -3.79
C ASN A 474 39.37 -7.32 -5.06
N ARG A 475 38.79 -6.20 -5.45
CA ARG A 475 39.25 -5.48 -6.60
C ARG A 475 39.93 -4.18 -6.24
N LEU A 476 40.05 -3.87 -4.95
CA LEU A 476 40.69 -2.63 -4.53
C LEU A 476 42.18 -2.83 -4.45
N ASP A 477 42.98 -1.78 -4.64
CA ASP A 477 44.39 -1.97 -4.41
C ASP A 477 44.63 -1.78 -2.95
N ASN A 478 43.99 -0.80 -2.37
CA ASN A 478 44.14 -0.75 -0.93
C ASN A 478 43.07 0.06 -0.23
N ILE A 479 43.16 0.08 1.09
CA ILE A 479 42.33 0.88 1.94
C ILE A 479 43.25 1.76 2.74
N ILE A 480 43.04 3.03 2.63
CA ILE A 480 43.86 3.97 3.33
C ILE A 480 43.09 4.60 4.43
N TRP A 481 43.59 4.48 5.63
CA TRP A 481 42.90 5.04 6.77
C TRP A 481 43.32 6.45 7.06
N PHE A 482 42.36 7.28 7.37
CA PHE A 482 42.65 8.66 7.76
C PHE A 482 42.33 8.81 9.23
N ASP A 483 43.15 9.58 9.91
CA ASP A 483 43.01 9.86 11.33
C ASP A 483 42.28 11.14 11.63
N HIS A 484 42.09 11.41 12.90
CA HIS A 484 41.52 12.67 13.36
C HIS A 484 42.64 13.65 13.33
N LEU A 485 42.38 14.92 13.63
CA LEU A 485 43.50 15.83 13.63
C LEU A 485 43.96 16.09 15.04
N SER A 486 45.27 16.20 15.22
CA SER A 486 45.85 16.56 16.50
C SER A 486 45.68 18.04 16.70
N THR A 487 45.90 18.51 17.93
CA THR A 487 45.77 19.93 18.19
C THR A 487 46.79 20.73 17.37
N ASP A 488 48.01 20.23 17.26
CA ASP A 488 49.00 20.98 16.52
C ASP A 488 48.54 21.16 15.11
N VAL A 489 47.94 20.12 14.57
CA VAL A 489 47.43 20.19 13.24
C VAL A 489 46.32 21.19 13.08
N ILE A 490 45.40 21.27 14.01
CA ILE A 490 44.31 22.20 13.73
C ILE A 490 44.86 23.61 13.70
N HIS A 491 45.94 23.86 14.45
CA HIS A 491 46.55 25.17 14.40
C HIS A 491 47.23 25.36 13.04
N GLN A 492 47.86 24.30 12.52
CA GLN A 492 48.50 24.41 11.22
C GLN A 492 47.47 24.70 10.14
N VAL A 493 46.28 24.11 10.28
CA VAL A 493 45.20 24.36 9.34
C VAL A 493 44.78 25.83 9.44
N VAL A 494 44.65 26.36 10.65
CA VAL A 494 44.29 27.76 10.79
C VAL A 494 45.36 28.63 10.17
N ASP A 495 46.64 28.31 10.39
CA ASP A 495 47.65 29.13 9.78
C ASP A 495 47.51 29.17 8.29
N LYS A 496 47.20 28.06 7.63
CA LYS A 496 47.07 28.17 6.18
C LYS A 496 45.94 29.10 5.79
N PHE A 497 44.85 29.11 6.53
CA PHE A 497 43.78 30.03 6.18
C PHE A 497 44.21 31.48 6.39
N ILE A 498 44.93 31.75 7.48
CA ILE A 498 45.40 33.09 7.75
C ILE A 498 46.42 33.55 6.75
N VAL A 499 47.36 32.68 6.43
CA VAL A 499 48.40 33.02 5.51
C VAL A 499 47.84 33.36 4.17
N GLU A 500 46.87 32.61 3.69
CA GLU A 500 46.36 32.99 2.39
C GLU A 500 45.67 34.34 2.49
N LEU A 501 44.96 34.62 3.59
CA LEU A 501 44.35 35.93 3.69
C LEU A 501 45.42 37.00 3.68
N GLN A 502 46.53 36.77 4.38
CA GLN A 502 47.59 37.76 4.39
C GLN A 502 48.09 37.99 2.99
N VAL A 503 48.26 36.91 2.22
CA VAL A 503 48.73 37.07 0.86
C VAL A 503 47.76 37.88 0.05
N GLN A 504 46.47 37.61 0.19
CA GLN A 504 45.48 38.32 -0.58
C GLN A 504 45.49 39.81 -0.28
N LEU A 505 45.70 40.18 0.97
CA LEU A 505 45.75 41.60 1.28
C LEU A 505 47.09 42.21 0.84
N ASP A 506 48.20 41.48 0.95
CA ASP A 506 49.50 42.04 0.55
C ASP A 506 49.47 42.38 -0.94
N GLN A 507 48.78 41.55 -1.71
CA GLN A 507 48.66 41.71 -3.15
C GLN A 507 47.83 42.93 -3.54
N LYS A 508 47.08 43.48 -2.59
CA LYS A 508 46.26 44.65 -2.80
C LYS A 508 46.93 45.86 -2.21
N GLY A 509 48.16 45.70 -1.74
CA GLY A 509 48.84 46.81 -1.15
C GLY A 509 48.48 47.03 0.32
N VAL A 510 47.96 46.01 1.01
CA VAL A 510 47.61 46.17 2.39
C VAL A 510 48.36 45.19 3.25
N SER A 511 49.18 45.64 4.17
CA SER A 511 49.87 44.68 5.03
C SER A 511 48.90 44.10 6.06
N LEU A 512 48.96 42.80 6.31
CA LEU A 512 48.06 42.22 7.32
C LEU A 512 48.76 41.26 8.26
N GLU A 513 48.48 41.41 9.56
CA GLU A 513 49.01 40.52 10.59
C GLU A 513 47.92 40.08 11.54
N VAL A 514 48.08 38.87 12.10
CA VAL A 514 47.15 38.29 13.07
C VAL A 514 47.89 37.83 14.33
N SER A 515 47.34 38.16 15.50
CA SER A 515 47.89 37.82 16.80
C SER A 515 47.74 36.36 17.21
N GLN A 516 48.51 35.95 18.22
CA GLN A 516 48.47 34.58 18.69
C GLN A 516 47.11 34.23 19.28
N GLU A 517 46.55 35.14 20.08
CA GLU A 517 45.26 34.92 20.70
C GLU A 517 44.16 34.73 19.65
N ALA A 518 44.28 35.43 18.54
CA ALA A 518 43.31 35.34 17.46
C ALA A 518 43.35 33.95 16.89
N ARG A 519 44.55 33.40 16.77
CA ARG A 519 44.67 32.06 16.24
C ARG A 519 44.12 31.05 17.18
N ASN A 520 44.39 31.22 18.48
CA ASN A 520 43.90 30.29 19.49
C ASN A 520 42.38 30.37 19.64
N TRP A 521 41.80 31.46 19.15
CA TRP A 521 40.37 31.65 19.22
C TRP A 521 39.67 31.06 18.00
N LEU A 522 40.32 31.16 16.85
CA LEU A 522 39.76 30.64 15.63
C LEU A 522 39.87 29.10 15.59
N ALA A 523 41.00 28.53 16.05
CA ALA A 523 41.18 27.07 16.05
C ALA A 523 40.13 26.40 16.93
N GLU A 524 39.78 27.07 18.01
CA GLU A 524 38.81 26.62 19.00
C GLU A 524 37.39 26.56 18.43
N LYS A 525 37.15 27.24 17.32
CA LYS A 525 35.81 27.25 16.74
C LYS A 525 35.73 26.43 15.46
N GLY A 526 36.80 26.44 14.67
CA GLY A 526 36.79 25.73 13.41
C GLY A 526 36.99 24.23 13.51
N TYR A 527 37.55 23.72 14.61
CA TYR A 527 37.72 22.27 14.66
C TYR A 527 36.83 21.59 15.69
N ASP A 528 36.08 20.65 15.19
CA ASP A 528 35.17 19.83 15.93
C ASP A 528 35.75 18.43 16.01
N ARG A 529 35.05 17.52 16.65
CA ARG A 529 35.46 16.12 16.68
C ARG A 529 34.56 15.42 15.70
N ALA A 530 33.54 16.19 15.34
CA ALA A 530 32.60 15.81 14.31
C ALA A 530 33.27 16.04 12.97
N MET A 531 33.93 17.20 12.87
CA MET A 531 34.63 17.67 11.70
C MET A 531 35.30 18.94 12.21
N GLY A 532 35.41 19.97 11.39
CA GLY A 532 36.02 21.20 11.87
C GLY A 532 37.16 21.95 11.17
N ALA A 533 37.89 21.30 10.27
CA ALA A 533 37.60 19.93 9.84
C ALA A 533 36.73 19.93 8.60
N ARG A 534 36.46 21.13 8.09
CA ARG A 534 35.66 21.34 6.90
C ARG A 534 35.16 22.79 6.92
N PRO A 535 34.29 23.09 7.95
CA PRO A 535 33.83 24.48 7.96
C PRO A 535 34.93 25.52 8.19
N MET A 536 35.88 25.23 9.08
CA MET A 536 36.91 26.21 9.37
C MET A 536 36.82 27.39 8.46
N ALA A 537 36.46 27.16 7.22
CA ALA A 537 36.39 28.24 6.27
C ALA A 537 35.37 29.28 6.67
N ARG A 538 34.27 28.87 7.30
CA ARG A 538 33.25 29.84 7.67
C ARG A 538 33.73 30.63 8.86
N VAL A 539 34.43 29.95 9.75
CA VAL A 539 34.92 30.63 10.93
C VAL A 539 35.89 31.69 10.50
N ILE A 540 36.79 31.35 9.59
CA ILE A 540 37.75 32.32 9.13
C ILE A 540 37.09 33.48 8.40
N GLN A 541 36.17 33.22 7.50
CA GLN A 541 35.60 34.36 6.82
C GLN A 541 34.82 35.30 7.72
N ASP A 542 34.02 34.77 8.61
CA ASP A 542 33.24 35.67 9.44
C ASP A 542 34.07 36.44 10.42
N ASN A 543 35.14 35.84 10.89
CA ASN A 543 35.96 36.50 11.88
C ASN A 543 37.10 37.36 11.31
N LEU A 544 37.77 36.92 10.25
CA LEU A 544 38.88 37.68 9.71
C LEU A 544 38.62 38.44 8.42
N LYS A 545 37.55 38.16 7.67
CA LYS A 545 37.45 38.84 6.39
C LYS A 545 36.30 39.83 6.32
N LYS A 546 35.13 39.44 6.79
CA LYS A 546 34.01 40.37 6.72
C LYS A 546 34.27 41.70 7.46
N PRO A 547 34.88 41.71 8.66
CA PRO A 547 35.20 42.91 9.43
C PRO A 547 36.22 43.82 8.77
N LEU A 548 36.96 43.33 7.78
CA LEU A 548 37.99 44.09 7.11
C LEU A 548 37.54 44.60 5.77
N ALA A 549 36.81 43.77 5.06
CA ALA A 549 36.41 44.11 3.72
C ALA A 549 35.69 45.45 3.67
N ASN A 550 34.91 45.80 4.68
CA ASN A 550 34.22 47.08 4.66
C ASN A 550 35.12 48.31 4.85
N GLU A 551 36.25 48.17 5.56
CA GLU A 551 37.05 49.36 5.74
C GLU A 551 37.78 49.60 4.44
N LEU A 552 38.17 48.52 3.76
CA LEU A 552 38.85 48.67 2.50
C LEU A 552 37.85 49.20 1.46
N LEU A 553 36.63 48.66 1.50
CA LEU A 553 35.58 49.01 0.55
C LEU A 553 35.20 50.46 0.54
N PHE A 554 35.10 51.10 1.68
CA PHE A 554 34.67 52.47 1.62
C PHE A 554 35.83 53.45 1.70
N GLY A 555 37.05 52.95 1.58
CA GLY A 555 38.24 53.79 1.60
C GLY A 555 38.73 54.23 2.98
N SER A 556 38.34 53.54 4.06
CA SER A 556 38.82 53.90 5.38
C SER A 556 40.25 53.43 5.41
N LEU A 557 40.40 52.21 4.93
CA LEU A 557 41.69 51.60 4.79
C LEU A 557 41.87 51.64 3.30
N VAL A 558 43.03 52.03 2.86
CA VAL A 558 43.29 52.16 1.45
C VAL A 558 44.51 51.40 1.05
N ASP A 559 44.71 51.24 -0.25
CA ASP A 559 45.92 50.58 -0.75
C ASP A 559 47.05 51.41 -0.15
N GLY A 560 48.13 50.77 0.28
CA GLY A 560 49.15 51.48 1.02
C GLY A 560 48.61 51.44 2.45
N GLY A 561 47.89 50.33 2.71
CA GLY A 561 47.18 50.06 3.95
C GLY A 561 47.95 49.20 4.93
N GLN A 562 47.26 48.82 6.00
CA GLN A 562 47.84 48.03 7.06
C GLN A 562 46.82 47.72 8.12
N VAL A 563 46.63 46.43 8.37
CA VAL A 563 45.72 45.93 9.38
C VAL A 563 46.37 44.90 10.32
N THR A 564 46.47 45.23 11.61
CA THR A 564 46.91 44.25 12.59
C THR A 564 45.71 43.82 13.38
N VAL A 565 45.44 42.53 13.35
CA VAL A 565 44.29 41.96 13.99
C VAL A 565 44.63 41.29 15.32
N ALA A 566 43.87 41.67 16.35
CA ALA A 566 44.07 41.13 17.70
C ALA A 566 42.74 40.98 18.39
N LEU A 567 42.66 40.16 19.45
CA LEU A 567 41.37 40.02 20.10
C LEU A 567 41.13 40.84 21.32
N ASP A 568 39.90 41.31 21.42
CA ASP A 568 39.41 41.90 22.63
C ASP A 568 38.85 40.75 23.42
N LYS A 569 39.58 40.34 24.44
CA LYS A 569 39.33 39.17 25.26
C LYS A 569 37.91 39.09 25.81
N GLU A 570 37.27 40.22 26.03
CA GLU A 570 35.94 40.20 26.60
C GLU A 570 34.92 39.57 25.66
N LYS A 571 35.08 39.82 24.36
CA LYS A 571 34.15 39.34 23.36
C LYS A 571 34.80 38.40 22.35
N ASN A 572 36.12 38.34 22.38
CA ASN A 572 36.93 37.69 21.38
C ASN A 572 36.63 38.32 20.04
N GLU A 573 36.56 39.64 20.09
CA GLU A 573 36.32 40.41 18.90
C GLU A 573 37.64 40.73 18.27
N LEU A 574 37.75 40.48 16.98
CA LEU A 574 38.98 40.75 16.26
C LEU A 574 38.96 42.18 15.79
N THR A 575 39.93 42.95 16.24
CA THR A 575 39.96 44.36 15.92
C THR A 575 41.29 44.77 15.37
N TYR A 576 41.27 45.91 14.68
CA TYR A 576 42.45 46.50 14.07
C TYR A 576 42.20 47.98 13.87
N GLY A 577 43.28 48.72 13.64
CA GLY A 577 43.19 50.13 13.28
C GLY A 577 43.83 50.37 11.93
N PHE A 578 44.31 51.60 11.72
CA PHE A 578 44.98 52.07 10.51
C PHE A 578 44.99 53.58 10.47
N MET B 1 13.93 2.51 -81.51
CA MET B 1 14.42 1.46 -80.65
C MET B 1 15.83 1.17 -81.07
N GLU B 2 16.21 1.77 -82.18
CA GLU B 2 17.51 1.49 -82.76
C GLU B 2 18.68 1.77 -81.85
N ASN B 3 18.54 2.72 -80.95
CA ASN B 3 19.58 3.05 -80.02
C ASN B 3 19.08 2.98 -78.59
N PHE B 4 17.98 2.26 -78.36
CA PHE B 4 17.43 2.18 -77.03
C PHE B 4 17.27 0.75 -76.54
N THR B 5 17.01 -0.19 -77.45
CA THR B 5 16.74 -1.54 -77.00
C THR B 5 17.61 -2.55 -77.67
N THR B 6 17.73 -3.69 -77.03
CA THR B 6 18.45 -4.82 -77.58
C THR B 6 17.52 -5.91 -78.03
N ASN B 7 17.72 -6.39 -79.23
CA ASN B 7 16.91 -7.50 -79.67
C ASN B 7 17.50 -8.69 -79.01
N LEU B 8 16.81 -9.27 -78.07
CA LEU B 8 17.40 -10.32 -77.29
C LEU B 8 17.60 -11.57 -78.09
N ASN B 9 16.89 -11.74 -79.19
CA ASN B 9 17.06 -12.94 -79.97
C ASN B 9 18.46 -12.94 -80.55
N GLN B 10 19.05 -11.75 -80.65
CA GLN B 10 20.36 -11.60 -81.18
C GLN B 10 21.36 -12.19 -80.26
N LEU B 11 21.11 -12.17 -78.96
CA LEU B 11 22.06 -12.72 -78.05
C LEU B 11 21.83 -14.20 -78.02
N ALA B 12 20.58 -14.61 -78.12
CA ALA B 12 20.28 -16.02 -78.06
C ALA B 12 20.93 -16.76 -79.21
N ARG B 13 21.01 -16.11 -80.36
CA ARG B 13 21.60 -16.68 -81.55
C ARG B 13 23.12 -16.72 -81.56
N VAL B 14 23.79 -15.97 -80.68
CA VAL B 14 25.24 -15.93 -80.74
C VAL B 14 25.85 -16.43 -79.45
N GLY B 15 25.03 -16.98 -78.58
CA GLY B 15 25.50 -17.47 -77.28
C GLY B 15 25.78 -16.36 -76.27
N GLY B 16 25.10 -15.22 -76.38
CA GLY B 16 25.34 -14.09 -75.50
C GLY B 16 24.69 -14.24 -74.11
N ILE B 17 23.76 -15.18 -73.98
CA ILE B 17 23.06 -15.40 -72.73
C ILE B 17 23.14 -16.86 -72.30
N ASP B 18 23.24 -17.07 -70.99
CA ASP B 18 23.26 -18.43 -70.45
C ASP B 18 21.86 -19.02 -70.62
N PRO B 19 21.80 -20.34 -70.72
CA PRO B 19 20.53 -21.06 -70.91
C PRO B 19 19.68 -21.07 -69.67
N LEU B 20 18.37 -21.20 -69.84
CA LEU B 20 17.47 -21.34 -68.71
C LEU B 20 17.15 -22.80 -68.49
N ILE B 21 17.33 -23.27 -67.28
CA ILE B 21 17.11 -24.66 -66.94
C ILE B 21 15.87 -24.83 -66.07
N GLY B 22 14.96 -25.70 -66.48
CA GLY B 22 13.73 -25.90 -65.70
C GLY B 22 12.78 -24.70 -65.79
N ARG B 23 12.09 -24.40 -64.68
CA ARG B 23 11.10 -23.32 -64.62
C ARG B 23 9.97 -23.46 -65.61
N GLU B 24 9.46 -24.67 -65.72
CA GLU B 24 8.39 -25.00 -66.63
C GLU B 24 7.07 -24.33 -66.30
N LYS B 25 6.74 -24.23 -65.02
CA LYS B 25 5.46 -23.70 -64.62
C LYS B 25 5.46 -22.20 -64.64
N GLU B 26 6.62 -21.62 -64.41
CA GLU B 26 6.75 -20.19 -64.44
C GLU B 26 6.54 -19.74 -65.87
N LEU B 27 7.18 -20.43 -66.80
CA LEU B 27 7.05 -20.09 -68.22
C LEU B 27 5.66 -20.44 -68.72
N GLU B 28 5.06 -21.47 -68.14
CA GLU B 28 3.73 -21.90 -68.52
C GLU B 28 2.72 -20.79 -68.29
N ARG B 29 2.77 -20.19 -67.11
CA ARG B 29 1.88 -19.12 -66.77
C ARG B 29 2.22 -17.85 -67.53
N ALA B 30 3.50 -17.54 -67.70
CA ALA B 30 3.81 -16.31 -68.41
C ALA B 30 3.21 -16.33 -69.79
N ILE B 31 3.21 -17.48 -70.43
CA ILE B 31 2.65 -17.53 -71.76
C ILE B 31 1.16 -17.32 -71.69
N GLN B 32 0.49 -17.94 -70.73
CA GLN B 32 -0.95 -17.73 -70.65
C GLN B 32 -1.28 -16.27 -70.42
N VAL B 33 -0.45 -15.54 -69.71
CA VAL B 33 -0.71 -14.12 -69.54
C VAL B 33 -0.56 -13.41 -70.86
N LEU B 34 0.51 -13.68 -71.60
CA LEU B 34 0.74 -13.00 -72.87
C LEU B 34 -0.37 -13.30 -73.84
N CYS B 35 -0.95 -14.48 -73.73
CA CYS B 35 -2.04 -14.90 -74.58
C CYS B 35 -3.43 -14.32 -74.27
N ARG B 36 -3.55 -13.49 -73.23
CA ARG B 36 -4.81 -12.85 -72.87
C ARG B 36 -5.22 -11.76 -73.85
N ARG B 37 -6.53 -11.46 -73.90
CA ARG B 37 -7.05 -10.39 -74.74
C ARG B 37 -6.66 -9.00 -74.25
N ARG B 38 -6.72 -8.77 -72.95
CA ARG B 38 -6.43 -7.44 -72.43
C ARG B 38 -5.41 -7.49 -71.31
N LYS B 39 -4.65 -6.41 -71.14
CA LYS B 39 -3.72 -6.31 -70.02
C LYS B 39 -2.79 -7.49 -69.95
N ASN B 40 -2.35 -7.96 -71.08
CA ASN B 40 -1.52 -9.14 -71.17
C ASN B 40 -0.06 -8.82 -70.98
N ASN B 41 0.24 -8.46 -69.75
CA ASN B 41 1.55 -7.99 -69.35
C ASN B 41 2.05 -8.67 -68.07
N PRO B 42 2.76 -9.79 -68.11
CA PRO B 42 3.19 -10.48 -66.92
C PRO B 42 4.26 -9.65 -66.28
N LEU B 43 4.33 -9.71 -64.98
CA LEU B 43 5.30 -9.07 -64.14
C LEU B 43 5.97 -10.09 -63.26
N LEU B 44 7.30 -10.17 -63.27
CA LEU B 44 7.94 -11.16 -62.43
C LEU B 44 8.41 -10.53 -61.13
N VAL B 45 7.93 -11.05 -60.01
CA VAL B 45 8.24 -10.49 -58.70
C VAL B 45 8.84 -11.56 -57.81
N GLY B 46 9.91 -11.22 -57.12
CA GLY B 46 10.52 -12.22 -56.25
C GLY B 46 11.69 -11.71 -55.42
N GLU B 47 12.42 -12.63 -54.83
CA GLU B 47 13.57 -12.28 -54.02
C GLU B 47 14.71 -12.10 -54.96
N SER B 48 15.74 -11.37 -54.59
CA SER B 48 16.85 -11.22 -55.50
C SER B 48 17.64 -12.49 -55.71
N GLY B 49 18.27 -12.63 -56.88
CA GLY B 49 19.16 -13.77 -57.10
C GLY B 49 18.45 -15.11 -57.27
N VAL B 50 17.19 -15.10 -57.68
CA VAL B 50 16.48 -16.36 -57.82
C VAL B 50 16.18 -16.67 -59.26
N GLY B 51 16.69 -15.86 -60.18
CA GLY B 51 16.43 -16.12 -61.57
C GLY B 51 15.31 -15.32 -62.21
N LYS B 52 14.87 -14.22 -61.62
CA LYS B 52 13.79 -13.50 -62.28
C LYS B 52 14.17 -13.01 -63.66
N THR B 53 15.36 -12.49 -63.77
CA THR B 53 15.87 -11.99 -65.00
C THR B 53 16.19 -13.18 -65.84
N ALA B 54 16.76 -14.19 -65.22
CA ALA B 54 17.14 -15.37 -65.98
C ALA B 54 15.94 -15.93 -66.72
N ILE B 55 14.78 -15.94 -66.11
CA ILE B 55 13.60 -16.46 -66.78
C ILE B 55 13.19 -15.55 -67.92
N ALA B 56 13.13 -14.25 -67.68
CA ALA B 56 12.70 -13.37 -68.74
C ALA B 56 13.61 -13.43 -69.97
N GLU B 57 14.92 -13.54 -69.78
CA GLU B 57 15.80 -13.64 -70.95
C GLU B 57 15.79 -15.04 -71.50
N GLY B 58 15.59 -16.00 -70.62
CA GLY B 58 15.54 -17.39 -70.96
C GLY B 58 14.48 -17.63 -71.99
N LEU B 59 13.39 -16.87 -71.94
CA LEU B 59 12.38 -17.03 -72.95
C LEU B 59 12.92 -16.67 -74.33
N ALA B 60 13.77 -15.65 -74.45
CA ALA B 60 14.28 -15.28 -75.78
C ALA B 60 15.14 -16.42 -76.30
N TRP B 61 15.87 -17.02 -75.37
CA TRP B 61 16.73 -18.13 -75.71
C TRP B 61 15.88 -19.27 -76.24
N ARG B 62 14.81 -19.61 -75.53
CA ARG B 62 13.96 -20.70 -75.96
C ARG B 62 13.28 -20.39 -77.29
N ILE B 63 12.93 -19.14 -77.55
CA ILE B 63 12.28 -18.87 -78.82
C ILE B 63 13.25 -19.17 -79.94
N VAL B 64 14.47 -18.70 -79.81
CA VAL B 64 15.49 -18.92 -80.80
C VAL B 64 15.82 -20.38 -80.99
N GLN B 65 15.85 -21.13 -79.92
CA GLN B 65 16.19 -22.54 -80.01
C GLN B 65 15.00 -23.42 -80.40
N GLY B 66 13.81 -22.84 -80.61
CA GLY B 66 12.66 -23.66 -80.96
C GLY B 66 12.05 -24.44 -79.80
N ASP B 67 12.21 -23.95 -78.58
CA ASP B 67 11.73 -24.59 -77.36
C ASP B 67 10.46 -23.92 -76.83
N VAL B 68 9.72 -23.30 -77.74
CA VAL B 68 8.52 -22.60 -77.37
C VAL B 68 7.34 -23.05 -78.22
N PRO B 69 6.11 -22.76 -77.78
CA PRO B 69 4.92 -23.11 -78.56
C PRO B 69 4.81 -22.18 -79.76
N GLU B 70 4.34 -22.70 -80.89
CA GLU B 70 4.21 -21.91 -82.11
C GLU B 70 3.72 -20.48 -81.88
N VAL B 71 2.84 -20.30 -80.90
CA VAL B 71 2.29 -19.02 -80.59
C VAL B 71 3.43 -18.02 -80.43
N MET B 72 4.49 -18.46 -79.76
CA MET B 72 5.63 -17.62 -79.49
C MET B 72 6.61 -17.61 -80.61
N ALA B 73 6.58 -18.64 -81.41
CA ALA B 73 7.52 -18.75 -82.49
C ALA B 73 7.52 -17.47 -83.30
N ASP B 74 8.73 -17.05 -83.67
CA ASP B 74 9.04 -15.84 -84.43
C ASP B 74 8.82 -14.52 -83.70
N CYS B 75 8.52 -14.56 -82.41
CA CYS B 75 8.40 -13.32 -81.65
C CYS B 75 9.75 -12.76 -81.27
N THR B 76 9.78 -11.46 -81.18
CA THR B 76 10.99 -10.78 -80.72
C THR B 76 10.83 -10.14 -79.39
N ILE B 77 11.78 -10.40 -78.51
CA ILE B 77 11.74 -9.76 -77.22
C ILE B 77 12.83 -8.71 -77.18
N TYR B 78 12.46 -7.48 -76.86
CA TYR B 78 13.44 -6.42 -76.80
C TYR B 78 13.72 -5.99 -75.37
N SER B 79 14.96 -5.72 -75.04
CA SER B 79 15.32 -5.24 -73.71
C SER B 79 15.65 -3.77 -73.69
N LEU B 80 14.94 -3.02 -72.87
CA LEU B 80 15.11 -1.55 -72.86
C LEU B 80 16.06 -0.90 -71.87
N ASP B 81 16.93 -0.05 -72.41
CA ASP B 81 17.88 0.76 -71.67
C ASP B 81 17.25 2.10 -71.33
N ILE B 82 16.81 2.28 -70.09
CA ILE B 82 16.17 3.52 -69.72
C ILE B 82 17.15 4.67 -69.66
N GLY B 83 18.33 4.46 -69.13
CA GLY B 83 19.22 5.61 -69.01
C GLY B 83 19.49 6.26 -70.36
N SER B 84 19.63 5.47 -71.42
CA SER B 84 19.92 6.04 -72.74
C SER B 84 18.74 6.78 -73.31
N LEU B 85 17.57 6.59 -72.74
CA LEU B 85 16.37 7.20 -73.23
C LEU B 85 16.29 8.61 -72.72
N LEU B 86 16.88 8.88 -71.56
CA LEU B 86 16.82 10.22 -70.96
C LEU B 86 18.05 11.00 -71.34
N ALA B 87 19.12 10.28 -71.60
CA ALA B 87 20.35 10.96 -71.85
C ALA B 87 20.20 11.91 -72.99
N GLY B 88 20.61 13.14 -72.75
CA GLY B 88 20.59 14.16 -73.75
C GLY B 88 19.25 14.85 -74.02
N THR B 89 18.16 14.49 -73.35
CA THR B 89 16.89 15.14 -73.69
C THR B 89 16.71 16.50 -73.06
N LYS B 90 17.59 17.41 -73.38
CA LYS B 90 17.41 18.75 -72.90
C LYS B 90 16.30 19.32 -73.75
N TYR B 91 15.46 20.16 -73.19
CA TYR B 91 14.36 20.86 -73.88
C TYR B 91 13.08 20.07 -73.94
N ARG B 92 11.98 20.71 -73.57
CA ARG B 92 10.71 20.06 -73.54
C ARG B 92 10.40 19.53 -74.90
N GLY B 93 9.88 18.32 -74.96
CA GLY B 93 9.51 17.67 -76.19
C GLY B 93 10.51 16.60 -76.61
N ASP B 94 11.78 16.68 -76.22
CA ASP B 94 12.65 15.60 -76.70
C ASP B 94 12.41 14.29 -76.00
N PHE B 95 12.08 14.35 -74.71
CA PHE B 95 11.81 13.16 -73.92
C PHE B 95 10.48 12.55 -74.33
N GLU B 96 9.49 13.39 -74.55
CA GLU B 96 8.16 12.94 -74.94
C GLU B 96 8.19 12.36 -76.34
N LYS B 97 9.06 12.92 -77.19
CA LYS B 97 9.19 12.46 -78.54
C LYS B 97 9.89 11.14 -78.65
N ARG B 98 11.01 10.95 -77.94
CA ARG B 98 11.71 9.70 -78.08
C ARG B 98 10.87 8.57 -77.58
N PHE B 99 10.19 8.80 -76.48
CA PHE B 99 9.38 7.78 -75.90
C PHE B 99 8.25 7.42 -76.82
N LYS B 100 7.54 8.42 -77.35
CA LYS B 100 6.47 8.11 -78.25
C LYS B 100 6.95 7.40 -79.48
N ALA B 101 8.10 7.78 -80.01
CA ALA B 101 8.59 7.13 -81.21
C ALA B 101 8.86 5.67 -80.95
N LEU B 102 9.40 5.37 -79.77
CA LEU B 102 9.67 3.99 -79.43
C LEU B 102 8.40 3.20 -79.37
N LEU B 103 7.40 3.75 -78.72
CA LEU B 103 6.20 2.97 -78.62
C LEU B 103 5.59 2.75 -79.97
N LYS B 104 5.61 3.75 -80.84
CA LYS B 104 5.01 3.56 -82.13
C LYS B 104 5.70 2.45 -82.90
N GLN B 105 7.02 2.37 -82.83
CA GLN B 105 7.68 1.34 -83.57
C GLN B 105 7.29 -0.03 -83.05
N LEU B 106 7.09 -0.15 -81.75
CA LEU B 106 6.69 -1.42 -81.18
C LEU B 106 5.25 -1.77 -81.57
N GLU B 107 4.37 -0.77 -81.52
CA GLU B 107 2.98 -0.97 -81.90
C GLU B 107 2.86 -1.45 -83.35
N GLN B 108 3.77 -1.00 -84.21
CA GLN B 108 3.76 -1.38 -85.60
C GLN B 108 4.52 -2.65 -85.89
N ASP B 109 5.17 -3.24 -84.89
CA ASP B 109 5.86 -4.48 -85.12
C ASP B 109 4.80 -5.54 -85.06
N THR B 110 3.97 -5.41 -84.02
CA THR B 110 2.85 -6.27 -83.69
C THR B 110 3.23 -7.67 -83.21
N ASN B 111 4.50 -8.08 -83.33
CA ASN B 111 4.85 -9.43 -82.95
C ASN B 111 6.07 -9.36 -82.03
N SER B 112 6.10 -8.37 -81.18
CA SER B 112 7.23 -8.23 -80.30
C SER B 112 6.79 -7.78 -78.95
N ILE B 113 7.62 -8.13 -77.98
CA ILE B 113 7.41 -7.89 -76.58
C ILE B 113 8.50 -7.05 -76.00
N LEU B 114 8.13 -6.07 -75.21
CA LEU B 114 9.15 -5.24 -74.60
C LEU B 114 9.43 -5.69 -73.17
N PHE B 115 10.67 -5.94 -72.84
CA PHE B 115 11.07 -6.36 -71.52
C PHE B 115 11.82 -5.30 -70.73
N ILE B 116 11.30 -4.99 -69.56
CA ILE B 116 11.91 -3.97 -68.74
C ILE B 116 12.38 -4.48 -67.39
N ASP B 117 13.70 -4.40 -67.16
CA ASP B 117 14.28 -4.81 -65.90
C ASP B 117 14.23 -3.59 -64.99
N GLU B 118 13.86 -3.78 -63.72
CA GLU B 118 13.76 -2.67 -62.79
C GLU B 118 12.61 -1.78 -63.26
N ILE B 119 11.46 -2.40 -63.45
CA ILE B 119 10.26 -1.76 -63.93
C ILE B 119 9.74 -0.72 -62.96
N HIS B 120 10.19 -0.80 -61.72
CA HIS B 120 9.82 0.15 -60.70
C HIS B 120 10.31 1.54 -61.12
N THR B 121 11.46 1.55 -61.77
CA THR B 121 12.15 2.77 -62.22
C THR B 121 11.40 3.65 -63.21
N ILE B 122 10.51 3.04 -63.98
CA ILE B 122 9.64 3.80 -64.88
C ILE B 122 8.48 4.52 -64.13
N ILE B 123 8.29 4.24 -62.85
CA ILE B 123 7.16 4.79 -62.09
C ILE B 123 7.11 6.30 -62.00
N GLY B 124 8.30 6.87 -61.85
CA GLY B 124 8.49 8.30 -61.79
C GLY B 124 9.49 8.42 -62.92
N ALA B 125 8.95 8.26 -64.12
CA ALA B 125 9.71 8.33 -65.34
C ALA B 125 10.11 9.78 -65.37
N GLY B 126 11.01 10.19 -66.24
CA GLY B 126 11.44 11.57 -66.18
C GLY B 126 10.29 12.55 -66.08
N ALA B 127 10.40 13.46 -65.12
CA ALA B 127 9.36 14.47 -64.95
C ALA B 127 9.92 15.83 -65.29
N ALA B 128 9.29 16.51 -66.25
CA ALA B 128 9.73 17.83 -66.65
C ALA B 128 9.60 18.78 -65.47
N SER B 129 8.50 18.70 -64.72
CA SER B 129 8.36 19.61 -63.60
C SER B 129 7.02 19.47 -62.85
N GLY B 130 6.27 20.56 -62.79
CA GLY B 130 4.98 20.56 -62.11
C GLY B 130 4.13 19.55 -62.82
N GLY B 131 4.22 19.53 -64.16
CA GLY B 131 3.47 18.56 -64.92
C GLY B 131 4.04 17.22 -64.49
N GLN B 132 3.17 16.27 -64.23
CA GLN B 132 3.62 14.95 -63.77
C GLN B 132 3.63 13.90 -64.88
N VAL B 133 3.42 14.31 -66.13
CA VAL B 133 3.38 13.31 -67.18
C VAL B 133 4.79 12.74 -67.16
N ASP B 134 4.87 11.43 -66.95
CA ASP B 134 6.15 10.78 -66.85
C ASP B 134 6.09 9.45 -67.54
N ALA B 135 7.26 8.98 -67.94
CA ALA B 135 7.34 7.76 -68.62
C ALA B 135 6.24 6.89 -68.20
N ALA B 136 5.64 7.15 -67.05
CA ALA B 136 4.64 6.17 -66.76
C ALA B 136 3.25 6.51 -67.06
N ASN B 137 2.73 7.62 -66.59
CA ASN B 137 1.30 7.76 -66.87
C ASN B 137 0.97 7.66 -68.36
N LEU B 138 1.78 8.30 -69.20
CA LEU B 138 1.56 8.27 -70.64
C LEU B 138 1.68 6.86 -71.20
N ILE B 139 2.65 6.10 -70.70
CA ILE B 139 2.86 4.73 -71.15
C ILE B 139 1.84 3.79 -70.52
N LYS B 140 0.57 4.15 -70.62
CA LYS B 140 -0.50 3.33 -70.07
C LYS B 140 -1.44 2.84 -71.16
N PRO B 141 -2.44 3.66 -71.49
CA PRO B 141 -3.39 3.30 -72.52
C PRO B 141 -3.23 2.14 -73.45
N LEU B 142 -2.00 1.69 -73.62
CA LEU B 142 -1.58 0.77 -74.63
C LEU B 142 -1.54 -0.57 -73.95
N LEU B 143 -1.20 -0.54 -72.67
CA LEU B 143 -1.16 -1.75 -71.91
C LEU B 143 -2.59 -2.21 -71.71
N SER B 144 -3.47 -1.26 -71.49
CA SER B 144 -4.86 -1.57 -71.28
C SER B 144 -5.55 -2.16 -72.47
N SER B 145 -5.35 -1.56 -73.64
CA SER B 145 -6.00 -1.95 -74.86
C SER B 145 -5.51 -3.23 -75.45
N GLY B 146 -4.26 -3.58 -75.18
CA GLY B 146 -3.70 -4.79 -75.74
C GLY B 146 -2.86 -4.49 -76.95
N LYS B 147 -2.70 -3.20 -77.27
CA LYS B 147 -1.87 -2.85 -78.41
C LYS B 147 -0.44 -3.31 -78.23
N ILE B 148 0.09 -3.26 -77.01
CA ILE B 148 1.47 -3.68 -76.81
C ILE B 148 1.53 -4.71 -75.70
N ARG B 149 2.61 -5.46 -75.62
CA ARG B 149 2.77 -6.41 -74.54
C ARG B 149 4.12 -6.17 -73.92
N VAL B 150 4.16 -6.10 -72.61
CA VAL B 150 5.44 -5.92 -71.96
C VAL B 150 5.64 -6.96 -70.90
N ILE B 151 6.88 -7.18 -70.51
CA ILE B 151 7.18 -8.05 -69.40
C ILE B 151 7.89 -7.25 -68.32
N GLY B 152 7.37 -7.31 -67.10
CA GLY B 152 7.98 -6.57 -66.01
C GLY B 152 8.90 -7.43 -65.17
N SER B 153 9.68 -6.79 -64.33
CA SER B 153 10.64 -7.42 -63.43
C SER B 153 10.96 -6.54 -62.23
N THR B 154 10.75 -7.04 -61.02
CA THR B 154 11.01 -6.25 -59.80
C THR B 154 11.15 -7.13 -58.54
N THR B 155 11.77 -6.62 -57.48
CA THR B 155 11.84 -7.44 -56.27
C THR B 155 10.64 -7.21 -55.43
N TYR B 156 10.40 -8.11 -54.48
CA TYR B 156 9.27 -7.95 -53.56
C TYR B 156 9.29 -6.61 -52.80
N GLN B 157 10.48 -6.12 -52.43
CA GLN B 157 10.56 -4.87 -51.70
C GLN B 157 10.26 -3.68 -52.56
N GLU B 158 10.79 -3.66 -53.75
CA GLU B 158 10.60 -2.54 -54.63
C GLU B 158 9.18 -2.53 -55.10
N PHE B 159 8.64 -3.72 -55.36
CA PHE B 159 7.26 -3.85 -55.81
C PHE B 159 6.27 -3.27 -54.80
N SER B 160 6.47 -3.56 -53.52
CA SER B 160 5.58 -3.07 -52.49
C SER B 160 5.79 -1.62 -52.16
N ASN B 161 7.03 -1.16 -52.20
CA ASN B 161 7.34 0.23 -51.90
C ASN B 161 7.24 1.14 -53.11
N ILE B 162 7.72 0.65 -54.26
CA ILE B 162 7.69 1.42 -55.49
C ILE B 162 6.25 1.63 -55.98
N PHE B 163 5.88 0.81 -56.95
CA PHE B 163 4.57 0.86 -57.57
C PHE B 163 3.50 0.40 -56.58
N GLU B 164 3.78 -0.66 -55.84
CA GLU B 164 2.78 -1.12 -54.89
C GLU B 164 1.99 0.05 -54.31
N LYS B 165 1.82 1.09 -55.10
CA LYS B 165 1.09 2.26 -54.68
C LYS B 165 0.25 2.89 -55.80
N ASP B 166 0.72 2.78 -57.04
CA ASP B 166 0.02 3.33 -58.18
C ASP B 166 -0.95 2.30 -58.66
N ARG B 167 -2.20 2.39 -58.22
CA ARG B 167 -3.10 1.33 -58.53
C ARG B 167 -3.42 1.24 -59.98
N ALA B 168 -3.51 2.38 -60.63
CA ALA B 168 -3.86 2.38 -62.03
C ALA B 168 -2.81 1.68 -62.83
N LEU B 169 -1.57 1.81 -62.43
CA LEU B 169 -0.56 1.12 -63.20
C LEU B 169 -0.47 -0.32 -62.80
N ALA B 170 -0.53 -0.59 -61.51
CA ALA B 170 -0.36 -1.92 -61.03
C ALA B 170 -1.42 -2.86 -61.56
N ARG B 171 -2.64 -2.38 -61.74
CA ARG B 171 -3.71 -3.23 -62.22
C ARG B 171 -3.54 -3.63 -63.66
N ARG B 172 -2.58 -3.06 -64.36
CA ARG B 172 -2.38 -3.37 -65.75
C ARG B 172 -1.36 -4.48 -65.92
N PHE B 173 -0.85 -5.03 -64.82
CA PHE B 173 0.13 -6.11 -64.88
C PHE B 173 -0.29 -7.34 -64.09
N GLN B 174 0.06 -8.51 -64.58
CA GLN B 174 -0.27 -9.77 -63.90
C GLN B 174 0.97 -10.20 -63.14
N LYS B 175 0.86 -10.33 -61.82
CA LYS B 175 2.03 -10.72 -61.06
C LYS B 175 2.26 -12.21 -60.94
N ILE B 176 3.47 -12.63 -61.29
CA ILE B 176 3.93 -14.00 -61.15
C ILE B 176 5.05 -14.08 -60.12
N ASP B 177 4.88 -14.92 -59.13
CA ASP B 177 5.88 -15.05 -58.07
C ASP B 177 6.95 -16.04 -58.43
N ILE B 178 8.18 -15.60 -58.44
CA ILE B 178 9.27 -16.50 -58.75
C ILE B 178 9.92 -16.91 -57.47
N THR B 179 9.85 -18.19 -57.17
CA THR B 179 10.37 -18.70 -55.92
C THR B 179 11.78 -19.23 -56.07
N GLU B 180 12.40 -19.49 -54.93
CA GLU B 180 13.74 -20.07 -54.91
C GLU B 180 13.61 -21.58 -55.18
N PRO B 181 14.57 -22.11 -55.94
CA PRO B 181 14.61 -23.52 -56.32
C PRO B 181 14.96 -24.43 -55.16
N SER B 182 14.64 -25.70 -55.30
CA SER B 182 14.99 -26.75 -54.35
C SER B 182 16.42 -27.17 -54.55
N ILE B 183 16.91 -28.07 -53.71
CA ILE B 183 18.29 -28.52 -53.83
C ILE B 183 18.52 -29.27 -55.11
N GLU B 184 17.61 -30.20 -55.42
CA GLU B 184 17.72 -31.01 -56.63
C GLU B 184 17.66 -30.14 -57.89
N GLU B 185 16.84 -29.10 -57.82
CA GLU B 185 16.69 -28.20 -58.93
C GLU B 185 17.93 -27.38 -59.07
N THR B 186 18.51 -26.96 -57.95
CA THR B 186 19.72 -26.16 -57.98
C THR B 186 20.86 -26.94 -58.58
N VAL B 187 20.98 -28.21 -58.23
CA VAL B 187 22.06 -29.03 -58.76
C VAL B 187 21.91 -29.14 -60.26
N GLN B 188 20.70 -29.35 -60.74
CA GLN B 188 20.49 -29.45 -62.17
C GLN B 188 20.82 -28.14 -62.87
N ILE B 189 20.50 -27.02 -62.23
CA ILE B 189 20.83 -25.73 -62.82
C ILE B 189 22.32 -25.63 -62.94
N ILE B 190 23.05 -26.01 -61.90
CA ILE B 190 24.48 -25.91 -62.00
C ILE B 190 24.98 -26.82 -63.09
N ASN B 191 24.47 -28.05 -63.19
CA ASN B 191 25.00 -28.94 -64.20
C ASN B 191 24.88 -28.39 -65.61
N GLY B 192 23.77 -27.70 -65.91
CA GLY B 192 23.62 -27.16 -67.24
C GLY B 192 24.44 -25.88 -67.46
N LEU B 193 24.72 -25.14 -66.40
CA LEU B 193 25.49 -23.90 -66.55
C LEU B 193 26.97 -24.18 -66.54
N LYS B 194 27.34 -25.22 -65.82
CA LYS B 194 28.70 -25.62 -65.60
C LYS B 194 29.64 -25.46 -66.79
N PRO B 195 29.35 -25.93 -68.02
CA PRO B 195 30.26 -25.86 -69.14
C PRO B 195 30.74 -24.45 -69.43
N LYS B 196 29.99 -23.44 -68.98
CA LYS B 196 30.40 -22.07 -69.22
C LYS B 196 31.54 -21.71 -68.30
N TYR B 197 31.54 -22.29 -67.11
CA TYR B 197 32.53 -22.02 -66.10
C TYR B 197 33.71 -22.86 -66.44
N GLU B 198 33.45 -24.07 -66.94
CA GLU B 198 34.55 -24.93 -67.27
C GLU B 198 35.35 -24.27 -68.34
N ALA B 199 34.66 -23.68 -69.31
CA ALA B 199 35.37 -23.01 -70.35
C ALA B 199 36.01 -21.73 -69.87
N HIS B 200 35.31 -20.91 -69.11
CA HIS B 200 35.87 -19.63 -68.74
C HIS B 200 37.15 -19.75 -67.96
N HIS B 201 37.16 -20.66 -67.00
CA HIS B 201 38.28 -20.79 -66.09
C HIS B 201 39.25 -21.88 -66.46
N ASP B 202 39.06 -22.52 -67.60
CA ASP B 202 39.91 -23.66 -67.96
C ASP B 202 39.96 -24.73 -66.85
N VAL B 203 38.79 -25.10 -66.34
CA VAL B 203 38.68 -26.08 -65.24
C VAL B 203 37.67 -27.16 -65.54
N ARG B 204 37.69 -28.20 -64.74
CA ARG B 204 36.67 -29.22 -64.79
C ARG B 204 36.24 -29.43 -63.36
N TYR B 205 35.01 -29.88 -63.13
CA TYR B 205 34.52 -30.08 -61.78
C TYR B 205 34.05 -31.51 -61.67
N THR B 206 34.26 -32.12 -60.52
CA THR B 206 33.73 -33.46 -60.34
C THR B 206 32.25 -33.38 -59.99
N ALA B 207 31.56 -34.51 -60.10
CA ALA B 207 30.15 -34.56 -59.73
C ALA B 207 29.95 -34.27 -58.26
N LYS B 208 30.89 -34.73 -57.45
CA LYS B 208 30.81 -34.52 -56.03
C LYS B 208 31.01 -33.06 -55.70
N ALA B 209 31.90 -32.38 -56.43
CA ALA B 209 32.14 -30.98 -56.14
C ALA B 209 30.87 -30.19 -56.33
N VAL B 210 30.10 -30.52 -57.37
CA VAL B 210 28.88 -29.79 -57.60
C VAL B 210 27.86 -30.04 -56.51
N ARG B 211 27.71 -31.29 -56.11
CA ARG B 211 26.75 -31.54 -55.05
C ARG B 211 27.19 -30.85 -53.77
N ALA B 212 28.49 -30.87 -53.49
CA ALA B 212 28.97 -30.22 -52.31
C ALA B 212 28.71 -28.74 -52.37
N ALA B 213 28.91 -28.11 -53.52
CA ALA B 213 28.71 -26.68 -53.55
C ALA B 213 27.30 -26.31 -53.20
N VAL B 214 26.34 -27.07 -53.70
CA VAL B 214 24.97 -26.69 -53.41
C VAL B 214 24.62 -26.96 -51.96
N GLU B 215 24.95 -28.13 -51.45
CA GLU B 215 24.53 -28.42 -50.09
C GLU B 215 25.30 -27.65 -49.04
N LEU B 216 26.58 -27.40 -49.25
CA LEU B 216 27.34 -26.64 -48.28
C LEU B 216 26.87 -25.23 -48.24
N ALA B 217 26.57 -24.62 -49.38
CA ALA B 217 26.11 -23.25 -49.34
C ALA B 217 24.82 -23.18 -48.58
N VAL B 218 23.95 -24.16 -48.75
CA VAL B 218 22.72 -24.10 -48.01
C VAL B 218 22.95 -24.19 -46.54
N LYS B 219 23.81 -25.08 -46.12
CA LYS B 219 24.10 -25.21 -44.72
C LYS B 219 24.81 -24.01 -44.10
N TYR B 220 25.76 -23.40 -44.83
CA TYR B 220 26.55 -22.35 -44.23
C TYR B 220 26.41 -20.89 -44.67
N ILE B 221 25.84 -20.58 -45.82
CA ILE B 221 25.78 -19.19 -46.25
C ILE B 221 24.37 -18.67 -46.05
N ASN B 222 24.19 -17.67 -45.20
CA ASN B 222 22.86 -17.23 -44.80
C ASN B 222 22.13 -16.06 -45.48
N ASP B 223 22.81 -15.17 -46.19
CA ASP B 223 22.15 -13.98 -46.70
C ASP B 223 21.74 -13.98 -48.15
N ARG B 224 21.79 -15.12 -48.82
CA ARG B 224 21.45 -15.15 -50.24
C ARG B 224 20.58 -16.29 -50.74
N HIS B 225 19.95 -16.07 -51.89
CA HIS B 225 19.11 -17.09 -52.51
C HIS B 225 20.04 -18.25 -52.80
N LEU B 226 19.55 -19.47 -52.62
CA LEU B 226 20.41 -20.64 -52.81
C LEU B 226 21.02 -20.80 -54.20
N PRO B 227 20.19 -20.51 -55.28
CA PRO B 227 20.84 -20.69 -56.60
C PRO B 227 22.03 -19.76 -56.86
N ASP B 228 21.90 -18.50 -56.46
CA ASP B 228 22.91 -17.51 -56.66
C ASP B 228 23.95 -17.84 -55.69
N LYS B 229 23.56 -18.56 -54.68
CA LYS B 229 24.52 -19.02 -53.68
C LYS B 229 25.40 -20.21 -54.12
N ALA B 230 24.89 -21.07 -54.99
CA ALA B 230 25.63 -22.21 -55.45
C ALA B 230 26.50 -21.84 -56.60
N ILE B 231 25.99 -20.95 -57.42
CA ILE B 231 26.72 -20.52 -58.57
C ILE B 231 27.95 -19.80 -58.11
N ASP B 232 27.80 -18.96 -57.11
CA ASP B 232 28.91 -18.20 -56.59
C ASP B 232 30.00 -19.12 -56.05
N VAL B 233 29.63 -20.22 -55.39
CA VAL B 233 30.65 -21.13 -54.92
C VAL B 233 31.42 -21.76 -56.08
N ILE B 234 30.69 -22.19 -57.10
CA ILE B 234 31.32 -22.79 -58.26
C ILE B 234 32.21 -21.82 -58.97
N ASP B 235 31.77 -20.58 -59.15
CA ASP B 235 32.62 -19.66 -59.86
C ASP B 235 33.84 -19.31 -59.05
N GLU B 236 33.72 -19.17 -57.73
CA GLU B 236 34.93 -18.87 -57.00
C GLU B 236 35.87 -20.05 -57.06
N ALA B 237 35.36 -21.28 -56.93
CA ALA B 237 36.22 -22.45 -56.96
C ALA B 237 36.91 -22.56 -58.31
N GLY B 238 36.20 -22.20 -59.37
CA GLY B 238 36.74 -22.21 -60.70
C GLY B 238 37.89 -21.24 -60.74
N ALA B 239 37.65 -20.01 -60.30
CA ALA B 239 38.67 -18.98 -60.31
C ALA B 239 39.83 -19.38 -59.45
N ARG B 240 39.56 -20.06 -58.34
CA ARG B 240 40.64 -20.47 -57.49
C ARG B 240 41.55 -21.38 -58.25
N ALA B 241 40.97 -22.37 -58.95
CA ALA B 241 41.74 -23.30 -59.75
C ALA B 241 42.39 -22.58 -60.94
N ARG B 242 41.72 -21.59 -61.52
CA ARG B 242 42.29 -20.84 -62.65
C ARG B 242 43.58 -20.15 -62.28
N LEU B 243 43.71 -19.76 -61.03
CA LEU B 243 44.90 -19.09 -60.58
C LEU B 243 45.97 -20.05 -60.09
N MET B 244 45.72 -21.36 -60.19
CA MET B 244 46.73 -22.35 -59.89
C MET B 244 47.77 -22.51 -61.04
N PRO B 245 47.37 -22.72 -62.32
CA PRO B 245 48.29 -22.86 -63.42
C PRO B 245 48.84 -21.53 -63.91
N VAL B 246 49.49 -20.84 -62.98
CA VAL B 246 50.16 -19.58 -63.21
C VAL B 246 51.61 -19.95 -62.89
N SER B 247 51.69 -21.05 -62.13
CA SER B 247 52.94 -21.68 -61.69
C SER B 247 52.85 -23.13 -62.18
N LYS B 248 51.90 -23.30 -63.09
CA LYS B 248 51.47 -24.50 -63.77
C LYS B 248 50.98 -25.62 -62.86
N ARG B 249 50.28 -25.25 -61.78
CA ARG B 249 49.68 -26.22 -60.89
C ARG B 249 48.30 -26.55 -61.44
N LYS B 250 48.28 -27.20 -62.58
CA LYS B 250 47.02 -27.51 -63.23
C LYS B 250 46.28 -28.58 -62.47
N LYS B 251 45.00 -28.36 -62.26
CA LYS B 251 44.17 -29.33 -61.57
C LYS B 251 42.70 -29.09 -61.86
N THR B 252 41.88 -30.07 -61.51
CA THR B 252 40.43 -29.96 -61.57
C THR B 252 39.92 -29.54 -60.20
N VAL B 253 38.64 -29.22 -60.09
CA VAL B 253 38.02 -28.85 -58.82
C VAL B 253 37.33 -30.05 -58.18
N ASN B 254 37.66 -30.32 -56.93
CA ASN B 254 36.99 -31.43 -56.24
C ASN B 254 36.39 -30.94 -54.92
N VAL B 255 35.84 -31.85 -54.15
CA VAL B 255 35.17 -31.48 -52.92
C VAL B 255 36.05 -30.70 -51.99
N ALA B 256 37.32 -31.04 -51.90
CA ALA B 256 38.19 -30.34 -50.98
C ALA B 256 38.32 -28.86 -51.34
N ASP B 257 38.19 -28.52 -52.62
CA ASP B 257 38.34 -27.15 -53.03
C ASP B 257 37.06 -26.41 -52.76
N ILE B 258 35.95 -27.12 -52.91
CA ILE B 258 34.68 -26.49 -52.65
C ILE B 258 34.61 -26.17 -51.18
N GLU B 259 35.04 -27.14 -50.37
CA GLU B 259 35.05 -27.01 -48.93
C GLU B 259 35.88 -25.80 -48.51
N SER B 260 37.05 -25.63 -49.13
CA SER B 260 37.88 -24.50 -48.76
C SER B 260 37.17 -23.18 -49.07
N VAL B 261 36.53 -23.11 -50.23
CA VAL B 261 35.83 -21.90 -50.61
C VAL B 261 34.67 -21.59 -49.68
N VAL B 262 33.86 -22.58 -49.34
CA VAL B 262 32.75 -22.31 -48.44
C VAL B 262 33.29 -21.96 -47.08
N ALA B 263 34.33 -22.65 -46.63
CA ALA B 263 34.92 -22.41 -45.33
C ALA B 263 35.39 -20.98 -45.21
N ARG B 264 35.82 -20.37 -46.30
CA ARG B 264 36.23 -18.98 -46.23
C ARG B 264 35.14 -18.09 -45.64
N ILE B 265 33.88 -18.46 -45.83
CA ILE B 265 32.75 -17.71 -45.33
C ILE B 265 32.26 -18.27 -43.99
N ALA B 266 32.19 -19.61 -43.89
CA ALA B 266 31.73 -20.34 -42.67
C ALA B 266 32.69 -20.19 -41.46
N ARG B 267 33.97 -20.03 -41.78
CA ARG B 267 35.13 -19.88 -40.89
C ARG B 267 35.63 -21.12 -40.18
N ILE B 268 35.03 -22.26 -40.42
CA ILE B 268 35.55 -23.50 -39.88
C ILE B 268 35.57 -24.56 -40.97
N PRO B 269 36.71 -24.86 -41.59
CA PRO B 269 36.85 -25.88 -42.60
C PRO B 269 36.54 -27.23 -41.99
N GLU B 270 36.03 -28.16 -42.79
CA GLU B 270 35.79 -29.53 -42.32
C GLU B 270 36.94 -30.46 -42.68
N LYS B 271 37.96 -29.91 -43.34
CA LYS B 271 39.08 -30.73 -43.79
C LYS B 271 40.38 -30.49 -43.05
N SER B 272 40.67 -29.26 -42.62
CA SER B 272 41.96 -28.93 -41.99
C SER B 272 42.06 -29.64 -40.67
N VAL B 273 40.92 -30.06 -40.18
CA VAL B 273 40.75 -30.74 -38.94
C VAL B 273 41.53 -32.03 -38.98
N SER B 274 41.74 -32.58 -40.17
CA SER B 274 42.44 -33.81 -40.36
C SER B 274 43.97 -33.64 -40.49
N GLN B 275 44.42 -32.39 -40.56
CA GLN B 275 45.82 -32.04 -40.79
C GLN B 275 46.48 -31.62 -39.49
N SER B 276 47.32 -30.57 -39.53
CA SER B 276 48.07 -30.11 -38.37
C SER B 276 47.15 -29.53 -37.31
N ASP B 277 45.94 -29.20 -37.70
CA ASP B 277 45.00 -28.66 -36.77
C ASP B 277 44.59 -29.76 -35.78
N ARG B 278 44.91 -31.05 -36.09
CA ARG B 278 44.63 -32.13 -35.17
C ARG B 278 45.46 -31.94 -33.93
N ASP B 279 46.69 -31.39 -34.06
CA ASP B 279 47.55 -31.24 -32.92
C ASP B 279 47.17 -29.99 -32.19
N THR B 280 46.71 -29.00 -32.91
CA THR B 280 46.28 -27.80 -32.23
C THR B 280 45.21 -28.19 -31.24
N LEU B 281 44.26 -29.03 -31.68
CA LEU B 281 43.21 -29.48 -30.77
C LEU B 281 43.74 -30.45 -29.74
N LYS B 282 44.61 -31.37 -30.12
CA LYS B 282 45.10 -32.39 -29.21
C LYS B 282 45.72 -31.82 -27.96
N ASN B 283 46.46 -30.76 -28.13
CA ASN B 283 47.19 -30.14 -27.04
C ASN B 283 46.43 -29.03 -26.33
N LEU B 284 45.17 -28.81 -26.67
CA LEU B 284 44.44 -27.71 -26.09
C LEU B 284 44.30 -27.84 -24.60
N GLY B 285 44.00 -29.04 -24.13
CA GLY B 285 43.80 -29.21 -22.71
C GLY B 285 45.02 -28.86 -21.91
N ASP B 286 46.20 -29.10 -22.45
CA ASP B 286 47.37 -28.83 -21.64
C ASP B 286 47.78 -27.40 -21.74
N ARG B 287 47.58 -26.78 -22.90
CA ARG B 287 47.99 -25.40 -22.96
C ARG B 287 47.22 -24.62 -21.92
N LEU B 288 45.96 -24.98 -21.73
CA LEU B 288 45.17 -24.29 -20.74
C LEU B 288 45.50 -24.72 -19.31
N LYS B 289 45.79 -26.01 -19.07
CA LYS B 289 46.10 -26.41 -17.69
C LYS B 289 47.33 -25.71 -17.16
N MET B 290 48.25 -25.36 -18.02
CA MET B 290 49.42 -24.64 -17.59
C MET B 290 49.10 -23.21 -17.13
N LEU B 291 47.95 -22.67 -17.52
CA LEU B 291 47.58 -21.32 -17.16
C LEU B 291 46.57 -21.27 -16.02
N VAL B 292 45.71 -22.29 -15.94
CA VAL B 292 44.71 -22.37 -14.89
C VAL B 292 44.96 -23.58 -14.04
N PHE B 293 45.21 -23.39 -12.76
CA PHE B 293 45.59 -24.51 -11.96
C PHE B 293 44.42 -25.08 -11.24
N GLY B 294 44.30 -26.38 -11.27
CA GLY B 294 43.19 -27.03 -10.64
C GLY B 294 42.03 -26.84 -11.58
N GLN B 295 40.82 -27.06 -11.12
CA GLN B 295 39.66 -26.91 -11.97
C GLN B 295 39.70 -27.66 -13.30
N ASP B 296 40.14 -28.91 -13.29
CA ASP B 296 40.19 -29.68 -14.51
C ASP B 296 38.83 -29.84 -15.13
N LYS B 297 37.79 -29.91 -14.33
CA LYS B 297 36.49 -30.10 -14.91
C LYS B 297 36.13 -29.01 -15.90
N ALA B 298 36.51 -27.77 -15.62
CA ALA B 298 36.15 -26.71 -16.53
C ALA B 298 36.92 -26.87 -17.80
N ILE B 299 38.16 -27.28 -17.67
CA ILE B 299 38.99 -27.41 -18.84
C ILE B 299 38.44 -28.50 -19.71
N GLU B 300 38.06 -29.61 -19.11
CA GLU B 300 37.53 -30.71 -19.89
C GLU B 300 36.21 -30.36 -20.52
N ALA B 301 35.33 -29.68 -19.82
CA ALA B 301 34.05 -29.40 -20.46
C ALA B 301 34.23 -28.58 -21.70
N LEU B 302 35.09 -27.58 -21.64
CA LEU B 302 35.27 -26.73 -22.79
C LEU B 302 36.00 -27.45 -23.89
N THR B 303 37.00 -28.22 -23.52
CA THR B 303 37.82 -28.87 -24.50
C THR B 303 37.02 -29.90 -25.27
N GLU B 304 36.20 -30.67 -24.59
CA GLU B 304 35.46 -31.69 -25.29
C GLU B 304 34.40 -31.11 -26.19
N ALA B 305 33.72 -30.05 -25.77
CA ALA B 305 32.71 -29.49 -26.64
C ALA B 305 33.32 -29.07 -27.94
N ILE B 306 34.51 -28.53 -27.89
CA ILE B 306 35.13 -28.09 -29.11
C ILE B 306 35.48 -29.28 -29.96
N LYS B 307 36.08 -30.29 -29.39
CA LYS B 307 36.44 -31.43 -30.21
C LYS B 307 35.26 -32.10 -30.86
N MET B 308 34.15 -32.26 -30.17
CA MET B 308 33.05 -32.91 -30.84
C MET B 308 32.59 -32.10 -32.01
N ALA B 309 32.47 -30.80 -31.82
CA ALA B 309 32.04 -29.98 -32.91
C ALA B 309 32.99 -30.05 -34.08
N ARG B 310 34.29 -30.11 -33.84
CA ARG B 310 35.21 -30.16 -34.95
C ARG B 310 35.22 -31.53 -35.58
N ALA B 311 35.00 -32.55 -34.78
CA ALA B 311 34.95 -33.93 -35.25
C ALA B 311 33.81 -34.06 -36.23
N GLY B 312 32.74 -33.32 -36.00
CA GLY B 312 31.57 -33.35 -36.85
C GLY B 312 30.39 -33.86 -36.09
N LEU B 313 30.57 -34.19 -34.85
CA LEU B 313 29.48 -34.67 -34.05
C LEU B 313 28.86 -33.47 -33.37
N GLY B 314 28.25 -32.63 -34.18
CA GLY B 314 27.69 -31.38 -33.73
C GLY B 314 26.22 -31.45 -33.35
N HIS B 315 25.61 -30.28 -33.16
CA HIS B 315 24.22 -30.18 -32.74
C HIS B 315 23.30 -29.65 -33.83
N GLU B 316 23.73 -29.73 -35.08
CA GLU B 316 22.95 -29.24 -36.21
C GLU B 316 22.81 -27.71 -36.21
N HIS B 317 22.02 -27.20 -35.26
CA HIS B 317 21.75 -25.78 -35.13
C HIS B 317 22.04 -25.15 -33.78
N LYS B 318 22.39 -25.91 -32.77
CA LYS B 318 22.62 -25.27 -31.48
C LYS B 318 24.04 -24.71 -31.51
N PRO B 319 24.47 -23.84 -30.57
CA PRO B 319 25.78 -23.27 -30.44
C PRO B 319 26.78 -24.36 -30.20
N VAL B 320 28.08 -24.06 -30.31
CA VAL B 320 29.10 -25.08 -30.13
C VAL B 320 28.93 -25.63 -28.75
N GLY B 321 28.66 -24.76 -27.82
CA GLY B 321 28.37 -25.23 -26.49
C GLY B 321 27.89 -24.10 -25.63
N SER B 322 27.25 -24.46 -24.53
CA SER B 322 26.70 -23.51 -23.59
C SER B 322 26.92 -23.87 -22.13
N PHE B 323 27.75 -23.09 -21.45
CA PHE B 323 28.09 -23.47 -20.11
C PHE B 323 27.90 -22.39 -19.09
N LEU B 324 27.51 -22.81 -17.92
CA LEU B 324 27.44 -21.91 -16.79
C LEU B 324 28.55 -22.24 -15.81
N PHE B 325 29.38 -21.29 -15.49
CA PHE B 325 30.47 -21.51 -14.55
C PHE B 325 30.13 -20.83 -13.28
N ALA B 326 30.03 -21.57 -12.20
CA ALA B 326 29.61 -20.99 -10.95
C ALA B 326 30.55 -21.29 -9.84
N GLY B 327 30.71 -20.38 -8.90
CA GLY B 327 31.57 -20.71 -7.76
C GLY B 327 32.10 -19.49 -7.03
N PRO B 328 33.03 -19.69 -6.07
CA PRO B 328 33.68 -18.72 -5.18
C PRO B 328 34.45 -17.76 -6.01
N THR B 329 34.80 -16.60 -5.48
CA THR B 329 35.55 -15.63 -6.26
C THR B 329 37.01 -15.95 -6.32
N GLY B 330 37.71 -15.37 -7.28
CA GLY B 330 39.15 -15.51 -7.43
C GLY B 330 39.56 -16.91 -7.82
N VAL B 331 38.73 -17.64 -8.54
CA VAL B 331 39.10 -19.02 -8.83
C VAL B 331 39.28 -19.30 -10.30
N GLY B 332 39.40 -18.28 -11.11
CA GLY B 332 39.60 -18.48 -12.54
C GLY B 332 38.35 -18.62 -13.42
N LYS B 333 37.18 -18.17 -12.97
CA LYS B 333 35.99 -18.37 -13.80
C LYS B 333 36.01 -17.60 -15.10
N THR B 334 36.44 -16.35 -15.10
CA THR B 334 36.49 -15.63 -16.35
C THR B 334 37.86 -15.82 -16.93
N GLU B 335 38.83 -16.13 -16.08
CA GLU B 335 40.20 -16.37 -16.51
C GLU B 335 40.33 -17.54 -17.49
N VAL B 336 39.61 -18.63 -17.26
CA VAL B 336 39.72 -19.76 -18.17
C VAL B 336 39.10 -19.44 -19.51
N THR B 337 38.04 -18.65 -19.54
CA THR B 337 37.39 -18.31 -20.77
C THR B 337 38.27 -17.45 -21.61
N VAL B 338 38.92 -16.48 -20.99
CA VAL B 338 39.77 -15.62 -21.73
C VAL B 338 40.88 -16.42 -22.34
N GLN B 339 41.46 -17.31 -21.56
CA GLN B 339 42.55 -18.10 -22.10
C GLN B 339 42.09 -19.03 -23.18
N LEU B 340 40.86 -19.51 -23.15
CA LEU B 340 40.42 -20.36 -24.22
C LEU B 340 40.42 -19.61 -25.52
N SER B 341 39.91 -18.39 -25.52
CA SER B 341 39.90 -17.68 -26.79
C SER B 341 41.29 -17.46 -27.30
N LYS B 342 42.26 -17.30 -26.39
CA LYS B 342 43.61 -17.11 -26.85
C LYS B 342 44.17 -18.38 -27.41
N ALA B 343 43.95 -19.48 -26.73
CA ALA B 343 44.48 -20.76 -27.15
C ALA B 343 44.01 -21.15 -28.53
N LEU B 344 42.77 -20.81 -28.83
CA LEU B 344 42.17 -21.14 -30.12
C LEU B 344 42.41 -20.12 -31.21
N GLY B 345 42.96 -18.98 -30.89
CA GLY B 345 43.13 -17.95 -31.89
C GLY B 345 41.84 -17.26 -32.37
N ILE B 346 40.79 -17.14 -31.55
CA ILE B 346 39.55 -16.53 -32.06
C ILE B 346 39.09 -15.36 -31.20
N GLU B 347 38.25 -14.50 -31.75
CA GLU B 347 37.81 -13.33 -31.01
C GLU B 347 37.01 -13.61 -29.78
N LEU B 348 37.26 -12.83 -28.76
CA LEU B 348 36.47 -12.91 -27.55
C LEU B 348 35.52 -11.75 -27.55
N LEU B 349 34.26 -12.03 -27.44
CA LEU B 349 33.26 -10.99 -27.40
C LEU B 349 32.85 -10.88 -25.96
N ARG B 350 33.02 -9.72 -25.35
CA ARG B 350 32.67 -9.65 -23.96
C ARG B 350 31.58 -8.69 -23.70
N PHE B 351 30.63 -9.14 -22.93
CA PHE B 351 29.55 -8.28 -22.53
C PHE B 351 29.49 -8.32 -21.03
N ASP B 352 29.28 -7.18 -20.44
CA ASP B 352 29.18 -7.06 -19.01
C ASP B 352 27.75 -7.07 -18.55
N MET B 353 27.29 -8.12 -17.94
CA MET B 353 25.89 -8.18 -17.65
C MET B 353 25.43 -7.21 -16.61
N SER B 354 26.33 -6.58 -15.88
CA SER B 354 25.85 -5.68 -14.88
C SER B 354 25.32 -4.42 -15.48
N GLU B 355 25.56 -4.21 -16.77
CA GLU B 355 25.07 -3.02 -17.41
C GLU B 355 23.65 -3.17 -17.91
N TYR B 356 23.06 -4.36 -17.76
CA TYR B 356 21.71 -4.59 -18.24
C TYR B 356 20.87 -4.94 -17.05
N MET B 357 20.78 -3.98 -16.16
CA MET B 357 20.17 -4.17 -14.86
C MET B 357 18.67 -3.95 -14.83
N GLU B 358 18.08 -3.54 -15.93
CA GLU B 358 16.64 -3.29 -15.99
C GLU B 358 16.00 -3.96 -17.18
N ARG B 359 14.73 -4.26 -17.08
CA ARG B 359 14.04 -4.95 -18.15
C ARG B 359 14.15 -4.31 -19.50
N HIS B 360 14.05 -3.00 -19.57
CA HIS B 360 14.02 -2.35 -20.85
C HIS B 360 15.35 -2.21 -21.52
N THR B 361 16.40 -2.56 -20.83
CA THR B 361 17.73 -2.41 -21.37
C THR B 361 17.96 -3.41 -22.46
N VAL B 362 17.06 -4.36 -22.61
CA VAL B 362 17.21 -5.34 -23.64
C VAL B 362 17.27 -4.72 -25.03
N SER B 363 16.68 -3.53 -25.24
CA SER B 363 16.74 -2.95 -26.58
C SER B 363 18.16 -2.59 -26.92
N ARG B 364 19.01 -2.48 -25.94
CA ARG B 364 20.37 -2.17 -26.19
C ARG B 364 21.05 -3.31 -26.92
N LEU B 365 20.61 -4.55 -26.66
CA LEU B 365 21.21 -5.71 -27.25
C LEU B 365 20.69 -5.98 -28.63
N ILE B 366 19.41 -5.73 -28.85
CA ILE B 366 18.81 -6.04 -30.15
C ILE B 366 18.25 -4.90 -31.01
N GLY B 367 18.13 -3.68 -30.49
CA GLY B 367 17.68 -2.52 -31.27
C GLY B 367 16.26 -2.03 -30.95
N ALA B 368 16.06 -0.72 -31.10
CA ALA B 368 14.77 -0.07 -30.85
C ALA B 368 13.83 -0.43 -31.99
N PRO B 369 12.53 -0.52 -31.81
CA PRO B 369 11.58 -0.79 -32.85
C PRO B 369 11.45 0.40 -33.78
N PRO B 370 10.94 0.23 -34.99
CA PRO B 370 10.75 1.25 -35.97
C PRO B 370 9.97 2.40 -35.44
N GLY B 371 10.46 3.60 -35.70
CA GLY B 371 9.77 4.81 -35.28
C GLY B 371 10.30 5.39 -34.00
N TYR B 372 11.13 4.65 -33.28
CA TYR B 372 11.68 5.13 -32.02
C TYR B 372 13.13 5.61 -32.11
N VAL B 373 13.43 6.67 -31.36
CA VAL B 373 14.76 7.22 -31.33
C VAL B 373 15.79 6.17 -31.14
N GLY B 374 16.78 6.17 -32.00
CA GLY B 374 17.83 5.16 -31.93
C GLY B 374 17.53 3.96 -32.82
N PHE B 375 16.44 3.98 -33.55
CA PHE B 375 16.10 2.88 -34.44
C PHE B 375 17.21 2.42 -35.33
N ASP B 376 17.91 3.34 -35.92
CA ASP B 376 18.93 2.98 -36.86
C ASP B 376 20.31 2.89 -36.25
N GLN B 377 20.40 2.83 -34.93
CA GLN B 377 21.67 2.73 -34.26
C GLN B 377 22.24 1.33 -34.28
N GLY B 378 21.41 0.29 -34.35
CA GLY B 378 21.97 -1.06 -34.32
C GLY B 378 21.42 -1.87 -33.17
N GLY B 379 22.22 -2.81 -32.70
CA GLY B 379 21.88 -3.75 -31.64
C GLY B 379 23.18 -4.45 -31.31
N LEU B 380 23.67 -4.27 -30.10
CA LEU B 380 25.04 -4.65 -29.88
C LEU B 380 25.33 -6.12 -30.02
N LEU B 381 24.42 -6.98 -29.60
CA LEU B 381 24.74 -8.39 -29.65
C LEU B 381 24.64 -8.92 -31.02
N THR B 382 23.64 -8.53 -31.76
CA THR B 382 23.53 -9.09 -33.07
C THR B 382 24.61 -8.55 -33.97
N ASP B 383 25.09 -7.33 -33.75
CA ASP B 383 26.15 -6.91 -34.63
C ASP B 383 27.43 -7.63 -34.32
N ALA B 384 27.76 -7.80 -33.05
CA ALA B 384 28.99 -8.47 -32.75
C ALA B 384 29.02 -9.87 -33.32
N VAL B 385 27.92 -10.58 -33.24
CA VAL B 385 27.89 -11.94 -33.73
C VAL B 385 27.90 -11.99 -35.22
N ILE B 386 27.21 -11.10 -35.88
CA ILE B 386 27.24 -11.12 -37.32
C ILE B 386 28.61 -10.82 -37.85
N LYS B 387 29.27 -9.82 -37.29
CA LYS B 387 30.60 -9.46 -37.75
C LYS B 387 31.66 -10.54 -37.49
N HIS B 388 31.58 -11.25 -36.37
CA HIS B 388 32.56 -12.25 -35.99
C HIS B 388 31.94 -13.60 -35.72
N PRO B 389 31.52 -14.36 -36.73
CA PRO B 389 30.81 -15.59 -36.58
C PRO B 389 31.53 -16.71 -35.85
N HIS B 390 32.85 -16.71 -35.77
CA HIS B 390 33.53 -17.78 -35.05
C HIS B 390 34.14 -17.11 -33.85
N ALA B 391 33.60 -17.38 -32.67
CA ALA B 391 34.02 -16.61 -31.51
C ALA B 391 33.66 -17.25 -30.19
N VAL B 392 34.25 -16.72 -29.14
CA VAL B 392 33.90 -17.09 -27.79
C VAL B 392 33.08 -15.95 -27.22
N LEU B 393 31.89 -16.23 -26.76
CA LEU B 393 31.03 -15.21 -26.22
C LEU B 393 30.93 -15.31 -24.72
N LEU B 394 31.37 -14.29 -24.03
CA LEU B 394 31.39 -14.29 -22.59
C LEU B 394 30.46 -13.29 -21.97
N LEU B 395 29.56 -13.78 -21.14
CA LEU B 395 28.65 -12.89 -20.47
C LEU B 395 29.02 -12.88 -18.99
N ASP B 396 29.66 -11.81 -18.54
CA ASP B 396 30.06 -11.68 -17.15
C ASP B 396 28.86 -11.39 -16.25
N GLU B 397 28.93 -11.84 -15.01
CA GLU B 397 27.85 -11.64 -14.05
C GLU B 397 26.50 -11.97 -14.69
N ILE B 398 26.22 -13.26 -14.84
CA ILE B 398 24.98 -13.71 -15.44
C ILE B 398 23.80 -13.54 -14.48
N GLU B 399 24.10 -13.17 -13.25
CA GLU B 399 23.08 -12.99 -12.23
C GLU B 399 22.80 -11.52 -11.93
N LYS B 400 23.63 -10.62 -12.45
CA LYS B 400 23.41 -9.23 -12.20
C LYS B 400 22.54 -8.59 -13.25
N ALA B 401 22.20 -9.32 -14.29
CA ALA B 401 21.32 -8.79 -15.31
C ALA B 401 19.91 -8.90 -14.81
N HIS B 402 19.04 -8.05 -15.25
CA HIS B 402 17.67 -8.21 -14.85
C HIS B 402 17.22 -9.58 -15.36
N PRO B 403 16.51 -10.40 -14.60
CA PRO B 403 16.03 -11.72 -14.98
C PRO B 403 15.31 -11.81 -16.29
N ASP B 404 14.67 -10.76 -16.74
CA ASP B 404 13.95 -10.89 -17.99
C ASP B 404 14.86 -11.05 -19.17
N VAL B 405 16.11 -10.68 -19.03
CA VAL B 405 17.05 -10.74 -20.13
C VAL B 405 17.43 -12.17 -20.45
N PHE B 406 17.18 -13.07 -19.53
CA PHE B 406 17.54 -14.45 -19.72
C PHE B 406 16.66 -15.02 -20.81
N ASN B 407 15.54 -14.39 -21.07
CA ASN B 407 14.62 -14.88 -22.03
C ASN B 407 15.15 -14.71 -23.43
N ILE B 408 16.11 -13.81 -23.62
CA ILE B 408 16.69 -13.67 -24.94
C ILE B 408 17.57 -14.87 -25.14
N LEU B 409 18.30 -15.21 -24.12
CA LEU B 409 19.17 -16.35 -24.28
C LEU B 409 18.44 -17.63 -24.54
N LEU B 410 17.24 -17.82 -24.02
CA LEU B 410 16.59 -19.10 -24.28
C LEU B 410 16.47 -19.40 -25.74
N GLN B 411 16.09 -18.39 -26.50
CA GLN B 411 15.94 -18.51 -27.94
C GLN B 411 17.25 -18.81 -28.63
N VAL B 412 18.34 -18.19 -28.18
CA VAL B 412 19.63 -18.43 -28.78
C VAL B 412 20.18 -19.80 -28.48
N MET B 413 20.13 -20.18 -27.22
CA MET B 413 20.70 -21.44 -26.85
C MET B 413 20.02 -22.58 -27.55
N ASP B 414 18.70 -22.52 -27.69
CA ASP B 414 18.00 -23.60 -28.32
C ASP B 414 18.02 -23.64 -29.83
N ASN B 415 17.90 -22.48 -30.49
CA ASN B 415 17.81 -22.52 -31.93
C ASN B 415 19.04 -22.03 -32.68
N GLY B 416 19.98 -21.38 -32.00
CA GLY B 416 21.14 -20.86 -32.69
C GLY B 416 20.92 -19.50 -33.32
N THR B 417 19.76 -18.87 -33.13
CA THR B 417 19.54 -17.58 -33.75
C THR B 417 18.92 -16.54 -32.87
N LEU B 418 19.12 -15.29 -33.26
CA LEU B 418 18.51 -14.09 -32.66
C LEU B 418 18.17 -13.09 -33.76
N THR B 419 16.98 -12.48 -33.78
CA THR B 419 16.67 -11.57 -34.89
C THR B 419 16.75 -10.11 -34.46
N ASP B 420 17.38 -9.27 -35.27
CA ASP B 420 17.51 -7.85 -34.88
C ASP B 420 16.31 -7.01 -35.31
N ASN B 421 16.37 -5.70 -35.13
CA ASN B 421 15.21 -4.88 -35.42
C ASN B 421 15.01 -4.58 -36.90
N ASN B 422 15.81 -5.18 -37.76
CA ASN B 422 15.63 -5.06 -39.17
C ASN B 422 15.28 -6.39 -39.75
N GLY B 423 15.03 -7.36 -38.90
CA GLY B 423 14.67 -8.68 -39.38
C GLY B 423 15.86 -9.54 -39.81
N ARG B 424 17.10 -9.16 -39.46
CA ARG B 424 18.26 -9.94 -39.89
C ARG B 424 18.58 -10.94 -38.82
N LYS B 425 19.16 -12.06 -39.17
CA LYS B 425 19.44 -13.03 -38.14
C LYS B 425 20.90 -13.23 -37.83
N ALA B 426 21.23 -13.16 -36.54
CA ALA B 426 22.53 -13.52 -36.06
C ALA B 426 22.57 -15.00 -35.92
N ASP B 427 23.63 -15.61 -36.42
CA ASP B 427 23.86 -17.05 -36.43
C ASP B 427 24.91 -17.46 -35.42
N PHE B 428 24.52 -18.18 -34.38
CA PHE B 428 25.40 -18.52 -33.29
C PHE B 428 25.94 -19.93 -33.35
N ARG B 429 25.80 -20.62 -34.46
CA ARG B 429 26.25 -22.00 -34.48
C ARG B 429 27.74 -22.19 -34.28
N ASN B 430 28.55 -21.18 -34.54
CA ASN B 430 29.98 -21.29 -34.35
C ASN B 430 30.44 -20.54 -33.10
N VAL B 431 29.53 -20.31 -32.19
CA VAL B 431 29.86 -19.61 -30.97
C VAL B 431 29.88 -20.51 -29.73
N VAL B 432 30.89 -20.26 -28.91
CA VAL B 432 30.98 -20.95 -27.62
C VAL B 432 30.43 -20.00 -26.60
N LEU B 433 29.35 -20.35 -25.93
CA LEU B 433 28.73 -19.45 -24.96
C LEU B 433 29.09 -19.76 -23.53
N VAL B 434 29.70 -18.81 -22.85
CA VAL B 434 30.05 -19.01 -21.46
C VAL B 434 29.45 -17.93 -20.61
N MET B 435 28.76 -18.33 -19.57
CA MET B 435 28.16 -17.40 -18.65
C MET B 435 28.78 -17.62 -17.30
N THR B 436 29.13 -16.57 -16.59
CA THR B 436 29.71 -16.84 -15.26
C THR B 436 28.82 -16.31 -14.15
N THR B 437 28.95 -16.91 -12.97
CA THR B 437 28.19 -16.51 -11.80
C THR B 437 28.77 -16.88 -10.45
N ASN B 438 28.41 -16.17 -9.40
CA ASN B 438 28.81 -16.63 -8.07
C ASN B 438 27.57 -16.76 -7.21
N ALA B 439 26.44 -16.97 -7.85
CA ALA B 439 25.15 -16.99 -7.18
C ALA B 439 25.02 -17.96 -6.01
N GLY B 440 25.60 -19.13 -6.07
CA GLY B 440 25.37 -20.08 -4.99
C GLY B 440 26.37 -20.00 -3.85
N VAL B 441 27.27 -19.04 -3.91
CA VAL B 441 28.33 -18.99 -2.93
C VAL B 441 27.96 -18.55 -1.53
N ARG B 442 27.19 -17.49 -1.38
CA ARG B 442 26.92 -17.00 -0.03
C ARG B 442 26.20 -18.02 0.80
N GLU B 443 25.36 -18.80 0.19
CA GLU B 443 24.57 -19.76 0.91
C GLU B 443 25.36 -20.86 1.57
N THR B 444 26.57 -21.17 1.11
CA THR B 444 27.29 -22.26 1.73
C THR B 444 28.26 -21.75 2.77
N GLU B 445 28.28 -20.42 2.97
CA GLU B 445 29.16 -19.79 3.94
C GLU B 445 28.42 -19.58 5.26
N ARG B 446 27.16 -19.95 5.25
CA ARG B 446 26.24 -19.76 6.36
C ARG B 446 26.51 -20.70 7.52
N LYS B 447 26.49 -20.15 8.73
CA LYS B 447 26.68 -20.91 9.96
C LYS B 447 25.37 -21.43 10.50
N SER B 448 25.37 -22.65 11.03
CA SER B 448 24.19 -23.25 11.64
C SER B 448 24.01 -22.82 13.07
N ILE B 449 22.83 -23.05 13.63
CA ILE B 449 22.61 -22.73 15.03
C ILE B 449 22.07 -23.95 15.73
N GLY B 450 22.65 -24.37 16.84
CA GLY B 450 22.09 -25.52 17.53
C GLY B 450 23.14 -26.36 18.17
N LEU B 451 22.73 -27.41 18.84
CA LEU B 451 23.66 -28.28 19.52
C LEU B 451 24.32 -29.24 18.55
N ILE B 452 23.61 -29.59 17.49
CA ILE B 452 24.13 -30.52 16.49
C ILE B 452 24.33 -29.81 15.16
N HIS B 453 25.44 -29.09 15.02
CA HIS B 453 25.75 -28.37 13.79
C HIS B 453 25.51 -29.26 12.58
N GLN B 454 24.33 -29.13 11.98
CA GLN B 454 23.97 -29.92 10.82
C GLN B 454 24.75 -29.47 9.59
N ASP B 455 25.01 -30.41 8.68
CA ASP B 455 25.74 -30.09 7.46
C ASP B 455 24.86 -29.40 6.43
N ASN B 456 25.51 -28.71 5.51
CA ASN B 456 24.89 -28.01 4.39
C ASN B 456 25.41 -28.60 3.09
N SER B 457 26.14 -27.80 2.31
CA SER B 457 26.77 -28.19 1.05
C SER B 457 25.89 -28.79 -0.05
N THR B 458 24.63 -28.39 -0.13
CA THR B 458 23.77 -28.80 -1.23
C THR B 458 23.22 -27.52 -1.75
N ASP B 459 23.37 -26.52 -0.91
CA ASP B 459 22.78 -25.21 -1.09
C ASP B 459 23.34 -24.51 -2.28
N ALA B 460 24.55 -24.85 -2.70
CA ALA B 460 25.05 -24.20 -3.88
C ALA B 460 24.14 -24.46 -5.06
N MET B 461 23.60 -25.67 -5.13
CA MET B 461 22.80 -25.98 -6.27
C MET B 461 21.40 -25.57 -6.05
N GLU B 462 20.94 -25.59 -4.81
CA GLU B 462 19.56 -25.22 -4.62
C GLU B 462 19.39 -23.74 -4.92
N GLU B 463 20.40 -22.94 -4.59
CA GLU B 463 20.28 -21.53 -4.86
C GLU B 463 20.30 -21.29 -6.36
N ILE B 464 21.14 -21.99 -7.10
CA ILE B 464 21.14 -21.76 -8.52
C ILE B 464 19.83 -22.19 -9.13
N LYS B 465 19.31 -23.32 -8.72
CA LYS B 465 18.06 -23.80 -9.27
C LYS B 465 16.89 -22.86 -9.09
N LYS B 466 16.84 -22.09 -8.02
CA LYS B 466 15.69 -21.22 -7.90
C LYS B 466 15.89 -19.90 -8.64
N ILE B 467 17.05 -19.67 -9.23
CA ILE B 467 17.30 -18.43 -9.95
C ILE B 467 16.96 -18.58 -11.41
N PHE B 468 17.39 -19.66 -12.03
CA PHE B 468 17.16 -19.86 -13.44
C PHE B 468 15.97 -20.77 -13.71
N THR B 469 14.97 -20.27 -14.41
CA THR B 469 13.76 -21.02 -14.75
C THR B 469 14.14 -22.36 -15.40
N PRO B 470 13.44 -23.49 -15.16
CA PRO B 470 13.74 -24.80 -15.72
C PRO B 470 13.97 -24.85 -17.21
N GLU B 471 13.22 -24.07 -17.98
CA GLU B 471 13.38 -24.06 -19.44
C GLU B 471 14.75 -23.52 -19.87
N PHE B 472 15.39 -22.76 -18.97
CA PHE B 472 16.68 -22.18 -19.21
C PHE B 472 17.66 -23.15 -18.69
N ARG B 473 17.41 -23.59 -17.50
CA ARG B 473 18.33 -24.40 -16.80
C ARG B 473 18.59 -25.72 -17.49
N ASN B 474 17.58 -26.28 -18.15
CA ASN B 474 17.81 -27.58 -18.76
C ASN B 474 18.25 -27.43 -20.20
N ARG B 475 18.57 -26.23 -20.60
CA ARG B 475 18.95 -25.98 -21.96
C ARG B 475 20.44 -25.78 -22.07
N LEU B 476 21.14 -25.92 -20.95
CA LEU B 476 22.57 -25.74 -20.84
C LEU B 476 23.28 -27.05 -21.08
N ASP B 477 24.52 -27.01 -21.57
CA ASP B 477 25.26 -28.25 -21.71
C ASP B 477 25.70 -28.68 -20.35
N ASN B 478 26.18 -27.73 -19.56
CA ASN B 478 26.47 -28.09 -18.19
C ASN B 478 26.55 -26.92 -17.24
N ILE B 479 26.74 -27.24 -15.98
CA ILE B 479 27.00 -26.30 -14.92
C ILE B 479 28.25 -26.78 -14.24
N ILE B 480 29.27 -25.95 -14.22
CA ILE B 480 30.49 -26.38 -13.61
C ILE B 480 30.67 -25.65 -12.32
N TRP B 481 30.67 -26.37 -11.22
CA TRP B 481 30.87 -25.68 -9.96
C TRP B 481 32.37 -25.63 -9.70
N PHE B 482 32.89 -24.45 -9.40
CA PHE B 482 34.31 -24.25 -9.12
C PHE B 482 34.59 -24.32 -7.66
N ASP B 483 35.76 -24.80 -7.29
CA ASP B 483 36.15 -24.91 -5.89
C ASP B 483 37.00 -23.78 -5.41
N HIS B 484 37.34 -23.83 -4.13
CA HIS B 484 38.25 -22.88 -3.54
C HIS B 484 39.62 -23.37 -3.86
N LEU B 485 40.59 -22.50 -3.82
CA LEU B 485 41.92 -22.96 -4.10
C LEU B 485 42.65 -23.32 -2.82
N SER B 486 43.36 -24.42 -2.87
CA SER B 486 44.21 -24.97 -1.83
C SER B 486 45.61 -24.37 -1.89
N THR B 487 46.44 -24.71 -0.92
CA THR B 487 47.78 -24.16 -0.88
C THR B 487 48.68 -24.69 -1.98
N ASP B 488 48.38 -25.85 -2.54
CA ASP B 488 49.21 -26.40 -3.60
C ASP B 488 49.01 -25.55 -4.83
N VAL B 489 47.78 -25.12 -5.01
CA VAL B 489 47.44 -24.27 -6.10
C VAL B 489 48.15 -22.97 -5.89
N ILE B 490 48.17 -22.46 -4.67
CA ILE B 490 48.83 -21.20 -4.48
C ILE B 490 50.27 -21.29 -4.87
N HIS B 491 50.94 -22.36 -4.52
CA HIS B 491 52.33 -22.38 -4.93
C HIS B 491 52.44 -22.22 -6.45
N GLN B 492 51.56 -22.87 -7.20
CA GLN B 492 51.62 -22.70 -8.63
C GLN B 492 51.24 -21.27 -9.05
N VAL B 493 50.30 -20.66 -8.33
CA VAL B 493 49.87 -19.29 -8.62
C VAL B 493 51.00 -18.31 -8.40
N VAL B 494 51.74 -18.47 -7.33
CA VAL B 494 52.84 -17.56 -7.08
C VAL B 494 53.83 -17.69 -8.21
N ASP B 495 54.14 -18.90 -8.62
CA ASP B 495 55.08 -19.02 -9.70
C ASP B 495 54.62 -18.30 -10.95
N LYS B 496 53.33 -18.36 -11.32
CA LYS B 496 53.02 -17.64 -12.54
C LYS B 496 53.06 -16.15 -12.34
N PHE B 497 52.75 -15.65 -11.16
CA PHE B 497 52.81 -14.20 -11.01
C PHE B 497 54.24 -13.70 -11.05
N ILE B 498 55.16 -14.46 -10.49
CA ILE B 498 56.55 -14.04 -10.52
C ILE B 498 57.02 -14.00 -11.95
N VAL B 499 56.66 -15.00 -12.74
CA VAL B 499 57.08 -14.99 -14.12
C VAL B 499 56.55 -13.76 -14.83
N GLU B 500 55.30 -13.36 -14.58
CA GLU B 500 54.80 -12.17 -15.24
C GLU B 500 55.68 -10.97 -14.88
N LEU B 501 56.10 -10.89 -13.61
CA LEU B 501 56.97 -9.82 -13.21
C LEU B 501 58.30 -9.91 -13.92
N GLN B 502 58.85 -11.11 -14.05
CA GLN B 502 60.12 -11.19 -14.72
C GLN B 502 60.00 -10.67 -16.14
N VAL B 503 58.90 -10.97 -16.82
CA VAL B 503 58.76 -10.46 -18.19
C VAL B 503 58.66 -8.96 -18.19
N GLN B 504 57.88 -8.43 -17.28
CA GLN B 504 57.67 -7.00 -17.18
C GLN B 504 58.99 -6.27 -16.92
N LEU B 505 59.89 -6.91 -16.16
CA LEU B 505 61.21 -6.34 -15.87
C LEU B 505 62.21 -6.54 -17.01
N ASP B 506 62.09 -7.65 -17.75
CA ASP B 506 63.01 -7.91 -18.86
C ASP B 506 62.92 -6.79 -19.86
N GLN B 507 61.72 -6.25 -20.01
CA GLN B 507 61.44 -5.18 -20.94
C GLN B 507 62.14 -3.88 -20.57
N LYS B 508 62.62 -3.77 -19.34
CA LYS B 508 63.33 -2.60 -18.87
C LYS B 508 64.81 -2.90 -18.75
N GLY B 509 65.22 -4.06 -19.24
CA GLY B 509 66.62 -4.46 -19.20
C GLY B 509 67.09 -4.98 -17.87
N VAL B 510 66.18 -5.42 -17.01
CA VAL B 510 66.62 -5.90 -15.71
C VAL B 510 66.12 -7.28 -15.45
N SER B 511 66.99 -8.21 -15.12
CA SER B 511 66.49 -9.54 -14.82
C SER B 511 66.25 -9.66 -13.32
N LEU B 512 65.43 -10.62 -12.91
CA LEU B 512 65.14 -10.86 -11.49
C LEU B 512 65.24 -12.30 -11.04
N GLU B 513 66.03 -12.53 -9.99
CA GLU B 513 66.09 -13.84 -9.40
C GLU B 513 65.42 -13.88 -8.04
N VAL B 514 64.65 -14.92 -7.78
CA VAL B 514 63.98 -15.13 -6.52
C VAL B 514 64.29 -16.52 -6.00
N SER B 515 64.67 -16.64 -4.74
CA SER B 515 64.97 -17.95 -4.14
C SER B 515 63.73 -18.74 -3.80
N GLN B 516 63.90 -20.03 -3.52
CA GLN B 516 62.76 -20.87 -3.13
C GLN B 516 62.17 -20.45 -1.81
N GLU B 517 63.01 -20.03 -0.89
CA GLU B 517 62.53 -19.65 0.41
C GLU B 517 61.70 -18.40 0.30
N ALA B 518 62.12 -17.47 -0.55
CA ALA B 518 61.36 -16.26 -0.73
C ALA B 518 59.98 -16.61 -1.25
N ARG B 519 59.92 -17.59 -2.16
CA ARG B 519 58.62 -17.97 -2.69
C ARG B 519 57.75 -18.64 -1.68
N ASN B 520 58.32 -19.51 -0.87
CA ASN B 520 57.48 -20.20 0.07
C ASN B 520 56.94 -19.21 1.08
N TRP B 521 57.75 -18.24 1.43
CA TRP B 521 57.34 -17.22 2.36
C TRP B 521 56.19 -16.43 1.81
N LEU B 522 56.28 -16.00 0.55
CA LEU B 522 55.17 -15.24 0.00
C LEU B 522 53.93 -16.10 -0.07
N ALA B 523 54.06 -17.36 -0.45
CA ALA B 523 52.86 -18.18 -0.57
C ALA B 523 52.14 -18.30 0.75
N GLU B 524 52.86 -18.49 1.84
CA GLU B 524 52.17 -18.58 3.09
C GLU B 524 51.67 -17.24 3.56
N LYS B 525 52.42 -16.20 3.30
CA LYS B 525 52.01 -14.90 3.74
C LYS B 525 50.74 -14.43 3.07
N GLY B 526 50.64 -14.64 1.76
CA GLY B 526 49.49 -14.21 0.99
C GLY B 526 48.25 -15.11 1.02
N TYR B 527 48.38 -16.42 1.18
CA TYR B 527 47.20 -17.26 1.07
C TYR B 527 46.07 -16.99 2.02
N ASP B 528 44.90 -16.87 1.40
CA ASP B 528 43.62 -16.70 2.05
C ASP B 528 42.60 -17.47 1.28
N ARG B 529 42.14 -18.55 1.84
CA ARG B 529 41.20 -19.40 1.15
C ARG B 529 39.97 -18.61 0.73
N ALA B 530 39.54 -17.71 1.58
CA ALA B 530 38.31 -17.00 1.34
C ALA B 530 38.30 -16.17 0.09
N MET B 531 39.44 -15.65 -0.37
CA MET B 531 39.38 -14.75 -1.49
C MET B 531 39.96 -15.35 -2.75
N GLY B 532 40.24 -16.65 -2.75
CA GLY B 532 40.79 -17.24 -3.95
C GLY B 532 42.23 -16.78 -4.22
N ALA B 533 42.63 -16.81 -5.48
CA ALA B 533 43.98 -16.50 -5.91
C ALA B 533 44.26 -15.04 -6.07
N ARG B 534 43.26 -14.25 -6.36
CA ARG B 534 43.49 -12.85 -6.67
C ARG B 534 44.45 -12.10 -5.72
N PRO B 535 44.37 -12.23 -4.37
CA PRO B 535 45.21 -11.55 -3.40
C PRO B 535 46.69 -11.82 -3.54
N MET B 536 47.07 -12.88 -4.23
CA MET B 536 48.49 -13.15 -4.33
C MET B 536 49.12 -12.06 -5.16
N ALA B 537 48.35 -11.44 -6.03
CA ALA B 537 48.91 -10.38 -6.79
C ALA B 537 49.30 -9.23 -5.88
N ARG B 538 48.56 -9.03 -4.79
CA ARG B 538 48.83 -7.92 -3.90
C ARG B 538 50.06 -8.19 -3.07
N VAL B 539 50.28 -9.44 -2.64
CA VAL B 539 51.43 -9.67 -1.81
C VAL B 539 52.68 -9.46 -2.67
N ILE B 540 52.60 -9.80 -3.95
CA ILE B 540 53.69 -9.56 -4.85
C ILE B 540 53.90 -8.07 -5.11
N GLN B 541 52.84 -7.29 -5.31
CA GLN B 541 53.09 -5.87 -5.54
C GLN B 541 53.83 -5.23 -4.37
N ASP B 542 53.52 -5.63 -3.13
CA ASP B 542 54.22 -5.00 -2.01
C ASP B 542 55.58 -5.59 -1.69
N ASN B 543 55.80 -6.87 -1.91
CA ASN B 543 57.08 -7.42 -1.59
C ASN B 543 58.10 -7.34 -2.70
N LEU B 544 57.69 -7.40 -3.95
CA LEU B 544 58.70 -7.34 -4.97
C LEU B 544 58.63 -6.05 -5.76
N LYS B 545 57.45 -5.66 -6.20
CA LYS B 545 57.41 -4.50 -7.08
C LYS B 545 57.70 -3.17 -6.46
N LYS B 546 57.19 -2.88 -5.28
CA LYS B 546 57.48 -1.55 -4.77
C LYS B 546 58.98 -1.30 -4.59
N PRO B 547 59.76 -2.15 -3.89
CA PRO B 547 61.18 -1.97 -3.77
C PRO B 547 61.85 -1.73 -5.12
N LEU B 548 61.43 -2.50 -6.13
CA LEU B 548 62.03 -2.34 -7.44
C LEU B 548 61.67 -1.02 -8.04
N ALA B 549 60.46 -0.54 -7.82
CA ALA B 549 60.08 0.70 -8.45
C ALA B 549 61.01 1.81 -8.06
N ASN B 550 61.43 1.86 -6.82
CA ASN B 550 62.28 2.97 -6.47
C ASN B 550 63.68 2.81 -7.04
N GLU B 551 64.19 1.58 -7.05
CA GLU B 551 65.53 1.34 -7.61
C GLU B 551 65.59 1.58 -9.12
N LEU B 552 64.50 1.27 -9.82
CA LEU B 552 64.38 1.43 -11.27
C LEU B 552 64.07 2.84 -11.71
N LEU B 553 63.28 3.52 -10.93
CA LEU B 553 62.85 4.84 -11.24
C LEU B 553 63.91 5.90 -10.93
N PHE B 554 64.65 5.75 -9.83
CA PHE B 554 65.57 6.83 -9.51
C PHE B 554 67.03 6.54 -9.83
N GLY B 555 67.29 5.51 -10.61
CA GLY B 555 68.63 5.23 -11.10
C GLY B 555 69.57 4.22 -10.42
N SER B 556 69.26 3.65 -9.27
CA SER B 556 70.25 2.72 -8.74
C SER B 556 70.26 1.37 -9.49
N LEU B 557 69.13 1.00 -10.04
CA LEU B 557 69.02 -0.23 -10.81
C LEU B 557 68.56 0.17 -12.18
N VAL B 558 69.39 -0.04 -13.17
CA VAL B 558 69.05 0.39 -14.51
C VAL B 558 69.24 -0.69 -15.52
N ASP B 559 68.78 -0.42 -16.73
CA ASP B 559 68.90 -1.33 -17.84
C ASP B 559 70.34 -1.80 -17.92
N GLY B 560 70.50 -3.13 -17.88
CA GLY B 560 71.77 -3.81 -17.88
C GLY B 560 72.03 -4.46 -16.53
N GLY B 561 71.22 -4.09 -15.53
CA GLY B 561 71.34 -4.61 -14.18
C GLY B 561 70.58 -5.92 -13.95
N GLN B 562 70.81 -6.47 -12.77
CA GLN B 562 70.20 -7.69 -12.29
C GLN B 562 69.81 -7.45 -10.88
N VAL B 563 68.72 -8.02 -10.45
CA VAL B 563 68.32 -7.91 -9.06
C VAL B 563 67.99 -9.25 -8.48
N THR B 564 68.30 -9.43 -7.21
CA THR B 564 68.08 -10.70 -6.53
C THR B 564 67.38 -10.56 -5.19
N VAL B 565 66.48 -11.51 -4.92
CA VAL B 565 65.73 -11.61 -3.68
C VAL B 565 65.79 -12.97 -3.01
N ALA B 566 66.03 -12.98 -1.70
CA ALA B 566 66.06 -14.22 -0.94
C ALA B 566 65.50 -13.99 0.43
N LEU B 567 65.06 -15.05 1.10
CA LEU B 567 64.51 -14.85 2.43
C LEU B 567 65.58 -14.91 3.47
N ASP B 568 65.56 -13.94 4.37
CA ASP B 568 66.41 -13.93 5.53
C ASP B 568 65.64 -14.61 6.64
N LYS B 569 66.04 -15.83 6.94
CA LYS B 569 65.35 -16.70 7.87
C LYS B 569 65.40 -16.24 9.31
N GLU B 570 66.35 -15.39 9.64
CA GLU B 570 66.46 -14.95 11.00
C GLU B 570 65.50 -13.81 11.20
N LYS B 571 65.41 -12.98 10.17
CA LYS B 571 64.53 -11.84 10.22
C LYS B 571 63.10 -12.12 9.75
N ASN B 572 62.91 -13.15 8.93
CA ASN B 572 61.63 -13.45 8.29
C ASN B 572 61.20 -12.28 7.44
N GLU B 573 62.21 -11.76 6.74
CA GLU B 573 62.11 -10.63 5.84
C GLU B 573 62.84 -10.97 4.57
N LEU B 574 62.48 -10.32 3.48
CA LEU B 574 63.20 -10.58 2.25
C LEU B 574 64.39 -9.67 2.12
N THR B 575 65.42 -10.16 1.47
CA THR B 575 66.60 -9.41 1.18
C THR B 575 66.48 -8.86 -0.20
N TYR B 576 67.27 -7.84 -0.51
CA TYR B 576 67.28 -7.33 -1.86
C TYR B 576 68.71 -6.98 -2.21
N GLY B 577 69.14 -7.25 -3.43
CA GLY B 577 70.44 -6.76 -3.86
C GLY B 577 70.58 -6.69 -5.35
N PHE B 578 71.68 -6.11 -5.82
CA PHE B 578 71.90 -5.85 -7.25
C PHE B 578 73.25 -5.17 -7.47
N MET C 1 -5.90 19.53 -84.43
CA MET C 1 -6.38 18.38 -83.66
C MET C 1 -6.32 17.15 -84.53
N GLU C 2 -5.96 17.35 -85.78
CA GLU C 2 -6.03 16.29 -86.77
C GLU C 2 -5.25 15.05 -86.39
N ASN C 3 -4.10 15.21 -85.76
CA ASN C 3 -3.33 14.08 -85.33
C ASN C 3 -3.09 14.08 -83.85
N PHE C 4 -3.92 14.79 -83.10
CA PHE C 4 -3.73 14.85 -81.67
C PHE C 4 -4.84 14.16 -80.93
N THR C 5 -5.98 14.02 -81.59
CA THR C 5 -7.09 13.40 -80.94
C THR C 5 -7.65 12.26 -81.76
N THR C 6 -8.41 11.40 -81.12
CA THR C 6 -9.07 10.31 -81.78
C THR C 6 -10.57 10.50 -81.81
N ASN C 7 -11.16 10.28 -82.96
CA ASN C 7 -12.60 10.40 -83.06
C ASN C 7 -13.22 9.13 -82.52
N LEU C 8 -13.89 9.22 -81.38
CA LEU C 8 -14.40 8.02 -80.78
C LEU C 8 -15.66 7.55 -81.42
N ASN C 9 -16.40 8.42 -82.10
CA ASN C 9 -17.59 7.93 -82.73
C ASN C 9 -17.14 7.05 -83.85
N GLN C 10 -16.02 7.44 -84.45
CA GLN C 10 -15.50 6.70 -85.55
C GLN C 10 -15.05 5.35 -85.09
N LEU C 11 -14.38 5.26 -83.95
CA LEU C 11 -13.97 3.94 -83.55
C LEU C 11 -15.12 3.11 -83.11
N ALA C 12 -16.04 3.71 -82.38
CA ALA C 12 -17.14 2.96 -81.85
C ALA C 12 -17.97 2.37 -82.96
N ARG C 13 -18.10 3.12 -84.05
CA ARG C 13 -18.84 2.69 -85.19
C ARG C 13 -18.13 1.66 -86.05
N VAL C 14 -16.84 1.89 -86.32
CA VAL C 14 -16.09 1.05 -87.23
C VAL C 14 -15.58 -0.25 -86.69
N GLY C 15 -14.99 -0.23 -85.52
CA GLY C 15 -14.40 -1.43 -84.93
C GLY C 15 -15.29 -1.79 -83.78
N GLY C 16 -15.01 -1.16 -82.67
CA GLY C 16 -15.79 -1.30 -81.49
C GLY C 16 -14.94 -0.96 -80.31
N ILE C 17 -15.61 -0.58 -79.24
CA ILE C 17 -14.96 -0.23 -78.01
C ILE C 17 -15.56 -1.01 -76.85
N ASP C 18 -16.20 -2.12 -77.16
CA ASP C 18 -16.94 -2.97 -76.24
C ASP C 18 -18.18 -2.20 -75.80
N PRO C 19 -19.34 -2.82 -75.68
CA PRO C 19 -20.57 -2.15 -75.31
C PRO C 19 -20.57 -1.74 -73.86
N LEU C 20 -21.27 -0.67 -73.53
CA LEU C 20 -21.44 -0.28 -72.15
C LEU C 20 -22.73 -0.90 -71.67
N ILE C 21 -22.67 -1.65 -70.60
CA ILE C 21 -23.83 -2.34 -70.10
C ILE C 21 -24.33 -1.71 -68.81
N GLY C 22 -25.60 -1.35 -68.75
CA GLY C 22 -26.11 -0.73 -67.53
C GLY C 22 -25.58 0.69 -67.32
N ARG C 23 -25.31 1.05 -66.05
CA ARG C 23 -24.86 2.38 -65.65
C ARG C 23 -25.76 3.49 -66.14
N GLU C 24 -27.05 3.28 -66.01
CA GLU C 24 -28.00 4.26 -66.49
C GLU C 24 -27.95 5.56 -65.74
N LYS C 25 -27.77 5.50 -64.44
CA LYS C 25 -27.82 6.73 -63.67
C LYS C 25 -26.56 7.52 -63.83
N GLU C 26 -25.46 6.84 -63.99
CA GLU C 26 -24.23 7.55 -64.15
C GLU C 26 -24.22 8.23 -65.49
N LEU C 27 -24.70 7.55 -66.52
CA LEU C 27 -24.65 8.15 -67.83
C LEU C 27 -25.63 9.29 -67.88
N GLU C 28 -26.80 9.11 -67.31
CA GLU C 28 -27.77 10.18 -67.26
C GLU C 28 -27.24 11.41 -66.58
N ARG C 29 -26.55 11.27 -65.45
CA ARG C 29 -26.08 12.47 -64.83
C ARG C 29 -25.05 13.16 -65.68
N ALA C 30 -24.18 12.42 -66.35
CA ALA C 30 -23.18 13.09 -67.16
C ALA C 30 -23.85 13.95 -68.23
N ILE C 31 -24.93 13.47 -68.80
CA ILE C 31 -25.61 14.23 -69.80
C ILE C 31 -26.21 15.48 -69.21
N GLN C 32 -26.82 15.38 -68.04
CA GLN C 32 -27.37 16.57 -67.43
C GLN C 32 -26.30 17.62 -67.20
N VAL C 33 -25.09 17.21 -66.87
CA VAL C 33 -24.02 18.18 -66.74
C VAL C 33 -23.65 18.82 -68.05
N LEU C 34 -23.52 18.04 -69.09
CA LEU C 34 -23.13 18.58 -70.40
C LEU C 34 -24.16 19.58 -70.90
N CYS C 35 -25.40 19.37 -70.54
CA CYS C 35 -26.47 20.25 -70.95
C CYS C 35 -26.57 21.59 -70.18
N ARG C 36 -25.79 21.79 -69.15
CA ARG C 36 -25.82 23.04 -68.38
C ARG C 36 -25.35 24.25 -69.16
N ARG C 37 -25.80 25.45 -68.77
CA ARG C 37 -25.38 26.69 -69.42
C ARG C 37 -23.89 26.99 -69.24
N ARG C 38 -23.36 26.78 -68.03
CA ARG C 38 -21.94 27.06 -67.79
C ARG C 38 -21.21 25.99 -66.99
N LYS C 39 -19.91 25.85 -67.24
CA LYS C 39 -19.07 24.90 -66.54
C LYS C 39 -19.62 23.52 -66.71
N ASN C 40 -20.10 23.24 -67.90
CA ASN C 40 -20.71 21.99 -68.23
C ASN C 40 -19.71 20.96 -68.65
N ASN C 41 -18.90 20.58 -67.67
CA ASN C 41 -17.78 19.69 -67.84
C ASN C 41 -17.76 18.60 -66.76
N PRO C 42 -18.34 17.43 -66.97
CA PRO C 42 -18.38 16.41 -65.96
C PRO C 42 -17.00 15.85 -65.81
N LEU C 43 -16.70 15.41 -64.61
CA LEU C 43 -15.48 14.74 -64.25
C LEU C 43 -15.81 13.41 -63.63
N LEU C 44 -15.27 12.33 -64.14
CA LEU C 44 -15.57 11.04 -63.58
C LEU C 44 -14.50 10.62 -62.60
N VAL C 45 -14.86 10.42 -61.34
CA VAL C 45 -13.90 10.09 -60.32
C VAL C 45 -14.28 8.79 -59.65
N GLY C 46 -13.31 7.92 -59.44
CA GLY C 46 -13.66 6.65 -58.77
C GLY C 46 -12.47 5.77 -58.38
N GLU C 47 -12.76 4.56 -57.92
CA GLU C 47 -11.71 3.63 -57.54
C GLU C 47 -11.09 3.14 -58.79
N SER C 48 -9.84 2.81 -58.77
CA SER C 48 -9.25 2.33 -60.00
C SER C 48 -9.89 1.06 -60.48
N GLY C 49 -10.14 0.97 -61.77
CA GLY C 49 -10.67 -0.22 -62.38
C GLY C 49 -12.17 -0.48 -62.27
N VAL C 50 -13.01 0.54 -62.11
CA VAL C 50 -14.46 0.30 -62.02
C VAL C 50 -15.30 0.74 -63.22
N GLY C 51 -14.70 1.24 -64.30
CA GLY C 51 -15.51 1.63 -65.45
C GLY C 51 -15.55 3.12 -65.75
N LYS C 52 -14.61 3.90 -65.26
CA LYS C 52 -14.60 5.32 -65.57
C LYS C 52 -14.43 5.51 -67.07
N THR C 53 -13.42 4.86 -67.64
CA THR C 53 -13.19 4.97 -69.06
C THR C 53 -14.32 4.27 -69.76
N ALA C 54 -14.73 3.10 -69.27
CA ALA C 54 -15.78 2.43 -69.99
C ALA C 54 -16.98 3.35 -70.15
N ILE C 55 -17.36 4.13 -69.14
CA ILE C 55 -18.48 5.02 -69.34
C ILE C 55 -18.20 6.13 -70.32
N ALA C 56 -17.08 6.82 -70.22
CA ALA C 56 -16.87 7.93 -71.14
C ALA C 56 -16.84 7.47 -72.59
N GLU C 57 -16.22 6.34 -72.86
CA GLU C 57 -16.17 5.89 -74.22
C GLU C 57 -17.50 5.27 -74.59
N GLY C 58 -18.18 4.71 -73.59
CA GLY C 58 -19.48 4.12 -73.73
C GLY C 58 -20.48 5.15 -74.22
N LEU C 59 -20.32 6.42 -73.82
CA LEU C 59 -21.20 7.44 -74.32
C LEU C 59 -21.02 7.56 -75.80
N ALA C 60 -19.79 7.58 -76.30
CA ALA C 60 -19.66 7.68 -77.75
C ALA C 60 -20.37 6.52 -78.43
N TRP C 61 -20.30 5.34 -77.84
CA TRP C 61 -20.99 4.19 -78.43
C TRP C 61 -22.49 4.40 -78.41
N ARG C 62 -23.04 4.82 -77.28
CA ARG C 62 -24.48 5.00 -77.22
C ARG C 62 -24.93 6.05 -78.24
N ILE C 63 -24.11 7.08 -78.49
CA ILE C 63 -24.48 8.08 -79.48
C ILE C 63 -24.50 7.43 -80.85
N VAL C 64 -23.47 6.66 -81.16
CA VAL C 64 -23.39 6.00 -82.46
C VAL C 64 -24.58 5.08 -82.68
N GLN C 65 -25.01 4.41 -81.63
CA GLN C 65 -26.14 3.50 -81.72
C GLN C 65 -27.48 4.21 -81.61
N GLY C 66 -27.46 5.52 -81.36
CA GLY C 66 -28.68 6.30 -81.21
C GLY C 66 -29.37 6.22 -79.85
N ASP C 67 -28.76 5.62 -78.85
CA ASP C 67 -29.42 5.47 -77.55
C ASP C 67 -29.14 6.62 -76.63
N VAL C 68 -29.39 7.81 -77.13
CA VAL C 68 -29.16 9.03 -76.39
C VAL C 68 -30.32 9.98 -76.58
N PRO C 69 -30.49 10.99 -75.74
CA PRO C 69 -31.44 12.06 -75.95
C PRO C 69 -31.03 12.74 -77.24
N GLU C 70 -32.00 13.30 -77.95
CA GLU C 70 -31.76 13.97 -79.22
C GLU C 70 -30.86 15.20 -79.07
N VAL C 71 -30.70 15.64 -77.85
CA VAL C 71 -29.85 16.74 -77.49
C VAL C 71 -28.39 16.32 -77.70
N MET C 72 -28.08 15.08 -77.32
CA MET C 72 -26.75 14.51 -77.44
C MET C 72 -26.49 13.95 -78.80
N ALA C 73 -27.56 13.58 -79.46
CA ALA C 73 -27.44 13.00 -80.75
C ALA C 73 -26.66 13.94 -81.63
N ASP C 74 -25.87 13.34 -82.50
CA ASP C 74 -25.02 14.03 -83.47
C ASP C 74 -23.82 14.76 -82.90
N CYS C 75 -23.54 14.61 -81.60
CA CYS C 75 -22.31 15.14 -81.05
C CYS C 75 -21.15 14.22 -81.31
N THR C 76 -19.97 14.81 -81.40
CA THR C 76 -18.76 14.03 -81.59
C THR C 76 -17.85 14.13 -80.41
N ILE C 77 -17.39 12.98 -79.94
CA ILE C 77 -16.50 12.97 -78.81
C ILE C 77 -15.11 12.60 -79.26
N TYR C 78 -14.14 13.43 -78.91
CA TYR C 78 -12.76 13.19 -79.30
C TYR C 78 -11.89 12.87 -78.10
N SER C 79 -10.94 11.97 -78.24
CA SER C 79 -10.04 11.61 -77.15
C SER C 79 -8.67 12.20 -77.33
N LEU C 80 -8.20 12.97 -76.35
CA LEU C 80 -6.91 13.66 -76.51
C LEU C 80 -5.66 12.98 -76.01
N ASP C 81 -4.65 12.88 -76.88
CA ASP C 81 -3.35 12.31 -76.52
C ASP C 81 -2.33 13.39 -76.18
N ILE C 82 -2.09 13.58 -74.91
CA ILE C 82 -1.23 14.62 -74.39
C ILE C 82 0.20 14.51 -74.83
N GLY C 83 0.70 13.30 -74.99
CA GLY C 83 2.11 13.19 -75.33
C GLY C 83 2.41 13.90 -76.63
N SER C 84 1.45 13.93 -77.54
CA SER C 84 1.67 14.52 -78.82
C SER C 84 1.65 16.01 -78.79
N LEU C 85 1.22 16.60 -77.68
CA LEU C 85 1.19 18.03 -77.65
C LEU C 85 2.50 18.57 -77.15
N LEU C 86 3.38 17.70 -76.68
CA LEU C 86 4.67 18.13 -76.17
C LEU C 86 5.76 17.64 -77.09
N ALA C 87 5.58 16.48 -77.69
CA ALA C 87 6.59 15.92 -78.58
C ALA C 87 6.87 16.84 -79.75
N GLY C 88 5.90 17.62 -80.10
CA GLY C 88 5.98 18.50 -81.23
C GLY C 88 6.57 19.90 -80.94
N THR C 89 7.14 20.13 -79.75
CA THR C 89 7.67 21.46 -79.45
C THR C 89 9.14 21.46 -79.18
N LYS C 90 9.73 22.66 -79.16
CA LYS C 90 11.12 22.86 -78.76
C LYS C 90 11.43 24.31 -78.36
N TYR C 91 10.80 25.23 -79.08
CA TYR C 91 11.07 26.65 -79.02
C TYR C 91 10.02 27.40 -78.26
N ARG C 92 10.39 28.57 -77.77
CA ARG C 92 9.42 29.39 -77.08
C ARG C 92 8.24 29.64 -77.99
N GLY C 93 7.04 29.45 -77.48
CA GLY C 93 5.81 29.69 -78.22
C GLY C 93 5.28 28.49 -79.00
N ASP C 94 6.05 27.40 -79.14
CA ASP C 94 5.52 26.30 -79.94
C ASP C 94 4.33 25.61 -79.33
N PHE C 95 4.37 25.42 -78.02
CA PHE C 95 3.32 24.73 -77.33
C PHE C 95 2.08 25.54 -77.35
N GLU C 96 2.23 26.80 -77.02
CA GLU C 96 1.12 27.66 -76.87
C GLU C 96 0.37 27.79 -78.17
N LYS C 97 1.09 27.88 -79.29
CA LYS C 97 0.36 27.98 -80.54
C LYS C 97 -0.39 26.71 -80.87
N ARG C 98 0.23 25.56 -80.66
CA ARG C 98 -0.47 24.33 -80.96
C ARG C 98 -1.69 24.18 -80.10
N PHE C 99 -1.56 24.47 -78.83
CA PHE C 99 -2.63 24.27 -77.92
C PHE C 99 -3.78 25.19 -78.30
N LYS C 100 -3.48 26.45 -78.58
CA LYS C 100 -4.53 27.37 -78.98
C LYS C 100 -5.22 26.93 -80.24
N ALA C 101 -4.48 26.38 -81.20
CA ALA C 101 -5.12 25.94 -82.42
C ALA C 101 -6.15 24.88 -82.16
N LEU C 102 -5.86 23.97 -81.25
CA LEU C 102 -6.82 22.92 -80.98
C LEU C 102 -8.04 23.47 -80.31
N LEU C 103 -7.84 24.40 -79.41
CA LEU C 103 -8.96 24.96 -78.69
C LEU C 103 -9.89 25.69 -79.64
N LYS C 104 -9.32 26.39 -80.62
CA LYS C 104 -10.17 27.11 -81.56
C LYS C 104 -10.97 26.15 -82.41
N GLN C 105 -10.39 25.03 -82.81
CA GLN C 105 -11.14 24.11 -83.64
C GLN C 105 -12.35 23.57 -82.90
N LEU C 106 -12.23 23.33 -81.60
CA LEU C 106 -13.40 22.83 -80.88
C LEU C 106 -14.50 23.87 -80.82
N GLU C 107 -14.09 25.13 -80.66
CA GLU C 107 -15.04 26.24 -80.61
C GLU C 107 -15.82 26.32 -81.91
N GLN C 108 -15.14 26.06 -83.02
CA GLN C 108 -15.76 26.09 -84.33
C GLN C 108 -16.72 24.94 -84.53
N ASP C 109 -16.40 23.74 -84.02
CA ASP C 109 -17.33 22.63 -84.22
C ASP C 109 -18.68 22.90 -83.57
N THR C 110 -18.65 23.41 -82.34
CA THR C 110 -19.80 23.75 -81.47
C THR C 110 -20.61 22.56 -80.94
N ASN C 111 -20.47 21.40 -81.57
CA ASN C 111 -21.19 20.20 -81.21
C ASN C 111 -20.25 19.06 -80.88
N SER C 112 -19.11 19.36 -80.30
CA SER C 112 -18.19 18.30 -79.99
C SER C 112 -17.69 18.45 -78.58
N ILE C 113 -17.30 17.33 -78.03
CA ILE C 113 -16.84 17.21 -76.66
C ILE C 113 -15.47 16.61 -76.63
N LEU C 114 -14.59 17.18 -75.85
CA LEU C 114 -13.27 16.61 -75.77
C LEU C 114 -13.15 15.77 -74.50
N PHE C 115 -12.75 14.53 -74.64
CA PHE C 115 -12.54 13.64 -73.52
C PHE C 115 -11.08 13.57 -73.18
N ILE C 116 -10.77 13.95 -71.98
CA ILE C 116 -9.41 13.94 -71.55
C ILE C 116 -9.23 12.94 -70.47
N ASP C 117 -8.57 11.87 -70.80
CA ASP C 117 -8.35 10.85 -69.83
C ASP C 117 -7.22 11.34 -68.97
N GLU C 118 -7.06 10.75 -67.78
CA GLU C 118 -5.97 11.15 -66.89
C GLU C 118 -5.84 12.66 -66.89
N ILE C 119 -6.92 13.32 -66.49
CA ILE C 119 -7.02 14.77 -66.42
C ILE C 119 -6.02 15.41 -65.49
N HIS C 120 -5.56 14.66 -64.50
CA HIS C 120 -4.61 15.16 -63.53
C HIS C 120 -3.18 15.33 -64.06
N THR C 121 -2.97 15.03 -65.35
CA THR C 121 -1.64 15.17 -65.89
C THR C 121 -1.55 16.35 -66.82
N ILE C 122 -2.63 17.09 -66.95
CA ILE C 122 -2.59 18.21 -67.86
C ILE C 122 -1.64 19.25 -67.30
N ILE C 123 -1.64 19.44 -66.00
CA ILE C 123 -0.75 20.42 -65.44
C ILE C 123 0.68 19.84 -65.54
N GLY C 124 1.68 20.47 -66.21
CA GLY C 124 1.67 21.72 -66.99
C GLY C 124 2.44 21.50 -68.31
N ALA C 125 3.08 22.56 -68.85
CA ALA C 125 3.79 22.46 -70.12
C ALA C 125 4.88 23.48 -70.10
N GLY C 126 4.68 24.50 -69.29
CA GLY C 126 5.63 25.60 -69.23
C GLY C 126 6.82 25.11 -68.46
N ALA C 127 8.03 25.61 -68.75
CA ALA C 127 9.20 25.20 -67.99
C ALA C 127 10.34 26.18 -68.14
N ALA C 128 11.27 26.14 -67.19
CA ALA C 128 12.53 26.87 -67.30
C ALA C 128 12.44 28.37 -67.62
N SER C 129 11.77 29.19 -66.79
CA SER C 129 11.11 28.80 -65.55
C SER C 129 9.71 28.35 -65.73
N GLY C 130 9.10 28.77 -66.81
CA GLY C 130 7.73 28.49 -67.01
C GLY C 130 6.99 29.52 -66.20
N GLY C 131 5.70 29.35 -66.07
CA GLY C 131 4.85 30.28 -65.41
C GLY C 131 3.49 29.99 -65.97
N GLN C 132 3.46 29.75 -67.27
CA GLN C 132 2.23 29.33 -67.90
C GLN C 132 1.95 27.90 -67.45
N VAL C 133 0.69 27.62 -67.16
CA VAL C 133 0.23 26.34 -66.66
C VAL C 133 -0.25 25.28 -67.64
N ASP C 134 -0.62 25.64 -68.86
CA ASP C 134 -1.23 24.67 -69.78
C ASP C 134 -2.66 24.40 -69.40
N ALA C 135 -2.79 23.59 -68.37
CA ALA C 135 -4.04 23.07 -67.86
C ALA C 135 -4.97 24.13 -67.48
N ALA C 136 -4.43 25.22 -67.12
CA ALA C 136 -5.26 26.27 -66.72
C ALA C 136 -4.58 27.57 -67.03
N ASN C 137 -4.10 27.75 -68.27
CA ASN C 137 -3.39 29.00 -68.50
C ASN C 137 -3.92 30.13 -69.42
N LEU C 138 -4.35 29.93 -70.66
CA LEU C 138 -4.96 28.84 -71.41
C LEU C 138 -6.23 28.36 -70.73
N ILE C 139 -6.72 27.20 -71.09
CA ILE C 139 -8.10 26.71 -71.00
C ILE C 139 -9.08 27.14 -69.88
N LYS C 140 -8.68 27.79 -68.80
CA LYS C 140 -9.67 28.13 -67.78
C LYS C 140 -10.91 28.88 -68.30
N PRO C 141 -10.79 29.95 -69.11
CA PRO C 141 -11.89 30.75 -69.56
C PRO C 141 -12.74 30.05 -70.59
N LEU C 142 -12.26 28.96 -71.15
CA LEU C 142 -13.05 28.33 -72.17
C LEU C 142 -14.00 27.42 -71.48
N LEU C 143 -13.61 27.00 -70.29
CA LEU C 143 -14.48 26.14 -69.55
C LEU C 143 -15.51 27.03 -68.86
N SER C 144 -15.07 28.15 -68.25
CA SER C 144 -16.02 28.97 -67.52
C SER C 144 -16.96 29.76 -68.42
N SER C 145 -16.59 29.99 -69.67
CA SER C 145 -17.43 30.71 -70.60
C SER C 145 -18.46 29.86 -71.28
N GLY C 146 -18.34 28.55 -71.16
CA GLY C 146 -19.27 27.65 -71.84
C GLY C 146 -18.89 27.41 -73.31
N LYS C 147 -17.78 27.99 -73.77
CA LYS C 147 -17.39 27.83 -75.16
C LYS C 147 -17.02 26.40 -75.56
N ILE C 148 -16.38 25.65 -74.69
CA ILE C 148 -16.01 24.29 -75.04
C ILE C 148 -16.54 23.34 -73.99
N ARG C 149 -16.59 22.06 -74.30
CA ARG C 149 -17.02 21.10 -73.31
C ARG C 149 -16.02 20.01 -73.22
N VAL C 150 -15.65 19.64 -72.01
CA VAL C 150 -14.73 18.55 -71.86
C VAL C 150 -15.26 17.55 -70.86
N ILE C 151 -14.80 16.33 -70.95
CA ILE C 151 -15.12 15.29 -69.97
C ILE C 151 -13.83 14.84 -69.34
N GLY C 152 -13.75 14.86 -68.02
CA GLY C 152 -12.52 14.41 -67.38
C GLY C 152 -12.63 13.01 -66.80
N SER C 153 -11.52 12.52 -66.31
CA SER C 153 -11.43 11.21 -65.67
C SER C 153 -10.23 11.14 -64.74
N THR C 154 -10.43 10.66 -63.51
CA THR C 154 -9.34 10.54 -62.56
C THR C 154 -9.63 9.57 -61.40
N THR C 155 -8.61 9.04 -60.77
CA THR C 155 -8.86 8.18 -59.62
C THR C 155 -9.06 9.03 -58.39
N TYR C 156 -9.66 8.44 -57.37
CA TYR C 156 -9.88 9.14 -56.11
C TYR C 156 -8.59 9.66 -55.44
N GLN C 157 -7.46 8.96 -55.62
CA GLN C 157 -6.24 9.41 -55.00
C GLN C 157 -5.58 10.52 -55.73
N GLU C 158 -5.48 10.37 -57.04
CA GLU C 158 -4.85 11.37 -57.90
C GLU C 158 -5.64 12.65 -57.88
N PHE C 159 -6.96 12.54 -57.72
CA PHE C 159 -7.82 13.71 -57.69
C PHE C 159 -7.53 14.59 -56.48
N SER C 160 -8.20 14.29 -55.37
CA SER C 160 -8.03 15.05 -54.14
C SER C 160 -6.55 15.14 -53.76
N ASN C 161 -5.71 14.38 -54.46
CA ASN C 161 -4.28 14.37 -54.19
C ASN C 161 -3.46 14.65 -55.45
N ILE C 162 -3.96 15.56 -56.29
CA ILE C 162 -3.27 15.91 -57.52
C ILE C 162 -3.68 17.29 -58.01
N PHE C 163 -4.99 17.54 -57.97
CA PHE C 163 -5.56 18.82 -58.38
C PHE C 163 -6.36 19.40 -57.22
N GLU C 164 -6.70 18.56 -56.25
CA GLU C 164 -7.47 18.98 -55.08
C GLU C 164 -6.78 20.16 -54.39
N LYS C 165 -6.09 20.95 -55.21
CA LYS C 165 -5.36 22.12 -54.74
C LYS C 165 -5.50 23.33 -55.67
N ASP C 166 -5.79 23.09 -56.94
CA ASP C 166 -5.99 24.17 -57.89
C ASP C 166 -7.46 24.48 -57.86
N ARG C 167 -7.85 25.45 -57.05
CA ARG C 167 -9.26 25.61 -56.86
C ARG C 167 -9.93 26.20 -58.08
N ALA C 168 -9.22 27.05 -58.79
CA ALA C 168 -9.84 27.65 -59.94
C ALA C 168 -10.09 26.60 -61.00
N LEU C 169 -9.17 25.66 -61.18
CA LEU C 169 -9.45 24.67 -62.18
C LEU C 169 -10.49 23.70 -61.68
N ALA C 170 -10.40 23.31 -60.42
CA ALA C 170 -11.30 22.33 -59.89
C ALA C 170 -12.74 22.79 -59.93
N ARG C 171 -13.00 24.08 -59.73
CA ARG C 171 -14.36 24.59 -59.70
C ARG C 171 -15.01 24.64 -61.07
N ARG C 172 -14.26 24.37 -62.12
CA ARG C 172 -14.83 24.41 -63.45
C ARG C 172 -15.34 23.07 -63.88
N PHE C 173 -15.23 22.07 -63.00
CA PHE C 173 -15.73 20.74 -63.30
C PHE C 173 -16.80 20.25 -62.34
N GLN C 174 -17.66 19.40 -62.84
CA GLN C 174 -18.68 18.80 -62.01
C GLN C 174 -18.29 17.37 -61.69
N LYS C 175 -18.08 17.08 -60.43
CA LYS C 175 -17.63 15.76 -60.05
C LYS C 175 -18.73 14.73 -59.90
N ILE C 176 -18.56 13.59 -60.55
CA ILE C 176 -19.45 12.45 -60.49
C ILE C 176 -18.74 11.22 -59.93
N ASP C 177 -19.28 10.63 -58.87
CA ASP C 177 -18.67 9.45 -58.25
C ASP C 177 -19.17 8.15 -58.83
N ILE C 178 -18.28 7.38 -59.39
CA ILE C 178 -18.67 6.11 -59.96
C ILE C 178 -18.29 5.02 -59.01
N THR C 179 -19.28 4.35 -58.45
CA THR C 179 -19.00 3.32 -57.48
C THR C 179 -18.92 1.98 -58.13
N GLU C 180 -18.39 1.01 -57.39
CA GLU C 180 -18.28 -0.36 -57.90
C GLU C 180 -19.64 -1.07 -57.96
N PRO C 181 -19.81 -1.86 -59.02
CA PRO C 181 -21.02 -2.62 -59.27
C PRO C 181 -21.15 -3.77 -58.31
N SER C 182 -22.36 -4.29 -58.16
CA SER C 182 -22.58 -5.44 -57.32
C SER C 182 -22.50 -6.74 -58.06
N ILE C 183 -22.94 -7.81 -57.41
CA ILE C 183 -22.78 -9.13 -57.98
C ILE C 183 -23.64 -9.37 -59.19
N GLU C 184 -24.90 -9.01 -59.12
CA GLU C 184 -25.76 -9.25 -60.26
C GLU C 184 -25.32 -8.42 -61.41
N GLU C 185 -24.93 -7.21 -61.11
CA GLU C 185 -24.51 -6.32 -62.15
C GLU C 185 -23.27 -6.85 -62.80
N THR C 186 -22.35 -7.41 -62.02
CA THR C 186 -21.15 -7.96 -62.59
C THR C 186 -21.47 -9.10 -63.50
N VAL C 187 -22.39 -9.96 -63.09
CA VAL C 187 -22.71 -11.08 -63.93
C VAL C 187 -23.32 -10.61 -65.24
N GLN C 188 -24.21 -9.62 -65.19
CA GLN C 188 -24.80 -9.11 -66.41
C GLN C 188 -23.77 -8.46 -67.30
N ILE C 189 -22.82 -7.75 -66.71
CA ILE C 189 -21.80 -7.13 -67.51
C ILE C 189 -21.01 -8.20 -68.20
N ILE C 190 -20.65 -9.25 -67.50
CA ILE C 190 -19.91 -10.28 -68.18
C ILE C 190 -20.74 -10.89 -69.26
N ASN C 191 -21.99 -11.21 -69.01
CA ASN C 191 -22.75 -11.85 -70.07
C ASN C 191 -22.82 -11.01 -71.33
N GLY C 192 -22.94 -9.70 -71.21
CA GLY C 192 -22.98 -8.88 -72.41
C GLY C 192 -21.60 -8.75 -73.08
N LEU C 193 -20.51 -8.87 -72.32
CA LEU C 193 -19.19 -8.75 -72.91
C LEU C 193 -18.73 -10.06 -73.46
N LYS C 194 -19.23 -11.13 -72.90
CA LYS C 194 -18.89 -12.49 -73.24
C LYS C 194 -18.56 -12.77 -74.69
N PRO C 195 -19.35 -12.38 -75.70
CA PRO C 195 -19.08 -12.70 -77.09
C PRO C 195 -17.73 -12.19 -77.57
N LYS C 196 -17.17 -11.19 -76.89
CA LYS C 196 -15.89 -10.66 -77.31
C LYS C 196 -14.79 -11.59 -76.89
N TYR C 197 -14.98 -12.28 -75.78
CA TYR C 197 -13.98 -13.16 -75.27
C TYR C 197 -14.11 -14.47 -75.95
N GLU C 198 -15.34 -14.89 -76.20
CA GLU C 198 -15.46 -16.17 -76.86
C GLU C 198 -14.87 -16.05 -78.25
N ALA C 199 -15.16 -14.93 -78.91
CA ALA C 199 -14.63 -14.73 -80.25
C ALA C 199 -13.13 -14.60 -80.25
N HIS C 200 -12.56 -13.92 -79.28
CA HIS C 200 -11.13 -13.75 -79.29
C HIS C 200 -10.41 -15.05 -79.05
N HIS C 201 -10.88 -15.82 -78.07
CA HIS C 201 -10.18 -17.02 -77.71
C HIS C 201 -10.71 -18.31 -78.33
N ASP C 202 -11.77 -18.27 -79.13
CA ASP C 202 -12.29 -19.50 -79.71
C ASP C 202 -12.65 -20.49 -78.63
N VAL C 203 -13.34 -19.99 -77.64
CA VAL C 203 -13.80 -20.79 -76.51
C VAL C 203 -15.25 -20.55 -76.29
N ARG C 204 -15.87 -21.39 -75.52
CA ARG C 204 -17.23 -21.15 -75.10
C ARG C 204 -17.29 -21.21 -73.60
N TYR C 205 -18.09 -20.36 -72.96
CA TYR C 205 -18.19 -20.48 -71.51
C TYR C 205 -19.57 -20.93 -71.10
N THR C 206 -19.62 -21.78 -70.09
CA THR C 206 -20.90 -22.19 -69.56
C THR C 206 -21.48 -21.12 -68.66
N ALA C 207 -22.78 -21.23 -68.35
CA ALA C 207 -23.45 -20.29 -67.47
C ALA C 207 -22.86 -20.32 -66.08
N LYS C 208 -22.45 -21.49 -65.66
CA LYS C 208 -21.91 -21.63 -64.33
C LYS C 208 -20.49 -21.12 -64.32
N ALA C 209 -19.77 -21.19 -65.42
CA ALA C 209 -18.41 -20.68 -65.40
C ALA C 209 -18.46 -19.20 -65.08
N VAL C 210 -19.45 -18.49 -65.64
CA VAL C 210 -19.55 -17.07 -65.35
C VAL C 210 -20.00 -16.83 -63.95
N ARG C 211 -21.02 -17.52 -63.50
CA ARG C 211 -21.45 -17.22 -62.16
C ARG C 211 -20.32 -17.49 -61.17
N ALA C 212 -19.62 -18.61 -61.36
CA ALA C 212 -18.56 -18.95 -60.44
C ALA C 212 -17.45 -17.94 -60.49
N ALA C 213 -17.08 -17.43 -61.67
CA ALA C 213 -15.99 -16.48 -61.69
C ALA C 213 -16.32 -15.27 -60.85
N VAL C 214 -17.56 -14.81 -60.89
CA VAL C 214 -17.86 -13.65 -60.10
C VAL C 214 -17.85 -13.99 -58.61
N GLU C 215 -18.47 -15.08 -58.21
CA GLU C 215 -18.53 -15.36 -56.79
C GLU C 215 -17.17 -15.67 -56.18
N LEU C 216 -16.34 -16.40 -56.91
CA LEU C 216 -15.05 -16.76 -56.39
C LEU C 216 -14.12 -15.59 -56.38
N ALA C 217 -14.15 -14.75 -57.40
CA ALA C 217 -13.25 -13.64 -57.37
C ALA C 217 -13.57 -12.77 -56.20
N VAL C 218 -14.84 -12.59 -55.88
CA VAL C 218 -15.13 -11.75 -54.75
C VAL C 218 -14.60 -12.34 -53.45
N LYS C 219 -14.79 -13.62 -53.25
CA LYS C 219 -14.31 -14.27 -52.05
C LYS C 219 -12.78 -14.37 -51.92
N TYR C 220 -12.08 -14.61 -53.01
CA TYR C 220 -10.64 -14.81 -52.92
C TYR C 220 -9.70 -13.73 -53.42
N ILE C 221 -10.11 -12.87 -54.34
CA ILE C 221 -9.18 -11.89 -54.85
C ILE C 221 -9.58 -10.55 -54.29
N ASN C 222 -8.86 -10.07 -53.29
CA ASN C 222 -9.31 -8.88 -52.60
C ASN C 222 -8.49 -7.62 -52.81
N ASP C 223 -7.70 -7.59 -53.87
CA ASP C 223 -6.89 -6.44 -54.19
C ASP C 223 -7.56 -5.46 -55.15
N ARG C 224 -8.44 -5.98 -55.98
CA ARG C 224 -9.04 -5.24 -57.05
C ARG C 224 -10.54 -5.08 -56.88
N HIS C 225 -11.14 -4.31 -57.75
CA HIS C 225 -12.57 -4.04 -57.71
C HIS C 225 -13.34 -4.76 -58.81
N LEU C 226 -14.63 -4.93 -58.60
CA LEU C 226 -15.50 -5.46 -59.63
C LEU C 226 -15.73 -4.39 -60.67
N PRO C 227 -16.01 -4.77 -61.90
CA PRO C 227 -16.16 -6.08 -62.45
C PRO C 227 -14.83 -6.64 -62.91
N ASP C 228 -13.83 -5.81 -62.85
CA ASP C 228 -12.57 -6.11 -63.49
C ASP C 228 -11.93 -7.37 -62.96
N LYS C 229 -12.05 -7.63 -61.68
CA LYS C 229 -11.42 -8.85 -61.20
C LYS C 229 -12.09 -10.09 -61.78
N ALA C 230 -13.40 -10.04 -62.06
CA ALA C 230 -14.07 -11.22 -62.55
C ALA C 230 -13.75 -11.36 -64.01
N ILE C 231 -13.55 -10.24 -64.66
CA ILE C 231 -13.22 -10.25 -66.05
C ILE C 231 -11.88 -10.90 -66.23
N ASP C 232 -10.90 -10.58 -65.38
CA ASP C 232 -9.62 -11.24 -65.56
C ASP C 232 -9.72 -12.73 -65.42
N VAL C 233 -10.55 -13.22 -64.52
CA VAL C 233 -10.66 -14.67 -64.42
C VAL C 233 -11.17 -15.24 -65.72
N ILE C 234 -12.19 -14.62 -66.31
CA ILE C 234 -12.73 -15.09 -67.57
C ILE C 234 -11.73 -15.03 -68.71
N ASP C 235 -10.99 -13.92 -68.82
CA ASP C 235 -10.02 -13.74 -69.88
C ASP C 235 -8.89 -14.72 -69.72
N GLU C 236 -8.41 -14.93 -68.50
CA GLU C 236 -7.35 -15.88 -68.32
C GLU C 236 -7.85 -17.28 -68.55
N ALA C 237 -9.05 -17.64 -68.09
CA ALA C 237 -9.52 -18.99 -68.31
C ALA C 237 -9.61 -19.24 -69.80
N GLY C 238 -10.00 -18.23 -70.55
CA GLY C 238 -10.07 -18.33 -71.98
C GLY C 238 -8.68 -18.58 -72.56
N ALA C 239 -7.73 -17.72 -72.21
CA ALA C 239 -6.38 -17.83 -72.74
C ALA C 239 -5.77 -19.15 -72.41
N ARG C 240 -6.08 -19.66 -71.24
CA ARG C 240 -5.60 -20.93 -70.81
C ARG C 240 -6.23 -22.04 -71.61
N ALA C 241 -7.56 -21.99 -71.75
CA ALA C 241 -8.27 -23.03 -72.49
C ALA C 241 -7.80 -23.06 -73.92
N ARG C 242 -7.46 -21.91 -74.47
CA ARG C 242 -7.00 -21.78 -75.83
C ARG C 242 -5.68 -22.47 -76.07
N LEU C 243 -4.92 -22.74 -75.02
CA LEU C 243 -3.67 -23.42 -75.18
C LEU C 243 -3.83 -24.90 -74.86
N MET C 244 -5.02 -25.34 -74.47
CA MET C 244 -5.19 -26.75 -74.20
C MET C 244 -5.00 -27.54 -75.51
N PRO C 245 -5.42 -26.98 -76.68
CA PRO C 245 -5.09 -27.40 -78.00
C PRO C 245 -3.63 -27.64 -78.30
N VAL C 246 -2.66 -27.27 -77.47
CA VAL C 246 -1.30 -27.66 -77.84
C VAL C 246 -1.13 -29.18 -77.79
N SER C 247 -1.97 -29.85 -76.98
CA SER C 247 -2.01 -31.30 -76.87
C SER C 247 -3.32 -31.79 -77.49
N LYS C 248 -3.94 -30.89 -78.23
CA LYS C 248 -5.23 -31.00 -78.88
C LYS C 248 -6.39 -31.18 -77.93
N ARG C 249 -6.30 -30.62 -76.71
CA ARG C 249 -7.42 -30.75 -75.80
C ARG C 249 -8.35 -29.55 -75.90
N LYS C 250 -9.05 -29.48 -77.01
CA LYS C 250 -10.02 -28.43 -77.25
C LYS C 250 -11.20 -28.66 -76.32
N LYS C 251 -11.71 -27.61 -75.71
CA LYS C 251 -12.84 -27.80 -74.80
C LYS C 251 -13.62 -26.55 -74.50
N THR C 252 -14.78 -26.73 -73.89
CA THR C 252 -15.62 -25.66 -73.34
C THR C 252 -15.04 -25.29 -71.98
N VAL C 253 -15.06 -24.00 -71.63
CA VAL C 253 -14.61 -23.55 -70.32
C VAL C 253 -15.73 -23.79 -69.33
N ASN C 254 -15.43 -24.47 -68.25
CA ASN C 254 -16.46 -24.76 -67.29
C ASN C 254 -15.99 -24.39 -65.90
N VAL C 255 -16.82 -24.60 -64.90
CA VAL C 255 -16.49 -24.23 -63.55
C VAL C 255 -15.17 -24.79 -63.13
N ALA C 256 -14.87 -26.00 -63.48
CA ALA C 256 -13.60 -26.56 -63.06
C ALA C 256 -12.41 -25.73 -63.51
N ASP C 257 -12.48 -25.08 -64.68
CA ASP C 257 -11.36 -24.30 -65.16
C ASP C 257 -11.35 -22.98 -64.44
N ILE C 258 -12.52 -22.47 -64.14
CA ILE C 258 -12.61 -21.24 -63.42
C ILE C 258 -12.02 -21.40 -62.04
N GLU C 259 -12.35 -22.49 -61.38
CA GLU C 259 -11.83 -22.72 -60.06
C GLU C 259 -10.33 -22.88 -60.09
N SER C 260 -9.82 -23.56 -61.10
CA SER C 260 -8.38 -23.68 -61.18
C SER C 260 -7.72 -22.33 -61.36
N VAL C 261 -8.27 -21.50 -62.22
CA VAL C 261 -7.69 -20.19 -62.44
C VAL C 261 -7.76 -19.30 -61.21
N VAL C 262 -8.88 -19.27 -60.50
CA VAL C 262 -8.91 -18.41 -59.33
C VAL C 262 -7.91 -18.91 -58.33
N ALA C 263 -7.87 -20.22 -58.15
CA ALA C 263 -6.96 -20.80 -57.20
C ALA C 263 -5.52 -20.46 -57.57
N ARG C 264 -5.19 -20.45 -58.85
CA ARG C 264 -3.83 -20.11 -59.19
C ARG C 264 -3.53 -18.65 -58.95
N ILE C 265 -4.46 -17.76 -59.30
CA ILE C 265 -4.22 -16.33 -59.14
C ILE C 265 -4.00 -15.95 -57.71
N ALA C 266 -4.84 -16.47 -56.84
CA ALA C 266 -4.78 -16.15 -55.43
C ALA C 266 -3.79 -16.98 -54.64
N ARG C 267 -3.09 -17.91 -55.29
CA ARG C 267 -2.19 -18.84 -54.62
C ARG C 267 -2.85 -19.64 -53.49
N ILE C 268 -4.04 -20.16 -53.74
CA ILE C 268 -4.79 -20.96 -52.77
C ILE C 268 -5.00 -22.34 -53.32
N PRO C 269 -4.59 -23.42 -52.68
CA PRO C 269 -4.76 -24.75 -53.21
C PRO C 269 -6.22 -25.21 -53.13
N GLU C 270 -6.69 -26.01 -54.10
CA GLU C 270 -8.09 -26.47 -54.05
C GLU C 270 -8.51 -27.79 -54.74
N LYS C 271 -8.13 -28.00 -56.00
CA LYS C 271 -8.55 -29.19 -56.76
C LYS C 271 -7.75 -30.44 -56.52
N SER C 272 -6.47 -30.30 -56.17
CA SER C 272 -5.58 -31.44 -55.97
C SER C 272 -6.04 -32.28 -54.81
N VAL C 273 -6.98 -31.78 -53.99
CA VAL C 273 -7.47 -32.54 -52.86
C VAL C 273 -8.05 -33.84 -53.36
N SER C 274 -8.48 -33.86 -54.61
CA SER C 274 -9.03 -35.03 -55.23
C SER C 274 -8.00 -36.07 -55.71
N GLN C 275 -6.73 -35.67 -55.76
CA GLN C 275 -5.62 -36.43 -56.33
C GLN C 275 -4.74 -37.13 -55.31
N SER C 276 -3.43 -37.15 -55.55
CA SER C 276 -2.46 -37.84 -54.69
C SER C 276 -2.38 -37.21 -53.32
N ASP C 277 -2.83 -35.98 -53.23
CA ASP C 277 -2.87 -35.29 -51.97
C ASP C 277 -3.85 -35.95 -51.04
N ARG C 278 -4.76 -36.79 -51.55
CA ARG C 278 -5.63 -37.47 -50.63
C ARG C 278 -4.80 -38.34 -49.73
N ASP C 279 -3.70 -38.90 -50.24
CA ASP C 279 -2.88 -39.78 -49.44
C ASP C 279 -1.91 -38.98 -48.63
N THR C 280 -1.51 -37.83 -49.15
CA THR C 280 -0.61 -37.01 -48.38
C THR C 280 -1.34 -36.68 -47.10
N LEU C 281 -2.62 -36.32 -47.20
CA LEU C 281 -3.41 -36.02 -46.02
C LEU C 281 -3.78 -37.25 -45.25
N LYS C 282 -4.17 -38.32 -45.91
CA LYS C 282 -4.63 -39.51 -45.22
C LYS C 282 -3.61 -40.06 -44.27
N ASN C 283 -2.35 -40.04 -44.67
CA ASN C 283 -1.32 -40.61 -43.87
C ASN C 283 -0.57 -39.60 -43.02
N LEU C 284 -1.04 -38.36 -42.96
CA LEU C 284 -0.32 -37.34 -42.21
C LEU C 284 -0.23 -37.68 -40.77
N GLY C 285 -1.34 -38.13 -40.21
CA GLY C 285 -1.41 -38.43 -38.81
C GLY C 285 -0.42 -39.50 -38.43
N ASP C 286 -0.14 -40.43 -39.32
CA ASP C 286 0.77 -41.47 -38.96
C ASP C 286 2.21 -41.09 -39.20
N ARG C 287 2.49 -40.31 -40.22
CA ARG C 287 3.88 -39.99 -40.43
C ARG C 287 4.43 -39.21 -39.26
N LEU C 288 3.62 -38.38 -38.65
CA LEU C 288 4.10 -37.59 -37.54
C LEU C 288 4.33 -38.44 -36.31
N LYS C 289 3.77 -39.63 -36.24
CA LYS C 289 3.91 -40.43 -35.05
C LYS C 289 5.21 -41.17 -35.07
N MET C 290 5.94 -41.04 -36.16
CA MET C 290 7.23 -41.65 -36.21
C MET C 290 8.26 -40.64 -35.71
N LEU C 291 7.81 -39.42 -35.44
CA LEU C 291 8.69 -38.35 -35.02
C LEU C 291 8.44 -37.91 -33.60
N VAL C 292 7.18 -37.83 -33.22
CA VAL C 292 6.85 -37.41 -31.87
C VAL C 292 6.11 -38.54 -31.19
N PHE C 293 6.63 -38.99 -30.06
CA PHE C 293 6.06 -40.13 -29.40
C PHE C 293 5.22 -39.67 -28.25
N GLY C 294 4.06 -40.25 -28.07
CA GLY C 294 3.22 -39.80 -26.99
C GLY C 294 2.56 -38.57 -27.57
N GLN C 295 1.79 -37.80 -26.81
CA GLN C 295 1.19 -36.64 -27.45
C GLN C 295 0.34 -36.95 -28.69
N ASP C 296 -0.33 -38.09 -28.71
CA ASP C 296 -1.12 -38.45 -29.88
C ASP C 296 -2.23 -37.48 -30.12
N LYS C 297 -2.80 -36.95 -29.05
CA LYS C 297 -3.89 -36.03 -29.21
C LYS C 297 -3.46 -34.73 -29.86
N ALA C 298 -2.20 -34.30 -29.70
CA ALA C 298 -1.84 -33.06 -30.35
C ALA C 298 -1.81 -33.30 -31.82
N ILE C 299 -1.28 -34.45 -32.19
CA ILE C 299 -1.24 -34.78 -33.59
C ILE C 299 -2.63 -34.86 -34.14
N GLU C 300 -3.55 -35.49 -33.44
CA GLU C 300 -4.90 -35.54 -33.98
C GLU C 300 -5.51 -34.16 -34.13
N ALA C 301 -5.32 -33.26 -33.17
CA ALA C 301 -5.94 -31.96 -33.32
C ALA C 301 -5.44 -31.21 -34.54
N LEU C 302 -4.16 -31.30 -34.80
CA LEU C 302 -3.62 -30.61 -35.95
C LEU C 302 -4.08 -31.25 -37.22
N THR C 303 -4.10 -32.56 -37.22
CA THR C 303 -4.45 -33.29 -38.41
C THR C 303 -5.87 -33.01 -38.81
N GLU C 304 -6.79 -33.00 -37.86
CA GLU C 304 -8.17 -32.78 -38.21
C GLU C 304 -8.42 -31.38 -38.70
N ALA C 305 -7.81 -30.36 -38.11
CA ALA C 305 -8.08 -29.02 -38.59
C ALA C 305 -7.72 -28.91 -40.04
N ILE C 306 -6.64 -29.55 -40.43
CA ILE C 306 -6.22 -29.52 -41.80
C ILE C 306 -7.18 -30.25 -42.69
N LYS C 307 -7.57 -31.45 -42.31
CA LYS C 307 -8.49 -32.17 -43.17
C LYS C 307 -9.79 -31.43 -43.37
N MET C 308 -10.33 -30.81 -42.34
CA MET C 308 -11.58 -30.12 -42.58
C MET C 308 -11.40 -29.01 -43.58
N ALA C 309 -10.36 -28.22 -43.41
CA ALA C 309 -10.15 -27.14 -44.33
C ALA C 309 -9.94 -27.62 -45.75
N ARG C 310 -9.28 -28.76 -45.93
CA ARG C 310 -9.08 -29.26 -47.27
C ARG C 310 -10.33 -29.89 -47.82
N ALA C 311 -11.11 -30.55 -46.98
CA ALA C 311 -12.34 -31.18 -47.41
C ALA C 311 -13.26 -30.13 -47.97
N GLY C 312 -13.22 -28.95 -47.39
CA GLY C 312 -14.02 -27.84 -47.82
C GLY C 312 -14.88 -27.33 -46.69
N LEU C 313 -15.05 -28.14 -45.67
CA LEU C 313 -15.86 -27.72 -44.53
C LEU C 313 -15.02 -26.96 -43.54
N GLY C 314 -14.53 -25.83 -43.95
CA GLY C 314 -13.69 -25.00 -43.11
C GLY C 314 -14.55 -23.90 -42.58
N HIS C 315 -13.94 -22.78 -42.20
CA HIS C 315 -14.78 -21.71 -41.74
C HIS C 315 -14.77 -20.72 -42.88
N GLU C 316 -15.50 -19.64 -42.75
CA GLU C 316 -15.56 -18.68 -43.83
C GLU C 316 -14.47 -17.65 -43.78
N HIS C 317 -14.04 -17.28 -42.58
CA HIS C 317 -13.02 -16.25 -42.44
C HIS C 317 -12.27 -16.35 -41.12
N LYS C 318 -11.50 -17.41 -40.98
CA LYS C 318 -10.69 -17.65 -39.81
C LYS C 318 -9.46 -18.36 -40.27
N PRO C 319 -8.39 -18.41 -39.49
CA PRO C 319 -7.22 -19.19 -39.76
C PRO C 319 -7.65 -20.62 -39.80
N VAL C 320 -6.82 -21.50 -40.32
CA VAL C 320 -7.16 -22.92 -40.43
C VAL C 320 -7.51 -23.46 -39.07
N GLY C 321 -6.77 -23.01 -38.08
CA GLY C 321 -7.02 -23.37 -36.71
C GLY C 321 -6.09 -22.55 -35.86
N SER C 322 -6.45 -22.37 -34.59
CA SER C 322 -5.63 -21.62 -33.65
C SER C 322 -5.44 -22.46 -32.39
N PHE C 323 -4.22 -22.95 -32.18
CA PHE C 323 -3.94 -23.78 -31.02
C PHE C 323 -2.90 -23.22 -30.06
N LEU C 324 -3.11 -23.49 -28.78
CA LEU C 324 -2.22 -23.08 -27.71
C LEU C 324 -1.76 -24.35 -27.01
N PHE C 325 -0.51 -24.73 -27.28
CA PHE C 325 0.04 -25.95 -26.72
C PHE C 325 0.64 -25.63 -25.39
N ALA C 326 0.43 -26.46 -24.41
CA ALA C 326 0.96 -26.20 -23.08
C ALA C 326 1.41 -27.46 -22.40
N GLY C 327 2.30 -27.36 -21.44
CA GLY C 327 2.76 -28.57 -20.76
C GLY C 327 4.19 -28.41 -20.29
N PRO C 328 4.78 -29.43 -19.68
CA PRO C 328 6.09 -29.49 -19.08
C PRO C 328 7.05 -29.38 -20.19
N THR C 329 8.29 -29.05 -19.91
CA THR C 329 9.25 -28.81 -20.97
C THR C 329 9.82 -30.05 -21.63
N GLY C 330 10.35 -29.90 -22.84
CA GLY C 330 11.06 -30.99 -23.50
C GLY C 330 10.15 -32.13 -23.93
N VAL C 331 8.93 -31.82 -24.34
CA VAL C 331 7.98 -32.87 -24.69
C VAL C 331 7.45 -32.79 -26.10
N GLY C 332 8.13 -32.05 -26.97
CA GLY C 332 7.72 -31.94 -28.36
C GLY C 332 6.74 -30.80 -28.67
N LYS C 333 6.61 -29.81 -27.80
CA LYS C 333 5.67 -28.74 -28.08
C LYS C 333 6.04 -27.93 -29.29
N THR C 334 7.32 -27.71 -29.50
CA THR C 334 7.71 -26.92 -30.63
C THR C 334 8.19 -27.84 -31.72
N GLU C 335 8.60 -29.04 -31.37
CA GLU C 335 9.05 -29.98 -32.36
C GLU C 335 7.91 -30.48 -33.21
N VAL C 336 6.73 -30.72 -32.65
CA VAL C 336 5.68 -31.22 -33.51
C VAL C 336 5.29 -30.19 -34.55
N THR C 337 5.36 -28.91 -34.21
CA THR C 337 4.99 -27.89 -35.16
C THR C 337 5.98 -27.86 -36.27
N VAL C 338 7.25 -27.95 -35.95
CA VAL C 338 8.23 -27.91 -36.99
C VAL C 338 8.05 -29.06 -37.93
N GLN C 339 7.83 -30.24 -37.37
CA GLN C 339 7.66 -31.39 -38.22
C GLN C 339 6.41 -31.31 -39.06
N LEU C 340 5.36 -30.69 -38.57
CA LEU C 340 4.18 -30.52 -39.40
C LEU C 340 4.49 -29.73 -40.62
N SER C 341 5.20 -28.63 -40.48
CA SER C 341 5.44 -27.85 -41.67
C SER C 341 6.24 -28.65 -42.67
N LYS C 342 7.12 -29.52 -42.19
CA LYS C 342 7.87 -30.32 -43.13
C LYS C 342 7.01 -31.38 -43.78
N ALA C 343 6.16 -32.04 -42.99
CA ALA C 343 5.32 -33.10 -43.50
C ALA C 343 4.40 -32.63 -44.58
N LEU C 344 3.92 -31.40 -44.46
CA LEU C 344 3.01 -30.83 -45.42
C LEU C 344 3.70 -30.17 -46.59
N GLY C 345 5.00 -29.99 -46.53
CA GLY C 345 5.68 -29.27 -47.57
C GLY C 345 5.44 -27.75 -47.61
N ILE C 346 5.17 -27.07 -46.49
CA ILE C 346 4.89 -25.63 -46.58
C ILE C 346 5.78 -24.81 -45.67
N GLU C 347 5.91 -23.52 -45.93
CA GLU C 347 6.79 -22.68 -45.13
C GLU C 347 6.44 -22.58 -43.68
N LEU C 348 7.46 -22.56 -42.85
CA LEU C 348 7.25 -22.31 -41.43
C LEU C 348 7.67 -20.89 -41.16
N LEU C 349 6.76 -20.09 -40.65
CA LEU C 349 7.09 -18.73 -40.33
C LEU C 349 7.27 -18.77 -38.84
N ARG C 350 8.44 -18.47 -38.38
CA ARG C 350 8.67 -18.64 -36.96
C ARG C 350 9.10 -17.40 -36.28
N PHE C 351 8.40 -17.06 -35.23
CA PHE C 351 8.69 -15.87 -34.48
C PHE C 351 8.93 -16.23 -33.04
N ASP C 352 9.81 -15.49 -32.39
CA ASP C 352 10.13 -15.71 -30.99
C ASP C 352 9.52 -14.67 -30.14
N MET C 353 8.58 -15.00 -29.30
CA MET C 353 7.90 -13.94 -28.63
C MET C 353 8.67 -13.35 -27.51
N SER C 354 9.80 -13.91 -27.18
CA SER C 354 10.63 -13.39 -26.12
C SER C 354 11.26 -12.11 -26.56
N GLU C 355 11.24 -11.80 -27.84
CA GLU C 355 11.84 -10.57 -28.27
C GLU C 355 10.89 -9.41 -28.19
N TYR C 356 9.63 -9.69 -27.87
CA TYR C 356 8.61 -8.65 -27.80
C TYR C 356 8.12 -8.54 -26.37
N MET C 357 9.05 -8.21 -25.48
CA MET C 357 8.71 -8.10 -24.08
C MET C 357 8.40 -6.68 -23.64
N GLU C 358 8.42 -5.75 -24.56
CA GLU C 358 8.16 -4.35 -24.31
C GLU C 358 6.90 -3.94 -25.05
N ARG C 359 6.20 -2.90 -24.64
CA ARG C 359 4.96 -2.58 -25.35
C ARG C 359 5.14 -2.01 -26.73
N HIS C 360 6.13 -1.13 -26.84
CA HIS C 360 6.41 -0.42 -28.08
C HIS C 360 7.04 -1.28 -29.18
N THR C 361 7.23 -2.57 -28.92
CA THR C 361 7.82 -3.39 -29.93
C THR C 361 6.77 -4.03 -30.76
N VAL C 362 5.51 -3.72 -30.48
CA VAL C 362 4.43 -4.19 -31.30
C VAL C 362 4.57 -3.58 -32.68
N SER C 363 5.25 -2.45 -32.74
CA SER C 363 5.47 -1.75 -34.00
C SER C 363 6.31 -2.58 -34.97
N ARG C 364 7.03 -3.57 -34.45
CA ARG C 364 7.85 -4.39 -35.33
C ARG C 364 6.97 -5.35 -36.09
N LEU C 365 5.76 -5.59 -35.63
CA LEU C 365 4.92 -6.54 -36.29
C LEU C 365 4.11 -5.85 -37.36
N ILE C 366 3.72 -4.61 -37.08
CA ILE C 366 2.89 -3.77 -37.94
C ILE C 366 3.62 -2.73 -38.82
N GLY C 367 4.59 -2.02 -38.28
CA GLY C 367 5.28 -0.96 -38.99
C GLY C 367 5.02 0.37 -38.30
N ALA C 368 5.89 1.35 -38.49
CA ALA C 368 5.76 2.66 -37.89
C ALA C 368 4.61 3.44 -38.52
N PRO C 369 3.93 4.34 -37.83
CA PRO C 369 2.95 5.23 -38.41
C PRO C 369 3.61 6.14 -39.40
N PRO C 370 2.90 6.67 -40.38
CA PRO C 370 3.45 7.57 -41.35
C PRO C 370 3.95 8.79 -40.68
N GLY C 371 5.10 9.22 -41.14
CA GLY C 371 5.77 10.40 -40.66
C GLY C 371 6.92 10.07 -39.73
N TYR C 372 7.05 8.80 -39.38
CA TYR C 372 8.11 8.34 -38.48
C TYR C 372 9.30 7.74 -39.23
N VAL C 373 10.39 7.59 -38.49
CA VAL C 373 11.66 7.03 -39.00
C VAL C 373 11.65 5.67 -39.60
N GLY C 374 10.97 4.75 -39.04
CA GLY C 374 11.05 3.41 -39.60
C GLY C 374 9.97 3.10 -40.63
N PHE C 375 9.21 4.13 -41.01
CA PHE C 375 8.09 4.02 -41.93
C PHE C 375 8.23 3.17 -43.20
N ASP C 376 9.42 3.15 -43.79
CA ASP C 376 9.61 2.40 -45.02
C ASP C 376 9.94 0.93 -44.83
N GLN C 377 9.99 0.45 -43.61
CA GLN C 377 10.33 -0.95 -43.38
C GLN C 377 9.15 -1.90 -43.57
N GLY C 378 7.97 -1.48 -43.19
CA GLY C 378 6.80 -2.35 -43.20
C GLY C 378 6.79 -3.12 -41.89
N GLY C 379 5.83 -3.99 -41.69
CA GLY C 379 5.79 -4.77 -40.45
C GLY C 379 6.44 -6.09 -40.72
N LEU C 380 6.97 -6.77 -39.72
CA LEU C 380 7.56 -8.05 -40.03
C LEU C 380 6.55 -9.17 -40.07
N LEU C 381 5.43 -9.04 -39.39
CA LEU C 381 4.48 -10.13 -39.40
C LEU C 381 3.61 -9.99 -40.57
N THR C 382 3.14 -8.78 -40.81
CA THR C 382 2.25 -8.64 -41.91
C THR C 382 2.99 -8.90 -43.18
N ASP C 383 4.27 -8.55 -43.18
CA ASP C 383 5.12 -8.77 -44.34
C ASP C 383 5.38 -10.25 -44.68
N ALA C 384 5.60 -11.08 -43.66
CA ALA C 384 5.86 -12.48 -43.89
C ALA C 384 4.63 -13.21 -44.39
N VAL C 385 3.47 -12.84 -43.90
CA VAL C 385 2.24 -13.48 -44.28
C VAL C 385 1.76 -13.11 -45.67
N ILE C 386 2.32 -12.08 -46.26
CA ILE C 386 1.91 -11.69 -47.59
C ILE C 386 2.76 -12.43 -48.58
N LYS C 387 4.04 -12.56 -48.30
CA LYS C 387 4.87 -13.31 -49.22
C LYS C 387 4.54 -14.79 -49.21
N HIS C 388 4.11 -15.34 -48.06
CA HIS C 388 3.85 -16.76 -47.98
C HIS C 388 2.46 -17.10 -47.42
N PRO C 389 1.36 -16.92 -48.16
CA PRO C 389 0.00 -17.11 -47.72
C PRO C 389 -0.38 -18.47 -47.19
N HIS C 390 0.32 -19.52 -47.58
CA HIS C 390 -0.03 -20.84 -47.08
C HIS C 390 1.15 -21.27 -46.27
N ALA C 391 1.00 -21.29 -44.97
CA ALA C 391 2.13 -21.53 -44.09
C ALA C 391 1.71 -21.95 -42.71
N VAL C 392 2.65 -22.46 -41.95
CA VAL C 392 2.40 -22.71 -40.54
C VAL C 392 3.05 -21.57 -39.80
N LEU C 393 2.30 -20.89 -38.97
CA LEU C 393 2.82 -19.75 -38.23
C LEU C 393 3.03 -20.14 -36.79
N LEU C 394 4.26 -20.12 -36.35
CA LEU C 394 4.60 -20.53 -35.01
C LEU C 394 5.08 -19.41 -34.14
N LEU C 395 4.40 -19.18 -33.04
CA LEU C 395 4.82 -18.12 -32.14
C LEU C 395 5.33 -18.77 -30.86
N ASP C 396 6.62 -18.83 -30.67
CA ASP C 396 7.16 -19.53 -29.52
C ASP C 396 7.09 -18.71 -28.26
N GLU C 397 6.96 -19.42 -27.14
CA GLU C 397 6.94 -18.82 -25.81
C GLU C 397 6.12 -17.55 -25.82
N ILE C 398 4.86 -17.72 -26.15
CA ILE C 398 3.95 -16.60 -26.21
C ILE C 398 3.71 -15.87 -24.92
N GLU C 399 3.79 -16.58 -23.80
CA GLU C 399 3.59 -15.97 -22.49
C GLU C 399 4.68 -14.96 -22.09
N LYS C 400 5.71 -14.80 -22.91
CA LYS C 400 6.77 -13.87 -22.60
C LYS C 400 6.62 -12.55 -23.29
N ALA C 401 5.69 -12.46 -24.23
CA ALA C 401 5.51 -11.20 -24.90
C ALA C 401 4.85 -10.27 -23.93
N HIS C 402 5.06 -8.99 -24.07
CA HIS C 402 4.33 -8.10 -23.22
C HIS C 402 2.89 -8.41 -23.52
N PRO C 403 1.98 -8.53 -22.56
CA PRO C 403 0.61 -8.89 -22.82
C PRO C 403 -0.14 -7.98 -23.74
N ASP C 404 0.24 -6.73 -23.91
CA ASP C 404 -0.56 -5.96 -24.84
C ASP C 404 -0.36 -6.44 -26.26
N VAL C 405 0.71 -7.16 -26.52
CA VAL C 405 0.96 -7.64 -27.86
C VAL C 405 -0.04 -8.70 -28.23
N PHE C 406 -0.68 -9.32 -27.28
CA PHE C 406 -1.62 -10.37 -27.57
C PHE C 406 -2.83 -9.79 -28.23
N ASN C 407 -3.07 -8.51 -28.05
CA ASN C 407 -4.26 -7.91 -28.57
C ASN C 407 -4.28 -7.94 -30.07
N ILE C 408 -3.12 -7.99 -30.69
CA ILE C 408 -3.05 -8.02 -32.13
C ILE C 408 -3.68 -9.27 -32.65
N LEU C 409 -3.57 -10.34 -31.92
CA LEU C 409 -4.09 -11.55 -32.41
C LEU C 409 -5.58 -11.64 -32.27
N LEU C 410 -6.24 -10.70 -31.63
CA LEU C 410 -7.66 -10.91 -31.56
C LEU C 410 -8.28 -10.81 -32.92
N GLN C 411 -7.88 -9.82 -33.72
CA GLN C 411 -8.45 -9.75 -35.04
C GLN C 411 -7.87 -10.80 -35.92
N VAL C 412 -6.67 -11.26 -35.65
CA VAL C 412 -6.19 -12.28 -36.53
C VAL C 412 -6.97 -13.56 -36.34
N MET C 413 -7.15 -13.97 -35.11
CA MET C 413 -7.81 -15.22 -34.86
C MET C 413 -9.26 -15.18 -35.21
N ASP C 414 -9.92 -14.06 -35.04
CA ASP C 414 -11.33 -14.05 -35.33
C ASP C 414 -11.74 -13.64 -36.73
N ASN C 415 -11.04 -12.70 -37.34
CA ASN C 415 -11.46 -12.24 -38.64
C ASN C 415 -10.53 -12.64 -39.78
N GLY C 416 -9.37 -13.21 -39.49
CA GLY C 416 -8.49 -13.58 -40.56
C GLY C 416 -7.63 -12.46 -41.11
N THR C 417 -7.71 -11.24 -40.59
CA THR C 417 -6.88 -10.19 -41.18
C THR C 417 -6.14 -9.35 -40.19
N LEU C 418 -5.12 -8.68 -40.69
CA LEU C 418 -4.34 -7.73 -39.91
C LEU C 418 -3.91 -6.59 -40.84
N THR C 419 -4.02 -5.32 -40.42
CA THR C 419 -3.66 -4.25 -41.36
C THR C 419 -2.33 -3.60 -41.04
N ASP C 420 -1.45 -3.46 -42.03
CA ASP C 420 -0.12 -2.90 -41.74
C ASP C 420 -0.10 -1.38 -41.82
N ASN C 421 1.07 -0.76 -41.71
CA ASN C 421 1.09 0.69 -41.67
C ASN C 421 0.82 1.41 -42.99
N ASN C 422 0.61 0.69 -44.09
CA ASN C 422 0.28 1.34 -45.34
C ASN C 422 -1.15 1.04 -45.69
N GLY C 423 -1.84 0.37 -44.81
CA GLY C 423 -3.20 0.00 -45.08
C GLY C 423 -3.34 -1.30 -45.87
N ARG C 424 -2.29 -2.11 -46.00
CA ARG C 424 -2.44 -3.34 -46.74
C ARG C 424 -2.95 -4.37 -45.79
N LYS C 425 -3.68 -5.36 -46.28
CA LYS C 425 -4.15 -6.36 -45.35
C LYS C 425 -3.54 -7.70 -45.53
N ALA C 426 -3.07 -8.27 -44.44
CA ALA C 426 -2.55 -9.62 -44.45
C ALA C 426 -3.76 -10.49 -44.33
N ASP C 427 -3.77 -11.60 -45.03
CA ASP C 427 -4.88 -12.55 -45.02
C ASP C 427 -4.45 -13.89 -44.51
N PHE C 428 -4.92 -14.26 -43.33
CA PHE C 428 -4.49 -15.44 -42.63
C PHE C 428 -5.40 -16.60 -42.81
N ARG C 429 -6.33 -16.52 -43.72
CA ARG C 429 -7.26 -17.62 -43.87
C ARG C 429 -6.63 -18.94 -44.26
N ASN C 430 -5.42 -18.93 -44.75
CA ASN C 430 -4.79 -20.17 -45.13
C ASN C 430 -3.64 -20.56 -44.25
N VAL C 431 -3.54 -20.03 -43.04
CA VAL C 431 -2.40 -20.45 -42.25
C VAL C 431 -2.83 -21.13 -41.00
N VAL C 432 -1.93 -21.90 -40.43
CA VAL C 432 -2.22 -22.59 -39.18
C VAL C 432 -1.52 -21.86 -38.07
N LEU C 433 -2.25 -21.41 -37.06
CA LEU C 433 -1.61 -20.65 -36.00
C LEU C 433 -1.35 -21.49 -34.79
N VAL C 434 -0.10 -21.65 -34.42
CA VAL C 434 0.25 -22.43 -33.26
C VAL C 434 1.04 -21.60 -32.30
N MET C 435 0.61 -21.54 -31.08
CA MET C 435 1.31 -20.80 -30.07
C MET C 435 1.75 -21.76 -29.03
N THR C 436 2.95 -21.63 -28.51
CA THR C 436 3.30 -22.55 -27.44
C THR C 436 3.63 -21.80 -26.19
N THR C 437 3.37 -22.44 -25.06
CA THR C 437 3.61 -21.85 -23.74
C THR C 437 4.12 -22.79 -22.66
N ASN C 438 4.76 -22.22 -21.64
CA ASN C 438 5.14 -22.92 -20.41
C ASN C 438 4.34 -22.42 -19.24
N ALA C 439 3.24 -21.76 -19.50
CA ALA C 439 2.47 -21.24 -18.41
C ALA C 439 2.08 -22.35 -17.51
N GLY C 440 2.20 -22.14 -16.21
CA GLY C 440 1.76 -23.13 -15.26
C GLY C 440 2.75 -24.24 -14.96
N VAL C 441 3.87 -24.30 -15.64
CA VAL C 441 4.75 -25.42 -15.37
C VAL C 441 5.43 -25.32 -14.04
N ARG C 442 5.92 -24.16 -13.68
CA ARG C 442 6.60 -24.05 -12.40
C ARG C 442 5.69 -24.44 -11.27
N GLU C 443 4.43 -24.04 -11.36
CA GLU C 443 3.47 -24.35 -10.35
C GLU C 443 3.05 -25.81 -10.32
N THR C 444 2.87 -26.44 -11.47
CA THR C 444 2.38 -27.81 -11.44
C THR C 444 3.40 -28.74 -10.81
N GLU C 445 4.68 -28.41 -10.89
CA GLU C 445 5.70 -29.28 -10.36
C GLU C 445 6.00 -29.06 -8.87
N ARG C 446 5.30 -28.13 -8.22
CA ARG C 446 5.52 -27.82 -6.81
C ARG C 446 4.98 -28.88 -5.84
N LYS C 447 5.70 -29.13 -4.75
CA LYS C 447 5.21 -30.05 -3.72
C LYS C 447 4.40 -29.34 -2.65
N SER C 448 3.27 -29.91 -2.29
CA SER C 448 2.36 -29.40 -1.28
C SER C 448 2.79 -29.71 0.13
N ILE C 449 2.17 -29.05 1.11
CA ILE C 449 2.48 -29.30 2.51
C ILE C 449 1.33 -30.06 3.14
N GLY C 450 1.57 -31.21 3.70
CA GLY C 450 0.48 -31.95 4.31
C GLY C 450 0.76 -33.42 4.27
N LEU C 451 -0.16 -34.22 4.75
CA LEU C 451 0.07 -35.64 4.76
C LEU C 451 -0.22 -36.27 3.42
N ILE C 452 -1.13 -35.68 2.66
CA ILE C 452 -1.50 -36.23 1.38
C ILE C 452 -1.03 -35.36 0.26
N HIS C 453 -0.28 -35.91 -0.68
CA HIS C 453 0.17 -35.05 -1.75
C HIS C 453 -0.99 -34.66 -2.61
N GLN C 454 -1.01 -33.41 -3.00
CA GLN C 454 -2.07 -32.93 -3.83
C GLN C 454 -1.82 -33.10 -5.30
N ASP C 455 -2.90 -33.15 -6.04
CA ASP C 455 -2.88 -33.20 -7.49
C ASP C 455 -2.83 -31.80 -8.07
N ASN C 456 -1.69 -31.42 -8.62
CA ASN C 456 -1.50 -30.07 -9.09
C ASN C 456 -1.68 -29.93 -10.58
N SER C 457 -2.40 -30.85 -11.19
CA SER C 457 -2.63 -30.80 -12.61
C SER C 457 -3.51 -29.65 -13.08
N THR C 458 -4.23 -28.97 -12.21
CA THR C 458 -5.09 -27.89 -12.66
C THR C 458 -4.36 -26.55 -12.69
N ASP C 459 -3.34 -26.43 -13.53
CA ASP C 459 -2.62 -25.18 -13.76
C ASP C 459 -3.34 -24.36 -14.83
N ALA C 460 -4.07 -25.08 -15.65
CA ALA C 460 -4.90 -24.55 -16.71
C ALA C 460 -5.92 -23.66 -16.13
N MET C 461 -6.30 -24.00 -14.94
CA MET C 461 -7.34 -23.32 -14.22
C MET C 461 -6.87 -22.09 -13.53
N GLU C 462 -5.58 -21.83 -13.57
CA GLU C 462 -5.13 -20.67 -12.89
C GLU C 462 -4.22 -19.88 -13.76
N GLU C 463 -3.14 -20.47 -14.21
CA GLU C 463 -2.22 -19.64 -14.93
C GLU C 463 -2.68 -19.33 -16.31
N ILE C 464 -3.28 -20.28 -16.99
CA ILE C 464 -3.68 -19.87 -18.31
C ILE C 464 -4.77 -18.86 -18.22
N LYS C 465 -5.72 -19.08 -17.34
CA LYS C 465 -6.82 -18.14 -17.18
C LYS C 465 -6.38 -16.76 -16.70
N LYS C 466 -5.35 -16.67 -15.89
CA LYS C 466 -4.87 -15.38 -15.44
C LYS C 466 -4.05 -14.63 -16.46
N ILE C 467 -3.38 -15.34 -17.37
CA ILE C 467 -2.56 -14.68 -18.36
C ILE C 467 -3.34 -14.21 -19.56
N PHE C 468 -4.18 -15.07 -20.10
CA PHE C 468 -4.87 -14.72 -21.30
C PHE C 468 -6.27 -14.22 -21.06
N THR C 469 -6.53 -13.00 -21.46
CA THR C 469 -7.81 -12.36 -21.28
C THR C 469 -8.92 -13.24 -21.87
N PRO C 470 -10.14 -13.31 -21.29
CA PRO C 470 -11.24 -14.12 -21.76
C PRO C 470 -11.55 -14.04 -23.23
N GLU C 471 -11.48 -12.84 -23.81
CA GLU C 471 -11.74 -12.65 -25.23
C GLU C 471 -10.70 -13.32 -26.12
N PHE C 472 -9.53 -13.61 -25.58
CA PHE C 472 -8.47 -14.24 -26.32
C PHE C 472 -8.79 -15.69 -26.29
N ARG C 473 -9.03 -16.16 -25.11
CA ARG C 473 -9.23 -17.57 -24.96
C ARG C 473 -10.46 -18.07 -25.67
N ASN C 474 -11.50 -17.26 -25.72
CA ASN C 474 -12.75 -17.70 -26.28
C ASN C 474 -12.70 -17.77 -27.79
N ARG C 475 -11.57 -17.41 -28.38
CA ARG C 475 -11.37 -17.50 -29.80
C ARG C 475 -10.48 -18.66 -30.19
N LEU C 476 -10.00 -19.44 -29.25
CA LEU C 476 -9.09 -20.55 -29.57
C LEU C 476 -9.83 -21.80 -29.96
N ASP C 477 -9.23 -22.66 -30.76
CA ASP C 477 -9.87 -23.92 -31.06
C ASP C 477 -9.62 -24.94 -30.00
N ASN C 478 -8.43 -24.96 -29.45
CA ASN C 478 -8.16 -25.96 -28.46
C ASN C 478 -6.90 -25.63 -27.69
N ILE C 479 -6.93 -25.90 -26.38
CA ILE C 479 -5.73 -25.79 -25.58
C ILE C 479 -5.32 -27.22 -25.31
N ILE C 480 -4.16 -27.59 -25.80
CA ILE C 480 -3.74 -28.96 -25.74
C ILE C 480 -2.62 -29.19 -24.79
N TRP C 481 -2.85 -30.06 -23.81
CA TRP C 481 -1.84 -30.37 -22.80
C TRP C 481 -0.95 -31.56 -23.17
N PHE C 482 0.35 -31.29 -23.23
CA PHE C 482 1.33 -32.28 -23.54
C PHE C 482 1.65 -32.99 -22.25
N ASP C 483 1.96 -34.28 -22.30
CA ASP C 483 2.23 -35.01 -21.07
C ASP C 483 3.69 -35.12 -20.78
N HIS C 484 4.02 -35.74 -19.65
CA HIS C 484 5.39 -36.02 -19.31
C HIS C 484 5.72 -37.27 -20.08
N LEU C 485 6.98 -37.53 -20.35
CA LEU C 485 7.26 -38.72 -21.12
C LEU C 485 7.53 -39.92 -20.24
N SER C 486 6.75 -40.97 -20.45
CA SER C 486 6.85 -42.22 -19.73
C SER C 486 8.03 -43.02 -20.25
N THR C 487 8.38 -44.10 -19.57
CA THR C 487 9.52 -44.91 -19.97
C THR C 487 9.45 -45.45 -21.39
N ASP C 488 8.31 -45.95 -21.81
CA ASP C 488 8.22 -46.54 -23.14
C ASP C 488 8.60 -45.52 -24.20
N VAL C 489 8.13 -44.31 -23.99
CA VAL C 489 8.45 -43.23 -24.88
C VAL C 489 9.93 -42.96 -24.85
N ILE C 490 10.51 -42.96 -23.68
CA ILE C 490 11.93 -42.70 -23.63
C ILE C 490 12.67 -43.73 -24.41
N HIS C 491 12.28 -44.98 -24.34
CA HIS C 491 13.02 -45.93 -25.14
C HIS C 491 12.94 -45.54 -26.62
N GLN C 492 11.77 -45.10 -27.09
CA GLN C 492 11.69 -44.70 -28.48
C GLN C 492 12.55 -43.47 -28.76
N VAL C 493 12.61 -42.55 -27.80
CA VAL C 493 13.41 -41.34 -27.97
C VAL C 493 14.88 -41.70 -28.09
N VAL C 494 15.34 -42.62 -27.28
CA VAL C 494 16.74 -42.99 -27.37
C VAL C 494 17.03 -43.61 -28.72
N ASP C 495 16.14 -44.46 -29.21
CA ASP C 495 16.41 -45.05 -30.51
C ASP C 495 16.50 -43.96 -31.57
N LYS C 496 15.63 -42.97 -31.47
CA LYS C 496 15.62 -41.87 -32.42
C LYS C 496 16.94 -41.12 -32.44
N PHE C 497 17.48 -40.83 -31.25
CA PHE C 497 18.73 -40.09 -31.20
C PHE C 497 19.88 -40.91 -31.70
N ILE C 498 19.86 -42.21 -31.49
CA ILE C 498 20.93 -43.02 -31.99
C ILE C 498 20.94 -42.97 -33.49
N VAL C 499 19.78 -43.03 -34.11
CA VAL C 499 19.77 -42.96 -35.55
C VAL C 499 20.37 -41.65 -36.01
N GLU C 500 20.07 -40.54 -35.35
CA GLU C 500 20.66 -39.28 -35.79
C GLU C 500 22.18 -39.35 -35.74
N LEU C 501 22.71 -39.98 -34.69
CA LEU C 501 24.14 -40.14 -34.58
C LEU C 501 24.68 -40.98 -35.69
N GLN C 502 23.97 -42.04 -36.06
CA GLN C 502 24.45 -42.88 -37.12
C GLN C 502 24.55 -42.12 -38.41
N VAL C 503 23.62 -41.23 -38.66
CA VAL C 503 23.69 -40.46 -39.88
C VAL C 503 24.92 -39.58 -39.92
N GLN C 504 25.22 -38.89 -38.82
CA GLN C 504 26.40 -38.05 -38.83
C GLN C 504 27.63 -38.87 -39.08
N LEU C 505 27.69 -40.06 -38.50
CA LEU C 505 28.84 -40.92 -38.69
C LEU C 505 28.97 -41.45 -40.12
N ASP C 506 27.84 -41.78 -40.75
CA ASP C 506 27.93 -42.28 -42.12
C ASP C 506 28.57 -41.27 -43.02
N GLN C 507 28.32 -40.01 -42.77
CA GLN C 507 28.87 -38.94 -43.58
C GLN C 507 30.38 -38.81 -43.47
N LYS C 508 30.96 -39.44 -42.45
CA LYS C 508 32.40 -39.43 -42.23
C LYS C 508 33.00 -40.77 -42.61
N GLY C 509 32.19 -41.66 -43.19
CA GLY C 509 32.66 -42.96 -43.63
C GLY C 509 32.80 -44.04 -42.57
N VAL C 510 32.14 -43.92 -41.43
CA VAL C 510 32.27 -44.95 -40.42
C VAL C 510 30.87 -45.31 -40.00
N SER C 511 30.68 -46.41 -39.32
CA SER C 511 29.33 -46.70 -38.87
C SER C 511 29.31 -47.23 -37.46
N LEU C 512 28.16 -47.06 -36.82
CA LEU C 512 27.97 -47.45 -35.43
C LEU C 512 26.87 -48.43 -35.17
N GLU C 513 27.22 -49.50 -34.47
CA GLU C 513 26.24 -50.45 -34.00
C GLU C 513 26.18 -50.44 -32.51
N VAL C 514 24.98 -50.55 -31.97
CA VAL C 514 24.79 -50.56 -30.54
C VAL C 514 23.94 -51.75 -30.12
N SER C 515 24.40 -52.45 -29.11
CA SER C 515 23.68 -53.55 -28.51
C SER C 515 22.41 -53.11 -27.84
N GLN C 516 21.40 -53.96 -27.87
CA GLN C 516 20.16 -53.60 -27.20
C GLN C 516 20.37 -53.39 -25.72
N GLU C 517 21.28 -54.14 -25.14
CA GLU C 517 21.53 -54.00 -23.72
C GLU C 517 22.07 -52.62 -23.42
N ALA C 518 22.94 -52.14 -24.31
CA ALA C 518 23.55 -50.85 -24.13
C ALA C 518 22.49 -49.79 -24.21
N ARG C 519 21.50 -50.00 -25.10
CA ARG C 519 20.45 -49.02 -25.22
C ARG C 519 19.60 -48.98 -24.00
N ASN C 520 19.29 -50.14 -23.44
CA ASN C 520 18.43 -50.15 -22.29
C ASN C 520 19.13 -49.43 -21.16
N TRP C 521 20.44 -49.63 -21.08
CA TRP C 521 21.24 -48.98 -20.07
C TRP C 521 21.26 -47.48 -20.27
N LEU C 522 21.47 -47.00 -21.50
CA LEU C 522 21.50 -45.57 -21.69
C LEU C 522 20.19 -44.95 -21.33
N ALA C 523 19.11 -45.61 -21.73
CA ALA C 523 17.81 -45.06 -21.45
C ALA C 523 17.56 -44.97 -19.96
N GLU C 524 17.94 -46.00 -19.23
CA GLU C 524 17.68 -45.94 -17.82
C GLU C 524 18.55 -44.91 -17.15
N LYS C 525 19.80 -44.81 -17.57
CA LYS C 525 20.69 -43.89 -16.95
C LYS C 525 20.29 -42.46 -17.17
N GLY C 526 19.90 -42.12 -18.38
CA GLY C 526 19.55 -40.76 -18.73
C GLY C 526 18.16 -40.31 -18.28
N TYR C 527 17.24 -41.25 -18.09
CA TYR C 527 15.87 -40.93 -17.71
C TYR C 527 15.59 -40.05 -16.47
N ASP C 528 14.87 -38.94 -16.71
CA ASP C 528 14.43 -38.03 -15.69
C ASP C 528 13.05 -37.48 -16.04
N ARG C 529 12.04 -37.88 -15.30
CA ARG C 529 10.69 -37.45 -15.61
C ARG C 529 10.57 -35.93 -15.67
N ALA C 530 11.31 -35.23 -14.83
CA ALA C 530 11.21 -33.80 -14.71
C ALA C 530 11.59 -33.00 -15.95
N MET C 531 12.37 -33.52 -16.88
CA MET C 531 12.77 -32.68 -17.99
C MET C 531 12.49 -33.28 -19.33
N GLY C 532 11.54 -34.17 -19.39
CA GLY C 532 11.15 -34.73 -20.66
C GLY C 532 12.30 -35.42 -21.34
N ALA C 533 12.42 -35.18 -22.63
CA ALA C 533 13.46 -35.79 -23.44
C ALA C 533 14.69 -34.95 -23.48
N ARG C 534 14.68 -33.80 -22.88
CA ARG C 534 15.83 -32.96 -23.06
C ARG C 534 17.15 -33.63 -22.69
N PRO C 535 17.31 -34.23 -21.49
CA PRO C 535 18.53 -34.80 -20.98
C PRO C 535 18.98 -36.02 -21.75
N MET C 536 18.13 -36.61 -22.57
CA MET C 536 18.55 -37.83 -23.20
C MET C 536 19.62 -37.50 -24.20
N ALA C 537 19.59 -36.30 -24.73
CA ALA C 537 20.60 -35.97 -25.67
C ALA C 537 21.95 -35.92 -25.00
N ARG C 538 21.98 -35.62 -23.71
CA ARG C 538 23.23 -35.51 -23.01
C ARG C 538 23.76 -36.88 -22.63
N VAL C 539 22.88 -37.83 -22.29
CA VAL C 539 23.45 -39.12 -21.92
C VAL C 539 24.11 -39.69 -23.17
N ILE C 540 23.54 -39.45 -24.33
CA ILE C 540 24.17 -39.90 -25.56
C ILE C 540 25.43 -39.12 -25.83
N GLN C 541 25.40 -37.83 -25.65
CA GLN C 541 26.59 -37.07 -25.90
C GLN C 541 27.79 -37.55 -25.09
N ASP C 542 27.59 -37.91 -23.83
CA ASP C 542 28.74 -38.38 -23.05
C ASP C 542 29.08 -39.84 -23.25
N ASN C 543 28.12 -40.71 -23.48
CA ASN C 543 28.46 -42.09 -23.62
C ASN C 543 28.84 -42.51 -25.02
N LEU C 544 28.32 -41.85 -26.05
CA LEU C 544 28.67 -42.25 -27.39
C LEU C 544 29.44 -41.19 -28.15
N LYS C 545 28.99 -39.94 -28.15
CA LYS C 545 29.66 -38.97 -29.02
C LYS C 545 31.04 -38.58 -28.57
N LYS C 546 31.20 -38.36 -27.29
CA LYS C 546 32.50 -37.95 -26.85
C LYS C 546 33.57 -38.99 -27.18
N PRO C 547 33.46 -40.27 -26.77
CA PRO C 547 34.42 -41.29 -27.10
C PRO C 547 34.74 -41.35 -28.58
N LEU C 548 33.72 -41.20 -29.42
CA LEU C 548 33.94 -41.28 -30.83
C LEU C 548 34.71 -40.09 -31.33
N ALA C 549 34.48 -38.91 -30.77
CA ALA C 549 35.18 -37.75 -31.27
C ALA C 549 36.66 -37.95 -31.12
N ASN C 550 37.08 -38.60 -30.04
CA ASN C 550 38.50 -38.81 -29.88
C ASN C 550 39.00 -39.85 -30.87
N GLU C 551 38.22 -40.89 -31.11
CA GLU C 551 38.60 -41.91 -32.09
C GLU C 551 38.71 -41.33 -33.51
N LEU C 552 37.85 -40.37 -33.83
CA LEU C 552 37.82 -39.72 -35.15
C LEU C 552 38.93 -38.69 -35.31
N LEU C 553 39.15 -37.88 -34.29
CA LEU C 553 40.16 -36.84 -34.38
C LEU C 553 41.58 -37.31 -34.18
N PHE C 554 41.82 -38.39 -33.48
CA PHE C 554 43.20 -38.75 -33.27
C PHE C 554 43.66 -40.03 -33.97
N GLY C 555 42.90 -40.49 -34.94
CA GLY C 555 43.30 -41.63 -35.79
C GLY C 555 42.82 -43.05 -35.46
N SER C 556 42.27 -43.30 -34.27
CA SER C 556 41.87 -44.67 -33.97
C SER C 556 40.74 -45.19 -34.83
N LEU C 557 39.76 -44.34 -35.10
CA LEU C 557 38.60 -44.72 -35.91
C LEU C 557 38.38 -43.76 -37.02
N VAL C 558 39.13 -43.94 -38.04
CA VAL C 558 39.03 -43.08 -39.18
C VAL C 558 38.69 -43.97 -40.35
N ASP C 559 39.08 -43.59 -41.52
CA ASP C 559 38.77 -44.37 -42.66
C ASP C 559 39.21 -45.81 -42.44
N GLY C 560 38.36 -46.76 -42.82
CA GLY C 560 38.66 -48.19 -42.72
C GLY C 560 38.01 -48.97 -41.57
N GLY C 561 37.41 -48.29 -40.57
CA GLY C 561 36.78 -49.07 -39.48
C GLY C 561 35.30 -48.83 -39.19
N GLN C 562 34.82 -49.59 -38.21
CA GLN C 562 33.45 -49.56 -37.70
C GLN C 562 33.47 -49.70 -36.17
N VAL C 563 32.47 -49.19 -35.49
CA VAL C 563 32.48 -49.33 -34.04
C VAL C 563 31.30 -50.06 -33.42
N THR C 564 31.60 -51.01 -32.55
CA THR C 564 30.54 -51.71 -31.84
C THR C 564 30.51 -51.46 -30.35
N VAL C 565 29.35 -51.02 -29.94
CA VAL C 565 29.10 -50.72 -28.56
C VAL C 565 28.27 -51.78 -27.92
N ALA C 566 28.76 -52.31 -26.83
CA ALA C 566 28.10 -53.34 -26.09
C ALA C 566 28.31 -53.08 -24.64
N LEU C 567 27.46 -53.62 -23.81
CA LEU C 567 27.52 -53.37 -22.39
C LEU C 567 28.05 -54.56 -21.63
N ASP C 568 28.96 -54.36 -20.68
CA ASP C 568 29.41 -55.50 -19.89
C ASP C 568 28.43 -55.63 -18.74
N LYS C 569 28.62 -56.57 -17.84
CA LYS C 569 27.66 -56.66 -16.73
C LYS C 569 28.31 -56.26 -15.42
N GLU C 570 29.61 -56.32 -15.40
CA GLU C 570 30.43 -56.09 -14.25
C GLU C 570 30.48 -54.65 -13.77
N LYS C 571 30.52 -53.69 -14.69
CA LYS C 571 30.63 -52.30 -14.32
C LYS C 571 29.51 -51.58 -14.99
N ASN C 572 28.95 -52.29 -15.95
CA ASN C 572 27.93 -51.83 -16.87
C ASN C 572 28.50 -50.71 -17.71
N GLU C 573 29.70 -50.94 -18.16
CA GLU C 573 30.39 -49.98 -19.00
C GLU C 573 30.30 -50.41 -20.44
N LEU C 574 30.50 -49.46 -21.32
CA LEU C 574 30.41 -49.74 -22.73
C LEU C 574 31.73 -50.10 -23.42
N THR C 575 31.62 -50.92 -24.46
CA THR C 575 32.72 -51.30 -25.34
C THR C 575 32.79 -50.37 -26.50
N TYR C 576 33.89 -50.44 -27.25
CA TYR C 576 34.09 -49.66 -28.46
C TYR C 576 34.97 -50.54 -29.35
N GLY C 577 35.32 -50.13 -30.57
CA GLY C 577 36.11 -51.03 -31.41
C GLY C 577 36.49 -50.41 -32.75
N PHE C 578 36.86 -51.26 -33.71
CA PHE C 578 37.26 -50.84 -35.06
C PHE C 578 36.93 -51.94 -36.07
N MET D 1 -3.00 45.84 -80.01
CA MET D 1 -4.27 45.50 -79.42
C MET D 1 -5.14 44.90 -80.45
N GLU D 2 -4.51 44.51 -81.54
CA GLU D 2 -5.19 43.92 -82.67
C GLU D 2 -5.75 42.55 -82.33
N ASN D 3 -4.96 41.76 -81.63
CA ASN D 3 -5.36 40.42 -81.26
C ASN D 3 -4.82 39.91 -79.92
N PHE D 4 -4.26 40.76 -79.08
CA PHE D 4 -3.73 40.26 -77.82
C PHE D 4 -4.58 40.67 -76.65
N THR D 5 -5.64 41.38 -76.95
CA THR D 5 -6.53 41.85 -75.92
C THR D 5 -7.87 42.12 -76.51
N THR D 6 -8.91 42.06 -75.71
CA THR D 6 -10.19 42.45 -76.28
C THR D 6 -10.86 43.56 -75.55
N ASN D 7 -11.87 44.09 -76.21
CA ASN D 7 -12.62 45.21 -75.72
C ASN D 7 -13.84 44.80 -74.92
N LEU D 8 -13.81 45.02 -73.61
CA LEU D 8 -14.90 44.54 -72.79
C LEU D 8 -16.14 45.39 -72.97
N ASN D 9 -15.98 46.60 -73.51
CA ASN D 9 -17.16 47.42 -73.70
C ASN D 9 -17.87 46.89 -74.90
N GLN D 10 -17.09 46.42 -75.86
CA GLN D 10 -17.69 45.89 -77.05
C GLN D 10 -18.43 44.63 -76.70
N LEU D 11 -17.90 43.86 -75.78
CA LEU D 11 -18.62 42.67 -75.41
C LEU D 11 -19.84 43.03 -74.60
N ALA D 12 -19.74 43.98 -73.69
CA ALA D 12 -20.89 44.32 -72.90
C ALA D 12 -22.01 44.80 -73.80
N ARG D 13 -21.64 45.52 -74.83
CA ARG D 13 -22.54 46.13 -75.78
C ARG D 13 -23.28 45.15 -76.66
N VAL D 14 -22.82 43.91 -76.72
CA VAL D 14 -23.48 42.93 -77.55
C VAL D 14 -24.05 41.83 -76.67
N GLY D 15 -24.07 42.04 -75.35
CA GLY D 15 -24.59 41.04 -74.43
C GLY D 15 -23.63 39.90 -74.07
N GLY D 16 -22.32 40.11 -74.20
CA GLY D 16 -21.35 39.05 -73.91
C GLY D 16 -20.94 38.98 -72.44
N ILE D 17 -21.42 39.91 -71.63
CA ILE D 17 -21.09 39.97 -70.22
C ILE D 17 -22.33 39.93 -69.35
N ASP D 18 -22.36 38.99 -68.41
CA ASP D 18 -23.49 38.88 -67.49
C ASP D 18 -23.46 40.11 -66.56
N PRO D 19 -24.60 40.70 -66.18
CA PRO D 19 -24.72 41.88 -65.34
C PRO D 19 -24.39 41.62 -63.90
N LEU D 20 -23.95 42.65 -63.20
CA LEU D 20 -23.79 42.51 -61.76
C LEU D 20 -24.98 42.91 -61.00
N ILE D 21 -25.19 42.22 -59.92
CA ILE D 21 -26.22 42.53 -58.98
C ILE D 21 -25.52 42.83 -57.68
N GLY D 22 -25.79 43.98 -57.10
CA GLY D 22 -25.09 44.35 -55.89
C GLY D 22 -23.67 44.76 -56.22
N ARG D 23 -22.78 44.65 -55.23
CA ARG D 23 -21.37 45.04 -55.31
C ARG D 23 -21.14 46.51 -55.62
N GLU D 24 -22.00 47.38 -55.11
CA GLU D 24 -21.83 48.78 -55.36
C GLU D 24 -20.59 49.32 -54.68
N LYS D 25 -20.35 48.86 -53.46
CA LYS D 25 -19.22 49.36 -52.70
C LYS D 25 -17.92 49.00 -53.37
N GLU D 26 -17.86 47.81 -53.91
CA GLU D 26 -16.68 47.34 -54.56
C GLU D 26 -16.41 48.15 -55.81
N LEU D 27 -17.45 48.46 -56.58
CA LEU D 27 -17.19 49.28 -57.75
C LEU D 27 -16.79 50.68 -57.36
N GLU D 28 -17.40 51.22 -56.30
CA GLU D 28 -17.05 52.56 -55.87
C GLU D 28 -15.61 52.62 -55.47
N ARG D 29 -15.14 51.60 -54.75
CA ARG D 29 -13.79 51.63 -54.33
C ARG D 29 -12.86 51.50 -55.50
N ALA D 30 -13.17 50.63 -56.45
CA ALA D 30 -12.27 50.47 -57.57
C ALA D 30 -12.12 51.76 -58.35
N ILE D 31 -13.22 52.50 -58.50
CA ILE D 31 -13.14 53.72 -59.25
C ILE D 31 -12.32 54.74 -58.48
N GLN D 32 -12.55 54.84 -57.18
CA GLN D 32 -11.80 55.80 -56.39
C GLN D 32 -10.32 55.50 -56.47
N VAL D 33 -9.96 54.23 -56.56
CA VAL D 33 -8.57 53.85 -56.71
C VAL D 33 -8.03 54.31 -58.05
N LEU D 34 -8.78 54.07 -59.12
CA LEU D 34 -8.36 54.48 -60.46
C LEU D 34 -8.20 55.99 -60.54
N CYS D 35 -9.02 56.71 -59.76
CA CYS D 35 -9.02 58.15 -59.70
C CYS D 35 -7.98 58.77 -58.74
N ARG D 36 -7.12 57.95 -58.14
CA ARG D 36 -6.05 58.43 -57.26
C ARG D 36 -4.92 59.10 -58.02
N ARG D 37 -4.09 59.87 -57.32
CA ARG D 37 -2.96 60.55 -57.93
C ARG D 37 -1.88 59.54 -58.33
N ARG D 38 -1.60 58.61 -57.41
CA ARG D 38 -0.59 57.58 -57.59
C ARG D 38 -1.06 56.25 -57.02
N LYS D 39 -0.48 55.14 -57.51
CA LYS D 39 -0.82 53.81 -57.02
C LYS D 39 -2.31 53.59 -57.23
N ASN D 40 -2.75 54.05 -58.38
CA ASN D 40 -4.11 54.01 -58.83
C ASN D 40 -4.44 52.80 -59.66
N ASN D 41 -4.16 51.63 -59.12
CA ASN D 41 -4.40 50.36 -59.80
C ASN D 41 -5.10 49.42 -58.83
N PRO D 42 -6.40 49.21 -58.91
CA PRO D 42 -7.10 48.38 -57.97
C PRO D 42 -6.68 46.97 -58.25
N LEU D 43 -6.59 46.18 -57.19
CA LEU D 43 -6.31 44.76 -57.28
C LEU D 43 -7.45 44.00 -56.64
N LEU D 44 -8.06 43.11 -57.37
CA LEU D 44 -9.19 42.40 -56.80
C LEU D 44 -8.72 41.09 -56.18
N VAL D 45 -8.77 41.00 -54.85
CA VAL D 45 -8.22 39.84 -54.15
C VAL D 45 -9.33 39.10 -53.42
N GLY D 46 -9.40 37.80 -53.60
CA GLY D 46 -10.47 37.08 -52.89
C GLY D 46 -10.47 35.55 -52.94
N GLU D 47 -11.62 34.99 -52.56
CA GLU D 47 -11.82 33.55 -52.54
C GLU D 47 -12.26 33.18 -53.93
N SER D 48 -12.05 31.96 -54.34
CA SER D 48 -12.52 31.60 -55.66
C SER D 48 -14.03 31.63 -55.83
N GLY D 49 -14.45 32.09 -57.00
CA GLY D 49 -15.86 32.08 -57.37
C GLY D 49 -16.80 33.04 -56.63
N VAL D 50 -16.30 34.18 -56.12
CA VAL D 50 -17.20 35.06 -55.37
C VAL D 50 -17.52 36.41 -56.00
N GLY D 51 -16.87 36.74 -57.10
CA GLY D 51 -17.04 38.03 -57.72
C GLY D 51 -15.80 38.29 -58.51
N LYS D 52 -14.76 38.79 -57.87
CA LYS D 52 -13.51 38.96 -58.59
C LYS D 52 -13.74 39.45 -60.03
N THR D 53 -13.53 38.55 -61.02
CA THR D 53 -13.64 38.87 -62.44
C THR D 53 -14.98 39.46 -62.78
N ALA D 54 -16.05 38.98 -62.19
CA ALA D 54 -17.34 39.50 -62.51
C ALA D 54 -17.38 41.00 -62.23
N ILE D 55 -16.66 41.47 -61.21
CA ILE D 55 -16.63 42.88 -60.88
C ILE D 55 -15.82 43.61 -61.92
N ALA D 56 -14.68 43.06 -62.27
CA ALA D 56 -13.85 43.71 -63.28
C ALA D 56 -14.60 43.85 -64.60
N GLU D 57 -15.38 42.85 -64.99
CA GLU D 57 -16.12 42.94 -66.22
C GLU D 57 -17.38 43.76 -66.01
N GLY D 58 -17.94 43.69 -64.82
CA GLY D 58 -19.14 44.42 -64.46
C GLY D 58 -18.92 45.91 -64.62
N LEU D 59 -17.71 46.39 -64.34
CA LEU D 59 -17.45 47.80 -64.52
C LEU D 59 -17.55 48.15 -65.99
N ALA D 60 -16.97 47.34 -66.88
CA ALA D 60 -17.06 47.65 -68.30
C ALA D 60 -18.51 47.63 -68.72
N TRP D 61 -19.26 46.71 -68.15
CA TRP D 61 -20.66 46.64 -68.46
C TRP D 61 -21.37 47.89 -68.03
N ARG D 62 -21.14 48.38 -66.81
CA ARG D 62 -21.83 49.60 -66.40
C ARG D 62 -21.39 50.78 -67.25
N ILE D 63 -20.14 50.84 -67.69
CA ILE D 63 -19.73 51.97 -68.50
C ILE D 63 -20.54 51.99 -69.78
N VAL D 64 -20.71 50.84 -70.41
CA VAL D 64 -21.51 50.71 -71.61
C VAL D 64 -22.99 50.98 -71.34
N GLN D 65 -23.49 50.45 -70.23
CA GLN D 65 -24.87 50.61 -69.82
C GLN D 65 -25.15 52.10 -69.56
N GLY D 66 -24.12 52.79 -69.06
CA GLY D 66 -24.11 54.22 -68.81
C GLY D 66 -24.25 54.66 -67.35
N ASP D 67 -24.57 53.76 -66.43
CA ASP D 67 -24.71 54.18 -65.05
C ASP D 67 -23.41 54.20 -64.26
N VAL D 68 -22.53 55.09 -64.65
CA VAL D 68 -21.25 55.27 -63.98
C VAL D 68 -21.09 56.74 -63.72
N PRO D 69 -20.26 57.18 -62.78
CA PRO D 69 -19.95 58.57 -62.58
C PRO D 69 -19.41 59.04 -63.90
N GLU D 70 -19.72 60.26 -64.30
CA GLU D 70 -19.29 60.81 -65.57
C GLU D 70 -17.79 60.83 -65.73
N VAL D 71 -17.11 60.80 -64.63
CA VAL D 71 -15.67 60.79 -64.60
C VAL D 71 -15.15 59.58 -65.37
N MET D 72 -15.85 58.45 -65.23
CA MET D 72 -15.51 57.19 -65.88
C MET D 72 -16.16 57.00 -67.23
N ALA D 73 -16.88 58.01 -67.69
CA ALA D 73 -17.57 57.86 -68.92
C ALA D 73 -16.58 57.63 -70.00
N ASP D 74 -16.99 56.78 -70.91
CA ASP D 74 -16.27 56.43 -72.09
C ASP D 74 -14.92 55.79 -71.83
N CYS D 75 -14.66 55.37 -70.61
CA CYS D 75 -13.44 54.62 -70.39
C CYS D 75 -13.63 53.28 -71.04
N THR D 76 -12.57 52.75 -71.60
CA THR D 76 -12.66 51.43 -72.18
C THR D 76 -11.74 50.51 -71.44
N ILE D 77 -12.27 49.36 -71.08
CA ILE D 77 -11.48 48.41 -70.36
C ILE D 77 -11.18 47.26 -71.30
N TYR D 78 -9.90 46.94 -71.39
CA TYR D 78 -9.47 45.88 -72.27
C TYR D 78 -9.03 44.69 -71.44
N SER D 79 -9.23 43.48 -71.93
CA SER D 79 -8.80 42.27 -71.21
C SER D 79 -7.63 41.60 -71.86
N LEU D 80 -6.52 41.50 -71.15
CA LEU D 80 -5.28 40.98 -71.73
C LEU D 80 -5.23 39.47 -71.86
N ASP D 81 -4.93 38.98 -73.05
CA ASP D 81 -4.82 37.55 -73.29
C ASP D 81 -3.37 37.08 -73.24
N ILE D 82 -2.96 36.55 -72.10
CA ILE D 82 -1.57 36.15 -71.91
C ILE D 82 -1.23 35.01 -72.85
N GLY D 83 -2.16 34.09 -73.01
CA GLY D 83 -1.94 32.94 -73.85
C GLY D 83 -1.59 33.40 -75.25
N SER D 84 -2.37 34.31 -75.80
CA SER D 84 -2.06 34.79 -77.14
C SER D 84 -0.79 35.63 -77.15
N LEU D 85 -0.56 36.43 -76.10
CA LEU D 85 0.59 37.30 -76.05
C LEU D 85 1.92 36.56 -76.05
N LEU D 86 1.98 35.46 -75.33
CA LEU D 86 3.18 34.66 -75.23
C LEU D 86 3.31 33.69 -76.37
N ALA D 87 2.34 33.64 -77.27
CA ALA D 87 2.39 32.71 -78.39
C ALA D 87 3.19 33.38 -79.47
N GLY D 88 4.45 33.59 -79.15
CA GLY D 88 5.40 34.31 -79.96
C GLY D 88 6.21 33.33 -80.72
N THR D 89 7.42 33.68 -80.98
CA THR D 89 8.23 32.78 -81.75
C THR D 89 9.53 32.59 -81.09
N LYS D 90 10.30 31.73 -81.69
CA LYS D 90 11.64 31.41 -81.31
C LYS D 90 12.62 32.58 -81.43
N TYR D 91 12.20 33.71 -82.01
CA TYR D 91 13.12 34.79 -82.29
C TYR D 91 13.19 35.82 -81.16
N ARG D 92 14.42 36.24 -80.89
CA ARG D 92 14.66 37.18 -79.83
C ARG D 92 13.99 38.50 -80.08
N GLY D 93 13.30 39.00 -79.07
CA GLY D 93 12.63 40.29 -79.10
C GLY D 93 11.16 40.22 -79.50
N ASP D 94 10.66 39.10 -80.02
CA ASP D 94 9.25 39.13 -80.41
C ASP D 94 8.30 39.41 -79.27
N PHE D 95 8.61 38.90 -78.09
CA PHE D 95 7.76 39.16 -76.95
C PHE D 95 7.76 40.62 -76.60
N GLU D 96 8.96 41.16 -76.43
CA GLU D 96 9.16 42.55 -76.04
C GLU D 96 8.53 43.53 -77.02
N LYS D 97 8.66 43.24 -78.31
CA LYS D 97 8.10 44.14 -79.30
C LYS D 97 6.59 44.16 -79.18
N ARG D 98 5.98 42.99 -79.01
CA ARG D 98 4.53 42.95 -78.89
C ARG D 98 4.08 43.60 -77.61
N PHE D 99 4.81 43.34 -76.54
CA PHE D 99 4.40 43.82 -75.24
C PHE D 99 4.43 45.34 -75.25
N LYS D 100 5.51 45.93 -75.77
CA LYS D 100 5.55 47.36 -75.74
C LYS D 100 4.56 47.95 -76.72
N ALA D 101 4.33 47.33 -77.88
CA ALA D 101 3.38 47.93 -78.79
C ALA D 101 2.02 48.06 -78.12
N LEU D 102 1.63 47.06 -77.34
CA LEU D 102 0.36 47.12 -76.67
C LEU D 102 0.34 48.22 -75.65
N LEU D 103 1.44 48.35 -74.91
CA LEU D 103 1.46 49.36 -73.89
C LEU D 103 1.43 50.75 -74.47
N LYS D 104 2.09 50.97 -75.59
CA LYS D 104 2.09 52.29 -76.18
C LYS D 104 0.71 52.69 -76.61
N GLN D 105 -0.04 51.75 -77.19
CA GLN D 105 -1.38 52.08 -77.65
C GLN D 105 -2.28 52.44 -76.46
N LEU D 106 -2.14 51.71 -75.35
CA LEU D 106 -2.94 51.97 -74.15
C LEU D 106 -2.56 53.28 -73.47
N GLU D 107 -1.25 53.55 -73.42
CA GLU D 107 -0.73 54.77 -72.83
C GLU D 107 -1.17 56.00 -73.61
N GLN D 108 -1.12 55.91 -74.94
CA GLN D 108 -1.53 57.05 -75.76
C GLN D 108 -2.99 57.39 -75.59
N ASP D 109 -3.85 56.38 -75.46
CA ASP D 109 -5.26 56.66 -75.26
C ASP D 109 -5.51 57.39 -73.96
N THR D 110 -5.06 56.81 -72.85
CA THR D 110 -5.22 57.31 -71.47
C THR D 110 -6.65 57.19 -70.90
N ASN D 111 -7.66 56.92 -71.74
CA ASN D 111 -9.01 56.71 -71.22
C ASN D 111 -9.29 55.22 -71.40
N SER D 112 -8.20 54.46 -71.37
CA SER D 112 -8.12 53.03 -71.54
C SER D 112 -7.37 52.37 -70.43
N ILE D 113 -8.02 51.41 -69.80
CA ILE D 113 -7.54 50.67 -68.66
C ILE D 113 -7.34 49.23 -69.04
N LEU D 114 -6.20 48.66 -68.67
CA LEU D 114 -5.99 47.27 -69.02
C LEU D 114 -6.27 46.35 -67.84
N PHE D 115 -7.14 45.40 -68.04
CA PHE D 115 -7.49 44.39 -67.05
C PHE D 115 -6.69 43.15 -67.28
N ILE D 116 -5.89 42.81 -66.30
CA ILE D 116 -5.05 41.66 -66.42
C ILE D 116 -5.56 40.66 -65.45
N ASP D 117 -6.18 39.63 -65.96
CA ASP D 117 -6.71 38.67 -65.04
C ASP D 117 -5.54 37.83 -64.60
N GLU D 118 -5.70 37.13 -63.49
CA GLU D 118 -4.63 36.26 -62.98
C GLU D 118 -3.31 36.99 -63.19
N ILE D 119 -3.15 38.09 -62.46
CA ILE D 119 -1.97 38.91 -62.56
C ILE D 119 -0.69 38.20 -62.10
N HIS D 120 -0.80 37.21 -61.25
CA HIS D 120 0.37 36.51 -60.80
C HIS D 120 0.97 35.67 -61.92
N THR D 121 0.30 35.60 -63.08
CA THR D 121 0.86 34.86 -64.19
C THR D 121 1.71 35.77 -65.07
N ILE D 122 1.71 37.09 -64.81
CA ILE D 122 2.61 37.93 -65.61
C ILE D 122 3.91 37.96 -64.83
N ILE D 123 3.77 37.88 -63.51
CA ILE D 123 4.92 37.90 -62.65
C ILE D 123 5.58 36.58 -62.83
N GLY D 124 6.80 36.60 -63.34
CA GLY D 124 7.41 35.34 -63.64
C GLY D 124 6.72 34.72 -64.84
N ALA D 125 6.26 35.54 -65.81
CA ALA D 125 5.54 35.01 -66.96
C ALA D 125 6.19 33.83 -67.71
N GLY D 126 7.52 33.75 -67.93
CA GLY D 126 8.58 34.74 -67.71
C GLY D 126 8.96 35.31 -69.05
N ALA D 127 8.23 34.91 -70.09
CA ALA D 127 8.46 35.30 -71.48
C ALA D 127 9.77 34.73 -72.03
N ALA D 128 10.88 35.15 -71.42
CA ALA D 128 12.22 34.69 -71.72
C ALA D 128 12.50 33.46 -70.87
N SER D 129 12.95 32.31 -71.40
CA SER D 129 13.49 32.00 -72.73
C SER D 129 14.66 32.92 -73.08
N GLY D 130 15.65 32.92 -72.18
CA GLY D 130 16.84 33.73 -72.34
C GLY D 130 17.86 33.56 -71.19
N GLY D 131 17.68 34.24 -70.05
CA GLY D 131 16.56 35.14 -69.79
C GLY D 131 16.77 36.50 -70.42
N GLN D 132 15.72 37.29 -70.45
CA GLN D 132 15.75 38.63 -70.98
C GLN D 132 14.96 39.46 -70.00
N VAL D 133 13.77 39.91 -70.40
CA VAL D 133 12.93 40.65 -69.48
C VAL D 133 11.50 40.10 -69.56
N ASP D 134 10.90 39.81 -68.43
CA ASP D 134 9.54 39.27 -68.45
C ASP D 134 8.46 40.34 -68.52
N ALA D 135 7.21 39.89 -68.57
CA ALA D 135 6.07 40.79 -68.69
C ALA D 135 5.97 41.71 -67.50
N ALA D 136 6.28 41.20 -66.33
CA ALA D 136 6.19 42.04 -65.16
C ALA D 136 7.21 43.16 -65.19
N ASN D 137 8.42 42.88 -65.60
CA ASN D 137 9.43 43.90 -65.60
C ASN D 137 9.19 44.99 -66.63
N LEU D 138 8.64 44.61 -67.77
CA LEU D 138 8.44 45.54 -68.85
C LEU D 138 7.36 46.56 -68.56
N ILE D 139 6.57 46.38 -67.49
CA ILE D 139 5.49 47.31 -67.22
C ILE D 139 5.83 48.14 -65.99
N LYS D 140 6.93 47.82 -65.30
CA LYS D 140 7.23 48.55 -64.09
C LYS D 140 7.26 50.05 -64.33
N PRO D 141 7.92 50.58 -65.38
CA PRO D 141 7.99 51.99 -65.68
C PRO D 141 6.67 52.67 -65.95
N LEU D 142 5.63 51.94 -66.36
CA LEU D 142 4.41 52.68 -66.64
C LEU D 142 3.54 52.72 -65.43
N LEU D 143 3.72 51.80 -64.51
CA LEU D 143 2.90 51.94 -63.33
C LEU D 143 3.63 52.91 -62.42
N SER D 144 4.95 52.87 -62.46
CA SER D 144 5.79 53.70 -61.62
C SER D 144 5.64 55.17 -61.97
N SER D 145 5.46 55.43 -63.26
CA SER D 145 5.34 56.79 -63.75
C SER D 145 3.91 57.35 -63.71
N GLY D 146 2.92 56.51 -63.40
CA GLY D 146 1.53 56.97 -63.41
C GLY D 146 0.91 57.01 -64.82
N LYS D 147 1.68 56.56 -65.81
CA LYS D 147 1.32 56.57 -67.21
C LYS D 147 0.22 55.61 -67.64
N ILE D 148 0.15 54.42 -67.07
CA ILE D 148 -0.89 53.49 -67.49
C ILE D 148 -1.66 53.02 -66.28
N ARG D 149 -2.91 52.67 -66.45
CA ARG D 149 -3.66 52.13 -65.33
C ARG D 149 -4.06 50.72 -65.67
N VAL D 150 -4.02 49.86 -64.67
CA VAL D 150 -4.42 48.48 -64.86
C VAL D 150 -5.33 48.01 -63.74
N ILE D 151 -6.06 46.96 -63.99
CA ILE D 151 -6.87 46.32 -62.96
C ILE D 151 -6.31 44.94 -62.72
N GLY D 152 -5.98 44.61 -61.47
CA GLY D 152 -5.44 43.28 -61.21
C GLY D 152 -6.51 42.31 -60.69
N SER D 153 -6.14 41.05 -60.61
CA SER D 153 -6.98 39.95 -60.13
C SER D 153 -6.17 38.79 -59.58
N THR D 154 -6.46 38.35 -58.35
CA THR D 154 -5.74 37.22 -57.76
C THR D 154 -6.47 36.59 -56.57
N THR D 155 -6.24 35.32 -56.28
CA THR D 155 -6.84 34.76 -55.07
C THR D 155 -5.94 35.04 -53.90
N TYR D 156 -6.43 34.83 -52.71
CA TYR D 156 -5.59 35.08 -51.55
C TYR D 156 -4.27 34.33 -51.57
N GLN D 157 -4.26 33.07 -52.00
CA GLN D 157 -3.02 32.32 -52.00
C GLN D 157 -2.14 32.69 -53.15
N GLU D 158 -2.73 32.95 -54.30
CA GLU D 158 -1.89 33.31 -55.43
C GLU D 158 -1.21 34.63 -55.09
N PHE D 159 -1.98 35.49 -54.43
CA PHE D 159 -1.52 36.80 -54.01
C PHE D 159 -0.41 36.77 -52.97
N SER D 160 -0.55 35.94 -51.93
CA SER D 160 0.49 35.91 -50.92
C SER D 160 1.69 35.06 -51.29
N ASN D 161 1.51 34.08 -52.19
CA ASN D 161 2.62 33.22 -52.56
C ASN D 161 3.41 33.70 -53.77
N ILE D 162 2.77 34.42 -54.69
CA ILE D 162 3.47 34.87 -55.88
C ILE D 162 3.47 36.39 -56.01
N PHE D 163 2.28 36.97 -56.02
CA PHE D 163 2.13 38.37 -56.39
C PHE D 163 2.95 39.25 -55.47
N GLU D 164 2.81 39.02 -54.18
CA GLU D 164 3.46 39.83 -53.18
C GLU D 164 4.92 39.54 -53.01
N LYS D 165 5.50 38.65 -53.81
CA LYS D 165 6.90 38.41 -53.64
C LYS D 165 7.69 39.44 -54.43
N ASP D 166 7.02 40.22 -55.27
CA ASP D 166 7.72 41.29 -55.97
C ASP D 166 7.03 42.59 -55.64
N ARG D 167 7.59 43.25 -54.63
CA ARG D 167 6.98 44.44 -54.08
C ARG D 167 7.00 45.58 -55.04
N ALA D 168 7.86 45.49 -56.05
CA ALA D 168 7.98 46.58 -56.98
C ALA D 168 6.66 46.84 -57.65
N LEU D 169 5.88 45.77 -57.89
CA LEU D 169 4.59 45.96 -58.48
C LEU D 169 3.53 45.97 -57.43
N ALA D 170 3.68 45.17 -56.38
CA ALA D 170 2.61 45.07 -55.40
C ALA D 170 2.31 46.43 -54.77
N ARG D 171 3.33 47.26 -54.62
CA ARG D 171 3.19 48.57 -54.02
C ARG D 171 2.42 49.55 -54.90
N ARG D 172 2.18 49.20 -56.16
CA ARG D 172 1.49 50.07 -57.08
C ARG D 172 0.00 49.78 -57.10
N PHE D 173 -0.44 48.80 -56.31
CA PHE D 173 -1.83 48.40 -56.30
C PHE D 173 -2.55 48.59 -54.98
N GLN D 174 -3.85 48.82 -55.08
CA GLN D 174 -4.66 48.89 -53.88
C GLN D 174 -5.39 47.61 -53.66
N LYS D 175 -5.23 47.05 -52.49
CA LYS D 175 -5.86 45.78 -52.23
C LYS D 175 -7.32 45.92 -51.87
N ILE D 176 -8.18 45.37 -52.70
CA ILE D 176 -9.60 45.34 -52.45
C ILE D 176 -10.06 43.94 -52.09
N ASP D 177 -10.61 43.81 -50.89
CA ASP D 177 -11.04 42.51 -50.41
C ASP D 177 -12.46 42.20 -50.80
N ILE D 178 -12.62 41.18 -51.62
CA ILE D 178 -13.93 40.84 -52.12
C ILE D 178 -14.40 39.59 -51.43
N THR D 179 -15.45 39.68 -50.64
CA THR D 179 -15.86 38.51 -49.88
C THR D 179 -17.06 37.87 -50.50
N GLU D 180 -17.34 36.69 -49.98
CA GLU D 180 -18.51 35.92 -50.29
C GLU D 180 -19.72 36.74 -49.83
N PRO D 181 -20.83 36.76 -50.58
CA PRO D 181 -22.09 37.40 -50.25
C PRO D 181 -22.82 36.60 -49.20
N SER D 182 -23.85 37.17 -48.61
CA SER D 182 -24.67 36.42 -47.67
C SER D 182 -25.86 35.79 -48.35
N ILE D 183 -26.81 35.31 -47.56
CA ILE D 183 -27.94 34.57 -48.11
C ILE D 183 -28.87 35.43 -48.93
N GLU D 184 -29.29 36.56 -48.36
CA GLU D 184 -30.20 37.47 -49.04
C GLU D 184 -29.57 38.05 -50.30
N GLU D 185 -28.26 38.28 -50.26
CA GLU D 185 -27.55 38.83 -51.38
C GLU D 185 -27.49 37.79 -52.48
N THR D 186 -27.28 36.53 -52.12
CA THR D 186 -27.23 35.47 -53.11
C THR D 186 -28.57 35.33 -53.78
N VAL D 187 -29.65 35.40 -53.00
CA VAL D 187 -30.97 35.27 -53.57
C VAL D 187 -31.22 36.40 -54.55
N GLN D 188 -30.84 37.62 -54.19
CA GLN D 188 -31.02 38.75 -55.08
C GLN D 188 -30.22 38.59 -56.35
N ILE D 189 -29.00 38.04 -56.22
CA ILE D 189 -28.15 37.81 -57.38
C ILE D 189 -28.82 36.81 -58.29
N ILE D 190 -29.35 35.75 -57.72
CA ILE D 190 -30.02 34.82 -58.56
C ILE D 190 -31.21 35.46 -59.20
N ASN D 191 -32.01 36.19 -58.45
CA ASN D 191 -33.19 36.74 -59.07
C ASN D 191 -32.87 37.58 -60.30
N GLY D 192 -31.80 38.36 -60.28
CA GLY D 192 -31.49 39.14 -61.46
C GLY D 192 -30.82 38.35 -62.59
N LEU D 193 -30.11 37.26 -62.28
CA LEU D 193 -29.45 36.49 -63.33
C LEU D 193 -30.40 35.49 -63.92
N LYS D 194 -31.33 35.06 -63.11
CA LYS D 194 -32.31 34.07 -63.41
C LYS D 194 -32.87 34.11 -64.80
N PRO D 195 -33.35 35.24 -65.36
CA PRO D 195 -33.94 35.27 -66.68
C PRO D 195 -33.04 34.67 -67.74
N LYS D 196 -31.72 34.69 -67.55
CA LYS D 196 -30.85 34.13 -68.55
C LYS D 196 -30.93 32.63 -68.56
N TYR D 197 -31.11 32.05 -67.39
CA TYR D 197 -31.16 30.61 -67.26
C TYR D 197 -32.55 30.22 -67.66
N GLU D 198 -33.53 31.05 -67.32
CA GLU D 198 -34.87 30.69 -67.67
C GLU D 198 -34.98 30.64 -69.16
N ALA D 199 -34.36 31.60 -69.84
CA ALA D 199 -34.39 31.58 -71.26
C ALA D 199 -33.60 30.42 -71.82
N HIS D 200 -32.41 30.20 -71.29
CA HIS D 200 -31.55 29.17 -71.83
C HIS D 200 -32.16 27.78 -71.77
N HIS D 201 -32.79 27.48 -70.65
CA HIS D 201 -33.36 26.16 -70.46
C HIS D 201 -34.85 26.08 -70.70
N ASP D 202 -35.48 27.15 -71.18
CA ASP D 202 -36.94 27.14 -71.34
C ASP D 202 -37.68 26.77 -70.05
N VAL D 203 -37.31 27.37 -68.94
CA VAL D 203 -37.95 27.07 -67.64
C VAL D 203 -38.36 28.31 -66.92
N ARG D 204 -39.12 28.14 -65.87
CA ARG D 204 -39.46 29.24 -64.98
C ARG D 204 -39.21 28.75 -63.58
N TYR D 205 -38.48 29.50 -62.79
CA TYR D 205 -38.21 29.06 -61.42
C TYR D 205 -39.13 29.80 -60.48
N THR D 206 -39.66 29.11 -59.49
CA THR D 206 -40.48 29.81 -58.53
C THR D 206 -39.61 30.54 -57.54
N ALA D 207 -40.20 31.47 -56.79
CA ALA D 207 -39.43 32.19 -55.78
C ALA D 207 -38.93 31.26 -54.71
N LYS D 208 -39.74 30.27 -54.38
CA LYS D 208 -39.36 29.33 -53.36
C LYS D 208 -38.19 28.50 -53.83
N ALA D 209 -38.17 28.12 -55.11
CA ALA D 209 -37.08 27.34 -55.63
C ALA D 209 -35.78 28.09 -55.50
N VAL D 210 -35.81 29.40 -55.72
CA VAL D 210 -34.59 30.15 -55.59
C VAL D 210 -34.15 30.18 -54.15
N ARG D 211 -35.06 30.40 -53.23
CA ARG D 211 -34.59 30.43 -51.88
C ARG D 211 -34.04 29.09 -51.46
N ALA D 212 -34.70 28.00 -51.85
CA ALA D 212 -34.23 26.71 -51.45
C ALA D 212 -32.85 26.44 -51.99
N ALA D 213 -32.58 26.84 -53.22
CA ALA D 213 -31.26 26.58 -53.76
C ALA D 213 -30.18 27.22 -52.93
N VAL D 214 -30.44 28.40 -52.41
CA VAL D 214 -29.41 29.04 -51.63
C VAL D 214 -29.27 28.39 -50.26
N GLU D 215 -30.37 28.17 -49.58
CA GLU D 215 -30.25 27.63 -48.24
C GLU D 215 -29.74 26.20 -48.22
N LEU D 216 -30.18 25.38 -49.15
CA LEU D 216 -29.73 24.02 -49.19
C LEU D 216 -28.28 23.96 -49.55
N ALA D 217 -27.83 24.76 -50.52
CA ALA D 217 -26.44 24.68 -50.87
C ALA D 217 -25.59 25.03 -49.69
N VAL D 218 -26.00 25.98 -48.88
CA VAL D 218 -25.17 26.26 -47.73
C VAL D 218 -25.14 25.09 -46.76
N LYS D 219 -26.31 24.50 -46.52
CA LYS D 219 -26.39 23.36 -45.61
C LYS D 219 -26.37 22.04 -46.39
N TYR D 220 -25.37 21.88 -47.25
CA TYR D 220 -25.26 20.65 -48.04
C TYR D 220 -24.03 20.58 -48.94
N ILE D 221 -23.43 21.73 -49.27
CA ILE D 221 -22.28 21.74 -50.12
C ILE D 221 -21.20 22.58 -49.47
N ASN D 222 -20.14 21.96 -48.96
CA ASN D 222 -19.13 22.70 -48.20
C ASN D 222 -17.81 22.88 -48.89
N ASP D 223 -17.80 22.65 -50.18
CA ASP D 223 -16.62 22.75 -50.99
C ASP D 223 -16.41 24.12 -51.62
N ARG D 224 -17.51 24.82 -51.85
CA ARG D 224 -17.52 26.05 -52.61
C ARG D 224 -18.23 27.22 -51.92
N HIS D 225 -18.02 28.41 -52.46
CA HIS D 225 -18.59 29.65 -51.95
C HIS D 225 -19.84 30.14 -52.68
N LEU D 226 -20.64 30.95 -52.02
CA LEU D 226 -21.76 31.61 -52.64
C LEU D 226 -21.20 32.74 -53.49
N PRO D 227 -21.91 33.19 -54.51
CA PRO D 227 -23.20 32.76 -55.00
C PRO D 227 -23.10 31.54 -55.87
N ASP D 228 -21.88 31.18 -56.22
CA ASP D 228 -21.61 30.15 -57.21
C ASP D 228 -22.22 28.82 -56.85
N LYS D 229 -22.21 28.48 -55.57
CA LYS D 229 -22.81 27.23 -55.11
C LYS D 229 -24.33 27.15 -55.38
N ALA D 230 -25.01 28.29 -55.45
CA ALA D 230 -26.42 28.30 -55.68
C ALA D 230 -26.67 28.40 -57.16
N ILE D 231 -25.75 29.03 -57.87
CA ILE D 231 -25.93 29.16 -59.28
C ILE D 231 -25.87 27.78 -59.88
N ASP D 232 -24.94 26.92 -59.43
CA ASP D 232 -24.91 25.59 -60.00
C ASP D 232 -26.17 24.82 -59.71
N VAL D 233 -26.75 25.01 -58.54
CA VAL D 233 -27.98 24.26 -58.29
C VAL D 233 -29.06 24.70 -59.27
N ILE D 234 -29.18 26.01 -59.48
CA ILE D 234 -30.17 26.54 -60.40
C ILE D 234 -29.92 26.10 -61.83
N ASP D 235 -28.68 26.14 -62.29
CA ASP D 235 -28.34 25.77 -63.64
C ASP D 235 -28.58 24.30 -63.85
N GLU D 236 -28.22 23.45 -62.88
CA GLU D 236 -28.47 22.04 -63.07
C GLU D 236 -29.95 21.75 -63.03
N ALA D 237 -30.70 22.37 -62.12
CA ALA D 237 -32.13 22.10 -62.09
C ALA D 237 -32.72 22.46 -63.42
N GLY D 238 -32.20 23.54 -64.01
CA GLY D 238 -32.62 23.99 -65.31
C GLY D 238 -32.33 22.92 -66.35
N ALA D 239 -31.09 22.43 -66.40
CA ALA D 239 -30.74 21.42 -67.40
C ALA D 239 -31.57 20.18 -67.23
N ARG D 240 -31.84 19.82 -66.00
CA ARG D 240 -32.62 18.65 -65.75
C ARG D 240 -34.00 18.87 -66.27
N ALA D 241 -34.58 20.04 -66.00
CA ALA D 241 -35.90 20.35 -66.50
C ALA D 241 -35.94 20.40 -68.01
N ARG D 242 -34.94 20.95 -68.67
CA ARG D 242 -34.95 20.96 -70.13
C ARG D 242 -34.99 19.57 -70.70
N LEU D 243 -34.40 18.60 -70.02
CA LEU D 243 -34.41 17.25 -70.50
C LEU D 243 -35.69 16.50 -70.10
N MET D 244 -36.60 17.16 -69.38
CA MET D 244 -37.86 16.53 -69.02
C MET D 244 -38.81 16.38 -70.20
N PRO D 245 -39.17 17.44 -70.97
CA PRO D 245 -40.10 17.36 -72.08
C PRO D 245 -39.48 16.78 -73.33
N VAL D 246 -38.89 15.60 -73.16
CA VAL D 246 -38.40 14.73 -74.20
C VAL D 246 -39.39 13.59 -74.09
N SER D 247 -40.07 13.62 -72.92
CA SER D 247 -41.14 12.75 -72.50
C SER D 247 -42.44 13.50 -72.72
N LYS D 248 -42.25 14.71 -73.25
CA LYS D 248 -43.22 15.74 -73.55
C LYS D 248 -43.90 16.31 -72.31
N ARG D 249 -43.31 16.07 -71.16
CA ARG D 249 -43.80 16.66 -69.93
C ARG D 249 -43.12 17.99 -69.67
N LYS D 250 -43.89 19.07 -69.78
CA LYS D 250 -43.38 20.42 -69.60
C LYS D 250 -43.01 20.58 -68.16
N LYS D 251 -41.91 21.26 -67.92
CA LYS D 251 -41.46 21.43 -66.59
C LYS D 251 -41.12 22.88 -66.26
N THR D 252 -41.45 23.26 -65.04
CA THR D 252 -41.07 24.52 -64.42
C THR D 252 -40.34 24.04 -63.18
N VAL D 253 -39.66 24.91 -62.44
CA VAL D 253 -38.89 24.40 -61.33
C VAL D 253 -39.39 24.85 -59.98
N ASN D 254 -39.69 23.88 -59.12
CA ASN D 254 -40.15 24.17 -57.78
C ASN D 254 -39.14 23.72 -56.73
N VAL D 255 -39.48 23.89 -55.47
CA VAL D 255 -38.56 23.48 -54.42
C VAL D 255 -38.25 22.01 -54.46
N ALA D 256 -39.25 21.19 -54.69
CA ALA D 256 -39.00 19.76 -54.70
C ALA D 256 -37.94 19.38 -55.72
N ASP D 257 -37.89 20.07 -56.84
CA ASP D 257 -36.91 19.74 -57.84
C ASP D 257 -35.55 20.23 -57.39
N ILE D 258 -35.51 21.39 -56.75
CA ILE D 258 -34.24 21.84 -56.21
C ILE D 258 -33.72 20.89 -55.15
N GLU D 259 -34.58 20.38 -54.29
CA GLU D 259 -34.11 19.47 -53.27
C GLU D 259 -33.54 18.22 -53.87
N SER D 260 -34.15 17.69 -54.93
CA SER D 260 -33.59 16.51 -55.54
C SER D 260 -32.20 16.79 -56.07
N VAL D 261 -32.03 17.93 -56.73
CA VAL D 261 -30.73 18.26 -57.28
C VAL D 261 -29.67 18.44 -56.21
N VAL D 262 -29.98 19.12 -55.13
CA VAL D 262 -28.96 19.28 -54.12
C VAL D 262 -28.62 17.95 -53.51
N ALA D 263 -29.62 17.14 -53.20
CA ALA D 263 -29.32 15.87 -52.58
C ALA D 263 -28.41 15.06 -53.49
N ARG D 264 -28.63 15.13 -54.80
CA ARG D 264 -27.74 14.39 -55.65
C ARG D 264 -26.33 14.95 -55.62
N ILE D 265 -26.20 16.27 -55.63
CA ILE D 265 -24.88 16.89 -55.61
C ILE D 265 -24.11 16.54 -54.36
N ALA D 266 -24.79 16.57 -53.23
CA ALA D 266 -24.20 16.31 -51.94
C ALA D 266 -24.08 14.83 -51.60
N ARG D 267 -24.53 13.94 -52.50
CA ARG D 267 -24.53 12.51 -52.28
C ARG D 267 -25.30 12.05 -51.04
N ILE D 268 -26.49 12.56 -50.83
CA ILE D 268 -27.30 12.14 -49.70
C ILE D 268 -28.68 11.70 -50.20
N PRO D 269 -29.42 10.85 -49.49
CA PRO D 269 -30.80 10.46 -49.80
C PRO D 269 -31.73 11.60 -49.44
N GLU D 270 -32.90 11.69 -50.09
CA GLU D 270 -33.87 12.74 -49.82
C GLU D 270 -35.26 12.31 -49.29
N LYS D 271 -36.09 11.74 -50.16
CA LYS D 271 -37.47 11.35 -49.79
C LYS D 271 -37.66 9.86 -49.84
N SER D 272 -37.94 9.26 -48.70
CA SER D 272 -38.09 7.81 -48.59
C SER D 272 -39.50 7.26 -48.66
N VAL D 273 -40.51 8.08 -48.46
CA VAL D 273 -41.87 7.56 -48.29
C VAL D 273 -42.44 6.77 -49.43
N SER D 274 -42.20 7.19 -50.67
CA SER D 274 -42.76 6.51 -51.83
C SER D 274 -41.74 5.62 -52.49
N GLN D 275 -40.61 5.44 -51.84
CA GLN D 275 -39.51 4.69 -52.35
C GLN D 275 -39.64 3.29 -51.87
N SER D 276 -38.91 2.36 -52.47
CA SER D 276 -38.91 0.99 -51.96
C SER D 276 -38.29 0.96 -50.56
N ASP D 277 -37.58 2.03 -50.22
CA ASP D 277 -36.94 2.23 -48.94
C ASP D 277 -37.99 2.23 -47.87
N ARG D 278 -39.22 2.61 -48.20
CA ARG D 278 -40.24 2.66 -47.19
C ARG D 278 -40.51 1.25 -46.67
N ASP D 279 -40.33 0.24 -47.51
CA ASP D 279 -40.65 -1.09 -47.06
C ASP D 279 -39.43 -1.65 -46.39
N THR D 280 -38.26 -1.27 -46.89
CA THR D 280 -37.03 -1.76 -46.32
C THR D 280 -36.93 -1.28 -44.90
N LEU D 281 -37.24 -0.01 -44.65
CA LEU D 281 -37.20 0.47 -43.28
C LEU D 281 -38.32 -0.11 -42.46
N LYS D 282 -39.51 -0.26 -43.02
CA LYS D 282 -40.62 -0.70 -42.20
C LYS D 282 -40.34 -2.01 -41.52
N ASN D 283 -39.72 -2.94 -42.22
CA ASN D 283 -39.46 -4.23 -41.62
C ASN D 283 -37.97 -4.51 -41.43
N LEU D 284 -37.17 -3.48 -41.19
CA LEU D 284 -35.75 -3.72 -40.99
C LEU D 284 -35.51 -4.54 -39.74
N GLY D 285 -36.19 -4.19 -38.66
CA GLY D 285 -36.00 -4.89 -37.40
C GLY D 285 -36.34 -6.35 -37.53
N ASP D 286 -37.29 -6.67 -38.37
CA ASP D 286 -37.72 -8.04 -38.52
C ASP D 286 -36.71 -8.90 -39.22
N ARG D 287 -35.85 -8.32 -40.05
CA ARG D 287 -34.88 -9.16 -40.71
C ARG D 287 -33.72 -9.37 -39.78
N LEU D 288 -33.37 -8.35 -39.04
CA LEU D 288 -32.22 -8.49 -38.17
C LEU D 288 -32.52 -9.51 -37.08
N LYS D 289 -33.76 -9.56 -36.65
CA LYS D 289 -34.14 -10.51 -35.63
C LYS D 289 -34.08 -11.94 -36.07
N MET D 290 -33.88 -12.21 -37.35
CA MET D 290 -33.77 -13.58 -37.76
C MET D 290 -32.31 -14.04 -37.79
N LEU D 291 -31.38 -13.11 -37.60
CA LEU D 291 -29.96 -13.45 -37.64
C LEU D 291 -29.35 -13.36 -36.27
N VAL D 292 -29.83 -12.42 -35.48
CA VAL D 292 -29.33 -12.28 -34.13
C VAL D 292 -30.48 -12.56 -33.23
N PHE D 293 -30.36 -13.56 -32.39
CA PHE D 293 -31.47 -13.92 -31.58
C PHE D 293 -31.31 -13.32 -30.22
N GLY D 294 -32.36 -12.78 -29.68
CA GLY D 294 -32.27 -12.19 -28.37
C GLY D 294 -31.64 -10.83 -28.59
N GLN D 295 -31.30 -10.14 -27.53
CA GLN D 295 -30.70 -8.82 -27.66
C GLN D 295 -31.60 -7.90 -28.50
N ASP D 296 -32.91 -8.00 -28.33
CA ASP D 296 -33.83 -7.20 -29.13
C ASP D 296 -33.66 -5.74 -28.91
N LYS D 297 -33.30 -5.36 -27.71
CA LYS D 297 -33.12 -3.97 -27.42
C LYS D 297 -32.02 -3.34 -28.24
N ALA D 298 -31.01 -4.11 -28.67
CA ALA D 298 -29.97 -3.49 -29.45
C ALA D 298 -30.48 -3.27 -30.83
N ILE D 299 -31.27 -4.21 -31.31
CA ILE D 299 -31.76 -4.06 -32.66
C ILE D 299 -32.63 -2.86 -32.73
N GLU D 300 -33.50 -2.68 -31.75
CA GLU D 300 -34.36 -1.54 -31.79
C GLU D 300 -33.59 -0.25 -31.71
N ALA D 301 -32.56 -0.16 -30.88
CA ALA D 301 -31.89 1.12 -30.84
C ALA D 301 -31.34 1.49 -32.20
N LEU D 302 -30.83 0.52 -32.92
CA LEU D 302 -30.28 0.83 -34.22
C LEU D 302 -31.35 1.19 -35.22
N THR D 303 -32.47 0.47 -35.24
CA THR D 303 -33.41 0.80 -36.28
C THR D 303 -34.10 2.09 -36.03
N GLU D 304 -34.25 2.45 -34.76
CA GLU D 304 -34.88 3.71 -34.38
C GLU D 304 -34.07 4.92 -34.84
N ALA D 305 -32.74 4.84 -34.75
CA ALA D 305 -31.90 5.95 -35.17
C ALA D 305 -31.96 6.13 -36.66
N ILE D 306 -32.03 5.04 -37.38
CA ILE D 306 -32.07 5.11 -38.83
C ILE D 306 -33.35 5.70 -39.31
N LYS D 307 -34.48 5.24 -38.78
CA LYS D 307 -35.72 5.80 -39.25
C LYS D 307 -35.80 7.26 -38.97
N MET D 308 -35.40 7.72 -37.79
CA MET D 308 -35.50 9.14 -37.55
C MET D 308 -34.70 9.92 -38.57
N ALA D 309 -33.50 9.48 -38.87
CA ALA D 309 -32.71 10.19 -39.83
C ALA D 309 -33.39 10.28 -41.18
N ARG D 310 -34.13 9.26 -41.57
CA ARG D 310 -34.76 9.34 -42.87
C ARG D 310 -36.11 10.04 -42.79
N ALA D 311 -36.75 10.01 -41.63
CA ALA D 311 -38.01 10.69 -41.44
C ALA D 311 -37.77 12.17 -41.59
N GLY D 312 -36.60 12.61 -41.14
CA GLY D 312 -36.20 13.99 -41.22
C GLY D 312 -35.96 14.60 -39.87
N LEU D 313 -36.39 13.93 -38.84
CA LEU D 313 -36.19 14.43 -37.49
C LEU D 313 -34.83 13.97 -36.99
N GLY D 314 -33.80 14.51 -37.61
CA GLY D 314 -32.43 14.15 -37.34
C GLY D 314 -31.73 15.19 -36.49
N HIS D 315 -30.44 15.37 -36.74
CA HIS D 315 -29.57 16.27 -35.99
C HIS D 315 -28.94 17.20 -36.97
N GLU D 316 -28.59 18.39 -36.54
CA GLU D 316 -27.95 19.35 -37.42
C GLU D 316 -26.54 18.99 -37.85
N HIS D 317 -25.76 18.46 -36.94
CA HIS D 317 -24.38 18.14 -37.25
C HIS D 317 -23.79 17.04 -36.39
N LYS D 318 -24.37 15.87 -36.46
CA LYS D 318 -23.93 14.75 -35.68
C LYS D 318 -24.04 13.54 -36.57
N PRO D 319 -23.39 12.44 -36.26
CA PRO D 319 -23.54 11.18 -36.94
C PRO D 319 -24.97 10.76 -36.74
N VAL D 320 -25.42 9.76 -37.51
CA VAL D 320 -26.80 9.29 -37.47
C VAL D 320 -27.14 8.88 -36.07
N GLY D 321 -26.19 8.26 -35.41
CA GLY D 321 -26.31 7.86 -34.04
C GLY D 321 -24.95 7.38 -33.63
N SER D 322 -24.73 7.32 -32.34
CA SER D 322 -23.46 6.89 -31.77
C SER D 322 -23.67 5.93 -30.63
N PHE D 323 -23.32 4.69 -30.85
CA PHE D 323 -23.68 3.70 -29.86
C PHE D 323 -22.50 3.00 -29.30
N LEU D 324 -22.56 2.67 -28.02
CA LEU D 324 -21.51 1.83 -27.46
C LEU D 324 -22.12 0.52 -27.06
N PHE D 325 -21.61 -0.57 -27.57
CA PHE D 325 -22.17 -1.87 -27.21
C PHE D 325 -21.24 -2.53 -26.24
N ALA D 326 -21.77 -3.07 -25.18
CA ALA D 326 -20.95 -3.68 -24.15
C ALA D 326 -21.67 -4.86 -23.60
N GLY D 327 -21.00 -5.74 -22.91
CA GLY D 327 -21.71 -6.88 -22.37
C GLY D 327 -20.74 -8.00 -22.15
N PRO D 328 -21.22 -9.21 -21.89
CA PRO D 328 -20.51 -10.41 -21.66
C PRO D 328 -19.76 -10.74 -22.89
N THR D 329 -18.78 -11.58 -22.78
CA THR D 329 -18.06 -11.98 -23.95
C THR D 329 -18.81 -12.95 -24.73
N GLY D 330 -18.27 -13.24 -25.87
CA GLY D 330 -18.83 -14.24 -26.71
C GLY D 330 -19.93 -13.73 -27.57
N VAL D 331 -21.02 -13.27 -26.97
CA VAL D 331 -22.11 -12.80 -27.79
C VAL D 331 -22.77 -11.52 -27.36
N GLY D 332 -23.41 -10.77 -28.27
CA GLY D 332 -23.53 -10.96 -29.73
C GLY D 332 -23.49 -9.58 -30.33
N LYS D 333 -22.33 -8.94 -30.32
CA LYS D 333 -22.27 -7.53 -30.62
C LYS D 333 -21.73 -7.23 -32.00
N THR D 334 -20.61 -7.83 -32.34
CA THR D 334 -19.99 -7.53 -33.63
C THR D 334 -20.95 -7.99 -34.69
N GLU D 335 -21.53 -9.16 -34.45
CA GLU D 335 -22.51 -9.73 -35.34
C GLU D 335 -23.70 -8.83 -35.67
N VAL D 336 -24.10 -7.92 -34.78
CA VAL D 336 -25.24 -7.08 -35.11
C VAL D 336 -24.83 -6.04 -36.08
N THR D 337 -23.70 -5.40 -35.84
CA THR D 337 -23.27 -4.35 -36.73
C THR D 337 -23.01 -4.88 -38.11
N VAL D 338 -22.40 -6.04 -38.20
CA VAL D 338 -22.14 -6.54 -39.51
C VAL D 338 -23.43 -6.81 -40.24
N GLN D 339 -24.41 -7.40 -39.58
CA GLN D 339 -25.64 -7.65 -40.28
C GLN D 339 -26.40 -6.39 -40.62
N LEU D 340 -26.27 -5.34 -39.82
CA LEU D 340 -26.95 -4.12 -40.16
C LEU D 340 -26.50 -3.58 -41.48
N SER D 341 -25.21 -3.52 -41.72
CA SER D 341 -24.81 -2.93 -42.97
C SER D 341 -25.27 -3.78 -44.10
N LYS D 342 -25.34 -5.09 -43.91
CA LYS D 342 -25.82 -5.89 -45.01
C LYS D 342 -27.29 -5.67 -45.26
N ALA D 343 -28.06 -5.60 -44.18
CA ALA D 343 -29.50 -5.45 -44.29
C ALA D 343 -29.87 -4.17 -45.01
N LEU D 344 -29.11 -3.12 -44.79
CA LEU D 344 -29.38 -1.84 -45.42
C LEU D 344 -28.78 -1.69 -46.79
N GLY D 345 -27.96 -2.63 -47.23
CA GLY D 345 -27.30 -2.46 -48.51
C GLY D 345 -26.20 -1.39 -48.54
N ILE D 346 -25.51 -1.13 -47.43
CA ILE D 346 -24.49 -0.07 -47.43
C ILE D 346 -23.14 -0.57 -46.97
N GLU D 347 -22.10 0.22 -47.18
CA GLU D 347 -20.75 -0.20 -46.82
C GLU D 347 -20.46 -0.25 -45.37
N LEU D 348 -19.66 -1.23 -44.97
CA LEU D 348 -19.15 -1.32 -43.62
C LEU D 348 -17.71 -0.91 -43.57
N LEU D 349 -17.39 0.10 -42.80
CA LEU D 349 -16.03 0.53 -42.67
C LEU D 349 -15.59 -0.05 -41.37
N ARG D 350 -14.60 -0.91 -41.37
CA ARG D 350 -14.27 -1.56 -40.13
C ARG D 350 -12.85 -1.37 -39.72
N PHE D 351 -12.67 -0.93 -38.50
CA PHE D 351 -11.36 -0.70 -37.94
C PHE D 351 -11.19 -1.53 -36.71
N ASP D 352 -9.99 -2.01 -36.49
CA ASP D 352 -9.68 -2.78 -35.31
C ASP D 352 -8.88 -1.91 -34.39
N MET D 353 -9.41 -1.51 -33.26
CA MET D 353 -8.69 -0.53 -32.54
C MET D 353 -7.54 -1.06 -31.73
N SER D 354 -7.35 -2.35 -31.79
CA SER D 354 -6.29 -3.02 -31.09
C SER D 354 -4.96 -2.63 -31.69
N GLU D 355 -5.01 -2.08 -32.90
CA GLU D 355 -3.79 -1.68 -33.60
C GLU D 355 -3.42 -0.20 -33.38
N TYR D 356 -4.15 0.47 -32.51
CA TYR D 356 -3.87 1.88 -32.23
C TYR D 356 -3.62 2.08 -30.74
N MET D 357 -2.83 1.18 -30.17
CA MET D 357 -2.49 1.24 -28.76
C MET D 357 -1.42 2.25 -28.38
N GLU D 358 -0.62 2.73 -29.33
CA GLU D 358 0.46 3.68 -29.06
C GLU D 358 0.04 5.10 -29.39
N ARG D 359 0.60 6.10 -28.73
CA ARG D 359 0.14 7.46 -28.99
C ARG D 359 0.29 7.99 -30.39
N HIS D 360 1.46 7.76 -30.98
CA HIS D 360 1.79 8.25 -32.32
C HIS D 360 1.10 7.58 -33.50
N THR D 361 0.18 6.65 -33.23
CA THR D 361 -0.51 5.98 -34.29
C THR D 361 -1.63 6.81 -34.78
N VAL D 362 -1.93 7.90 -34.12
CA VAL D 362 -2.95 8.77 -34.61
C VAL D 362 -2.65 9.22 -36.03
N SER D 363 -1.39 9.42 -36.41
CA SER D 363 -1.18 9.89 -37.77
C SER D 363 -1.66 8.85 -38.77
N ARG D 364 -1.84 7.62 -38.35
CA ARG D 364 -2.31 6.60 -39.20
C ARG D 364 -3.75 6.86 -39.59
N LEU D 365 -4.51 7.52 -38.72
CA LEU D 365 -5.90 7.78 -38.98
C LEU D 365 -6.13 9.04 -39.76
N ILE D 366 -5.32 10.08 -39.49
CA ILE D 366 -5.54 11.37 -40.15
C ILE D 366 -4.47 11.86 -41.15
N GLY D 367 -3.31 11.23 -41.20
CA GLY D 367 -2.26 11.58 -42.12
C GLY D 367 -1.14 12.35 -41.47
N ALA D 368 0.07 12.17 -41.98
CA ALA D 368 1.28 12.86 -41.52
C ALA D 368 1.28 14.31 -41.97
N PRO D 369 1.97 15.24 -41.31
CA PRO D 369 2.09 16.61 -41.75
C PRO D 369 2.86 16.66 -43.07
N PRO D 370 2.71 17.70 -43.88
CA PRO D 370 3.44 17.93 -45.10
C PRO D 370 4.91 17.98 -44.84
N GLY D 371 5.69 17.40 -45.73
CA GLY D 371 7.13 17.46 -45.61
C GLY D 371 7.73 16.23 -44.95
N TYR D 372 6.90 15.37 -44.38
CA TYR D 372 7.34 14.16 -43.73
C TYR D 372 7.30 12.97 -44.64
N VAL D 373 8.00 11.91 -44.28
CA VAL D 373 8.12 10.72 -45.12
C VAL D 373 6.82 10.04 -45.51
N GLY D 374 5.83 10.04 -44.67
CA GLY D 374 4.58 9.46 -45.14
C GLY D 374 3.82 10.70 -45.46
N PHE D 375 2.97 10.72 -46.47
CA PHE D 375 2.23 11.96 -46.64
C PHE D 375 1.06 11.84 -47.56
N ASP D 376 1.33 11.40 -48.75
CA ASP D 376 0.38 11.29 -49.81
C ASP D 376 -0.53 10.09 -49.65
N GLN D 377 -0.29 9.36 -48.58
CA GLN D 377 -1.08 8.24 -48.19
C GLN D 377 -2.40 8.75 -47.65
N GLY D 378 -2.38 9.91 -47.00
CA GLY D 378 -3.60 10.44 -46.41
C GLY D 378 -3.84 9.68 -45.13
N GLY D 379 -4.92 9.98 -44.43
CA GLY D 379 -5.23 9.25 -43.21
C GLY D 379 -6.16 8.12 -43.57
N LEU D 380 -6.15 7.02 -42.85
CA LEU D 380 -7.05 5.98 -43.26
C LEU D 380 -8.49 6.22 -42.86
N LEU D 381 -8.74 6.99 -41.82
CA LEU D 381 -10.11 7.16 -41.40
C LEU D 381 -10.81 8.17 -42.22
N THR D 382 -10.14 9.29 -42.49
CA THR D 382 -10.80 10.32 -43.21
C THR D 382 -10.88 9.97 -44.66
N ASP D 383 -9.94 9.20 -45.15
CA ASP D 383 -10.05 8.85 -46.53
C ASP D 383 -11.21 7.91 -46.75
N ALA D 384 -11.39 6.94 -45.85
CA ALA D 384 -12.48 6.02 -46.05
C ALA D 384 -13.84 6.68 -45.98
N VAL D 385 -14.03 7.62 -45.07
CA VAL D 385 -15.35 8.21 -45.00
C VAL D 385 -15.62 9.11 -46.17
N ILE D 386 -14.61 9.77 -46.70
CA ILE D 386 -14.83 10.59 -47.87
C ILE D 386 -15.26 9.77 -49.06
N LYS D 387 -14.67 8.62 -49.28
CA LYS D 387 -15.16 7.79 -50.37
C LYS D 387 -16.57 7.27 -50.17
N HIS D 388 -16.92 6.96 -48.93
CA HIS D 388 -18.23 6.45 -48.58
C HIS D 388 -18.84 7.29 -47.47
N PRO D 389 -19.54 8.35 -47.85
CA PRO D 389 -20.16 9.24 -46.88
C PRO D 389 -21.38 8.65 -46.19
N HIS D 390 -21.95 7.62 -46.77
CA HIS D 390 -23.10 6.97 -46.17
C HIS D 390 -22.71 5.54 -46.01
N ALA D 391 -22.43 5.17 -44.77
CA ALA D 391 -21.85 3.89 -44.38
C ALA D 391 -22.04 3.64 -42.91
N VAL D 392 -21.80 2.40 -42.49
CA VAL D 392 -21.78 2.05 -41.08
C VAL D 392 -20.33 1.97 -40.66
N LEU D 393 -19.95 2.71 -39.65
CA LEU D 393 -18.57 2.70 -39.19
C LEU D 393 -18.44 1.94 -37.90
N LEU D 394 -17.65 0.89 -37.92
CA LEU D 394 -17.46 0.03 -36.77
C LEU D 394 -16.08 0.08 -36.18
N LEU D 395 -15.98 0.42 -34.92
CA LEU D 395 -14.68 0.44 -34.30
C LEU D 395 -14.61 -0.66 -33.26
N ASP D 396 -13.89 -1.72 -33.54
CA ASP D 396 -13.84 -2.84 -32.62
C ASP D 396 -12.91 -2.63 -31.47
N GLU D 397 -13.26 -3.22 -30.33
CA GLU D 397 -12.44 -3.19 -29.14
C GLU D 397 -11.84 -1.82 -28.93
N ILE D 398 -12.72 -0.84 -28.81
CA ILE D 398 -12.33 0.52 -28.62
C ILE D 398 -11.52 0.81 -27.37
N GLU D 399 -11.74 0.02 -26.32
CA GLU D 399 -11.02 0.20 -25.05
C GLU D 399 -9.52 -0.10 -25.13
N LYS D 400 -9.04 -0.59 -26.27
CA LYS D 400 -7.65 -0.91 -26.42
C LYS D 400 -6.88 0.18 -27.11
N ALA D 401 -7.56 1.18 -27.62
CA ALA D 401 -6.89 2.26 -28.29
C ALA D 401 -6.18 3.12 -27.28
N HIS D 402 -5.09 3.73 -27.66
CA HIS D 402 -4.46 4.63 -26.74
C HIS D 402 -5.47 5.69 -26.40
N PRO D 403 -5.62 6.16 -25.17
CA PRO D 403 -6.52 7.20 -24.79
C PRO D 403 -6.51 8.46 -25.65
N ASP D 404 -5.40 8.84 -26.28
CA ASP D 404 -5.46 10.06 -27.10
C ASP D 404 -6.39 9.89 -28.31
N VAL D 405 -6.66 8.67 -28.71
CA VAL D 405 -7.51 8.42 -29.85
C VAL D 405 -8.90 8.91 -29.58
N PHE D 406 -9.31 8.80 -28.32
CA PHE D 406 -10.64 9.22 -27.88
C PHE D 406 -10.87 10.72 -28.05
N ASN D 407 -9.81 11.49 -28.28
CA ASN D 407 -10.00 12.89 -28.44
C ASN D 407 -10.52 13.18 -29.83
N ILE D 408 -10.20 12.32 -30.78
CA ILE D 408 -10.71 12.51 -32.10
C ILE D 408 -12.16 12.17 -32.07
N LEU D 409 -12.50 11.09 -31.40
CA LEU D 409 -13.88 10.73 -31.41
C LEU D 409 -14.72 11.80 -30.77
N LEU D 410 -14.22 12.47 -29.76
CA LEU D 410 -15.09 13.48 -29.20
C LEU D 410 -15.42 14.56 -30.20
N GLN D 411 -14.47 15.03 -30.99
CA GLN D 411 -14.90 16.11 -31.88
C GLN D 411 -15.81 15.60 -32.96
N VAL D 412 -15.67 14.35 -33.33
CA VAL D 412 -16.53 13.83 -34.38
C VAL D 412 -17.94 13.71 -33.87
N MET D 413 -18.10 13.18 -32.68
CA MET D 413 -19.43 13.00 -32.19
C MET D 413 -20.19 14.32 -32.08
N ASP D 414 -19.53 15.43 -31.74
CA ASP D 414 -20.27 16.69 -31.75
C ASP D 414 -20.43 17.44 -33.04
N ASN D 415 -19.43 17.42 -33.91
CA ASN D 415 -19.53 18.23 -35.09
C ASN D 415 -19.80 17.48 -36.36
N GLY D 416 -19.56 16.20 -36.39
CA GLY D 416 -19.75 15.48 -37.61
C GLY D 416 -18.57 15.64 -38.53
N THR D 417 -17.52 16.34 -38.12
CA THR D 417 -16.41 16.52 -39.02
C THR D 417 -15.05 16.28 -38.42
N LEU D 418 -14.12 16.01 -39.31
CA LEU D 418 -12.72 15.83 -38.96
C LEU D 418 -11.81 16.32 -40.07
N THR D 419 -10.86 17.17 -39.75
CA THR D 419 -9.99 17.72 -40.77
C THR D 419 -8.75 16.85 -40.94
N ASP D 420 -8.42 16.48 -42.16
CA ASP D 420 -7.26 15.62 -42.37
C ASP D 420 -5.99 16.45 -42.60
N ASN D 421 -4.89 15.81 -42.96
CA ASN D 421 -3.63 16.53 -43.10
C ASN D 421 -3.50 17.41 -44.34
N ASN D 422 -4.48 17.43 -45.23
CA ASN D 422 -4.41 18.36 -46.34
C ASN D 422 -5.36 19.49 -46.12
N GLY D 423 -5.99 19.54 -44.96
CA GLY D 423 -6.93 20.58 -44.70
C GLY D 423 -8.31 20.33 -45.29
N ARG D 424 -8.69 19.09 -45.58
CA ARG D 424 -10.03 18.92 -46.14
C ARG D 424 -10.84 18.24 -45.09
N LYS D 425 -12.15 18.35 -45.15
CA LYS D 425 -12.91 17.75 -44.08
C LYS D 425 -13.75 16.56 -44.40
N ALA D 426 -13.72 15.63 -43.46
CA ALA D 426 -14.55 14.47 -43.45
C ALA D 426 -15.89 14.91 -43.00
N ASP D 427 -16.94 14.28 -43.47
CA ASP D 427 -18.30 14.58 -43.04
C ASP D 427 -19.05 13.32 -42.70
N PHE D 428 -19.33 13.13 -41.43
CA PHE D 428 -19.89 11.91 -40.88
C PHE D 428 -21.37 12.02 -40.63
N ARG D 429 -22.00 13.07 -41.10
CA ARG D 429 -23.42 13.23 -40.78
C ARG D 429 -24.31 12.13 -41.31
N ASN D 430 -23.86 11.34 -42.27
CA ASN D 430 -24.67 10.25 -42.78
C ASN D 430 -24.11 8.91 -42.41
N VAL D 431 -23.24 8.88 -41.42
CA VAL D 431 -22.61 7.67 -40.95
C VAL D 431 -23.12 7.20 -39.63
N VAL D 432 -23.34 5.89 -39.50
CA VAL D 432 -23.78 5.32 -38.24
C VAL D 432 -22.53 4.93 -37.49
N LEU D 433 -22.35 5.36 -36.24
CA LEU D 433 -21.14 4.98 -35.53
C LEU D 433 -21.37 3.99 -34.42
N VAL D 434 -20.76 2.83 -34.52
CA VAL D 434 -20.93 1.82 -33.49
C VAL D 434 -19.58 1.41 -32.96
N MET D 435 -19.42 1.48 -31.67
CA MET D 435 -18.18 1.08 -31.05
C MET D 435 -18.47 -0.09 -30.18
N THR D 436 -17.60 -1.07 -30.14
CA THR D 436 -17.88 -2.15 -29.23
C THR D 436 -16.74 -2.28 -28.28
N THR D 437 -17.04 -2.81 -27.11
CA THR D 437 -16.05 -3.00 -26.07
C THR D 437 -16.21 -4.26 -25.29
N ASN D 438 -15.13 -4.77 -24.72
CA ASN D 438 -15.23 -5.90 -23.82
C ASN D 438 -14.84 -5.47 -22.43
N ALA D 439 -14.91 -4.19 -22.16
CA ALA D 439 -14.60 -3.73 -20.84
C ALA D 439 -15.57 -4.40 -19.91
N GLY D 440 -15.11 -4.81 -18.75
CA GLY D 440 -16.04 -5.42 -17.81
C GLY D 440 -16.19 -6.92 -17.96
N VAL D 441 -15.62 -7.53 -18.98
CA VAL D 441 -15.78 -8.96 -19.13
C VAL D 441 -15.16 -9.71 -17.98
N ARG D 442 -14.01 -9.28 -17.52
CA ARG D 442 -13.37 -10.00 -16.46
C ARG D 442 -14.25 -10.04 -15.22
N GLU D 443 -14.97 -8.95 -14.95
CA GLU D 443 -15.84 -8.87 -13.79
C GLU D 443 -17.09 -9.72 -13.98
N THR D 444 -17.53 -9.84 -15.23
CA THR D 444 -18.70 -10.61 -15.56
C THR D 444 -18.50 -12.07 -15.22
N GLU D 445 -17.32 -12.60 -15.50
CA GLU D 445 -17.03 -14.00 -15.25
C GLU D 445 -16.59 -14.34 -13.82
N ARG D 446 -16.46 -13.36 -12.95
CA ARG D 446 -15.97 -13.61 -11.60
C ARG D 446 -17.01 -14.24 -10.70
N LYS D 447 -16.59 -15.18 -9.87
CA LYS D 447 -17.49 -15.73 -8.89
C LYS D 447 -17.17 -15.17 -7.53
N SER D 448 -18.19 -14.85 -6.77
CA SER D 448 -18.08 -14.33 -5.43
C SER D 448 -17.85 -15.41 -4.40
N ILE D 449 -17.51 -15.00 -3.19
CA ILE D 449 -17.30 -15.94 -2.10
C ILE D 449 -18.56 -15.99 -1.27
N GLY D 450 -19.21 -17.12 -1.20
CA GLY D 450 -20.43 -17.17 -0.42
C GLY D 450 -21.29 -18.29 -0.90
N LEU D 451 -22.45 -18.45 -0.29
CA LEU D 451 -23.31 -19.53 -0.71
C LEU D 451 -24.11 -19.14 -1.93
N ILE D 452 -24.38 -17.86 -2.10
CA ILE D 452 -25.16 -17.40 -3.22
C ILE D 452 -24.33 -16.60 -4.18
N HIS D 453 -24.35 -16.97 -5.45
CA HIS D 453 -23.57 -16.21 -6.40
C HIS D 453 -24.22 -14.87 -6.66
N GLN D 454 -23.41 -13.87 -6.84
CA GLN D 454 -23.91 -12.53 -7.05
C GLN D 454 -23.94 -12.12 -8.50
N ASP D 455 -24.76 -11.13 -8.79
CA ASP D 455 -24.89 -10.48 -10.09
C ASP D 455 -23.87 -9.39 -10.24
N ASN D 456 -22.89 -9.59 -11.09
CA ASN D 456 -21.79 -8.66 -11.21
C ASN D 456 -21.97 -7.63 -12.30
N SER D 457 -23.14 -7.53 -12.91
CA SER D 457 -23.27 -6.54 -13.98
C SER D 457 -23.12 -5.12 -13.47
N THR D 458 -23.54 -4.89 -12.24
CA THR D 458 -23.45 -3.56 -11.63
C THR D 458 -22.00 -3.12 -11.54
N ASP D 459 -21.10 -4.08 -11.37
CA ASP D 459 -19.67 -3.79 -11.26
C ASP D 459 -19.07 -3.59 -12.65
N ALA D 460 -19.56 -4.34 -13.63
CA ALA D 460 -19.07 -4.23 -14.99
C ALA D 460 -19.27 -2.81 -15.50
N MET D 461 -20.30 -2.14 -14.99
CA MET D 461 -20.57 -0.77 -15.40
C MET D 461 -19.66 0.23 -14.78
N GLU D 462 -19.14 -0.03 -13.60
CA GLU D 462 -18.25 0.90 -12.98
C GLU D 462 -16.97 0.89 -13.74
N GLU D 463 -16.64 -0.27 -14.30
CA GLU D 463 -15.42 -0.43 -15.08
C GLU D 463 -15.53 0.39 -16.35
N ILE D 464 -16.71 0.36 -16.98
CA ILE D 464 -16.93 1.11 -18.20
C ILE D 464 -16.86 2.58 -17.93
N LYS D 465 -17.45 3.03 -16.85
CA LYS D 465 -17.44 4.43 -16.51
C LYS D 465 -16.07 4.93 -16.06
N LYS D 466 -15.13 4.04 -15.85
CA LYS D 466 -13.81 4.40 -15.41
C LYS D 466 -12.94 4.62 -16.63
N ILE D 467 -13.20 3.85 -17.66
CA ILE D 467 -12.44 3.90 -18.89
C ILE D 467 -12.89 5.06 -19.75
N PHE D 468 -14.19 5.23 -19.92
CA PHE D 468 -14.70 6.27 -20.76
C PHE D 468 -15.13 7.45 -19.92
N THR D 469 -14.38 8.52 -20.04
CA THR D 469 -14.58 9.72 -19.25
C THR D 469 -15.96 10.30 -19.53
N PRO D 470 -16.62 11.01 -18.60
CA PRO D 470 -17.93 11.64 -18.79
C PRO D 470 -18.07 12.44 -20.06
N GLU D 471 -17.05 13.16 -20.50
CA GLU D 471 -17.18 13.92 -21.73
C GLU D 471 -17.51 13.02 -22.90
N PHE D 472 -17.08 11.78 -22.84
CA PHE D 472 -17.31 10.87 -23.91
C PHE D 472 -18.66 10.30 -23.72
N ARG D 473 -18.92 9.86 -22.52
CA ARG D 473 -20.17 9.17 -22.31
C ARG D 473 -21.38 10.04 -22.51
N ASN D 474 -21.25 11.32 -22.14
CA ASN D 474 -22.36 12.27 -22.29
C ASN D 474 -22.70 12.64 -23.73
N ARG D 475 -21.94 12.10 -24.68
CA ARG D 475 -22.17 12.38 -26.08
C ARG D 475 -22.70 11.19 -26.82
N LEU D 476 -22.92 10.08 -26.13
CA LEU D 476 -23.40 8.87 -26.76
C LEU D 476 -24.90 8.85 -26.76
N ASP D 477 -25.50 8.11 -27.68
CA ASP D 477 -26.94 8.01 -27.60
C ASP D 477 -27.31 7.08 -26.50
N ASN D 478 -26.59 5.99 -26.37
CA ASN D 478 -26.69 5.16 -25.18
C ASN D 478 -25.59 4.15 -25.10
N ILE D 479 -25.59 3.42 -24.00
CA ILE D 479 -24.70 2.32 -23.81
C ILE D 479 -25.58 1.14 -23.68
N ILE D 480 -25.40 0.17 -24.53
CA ILE D 480 -26.27 -0.96 -24.47
C ILE D 480 -25.58 -2.14 -23.91
N TRP D 481 -26.06 -2.61 -22.77
CA TRP D 481 -25.47 -3.76 -22.14
C TRP D 481 -26.21 -4.98 -22.65
N PHE D 482 -25.50 -5.85 -23.33
CA PHE D 482 -26.03 -7.05 -23.93
C PHE D 482 -26.19 -8.13 -22.89
N ASP D 483 -27.11 -9.04 -23.11
CA ASP D 483 -27.35 -10.10 -22.14
C ASP D 483 -26.66 -11.40 -22.47
N HIS D 484 -26.82 -12.37 -21.59
CA HIS D 484 -26.31 -13.71 -21.79
C HIS D 484 -27.35 -14.46 -22.56
N LEU D 485 -26.98 -15.53 -23.22
CA LEU D 485 -28.02 -16.25 -23.94
C LEU D 485 -28.63 -17.33 -23.08
N SER D 486 -29.94 -17.46 -23.17
CA SER D 486 -30.72 -18.49 -22.52
C SER D 486 -30.74 -19.72 -23.40
N THR D 487 -31.29 -20.81 -22.89
CA THR D 487 -31.31 -22.04 -23.66
C THR D 487 -32.26 -22.03 -24.83
N ASP D 488 -33.26 -21.17 -24.81
CA ASP D 488 -34.19 -21.12 -25.92
C ASP D 488 -33.47 -20.52 -27.10
N VAL D 489 -32.64 -19.55 -26.79
CA VAL D 489 -31.84 -18.91 -27.79
C VAL D 489 -30.89 -19.91 -28.36
N ILE D 490 -30.29 -20.73 -27.52
CA ILE D 490 -29.37 -21.68 -28.08
C ILE D 490 -30.07 -22.55 -29.06
N HIS D 491 -31.28 -22.98 -28.78
CA HIS D 491 -31.87 -23.83 -29.80
C HIS D 491 -31.96 -23.10 -31.13
N GLN D 492 -32.29 -21.81 -31.12
CA GLN D 492 -32.32 -21.09 -32.39
C GLN D 492 -30.93 -20.99 -33.01
N VAL D 493 -29.93 -20.78 -32.18
CA VAL D 493 -28.54 -20.65 -32.62
C VAL D 493 -28.05 -21.94 -33.26
N VAL D 494 -28.38 -23.07 -32.67
CA VAL D 494 -27.93 -24.30 -33.25
C VAL D 494 -28.50 -24.47 -34.62
N ASP D 495 -29.77 -24.18 -34.81
CA ASP D 495 -30.26 -24.33 -36.16
C ASP D 495 -29.56 -23.38 -37.11
N LYS D 496 -29.25 -22.18 -36.66
CA LYS D 496 -28.54 -21.26 -37.53
C LYS D 496 -27.25 -21.89 -38.01
N PHE D 497 -26.49 -22.49 -37.09
CA PHE D 497 -25.23 -23.08 -37.48
C PHE D 497 -25.39 -24.30 -38.35
N ILE D 498 -26.42 -25.09 -38.12
CA ILE D 498 -26.62 -26.26 -38.96
C ILE D 498 -26.89 -25.81 -40.36
N VAL D 499 -27.69 -24.77 -40.54
CA VAL D 499 -27.93 -24.32 -41.88
C VAL D 499 -26.65 -23.91 -42.56
N GLU D 500 -25.75 -23.22 -41.87
CA GLU D 500 -24.52 -22.85 -42.53
C GLU D 500 -23.77 -24.10 -42.99
N LEU D 501 -23.78 -25.15 -42.17
CA LEU D 501 -23.14 -26.40 -42.58
C LEU D 501 -23.81 -26.98 -43.79
N GLN D 502 -25.14 -26.95 -43.82
CA GLN D 502 -25.83 -27.52 -44.95
C GLN D 502 -25.46 -26.78 -46.21
N VAL D 503 -25.30 -25.48 -46.13
CA VAL D 503 -24.94 -24.74 -47.31
C VAL D 503 -23.57 -25.15 -47.80
N GLN D 504 -22.61 -25.29 -46.89
CA GLN D 504 -21.29 -25.68 -47.35
C GLN D 504 -21.32 -27.05 -47.98
N LEU D 505 -22.10 -27.97 -47.45
CA LEU D 505 -22.19 -29.29 -48.04
C LEU D 505 -22.87 -29.28 -49.39
N ASP D 506 -23.90 -28.45 -49.58
CA ASP D 506 -24.56 -28.41 -50.88
C ASP D 506 -23.58 -28.05 -51.96
N GLN D 507 -22.61 -27.24 -51.62
CA GLN D 507 -21.59 -26.82 -52.57
C GLN D 507 -20.83 -28.01 -53.16
N LYS D 508 -20.74 -29.09 -52.41
CA LYS D 508 -20.03 -30.31 -52.81
C LYS D 508 -20.98 -31.36 -53.32
N GLY D 509 -22.26 -31.04 -53.44
CA GLY D 509 -23.25 -31.98 -53.90
C GLY D 509 -23.73 -32.95 -52.84
N VAL D 510 -23.58 -32.61 -51.57
CA VAL D 510 -24.00 -33.54 -50.53
C VAL D 510 -25.08 -32.94 -49.68
N SER D 511 -26.22 -33.60 -49.60
CA SER D 511 -27.26 -33.06 -48.76
C SER D 511 -27.03 -33.53 -47.35
N LEU D 512 -27.68 -32.92 -46.39
CA LEU D 512 -27.54 -33.37 -45.01
C LEU D 512 -28.81 -33.34 -44.23
N GLU D 513 -29.19 -34.48 -43.68
CA GLU D 513 -30.33 -34.50 -42.79
C GLU D 513 -29.95 -34.79 -41.36
N VAL D 514 -30.43 -33.94 -40.47
CA VAL D 514 -30.18 -34.06 -39.04
C VAL D 514 -31.53 -34.13 -38.34
N SER D 515 -31.69 -35.10 -37.45
CA SER D 515 -32.92 -35.29 -36.71
C SER D 515 -33.12 -34.26 -35.60
N GLN D 516 -34.33 -34.18 -35.07
CA GLN D 516 -34.60 -33.28 -33.96
C GLN D 516 -33.89 -33.69 -32.70
N GLU D 517 -33.76 -34.98 -32.48
CA GLU D 517 -33.12 -35.44 -31.27
C GLU D 517 -31.67 -35.06 -31.31
N ALA D 518 -31.06 -35.17 -32.47
CA ALA D 518 -29.66 -34.80 -32.60
C ALA D 518 -29.50 -33.34 -32.26
N ARG D 519 -30.44 -32.52 -32.69
CA ARG D 519 -30.35 -31.11 -32.38
C ARG D 519 -30.52 -30.83 -30.92
N ASN D 520 -31.44 -31.53 -30.29
CA ASN D 520 -31.65 -31.23 -28.90
C ASN D 520 -30.41 -31.58 -28.15
N TRP D 521 -29.81 -32.69 -28.49
CA TRP D 521 -28.62 -33.18 -27.84
C TRP D 521 -27.44 -32.26 -28.03
N LEU D 522 -27.20 -31.77 -29.24
CA LEU D 522 -26.06 -30.91 -29.42
C LEU D 522 -26.26 -29.67 -28.57
N ALA D 523 -27.47 -29.12 -28.53
CA ALA D 523 -27.71 -27.94 -27.73
C ALA D 523 -27.51 -28.20 -26.25
N GLU D 524 -27.98 -29.35 -25.79
CA GLU D 524 -27.87 -29.70 -24.39
C GLU D 524 -26.43 -29.86 -23.99
N LYS D 525 -25.65 -30.43 -24.88
CA LYS D 525 -24.25 -30.68 -24.65
C LYS D 525 -23.42 -29.41 -24.67
N GLY D 526 -23.67 -28.56 -25.65
CA GLY D 526 -22.88 -27.35 -25.84
C GLY D 526 -23.18 -26.15 -24.96
N TYR D 527 -24.39 -26.00 -24.44
CA TYR D 527 -24.66 -24.78 -23.72
C TYR D 527 -23.82 -24.50 -22.51
N ASP D 528 -23.31 -23.29 -22.48
CA ASP D 528 -22.55 -22.74 -21.40
C ASP D 528 -22.88 -21.29 -21.29
N ARG D 529 -23.61 -20.94 -20.26
CA ARG D 529 -24.09 -19.60 -20.11
C ARG D 529 -22.96 -18.59 -20.08
N ALA D 530 -21.81 -18.96 -19.56
CA ALA D 530 -20.74 -18.00 -19.44
C ALA D 530 -19.96 -17.67 -20.71
N MET D 531 -20.01 -18.50 -21.76
CA MET D 531 -19.13 -18.27 -22.91
C MET D 531 -19.83 -17.81 -24.17
N GLY D 532 -21.11 -17.55 -24.08
CA GLY D 532 -21.82 -17.14 -25.28
C GLY D 532 -21.97 -18.32 -26.23
N ALA D 533 -22.15 -18.02 -27.51
CA ALA D 533 -22.37 -18.99 -28.55
C ALA D 533 -21.12 -19.44 -29.23
N ARG D 534 -19.97 -18.88 -28.94
CA ARG D 534 -18.82 -19.36 -29.67
C ARG D 534 -18.61 -20.86 -29.54
N PRO D 535 -18.74 -21.49 -28.36
CA PRO D 535 -18.64 -22.91 -28.15
C PRO D 535 -19.56 -23.74 -28.98
N MET D 536 -20.66 -23.19 -29.46
CA MET D 536 -21.54 -24.04 -30.20
C MET D 536 -20.90 -24.44 -31.49
N ALA D 537 -20.01 -23.61 -31.99
CA ALA D 537 -19.39 -23.95 -33.25
C ALA D 537 -18.34 -25.01 -33.04
N ARG D 538 -17.89 -25.22 -31.80
CA ARG D 538 -16.87 -26.21 -31.59
C ARG D 538 -17.59 -27.53 -31.53
N VAL D 539 -18.80 -27.50 -30.99
CA VAL D 539 -19.61 -28.68 -30.88
C VAL D 539 -19.93 -29.19 -32.26
N ILE D 540 -20.27 -28.28 -33.16
CA ILE D 540 -20.56 -28.68 -34.52
C ILE D 540 -19.30 -29.24 -35.16
N GLN D 541 -18.12 -28.65 -34.96
CA GLN D 541 -16.99 -29.27 -35.59
C GLN D 541 -16.75 -30.70 -35.12
N ASP D 542 -16.91 -30.97 -33.84
CA ASP D 542 -16.62 -32.34 -33.45
C ASP D 542 -17.70 -33.34 -33.76
N ASN D 543 -18.93 -32.94 -33.72
CA ASN D 543 -19.96 -33.91 -33.96
C ASN D 543 -20.37 -34.04 -35.42
N LEU D 544 -20.29 -32.97 -36.20
CA LEU D 544 -20.73 -33.13 -37.55
C LEU D 544 -19.60 -32.97 -38.57
N LYS D 545 -18.79 -31.93 -38.46
CA LYS D 545 -17.82 -31.68 -39.52
C LYS D 545 -16.68 -32.66 -39.58
N LYS D 546 -16.15 -33.08 -38.46
CA LYS D 546 -15.02 -33.99 -38.55
C LYS D 546 -15.42 -35.31 -39.23
N PRO D 547 -16.49 -36.03 -38.80
CA PRO D 547 -16.94 -37.23 -39.47
C PRO D 547 -17.15 -37.01 -40.95
N LEU D 548 -17.72 -35.86 -41.32
CA LEU D 548 -17.95 -35.62 -42.72
C LEU D 548 -16.66 -35.43 -43.44
N ALA D 549 -15.69 -34.75 -42.86
CA ALA D 549 -14.45 -34.55 -43.56
C ALA D 549 -13.82 -35.87 -43.94
N ASN D 550 -13.90 -36.85 -43.05
CA ASN D 550 -13.31 -38.12 -43.44
C ASN D 550 -14.10 -38.80 -44.53
N GLU D 551 -15.42 -38.73 -44.47
CA GLU D 551 -16.25 -39.33 -45.51
C GLU D 551 -16.05 -38.65 -46.88
N LEU D 552 -15.90 -37.33 -46.85
CA LEU D 552 -15.71 -36.49 -48.04
C LEU D 552 -14.36 -36.72 -48.70
N LEU D 553 -13.35 -36.92 -47.90
CA LEU D 553 -12.04 -37.14 -48.45
C LEU D 553 -11.72 -38.58 -48.78
N PHE D 554 -12.18 -39.52 -47.98
CA PHE D 554 -11.76 -40.89 -48.20
C PHE D 554 -12.85 -41.93 -48.45
N GLY D 555 -14.11 -41.58 -48.23
CA GLY D 555 -15.18 -42.55 -48.25
C GLY D 555 -16.24 -42.30 -49.29
N SER D 556 -17.47 -42.54 -48.87
CA SER D 556 -18.63 -42.44 -49.72
C SER D 556 -19.19 -41.05 -49.98
N LEU D 557 -18.79 -39.99 -49.27
CA LEU D 557 -19.42 -38.71 -49.57
C LEU D 557 -18.66 -37.99 -50.62
N VAL D 558 -18.73 -38.56 -51.75
CA VAL D 558 -18.10 -38.14 -52.94
C VAL D 558 -19.30 -37.94 -53.82
N ASP D 559 -19.11 -37.60 -55.07
CA ASP D 559 -20.32 -37.40 -55.85
C ASP D 559 -21.12 -38.69 -55.65
N GLY D 560 -22.34 -38.52 -55.14
CA GLY D 560 -23.27 -39.57 -54.70
C GLY D 560 -24.25 -38.86 -53.77
N GLY D 561 -23.68 -38.01 -52.90
CA GLY D 561 -24.46 -36.98 -52.19
C GLY D 561 -25.39 -37.21 -51.00
N GLN D 562 -25.19 -38.20 -50.13
CA GLN D 562 -26.15 -38.32 -49.03
C GLN D 562 -25.55 -38.64 -47.67
N VAL D 563 -26.15 -38.11 -46.61
CA VAL D 563 -25.80 -38.45 -45.23
C VAL D 563 -26.92 -38.23 -44.22
N THR D 564 -27.16 -39.24 -43.36
CA THR D 564 -28.19 -39.09 -42.31
C THR D 564 -27.71 -39.20 -40.87
N VAL D 565 -28.03 -38.18 -40.09
CA VAL D 565 -27.65 -38.09 -38.70
C VAL D 565 -28.80 -38.13 -37.71
N ALA D 566 -28.75 -39.10 -36.80
CA ALA D 566 -29.77 -39.31 -35.78
C ALA D 566 -29.15 -39.91 -34.53
N LEU D 567 -29.86 -39.89 -33.40
CA LEU D 567 -29.32 -40.49 -32.17
C LEU D 567 -29.90 -41.80 -31.72
N ASP D 568 -29.06 -42.61 -31.08
CA ASP D 568 -29.59 -43.79 -30.39
C ASP D 568 -29.92 -43.28 -28.99
N LYS D 569 -30.37 -44.15 -28.09
CA LYS D 569 -30.65 -43.66 -26.75
C LYS D 569 -29.66 -44.19 -25.74
N GLU D 570 -29.06 -45.29 -26.09
CA GLU D 570 -28.16 -46.03 -25.24
C GLU D 570 -26.85 -45.33 -24.97
N LYS D 571 -26.30 -44.65 -25.98
CA LYS D 571 -25.03 -44.01 -25.86
C LYS D 571 -25.25 -42.53 -26.10
N ASN D 572 -26.37 -42.23 -26.74
CA ASN D 572 -26.75 -40.91 -27.20
C ASN D 572 -25.74 -40.46 -28.21
N GLU D 573 -25.37 -41.39 -29.06
CA GLU D 573 -24.42 -41.11 -30.11
C GLU D 573 -25.10 -40.96 -31.44
N LEU D 574 -24.46 -40.18 -32.29
CA LEU D 574 -24.97 -39.91 -33.61
C LEU D 574 -24.70 -41.02 -34.63
N THR D 575 -25.64 -41.17 -35.56
CA THR D 575 -25.51 -42.06 -36.70
C THR D 575 -24.83 -41.30 -37.79
N TYR D 576 -24.35 -42.01 -38.79
CA TYR D 576 -23.74 -41.40 -39.93
C TYR D 576 -23.88 -42.36 -41.08
N GLY D 577 -23.39 -41.98 -42.23
CA GLY D 577 -23.42 -42.86 -43.39
C GLY D 577 -24.37 -42.38 -44.46
N PHE D 578 -24.11 -42.89 -45.66
CA PHE D 578 -24.77 -42.54 -46.90
C PHE D 578 -26.25 -42.88 -46.83
N MET E 1 28.78 59.64 -66.14
CA MET E 1 27.78 59.66 -65.08
C MET E 1 26.64 60.59 -65.44
N GLU E 2 26.87 61.43 -66.43
CA GLU E 2 25.89 62.46 -66.77
C GLU E 2 24.52 61.89 -67.12
N ASN E 3 24.49 60.71 -67.74
CA ASN E 3 23.25 60.05 -68.08
C ASN E 3 22.97 58.81 -67.22
N PHE E 4 23.68 58.68 -66.08
CA PHE E 4 23.49 57.55 -65.17
C PHE E 4 23.18 57.96 -63.74
N THR E 5 23.61 59.13 -63.32
CA THR E 5 23.36 59.54 -61.96
C THR E 5 22.62 60.87 -61.95
N THR E 6 21.88 61.14 -60.89
CA THR E 6 21.16 62.41 -60.75
C THR E 6 21.73 63.21 -59.60
N ASN E 7 22.15 64.41 -59.90
CA ASN E 7 22.77 65.24 -58.90
C ASN E 7 21.69 65.69 -57.94
N LEU E 8 21.73 65.17 -56.70
CA LEU E 8 20.67 65.45 -55.76
C LEU E 8 20.89 66.84 -55.25
N ASN E 9 22.14 67.26 -55.22
CA ASN E 9 22.33 68.63 -54.78
C ASN E 9 21.69 69.55 -55.81
N GLN E 10 21.74 69.16 -57.08
CA GLN E 10 21.12 69.99 -58.09
C GLN E 10 19.63 69.95 -57.96
N LEU E 11 19.07 68.81 -57.59
CA LEU E 11 17.64 68.78 -57.43
C LEU E 11 17.26 69.70 -56.27
N ALA E 12 18.06 69.73 -55.21
CA ALA E 12 17.77 70.62 -54.09
C ALA E 12 17.84 72.08 -54.52
N ARG E 13 18.81 72.41 -55.36
CA ARG E 13 18.95 73.77 -55.87
C ARG E 13 17.85 74.21 -56.81
N VAL E 14 17.41 73.32 -57.71
CA VAL E 14 16.36 73.66 -58.66
C VAL E 14 14.97 73.61 -58.02
N GLY E 15 14.78 72.75 -57.01
CA GLY E 15 13.49 72.57 -56.36
C GLY E 15 12.93 71.14 -56.50
N GLY E 16 13.74 70.22 -57.05
CA GLY E 16 13.34 68.82 -57.19
C GLY E 16 13.23 68.22 -55.80
N ILE E 17 14.09 68.68 -54.90
CA ILE E 17 14.07 68.23 -53.51
C ILE E 17 13.54 69.30 -52.58
N ASP E 18 12.59 68.89 -51.76
CA ASP E 18 11.98 69.74 -50.76
C ASP E 18 12.81 69.61 -49.48
N PRO E 19 12.79 70.58 -48.57
CA PRO E 19 13.46 70.49 -47.28
C PRO E 19 12.85 69.36 -46.49
N LEU E 20 13.69 68.60 -45.81
CA LEU E 20 13.22 67.50 -45.01
C LEU E 20 12.58 68.04 -43.75
N ILE E 21 11.54 67.37 -43.31
CA ILE E 21 10.83 67.73 -42.12
C ILE E 21 11.24 66.83 -40.97
N GLY E 22 11.84 67.42 -39.96
CA GLY E 22 12.35 66.63 -38.84
C GLY E 22 13.55 65.82 -39.30
N ARG E 23 13.75 64.69 -38.65
CA ARG E 23 14.86 63.78 -38.92
C ARG E 23 16.25 64.38 -38.81
N GLU E 24 16.46 65.21 -37.80
CA GLU E 24 17.74 65.84 -37.62
C GLU E 24 18.83 64.83 -37.24
N LYS E 25 18.48 63.86 -36.40
CA LYS E 25 19.47 62.90 -35.94
C LYS E 25 19.79 61.87 -37.01
N GLU E 26 18.84 61.62 -37.91
CA GLU E 26 19.07 60.68 -38.99
C GLU E 26 20.09 61.29 -39.95
N LEU E 27 19.96 62.59 -40.20
CA LEU E 27 20.91 63.21 -41.10
C LEU E 27 22.26 63.34 -40.43
N GLU E 28 22.27 63.64 -39.11
CA GLU E 28 23.54 63.74 -38.43
C GLU E 28 24.23 62.39 -38.39
N ARG E 29 23.49 61.31 -38.22
CA ARG E 29 24.19 60.05 -38.19
C ARG E 29 24.74 59.73 -39.55
N ALA E 30 24.00 60.01 -40.63
CA ALA E 30 24.57 59.70 -41.93
C ALA E 30 25.88 60.43 -42.15
N ILE E 31 25.99 61.67 -41.70
CA ILE E 31 27.24 62.36 -41.89
C ILE E 31 28.36 61.84 -40.97
N GLN E 32 27.99 61.40 -39.76
CA GLN E 32 28.96 60.84 -38.83
C GLN E 32 29.54 59.58 -39.44
N VAL E 33 28.71 58.82 -40.13
CA VAL E 33 29.19 57.63 -40.77
C VAL E 33 30.09 57.95 -41.96
N LEU E 34 29.66 58.88 -42.81
CA LEU E 34 30.43 59.20 -44.01
C LEU E 34 31.85 59.69 -43.68
N CYS E 35 32.01 60.41 -42.57
CA CYS E 35 33.32 60.91 -42.16
C CYS E 35 34.28 59.85 -41.56
N ARG E 36 33.82 58.65 -41.29
CA ARG E 36 34.68 57.62 -40.69
C ARG E 36 35.70 57.08 -41.68
N ARG E 37 36.82 56.51 -41.21
CA ARG E 37 37.77 55.93 -42.16
C ARG E 37 37.51 54.45 -42.40
N ARG E 38 36.59 53.88 -41.64
CA ARG E 38 36.21 52.49 -41.73
C ARG E 38 34.70 52.43 -41.58
N LYS E 39 34.06 51.52 -42.30
CA LYS E 39 32.60 51.38 -42.16
C LYS E 39 31.92 52.72 -42.36
N ASN E 40 32.31 53.45 -43.40
CA ASN E 40 31.79 54.78 -43.62
C ASN E 40 30.71 54.92 -44.66
N ASN E 41 30.00 53.85 -44.97
CA ASN E 41 28.93 53.95 -45.93
C ASN E 41 27.60 53.70 -45.20
N PRO E 42 26.79 54.73 -44.94
CA PRO E 42 25.58 54.60 -44.20
C PRO E 42 24.56 53.88 -45.02
N LEU E 43 23.70 53.17 -44.36
CA LEU E 43 22.59 52.51 -44.99
C LEU E 43 21.32 52.85 -44.27
N LEU E 44 20.33 53.33 -44.98
CA LEU E 44 19.10 53.66 -44.31
C LEU E 44 18.23 52.42 -44.36
N VAL E 45 17.90 51.87 -43.20
CA VAL E 45 17.14 50.62 -43.17
C VAL E 45 15.82 50.82 -42.44
N GLY E 46 14.74 50.44 -43.08
CA GLY E 46 13.44 50.63 -42.45
C GLY E 46 12.28 49.83 -43.05
N GLU E 47 11.20 50.53 -43.25
CA GLU E 47 9.97 49.99 -43.79
C GLU E 47 9.48 50.94 -44.84
N SER E 48 8.68 50.46 -45.77
CA SER E 48 8.16 51.33 -46.81
C SER E 48 7.25 52.40 -46.24
N GLY E 49 7.35 53.63 -46.77
CA GLY E 49 6.49 54.73 -46.37
C GLY E 49 6.93 55.52 -45.15
N VAL E 50 8.24 55.49 -44.80
CA VAL E 50 8.75 56.23 -43.65
C VAL E 50 9.77 57.31 -44.04
N GLY E 51 9.99 57.60 -45.31
CA GLY E 51 10.99 58.62 -45.60
C GLY E 51 12.41 58.12 -45.81
N LYS E 52 12.63 56.86 -46.10
CA LYS E 52 14.04 56.48 -46.26
C LYS E 52 14.72 57.23 -47.39
N THR E 53 14.01 57.40 -48.48
CA THR E 53 14.57 58.06 -49.62
C THR E 53 14.40 59.55 -49.47
N ALA E 54 13.38 59.96 -48.72
CA ALA E 54 13.15 61.36 -48.46
C ALA E 54 14.35 61.90 -47.67
N ILE E 55 14.87 61.07 -46.75
CA ILE E 55 16.01 61.44 -45.93
C ILE E 55 17.26 61.55 -46.78
N ALA E 56 17.51 60.60 -47.66
CA ALA E 56 18.71 60.75 -48.49
C ALA E 56 18.64 62.04 -49.31
N GLU E 57 17.44 62.36 -49.82
CA GLU E 57 17.27 63.60 -50.54
C GLU E 57 17.46 64.76 -49.60
N GLY E 58 16.97 64.60 -48.37
CA GLY E 58 17.06 65.55 -47.31
C GLY E 58 18.50 65.85 -46.98
N LEU E 59 19.39 64.88 -47.09
CA LEU E 59 20.76 65.21 -46.81
C LEU E 59 21.25 66.09 -47.93
N ALA E 60 20.94 65.76 -49.19
CA ALA E 60 21.42 66.61 -50.28
C ALA E 60 20.92 68.04 -50.07
N TRP E 61 19.69 68.15 -49.57
CA TRP E 61 19.13 69.45 -49.29
C TRP E 61 20.02 70.21 -48.32
N ARG E 62 20.36 69.59 -47.18
CA ARG E 62 21.16 70.25 -46.14
C ARG E 62 22.59 70.54 -46.63
N ILE E 63 23.14 69.68 -47.50
CA ILE E 63 24.48 69.86 -48.05
C ILE E 63 24.52 71.16 -48.86
N VAL E 64 23.45 71.36 -49.64
CA VAL E 64 23.22 72.54 -50.47
C VAL E 64 22.84 73.78 -49.68
N GLN E 65 21.95 73.62 -48.73
CA GLN E 65 21.44 74.70 -47.91
C GLN E 65 22.53 75.28 -47.01
N GLY E 66 23.47 74.45 -46.55
CA GLY E 66 24.52 74.94 -45.66
C GLY E 66 24.18 74.67 -44.20
N ASP E 67 23.43 73.60 -43.97
CA ASP E 67 23.01 73.20 -42.63
C ASP E 67 23.84 72.06 -42.05
N VAL E 68 24.98 71.79 -42.65
CA VAL E 68 25.84 70.72 -42.21
C VAL E 68 27.23 71.28 -41.93
N PRO E 69 28.08 70.59 -41.17
CA PRO E 69 29.46 70.97 -40.89
C PRO E 69 30.18 71.11 -42.20
N GLU E 70 31.20 71.97 -42.21
CA GLU E 70 31.99 72.35 -43.37
C GLU E 70 32.68 71.20 -44.07
N VAL E 71 32.80 70.08 -43.40
CA VAL E 71 33.37 68.88 -43.95
C VAL E 71 32.42 68.32 -45.00
N MET E 72 31.11 68.36 -44.70
CA MET E 72 30.09 67.85 -45.58
C MET E 72 29.53 68.91 -46.50
N ALA E 73 29.55 70.15 -46.05
CA ALA E 73 28.94 71.21 -46.82
C ALA E 73 29.58 71.24 -48.17
N ASP E 74 28.76 71.43 -49.18
CA ASP E 74 29.18 71.50 -50.57
C ASP E 74 29.80 70.21 -51.15
N CYS E 75 29.66 69.09 -50.45
CA CYS E 75 30.02 67.80 -51.06
C CYS E 75 28.90 67.54 -52.04
N THR E 76 29.04 66.59 -52.96
CA THR E 76 27.89 66.35 -53.83
C THR E 76 27.38 64.94 -53.77
N ILE E 77 26.08 64.87 -53.57
CA ILE E 77 25.41 63.60 -53.51
C ILE E 77 24.62 63.44 -54.81
N TYR E 78 24.80 62.31 -55.46
CA TYR E 78 24.11 61.99 -56.69
C TYR E 78 23.37 60.68 -56.50
N SER E 79 22.18 60.50 -57.04
CA SER E 79 21.59 59.17 -56.93
C SER E 79 22.03 58.35 -58.10
N LEU E 80 21.95 57.03 -57.97
CA LEU E 80 22.28 56.17 -59.10
C LEU E 80 21.05 55.66 -59.83
N ASP E 81 20.95 55.98 -61.11
CA ASP E 81 19.78 55.55 -61.84
C ASP E 81 20.07 54.16 -62.34
N ILE E 82 19.62 53.20 -61.55
CA ILE E 82 19.86 51.82 -61.86
C ILE E 82 19.20 51.45 -63.16
N GLY E 83 17.98 51.93 -63.40
CA GLY E 83 17.29 51.61 -64.63
C GLY E 83 18.08 52.08 -65.85
N SER E 84 18.64 53.30 -65.80
CA SER E 84 19.45 53.83 -66.91
C SER E 84 20.67 52.97 -67.18
N LEU E 85 21.34 52.55 -66.11
CA LEU E 85 22.52 51.73 -66.31
C LEU E 85 22.15 50.35 -66.86
N LEU E 86 21.09 49.72 -66.32
CA LEU E 86 20.67 48.40 -66.77
C LEU E 86 20.19 48.43 -68.21
N ALA E 87 19.65 49.57 -68.63
CA ALA E 87 19.14 49.79 -69.97
C ALA E 87 20.22 49.60 -71.03
N GLY E 88 21.49 49.59 -70.62
CA GLY E 88 22.62 49.38 -71.50
C GLY E 88 22.60 47.97 -72.11
N THR E 89 21.78 47.06 -71.55
CA THR E 89 21.52 45.64 -71.89
C THR E 89 22.01 44.98 -73.19
N LYS E 90 22.24 45.71 -74.28
CA LYS E 90 22.64 45.08 -75.54
C LYS E 90 24.06 45.37 -76.14
N TYR E 91 25.10 45.39 -75.31
CA TYR E 91 24.92 45.17 -73.88
C TYR E 91 25.94 45.98 -73.08
N ARG E 92 27.11 45.37 -72.86
CA ARG E 92 28.17 46.03 -72.12
C ARG E 92 29.53 45.48 -72.52
N GLY E 93 30.07 45.99 -73.63
CA GLY E 93 29.41 47.03 -74.40
C GLY E 93 29.55 48.40 -73.77
N ASP E 94 28.42 49.02 -73.47
CA ASP E 94 28.41 50.34 -72.86
C ASP E 94 28.07 50.27 -71.37
N PHE E 95 27.54 49.13 -70.95
CA PHE E 95 27.17 48.92 -69.54
C PHE E 95 28.43 49.02 -68.68
N GLU E 96 29.45 48.24 -69.06
CA GLU E 96 30.68 48.21 -68.29
C GLU E 96 31.54 49.43 -68.50
N LYS E 97 31.67 49.93 -69.74
CA LYS E 97 32.51 51.10 -69.92
C LYS E 97 31.94 52.31 -69.21
N ARG E 98 30.61 52.46 -69.20
CA ARG E 98 30.01 53.59 -68.55
C ARG E 98 30.02 53.38 -67.05
N PHE E 99 29.85 52.15 -66.56
CA PHE E 99 29.91 52.00 -65.14
C PHE E 99 31.34 52.31 -64.70
N LYS E 100 32.33 51.81 -65.43
CA LYS E 100 33.69 52.11 -65.07
C LYS E 100 33.95 53.60 -65.20
N ALA E 101 33.40 54.27 -66.24
CA ALA E 101 33.60 55.71 -66.36
C ALA E 101 33.02 56.42 -65.15
N LEU E 102 31.87 55.94 -64.65
CA LEU E 102 31.27 56.48 -63.45
C LEU E 102 32.21 56.32 -62.29
N LEU E 103 32.75 55.12 -62.11
CA LEU E 103 33.63 54.91 -60.99
C LEU E 103 34.86 55.75 -61.11
N LYS E 104 35.38 55.95 -62.32
CA LYS E 104 36.56 56.77 -62.48
C LYS E 104 36.24 58.20 -62.14
N GLN E 105 35.08 58.69 -62.56
CA GLN E 105 34.73 60.06 -62.23
C GLN E 105 34.53 60.23 -60.74
N LEU E 106 33.92 59.22 -60.10
CA LEU E 106 33.68 59.28 -58.68
C LEU E 106 34.97 59.07 -57.90
N GLU E 107 35.85 58.20 -58.37
CA GLU E 107 37.10 57.94 -57.68
C GLU E 107 37.96 59.18 -57.68
N GLN E 108 37.98 59.87 -58.83
CA GLN E 108 38.72 61.11 -59.01
C GLN E 108 38.11 62.22 -58.18
N ASP E 109 36.78 62.27 -58.13
CA ASP E 109 36.08 63.24 -57.31
C ASP E 109 35.77 62.62 -55.96
N THR E 110 36.59 62.89 -54.97
CA THR E 110 36.43 62.22 -53.69
C THR E 110 35.43 62.98 -52.84
N ASN E 111 34.84 64.02 -53.44
CA ASN E 111 33.84 64.84 -52.83
C ASN E 111 32.46 64.34 -53.31
N SER E 112 32.45 63.21 -54.03
CA SER E 112 31.22 62.62 -54.56
C SER E 112 30.71 61.38 -53.80
N ILE E 113 29.42 61.44 -53.49
CA ILE E 113 28.70 60.41 -52.78
C ILE E 113 27.55 59.88 -53.63
N LEU E 114 27.41 58.57 -53.77
CA LEU E 114 26.23 58.09 -54.47
C LEU E 114 25.15 57.72 -53.51
N PHE E 115 23.91 57.91 -53.92
CA PHE E 115 22.75 57.45 -53.21
C PHE E 115 22.08 56.34 -53.97
N ILE E 116 22.05 55.18 -53.39
CA ILE E 116 21.47 54.11 -54.13
C ILE E 116 20.19 53.66 -53.49
N ASP E 117 19.11 53.97 -54.17
CA ASP E 117 17.81 53.62 -53.70
C ASP E 117 17.63 52.17 -54.06
N GLU E 118 16.73 51.48 -53.37
CA GLU E 118 16.44 50.10 -53.68
C GLU E 118 17.75 49.31 -53.80
N ILE E 119 18.61 49.46 -52.78
CA ILE E 119 19.95 48.88 -52.78
C ILE E 119 19.98 47.37 -52.92
N HIS E 120 18.91 46.67 -52.52
CA HIS E 120 18.81 45.22 -52.62
C HIS E 120 18.85 44.74 -54.05
N THR E 121 18.75 45.65 -54.99
CA THR E 121 18.85 45.31 -56.39
C THR E 121 20.26 44.79 -56.66
N ILE E 122 21.25 45.44 -56.05
CA ILE E 122 22.67 45.15 -56.26
C ILE E 122 23.21 44.25 -55.16
N ILE E 123 22.93 44.64 -53.93
CA ILE E 123 23.54 43.96 -52.81
C ILE E 123 22.77 42.70 -52.55
N GLY E 124 23.48 41.59 -52.52
CA GLY E 124 22.83 40.32 -52.31
C GLY E 124 22.20 39.83 -53.62
N ALA E 125 22.45 40.57 -54.69
CA ALA E 125 21.86 40.25 -55.97
C ALA E 125 22.77 40.68 -57.11
N GLY E 126 22.38 41.74 -57.84
CA GLY E 126 23.12 42.27 -58.98
C GLY E 126 22.67 41.57 -60.28
N ALA E 127 21.76 40.63 -60.03
CA ALA E 127 21.09 39.68 -60.90
C ALA E 127 20.21 40.34 -61.94
N ALA E 128 19.94 41.62 -61.77
CA ALA E 128 19.10 42.32 -62.72
C ALA E 128 19.69 42.18 -64.11
N SER E 129 21.04 42.13 -64.22
CA SER E 129 21.63 41.89 -65.53
C SER E 129 22.79 40.97 -65.25
N GLY E 130 23.23 41.01 -63.99
CA GLY E 130 24.41 40.33 -63.53
C GLY E 130 25.55 41.34 -63.57
N GLY E 131 25.32 42.47 -64.23
CA GLY E 131 26.33 43.51 -64.37
C GLY E 131 26.57 44.22 -63.08
N GLN E 132 25.67 44.09 -62.14
CA GLN E 132 25.82 44.74 -60.90
C GLN E 132 26.67 43.91 -59.94
N VAL E 133 27.02 42.68 -60.35
CA VAL E 133 27.82 41.82 -59.51
C VAL E 133 29.28 42.25 -59.56
N ASP E 134 29.84 42.41 -60.77
CA ASP E 134 31.20 42.88 -60.76
C ASP E 134 31.20 44.38 -60.55
N ALA E 135 30.08 45.07 -60.83
CA ALA E 135 30.09 46.48 -60.50
C ALA E 135 30.33 46.59 -59.01
N ALA E 136 29.67 45.74 -58.20
CA ALA E 136 29.90 45.76 -56.76
C ALA E 136 31.35 45.46 -56.43
N ASN E 137 31.95 44.53 -57.15
CA ASN E 137 33.34 44.21 -56.85
C ASN E 137 34.25 45.40 -57.16
N LEU E 138 33.85 46.25 -58.11
CA LEU E 138 34.63 47.43 -58.47
C LEU E 138 34.27 48.64 -57.60
N ILE E 139 33.29 48.50 -56.71
CA ILE E 139 32.88 49.56 -55.80
C ILE E 139 33.54 49.32 -54.47
N LYS E 140 33.47 48.08 -54.00
CA LYS E 140 33.98 47.69 -52.70
C LYS E 140 35.39 48.26 -52.37
N PRO E 141 36.43 48.16 -53.24
CA PRO E 141 37.77 48.71 -53.02
C PRO E 141 37.81 50.23 -52.92
N LEU E 142 36.80 50.90 -53.47
CA LEU E 142 36.78 52.34 -53.47
C LEU E 142 36.06 52.81 -52.26
N LEU E 143 35.20 51.95 -51.71
CA LEU E 143 34.54 52.31 -50.47
C LEU E 143 35.62 52.16 -49.40
N SER E 144 36.38 51.07 -49.51
CA SER E 144 37.47 50.71 -48.60
C SER E 144 38.59 51.73 -48.59
N SER E 145 38.93 52.23 -49.78
CA SER E 145 40.00 53.19 -49.95
C SER E 145 39.57 54.62 -49.63
N GLY E 146 38.28 54.85 -49.37
CA GLY E 146 37.79 56.18 -49.11
C GLY E 146 37.68 57.05 -50.35
N LYS E 147 37.51 56.45 -51.53
CA LYS E 147 37.45 57.23 -52.75
C LYS E 147 36.03 57.54 -53.11
N ILE E 148 35.15 56.58 -52.88
CA ILE E 148 33.75 56.72 -53.22
C ILE E 148 32.92 56.46 -52.00
N ARG E 149 31.95 57.30 -51.73
CA ARG E 149 31.09 57.01 -50.61
C ARG E 149 29.74 56.63 -51.13
N VAL E 150 29.08 55.70 -50.44
CA VAL E 150 27.72 55.30 -50.81
C VAL E 150 26.72 55.34 -49.68
N ILE E 151 25.58 55.95 -49.95
CA ILE E 151 24.49 55.97 -49.01
C ILE E 151 23.47 54.98 -49.55
N GLY E 152 23.14 53.96 -48.79
CA GLY E 152 22.17 53.00 -49.32
C GLY E 152 20.77 53.24 -48.73
N SER E 153 19.81 52.44 -49.17
CA SER E 153 18.43 52.47 -48.68
C SER E 153 17.71 51.16 -48.90
N THR E 154 17.27 50.52 -47.82
CA THR E 154 16.57 49.25 -47.92
C THR E 154 15.63 49.04 -46.74
N THR E 155 15.07 47.85 -46.65
CA THR E 155 14.16 47.52 -45.58
C THR E 155 14.83 46.55 -44.63
N TYR E 156 14.22 46.34 -43.47
CA TYR E 156 14.79 45.42 -42.50
C TYR E 156 14.89 44.01 -43.00
N GLN E 157 13.89 43.58 -43.76
CA GLN E 157 13.86 42.22 -44.24
C GLN E 157 14.91 42.04 -45.31
N GLU E 158 15.05 43.04 -46.18
CA GLU E 158 16.07 42.90 -47.19
C GLU E 158 17.41 43.01 -46.57
N PHE E 159 17.58 43.85 -45.56
CA PHE E 159 18.87 44.05 -44.95
C PHE E 159 19.45 42.74 -44.50
N SER E 160 18.62 41.96 -43.77
CA SER E 160 19.11 40.68 -43.31
C SER E 160 19.46 39.78 -44.49
N ASN E 161 18.62 39.80 -45.51
CA ASN E 161 18.90 38.98 -46.68
C ASN E 161 20.04 39.47 -47.59
N ILE E 162 20.36 40.76 -47.60
CA ILE E 162 21.38 41.23 -48.53
C ILE E 162 22.73 41.62 -47.87
N PHE E 163 22.71 42.34 -46.73
CA PHE E 163 23.94 42.81 -46.09
C PHE E 163 24.50 41.85 -45.08
N GLU E 164 23.63 41.11 -44.40
CA GLU E 164 24.11 40.21 -43.34
C GLU E 164 24.65 38.91 -43.94
N LYS E 165 24.55 38.81 -45.25
CA LYS E 165 25.02 37.67 -46.01
C LYS E 165 26.38 37.92 -46.66
N ASP E 166 26.97 39.12 -46.48
CA ASP E 166 28.24 39.41 -47.14
C ASP E 166 29.19 40.19 -46.24
N ARG E 167 30.27 39.52 -45.81
CA ARG E 167 31.23 40.07 -44.86
C ARG E 167 31.91 41.31 -45.41
N ALA E 168 32.07 41.40 -46.72
CA ALA E 168 32.72 42.56 -47.27
C ALA E 168 31.91 43.80 -46.99
N LEU E 169 30.58 43.66 -46.95
CA LEU E 169 29.74 44.81 -46.75
C LEU E 169 29.52 44.99 -45.28
N ALA E 170 29.56 43.90 -44.53
CA ALA E 170 29.35 44.01 -43.10
C ALA E 170 30.42 44.93 -42.52
N ARG E 171 31.62 44.86 -43.11
CA ARG E 171 32.77 45.66 -42.71
C ARG E 171 32.85 47.06 -43.38
N ARG E 172 31.93 47.36 -44.31
CA ARG E 172 31.92 48.63 -45.03
C ARG E 172 30.69 49.52 -44.78
N PHE E 173 29.55 48.90 -44.48
CA PHE E 173 28.31 49.62 -44.28
C PHE E 173 27.81 49.68 -42.86
N GLN E 174 27.22 50.82 -42.54
CA GLN E 174 26.64 51.08 -41.25
C GLN E 174 25.16 51.28 -41.30
N LYS E 175 24.43 50.42 -40.62
CA LYS E 175 22.99 50.55 -40.59
C LYS E 175 22.52 51.70 -39.70
N ILE E 176 21.57 52.45 -40.25
CA ILE E 176 20.84 53.52 -39.56
C ILE E 176 19.37 53.11 -39.53
N ASP E 177 18.78 53.06 -38.34
CA ASP E 177 17.40 52.64 -38.22
C ASP E 177 16.41 53.76 -38.47
N ILE E 178 15.59 53.64 -39.49
CA ILE E 178 14.64 54.69 -39.83
C ILE E 178 13.24 54.26 -39.42
N THR E 179 12.62 55.04 -38.57
CA THR E 179 11.28 54.74 -38.08
C THR E 179 10.34 55.73 -38.69
N GLU E 180 9.05 55.52 -38.49
CA GLU E 180 8.09 56.48 -38.97
C GLU E 180 8.26 57.75 -38.12
N PRO E 181 7.86 58.94 -38.64
CA PRO E 181 7.80 60.26 -38.00
C PRO E 181 6.58 60.38 -37.09
N SER E 182 6.50 61.47 -36.33
CA SER E 182 5.36 61.75 -35.42
C SER E 182 4.09 62.21 -36.13
N ILE E 183 3.00 62.32 -35.36
CA ILE E 183 1.71 62.76 -35.89
C ILE E 183 1.85 64.18 -36.43
N GLU E 184 2.55 65.02 -35.68
CA GLU E 184 2.72 66.40 -36.10
C GLU E 184 3.58 66.48 -37.34
N GLU E 185 4.64 65.66 -37.38
CA GLU E 185 5.50 65.67 -38.54
C GLU E 185 4.75 65.17 -39.75
N THR E 186 3.86 64.19 -39.58
CA THR E 186 3.10 63.66 -40.67
C THR E 186 2.20 64.76 -41.24
N VAL E 187 1.57 65.54 -40.35
CA VAL E 187 0.73 66.64 -40.80
C VAL E 187 1.58 67.65 -41.56
N GLN E 188 2.78 67.95 -41.07
CA GLN E 188 3.66 68.89 -41.75
C GLN E 188 4.06 68.35 -43.12
N ILE E 189 4.29 67.04 -43.24
CA ILE E 189 4.65 66.42 -44.50
C ILE E 189 3.51 66.56 -45.47
N ILE E 190 2.28 66.29 -44.99
CA ILE E 190 1.13 66.42 -45.87
C ILE E 190 0.96 67.84 -46.31
N ASN E 191 1.06 68.80 -45.40
CA ASN E 191 0.88 70.17 -45.80
C ASN E 191 1.98 70.65 -46.74
N GLY E 192 3.18 70.09 -46.59
CA GLY E 192 4.27 70.41 -47.50
C GLY E 192 3.94 69.92 -48.92
N LEU E 193 3.45 68.67 -49.01
CA LEU E 193 3.09 68.04 -50.27
C LEU E 193 1.74 68.45 -50.80
N LYS E 194 0.82 68.78 -49.90
CA LYS E 194 -0.57 69.11 -50.17
C LYS E 194 -0.91 69.80 -51.48
N PRO E 195 -0.27 70.88 -51.93
CA PRO E 195 -0.64 71.57 -53.15
C PRO E 195 -0.59 70.66 -54.38
N LYS E 196 0.16 69.57 -54.28
CA LYS E 196 0.35 68.63 -55.37
C LYS E 196 -0.86 67.71 -55.52
N TYR E 197 -1.64 67.63 -54.45
CA TYR E 197 -2.83 66.82 -54.37
C TYR E 197 -4.00 67.70 -54.68
N GLU E 198 -3.95 68.93 -54.16
CA GLU E 198 -5.06 69.83 -54.41
C GLU E 198 -5.11 70.17 -55.89
N ALA E 199 -3.94 70.43 -56.47
CA ALA E 199 -3.85 70.76 -57.89
C ALA E 199 -4.27 69.60 -58.77
N HIS E 200 -3.93 68.38 -58.37
CA HIS E 200 -4.25 67.21 -59.15
C HIS E 200 -5.74 66.95 -59.16
N HIS E 201 -6.34 66.97 -57.98
CA HIS E 201 -7.74 66.61 -57.87
C HIS E 201 -8.70 67.77 -57.99
N ASP E 202 -8.21 69.01 -58.05
CA ASP E 202 -9.07 70.19 -58.09
C ASP E 202 -9.95 70.23 -56.85
N VAL E 203 -9.31 69.99 -55.71
CA VAL E 203 -9.96 70.01 -54.40
C VAL E 203 -9.12 70.85 -53.48
N ARG E 204 -9.65 71.22 -52.34
CA ARG E 204 -8.88 71.91 -51.31
C ARG E 204 -9.13 71.22 -49.98
N TYR E 205 -8.15 71.17 -49.10
CA TYR E 205 -8.42 70.49 -47.81
C TYR E 205 -8.36 71.45 -46.66
N THR E 206 -9.22 71.21 -45.66
CA THR E 206 -9.16 72.03 -44.46
C THR E 206 -7.98 71.57 -43.60
N ALA E 207 -7.58 72.39 -42.63
CA ALA E 207 -6.51 72.01 -41.72
C ALA E 207 -6.92 70.82 -40.90
N LYS E 208 -8.20 70.78 -40.54
CA LYS E 208 -8.74 69.71 -39.76
C LYS E 208 -8.72 68.42 -40.54
N ALA E 209 -9.00 68.49 -41.85
CA ALA E 209 -9.00 67.27 -42.65
C ALA E 209 -7.63 66.66 -42.63
N VAL E 210 -6.60 67.51 -42.69
CA VAL E 210 -5.27 66.94 -42.69
C VAL E 210 -4.97 66.30 -41.35
N ARG E 211 -5.32 66.98 -40.26
CA ARG E 211 -5.07 66.40 -38.96
C ARG E 211 -5.81 65.09 -38.80
N ALA E 212 -7.08 65.05 -39.25
CA ALA E 212 -7.90 63.86 -39.15
C ALA E 212 -7.34 62.74 -39.97
N ALA E 213 -6.79 63.03 -41.15
CA ALA E 213 -6.24 61.98 -41.96
C ALA E 213 -5.13 61.30 -41.21
N VAL E 214 -4.36 62.07 -40.47
CA VAL E 214 -3.25 61.45 -39.79
C VAL E 214 -3.77 60.66 -38.58
N GLU E 215 -4.61 61.27 -37.75
CA GLU E 215 -5.05 60.57 -36.55
C GLU E 215 -6.04 59.42 -36.79
N LEU E 216 -6.99 59.58 -37.71
CA LEU E 216 -7.91 58.50 -38.00
C LEU E 216 -7.20 57.37 -38.65
N ALA E 217 -6.22 57.66 -39.53
CA ALA E 217 -5.50 56.58 -40.14
C ALA E 217 -4.78 55.80 -39.07
N VAL E 218 -4.23 56.47 -38.06
CA VAL E 218 -3.58 55.67 -37.03
C VAL E 218 -4.57 54.80 -36.28
N LYS E 219 -5.73 55.36 -35.94
CA LYS E 219 -6.70 54.58 -35.19
C LYS E 219 -7.20 53.35 -35.95
N TYR E 220 -7.48 53.49 -37.25
CA TYR E 220 -8.05 52.35 -37.99
C TYR E 220 -7.24 51.66 -39.11
N ILE E 221 -6.24 52.31 -39.68
CA ILE E 221 -5.53 51.69 -40.79
C ILE E 221 -4.21 51.19 -40.24
N ASN E 222 -4.09 49.88 -40.13
CA ASN E 222 -2.95 49.28 -39.44
C ASN E 222 -1.99 48.55 -40.38
N ASP E 223 -2.09 48.86 -41.66
CA ASP E 223 -1.29 48.21 -42.68
C ASP E 223 0.07 48.86 -42.94
N ARG E 224 0.15 50.16 -42.75
CA ARG E 224 1.35 50.92 -43.08
C ARG E 224 1.81 51.90 -42.00
N HIS E 225 2.88 52.60 -42.32
CA HIS E 225 3.48 53.64 -41.50
C HIS E 225 2.86 55.00 -41.81
N LEU E 226 2.95 55.95 -40.88
CA LEU E 226 2.27 57.23 -41.03
C LEU E 226 2.38 58.06 -42.30
N PRO E 227 3.55 58.41 -42.84
CA PRO E 227 3.63 59.25 -44.01
C PRO E 227 2.73 58.72 -45.08
N ASP E 228 2.94 57.47 -45.48
CA ASP E 228 2.08 57.03 -46.54
C ASP E 228 0.65 56.76 -46.15
N LYS E 229 0.34 56.25 -44.95
CA LYS E 229 -1.09 55.97 -44.81
C LYS E 229 -1.88 57.26 -44.73
N ALA E 230 -1.30 58.28 -44.11
CA ALA E 230 -2.05 59.50 -43.98
C ALA E 230 -2.18 60.17 -45.33
N ILE E 231 -1.13 60.08 -46.16
CA ILE E 231 -1.16 60.67 -47.49
C ILE E 231 -2.19 59.94 -48.31
N ASP E 232 -2.25 58.62 -48.21
CA ASP E 232 -3.22 57.86 -48.95
C ASP E 232 -4.63 58.27 -48.57
N VAL E 233 -4.87 58.56 -47.30
CA VAL E 233 -6.17 59.03 -46.87
C VAL E 233 -6.50 60.36 -47.51
N ILE E 234 -5.53 61.26 -47.56
CA ILE E 234 -5.72 62.54 -48.21
C ILE E 234 -5.99 62.35 -49.68
N ASP E 235 -5.22 61.49 -50.33
CA ASP E 235 -5.40 61.30 -51.74
C ASP E 235 -6.71 60.60 -52.05
N GLU E 236 -7.13 59.70 -51.18
CA GLU E 236 -8.36 58.98 -51.42
C GLU E 236 -9.51 59.93 -51.22
N ALA E 237 -9.42 60.81 -50.21
CA ALA E 237 -10.46 61.78 -49.98
C ALA E 237 -10.53 62.71 -51.18
N GLY E 238 -9.38 63.05 -51.75
CA GLY E 238 -9.31 63.90 -52.91
C GLY E 238 -10.00 63.20 -54.07
N ALA E 239 -9.63 61.93 -54.30
CA ALA E 239 -10.17 61.14 -55.38
C ALA E 239 -11.68 60.98 -55.26
N ARG E 240 -12.21 60.76 -54.05
CA ARG E 240 -13.65 60.63 -54.02
C ARG E 240 -14.29 62.01 -54.15
N ALA E 241 -13.66 63.05 -53.62
CA ALA E 241 -14.27 64.36 -53.69
C ALA E 241 -14.45 64.79 -55.14
N ARG E 242 -13.50 64.47 -56.00
CA ARG E 242 -13.64 64.83 -57.40
C ARG E 242 -14.48 63.83 -58.21
N LEU E 243 -14.88 62.72 -57.60
CA LEU E 243 -15.59 61.65 -58.28
C LEU E 243 -17.04 61.52 -57.92
N MET E 244 -17.30 61.41 -56.63
CA MET E 244 -18.61 61.18 -56.10
C MET E 244 -19.63 62.28 -56.41
N PRO E 245 -19.40 63.55 -56.04
CA PRO E 245 -20.37 64.60 -56.16
C PRO E 245 -20.42 65.13 -57.58
N VAL E 246 -20.80 64.31 -58.54
CA VAL E 246 -20.73 64.82 -59.92
C VAL E 246 -21.68 65.99 -60.10
N SER E 247 -22.86 65.90 -59.49
CA SER E 247 -23.89 66.91 -59.56
C SER E 247 -23.72 68.08 -58.57
N LYS E 248 -22.76 67.96 -57.64
CA LYS E 248 -22.58 68.98 -56.61
C LYS E 248 -21.25 69.70 -56.70
N ARG E 249 -20.19 68.93 -57.00
CA ARG E 249 -18.82 69.40 -57.12
C ARG E 249 -18.28 70.19 -55.93
N LYS E 250 -18.49 69.68 -54.71
CA LYS E 250 -17.97 70.35 -53.54
C LYS E 250 -16.45 70.35 -53.68
N LYS E 251 -15.83 71.51 -53.50
CA LYS E 251 -14.39 71.59 -53.68
C LYS E 251 -13.55 71.37 -52.43
N THR E 252 -14.11 71.60 -51.26
CA THR E 252 -13.32 71.47 -50.04
C THR E 252 -13.62 70.19 -49.31
N VAL E 253 -12.55 69.47 -48.98
CA VAL E 253 -12.53 68.23 -48.26
C VAL E 253 -12.46 68.54 -46.79
N ASN E 254 -13.39 67.96 -46.03
CA ASN E 254 -13.43 68.21 -44.60
C ASN E 254 -13.19 66.90 -43.86
N VAL E 255 -13.20 66.96 -42.53
CA VAL E 255 -12.98 65.76 -41.74
C VAL E 255 -14.03 64.68 -41.99
N ALA E 256 -15.25 65.08 -42.36
CA ALA E 256 -16.29 64.11 -42.67
C ALA E 256 -15.93 63.23 -43.87
N ASP E 257 -15.20 63.81 -44.84
CA ASP E 257 -14.85 63.08 -46.04
C ASP E 257 -13.69 62.18 -45.70
N ILE E 258 -12.85 62.64 -44.78
CA ILE E 258 -11.78 61.81 -44.29
C ILE E 258 -12.36 60.60 -43.56
N GLU E 259 -13.38 60.78 -42.73
CA GLU E 259 -13.93 59.60 -42.05
C GLU E 259 -14.49 58.58 -43.03
N SER E 260 -15.15 59.02 -44.10
CA SER E 260 -15.67 58.04 -45.03
C SER E 260 -14.55 57.25 -45.72
N VAL E 261 -13.45 57.91 -46.10
CA VAL E 261 -12.41 57.12 -46.74
C VAL E 261 -11.69 56.26 -45.73
N VAL E 262 -11.52 56.72 -44.50
CA VAL E 262 -10.85 55.87 -43.55
C VAL E 262 -11.69 54.64 -43.32
N ALA E 263 -13.00 54.77 -43.19
CA ALA E 263 -13.79 53.58 -42.98
C ALA E 263 -13.62 52.57 -44.13
N ARG E 264 -13.59 53.05 -45.37
CA ARG E 264 -13.44 52.08 -46.45
C ARG E 264 -12.03 51.50 -46.53
N ILE E 265 -11.02 52.33 -46.33
CA ILE E 265 -9.64 51.90 -46.43
C ILE E 265 -9.35 50.88 -45.35
N ALA E 266 -9.85 51.15 -44.15
CA ALA E 266 -9.67 50.33 -42.97
C ALA E 266 -10.56 49.10 -42.89
N ARG E 267 -11.47 48.90 -43.85
CA ARG E 267 -12.42 47.79 -43.82
C ARG E 267 -13.29 47.74 -42.56
N ILE E 268 -13.81 48.88 -42.14
CA ILE E 268 -14.66 48.92 -40.97
C ILE E 268 -15.97 49.54 -41.41
N PRO E 269 -17.07 49.38 -40.68
CA PRO E 269 -18.33 50.02 -40.99
C PRO E 269 -18.19 51.54 -40.97
N GLU E 270 -18.92 52.18 -41.88
CA GLU E 270 -18.97 53.63 -42.05
C GLU E 270 -19.54 54.33 -40.83
N LYS E 271 -20.27 53.58 -40.02
CA LYS E 271 -20.82 54.10 -38.79
C LYS E 271 -19.73 54.04 -37.71
N SER E 272 -19.11 52.85 -37.57
CA SER E 272 -18.14 52.49 -36.54
C SER E 272 -16.87 53.31 -36.54
N VAL E 273 -16.53 53.89 -37.68
CA VAL E 273 -15.34 54.74 -37.74
C VAL E 273 -15.46 55.90 -36.73
N SER E 274 -16.69 56.31 -36.41
CA SER E 274 -16.99 57.40 -35.49
C SER E 274 -17.97 56.99 -34.37
N GLN E 275 -19.13 56.47 -34.77
CA GLN E 275 -20.22 56.13 -33.85
C GLN E 275 -20.25 54.67 -33.49
N SER E 276 -20.12 54.37 -32.21
CA SER E 276 -20.13 52.98 -31.78
C SER E 276 -21.54 52.38 -31.78
N ASP E 277 -21.56 51.05 -31.76
CA ASP E 277 -22.73 50.20 -31.69
C ASP E 277 -23.17 50.05 -30.26
N ARG E 278 -23.57 51.17 -29.67
CA ARG E 278 -23.92 51.22 -28.27
C ARG E 278 -25.07 50.27 -27.97
N ASP E 279 -26.00 50.11 -28.91
CA ASP E 279 -27.13 49.25 -28.68
C ASP E 279 -26.79 47.78 -28.81
N THR E 280 -25.76 47.45 -29.58
CA THR E 280 -25.41 46.07 -29.71
C THR E 280 -24.91 45.63 -28.37
N LEU E 281 -24.08 46.48 -27.78
CA LEU E 281 -23.48 46.14 -26.51
C LEU E 281 -24.51 46.15 -25.40
N LYS E 282 -25.43 47.12 -25.41
CA LYS E 282 -26.44 47.20 -24.36
C LYS E 282 -27.32 45.97 -24.34
N ASN E 283 -27.59 45.42 -25.50
CA ASN E 283 -28.47 44.28 -25.59
C ASN E 283 -27.78 42.91 -25.47
N LEU E 284 -26.47 42.85 -25.23
CA LEU E 284 -25.88 41.52 -25.15
C LEU E 284 -26.39 40.76 -23.97
N GLY E 285 -26.56 41.42 -22.85
CA GLY E 285 -26.94 40.67 -21.67
C GLY E 285 -28.26 39.97 -21.86
N ASP E 286 -29.19 40.62 -22.50
CA ASP E 286 -30.48 40.00 -22.64
C ASP E 286 -30.51 39.05 -23.80
N ARG E 287 -29.80 39.34 -24.86
CA ARG E 287 -29.91 38.42 -25.95
C ARG E 287 -29.24 37.11 -25.62
N LEU E 288 -28.17 37.13 -24.84
CA LEU E 288 -27.54 35.88 -24.51
C LEU E 288 -28.33 35.15 -23.42
N LYS E 289 -28.92 35.88 -22.46
CA LYS E 289 -29.69 35.22 -21.42
C LYS E 289 -30.91 34.53 -21.98
N MET E 290 -31.40 34.96 -23.13
CA MET E 290 -32.54 34.31 -23.72
C MET E 290 -32.18 33.06 -24.55
N LEU E 291 -30.89 32.75 -24.69
CA LEU E 291 -30.47 31.57 -25.45
C LEU E 291 -29.87 30.49 -24.57
N VAL E 292 -29.06 30.90 -23.59
CA VAL E 292 -28.42 29.98 -22.67
C VAL E 292 -28.99 30.26 -21.32
N PHE E 293 -29.64 29.29 -20.72
CA PHE E 293 -30.35 29.56 -19.49
C PHE E 293 -29.58 29.13 -18.27
N GLY E 294 -29.69 29.90 -17.21
CA GLY E 294 -29.12 29.49 -15.94
C GLY E 294 -27.71 29.98 -15.67
N GLN E 295 -27.05 30.49 -16.69
CA GLN E 295 -25.69 30.95 -16.50
C GLN E 295 -25.68 32.45 -16.46
N ASP E 296 -26.38 33.01 -15.49
CA ASP E 296 -26.53 34.44 -15.50
C ASP E 296 -25.30 35.18 -15.07
N LYS E 297 -24.59 34.65 -14.08
CA LYS E 297 -23.44 35.41 -13.65
C LYS E 297 -22.36 35.32 -14.70
N ALA E 298 -22.31 34.20 -15.41
CA ALA E 298 -21.31 34.02 -16.43
C ALA E 298 -21.54 34.94 -17.61
N ILE E 299 -22.80 35.06 -18.04
CA ILE E 299 -23.10 35.95 -19.13
C ILE E 299 -22.78 37.36 -18.72
N GLU E 300 -23.16 37.76 -17.52
CA GLU E 300 -22.85 39.09 -17.13
C GLU E 300 -21.36 39.32 -17.03
N ALA E 301 -20.60 38.39 -16.48
CA ALA E 301 -19.18 38.63 -16.36
C ALA E 301 -18.52 38.86 -17.70
N LEU E 302 -18.95 38.10 -18.70
CA LEU E 302 -18.41 38.25 -20.04
C LEU E 302 -18.81 39.58 -20.64
N THR E 303 -20.08 39.91 -20.49
CA THR E 303 -20.63 41.11 -21.07
C THR E 303 -19.96 42.34 -20.50
N GLU E 304 -19.78 42.35 -19.20
CA GLU E 304 -19.21 43.52 -18.57
C GLU E 304 -17.77 43.70 -18.97
N ALA E 305 -17.02 42.60 -19.08
CA ALA E 305 -15.63 42.72 -19.47
C ALA E 305 -15.52 43.28 -20.88
N ILE E 306 -16.42 42.86 -21.78
CA ILE E 306 -16.37 43.37 -23.14
C ILE E 306 -16.68 44.83 -23.15
N LYS E 307 -17.71 45.25 -22.42
CA LYS E 307 -18.03 46.65 -22.39
C LYS E 307 -16.87 47.48 -21.87
N MET E 308 -16.19 47.04 -20.83
CA MET E 308 -15.10 47.87 -20.34
C MET E 308 -14.05 48.07 -21.40
N ALA E 309 -13.74 47.01 -22.14
CA ALA E 309 -12.76 47.14 -23.20
C ALA E 309 -13.26 48.09 -24.29
N ARG E 310 -14.55 48.02 -24.59
CA ARG E 310 -15.13 48.85 -25.63
C ARG E 310 -15.27 50.29 -25.20
N ALA E 311 -15.29 50.52 -23.90
CA ALA E 311 -15.36 51.85 -23.32
C ALA E 311 -13.97 52.48 -23.32
N GLY E 312 -12.95 51.74 -23.72
CA GLY E 312 -11.60 52.27 -23.73
C GLY E 312 -10.85 52.13 -22.41
N LEU E 313 -11.26 51.25 -21.50
CA LEU E 313 -10.51 51.15 -20.27
C LEU E 313 -9.68 49.89 -20.33
N GLY E 314 -8.40 50.05 -20.59
CA GLY E 314 -7.51 48.94 -20.81
C GLY E 314 -6.34 49.43 -21.62
N HIS E 315 -5.65 48.50 -22.27
CA HIS E 315 -4.48 48.87 -23.03
C HIS E 315 -4.75 48.72 -24.51
N GLU E 316 -4.36 49.71 -25.29
CA GLU E 316 -4.60 49.71 -26.72
C GLU E 316 -3.86 48.62 -27.46
N HIS E 317 -2.79 48.07 -26.92
CA HIS E 317 -2.10 47.01 -27.63
C HIS E 317 -2.67 45.63 -27.37
N LYS E 318 -3.61 45.48 -26.44
CA LYS E 318 -4.07 44.15 -26.11
C LYS E 318 -5.32 43.73 -26.91
N PRO E 319 -5.66 42.42 -26.92
CA PRO E 319 -6.87 41.85 -27.48
C PRO E 319 -8.05 42.41 -26.73
N VAL E 320 -9.24 42.28 -27.32
CA VAL E 320 -10.44 42.87 -26.73
C VAL E 320 -10.62 42.30 -25.34
N GLY E 321 -10.34 41.03 -25.19
CA GLY E 321 -10.41 40.37 -23.91
C GLY E 321 -9.96 38.94 -24.07
N SER E 322 -9.69 38.29 -22.95
CA SER E 322 -9.23 36.91 -22.91
C SER E 322 -9.82 36.13 -21.75
N PHE E 323 -10.71 35.18 -22.04
CA PHE E 323 -11.35 34.48 -20.95
C PHE E 323 -11.36 32.97 -21.08
N LEU E 324 -11.12 32.32 -19.94
CA LEU E 324 -11.14 30.87 -19.91
C LEU E 324 -12.47 30.45 -19.34
N PHE E 325 -13.18 29.56 -20.01
CA PHE E 325 -14.47 29.12 -19.47
C PHE E 325 -14.33 27.73 -18.91
N ALA E 326 -14.92 27.47 -17.77
CA ALA E 326 -14.82 26.15 -17.18
C ALA E 326 -16.06 25.78 -16.40
N GLY E 327 -16.31 24.49 -16.24
CA GLY E 327 -17.45 24.04 -15.44
C GLY E 327 -17.80 22.62 -15.87
N PRO E 328 -18.92 22.06 -15.38
CA PRO E 328 -19.45 20.72 -15.60
C PRO E 328 -19.84 20.59 -17.04
N THR E 329 -20.03 19.36 -17.54
CA THR E 329 -20.46 19.19 -18.92
C THR E 329 -21.94 19.50 -19.09
N GLY E 330 -22.35 19.75 -20.34
CA GLY E 330 -23.73 19.99 -20.72
C GLY E 330 -24.29 21.30 -20.18
N VAL E 331 -23.45 22.31 -19.95
CA VAL E 331 -23.93 23.54 -19.34
C VAL E 331 -23.91 24.76 -20.24
N GLY E 332 -23.49 24.61 -21.49
CA GLY E 332 -23.47 25.75 -22.41
C GLY E 332 -22.17 26.52 -22.48
N LYS E 333 -21.06 25.98 -21.98
CA LYS E 333 -19.85 26.77 -22.06
C LYS E 333 -19.39 27.03 -23.51
N THR E 334 -19.77 26.19 -24.48
CA THR E 334 -19.41 26.49 -25.85
C THR E 334 -20.59 27.16 -26.50
N GLU E 335 -21.78 26.78 -26.09
CA GLU E 335 -22.93 27.36 -26.74
C GLU E 335 -22.94 28.86 -26.56
N VAL E 336 -22.55 29.34 -25.39
CA VAL E 336 -22.56 30.77 -25.20
C VAL E 336 -21.52 31.45 -26.07
N THR E 337 -20.39 30.82 -26.35
CA THR E 337 -19.39 31.47 -27.18
C THR E 337 -19.91 31.61 -28.57
N VAL E 338 -20.59 30.59 -29.05
CA VAL E 338 -21.12 30.66 -30.39
C VAL E 338 -22.16 31.76 -30.45
N GLN E 339 -23.00 31.85 -29.44
CA GLN E 339 -23.99 32.89 -29.46
C GLN E 339 -23.38 34.26 -29.30
N LEU E 340 -22.26 34.39 -28.60
CA LEU E 340 -21.63 35.68 -28.47
C LEU E 340 -21.26 36.21 -29.83
N SER E 341 -20.62 35.39 -30.64
CA SER E 341 -20.17 35.89 -31.92
C SER E 341 -21.38 36.27 -32.75
N LYS E 342 -22.48 35.54 -32.61
CA LYS E 342 -23.64 35.95 -33.38
C LYS E 342 -24.24 37.24 -32.87
N ALA E 343 -24.31 37.39 -31.56
CA ALA E 343 -24.91 38.57 -30.95
C ALA E 343 -24.18 39.84 -31.37
N LEU E 344 -22.87 39.74 -31.50
CA LEU E 344 -22.07 40.86 -31.90
C LEU E 344 -21.97 41.05 -33.41
N GLY E 345 -22.51 40.13 -34.20
CA GLY E 345 -22.39 40.23 -35.65
C GLY E 345 -20.96 39.95 -36.12
N ILE E 346 -20.23 39.12 -35.40
CA ILE E 346 -18.85 38.87 -35.72
C ILE E 346 -18.55 37.44 -36.11
N GLU E 347 -17.85 37.25 -37.21
CA GLU E 347 -17.50 35.90 -37.63
C GLU E 347 -16.67 35.18 -36.58
N LEU E 348 -17.01 33.91 -36.37
CA LEU E 348 -16.33 33.05 -35.40
C LEU E 348 -15.24 32.21 -36.04
N LEU E 349 -14.04 32.33 -35.52
CA LEU E 349 -12.90 31.59 -35.99
C LEU E 349 -12.74 30.48 -34.99
N ARG E 350 -12.86 29.23 -35.43
CA ARG E 350 -12.84 28.16 -34.46
C ARG E 350 -11.82 27.10 -34.73
N PHE E 351 -11.08 26.78 -33.68
CA PHE E 351 -10.08 25.74 -33.73
C PHE E 351 -10.38 24.72 -32.66
N ASP E 352 -10.34 23.45 -33.04
CA ASP E 352 -10.55 22.39 -32.09
C ASP E 352 -9.21 21.97 -31.58
N MET E 353 -8.89 22.22 -30.33
CA MET E 353 -7.53 22.00 -29.90
C MET E 353 -7.14 20.56 -29.79
N SER E 354 -8.08 19.67 -29.94
CA SER E 354 -7.78 18.25 -29.91
C SER E 354 -7.10 17.86 -31.20
N GLU E 355 -7.11 18.75 -32.20
CA GLU E 355 -6.44 18.47 -33.45
C GLU E 355 -4.97 18.86 -33.36
N TYR E 356 -4.56 19.43 -32.23
CA TYR E 356 -3.19 19.87 -32.08
C TYR E 356 -2.52 19.28 -30.86
N MET E 357 -2.53 17.95 -30.77
CA MET E 357 -1.98 17.25 -29.60
C MET E 357 -0.51 16.92 -29.75
N GLU E 358 -0.02 17.02 -30.97
CA GLU E 358 1.37 16.67 -31.27
C GLU E 358 2.32 17.83 -31.21
N ARG E 359 3.55 17.56 -31.61
CA ARG E 359 4.60 18.59 -31.61
C ARG E 359 4.67 19.20 -33.00
N HIS E 360 3.72 18.83 -33.84
CA HIS E 360 3.63 19.25 -35.23
C HIS E 360 2.50 20.25 -35.39
N THR E 361 2.22 20.98 -34.33
CA THR E 361 1.16 21.96 -34.34
C THR E 361 1.67 23.30 -34.67
N VAL E 362 2.90 23.55 -34.34
CA VAL E 362 3.43 24.87 -34.57
C VAL E 362 3.47 25.09 -36.05
N SER E 363 3.90 24.06 -36.75
CA SER E 363 4.04 24.07 -38.18
C SER E 363 2.72 24.31 -38.89
N ARG E 364 1.60 24.21 -38.18
CA ARG E 364 0.33 24.43 -38.77
C ARG E 364 -0.24 25.77 -38.32
N LEU E 365 -0.12 26.08 -37.03
CA LEU E 365 -0.68 27.29 -36.46
C LEU E 365 0.10 28.55 -36.77
N ILE E 366 1.42 28.43 -36.81
CA ILE E 366 2.35 29.52 -37.11
C ILE E 366 2.85 29.43 -38.52
N GLY E 367 3.14 28.22 -38.95
CA GLY E 367 3.64 27.98 -40.29
C GLY E 367 4.89 27.17 -40.18
N ALA E 368 5.20 26.38 -41.18
CA ALA E 368 6.37 25.56 -41.05
C ALA E 368 7.61 26.45 -41.10
N PRO E 369 8.74 26.07 -40.50
CA PRO E 369 9.95 26.84 -40.61
C PRO E 369 10.34 26.87 -42.08
N PRO E 370 11.07 27.89 -42.55
CA PRO E 370 11.52 27.99 -43.92
C PRO E 370 12.24 26.71 -44.29
N GLY E 371 11.97 26.24 -45.49
CA GLY E 371 12.56 25.01 -46.02
C GLY E 371 11.59 23.84 -45.90
N TYR E 372 10.58 23.97 -45.06
CA TYR E 372 9.59 22.93 -44.88
C TYR E 372 8.36 23.20 -45.68
N VAL E 373 7.74 22.16 -46.16
CA VAL E 373 6.50 22.35 -46.88
C VAL E 373 5.51 22.90 -45.88
N GLY E 374 4.80 23.98 -46.22
CA GLY E 374 3.89 24.59 -45.28
C GLY E 374 4.50 25.87 -44.73
N PHE E 375 5.77 26.17 -45.08
CA PHE E 375 6.37 27.43 -44.60
C PHE E 375 5.70 28.56 -45.32
N ASP E 376 5.08 28.23 -46.45
CA ASP E 376 4.31 29.07 -47.31
C ASP E 376 2.99 29.53 -46.67
N GLN E 377 2.56 28.88 -45.60
CA GLN E 377 1.33 29.26 -44.94
C GLN E 377 1.71 30.33 -43.92
N GLY E 378 0.78 31.23 -43.54
CA GLY E 378 1.18 32.23 -42.54
C GLY E 378 0.89 31.73 -41.14
N GLY E 379 0.33 30.55 -41.10
CA GLY E 379 -0.09 29.87 -39.93
C GLY E 379 -1.58 29.92 -39.94
N LEU E 380 -2.22 28.84 -39.58
CA LEU E 380 -3.65 28.85 -39.65
C LEU E 380 -4.22 29.93 -38.77
N LEU E 381 -3.59 30.17 -37.62
CA LEU E 381 -4.11 31.18 -36.74
C LEU E 381 -3.85 32.56 -37.28
N THR E 382 -2.65 32.78 -37.78
CA THR E 382 -2.24 34.07 -38.27
C THR E 382 -3.11 34.50 -39.41
N ASP E 383 -3.36 33.56 -40.31
CA ASP E 383 -4.08 33.89 -41.52
C ASP E 383 -5.53 34.12 -41.22
N ALA E 384 -6.12 33.35 -40.32
CA ALA E 384 -7.50 33.59 -40.01
C ALA E 384 -7.70 34.97 -39.41
N VAL E 385 -6.77 35.39 -38.55
CA VAL E 385 -6.89 36.69 -37.92
C VAL E 385 -6.64 37.83 -38.89
N ILE E 386 -5.64 37.69 -39.78
CA ILE E 386 -5.41 38.76 -40.73
C ILE E 386 -6.62 38.95 -41.63
N LYS E 387 -7.18 37.86 -42.13
CA LYS E 387 -8.37 38.00 -42.95
C LYS E 387 -9.56 38.58 -42.20
N HIS E 388 -9.69 38.23 -40.92
CA HIS E 388 -10.81 38.68 -40.12
C HIS E 388 -10.35 39.36 -38.84
N PRO E 389 -9.83 40.59 -38.90
CA PRO E 389 -9.27 41.29 -37.75
C PRO E 389 -10.30 41.52 -36.66
N HIS E 390 -11.57 41.49 -37.03
CA HIS E 390 -12.65 41.61 -36.09
C HIS E 390 -13.21 40.24 -36.03
N ALA E 391 -13.05 39.60 -34.89
CA ALA E 391 -13.41 38.19 -34.79
C ALA E 391 -13.62 37.72 -33.38
N VAL E 392 -14.35 36.63 -33.25
CA VAL E 392 -14.37 35.94 -31.98
C VAL E 392 -13.57 34.70 -32.25
N LEU E 393 -12.52 34.51 -31.48
CA LEU E 393 -11.62 33.39 -31.65
C LEU E 393 -11.78 32.36 -30.57
N LEU E 394 -12.17 31.16 -30.95
CA LEU E 394 -12.41 30.09 -29.99
C LEU E 394 -11.45 28.94 -30.07
N LEU E 395 -10.79 28.67 -28.96
CA LEU E 395 -9.89 27.55 -28.89
C LEU E 395 -10.57 26.56 -27.99
N ASP E 396 -11.19 25.59 -28.64
CA ASP E 396 -11.99 24.58 -27.96
C ASP E 396 -11.17 23.52 -27.26
N GLU E 397 -11.45 23.35 -25.97
CA GLU E 397 -10.74 22.34 -25.18
C GLU E 397 -9.23 22.48 -25.22
N ILE E 398 -8.76 23.63 -24.75
CA ILE E 398 -7.36 24.01 -24.75
C ILE E 398 -6.43 23.10 -23.97
N GLU E 399 -6.95 22.40 -22.96
CA GLU E 399 -6.14 21.50 -22.16
C GLU E 399 -5.61 20.27 -22.92
N LYS E 400 -6.11 20.07 -24.13
CA LYS E 400 -5.69 18.95 -24.94
C LYS E 400 -4.59 19.34 -25.87
N ALA E 401 -4.30 20.63 -25.94
CA ALA E 401 -3.29 21.10 -26.84
C ALA E 401 -1.92 20.73 -26.39
N HIS E 402 -1.04 20.47 -27.31
CA HIS E 402 0.34 20.29 -26.95
C HIS E 402 0.79 21.58 -26.28
N PRO E 403 1.58 21.53 -25.20
CA PRO E 403 2.08 22.68 -24.46
C PRO E 403 2.71 23.79 -25.28
N ASP E 404 3.28 23.53 -26.46
CA ASP E 404 3.88 24.64 -27.19
C ASP E 404 2.87 25.74 -27.53
N VAL E 405 1.58 25.40 -27.62
CA VAL E 405 0.60 26.40 -27.97
C VAL E 405 0.55 27.48 -26.93
N PHE E 406 0.98 27.17 -25.73
CA PHE E 406 0.89 28.17 -24.72
C PHE E 406 1.89 29.26 -24.96
N ASN E 407 3.01 28.99 -25.64
CA ASN E 407 3.92 30.08 -25.84
C ASN E 407 3.32 31.03 -26.85
N ILE E 408 2.56 30.47 -27.78
CA ILE E 408 1.92 31.29 -28.79
C ILE E 408 0.92 32.21 -28.08
N LEU E 409 0.13 31.62 -27.19
CA LEU E 409 -0.87 32.38 -26.48
C LEU E 409 -0.28 33.41 -25.55
N LEU E 410 0.82 33.09 -24.88
CA LEU E 410 1.38 34.08 -23.98
C LEU E 410 1.84 35.28 -24.76
N GLN E 411 2.44 35.09 -25.94
CA GLN E 411 2.88 36.26 -26.66
C GLN E 411 1.73 37.13 -27.07
N VAL E 412 0.65 36.53 -27.57
CA VAL E 412 -0.45 37.34 -28.03
C VAL E 412 -1.10 38.08 -26.89
N MET E 413 -1.28 37.42 -25.76
CA MET E 413 -1.92 38.10 -24.67
C MET E 413 -1.11 39.32 -24.22
N ASP E 414 0.22 39.27 -24.33
CA ASP E 414 1.01 40.43 -23.95
C ASP E 414 1.19 41.50 -25.01
N ASN E 415 1.29 41.17 -26.29
CA ASN E 415 1.51 42.24 -27.25
C ASN E 415 0.45 42.48 -28.32
N GLY E 416 -0.60 41.66 -28.39
CA GLY E 416 -1.66 41.87 -29.36
C GLY E 416 -1.31 41.44 -30.76
N THR E 417 -0.17 40.82 -30.95
CA THR E 417 0.18 40.47 -32.29
C THR E 417 0.95 39.19 -32.43
N LEU E 418 0.79 38.57 -33.57
CA LEU E 418 1.50 37.36 -33.84
C LEU E 418 2.13 37.42 -35.20
N THR E 419 3.43 37.24 -35.26
CA THR E 419 4.04 37.31 -36.56
C THR E 419 4.04 35.93 -37.15
N ASP E 420 4.19 35.88 -38.45
CA ASP E 420 4.31 34.64 -39.20
C ASP E 420 5.79 34.32 -39.29
N ASN E 421 6.14 33.34 -40.10
CA ASN E 421 7.51 32.94 -40.30
C ASN E 421 8.11 33.60 -41.57
N ASN E 422 7.40 34.56 -42.16
CA ASN E 422 7.79 35.23 -43.40
C ASN E 422 7.87 36.77 -43.30
N GLY E 423 7.29 37.37 -42.26
CA GLY E 423 7.25 38.81 -42.05
C GLY E 423 5.86 39.46 -41.82
N ARG E 424 4.73 38.79 -42.10
CA ARG E 424 3.42 39.38 -41.87
C ARG E 424 2.99 39.23 -40.43
N LYS E 425 2.07 40.06 -39.97
CA LYS E 425 1.59 39.85 -38.61
C LYS E 425 0.10 40.03 -38.47
N ALA E 426 -0.48 39.18 -37.64
CA ALA E 426 -1.86 39.27 -37.25
C ALA E 426 -2.04 40.29 -36.16
N ASP E 427 -3.15 41.00 -36.22
CA ASP E 427 -3.53 42.01 -35.25
C ASP E 427 -4.71 41.55 -34.43
N PHE E 428 -4.49 41.25 -33.18
CA PHE E 428 -5.53 40.66 -32.36
C PHE E 428 -6.23 41.67 -31.52
N ARG E 429 -5.94 42.95 -31.71
CA ARG E 429 -6.53 43.97 -30.87
C ARG E 429 -8.02 44.08 -31.06
N ASN E 430 -8.52 43.55 -32.14
CA ASN E 430 -9.93 43.58 -32.43
C ASN E 430 -10.59 42.21 -32.33
N VAL E 431 -9.95 41.25 -31.68
CA VAL E 431 -10.64 39.98 -31.57
C VAL E 431 -10.84 39.64 -30.12
N VAL E 432 -11.80 38.77 -29.86
CA VAL E 432 -12.08 38.31 -28.51
C VAL E 432 -11.59 36.89 -28.38
N LEU E 433 -10.73 36.62 -27.40
CA LEU E 433 -10.23 35.27 -27.24
C LEU E 433 -10.93 34.49 -26.16
N VAL E 434 -11.55 33.39 -26.54
CA VAL E 434 -12.22 32.54 -25.60
C VAL E 434 -11.65 31.17 -25.68
N MET E 435 -11.25 30.64 -24.56
CA MET E 435 -10.71 29.33 -24.49
C MET E 435 -11.60 28.55 -23.59
N THR E 436 -11.86 27.32 -23.91
CA THR E 436 -12.67 26.55 -22.98
C THR E 436 -11.88 25.39 -22.47
N THR E 437 -12.29 24.88 -21.33
CA THR E 437 -11.66 23.73 -20.76
C THR E 437 -12.63 22.87 -20.02
N ASN E 438 -12.37 21.57 -19.98
CA ASN E 438 -13.19 20.67 -19.20
C ASN E 438 -12.44 20.18 -17.98
N ALA E 439 -11.38 20.86 -17.59
CA ALA E 439 -10.64 20.41 -16.43
C ALA E 439 -11.52 20.30 -15.20
N GLY E 440 -12.46 21.20 -15.10
CA GLY E 440 -13.34 21.31 -13.96
C GLY E 440 -14.54 20.36 -14.01
N VAL E 441 -14.61 19.48 -15.00
CA VAL E 441 -15.76 18.60 -15.03
C VAL E 441 -15.52 17.40 -14.14
N ARG E 442 -14.27 17.21 -13.69
CA ARG E 442 -14.00 16.03 -12.89
C ARG E 442 -14.86 16.06 -11.65
N GLU E 443 -15.58 14.97 -11.40
CA GLU E 443 -16.50 14.89 -10.25
C GLU E 443 -16.73 13.42 -9.86
N THR E 444 -17.48 13.18 -8.78
CA THR E 444 -17.83 11.82 -8.35
C THR E 444 -19.31 11.56 -8.26
N GLU E 445 -19.62 10.30 -8.01
CA GLU E 445 -20.98 9.84 -7.84
C GLU E 445 -21.28 9.38 -6.42
N ARG E 446 -20.23 9.22 -5.62
CA ARG E 446 -20.35 8.68 -4.27
C ARG E 446 -20.79 9.67 -3.23
N LYS E 447 -21.68 9.21 -2.36
CA LYS E 447 -22.26 9.94 -1.25
C LYS E 447 -21.60 9.59 0.08
N SER E 448 -21.96 10.33 1.10
CA SER E 448 -21.47 10.13 2.44
C SER E 448 -22.05 8.86 3.05
N ILE E 449 -21.47 8.39 4.14
CA ILE E 449 -21.96 7.19 4.79
C ILE E 449 -22.78 7.59 5.99
N GLY E 450 -24.03 7.21 6.05
CA GLY E 450 -24.83 7.58 7.20
C GLY E 450 -26.29 7.50 6.86
N LEU E 451 -27.15 7.77 7.83
CA LEU E 451 -28.57 7.73 7.55
C LEU E 451 -29.01 9.03 6.89
N ILE E 452 -28.32 10.11 7.17
CA ILE E 452 -28.66 11.40 6.62
C ILE E 452 -27.58 11.84 5.68
N HIS E 453 -27.91 12.13 4.43
CA HIS E 453 -26.88 12.52 3.49
C HIS E 453 -26.48 13.95 3.64
N GLN E 454 -25.22 14.18 3.36
CA GLN E 454 -24.66 15.52 3.37
C GLN E 454 -23.86 15.74 2.10
N ASP E 455 -23.66 17.00 1.75
CA ASP E 455 -22.92 17.38 0.56
C ASP E 455 -21.41 17.27 0.75
N ASN E 456 -20.79 16.35 0.01
CA ASN E 456 -19.37 16.06 0.08
C ASN E 456 -18.59 16.54 -1.13
N SER E 457 -19.09 17.55 -1.82
CA SER E 457 -18.46 18.13 -2.99
C SER E 457 -17.12 18.79 -2.66
N THR E 458 -16.19 18.73 -3.61
CA THR E 458 -14.87 19.33 -3.50
C THR E 458 -14.88 20.76 -4.03
N ASP E 459 -13.79 21.48 -3.79
CA ASP E 459 -13.68 22.87 -4.22
C ASP E 459 -13.23 23.05 -5.66
N ALA E 460 -14.15 23.57 -6.44
CA ALA E 460 -13.90 23.79 -7.85
C ALA E 460 -12.85 24.83 -7.99
N MET E 461 -12.09 24.71 -9.08
CA MET E 461 -11.04 25.61 -9.54
C MET E 461 -9.70 24.96 -9.28
N GLU E 462 -9.65 23.99 -8.38
CA GLU E 462 -8.37 23.38 -8.10
C GLU E 462 -7.88 22.64 -9.33
N GLU E 463 -8.80 22.11 -10.12
CA GLU E 463 -8.46 21.37 -11.32
C GLU E 463 -7.88 22.24 -12.43
N ILE E 464 -8.04 23.56 -12.29
CA ILE E 464 -7.54 24.48 -13.28
C ILE E 464 -6.19 24.95 -12.82
N LYS E 465 -6.09 25.27 -11.56
CA LYS E 465 -4.85 25.77 -11.00
C LYS E 465 -3.72 24.76 -11.16
N LYS E 466 -4.05 23.47 -11.14
CA LYS E 466 -3.03 22.45 -11.29
C LYS E 466 -2.64 22.15 -12.74
N ILE E 467 -3.36 22.69 -13.72
CA ILE E 467 -3.06 22.46 -15.13
C ILE E 467 -2.43 23.65 -15.78
N PHE E 468 -3.02 24.80 -15.55
CA PHE E 468 -2.59 26.01 -16.18
C PHE E 468 -1.67 26.74 -15.24
N THR E 469 -0.44 26.93 -15.64
CA THR E 469 0.52 27.53 -14.74
C THR E 469 0.22 29.02 -14.62
N PRO E 470 0.70 29.72 -13.56
CA PRO E 470 0.51 31.14 -13.29
C PRO E 470 0.81 32.06 -14.45
N GLU E 471 1.78 31.70 -15.27
CA GLU E 471 2.08 32.61 -16.38
C GLU E 471 0.90 32.75 -17.29
N PHE E 472 0.14 31.70 -17.45
CA PHE E 472 -1.01 31.74 -18.30
C PHE E 472 -2.15 32.36 -17.54
N ARG E 473 -2.38 31.87 -16.33
CA ARG E 473 -3.54 32.34 -15.59
C ARG E 473 -3.49 33.83 -15.28
N ASN E 474 -2.31 34.36 -15.06
CA ASN E 474 -2.15 35.76 -14.70
C ASN E 474 -2.33 36.69 -15.86
N ARG E 475 -2.49 36.15 -17.06
CA ARG E 475 -2.69 36.97 -18.22
C ARG E 475 -4.12 36.89 -18.73
N LEU E 476 -5.00 36.23 -18.00
CA LEU E 476 -6.36 36.15 -18.44
C LEU E 476 -7.13 37.30 -17.86
N ASP E 477 -8.18 37.74 -18.54
CA ASP E 477 -8.99 38.76 -17.94
C ASP E 477 -9.77 38.08 -16.89
N ASN E 478 -10.26 36.90 -17.21
CA ASN E 478 -10.91 36.16 -16.16
C ASN E 478 -11.02 34.67 -16.43
N ILE E 479 -11.56 33.97 -15.46
CA ILE E 479 -11.93 32.58 -15.59
C ILE E 479 -13.37 32.57 -15.21
N ILE E 480 -14.21 32.13 -16.11
CA ILE E 480 -15.62 32.16 -15.86
C ILE E 480 -16.08 30.79 -15.49
N TRP E 481 -16.52 30.62 -14.26
CA TRP E 481 -16.98 29.33 -13.85
C TRP E 481 -18.47 29.22 -14.13
N PHE E 482 -18.87 28.15 -14.81
CA PHE E 482 -20.25 27.88 -15.16
C PHE E 482 -20.87 26.94 -14.17
N ASP E 483 -22.13 27.11 -13.84
CA ASP E 483 -22.70 26.20 -12.86
C ASP E 483 -23.53 25.08 -13.46
N HIS E 484 -24.05 24.23 -12.59
CA HIS E 484 -24.95 23.13 -12.93
C HIS E 484 -26.32 23.69 -13.22
N LEU E 485 -27.12 22.99 -14.00
CA LEU E 485 -28.42 23.54 -14.27
C LEU E 485 -29.46 23.06 -13.26
N SER E 486 -30.30 23.98 -12.83
CA SER E 486 -31.40 23.79 -11.89
C SER E 486 -32.63 23.28 -12.59
N THR E 487 -33.63 22.90 -11.82
CA THR E 487 -34.84 22.40 -12.41
C THR E 487 -35.68 23.48 -13.10
N ASP E 488 -35.52 24.73 -12.71
CA ASP E 488 -36.28 25.79 -13.36
C ASP E 488 -35.73 25.98 -14.75
N VAL E 489 -34.41 25.88 -14.81
CA VAL E 489 -33.73 25.93 -16.07
C VAL E 489 -34.18 24.80 -16.92
N ILE E 490 -34.34 23.61 -16.36
CA ILE E 490 -34.77 22.53 -17.21
C ILE E 490 -36.09 22.84 -17.85
N HIS E 491 -37.03 23.43 -17.14
CA HIS E 491 -38.27 23.72 -17.83
C HIS E 491 -38.01 24.64 -19.03
N GLN E 492 -37.13 25.63 -18.87
CA GLN E 492 -36.83 26.51 -20.00
C GLN E 492 -36.13 25.75 -21.14
N VAL E 493 -35.24 24.84 -20.78
CA VAL E 493 -34.57 24.00 -21.74
C VAL E 493 -35.54 23.13 -22.52
N VAL E 494 -36.54 22.57 -21.85
CA VAL E 494 -37.48 21.78 -22.60
C VAL E 494 -38.14 22.66 -23.62
N ASP E 495 -38.54 23.85 -23.25
CA ASP E 495 -39.18 24.66 -24.26
C ASP E 495 -38.32 24.96 -25.46
N LYS E 496 -37.03 25.21 -25.31
CA LYS E 496 -36.34 25.50 -26.56
C LYS E 496 -36.19 24.24 -27.40
N PHE E 497 -36.10 23.08 -26.76
CA PHE E 497 -35.97 21.87 -27.57
C PHE E 497 -37.27 21.54 -28.28
N ILE E 498 -38.41 21.81 -27.64
CA ILE E 498 -39.67 21.53 -28.29
C ILE E 498 -39.79 22.44 -29.49
N VAL E 499 -39.34 23.69 -29.37
CA VAL E 499 -39.40 24.57 -30.51
C VAL E 499 -38.56 24.03 -31.66
N GLU E 500 -37.36 23.55 -31.38
CA GLU E 500 -36.55 23.02 -32.47
C GLU E 500 -37.27 21.87 -33.15
N LEU E 501 -37.95 21.04 -32.36
CA LEU E 501 -38.70 19.94 -32.95
C LEU E 501 -39.77 20.48 -33.85
N GLN E 502 -40.46 21.54 -33.42
CA GLN E 502 -41.48 22.09 -34.29
C GLN E 502 -40.89 22.63 -35.56
N VAL E 503 -39.72 23.24 -35.51
CA VAL E 503 -39.20 23.75 -36.76
C VAL E 503 -39.00 22.60 -37.74
N GLN E 504 -38.44 21.50 -37.27
CA GLN E 504 -38.24 20.39 -38.17
C GLN E 504 -39.57 19.88 -38.71
N LEU E 505 -40.60 19.84 -37.86
CA LEU E 505 -41.92 19.41 -38.30
C LEU E 505 -42.58 20.36 -39.27
N ASP E 506 -42.35 21.66 -39.15
CA ASP E 506 -42.93 22.60 -40.10
C ASP E 506 -42.52 22.25 -41.51
N GLN E 507 -41.32 21.76 -41.68
CA GLN E 507 -40.81 21.42 -42.99
C GLN E 507 -41.60 20.29 -43.64
N LYS E 508 -42.34 19.53 -42.84
CA LYS E 508 -43.14 18.41 -43.30
C LYS E 508 -44.63 18.71 -43.27
N GLY E 509 -45.03 19.93 -42.91
CA GLY E 509 -46.43 20.26 -42.82
C GLY E 509 -47.10 19.71 -41.57
N VAL E 510 -46.35 19.54 -40.48
CA VAL E 510 -46.92 19.01 -39.27
C VAL E 510 -46.89 19.98 -38.11
N SER E 511 -48.04 20.16 -37.49
CA SER E 511 -48.16 21.05 -36.34
C SER E 511 -48.17 20.28 -35.03
N LEU E 512 -47.22 20.54 -34.12
CA LEU E 512 -47.18 19.83 -32.85
C LEU E 512 -47.58 20.67 -31.64
N GLU E 513 -48.58 20.21 -30.90
CA GLU E 513 -49.01 20.86 -29.67
C GLU E 513 -48.84 20.01 -28.42
N VAL E 514 -47.78 20.26 -27.69
CA VAL E 514 -47.48 19.53 -26.47
C VAL E 514 -48.12 20.27 -25.32
N SER E 515 -48.82 19.57 -24.43
CA SER E 515 -49.46 20.18 -23.28
C SER E 515 -48.47 20.57 -22.21
N GLN E 516 -48.89 21.40 -21.25
CA GLN E 516 -48.01 21.79 -20.17
C GLN E 516 -47.70 20.62 -19.26
N GLU E 517 -48.65 19.73 -19.08
CA GLU E 517 -48.42 18.61 -18.21
C GLU E 517 -47.39 17.71 -18.83
N ALA E 518 -47.48 17.53 -20.15
CA ALA E 518 -46.51 16.70 -20.84
C ALA E 518 -45.13 17.33 -20.68
N ARG E 519 -45.04 18.65 -20.69
CA ARG E 519 -43.75 19.29 -20.51
C ARG E 519 -43.21 19.10 -19.14
N ASN E 520 -44.08 19.19 -18.15
CA ASN E 520 -43.57 19.05 -16.81
C ASN E 520 -43.07 17.64 -16.62
N TRP E 521 -43.78 16.70 -17.24
CA TRP E 521 -43.42 15.29 -17.18
C TRP E 521 -42.05 15.03 -17.81
N LEU E 522 -41.82 15.59 -19.00
CA LEU E 522 -40.54 15.37 -19.66
C LEU E 522 -39.44 16.01 -18.85
N ALA E 523 -39.70 17.21 -18.29
CA ALA E 523 -38.69 17.90 -17.53
C ALA E 523 -38.26 17.06 -16.36
N GLU E 524 -39.20 16.36 -15.73
CA GLU E 524 -38.80 15.53 -14.63
C GLU E 524 -38.01 14.32 -15.12
N LYS E 525 -38.46 13.69 -16.21
CA LYS E 525 -37.79 12.48 -16.64
C LYS E 525 -36.36 12.67 -17.03
N GLY E 526 -36.05 13.81 -17.60
CA GLY E 526 -34.69 14.05 -18.03
C GLY E 526 -33.82 14.79 -17.05
N TYR E 527 -34.25 15.05 -15.83
CA TYR E 527 -33.32 15.83 -15.04
C TYR E 527 -32.21 15.04 -14.43
N ASP E 528 -31.01 15.51 -14.69
CA ASP E 528 -29.80 14.96 -14.13
C ASP E 528 -28.81 16.06 -13.89
N ARG E 529 -28.60 16.40 -12.65
CA ARG E 529 -27.75 17.51 -12.30
C ARG E 529 -26.33 17.33 -12.84
N ALA E 530 -25.85 16.10 -12.91
CA ALA E 530 -24.49 15.85 -13.33
C ALA E 530 -24.26 15.83 -14.84
N MET E 531 -25.30 15.87 -15.66
CA MET E 531 -25.11 15.74 -17.10
C MET E 531 -25.60 16.97 -17.86
N GLY E 532 -25.92 18.01 -17.13
CA GLY E 532 -26.37 19.22 -17.76
C GLY E 532 -27.63 18.98 -18.55
N ALA E 533 -27.74 19.66 -19.68
CA ALA E 533 -28.90 19.59 -20.56
C ALA E 533 -28.83 18.49 -21.59
N ARG E 534 -27.73 17.78 -21.70
CA ARG E 534 -27.69 16.80 -22.78
C ARG E 534 -28.78 15.73 -22.69
N PRO E 535 -29.11 15.18 -21.51
CA PRO E 535 -30.21 14.26 -21.34
C PRO E 535 -31.55 14.81 -21.74
N MET E 536 -31.72 16.12 -21.78
CA MET E 536 -33.03 16.55 -22.13
C MET E 536 -33.24 16.30 -23.57
N ALA E 537 -32.18 16.43 -24.33
CA ALA E 537 -32.30 16.20 -25.74
C ALA E 537 -32.64 14.73 -25.97
N ARG E 538 -32.06 13.86 -25.16
CA ARG E 538 -32.33 12.44 -25.33
C ARG E 538 -33.75 12.10 -24.98
N VAL E 539 -34.27 12.71 -23.93
CA VAL E 539 -35.62 12.45 -23.51
C VAL E 539 -36.62 12.88 -24.55
N ILE E 540 -36.42 14.04 -25.12
CA ILE E 540 -37.31 14.50 -26.14
C ILE E 540 -37.23 13.63 -27.36
N GLN E 541 -36.04 13.27 -27.77
CA GLN E 541 -35.94 12.40 -28.91
C GLN E 541 -36.62 11.08 -28.69
N ASP E 542 -36.45 10.50 -27.52
CA ASP E 542 -37.03 9.22 -27.25
C ASP E 542 -38.54 9.25 -27.09
N ASN E 543 -39.09 10.30 -26.49
CA ASN E 543 -40.53 10.35 -26.31
C ASN E 543 -41.31 10.97 -27.45
N LEU E 544 -40.76 11.95 -28.15
CA LEU E 544 -41.56 12.56 -29.20
C LEU E 544 -41.06 12.24 -30.59
N LYS E 545 -39.75 12.32 -30.82
CA LYS E 545 -39.31 12.10 -32.19
C LYS E 545 -39.57 10.70 -32.64
N LYS E 546 -39.41 9.75 -31.76
CA LYS E 546 -39.61 8.36 -32.12
C LYS E 546 -40.98 8.04 -32.76
N PRO E 547 -42.14 8.23 -32.10
CA PRO E 547 -43.41 7.94 -32.73
C PRO E 547 -43.70 8.84 -33.91
N LEU E 548 -43.12 10.05 -33.93
CA LEU E 548 -43.38 10.87 -35.09
C LEU E 548 -42.72 10.26 -36.29
N ALA E 549 -41.52 9.73 -36.11
CA ALA E 549 -40.82 9.16 -37.23
C ALA E 549 -41.61 8.03 -37.85
N ASN E 550 -42.26 7.21 -37.03
CA ASN E 550 -43.02 6.14 -37.66
C ASN E 550 -44.18 6.67 -38.47
N GLU E 551 -44.83 7.70 -37.98
CA GLU E 551 -45.97 8.19 -38.72
C GLU E 551 -45.56 8.95 -39.96
N LEU E 552 -44.45 9.68 -39.91
CA LEU E 552 -43.99 10.42 -41.06
C LEU E 552 -43.59 9.51 -42.17
N LEU E 553 -43.01 8.39 -41.83
CA LEU E 553 -42.57 7.46 -42.85
C LEU E 553 -43.60 6.48 -43.36
N PHE E 554 -44.42 5.92 -42.47
CA PHE E 554 -45.29 4.85 -42.88
C PHE E 554 -46.76 5.11 -42.73
N GLY E 555 -47.15 6.20 -42.06
CA GLY E 555 -48.53 6.36 -41.69
C GLY E 555 -49.20 7.67 -41.97
N SER E 556 -49.83 8.15 -40.92
CA SER E 556 -50.74 9.25 -40.94
C SER E 556 -50.15 10.62 -41.14
N LEU E 557 -48.86 10.78 -41.00
CA LEU E 557 -48.29 12.10 -41.19
C LEU E 557 -47.57 12.23 -42.48
N VAL E 558 -47.75 11.27 -43.38
CA VAL E 558 -47.07 11.36 -44.64
C VAL E 558 -47.35 12.63 -45.39
N ASP E 559 -48.58 13.08 -45.35
CA ASP E 559 -48.99 14.27 -46.07
C ASP E 559 -49.14 15.48 -45.16
N GLY E 560 -48.55 15.45 -43.98
CA GLY E 560 -48.68 16.56 -43.05
C GLY E 560 -49.82 16.26 -42.10
N GLY E 561 -50.08 17.14 -41.15
CA GLY E 561 -51.14 16.82 -40.19
C GLY E 561 -51.01 17.48 -38.84
N GLN E 562 -51.86 17.06 -37.92
CA GLN E 562 -51.88 17.68 -36.61
C GLN E 562 -51.43 16.70 -35.55
N VAL E 563 -50.54 17.11 -34.68
CA VAL E 563 -50.10 16.23 -33.61
C VAL E 563 -50.24 16.96 -32.31
N THR E 564 -50.76 16.33 -31.28
CA THR E 564 -50.74 16.97 -29.99
C THR E 564 -50.30 15.93 -28.98
N VAL E 565 -49.89 16.36 -27.80
CA VAL E 565 -49.57 15.38 -26.77
C VAL E 565 -50.20 15.69 -25.42
N ALA E 566 -50.96 14.74 -24.88
CA ALA E 566 -51.57 14.93 -23.56
C ALA E 566 -50.90 14.03 -22.54
N LEU E 567 -50.93 14.41 -21.27
CA LEU E 567 -50.35 13.53 -20.27
C LEU E 567 -51.43 12.73 -19.59
N ASP E 568 -51.20 11.43 -19.47
CA ASP E 568 -52.11 10.51 -18.79
C ASP E 568 -51.99 10.62 -17.28
N LYS E 569 -53.02 10.19 -16.58
CA LYS E 569 -53.02 10.11 -15.12
C LYS E 569 -52.05 9.00 -14.70
N GLU E 570 -51.79 8.13 -15.67
CA GLU E 570 -50.90 6.97 -15.57
C GLU E 570 -49.46 7.29 -15.97
N LYS E 571 -49.16 8.57 -16.25
CA LYS E 571 -47.84 9.05 -16.65
C LYS E 571 -47.35 8.47 -17.97
N ASN E 572 -48.26 8.37 -18.91
CA ASN E 572 -48.04 7.94 -20.27
C ASN E 572 -48.19 9.13 -21.17
N GLU E 573 -47.58 9.08 -22.35
CA GLU E 573 -47.72 10.15 -23.33
C GLU E 573 -48.90 9.77 -24.22
N LEU E 574 -50.01 10.50 -24.12
CA LEU E 574 -51.18 10.20 -24.88
C LEU E 574 -51.07 10.93 -26.15
N THR E 575 -50.42 10.31 -27.10
CA THR E 575 -50.22 11.06 -28.28
C THR E 575 -51.53 11.09 -29.02
N TYR E 576 -51.65 12.10 -29.84
CA TYR E 576 -52.76 12.40 -30.72
C TYR E 576 -52.82 11.55 -31.95
N GLY E 577 -54.03 11.41 -32.47
CA GLY E 577 -54.25 10.77 -33.75
C GLY E 577 -53.72 11.81 -34.71
N PHE E 578 -54.20 11.92 -35.94
CA PHE E 578 -53.50 12.86 -36.82
C PHE E 578 -54.42 13.68 -37.72
N MET F 1 49.26 35.94 -63.72
CA MET F 1 48.05 35.84 -62.91
C MET F 1 47.76 37.13 -62.15
N GLU F 2 48.12 38.23 -62.79
CA GLU F 2 48.01 39.58 -62.22
C GLU F 2 46.58 40.01 -61.95
N ASN F 3 45.64 39.38 -62.62
CA ASN F 3 44.23 39.67 -62.46
C ASN F 3 43.48 38.46 -61.95
N PHE F 4 44.20 37.52 -61.34
CA PHE F 4 43.58 36.31 -60.81
C PHE F 4 43.77 36.26 -59.29
N THR F 5 44.90 36.78 -58.82
CA THR F 5 45.21 36.74 -57.40
C THR F 5 46.06 37.94 -56.97
N THR F 6 45.94 38.33 -55.70
CA THR F 6 46.73 39.45 -55.18
C THR F 6 48.02 38.98 -54.55
N ASN F 7 49.13 39.53 -54.98
CA ASN F 7 50.39 39.15 -54.38
C ASN F 7 50.46 39.85 -53.05
N LEU F 8 50.41 39.09 -51.97
CA LEU F 8 50.33 39.70 -50.66
C LEU F 8 51.70 40.06 -50.15
N ASN F 9 52.76 39.56 -50.81
CA ASN F 9 54.06 39.94 -50.31
C ASN F 9 54.20 41.33 -50.86
N GLN F 10 53.70 41.48 -52.09
CA GLN F 10 53.73 42.75 -52.79
C GLN F 10 52.81 43.72 -52.13
N LEU F 11 51.68 43.26 -51.60
CA LEU F 11 50.78 44.17 -50.91
C LEU F 11 51.48 44.64 -49.66
N ALA F 12 52.11 43.72 -48.93
CA ALA F 12 52.85 44.07 -47.72
C ALA F 12 54.02 45.00 -48.06
N ARG F 13 54.58 44.85 -49.25
CA ARG F 13 55.68 45.65 -49.75
C ARG F 13 55.31 47.12 -49.96
N VAL F 14 54.02 47.42 -50.07
CA VAL F 14 53.52 48.76 -50.38
C VAL F 14 52.59 49.24 -49.27
N GLY F 15 53.03 49.12 -48.03
CA GLY F 15 52.13 49.39 -46.91
C GLY F 15 51.08 48.30 -47.00
N GLY F 16 49.79 48.62 -46.98
CA GLY F 16 48.78 47.56 -47.10
C GLY F 16 48.54 46.77 -45.83
N ILE F 17 49.58 46.06 -45.42
CA ILE F 17 49.61 45.20 -44.28
C ILE F 17 50.53 45.68 -43.16
N ASP F 18 49.96 45.79 -41.99
CA ASP F 18 50.71 46.19 -40.82
C ASP F 18 51.32 44.92 -40.23
N PRO F 19 52.40 44.98 -39.45
CA PRO F 19 53.00 43.85 -38.79
C PRO F 19 51.92 43.25 -37.91
N LEU F 20 51.87 41.96 -37.74
CA LEU F 20 50.83 41.42 -36.87
C LEU F 20 51.17 41.72 -35.42
N ILE F 21 50.21 42.15 -34.64
CA ILE F 21 50.47 42.30 -33.22
C ILE F 21 49.82 41.20 -32.41
N GLY F 22 50.65 40.36 -31.82
CA GLY F 22 50.20 39.22 -31.04
C GLY F 22 50.01 38.01 -31.95
N ARG F 23 49.62 36.88 -31.36
CA ARG F 23 49.37 35.64 -32.09
C ARG F 23 50.56 35.17 -32.95
N GLU F 24 51.74 35.26 -32.36
CA GLU F 24 52.98 34.84 -32.97
C GLU F 24 53.03 33.33 -33.17
N LYS F 25 52.44 32.58 -32.22
CA LYS F 25 52.47 31.13 -32.32
C LYS F 25 51.52 30.64 -33.40
N GLU F 26 50.50 31.43 -33.74
CA GLU F 26 49.58 31.09 -34.81
C GLU F 26 50.32 31.22 -36.13
N LEU F 27 51.16 32.26 -36.27
CA LEU F 27 51.94 32.40 -37.48
C LEU F 27 52.92 31.23 -37.57
N GLU F 28 53.53 30.86 -36.45
CA GLU F 28 54.46 29.76 -36.48
C GLU F 28 53.77 28.45 -36.74
N ARG F 29 52.56 28.27 -36.21
CA ARG F 29 51.89 27.02 -36.46
C ARG F 29 51.57 26.89 -37.92
N ALA F 30 51.13 27.97 -38.56
CA ALA F 30 50.86 27.90 -39.98
C ALA F 30 52.12 27.49 -40.73
N ILE F 31 53.27 28.00 -40.31
CA ILE F 31 54.52 27.63 -40.95
C ILE F 31 54.83 26.16 -40.74
N GLN F 32 54.63 25.66 -39.53
CA GLN F 32 54.90 24.27 -39.21
C GLN F 32 54.05 23.36 -40.08
N VAL F 33 52.82 23.78 -40.37
CA VAL F 33 51.93 23.03 -41.23
C VAL F 33 52.36 23.13 -42.68
N LEU F 34 52.72 24.31 -43.16
CA LEU F 34 53.13 24.50 -44.55
C LEU F 34 54.35 23.62 -44.84
N CYS F 35 55.19 23.43 -43.86
CA CYS F 35 56.40 22.64 -44.02
C CYS F 35 56.17 21.12 -44.09
N ARG F 36 54.95 20.65 -43.81
CA ARG F 36 54.61 19.23 -43.83
C ARG F 36 54.54 18.70 -45.27
N ARG F 37 54.71 17.39 -45.48
CA ARG F 37 54.65 16.93 -46.89
C ARG F 37 53.25 16.61 -47.38
N ARG F 38 52.36 16.26 -46.47
CA ARG F 38 50.99 15.92 -46.80
C ARG F 38 50.10 16.51 -45.74
N LYS F 39 48.90 16.93 -46.13
CA LYS F 39 47.95 17.48 -45.16
C LYS F 39 48.63 18.69 -44.55
N ASN F 40 49.30 19.41 -45.42
CA ASN F 40 50.13 20.55 -45.14
C ASN F 40 49.55 21.90 -45.50
N ASN F 41 48.24 22.03 -45.45
CA ASN F 41 47.61 23.30 -45.77
C ASN F 41 47.03 23.90 -44.47
N PRO F 42 47.55 24.97 -43.91
CA PRO F 42 47.02 25.50 -42.68
C PRO F 42 45.71 26.15 -42.94
N LEU F 43 44.85 26.13 -41.97
CA LEU F 43 43.62 26.85 -41.98
C LEU F 43 43.47 27.77 -40.80
N LEU F 44 43.19 29.01 -41.08
CA LEU F 44 43.01 29.96 -40.02
C LEU F 44 41.53 29.99 -39.66
N VAL F 45 41.17 29.60 -38.43
CA VAL F 45 39.77 29.56 -38.05
C VAL F 45 39.49 30.58 -36.97
N GLY F 46 38.63 31.53 -37.28
CA GLY F 46 38.34 32.58 -36.31
C GLY F 46 36.95 33.14 -36.46
N GLU F 47 36.90 34.43 -36.42
CA GLU F 47 35.69 35.17 -36.69
C GLU F 47 36.11 36.56 -37.03
N SER F 48 35.22 37.33 -37.60
CA SER F 48 35.64 38.67 -37.85
C SER F 48 35.91 39.35 -36.52
N GLY F 49 36.99 40.11 -36.52
CA GLY F 49 37.46 40.89 -35.39
C GLY F 49 38.48 40.20 -34.48
N VAL F 50 38.90 38.97 -34.76
CA VAL F 50 39.89 38.38 -33.84
C VAL F 50 41.26 38.19 -34.44
N GLY F 51 41.48 38.67 -35.66
CA GLY F 51 42.77 38.55 -36.29
C GLY F 51 42.87 37.46 -37.34
N LYS F 52 41.76 36.85 -37.77
CA LYS F 52 41.92 35.80 -38.76
C LYS F 52 42.52 36.26 -40.10
N THR F 53 42.26 37.50 -40.48
CA THR F 53 42.75 37.98 -41.75
C THR F 53 44.11 38.52 -41.47
N ALA F 54 44.22 39.18 -40.32
CA ALA F 54 45.44 39.82 -39.95
C ALA F 54 46.56 38.79 -39.89
N ILE F 55 46.26 37.56 -39.45
CA ILE F 55 47.28 36.54 -39.43
C ILE F 55 47.70 36.17 -40.83
N ALA F 56 46.74 35.96 -41.74
CA ALA F 56 47.17 35.63 -43.10
C ALA F 56 48.01 36.76 -43.69
N GLU F 57 47.64 37.98 -43.36
CA GLU F 57 48.34 39.14 -43.82
C GLU F 57 49.73 39.17 -43.20
N GLY F 58 49.80 38.80 -41.91
CA GLY F 58 51.02 38.73 -41.14
C GLY F 58 51.99 37.73 -41.74
N LEU F 59 51.47 36.62 -42.28
CA LEU F 59 52.35 35.65 -42.89
C LEU F 59 52.98 36.29 -44.12
N ALA F 60 52.18 36.99 -44.92
CA ALA F 60 52.70 37.65 -46.11
C ALA F 60 53.67 38.75 -45.73
N TRP F 61 53.38 39.45 -44.63
CA TRP F 61 54.22 40.51 -44.15
C TRP F 61 55.57 39.93 -43.78
N ARG F 62 55.57 38.83 -43.04
CA ARG F 62 56.83 38.25 -42.67
C ARG F 62 57.62 37.84 -43.89
N ILE F 63 56.95 37.33 -44.91
CA ILE F 63 57.68 36.96 -46.09
C ILE F 63 58.28 38.17 -46.79
N VAL F 64 57.53 39.25 -46.96
CA VAL F 64 58.12 40.37 -47.71
C VAL F 64 59.31 40.95 -46.94
N GLN F 65 59.26 40.85 -45.62
CA GLN F 65 60.33 41.36 -44.76
C GLN F 65 61.51 40.38 -44.67
N GLY F 66 61.33 39.17 -45.20
CA GLY F 66 62.34 38.14 -45.11
C GLY F 66 62.35 37.46 -43.74
N ASP F 67 61.30 37.66 -42.94
CA ASP F 67 61.24 37.08 -41.61
C ASP F 67 60.64 35.69 -41.69
N VAL F 68 61.36 34.84 -42.37
CA VAL F 68 60.92 33.50 -42.65
C VAL F 68 62.01 32.50 -42.37
N PRO F 69 61.68 31.22 -42.22
CA PRO F 69 62.60 30.14 -42.18
C PRO F 69 63.20 30.02 -43.56
N GLU F 70 64.40 29.45 -43.67
CA GLU F 70 64.92 29.12 -45.00
C GLU F 70 64.07 28.02 -45.62
N VAL F 71 63.24 27.41 -44.80
CA VAL F 71 62.28 26.43 -45.21
C VAL F 71 61.03 27.19 -45.59
N MET F 72 61.03 27.75 -46.78
CA MET F 72 59.94 28.59 -47.21
C MET F 72 59.98 28.76 -48.74
N ALA F 73 61.07 29.26 -49.37
CA ALA F 73 62.32 29.80 -48.83
C ALA F 73 62.38 31.21 -49.35
N ASP F 74 61.72 31.36 -50.50
CA ASP F 74 61.61 32.63 -51.20
C ASP F 74 60.19 32.66 -51.75
N CYS F 75 59.27 32.08 -50.99
CA CYS F 75 57.86 32.00 -51.37
C CYS F 75 57.24 33.32 -51.80
N THR F 76 55.93 33.28 -52.01
CA THR F 76 55.15 34.44 -52.43
C THR F 76 53.68 34.09 -52.26
N ILE F 77 53.11 34.50 -51.14
CA ILE F 77 51.71 34.20 -50.82
C ILE F 77 50.84 35.12 -51.64
N TYR F 78 49.87 34.53 -52.32
CA TYR F 78 48.95 35.30 -53.10
C TYR F 78 47.56 35.11 -52.49
N SER F 79 46.67 36.10 -52.58
CA SER F 79 45.30 35.97 -52.10
C SER F 79 44.32 35.75 -53.25
N LEU F 80 43.58 34.66 -53.22
CA LEU F 80 42.70 34.38 -54.34
C LEU F 80 41.78 35.55 -54.55
N ASP F 81 41.75 36.09 -55.77
CA ASP F 81 40.89 37.21 -55.98
C ASP F 81 39.69 36.73 -56.74
N ILE F 82 38.66 36.37 -56.00
CA ILE F 82 37.51 35.77 -56.62
C ILE F 82 36.79 36.84 -57.45
N GLY F 83 36.87 38.09 -56.97
CA GLY F 83 36.29 39.23 -57.65
C GLY F 83 36.94 39.42 -59.01
N SER F 84 38.27 39.48 -59.06
CA SER F 84 38.94 39.70 -60.34
C SER F 84 38.79 38.52 -61.29
N LEU F 85 38.71 37.31 -60.78
CA LEU F 85 38.53 36.19 -61.70
C LEU F 85 37.19 36.30 -62.44
N LEU F 86 36.16 36.76 -61.73
CA LEU F 86 34.83 36.91 -62.32
C LEU F 86 34.66 38.22 -63.10
N ALA F 87 35.26 39.28 -62.59
CA ALA F 87 35.05 40.61 -63.12
C ALA F 87 35.47 40.75 -64.56
N GLY F 88 34.65 41.45 -65.30
CA GLY F 88 34.89 41.74 -66.70
C GLY F 88 34.30 40.67 -67.61
N THR F 89 33.87 39.55 -67.05
CA THR F 89 33.28 38.52 -67.89
C THR F 89 31.95 37.99 -67.38
N LYS F 90 31.91 37.56 -66.12
CA LYS F 90 30.78 36.93 -65.45
C LYS F 90 30.28 35.63 -66.07
N TYR F 91 31.16 34.85 -66.66
CA TYR F 91 30.77 33.57 -67.23
C TYR F 91 31.76 32.50 -66.87
N ARG F 92 31.27 31.27 -66.89
CA ARG F 92 32.09 30.11 -66.62
C ARG F 92 33.23 30.03 -67.62
N GLY F 93 32.98 30.38 -68.88
CA GLY F 93 34.03 30.24 -69.88
C GLY F 93 35.33 30.92 -69.44
N ASP F 94 35.27 32.21 -69.12
CA ASP F 94 36.48 32.90 -68.72
C ASP F 94 36.80 32.71 -67.26
N PHE F 95 35.83 32.53 -66.37
CA PHE F 95 36.21 32.36 -64.98
C PHE F 95 37.03 31.08 -64.95
N GLU F 96 36.55 30.02 -65.60
CA GLU F 96 37.22 28.74 -65.64
C GLU F 96 38.59 28.84 -66.23
N LYS F 97 38.74 29.51 -67.37
CA LYS F 97 40.06 29.62 -67.95
C LYS F 97 41.01 30.37 -67.06
N ARG F 98 40.52 31.46 -66.44
CA ARG F 98 41.36 32.27 -65.58
C ARG F 98 41.73 31.53 -64.31
N PHE F 99 40.76 30.86 -63.71
CA PHE F 99 40.93 30.08 -62.51
C PHE F 99 41.87 28.94 -62.73
N LYS F 100 41.65 28.16 -63.78
CA LYS F 100 42.55 27.09 -64.06
C LYS F 100 43.92 27.63 -64.41
N ALA F 101 44.01 28.75 -65.14
CA ALA F 101 45.30 29.34 -65.45
C ALA F 101 45.99 29.77 -64.17
N LEU F 102 45.22 30.29 -63.21
CA LEU F 102 45.74 30.68 -61.93
C LEU F 102 46.34 29.50 -61.23
N LEU F 103 45.60 28.41 -61.18
CA LEU F 103 46.10 27.25 -60.51
C LEU F 103 47.32 26.75 -61.25
N LYS F 104 47.31 26.72 -62.57
CA LYS F 104 48.49 26.21 -63.23
C LYS F 104 49.71 27.05 -62.92
N GLN F 105 49.56 28.37 -62.90
CA GLN F 105 50.71 29.21 -62.61
C GLN F 105 51.17 29.03 -61.17
N LEU F 106 50.23 28.91 -60.24
CA LEU F 106 50.56 28.70 -58.83
C LEU F 106 51.22 27.34 -58.61
N GLU F 107 50.75 26.30 -59.32
CA GLU F 107 51.31 24.96 -59.18
C GLU F 107 52.75 24.96 -59.71
N GLN F 108 52.97 25.68 -60.81
CA GLN F 108 54.27 25.84 -61.45
C GLN F 108 55.26 26.70 -60.66
N ASP F 109 54.78 27.77 -60.03
CA ASP F 109 55.64 28.65 -59.26
C ASP F 109 56.29 27.96 -58.07
N THR F 110 57.58 28.22 -57.88
CA THR F 110 58.27 27.62 -56.76
C THR F 110 57.69 28.11 -55.45
N ASN F 111 57.30 27.15 -54.63
CA ASN F 111 56.75 27.38 -53.30
C ASN F 111 55.64 28.41 -53.29
N SER F 112 54.78 28.41 -54.30
CA SER F 112 53.70 29.38 -54.19
C SER F 112 52.68 28.94 -53.19
N ILE F 113 52.16 29.91 -52.46
CA ILE F 113 51.10 29.68 -51.53
C ILE F 113 49.88 30.47 -51.92
N LEU F 114 48.74 29.81 -51.94
CA LEU F 114 47.55 30.55 -52.25
C LEU F 114 46.74 30.66 -51.00
N PHE F 115 46.47 31.87 -50.61
CA PHE F 115 45.64 32.15 -49.49
C PHE F 115 44.26 32.37 -50.00
N ILE F 116 43.30 31.68 -49.45
CA ILE F 116 41.97 31.94 -49.89
C ILE F 116 41.27 32.55 -48.74
N ASP F 117 40.99 33.84 -48.85
CA ASP F 117 40.37 34.46 -47.74
C ASP F 117 38.95 34.03 -47.83
N GLU F 118 38.26 34.06 -46.72
CA GLU F 118 36.85 33.72 -46.73
C GLU F 118 36.62 32.46 -47.58
N ILE F 119 37.39 31.38 -47.33
CA ILE F 119 37.29 30.17 -48.13
C ILE F 119 35.92 29.58 -47.98
N HIS F 120 35.29 29.83 -46.83
CA HIS F 120 33.93 29.35 -46.61
C HIS F 120 32.90 30.05 -47.50
N THR F 121 33.30 31.05 -48.29
CA THR F 121 32.33 31.72 -49.15
C THR F 121 32.41 31.25 -50.60
N ILE F 122 33.36 30.36 -50.94
CA ILE F 122 33.47 29.94 -52.35
C ILE F 122 32.95 28.51 -52.51
N ILE F 123 32.38 28.02 -51.41
CA ILE F 123 31.79 26.69 -51.25
C ILE F 123 30.49 26.54 -52.03
N GLY F 124 29.90 27.69 -52.37
CA GLY F 124 28.65 27.77 -53.09
C GLY F 124 28.92 27.68 -54.59
N ALA F 125 29.44 28.74 -55.17
CA ALA F 125 29.69 28.73 -56.59
C ALA F 125 30.95 29.46 -57.01
N GLY F 126 32.10 29.26 -56.35
CA GLY F 126 33.22 30.07 -56.80
C GLY F 126 32.87 31.50 -56.39
N ALA F 127 33.33 32.51 -57.14
CA ALA F 127 33.04 33.89 -56.73
C ALA F 127 31.54 34.20 -56.71
N ALA F 128 30.84 33.66 -57.70
CA ALA F 128 29.41 33.87 -57.87
C ALA F 128 28.87 32.81 -58.79
N SER F 129 27.57 32.58 -58.74
CA SER F 129 26.99 31.64 -59.69
C SER F 129 27.34 32.05 -61.10
N GLY F 130 27.73 31.05 -61.90
CA GLY F 130 28.14 31.24 -63.27
C GLY F 130 29.66 31.12 -63.42
N GLY F 131 30.38 31.15 -62.29
CA GLY F 131 31.84 31.00 -62.27
C GLY F 131 32.23 29.57 -61.90
N GLN F 132 33.37 29.41 -61.23
CA GLN F 132 33.82 28.06 -60.93
C GLN F 132 33.21 27.40 -59.74
N VAL F 133 32.08 26.78 -60.02
CA VAL F 133 31.28 26.03 -59.09
C VAL F 133 32.09 24.81 -58.62
N ASP F 134 33.03 24.40 -59.45
CA ASP F 134 33.93 23.31 -59.23
C ASP F 134 35.30 23.77 -58.77
N ALA F 135 35.45 25.03 -58.31
CA ALA F 135 36.77 25.49 -57.90
C ALA F 135 37.33 24.56 -56.85
N ALA F 136 36.46 24.08 -55.95
CA ALA F 136 36.86 23.18 -54.91
C ALA F 136 37.37 21.88 -55.48
N ASN F 137 36.80 21.43 -56.60
CA ASN F 137 37.15 20.14 -57.16
C ASN F 137 38.51 20.22 -57.81
N LEU F 138 38.86 21.40 -58.29
CA LEU F 138 40.18 21.59 -58.90
C LEU F 138 41.24 21.68 -57.83
N ILE F 139 40.88 22.26 -56.70
CA ILE F 139 41.78 22.43 -55.58
C ILE F 139 42.04 21.11 -54.83
N LYS F 140 41.01 20.33 -54.55
CA LYS F 140 41.21 19.05 -53.86
C LYS F 140 42.46 18.23 -54.32
N PRO F 141 42.64 17.87 -55.62
CA PRO F 141 43.80 17.11 -56.09
C PRO F 141 45.13 17.86 -56.05
N LEU F 142 45.13 19.20 -56.05
CA LEU F 142 46.42 19.85 -56.02
C LEU F 142 46.88 19.86 -54.58
N LEU F 143 45.91 19.91 -53.65
CA LEU F 143 46.22 19.91 -52.23
C LEU F 143 46.72 18.55 -51.84
N SER F 144 46.12 17.54 -52.47
CA SER F 144 46.45 16.15 -52.21
C SER F 144 47.86 15.88 -52.67
N SER F 145 48.24 16.38 -53.84
CA SER F 145 49.62 16.30 -54.30
C SER F 145 50.56 17.32 -53.67
N GLY F 146 50.03 18.42 -53.12
CA GLY F 146 50.85 19.45 -52.48
C GLY F 146 51.48 20.39 -53.50
N LYS F 147 50.83 20.57 -54.64
CA LYS F 147 51.37 21.42 -55.69
C LYS F 147 51.39 22.88 -55.28
N ILE F 148 50.33 23.35 -54.63
CA ILE F 148 50.25 24.74 -54.17
C ILE F 148 49.94 24.62 -52.71
N ARG F 149 50.66 25.28 -51.87
CA ARG F 149 50.24 25.17 -50.49
C ARG F 149 49.07 26.12 -50.36
N VAL F 150 48.01 25.73 -49.71
CA VAL F 150 46.90 26.64 -49.57
C VAL F 150 46.62 27.03 -48.14
N ILE F 151 46.46 28.32 -47.90
CA ILE F 151 46.14 28.79 -46.56
C ILE F 151 44.65 29.08 -46.56
N GLY F 152 43.91 28.42 -45.69
CA GLY F 152 42.48 28.62 -45.69
C GLY F 152 42.07 29.73 -44.73
N SER F 153 40.81 30.14 -44.83
CA SER F 153 40.20 31.14 -43.94
C SER F 153 38.71 30.90 -43.73
N THR F 154 38.37 30.46 -42.52
CA THR F 154 36.99 30.18 -42.13
C THR F 154 36.72 30.74 -40.78
N THR F 155 35.48 30.66 -40.38
CA THR F 155 35.12 31.07 -39.06
C THR F 155 34.88 29.84 -38.21
N TYR F 156 34.73 30.03 -36.91
CA TYR F 156 34.52 28.92 -36.00
C TYR F 156 33.33 28.06 -36.35
N GLN F 157 32.21 28.65 -36.75
CA GLN F 157 31.08 27.81 -37.10
C GLN F 157 31.10 27.35 -38.54
N GLU F 158 31.78 28.12 -39.39
CA GLU F 158 31.90 27.80 -40.79
C GLU F 158 32.81 26.60 -41.02
N PHE F 159 33.87 26.50 -40.22
CA PHE F 159 34.80 25.38 -40.37
C PHE F 159 34.13 24.01 -40.28
N SER F 160 33.30 23.85 -39.25
CA SER F 160 32.61 22.61 -38.93
C SER F 160 31.58 22.21 -39.99
N ASN F 161 31.22 23.14 -40.85
CA ASN F 161 30.25 22.88 -41.89
C ASN F 161 30.86 22.98 -43.28
N ILE F 162 32.05 23.57 -43.40
CA ILE F 162 32.71 23.76 -44.69
C ILE F 162 33.79 22.74 -44.96
N PHE F 163 34.68 22.52 -44.00
CA PHE F 163 35.73 21.54 -44.21
C PHE F 163 35.23 20.16 -43.89
N GLU F 164 34.44 20.03 -42.83
CA GLU F 164 33.94 18.70 -42.44
C GLU F 164 32.98 18.15 -43.50
N LYS F 165 32.46 19.04 -44.34
CA LYS F 165 31.58 18.69 -45.44
C LYS F 165 32.23 17.72 -46.43
N ASP F 166 33.54 17.89 -46.68
CA ASP F 166 34.19 17.07 -47.70
C ASP F 166 35.58 16.70 -47.26
N ARG F 167 35.79 15.38 -47.10
CA ARG F 167 37.01 14.83 -46.57
C ARG F 167 38.22 15.16 -47.44
N ALA F 168 38.00 15.42 -48.72
CA ALA F 168 39.08 15.78 -49.63
C ALA F 168 39.75 17.09 -49.20
N LEU F 169 39.05 17.91 -48.38
CA LEU F 169 39.61 19.15 -47.87
C LEU F 169 39.83 19.04 -46.35
N ALA F 170 38.90 18.38 -45.64
CA ALA F 170 39.03 18.20 -44.17
C ALA F 170 40.30 17.49 -43.80
N ARG F 171 40.74 16.57 -44.65
CA ARG F 171 41.93 15.80 -44.42
C ARG F 171 43.14 16.46 -45.03
N ARG F 172 43.02 17.70 -45.51
CA ARG F 172 44.16 18.39 -46.09
C ARG F 172 44.58 19.58 -45.25
N PHE F 173 43.59 20.22 -44.62
CA PHE F 173 43.86 21.40 -43.86
C PHE F 173 43.99 21.19 -42.35
N GLN F 174 44.93 21.90 -41.75
CA GLN F 174 45.13 21.84 -40.31
C GLN F 174 44.49 23.01 -39.62
N LYS F 175 43.76 22.74 -38.56
CA LYS F 175 43.05 23.81 -37.87
C LYS F 175 43.85 24.61 -36.84
N ILE F 176 43.89 25.93 -37.04
CA ILE F 176 44.53 26.87 -36.13
C ILE F 176 43.47 27.73 -35.44
N ASP F 177 43.43 27.67 -34.11
CA ASP F 177 42.42 28.42 -33.34
C ASP F 177 42.84 29.85 -33.07
N ILE F 178 42.13 30.80 -33.66
CA ILE F 178 42.47 32.20 -33.53
C ILE F 178 41.50 32.91 -32.60
N THR F 179 42.02 33.48 -31.54
CA THR F 179 41.18 34.16 -30.58
C THR F 179 41.59 35.60 -30.46
N GLU F 180 40.75 36.39 -29.81
CA GLU F 180 40.96 37.80 -29.66
C GLU F 180 42.14 38.15 -28.74
N PRO F 181 42.74 39.33 -28.91
CA PRO F 181 43.70 39.95 -28.01
C PRO F 181 43.04 40.43 -26.71
N SER F 182 43.87 40.56 -25.68
CA SER F 182 43.54 41.04 -24.33
C SER F 182 43.37 42.55 -24.25
N ILE F 183 43.05 43.07 -23.06
CA ILE F 183 42.84 44.51 -22.93
C ILE F 183 44.10 45.26 -23.29
N GLU F 184 45.25 44.85 -22.75
CA GLU F 184 46.47 45.57 -23.07
C GLU F 184 46.90 45.33 -24.51
N GLU F 185 46.55 44.19 -25.08
CA GLU F 185 46.89 43.94 -26.47
C GLU F 185 46.02 44.78 -27.38
N THR F 186 44.77 45.01 -26.96
CA THR F 186 43.87 45.82 -27.74
C THR F 186 44.44 47.23 -27.74
N VAL F 187 44.94 47.65 -26.59
CA VAL F 187 45.57 48.95 -26.48
C VAL F 187 46.79 49.00 -27.38
N GLN F 188 47.59 47.93 -27.43
CA GLN F 188 48.76 47.89 -28.31
C GLN F 188 48.38 47.98 -29.78
N ILE F 189 47.28 47.34 -30.21
CA ILE F 189 46.91 47.46 -31.61
C ILE F 189 46.38 48.85 -31.91
N ILE F 190 45.72 49.49 -30.93
CA ILE F 190 45.29 50.84 -31.15
C ILE F 190 46.52 51.70 -31.24
N ASN F 191 47.49 51.51 -30.33
CA ASN F 191 48.72 52.30 -30.33
C ASN F 191 49.57 52.04 -31.55
N GLY F 192 49.48 50.83 -32.10
CA GLY F 192 50.19 50.50 -33.32
C GLY F 192 49.66 51.40 -34.43
N LEU F 193 48.34 51.48 -34.54
CA LEU F 193 47.72 52.30 -35.56
C LEU F 193 47.41 53.71 -35.12
N LYS F 194 47.56 54.02 -33.85
CA LYS F 194 47.24 55.33 -33.32
C LYS F 194 47.78 56.41 -34.21
N PRO F 195 49.06 56.44 -34.63
CA PRO F 195 49.58 57.50 -35.47
C PRO F 195 48.74 57.67 -36.73
N LYS F 196 48.16 56.58 -37.25
CA LYS F 196 47.36 56.66 -38.44
C LYS F 196 46.03 57.28 -38.11
N TYR F 197 45.47 56.91 -36.96
CA TYR F 197 44.15 57.42 -36.60
C TYR F 197 44.27 58.89 -36.32
N GLU F 198 45.38 59.28 -35.72
CA GLU F 198 45.57 60.67 -35.42
C GLU F 198 45.76 61.46 -36.71
N ALA F 199 46.55 60.91 -37.65
CA ALA F 199 46.77 61.53 -38.94
C ALA F 199 45.51 61.59 -39.76
N HIS F 200 44.70 60.54 -39.67
CA HIS F 200 43.48 60.40 -40.41
C HIS F 200 42.39 61.32 -39.95
N HIS F 201 42.35 61.58 -38.65
CA HIS F 201 41.32 62.45 -38.14
C HIS F 201 41.78 63.83 -37.65
N ASP F 202 43.09 64.08 -37.69
CA ASP F 202 43.71 65.32 -37.24
C ASP F 202 43.38 65.60 -35.77
N VAL F 203 43.51 64.52 -35.01
CA VAL F 203 43.24 64.45 -33.57
C VAL F 203 44.40 63.83 -32.84
N ARG F 204 44.36 63.92 -31.53
CA ARG F 204 45.34 63.23 -30.71
C ARG F 204 44.62 62.47 -29.63
N TYR F 205 45.03 61.25 -29.36
CA TYR F 205 44.30 60.54 -28.30
C TYR F 205 45.20 60.47 -27.09
N THR F 206 44.61 60.61 -25.92
CA THR F 206 45.41 60.49 -24.72
C THR F 206 45.63 59.02 -24.45
N ALA F 207 46.58 58.71 -23.59
CA ALA F 207 46.80 57.33 -23.22
C ALA F 207 45.58 56.79 -22.51
N LYS F 208 44.94 57.67 -21.73
CA LYS F 208 43.77 57.27 -20.99
C LYS F 208 42.63 57.00 -21.94
N ALA F 209 42.48 57.82 -22.99
CA ALA F 209 41.40 57.63 -23.95
C ALA F 209 41.55 56.31 -24.67
N VAL F 210 42.79 55.93 -25.02
CA VAL F 210 42.96 54.67 -25.69
C VAL F 210 42.61 53.53 -24.76
N ARG F 211 43.08 53.60 -23.53
CA ARG F 211 42.76 52.55 -22.62
C ARG F 211 41.28 52.50 -22.36
N ALA F 212 40.62 53.66 -22.23
CA ALA F 212 39.19 53.72 -22.00
C ALA F 212 38.42 53.12 -23.15
N ALA F 213 38.88 53.32 -24.38
CA ALA F 213 38.15 52.73 -25.49
C ALA F 213 38.11 51.24 -25.32
N VAL F 214 39.16 50.66 -24.80
CA VAL F 214 39.19 49.23 -24.64
C VAL F 214 38.48 48.77 -23.36
N GLU F 215 38.83 49.42 -22.26
CA GLU F 215 38.36 49.10 -20.92
C GLU F 215 36.87 49.34 -20.78
N LEU F 216 36.34 50.34 -21.48
CA LEU F 216 34.94 50.59 -21.39
C LEU F 216 34.21 49.81 -22.44
N ALA F 217 34.79 49.61 -23.63
CA ALA F 217 34.03 48.88 -24.63
C ALA F 217 33.64 47.51 -24.11
N VAL F 218 34.48 46.85 -23.34
CA VAL F 218 34.11 45.52 -22.87
C VAL F 218 32.88 45.47 -21.95
N LYS F 219 32.46 46.62 -21.44
CA LYS F 219 31.30 46.70 -20.57
C LYS F 219 30.03 47.07 -21.34
N TYR F 220 30.18 47.53 -22.59
CA TYR F 220 29.06 48.08 -23.33
C TYR F 220 28.79 47.52 -24.72
N ILE F 221 29.84 47.07 -25.42
CA ILE F 221 29.71 46.59 -26.81
C ILE F 221 29.02 45.24 -26.84
N ASN F 222 29.25 44.47 -25.78
CA ASN F 222 28.65 43.19 -25.50
C ASN F 222 28.86 42.04 -26.50
N ASP F 223 28.37 42.21 -27.73
CA ASP F 223 28.34 41.11 -28.68
C ASP F 223 29.50 40.95 -29.65
N ARG F 224 30.09 42.04 -30.12
CA ARG F 224 31.18 41.91 -31.06
C ARG F 224 32.46 41.91 -30.27
N HIS F 225 33.48 41.21 -30.73
CA HIS F 225 34.69 41.27 -29.96
C HIS F 225 35.35 42.62 -29.95
N LEU F 226 35.93 42.86 -28.79
CA LEU F 226 36.67 44.03 -28.43
C LEU F 226 37.67 44.62 -29.43
N PRO F 227 38.52 43.84 -30.10
CA PRO F 227 39.55 44.36 -30.95
C PRO F 227 39.00 45.31 -31.99
N ASP F 228 37.79 45.07 -32.49
CA ASP F 228 37.32 46.01 -33.47
C ASP F 228 36.50 47.06 -32.85
N LYS F 229 35.76 46.72 -31.79
CA LYS F 229 34.89 47.74 -31.28
C LYS F 229 35.68 48.82 -30.59
N ALA F 230 36.76 48.47 -29.89
CA ALA F 230 37.53 49.53 -29.27
C ALA F 230 38.06 50.45 -30.35
N ILE F 231 38.44 49.87 -31.49
CA ILE F 231 38.91 50.65 -32.61
C ILE F 231 37.79 51.48 -33.20
N ASP F 232 36.59 50.91 -33.34
CA ASP F 232 35.48 51.70 -33.85
C ASP F 232 35.24 52.90 -32.95
N VAL F 233 35.43 52.74 -31.64
CA VAL F 233 35.28 53.82 -30.69
C VAL F 233 36.35 54.89 -30.94
N ILE F 234 37.60 54.46 -31.18
CA ILE F 234 38.68 55.40 -31.50
C ILE F 234 38.42 56.13 -32.82
N ASP F 235 38.00 55.40 -33.85
CA ASP F 235 37.69 55.99 -35.14
C ASP F 235 36.48 56.89 -35.06
N GLU F 236 35.45 56.51 -34.30
CA GLU F 236 34.28 57.36 -34.17
C GLU F 236 34.66 58.59 -33.37
N ALA F 237 35.46 58.47 -32.32
CA ALA F 237 35.81 59.68 -31.59
C ALA F 237 36.59 60.63 -32.49
N GLY F 238 37.50 60.07 -33.30
CA GLY F 238 38.30 60.86 -34.20
C GLY F 238 37.45 61.50 -35.27
N ALA F 239 36.67 60.68 -35.95
CA ALA F 239 35.82 61.07 -37.06
C ALA F 239 34.79 62.08 -36.61
N ARG F 240 34.25 61.88 -35.42
CA ARG F 240 33.29 62.77 -34.88
C ARG F 240 33.93 64.11 -34.65
N ALA F 241 35.12 64.11 -34.03
CA ALA F 241 35.79 65.36 -33.78
C ALA F 241 36.19 66.09 -35.08
N ARG F 242 36.54 65.32 -36.12
CA ARG F 242 36.91 65.92 -37.40
C ARG F 242 35.72 66.55 -38.10
N LEU F 243 34.58 65.86 -38.08
CA LEU F 243 33.35 66.34 -38.70
C LEU F 243 32.74 67.50 -37.94
N MET F 244 32.58 67.34 -36.65
CA MET F 244 32.06 68.37 -35.79
C MET F 244 33.18 69.38 -35.66
N PRO F 245 32.92 70.63 -35.33
CA PRO F 245 33.97 71.62 -35.16
C PRO F 245 34.71 71.44 -33.84
N VAL F 246 35.37 70.29 -33.68
CA VAL F 246 36.04 70.01 -32.45
C VAL F 246 37.53 69.90 -32.62
N SER F 247 37.98 68.99 -33.50
CA SER F 247 39.41 68.67 -33.66
C SER F 247 40.22 69.85 -34.16
N LYS F 248 39.54 70.85 -34.72
CA LYS F 248 40.21 72.05 -35.21
C LYS F 248 40.78 72.88 -34.05
N ARG F 249 40.29 72.63 -32.84
CA ARG F 249 40.73 73.29 -31.62
C ARG F 249 41.12 72.22 -30.63
N LYS F 250 40.14 71.40 -30.28
CA LYS F 250 40.33 70.35 -29.32
C LYS F 250 40.74 69.09 -30.03
N LYS F 251 42.01 69.06 -30.41
CA LYS F 251 42.52 67.90 -31.13
C LYS F 251 42.49 66.69 -30.23
N THR F 252 42.77 66.91 -28.96
CA THR F 252 42.83 65.84 -28.00
C THR F 252 41.48 65.21 -27.68
N VAL F 253 41.49 63.88 -27.74
CA VAL F 253 40.39 63.01 -27.44
C VAL F 253 40.69 62.42 -26.08
N ASN F 254 39.86 62.74 -25.12
CA ASN F 254 40.07 62.31 -23.75
C ASN F 254 39.09 61.20 -23.43
N VAL F 255 39.15 60.69 -22.22
CA VAL F 255 38.25 59.64 -21.81
C VAL F 255 36.80 60.08 -21.96
N ALA F 256 36.51 61.34 -21.65
CA ALA F 256 35.14 61.84 -21.77
C ALA F 256 34.59 61.70 -23.19
N ASP F 257 35.46 61.79 -24.20
CA ASP F 257 35.01 61.70 -25.57
C ASP F 257 34.76 60.27 -25.89
N ILE F 258 35.57 59.39 -25.32
CA ILE F 258 35.36 57.97 -25.46
C ILE F 258 34.06 57.56 -24.79
N GLU F 259 33.76 58.11 -23.62
CA GLU F 259 32.52 57.82 -22.93
C GLU F 259 31.34 58.25 -23.77
N SER F 260 31.45 59.43 -24.41
CA SER F 260 30.38 59.95 -25.25
C SER F 260 30.17 59.06 -26.47
N VAL F 261 31.27 58.58 -27.05
CA VAL F 261 31.24 57.69 -28.19
C VAL F 261 30.69 56.33 -27.88
N VAL F 262 31.09 55.73 -26.78
CA VAL F 262 30.53 54.44 -26.47
C VAL F 262 29.05 54.68 -26.21
N ALA F 263 28.69 55.74 -25.49
CA ALA F 263 27.28 55.97 -25.24
C ALA F 263 26.53 56.18 -26.54
N ARG F 264 27.12 56.77 -27.55
CA ARG F 264 26.39 56.92 -28.79
C ARG F 264 25.80 55.59 -29.29
N ILE F 265 26.48 54.46 -28.99
CA ILE F 265 25.99 53.16 -29.41
C ILE F 265 25.24 52.42 -28.29
N ALA F 266 25.74 52.48 -27.04
CA ALA F 266 25.17 51.77 -25.88
C ALA F 266 24.16 52.58 -25.05
N ARG F 267 24.32 53.89 -25.09
CA ARG F 267 23.61 54.96 -24.37
C ARG F 267 23.79 54.89 -22.85
N ILE F 268 24.76 54.11 -22.40
CA ILE F 268 25.04 54.00 -20.98
C ILE F 268 26.11 54.99 -20.42
N PRO F 269 27.42 54.86 -20.77
CA PRO F 269 28.50 55.46 -20.03
C PRO F 269 28.51 56.99 -19.88
N GLU F 270 27.89 57.71 -20.81
CA GLU F 270 27.88 59.16 -20.71
C GLU F 270 27.12 59.62 -19.47
N LYS F 271 26.20 58.78 -18.97
CA LYS F 271 25.48 59.10 -17.76
C LYS F 271 25.89 58.15 -16.66
N SER F 272 26.28 56.93 -17.04
CA SER F 272 26.57 55.89 -16.07
C SER F 272 27.87 55.09 -16.27
N VAL F 273 28.98 55.68 -16.74
CA VAL F 273 30.18 54.86 -16.89
C VAL F 273 30.67 54.40 -15.52
N SER F 274 30.51 55.29 -14.55
CA SER F 274 30.94 55.01 -13.18
C SER F 274 30.66 56.19 -12.27
N GLN F 275 29.47 56.22 -11.68
CA GLN F 275 29.09 57.29 -10.78
C GLN F 275 29.59 57.04 -9.36
N SER F 276 29.13 55.94 -8.76
CA SER F 276 29.53 55.58 -7.40
C SER F 276 29.72 54.07 -7.27
N ASP F 277 30.97 53.63 -7.43
CA ASP F 277 31.29 52.21 -7.32
C ASP F 277 30.87 51.65 -5.97
N ARG F 278 30.54 52.54 -5.04
CA ARG F 278 30.11 52.13 -3.71
C ARG F 278 28.81 52.84 -3.31
N ASP F 279 28.60 54.05 -3.83
CA ASP F 279 27.49 54.85 -3.38
C ASP F 279 26.22 54.64 -4.15
N THR F 280 26.27 54.26 -5.42
CA THR F 280 24.98 54.12 -6.09
C THR F 280 24.26 52.98 -5.43
N LEU F 281 25.04 52.01 -4.96
CA LEU F 281 24.53 50.88 -4.23
C LEU F 281 24.09 51.25 -2.82
N LYS F 282 24.89 52.00 -2.04
CA LYS F 282 24.38 52.26 -0.68
C LYS F 282 23.12 53.12 -0.74
N ASN F 283 23.01 53.92 -1.79
CA ASN F 283 21.89 54.81 -1.98
C ASN F 283 20.69 54.04 -2.47
N LEU F 284 20.87 52.76 -2.74
CA LEU F 284 19.83 51.92 -3.21
C LEU F 284 19.01 51.51 -2.04
N GLY F 285 19.58 51.46 -0.83
CA GLY F 285 18.71 51.06 0.26
C GLY F 285 17.58 52.10 0.33
N ASP F 286 17.95 53.37 0.11
CA ASP F 286 17.01 54.45 0.18
C ASP F 286 16.24 54.63 -1.11
N ARG F 287 16.86 54.35 -2.24
CA ARG F 287 16.15 54.48 -3.49
C ARG F 287 15.03 53.45 -3.55
N LEU F 288 15.28 52.24 -3.05
CA LEU F 288 14.27 51.21 -3.07
C LEU F 288 13.08 51.62 -2.23
N LYS F 289 13.34 52.28 -1.09
CA LYS F 289 12.31 52.76 -0.15
C LYS F 289 11.35 53.78 -0.76
N MET F 290 11.70 54.33 -1.92
CA MET F 290 10.85 55.31 -2.57
C MET F 290 9.71 54.64 -3.32
N LEU F 291 9.90 53.35 -3.61
CA LEU F 291 8.93 52.55 -4.35
C LEU F 291 8.38 51.38 -3.53
N VAL F 292 9.24 50.80 -2.70
CA VAL F 292 8.91 49.67 -1.86
C VAL F 292 8.81 50.20 -0.47
N PHE F 293 7.64 50.13 0.12
CA PHE F 293 7.50 50.72 1.42
C PHE F 293 7.32 49.61 2.41
N GLY F 294 8.31 49.45 3.25
CA GLY F 294 8.34 48.37 4.20
C GLY F 294 9.46 47.44 3.80
N GLN F 295 9.65 46.35 4.56
CA GLN F 295 10.76 45.43 4.29
C GLN F 295 12.09 46.20 4.27
N ASP F 296 12.19 47.25 5.09
CA ASP F 296 13.36 48.10 5.06
C ASP F 296 14.62 47.36 5.40
N LYS F 297 14.54 46.44 6.35
CA LYS F 297 15.74 45.74 6.72
C LYS F 297 16.13 44.74 5.66
N ALA F 298 15.18 44.28 4.85
CA ALA F 298 15.48 43.28 3.84
C ALA F 298 16.31 43.90 2.76
N ILE F 299 15.92 45.11 2.40
CA ILE F 299 16.61 45.79 1.34
C ILE F 299 17.97 46.26 1.81
N GLU F 300 18.07 46.62 3.09
CA GLU F 300 19.36 46.99 3.60
C GLU F 300 20.27 45.78 3.65
N ALA F 301 19.75 44.60 4.03
CA ALA F 301 20.57 43.40 4.08
C ALA F 301 21.12 43.02 2.71
N LEU F 302 20.29 43.18 1.68
CA LEU F 302 20.75 42.88 0.33
C LEU F 302 21.82 43.83 -0.09
N THR F 303 21.64 45.09 0.28
CA THR F 303 22.58 46.10 -0.08
C THR F 303 23.91 45.77 0.57
N GLU F 304 23.89 45.35 1.85
CA GLU F 304 25.15 45.07 2.52
C GLU F 304 25.87 43.90 1.88
N ALA F 305 25.13 42.87 1.51
CA ALA F 305 25.75 41.71 0.91
C ALA F 305 26.37 42.05 -0.45
N ILE F 306 25.69 42.89 -1.23
CA ILE F 306 26.19 43.25 -2.54
C ILE F 306 27.46 44.07 -2.36
N LYS F 307 27.44 45.02 -1.40
CA LYS F 307 28.60 45.85 -1.13
C LYS F 307 29.79 44.97 -0.76
N MET F 308 29.54 43.91 0.01
CA MET F 308 30.59 43.01 0.39
C MET F 308 31.17 42.24 -0.79
N ALA F 309 30.31 41.81 -1.71
CA ALA F 309 30.79 41.12 -2.90
C ALA F 309 31.68 42.03 -3.73
N ARG F 310 31.27 43.30 -3.85
CA ARG F 310 32.00 44.31 -4.59
C ARG F 310 33.36 44.62 -3.95
N ALA F 311 33.46 44.42 -2.62
CA ALA F 311 34.70 44.62 -1.89
C ALA F 311 35.74 43.59 -2.30
N GLY F 312 35.31 42.53 -3.00
CA GLY F 312 36.22 41.50 -3.41
C GLY F 312 36.28 40.39 -2.40
N LEU F 313 35.27 40.27 -1.54
CA LEU F 313 35.30 39.18 -0.60
C LEU F 313 34.52 38.02 -1.21
N GLY F 314 35.25 36.97 -1.53
CA GLY F 314 34.73 35.82 -2.23
C GLY F 314 35.87 35.15 -2.97
N HIS F 315 35.54 34.42 -4.02
CA HIS F 315 36.53 33.70 -4.81
C HIS F 315 36.27 33.96 -6.28
N GLU F 316 37.32 33.81 -7.08
CA GLU F 316 37.27 34.07 -8.51
C GLU F 316 36.31 33.21 -9.32
N HIS F 317 35.98 32.02 -8.84
CA HIS F 317 35.01 31.17 -9.52
C HIS F 317 33.55 31.31 -9.05
N LYS F 318 33.29 32.12 -8.04
CA LYS F 318 31.96 32.16 -7.41
C LYS F 318 31.02 33.23 -7.97
N PRO F 319 29.69 33.09 -7.79
CA PRO F 319 28.64 34.04 -8.15
C PRO F 319 28.73 35.25 -7.25
N VAL F 320 28.10 36.35 -7.66
CA VAL F 320 28.13 37.56 -6.86
C VAL F 320 27.46 37.28 -5.56
N GLY F 321 26.35 36.57 -5.62
CA GLY F 321 25.68 36.18 -4.39
C GLY F 321 24.42 35.38 -4.63
N SER F 322 23.88 34.86 -3.52
CA SER F 322 22.67 34.03 -3.48
C SER F 322 21.78 34.29 -2.25
N PHE F 323 20.53 34.63 -2.49
CA PHE F 323 19.65 34.92 -1.37
C PHE F 323 18.32 34.24 -1.43
N LEU F 324 17.79 33.86 -0.28
CA LEU F 324 16.43 33.35 -0.25
C LEU F 324 15.54 34.43 0.32
N PHE F 325 14.47 34.77 -0.38
CA PHE F 325 13.54 35.78 0.06
C PHE F 325 12.29 35.10 0.55
N ALA F 326 12.07 35.14 1.84
CA ALA F 326 10.95 34.44 2.42
C ALA F 326 9.88 35.42 2.84
N GLY F 327 8.64 35.01 2.73
CA GLY F 327 7.55 35.85 3.22
C GLY F 327 6.28 35.69 2.43
N PRO F 328 5.21 36.43 2.79
CA PRO F 328 3.85 36.41 2.24
C PRO F 328 3.88 36.88 0.82
N THR F 329 2.84 36.58 0.04
CA THR F 329 2.90 37.13 -1.30
C THR F 329 2.41 38.55 -1.16
N GLY F 330 2.65 39.36 -2.16
CA GLY F 330 2.09 40.69 -2.18
C GLY F 330 2.75 41.66 -1.23
N VAL F 331 4.02 41.43 -0.92
CA VAL F 331 4.73 42.35 -0.03
C VAL F 331 5.90 42.98 -0.75
N GLY F 332 5.89 42.91 -2.08
CA GLY F 332 6.95 43.50 -2.86
C GLY F 332 8.21 42.65 -3.01
N LYS F 333 8.14 41.33 -2.87
CA LYS F 333 9.40 40.58 -3.03
C LYS F 333 9.90 40.72 -4.47
N THR F 334 8.97 40.75 -5.44
CA THR F 334 9.37 40.84 -6.83
C THR F 334 9.67 42.27 -7.15
N GLU F 335 9.04 43.19 -6.42
CA GLU F 335 9.22 44.59 -6.67
C GLU F 335 10.63 44.95 -6.32
N VAL F 336 11.14 44.40 -5.22
CA VAL F 336 12.51 44.68 -4.85
C VAL F 336 13.44 44.14 -5.90
N THR F 337 13.21 42.92 -6.38
CA THR F 337 14.13 42.39 -7.36
C THR F 337 14.15 43.26 -8.62
N VAL F 338 12.98 43.69 -9.07
CA VAL F 338 12.90 44.52 -10.25
C VAL F 338 13.58 45.86 -10.06
N GLN F 339 13.34 46.51 -8.92
CA GLN F 339 13.95 47.80 -8.75
C GLN F 339 15.46 47.65 -8.58
N LEU F 340 15.93 46.55 -7.98
CA LEU F 340 17.37 46.38 -7.88
C LEU F 340 17.97 46.24 -9.25
N SER F 341 17.33 45.47 -10.13
CA SER F 341 17.94 45.27 -11.43
C SER F 341 18.01 46.55 -12.20
N LYS F 342 16.99 47.40 -12.04
CA LYS F 342 17.04 48.64 -12.78
C LYS F 342 18.13 49.54 -12.25
N ALA F 343 18.20 49.66 -10.94
CA ALA F 343 19.17 50.54 -10.32
C ALA F 343 20.59 50.13 -10.55
N LEU F 344 20.80 48.83 -10.63
CA LEU F 344 22.13 48.30 -10.81
C LEU F 344 22.53 48.22 -12.27
N GLY F 345 21.62 48.60 -13.19
CA GLY F 345 21.92 48.58 -14.61
C GLY F 345 21.98 47.19 -15.24
N ILE F 346 21.22 46.23 -14.71
CA ILE F 346 21.30 44.86 -15.24
C ILE F 346 19.96 44.28 -15.63
N GLU F 347 20.00 43.22 -16.43
CA GLU F 347 18.81 42.52 -16.86
C GLU F 347 18.29 41.60 -15.78
N LEU F 348 16.99 41.35 -15.81
CA LEU F 348 16.37 40.33 -14.98
C LEU F 348 15.98 39.10 -15.78
N LEU F 349 16.46 37.96 -15.34
CA LEU F 349 16.19 36.68 -15.97
C LEU F 349 15.19 35.98 -15.07
N ARG F 350 14.14 35.38 -15.60
CA ARG F 350 13.19 34.77 -14.69
C ARG F 350 12.74 33.38 -15.05
N PHE F 351 12.63 32.56 -14.00
CA PHE F 351 12.08 31.24 -14.15
C PHE F 351 11.08 30.95 -13.02
N ASP F 352 9.99 30.28 -13.34
CA ASP F 352 8.99 29.89 -12.34
C ASP F 352 9.20 28.43 -12.01
N MET F 353 9.62 28.12 -10.78
CA MET F 353 9.98 26.76 -10.45
C MET F 353 8.84 25.78 -10.50
N SER F 354 7.60 26.26 -10.43
CA SER F 354 6.48 25.33 -10.49
C SER F 354 6.38 24.71 -11.88
N GLU F 355 7.11 25.28 -12.85
CA GLU F 355 7.10 24.76 -14.22
C GLU F 355 8.28 23.83 -14.45
N TYR F 356 9.10 23.70 -13.41
CA TYR F 356 10.29 22.86 -13.38
C TYR F 356 10.16 21.81 -12.29
N MET F 357 8.91 21.55 -11.92
CA MET F 357 8.48 20.59 -10.91
C MET F 357 8.65 19.12 -11.28
N GLU F 358 8.53 18.79 -12.56
CA GLU F 358 8.64 17.41 -13.00
C GLU F 358 10.03 17.12 -13.56
N ARG F 359 10.44 15.85 -13.47
CA ARG F 359 11.76 15.49 -13.98
C ARG F 359 12.06 15.88 -15.45
N HIS F 360 11.10 15.75 -16.36
CA HIS F 360 11.35 16.05 -17.77
C HIS F 360 11.63 17.52 -17.99
N THR F 361 10.84 18.36 -17.35
CA THR F 361 11.02 19.79 -17.52
C THR F 361 12.38 20.22 -16.98
N VAL F 362 12.86 19.49 -15.98
CA VAL F 362 14.15 19.77 -15.36
C VAL F 362 15.29 19.69 -16.38
N SER F 363 15.28 18.67 -17.23
CA SER F 363 16.35 18.53 -18.22
C SER F 363 16.26 19.63 -19.29
N ARG F 364 15.04 20.11 -19.57
CA ARG F 364 14.85 21.18 -20.55
C ARG F 364 15.50 22.50 -20.05
N LEU F 365 15.33 22.74 -18.75
CA LEU F 365 15.92 23.92 -18.10
C LEU F 365 17.43 23.86 -18.09
N ILE F 366 17.96 22.69 -17.73
CA ILE F 366 19.39 22.48 -17.60
C ILE F 366 20.11 22.49 -18.94
N GLY F 367 19.55 21.86 -19.95
CA GLY F 367 20.29 21.76 -21.18
C GLY F 367 21.14 20.53 -21.06
N ALA F 368 20.60 19.55 -20.35
CA ALA F 368 21.31 18.31 -20.16
C ALA F 368 21.52 17.74 -21.54
N PRO F 369 22.59 16.98 -21.84
CA PRO F 369 22.80 16.38 -23.13
C PRO F 369 21.48 15.78 -23.73
N PRO F 370 20.68 14.94 -23.03
CA PRO F 370 19.37 14.53 -23.49
C PRO F 370 18.32 15.51 -23.01
N GLY F 371 17.16 15.55 -23.66
CA GLY F 371 16.01 16.18 -23.00
C GLY F 371 16.12 17.69 -22.87
N TYR F 372 16.80 18.31 -23.84
CA TYR F 372 16.98 19.75 -23.83
C TYR F 372 16.00 20.40 -24.80
N VAL F 373 15.97 21.72 -24.77
CA VAL F 373 15.07 22.47 -25.65
C VAL F 373 15.68 22.77 -27.02
N GLY F 374 14.93 22.49 -28.08
CA GLY F 374 15.42 22.73 -29.42
C GLY F 374 16.64 21.88 -29.69
N PHE F 375 17.71 22.49 -30.19
CA PHE F 375 18.94 21.77 -30.48
C PHE F 375 20.09 22.41 -29.72
N ASP F 376 19.84 23.61 -29.20
CA ASP F 376 20.82 24.35 -28.44
C ASP F 376 20.12 25.42 -27.61
N GLN F 377 18.96 25.08 -27.05
CA GLN F 377 18.21 26.06 -26.25
C GLN F 377 19.05 26.81 -25.20
N GLY F 378 19.82 26.10 -24.39
CA GLY F 378 19.91 24.65 -24.43
C GLY F 378 18.76 23.96 -23.73
N GLY F 379 18.62 24.17 -22.41
CA GLY F 379 19.51 24.99 -21.62
C GLY F 379 18.92 26.36 -21.48
N LEU F 380 17.68 26.40 -21.08
CA LEU F 380 17.05 27.70 -20.98
C LEU F 380 17.82 28.53 -19.96
N LEU F 381 18.32 27.88 -18.90
CA LEU F 381 19.09 28.58 -17.90
C LEU F 381 20.48 28.96 -18.42
N THR F 382 21.15 28.06 -19.16
CA THR F 382 22.48 28.39 -19.64
C THR F 382 22.41 29.49 -20.63
N ASP F 383 21.37 29.52 -21.43
CA ASP F 383 21.30 30.56 -22.44
C ASP F 383 21.09 31.90 -21.79
N ALA F 384 20.17 31.97 -20.85
CA ALA F 384 19.88 33.23 -20.20
C ALA F 384 21.15 33.85 -19.57
N VAL F 385 22.03 33.00 -19.03
CA VAL F 385 23.25 33.47 -18.37
C VAL F 385 24.45 33.62 -19.32
N ILE F 386 24.26 33.31 -20.59
CA ILE F 386 25.28 33.53 -21.59
C ILE F 386 24.99 34.85 -22.25
N LYS F 387 23.72 35.07 -22.56
CA LYS F 387 23.29 36.32 -23.19
C LYS F 387 23.43 37.51 -22.25
N HIS F 388 23.18 37.32 -20.94
CA HIS F 388 23.26 38.42 -20.01
C HIS F 388 24.07 38.07 -18.75
N PRO F 389 25.41 37.96 -18.84
CA PRO F 389 26.32 37.49 -17.80
C PRO F 389 26.31 38.25 -16.48
N HIS F 390 25.85 39.51 -16.45
CA HIS F 390 25.86 40.27 -15.20
C HIS F 390 24.48 40.44 -14.61
N ALA F 391 23.54 39.69 -15.13
CA ALA F 391 22.13 39.75 -14.76
C ALA F 391 21.81 39.21 -13.38
N VAL F 392 20.58 39.47 -12.99
CA VAL F 392 20.06 38.90 -11.79
C VAL F 392 19.06 37.86 -12.19
N LEU F 393 19.23 36.71 -11.60
CA LEU F 393 18.43 35.54 -11.88
C LEU F 393 17.44 35.30 -10.78
N LEU F 394 16.17 35.34 -11.12
CA LEU F 394 15.11 35.16 -10.16
C LEU F 394 14.37 33.86 -10.34
N LEU F 395 14.38 33.04 -9.31
CA LEU F 395 13.70 31.77 -9.37
C LEU F 395 12.51 31.81 -8.41
N ASP F 396 11.31 31.78 -8.98
CA ASP F 396 10.12 31.91 -8.15
C ASP F 396 9.60 30.64 -7.56
N GLU F 397 9.13 30.75 -6.32
CA GLU F 397 8.46 29.65 -5.60
C GLU F 397 9.27 28.37 -5.66
N ILE F 398 10.46 28.47 -5.16
CA ILE F 398 11.48 27.44 -5.24
C ILE F 398 11.19 26.11 -4.56
N GLU F 399 10.27 26.05 -3.60
CA GLU F 399 9.99 24.78 -2.96
C GLU F 399 9.26 23.83 -3.90
N LYS F 400 8.77 24.37 -5.02
CA LYS F 400 8.05 23.59 -6.00
C LYS F 400 8.97 23.00 -7.07
N ALA F 401 10.25 23.32 -7.01
CA ALA F 401 11.17 22.83 -8.00
C ALA F 401 11.41 21.35 -7.83
N HIS F 402 11.61 20.64 -8.92
CA HIS F 402 11.99 19.25 -8.84
C HIS F 402 13.37 19.17 -8.17
N PRO F 403 13.66 18.19 -7.30
CA PRO F 403 14.95 17.99 -6.67
C PRO F 403 16.15 18.04 -7.64
N ASP F 404 15.99 17.67 -8.90
CA ASP F 404 17.14 17.75 -9.80
C ASP F 404 17.48 19.22 -10.09
N VAL F 405 16.50 20.13 -10.01
CA VAL F 405 16.76 21.54 -10.24
C VAL F 405 17.51 22.01 -9.06
N PHE F 406 17.04 21.59 -7.91
CA PHE F 406 17.62 22.02 -6.67
C PHE F 406 19.10 21.66 -6.70
N ASN F 407 19.40 20.44 -7.12
CA ASN F 407 20.78 20.04 -7.19
C ASN F 407 21.57 20.75 -8.29
N ILE F 408 20.97 21.08 -9.46
CA ILE F 408 21.82 21.74 -10.42
C ILE F 408 22.19 23.11 -9.90
N LEU F 409 21.28 23.75 -9.18
CA LEU F 409 21.57 25.05 -8.63
C LEU F 409 22.67 24.95 -7.61
N LEU F 410 22.68 23.89 -6.79
CA LEU F 410 23.74 23.79 -5.81
C LEU F 410 25.08 23.61 -6.50
N GLN F 411 25.10 22.87 -7.61
CA GLN F 411 26.34 22.66 -8.33
C GLN F 411 26.84 23.98 -8.92
N VAL F 412 25.92 24.81 -9.42
CA VAL F 412 26.30 26.12 -9.94
C VAL F 412 26.78 27.00 -8.80
N MET F 413 26.10 26.98 -7.66
CA MET F 413 26.57 27.80 -6.55
C MET F 413 28.01 27.46 -6.23
N ASP F 414 28.35 26.16 -6.23
CA ASP F 414 29.71 25.79 -5.90
C ASP F 414 30.77 26.13 -6.94
N ASN F 415 30.48 25.99 -8.24
CA ASN F 415 31.55 26.26 -9.20
C ASN F 415 31.36 27.44 -10.19
N GLY F 416 30.23 28.12 -10.17
CA GLY F 416 30.00 29.28 -11.01
C GLY F 416 29.65 28.97 -12.45
N THR F 417 29.41 27.72 -12.79
CA THR F 417 29.15 27.46 -14.19
C THR F 417 28.15 26.36 -14.47
N LEU F 418 27.49 26.47 -15.61
CA LEU F 418 26.54 25.46 -16.05
C LEU F 418 26.84 25.05 -17.47
N THR F 419 26.97 23.75 -17.71
CA THR F 419 27.32 23.30 -19.06
C THR F 419 26.10 22.89 -19.86
N ASP F 420 26.05 23.45 -21.06
CA ASP F 420 25.02 23.28 -22.08
C ASP F 420 25.13 21.92 -22.78
N ASN F 421 24.04 21.47 -23.40
CA ASN F 421 24.06 20.21 -24.13
C ASN F 421 25.06 20.24 -25.28
N ASN F 422 25.43 21.44 -25.77
CA ASN F 422 26.38 21.55 -26.86
C ASN F 422 27.82 21.79 -26.37
N GLY F 423 28.05 21.68 -25.06
CA GLY F 423 29.39 21.83 -24.47
C GLY F 423 29.77 23.28 -24.15
N ARG F 424 28.86 24.19 -24.42
CA ARG F 424 29.05 25.61 -24.18
C ARG F 424 28.84 25.87 -22.70
N LYS F 425 29.46 26.91 -22.14
CA LYS F 425 29.22 27.13 -20.71
C LYS F 425 28.74 28.52 -20.34
N ALA F 426 27.75 28.52 -19.44
CA ALA F 426 27.28 29.73 -18.81
C ALA F 426 28.21 30.12 -17.69
N ASP F 427 28.43 31.43 -17.57
CA ASP F 427 29.28 32.02 -16.56
C ASP F 427 28.46 32.79 -15.53
N PHE F 428 28.37 32.26 -14.32
CA PHE F 428 27.52 32.84 -13.30
C PHE F 428 28.31 33.71 -12.34
N ARG F 429 29.58 33.92 -12.65
CA ARG F 429 30.47 34.70 -11.79
C ARG F 429 30.06 36.16 -11.60
N ASN F 430 29.20 36.67 -12.49
CA ASN F 430 28.75 38.01 -12.41
C ASN F 430 27.27 38.10 -12.11
N VAL F 431 26.65 37.02 -11.66
CA VAL F 431 25.22 37.15 -11.42
C VAL F 431 24.84 36.99 -9.97
N VAL F 432 23.64 37.44 -9.71
CA VAL F 432 23.04 37.32 -8.40
C VAL F 432 21.84 36.44 -8.49
N LEU F 433 21.80 35.46 -7.62
CA LEU F 433 20.70 34.53 -7.57
C LEU F 433 19.71 34.88 -6.47
N VAL F 434 18.50 35.13 -6.89
CA VAL F 434 17.43 35.46 -6.00
C VAL F 434 16.41 34.36 -6.06
N MET F 435 16.16 33.76 -4.93
CA MET F 435 15.24 32.67 -4.86
C MET F 435 14.12 33.08 -3.97
N THR F 436 12.88 32.80 -4.36
CA THR F 436 11.72 33.17 -3.54
C THR F 436 11.00 31.92 -3.02
N THR F 437 9.90 32.14 -2.30
CA THR F 437 9.12 31.04 -1.75
C THR F 437 8.13 31.54 -0.71
N ASN F 438 6.87 31.16 -0.87
CA ASN F 438 5.81 31.56 0.05
C ASN F 438 5.40 30.44 0.98
N ALA F 439 6.39 29.77 1.56
CA ALA F 439 6.14 28.68 2.48
C ALA F 439 6.32 29.04 3.94
N GLY F 440 7.23 29.95 4.23
CA GLY F 440 7.56 30.29 5.62
C GLY F 440 6.42 30.93 6.39
N VAL F 441 5.37 31.37 5.70
CA VAL F 441 4.26 31.98 6.42
C VAL F 441 2.98 31.16 6.28
N ARG F 442 3.03 29.99 5.65
CA ARG F 442 1.77 29.29 5.45
C ARG F 442 1.26 28.62 6.73
N GLU F 443 2.17 28.28 7.63
CA GLU F 443 1.80 27.63 8.88
C GLU F 443 0.98 28.53 9.78
N THR F 444 1.23 29.83 9.72
CA THR F 444 0.57 30.73 10.64
C THR F 444 -0.85 31.02 10.17
N GLU F 445 -1.27 30.44 9.04
CA GLU F 445 -2.61 30.65 8.51
C GLU F 445 -3.59 29.63 9.09
N ARG F 446 -3.06 28.64 9.81
CA ARG F 446 -3.84 27.56 10.40
C ARG F 446 -4.55 27.96 11.68
N LYS F 447 -5.77 27.43 11.88
CA LYS F 447 -6.50 27.62 13.12
C LYS F 447 -6.43 26.34 13.96
N SER F 448 -6.10 26.49 15.23
CA SER F 448 -5.94 25.34 16.13
C SER F 448 -7.22 24.79 16.67
N ILE F 449 -7.11 23.59 17.18
CA ILE F 449 -8.12 22.80 17.86
C ILE F 449 -8.22 23.15 19.34
N GLY F 450 -9.41 23.04 19.92
CA GLY F 450 -9.54 23.27 21.36
C GLY F 450 -10.61 24.27 21.66
N LEU F 451 -10.99 24.38 22.93
CA LEU F 451 -12.01 25.33 23.31
C LEU F 451 -11.45 26.73 23.19
N ILE F 452 -10.14 26.85 23.43
CA ILE F 452 -9.46 28.11 23.31
C ILE F 452 -8.50 28.04 22.15
N HIS F 453 -8.67 28.91 21.17
CA HIS F 453 -7.78 28.85 20.02
C HIS F 453 -6.51 29.48 20.45
N GLN F 454 -5.39 29.00 19.94
CA GLN F 454 -4.16 29.66 20.32
C GLN F 454 -3.48 30.34 19.17
N ASP F 455 -2.37 30.97 19.48
CA ASP F 455 -1.56 31.69 18.53
C ASP F 455 -0.64 30.74 17.79
N ASN F 456 -0.88 30.56 16.50
CA ASN F 456 -0.12 29.62 15.70
C ASN F 456 1.04 30.27 14.98
N SER F 457 1.40 31.47 15.42
CA SER F 457 2.55 32.12 14.83
C SER F 457 3.76 31.23 15.04
N THR F 458 4.58 31.17 14.02
CA THR F 458 5.80 30.38 14.10
C THR F 458 6.96 31.17 13.66
N ASP F 459 8.11 30.54 13.75
CA ASP F 459 9.30 31.16 13.27
C ASP F 459 9.47 30.74 11.84
N ALA F 460 9.23 31.66 10.93
CA ALA F 460 9.30 31.33 9.53
C ALA F 460 10.68 30.80 9.18
N MET F 461 11.71 31.25 9.90
CA MET F 461 13.04 30.80 9.58
C MET F 461 13.19 29.33 9.90
N GLU F 462 12.44 28.82 10.89
CA GLU F 462 12.51 27.42 11.23
C GLU F 462 11.76 26.65 10.17
N GLU F 463 10.72 27.26 9.62
CA GLU F 463 9.97 26.57 8.59
C GLU F 463 10.85 26.42 7.37
N ILE F 464 11.66 27.44 7.08
CA ILE F 464 12.58 27.37 5.97
C ILE F 464 13.60 26.27 6.26
N LYS F 465 14.07 26.19 7.51
CA LYS F 465 15.03 25.15 7.81
C LYS F 465 14.49 23.74 7.58
N LYS F 466 13.22 23.51 7.90
CA LYS F 466 12.60 22.21 7.67
C LYS F 466 12.37 21.90 6.19
N ILE F 467 11.95 22.89 5.43
CA ILE F 467 11.66 22.73 4.01
C ILE F 467 12.92 22.51 3.17
N PHE F 468 13.95 23.30 3.43
CA PHE F 468 15.17 23.29 2.66
C PHE F 468 16.27 22.50 3.33
N THR F 469 17.24 22.03 2.58
CA THR F 469 18.31 21.27 3.17
C THR F 469 19.38 22.22 3.73
N PRO F 470 20.25 21.79 4.68
CA PRO F 470 21.38 22.54 5.16
C PRO F 470 22.48 22.74 4.14
N GLU F 471 22.57 21.87 3.13
CA GLU F 471 23.60 22.07 2.14
C GLU F 471 23.28 23.34 1.38
N PHE F 472 22.00 23.49 1.11
CA PHE F 472 21.48 24.66 0.46
C PHE F 472 21.65 25.88 1.32
N ARG F 473 21.24 25.81 2.58
CA ARG F 473 21.33 26.99 3.43
C ARG F 473 22.76 27.47 3.62
N ASN F 474 23.70 26.55 3.69
CA ASN F 474 25.09 26.88 3.94
C ASN F 474 25.75 27.57 2.76
N ARG F 475 25.08 27.58 1.62
CA ARG F 475 25.60 28.21 0.43
C ARG F 475 24.91 29.52 0.12
N LEU F 476 24.01 29.94 0.99
CA LEU F 476 23.32 31.19 0.76
C LEU F 476 24.09 32.28 1.44
N ASP F 477 24.02 33.48 0.90
CA ASP F 477 24.64 34.59 1.58
C ASP F 477 23.67 35.00 2.64
N ASN F 478 22.38 34.88 2.35
CA ASN F 478 21.43 35.16 3.42
C ASN F 478 20.05 34.55 3.18
N ILE F 479 19.21 34.70 4.19
CA ILE F 479 17.80 34.42 4.19
C ILE F 479 17.17 35.68 4.68
N ILE F 480 16.35 36.28 3.86
CA ILE F 480 15.82 37.57 4.18
C ILE F 480 14.31 37.57 4.31
N TRP F 481 13.80 38.09 5.42
CA TRP F 481 12.37 38.13 5.61
C TRP F 481 11.72 39.42 5.11
N PHE F 482 10.70 39.24 4.29
CA PHE F 482 9.92 40.34 3.75
C PHE F 482 8.57 40.26 4.44
N ASP F 483 8.32 41.19 5.35
CA ASP F 483 7.12 41.10 6.18
C ASP F 483 5.85 41.67 5.52
N HIS F 484 4.76 41.61 6.26
CA HIS F 484 3.41 42.05 5.89
C HIS F 484 3.37 43.58 5.82
N LEU F 485 2.36 44.15 5.15
CA LEU F 485 2.37 45.59 4.95
C LEU F 485 1.52 46.29 6.00
N SER F 486 1.95 47.51 6.34
CA SER F 486 1.23 48.40 7.24
C SER F 486 0.12 49.16 6.54
N THR F 487 -0.74 49.82 7.32
CA THR F 487 -1.87 50.58 6.78
C THR F 487 -1.45 51.68 5.82
N ASP F 488 -0.40 52.42 6.15
CA ASP F 488 -0.02 53.51 5.28
C ASP F 488 0.57 53.01 3.98
N VAL F 489 1.11 51.79 3.99
CA VAL F 489 1.64 51.26 2.79
C VAL F 489 0.52 50.84 1.89
N ILE F 490 -0.49 50.18 2.45
CA ILE F 490 -1.56 49.77 1.57
C ILE F 490 -2.25 51.03 1.02
N HIS F 491 -2.18 52.17 1.73
CA HIS F 491 -2.69 53.40 1.15
C HIS F 491 -1.78 53.82 0.00
N GLN F 492 -0.47 53.71 0.15
CA GLN F 492 0.40 54.09 -0.95
C GLN F 492 0.10 53.22 -2.18
N VAL F 493 -0.19 51.95 -1.96
CA VAL F 493 -0.51 51.04 -3.04
C VAL F 493 -1.85 51.39 -3.70
N VAL F 494 -2.90 51.69 -2.91
CA VAL F 494 -4.19 52.00 -3.51
C VAL F 494 -4.08 53.31 -4.25
N ASP F 495 -3.30 54.26 -3.75
CA ASP F 495 -3.20 55.50 -4.45
C ASP F 495 -2.46 55.31 -5.75
N LYS F 496 -1.44 54.45 -5.79
CA LYS F 496 -0.77 54.23 -7.06
C LYS F 496 -1.76 53.75 -8.12
N PHE F 497 -2.65 52.83 -7.74
CA PHE F 497 -3.64 52.34 -8.69
C PHE F 497 -4.65 53.42 -9.09
N ILE F 498 -5.07 54.23 -8.13
CA ILE F 498 -6.02 55.29 -8.40
C ILE F 498 -5.42 56.30 -9.34
N VAL F 499 -4.16 56.64 -9.13
CA VAL F 499 -3.52 57.58 -10.01
C VAL F 499 -3.47 57.04 -11.42
N GLU F 500 -3.13 55.76 -11.62
CA GLU F 500 -3.11 55.28 -13.00
C GLU F 500 -4.51 55.37 -13.59
N LEU F 501 -5.53 55.08 -12.80
CA LEU F 501 -6.88 55.21 -13.30
C LEU F 501 -7.13 56.63 -13.71
N GLN F 502 -6.72 57.59 -12.89
CA GLN F 502 -6.95 58.95 -13.26
C GLN F 502 -6.18 59.31 -14.50
N VAL F 503 -4.99 58.79 -14.68
CA VAL F 503 -4.30 59.14 -15.91
C VAL F 503 -5.13 58.68 -17.09
N GLN F 504 -5.66 57.46 -17.03
CA GLN F 504 -6.48 57.00 -18.14
C GLN F 504 -7.75 57.84 -18.29
N LEU F 505 -8.33 58.25 -17.18
CA LEU F 505 -9.54 59.06 -17.29
C LEU F 505 -9.17 60.43 -17.89
N ASP F 506 -8.01 60.99 -17.54
CA ASP F 506 -7.53 62.28 -18.08
C ASP F 506 -7.37 62.21 -19.58
N GLN F 507 -6.95 61.06 -20.07
CA GLN F 507 -6.76 60.86 -21.49
C GLN F 507 -8.09 60.98 -22.20
N LYS F 508 -9.15 60.51 -21.52
CA LYS F 508 -10.50 60.61 -22.04
C LYS F 508 -11.06 62.01 -21.79
N GLY F 509 -10.64 62.61 -20.68
CA GLY F 509 -11.08 63.92 -20.22
C GLY F 509 -11.96 63.94 -18.93
N VAL F 510 -12.10 62.80 -18.25
CA VAL F 510 -12.92 62.75 -17.04
C VAL F 510 -12.09 62.82 -15.77
N SER F 511 -12.52 63.65 -14.84
CA SER F 511 -11.87 63.80 -13.55
C SER F 511 -12.54 62.95 -12.47
N LEU F 512 -11.81 62.02 -11.82
CA LEU F 512 -12.38 61.19 -10.76
C LEU F 512 -11.82 61.48 -9.38
N GLU F 513 -12.69 61.97 -8.52
CA GLU F 513 -12.34 62.18 -7.12
C GLU F 513 -12.69 60.96 -6.30
N VAL F 514 -11.75 60.48 -5.52
CA VAL F 514 -12.01 59.35 -4.66
C VAL F 514 -11.85 59.82 -3.22
N SER F 515 -12.89 59.67 -2.40
CA SER F 515 -12.78 60.20 -1.05
C SER F 515 -11.72 59.45 -0.29
N GLN F 516 -11.24 60.05 0.79
CA GLN F 516 -10.20 59.40 1.56
C GLN F 516 -10.69 58.14 2.20
N GLU F 517 -11.96 58.12 2.59
CA GLU F 517 -12.50 56.94 3.21
C GLU F 517 -12.52 55.82 2.20
N ALA F 518 -12.90 56.15 0.94
CA ALA F 518 -12.90 55.15 -0.11
C ALA F 518 -11.50 54.65 -0.37
N ARG F 519 -10.49 55.53 -0.34
CA ARG F 519 -9.13 55.12 -0.59
C ARG F 519 -8.68 54.16 0.49
N ASN F 520 -8.99 54.50 1.73
CA ASN F 520 -8.62 53.64 2.84
C ASN F 520 -9.30 52.32 2.71
N TRP F 521 -10.61 52.38 2.50
CA TRP F 521 -11.46 51.21 2.36
C TRP F 521 -10.99 50.24 1.27
N LEU F 522 -10.69 50.77 0.09
CA LEU F 522 -10.27 49.88 -0.98
C LEU F 522 -8.97 49.24 -0.56
N ALA F 523 -8.07 50.01 0.06
CA ALA F 523 -6.82 49.42 0.48
C ALA F 523 -7.04 48.31 1.51
N GLU F 524 -7.93 48.54 2.48
CA GLU F 524 -8.21 47.57 3.52
C GLU F 524 -8.94 46.34 3.01
N LYS F 525 -9.85 46.53 2.08
CA LYS F 525 -10.63 45.46 1.51
C LYS F 525 -9.83 44.60 0.56
N GLY F 526 -9.05 45.22 -0.31
CA GLY F 526 -8.26 44.44 -1.24
C GLY F 526 -7.19 43.68 -0.47
N TYR F 527 -6.48 44.36 0.42
CA TYR F 527 -5.37 43.73 1.13
C TYR F 527 -5.77 42.55 1.99
N ASP F 528 -5.00 41.49 1.88
CA ASP F 528 -5.21 40.28 2.66
C ASP F 528 -3.88 39.87 3.21
N ARG F 529 -3.72 39.96 4.51
CA ARG F 529 -2.45 39.69 5.15
C ARG F 529 -1.71 38.52 4.50
N ALA F 530 -2.41 37.41 4.18
CA ALA F 530 -1.74 36.23 3.59
C ALA F 530 -1.21 36.46 2.16
N MET F 531 -1.95 37.26 1.38
CA MET F 531 -1.64 37.54 -0.01
C MET F 531 -1.18 38.96 -0.21
N GLY F 532 -1.01 39.65 0.88
CA GLY F 532 -0.55 41.00 0.90
C GLY F 532 -1.42 41.90 0.05
N ALA F 533 -0.78 42.70 -0.76
CA ALA F 533 -1.48 43.61 -1.62
C ALA F 533 -1.73 43.02 -3.01
N ARG F 534 -1.38 41.75 -3.22
CA ARG F 534 -1.62 41.17 -4.53
C ARG F 534 -3.04 41.44 -5.08
N PRO F 535 -4.13 41.18 -4.32
CA PRO F 535 -5.53 41.42 -4.68
C PRO F 535 -5.92 42.86 -4.92
N MET F 536 -5.06 43.82 -4.61
CA MET F 536 -5.42 45.20 -4.85
C MET F 536 -5.70 45.45 -6.31
N ALA F 537 -5.10 44.65 -7.18
CA ALA F 537 -5.36 44.86 -8.58
C ALA F 537 -6.83 44.71 -8.89
N ARG F 538 -7.54 43.81 -8.19
CA ARG F 538 -8.93 43.61 -8.50
C ARG F 538 -9.85 44.50 -7.72
N VAL F 539 -9.43 44.94 -6.54
CA VAL F 539 -10.41 45.73 -5.81
C VAL F 539 -10.63 47.00 -6.63
N ILE F 540 -9.56 47.52 -7.25
CA ILE F 540 -9.72 48.68 -8.13
C ILE F 540 -10.20 48.33 -9.52
N GLN F 541 -9.66 47.29 -10.15
CA GLN F 541 -10.10 46.97 -11.49
C GLN F 541 -11.59 46.91 -11.59
N ASP F 542 -12.26 46.36 -10.59
CA ASP F 542 -13.68 46.34 -10.75
C ASP F 542 -14.36 47.57 -10.11
N ASN F 543 -14.00 47.94 -8.88
CA ASN F 543 -14.82 48.97 -8.22
C ASN F 543 -14.71 50.36 -8.78
N LEU F 544 -13.55 50.74 -9.29
CA LEU F 544 -13.44 52.10 -9.79
C LEU F 544 -13.48 52.16 -11.29
N LYS F 545 -13.77 51.05 -11.95
CA LYS F 545 -13.78 51.13 -13.39
C LYS F 545 -15.07 50.66 -13.98
N LYS F 546 -15.60 49.55 -13.53
CA LYS F 546 -16.78 49.04 -14.18
C LYS F 546 -17.91 50.07 -14.23
N PRO F 547 -18.31 50.73 -13.12
CA PRO F 547 -19.38 51.69 -13.07
C PRO F 547 -19.14 52.93 -13.91
N LEU F 548 -17.90 53.22 -14.28
CA LEU F 548 -17.65 54.43 -15.04
C LEU F 548 -17.59 54.08 -16.50
N ALA F 549 -17.02 52.91 -16.78
CA ALA F 549 -16.84 52.44 -18.14
C ALA F 549 -18.17 52.35 -18.82
N ASN F 550 -19.14 51.91 -18.04
CA ASN F 550 -20.46 51.75 -18.55
C ASN F 550 -21.12 53.06 -18.91
N GLU F 551 -20.85 54.16 -18.22
CA GLU F 551 -21.59 55.35 -18.54
C GLU F 551 -21.06 55.96 -19.80
N LEU F 552 -19.74 55.84 -19.98
CA LEU F 552 -19.15 56.44 -21.16
C LEU F 552 -19.63 55.70 -22.37
N LEU F 553 -19.73 54.38 -22.24
CA LEU F 553 -20.15 53.51 -23.29
C LEU F 553 -21.64 53.60 -23.56
N PHE F 554 -22.45 53.78 -22.52
CA PHE F 554 -23.88 53.89 -22.71
C PHE F 554 -24.23 55.16 -23.44
N GLY F 555 -23.49 56.23 -23.14
CA GLY F 555 -23.67 57.52 -23.78
C GLY F 555 -24.19 58.61 -22.84
N SER F 556 -24.45 58.29 -21.57
CA SER F 556 -24.89 59.32 -20.65
C SER F 556 -23.71 60.23 -20.34
N LEU F 557 -22.51 59.65 -20.38
CA LEU F 557 -21.28 60.35 -20.13
C LEU F 557 -20.62 60.72 -21.44
N VAL F 558 -19.91 61.80 -21.37
CA VAL F 558 -19.22 62.44 -22.45
C VAL F 558 -17.74 62.41 -22.15
N ASP F 559 -16.91 62.95 -23.03
CA ASP F 559 -15.48 62.89 -22.81
C ASP F 559 -15.04 63.71 -21.59
N GLY F 560 -15.68 64.84 -21.39
CA GLY F 560 -15.38 65.65 -20.21
C GLY F 560 -16.29 65.26 -19.05
N GLY F 561 -16.15 65.92 -17.91
CA GLY F 561 -17.01 65.65 -16.76
C GLY F 561 -16.22 65.42 -15.48
N GLN F 562 -16.88 65.67 -14.33
CA GLN F 562 -16.30 65.51 -13.00
C GLN F 562 -17.12 64.58 -12.15
N VAL F 563 -16.55 63.46 -11.79
CA VAL F 563 -17.24 62.45 -11.02
C VAL F 563 -16.50 62.18 -9.73
N THR F 564 -17.26 61.97 -8.69
CA THR F 564 -16.70 61.66 -7.39
C THR F 564 -17.26 60.38 -6.89
N VAL F 565 -16.46 59.60 -6.22
CA VAL F 565 -17.00 58.48 -5.53
C VAL F 565 -16.64 58.64 -4.08
N ALA F 566 -17.64 58.63 -3.24
CA ALA F 566 -17.35 58.74 -1.83
C ALA F 566 -17.69 57.45 -1.16
N LEU F 567 -16.98 57.10 -0.13
CA LEU F 567 -17.44 55.90 0.53
C LEU F 567 -18.58 56.30 1.42
N ASP F 568 -19.68 55.56 1.42
CA ASP F 568 -20.75 55.93 2.36
C ASP F 568 -20.63 55.09 3.64
N LYS F 569 -21.58 55.26 4.56
CA LYS F 569 -21.57 54.56 5.85
C LYS F 569 -21.75 53.03 5.75
N GLU F 570 -22.25 52.56 4.61
CA GLU F 570 -22.54 51.15 4.35
C GLU F 570 -21.44 50.52 3.52
N LYS F 571 -20.40 51.30 3.26
CA LYS F 571 -19.27 50.96 2.42
C LYS F 571 -19.68 50.75 0.96
N ASN F 572 -20.65 51.53 0.50
CA ASN F 572 -21.11 51.44 -0.87
C ASN F 572 -20.62 52.62 -1.71
N GLU F 573 -19.91 52.33 -2.79
CA GLU F 573 -19.39 53.37 -3.66
C GLU F 573 -20.48 54.39 -3.95
N LEU F 574 -20.29 55.60 -3.46
CA LEU F 574 -21.27 56.64 -3.66
C LEU F 574 -20.89 57.48 -4.84
N THR F 575 -21.17 56.92 -6.01
CA THR F 575 -20.81 57.54 -7.26
C THR F 575 -21.86 58.53 -7.68
N TYR F 576 -21.49 59.36 -8.62
CA TYR F 576 -22.37 60.36 -9.18
C TYR F 576 -22.21 60.28 -10.67
N GLY F 577 -22.95 61.08 -11.40
CA GLY F 577 -22.84 61.07 -12.85
C GLY F 577 -21.54 61.73 -13.28
N PHE F 578 -21.57 63.05 -13.45
CA PHE F 578 -20.41 63.81 -13.88
C PHE F 578 -20.72 65.29 -13.98
N ALA G 1 -2.80 -16.42 15.63
CA ALA G 1 -3.51 -16.81 14.42
C ALA G 1 -4.93 -17.16 14.75
N LEU G 2 -5.56 -16.38 15.58
CA LEU G 2 -6.94 -16.70 15.83
C LEU G 2 -7.72 -16.53 14.57
N VAL G 3 -7.36 -15.51 13.80
CA VAL G 3 -8.01 -15.27 12.53
C VAL G 3 -6.89 -15.21 11.50
N PRO G 4 -6.86 -16.07 10.50
CA PRO G 4 -5.84 -16.17 9.48
C PRO G 4 -5.92 -15.04 8.50
N MET G 5 -4.82 -14.82 7.80
CA MET G 5 -4.74 -13.83 6.73
C MET G 5 -4.89 -14.47 5.38
N VAL G 6 -5.49 -13.77 4.43
CA VAL G 6 -5.55 -14.28 3.08
C VAL G 6 -4.99 -13.25 2.13
N ILE G 7 -4.44 -13.69 1.01
CA ILE G 7 -3.86 -12.76 0.04
C ILE G 7 -4.63 -12.73 -1.24
N GLU G 8 -4.96 -11.54 -1.72
CA GLU G 8 -5.69 -11.39 -2.98
C GLU G 8 -4.88 -10.56 -3.97
N GLN G 9 -5.28 -10.60 -5.24
CA GLN G 9 -4.56 -9.86 -6.26
C GLN G 9 -5.49 -8.89 -6.94
N THR G 10 -4.98 -7.75 -7.37
CA THR G 10 -5.79 -6.77 -8.08
C THR G 10 -5.06 -6.24 -9.30
N SER G 11 -4.45 -5.08 -9.10
CA SER G 11 -3.63 -4.35 -10.05
C SER G 11 -2.23 -4.47 -9.52
N ARG G 12 -1.90 -3.67 -8.52
CA ARG G 12 -0.62 -3.79 -7.86
C ARG G 12 -0.73 -4.86 -6.77
N GLY G 13 -1.91 -4.96 -6.15
CA GLY G 13 -2.09 -5.88 -5.04
C GLY G 13 -1.94 -7.29 -5.58
N GLU G 14 -1.57 -8.28 -4.76
CA GLU G 14 -1.30 -8.31 -3.33
C GLU G 14 -2.44 -7.77 -2.50
N ARG G 15 -2.12 -7.33 -1.27
CA ARG G 15 -3.07 -6.92 -0.24
C ARG G 15 -3.44 -8.12 0.59
N SER G 16 -3.15 -8.03 1.87
CA SER G 16 -3.45 -9.11 2.76
C SER G 16 -4.60 -8.68 3.60
N PHE G 17 -5.55 -9.57 3.82
CA PHE G 17 -6.72 -9.15 4.57
C PHE G 17 -7.27 -10.19 5.54
N ASP G 18 -7.45 -9.75 6.78
CA ASP G 18 -7.97 -10.62 7.82
C ASP G 18 -9.09 -11.34 7.10
N ILE G 19 -9.22 -12.63 7.29
CA ILE G 19 -10.27 -13.31 6.54
C ILE G 19 -11.66 -12.70 6.73
N TYR G 20 -11.97 -12.05 7.83
CA TYR G 20 -13.30 -11.49 7.93
C TYR G 20 -13.42 -10.20 7.16
N SER G 21 -12.33 -9.49 6.94
CA SER G 21 -12.40 -8.25 6.20
C SER G 21 -12.47 -8.64 4.75
N ARG G 22 -11.86 -9.76 4.44
CA ARG G 22 -11.90 -10.22 3.09
C ARG G 22 -13.31 -10.48 2.70
N LEU G 23 -14.13 -10.99 3.62
CA LEU G 23 -15.52 -11.25 3.31
C LEU G 23 -16.38 -9.99 3.42
N LEU G 24 -16.05 -9.04 4.26
CA LEU G 24 -16.86 -7.82 4.27
C LEU G 24 -16.80 -7.21 2.89
N LYS G 25 -15.66 -7.30 2.27
CA LYS G 25 -15.47 -6.78 0.92
C LYS G 25 -16.41 -7.38 -0.12
N GLU G 26 -16.94 -8.57 0.13
CA GLU G 26 -17.83 -9.27 -0.79
C GLU G 26 -19.27 -9.05 -0.42
N ARG G 27 -19.49 -8.12 0.50
CA ARG G 27 -20.77 -7.75 1.01
C ARG G 27 -21.38 -8.83 1.85
N VAL G 28 -20.56 -9.49 2.66
CA VAL G 28 -21.03 -10.49 3.59
C VAL G 28 -20.79 -10.12 5.03
N ILE G 29 -21.85 -10.14 5.82
CA ILE G 29 -21.79 -9.83 7.23
C ILE G 29 -22.18 -11.03 8.07
N PHE G 30 -21.41 -11.34 9.11
CA PHE G 30 -21.78 -12.45 9.98
C PHE G 30 -22.32 -11.96 11.29
N LEU G 31 -23.38 -12.60 11.76
CA LEU G 31 -23.98 -12.29 13.05
C LEU G 31 -24.00 -13.51 13.94
N THR G 32 -23.12 -13.56 14.94
CA THR G 32 -23.06 -14.71 15.83
C THR G 32 -23.00 -14.32 17.30
N GLY G 33 -23.33 -15.25 18.18
CA GLY G 33 -23.24 -15.01 19.62
C GLY G 33 -24.47 -14.28 20.12
N GLN G 34 -24.44 -13.78 21.34
CA GLN G 34 -25.60 -13.11 21.88
C GLN G 34 -25.78 -11.79 21.23
N VAL G 35 -27.01 -11.38 21.00
CA VAL G 35 -27.19 -10.04 20.48
C VAL G 35 -27.14 -9.08 21.64
N GLU G 36 -26.22 -8.12 21.57
CA GLU G 36 -26.07 -7.14 22.63
C GLU G 36 -25.78 -5.79 22.02
N ASP G 37 -25.54 -4.79 22.86
CA ASP G 37 -25.26 -3.46 22.34
C ASP G 37 -23.97 -3.25 21.60
N HIS G 38 -22.87 -3.81 22.04
CA HIS G 38 -21.66 -3.46 21.32
C HIS G 38 -21.57 -4.19 20.03
N MET G 39 -21.93 -5.44 20.03
CA MET G 39 -21.89 -6.16 18.82
C MET G 39 -22.91 -5.65 17.83
N ALA G 40 -24.11 -5.32 18.27
CA ALA G 40 -25.07 -4.85 17.31
C ALA G 40 -24.61 -3.57 16.68
N ASN G 41 -24.04 -2.70 17.51
CA ASN G 41 -23.53 -1.43 17.03
C ASN G 41 -22.57 -1.63 15.86
N LEU G 42 -21.75 -2.67 15.91
CA LEU G 42 -20.82 -2.94 14.84
C LEU G 42 -21.53 -3.42 13.60
N ILE G 43 -22.56 -4.24 13.74
CA ILE G 43 -23.26 -4.75 12.57
C ILE G 43 -23.88 -3.57 11.86
N VAL G 44 -24.42 -2.63 12.60
CA VAL G 44 -25.00 -1.48 11.95
C VAL G 44 -23.96 -0.70 11.20
N ALA G 45 -22.79 -0.46 11.77
CA ALA G 45 -21.79 0.28 11.06
C ALA G 45 -21.41 -0.42 9.77
N GLN G 46 -21.34 -1.73 9.77
CA GLN G 46 -21.00 -2.42 8.55
C GLN G 46 -22.05 -2.28 7.49
N MET G 47 -23.33 -2.32 7.87
CA MET G 47 -24.34 -2.18 6.85
C MET G 47 -24.34 -0.81 6.24
N LEU G 48 -24.11 0.24 7.04
CA LEU G 48 -24.12 1.57 6.46
C LEU G 48 -22.97 1.72 5.50
N PHE G 49 -21.83 1.17 5.83
CA PHE G 49 -20.71 1.24 4.95
C PHE G 49 -21.01 0.58 3.62
N LEU G 50 -21.54 -0.62 3.65
CA LEU G 50 -21.77 -1.29 2.39
C LEU G 50 -22.79 -0.58 1.55
N GLU G 51 -23.79 0.02 2.19
CA GLU G 51 -24.84 0.75 1.47
C GLU G 51 -24.24 1.90 0.67
N ALA G 52 -23.26 2.58 1.25
CA ALA G 52 -22.63 3.69 0.59
C ALA G 52 -21.74 3.26 -0.56
N GLU G 53 -21.06 2.13 -0.43
CA GLU G 53 -20.17 1.71 -1.49
C GLU G 53 -20.89 1.36 -2.76
N ASN G 54 -22.05 0.75 -2.65
CA ASN G 54 -22.80 0.41 -3.83
C ASN G 54 -24.24 0.18 -3.51
N PRO G 55 -25.09 1.19 -3.55
CA PRO G 55 -26.47 1.17 -3.18
C PRO G 55 -27.31 0.24 -3.99
N GLU G 56 -26.77 -0.26 -5.11
CA GLU G 56 -27.52 -1.11 -6.01
C GLU G 56 -27.31 -2.61 -5.86
N LYS G 57 -26.54 -3.03 -4.86
CA LYS G 57 -26.33 -4.47 -4.71
C LYS G 57 -26.72 -5.03 -3.38
N ASP G 58 -27.12 -6.28 -3.36
CA ASP G 58 -27.54 -6.95 -2.15
C ASP G 58 -26.46 -7.14 -1.13
N ILE G 59 -26.86 -7.18 0.12
CA ILE G 59 -26.00 -7.48 1.26
C ILE G 59 -26.42 -8.79 1.83
N TYR G 60 -25.47 -9.67 2.12
CA TYR G 60 -25.81 -10.99 2.64
C TYR G 60 -25.50 -11.07 4.14
N LEU G 61 -26.49 -11.49 4.92
CA LEU G 61 -26.27 -11.59 6.35
C LEU G 61 -26.36 -13.03 6.80
N TYR G 62 -25.28 -13.55 7.38
CA TYR G 62 -25.24 -14.91 7.86
C TYR G 62 -25.63 -14.91 9.33
N ILE G 63 -26.67 -15.68 9.67
CA ILE G 63 -27.13 -15.71 11.04
C ILE G 63 -26.97 -17.03 11.72
N ASN G 64 -26.33 -17.01 12.86
CA ASN G 64 -26.15 -18.17 13.72
C ASN G 64 -26.10 -17.72 15.16
N SER G 65 -27.23 -17.61 15.83
CA SER G 65 -27.20 -17.07 17.18
C SER G 65 -28.36 -17.53 18.04
N PRO G 66 -28.14 -17.70 19.36
CA PRO G 66 -29.09 -18.09 20.36
C PRO G 66 -30.11 -17.08 20.81
N GLY G 67 -29.95 -15.82 20.48
CA GLY G 67 -30.90 -14.85 21.01
C GLY G 67 -30.17 -13.65 21.53
N GLY G 68 -30.81 -12.86 22.36
CA GLY G 68 -30.16 -11.67 22.89
C GLY G 68 -31.12 -10.60 23.33
N VAL G 69 -30.61 -9.40 23.49
CA VAL G 69 -31.32 -8.23 23.98
C VAL G 69 -32.18 -7.63 22.91
N ILE G 70 -33.46 -7.40 23.18
CA ILE G 70 -34.32 -6.86 22.14
C ILE G 70 -33.92 -5.49 21.71
N THR G 71 -33.64 -4.59 22.62
CA THR G 71 -33.28 -3.29 22.16
C THR G 71 -32.15 -3.32 21.17
N ALA G 72 -31.10 -4.04 21.45
CA ALA G 72 -29.99 -4.09 20.52
C ALA G 72 -30.42 -4.69 19.20
N GLY G 73 -31.23 -5.72 19.25
CA GLY G 73 -31.71 -6.35 18.05
C GLY G 73 -32.56 -5.41 17.21
N MET G 74 -33.30 -4.51 17.83
CA MET G 74 -34.12 -3.63 17.04
C MET G 74 -33.29 -2.64 16.27
N SER G 75 -32.14 -2.24 16.77
CA SER G 75 -31.37 -1.32 15.96
C SER G 75 -30.99 -1.98 14.67
N ILE G 76 -30.65 -3.25 14.73
CA ILE G 76 -30.32 -3.92 13.49
C ILE G 76 -31.53 -3.96 12.61
N TYR G 77 -32.68 -4.32 13.15
CA TYR G 77 -33.89 -4.39 12.35
C TYR G 77 -34.19 -3.09 11.65
N ASP G 78 -34.17 -1.98 12.37
CA ASP G 78 -34.50 -0.75 11.69
C ASP G 78 -33.51 -0.38 10.63
N THR G 79 -32.23 -0.64 10.82
CA THR G 79 -31.32 -0.27 9.76
C THR G 79 -31.60 -1.11 8.54
N MET G 80 -31.87 -2.39 8.71
CA MET G 80 -32.15 -3.19 7.53
C MET G 80 -33.32 -2.66 6.75
N GLN G 81 -34.31 -2.12 7.42
CA GLN G 81 -35.46 -1.61 6.70
C GLN G 81 -35.19 -0.26 6.07
N PHE G 82 -34.41 0.58 6.73
CA PHE G 82 -34.11 1.91 6.23
C PHE G 82 -33.26 1.95 4.98
N ILE G 83 -32.19 1.19 4.95
CA ILE G 83 -31.23 1.31 3.84
C ILE G 83 -31.80 0.83 2.52
N LYS G 84 -31.29 1.36 1.44
CA LYS G 84 -31.80 1.02 0.12
C LYS G 84 -31.68 -0.40 -0.42
N PRO G 85 -30.52 -1.07 -0.48
CA PRO G 85 -30.37 -2.38 -1.07
C PRO G 85 -31.05 -3.44 -0.25
N ASP G 86 -31.47 -4.51 -0.88
CA ASP G 86 -32.03 -5.63 -0.16
C ASP G 86 -31.03 -6.31 0.71
N VAL G 87 -31.48 -6.77 1.87
CA VAL G 87 -30.62 -7.57 2.70
C VAL G 87 -31.17 -8.95 2.70
N SER G 88 -30.38 -9.90 2.30
CA SER G 88 -30.76 -11.29 2.23
C SER G 88 -30.21 -12.02 3.39
N THR G 89 -31.04 -12.69 4.15
CA THR G 89 -30.58 -13.36 5.33
C THR G 89 -30.53 -14.85 5.14
N ILE G 90 -29.47 -15.46 5.64
CA ILE G 90 -29.26 -16.89 5.58
C ILE G 90 -29.04 -17.49 6.94
N CYS G 91 -29.82 -18.50 7.30
CA CYS G 91 -29.67 -19.10 8.63
C CYS G 91 -28.96 -20.46 8.65
N MET G 92 -27.92 -20.55 9.47
CA MET G 92 -27.16 -21.77 9.62
C MET G 92 -26.96 -22.04 11.07
N GLY G 93 -26.79 -23.26 11.48
CA GLY G 93 -26.67 -23.41 12.91
C GLY G 93 -28.06 -23.12 13.47
N GLN G 94 -28.19 -22.09 14.29
CA GLN G 94 -29.50 -21.81 14.82
C GLN G 94 -29.90 -20.37 14.75
N ALA G 95 -31.18 -20.14 14.73
CA ALA G 95 -31.69 -18.79 14.84
C ALA G 95 -32.75 -18.81 15.89
N ALA G 96 -32.39 -18.48 17.10
CA ALA G 96 -33.38 -18.57 18.15
C ALA G 96 -33.76 -17.23 18.68
N SER G 97 -35.00 -17.10 19.04
CA SER G 97 -35.48 -15.92 19.72
C SER G 97 -35.27 -14.69 18.89
N MET G 98 -34.48 -13.75 19.39
CA MET G 98 -34.26 -12.56 18.61
C MET G 98 -33.55 -12.89 17.32
N GLY G 99 -32.78 -13.97 17.29
CA GLY G 99 -32.12 -14.33 16.07
C GLY G 99 -33.15 -14.70 15.02
N ALA G 100 -34.19 -15.41 15.41
CA ALA G 100 -35.24 -15.81 14.48
C ALA G 100 -35.96 -14.61 13.98
N PHE G 101 -36.16 -13.65 14.84
CA PHE G 101 -36.85 -12.46 14.42
C PHE G 101 -36.09 -11.76 13.34
N LEU G 102 -34.80 -11.56 13.52
CA LEU G 102 -34.08 -10.88 12.47
C LEU G 102 -34.04 -11.72 11.22
N LEU G 103 -33.99 -13.03 11.31
CA LEU G 103 -33.96 -13.83 10.09
C LEU G 103 -35.11 -13.54 9.17
N THR G 104 -36.31 -13.37 9.70
CA THR G 104 -37.47 -13.18 8.82
C THR G 104 -37.57 -11.78 8.32
N ALA G 105 -36.71 -10.90 8.77
CA ALA G 105 -36.80 -9.51 8.43
C ALA G 105 -36.10 -9.22 7.12
N GLY G 106 -35.52 -10.24 6.52
CA GLY G 106 -34.80 -10.03 5.27
C GLY G 106 -35.76 -9.82 4.13
N ALA G 107 -35.22 -9.47 2.98
CA ALA G 107 -36.01 -9.17 1.79
C ALA G 107 -36.82 -10.35 1.37
N LYS G 108 -38.07 -10.11 1.01
CA LYS G 108 -38.93 -11.21 0.62
C LYS G 108 -38.42 -11.92 -0.58
N GLY G 109 -38.37 -13.25 -0.52
CA GLY G 109 -37.92 -14.05 -1.63
C GLY G 109 -36.48 -14.41 -1.47
N LYS G 110 -35.81 -13.76 -0.54
CA LYS G 110 -34.42 -13.99 -0.31
C LYS G 110 -34.08 -14.51 1.06
N ARG G 111 -35.05 -15.06 1.80
CA ARG G 111 -34.75 -15.64 3.11
C ARG G 111 -34.42 -17.11 2.96
N PHE G 112 -33.21 -17.54 3.26
CA PHE G 112 -32.89 -18.95 3.06
C PHE G 112 -32.13 -19.59 4.19
N CYS G 113 -32.37 -20.86 4.45
CA CYS G 113 -31.71 -21.55 5.55
C CYS G 113 -31.16 -22.90 5.11
N LEU G 114 -30.12 -23.37 5.79
CA LEU G 114 -29.53 -24.65 5.45
C LEU G 114 -30.38 -25.75 6.06
N PRO G 115 -30.41 -26.95 5.48
CA PRO G 115 -31.24 -28.07 5.86
C PRO G 115 -31.11 -28.65 7.24
N ASN G 116 -30.01 -28.49 7.95
CA ASN G 116 -30.00 -29.07 9.27
C ASN G 116 -30.08 -28.01 10.34
N SER G 117 -30.50 -26.82 9.97
CA SER G 117 -30.64 -25.74 10.91
C SER G 117 -31.90 -25.84 11.75
N ARG G 118 -31.97 -25.03 12.78
CA ARG G 118 -33.14 -24.94 13.64
C ARG G 118 -33.54 -23.54 13.97
N VAL G 119 -34.83 -23.30 13.96
CA VAL G 119 -35.35 -22.01 14.31
C VAL G 119 -36.28 -22.11 15.49
N MET G 120 -36.12 -21.23 16.45
CA MET G 120 -37.02 -21.30 17.60
C MET G 120 -37.58 -19.95 17.96
N ILE G 121 -38.87 -19.89 18.26
CA ILE G 121 -39.49 -18.62 18.60
C ILE G 121 -40.24 -18.63 19.92
N HIS G 122 -40.28 -17.48 20.61
CA HIS G 122 -41.01 -17.39 21.87
C HIS G 122 -41.30 -15.95 22.27
N GLN G 123 -42.29 -15.72 23.12
CA GLN G 123 -42.58 -14.39 23.67
C GLN G 123 -41.39 -13.89 24.49
N PRO G 124 -41.16 -12.57 24.65
CA PRO G 124 -40.07 -11.96 25.36
C PRO G 124 -40.11 -12.15 26.85
N LEU G 125 -38.92 -12.15 27.45
CA LEU G 125 -38.69 -12.27 28.89
C LEU G 125 -38.30 -10.96 29.53
N GLY G 126 -38.50 -10.83 30.83
CA GLY G 126 -38.08 -9.62 31.54
C GLY G 126 -38.35 -9.76 33.04
N GLY G 127 -38.28 -8.65 33.78
CA GLY G 127 -38.50 -8.70 35.22
C GLY G 127 -38.25 -7.36 35.88
N TYR G 128 -38.46 -7.29 37.20
CA TYR G 128 -38.28 -6.05 37.96
C TYR G 128 -38.47 -6.21 39.47
N GLN G 129 -37.88 -5.31 40.26
CA GLN G 129 -38.04 -5.25 41.72
C GLN G 129 -38.33 -3.81 42.14
N GLY G 130 -39.24 -3.57 43.06
CA GLY G 130 -39.49 -2.18 43.46
C GLY G 130 -40.85 -1.98 44.12
N GLN G 131 -41.36 -0.76 44.12
CA GLN G 131 -42.63 -0.54 44.81
C GLN G 131 -43.74 -1.03 43.94
N ALA G 132 -44.89 -1.35 44.49
CA ALA G 132 -45.97 -1.81 43.62
C ALA G 132 -46.25 -0.83 42.49
N THR G 133 -46.11 0.45 42.74
CA THR G 133 -46.29 1.45 41.70
C THR G 133 -45.28 1.31 40.57
N ASP G 134 -44.05 0.95 40.87
CA ASP G 134 -43.05 0.88 39.84
C ASP G 134 -43.24 -0.38 39.07
N ILE G 135 -43.70 -1.40 39.75
CA ILE G 135 -43.90 -2.66 39.11
C ILE G 135 -44.93 -2.49 38.04
N GLU G 136 -46.01 -1.80 38.33
CA GLU G 136 -47.00 -1.61 37.29
C GLU G 136 -46.41 -0.91 36.08
N ILE G 137 -45.60 0.11 36.28
CA ILE G 137 -45.08 0.81 35.13
C ILE G 137 -44.25 -0.09 34.26
N HIS G 138 -43.39 -0.86 34.87
CA HIS G 138 -42.56 -1.74 34.09
C HIS G 138 -43.34 -2.87 33.48
N ALA G 139 -44.37 -3.37 34.15
CA ALA G 139 -45.15 -4.43 33.56
C ALA G 139 -45.82 -3.96 32.30
N ARG G 140 -46.29 -2.73 32.26
CA ARG G 140 -46.95 -2.29 31.05
C ARG G 140 -46.00 -2.20 29.91
N GLU G 141 -44.79 -1.76 30.17
CA GLU G 141 -43.87 -1.62 29.07
C GLU G 141 -43.53 -2.96 28.46
N ILE G 142 -43.35 -4.00 29.25
CA ILE G 142 -43.03 -5.25 28.59
C ILE G 142 -44.20 -5.76 27.78
N LEU G 143 -45.41 -5.55 28.24
CA LEU G 143 -46.51 -6.01 27.45
C LEU G 143 -46.62 -5.25 26.15
N LYS G 144 -46.31 -3.96 26.14
CA LYS G 144 -46.36 -3.24 24.88
C LYS G 144 -45.37 -3.80 23.92
N VAL G 145 -44.19 -4.17 24.39
CA VAL G 145 -43.21 -4.72 23.50
C VAL G 145 -43.68 -6.04 22.96
N LYS G 146 -44.21 -6.89 23.79
CA LYS G 146 -44.69 -8.14 23.28
C LYS G 146 -45.67 -7.91 22.15
N GLY G 147 -46.58 -6.98 22.34
CA GLY G 147 -47.55 -6.74 21.29
C GLY G 147 -46.88 -6.31 20.01
N ARG G 148 -45.89 -5.44 20.11
CA ARG G 148 -45.24 -4.96 18.92
C ARG G 148 -44.50 -6.05 18.20
N MET G 149 -43.86 -6.94 18.91
CA MET G 149 -43.12 -7.98 18.23
C MET G 149 -44.07 -8.90 17.50
N ASN G 150 -45.28 -9.10 18.02
CA ASN G 150 -46.18 -9.99 17.34
C ASN G 150 -46.67 -9.37 16.06
N GLU G 151 -46.84 -8.07 16.04
CA GLU G 151 -47.31 -7.45 14.82
C GLU G 151 -46.29 -7.59 13.75
N LEU G 152 -45.02 -7.44 14.09
CA LEU G 152 -43.99 -7.54 13.08
C LEU G 152 -43.85 -8.98 12.60
N MET G 153 -44.01 -9.96 13.46
CA MET G 153 -43.96 -11.33 12.96
C MET G 153 -45.07 -11.57 11.97
N ALA G 154 -46.27 -11.12 12.29
CA ALA G 154 -47.37 -11.37 11.38
C ALA G 154 -47.14 -10.66 10.07
N LEU G 155 -46.61 -9.46 10.12
CA LEU G 155 -46.35 -8.74 8.90
C LEU G 155 -45.38 -9.43 8.00
N HIS G 156 -44.28 -9.90 8.54
CA HIS G 156 -43.26 -10.52 7.73
C HIS G 156 -43.54 -11.96 7.34
N THR G 157 -44.29 -12.70 8.14
CA THR G 157 -44.51 -14.09 7.80
C THR G 157 -45.77 -14.38 7.02
N GLY G 158 -46.79 -13.53 7.12
CA GLY G 158 -48.01 -13.82 6.40
C GLY G 158 -49.04 -14.56 7.24
N GLN G 159 -48.70 -14.82 8.49
CA GLN G 159 -49.61 -15.48 9.39
C GLN G 159 -50.54 -14.43 9.93
N SER G 160 -51.72 -14.81 10.38
CA SER G 160 -52.60 -13.84 10.98
C SER G 160 -52.05 -13.47 12.32
N LEU G 161 -52.49 -12.36 12.88
CA LEU G 161 -51.95 -12.01 14.17
C LEU G 161 -52.34 -12.98 15.24
N GLU G 162 -53.55 -13.50 15.20
CA GLU G 162 -54.00 -14.42 16.22
C GLU G 162 -53.20 -15.68 16.17
N GLN G 163 -52.84 -16.13 14.98
CA GLN G 163 -52.05 -17.33 14.90
C GLN G 163 -50.69 -17.09 15.49
N ILE G 164 -50.12 -15.92 15.26
CA ILE G 164 -48.83 -15.66 15.87
C ILE G 164 -48.95 -15.64 17.35
N GLU G 165 -49.96 -15.03 17.91
CA GLU G 165 -50.00 -15.04 19.35
C GLU G 165 -50.13 -16.43 19.91
N ARG G 166 -50.92 -17.29 19.32
CA ARG G 166 -51.00 -18.61 19.91
C ARG G 166 -49.69 -19.34 19.86
N ASP G 167 -48.98 -19.21 18.77
CA ASP G 167 -47.77 -19.97 18.60
C ASP G 167 -46.57 -19.49 19.36
N THR G 168 -46.63 -18.36 20.06
CA THR G 168 -45.44 -17.94 20.75
C THR G 168 -45.62 -18.01 22.25
N GLU G 169 -46.74 -18.55 22.72
CA GLU G 169 -46.86 -18.56 24.17
C GLU G 169 -45.71 -19.33 24.82
N ARG G 170 -45.32 -20.45 24.24
CA ARG G 170 -44.24 -21.26 24.75
C ARG G 170 -43.29 -21.57 23.63
N ASP G 171 -42.06 -21.90 23.95
CA ASP G 171 -41.06 -22.16 22.95
C ASP G 171 -41.53 -23.08 21.87
N ARG G 172 -41.33 -22.68 20.63
CA ARG G 172 -41.71 -23.52 19.52
C ARG G 172 -40.55 -23.76 18.61
N PHE G 173 -40.24 -25.02 18.34
CA PHE G 173 -39.11 -25.34 17.50
C PHE G 173 -39.54 -25.77 16.12
N LEU G 174 -38.88 -25.23 15.12
CA LEU G 174 -39.17 -25.53 13.73
C LEU G 174 -37.94 -26.06 12.97
N SER G 175 -38.11 -27.14 12.24
CA SER G 175 -37.00 -27.68 11.46
C SER G 175 -36.91 -26.90 10.19
N ALA G 176 -35.86 -27.03 9.40
CA ALA G 176 -35.81 -26.18 8.22
C ALA G 176 -37.04 -26.31 7.32
N PRO G 177 -37.58 -27.49 6.97
CA PRO G 177 -38.76 -27.60 6.15
C PRO G 177 -39.99 -27.00 6.77
N GLU G 178 -40.00 -26.89 8.09
CA GLU G 178 -41.14 -26.34 8.81
C GLU G 178 -41.10 -24.83 8.74
N ALA G 179 -39.88 -24.28 8.77
CA ALA G 179 -39.72 -22.86 8.68
C ALA G 179 -40.20 -22.42 7.32
N VAL G 180 -39.95 -23.25 6.31
CA VAL G 180 -40.40 -22.90 4.98
C VAL G 180 -41.90 -22.91 4.89
N GLU G 181 -42.53 -23.95 5.39
CA GLU G 181 -43.97 -24.02 5.33
C GLU G 181 -44.67 -22.95 6.13
N TYR G 182 -44.15 -22.65 7.30
CA TYR G 182 -44.70 -21.67 8.21
C TYR G 182 -44.57 -20.29 7.63
N GLY G 183 -43.54 -20.05 6.85
CA GLY G 183 -43.38 -18.74 6.27
C GLY G 183 -42.24 -17.95 6.87
N LEU G 184 -41.31 -18.59 7.57
CA LEU G 184 -40.23 -17.79 8.10
C LEU G 184 -39.18 -17.65 7.04
N VAL G 185 -39.02 -18.65 6.20
CA VAL G 185 -38.01 -18.54 5.15
C VAL G 185 -38.64 -18.92 3.83
N ASP G 186 -38.01 -18.56 2.73
CA ASP G 186 -38.56 -18.89 1.46
C ASP G 186 -38.05 -20.22 0.93
N SER G 187 -36.81 -20.57 1.20
CA SER G 187 -36.31 -21.84 0.67
C SER G 187 -35.08 -22.39 1.37
N ILE G 188 -34.78 -23.63 1.06
CA ILE G 188 -33.63 -24.32 1.62
C ILE G 188 -32.55 -24.55 0.61
N LEU G 189 -31.32 -24.17 0.94
CA LEU G 189 -30.21 -24.36 0.03
C LEU G 189 -29.75 -25.78 0.22
N THR G 190 -29.29 -26.46 -0.80
CA THR G 190 -28.86 -27.85 -0.62
C THR G 190 -27.45 -28.08 -1.07
N HIS G 191 -27.26 -28.11 -2.36
CA HIS G 191 -25.94 -28.28 -2.94
C HIS G 191 -25.75 -27.22 -3.96
N ARG G 192 -24.53 -26.81 -4.19
CA ARG G 192 -24.32 -25.83 -5.21
C ARG G 192 -24.62 -26.42 -6.58
N ALA H 1 -10.69 -10.30 14.13
CA ALA H 1 -11.48 -9.24 13.55
C ALA H 1 -12.59 -8.79 14.44
N LEU H 2 -12.26 -8.26 15.59
CA LEU H 2 -13.36 -7.73 16.37
C LEU H 2 -13.92 -6.56 15.62
N VAL H 3 -13.05 -5.79 14.98
CA VAL H 3 -13.46 -4.68 14.18
C VAL H 3 -12.78 -4.87 12.84
N PRO H 4 -13.49 -4.99 11.72
CA PRO H 4 -12.99 -5.23 10.40
C PRO H 4 -12.33 -4.02 9.83
N MET H 5 -11.50 -4.22 8.83
CA MET H 5 -10.86 -3.15 8.10
C MET H 5 -11.58 -2.88 6.80
N VAL H 6 -11.57 -1.65 6.34
CA VAL H 6 -12.12 -1.33 5.04
C VAL H 6 -11.07 -0.64 4.21
N ILE H 7 -11.23 -0.69 2.89
CA ILE H 7 -10.27 -0.08 1.96
C ILE H 7 -10.89 1.01 1.13
N GLU H 8 -10.20 2.12 0.96
CA GLU H 8 -10.75 3.17 0.10
C GLU H 8 -9.68 3.69 -0.84
N GLN H 9 -10.08 4.33 -1.95
CA GLN H 9 -9.11 4.94 -2.85
C GLN H 9 -9.28 6.42 -2.87
N THR H 10 -8.17 7.16 -2.93
CA THR H 10 -8.21 8.61 -2.94
C THR H 10 -7.34 9.19 -4.05
N SER H 11 -6.11 9.54 -3.68
CA SER H 11 -5.09 10.09 -4.57
C SER H 11 -4.23 8.92 -4.98
N ARG H 12 -3.38 8.49 -4.05
CA ARG H 12 -2.55 7.31 -4.24
C ARG H 12 -3.12 6.18 -3.41
N GLY H 13 -4.26 6.43 -2.78
CA GLY H 13 -4.84 5.49 -1.86
C GLY H 13 -5.31 4.25 -2.62
N GLU H 14 -5.25 3.04 -2.05
CA GLU H 14 -4.71 2.62 -0.75
C GLU H 14 -5.25 3.32 0.48
N ARG H 15 -4.74 2.87 1.61
CA ARG H 15 -5.11 3.27 2.96
C ARG H 15 -6.27 2.42 3.40
N SER H 16 -6.07 1.81 4.56
CA SER H 16 -7.07 0.98 5.14
C SER H 16 -7.43 1.57 6.45
N PHE H 17 -8.70 1.47 6.84
CA PHE H 17 -9.09 2.11 8.08
C PHE H 17 -10.12 1.36 8.88
N ASP H 18 -9.80 1.15 10.16
CA ASP H 18 -10.70 0.47 11.06
C ASP H 18 -12.05 1.04 10.70
N ILE H 19 -13.05 0.19 10.58
CA ILE H 19 -14.35 0.72 10.18
C ILE H 19 -14.87 1.88 11.04
N TYR H 20 -14.47 2.01 12.31
CA TYR H 20 -14.99 3.14 13.06
C TYR H 20 -14.25 4.40 12.71
N SER H 21 -13.00 4.29 12.26
CA SER H 21 -12.25 5.48 11.91
C SER H 21 -12.72 5.90 10.55
N ARG H 22 -13.12 4.93 9.75
CA ARG H 22 -13.62 5.25 8.45
C ARG H 22 -14.83 6.12 8.59
N LEU H 23 -15.69 5.82 9.56
CA LEU H 23 -16.86 6.64 9.77
C LEU H 23 -16.54 7.94 10.49
N LEU H 24 -15.52 8.00 11.31
CA LEU H 24 -15.22 9.29 11.92
C LEU H 24 -14.93 10.30 10.81
N LYS H 25 -14.31 9.87 9.73
CA LYS H 25 -14.03 10.77 8.62
C LYS H 25 -15.27 11.38 7.99
N GLU H 26 -16.42 10.74 8.20
CA GLU H 26 -17.66 11.22 7.59
C GLU H 26 -18.45 12.05 8.59
N ARG H 27 -17.77 12.36 9.68
CA ARG H 27 -18.32 13.14 10.75
C ARG H 27 -19.42 12.41 11.49
N VAL H 28 -19.23 11.12 11.70
CA VAL H 28 -20.15 10.29 12.46
C VAL H 28 -19.54 9.76 13.74
N ILE H 29 -20.18 10.07 14.86
CA ILE H 29 -19.76 9.65 16.18
C ILE H 29 -20.77 8.75 16.83
N PHE H 30 -20.36 7.62 17.37
CA PHE H 30 -21.32 6.76 18.04
C PHE H 30 -21.18 6.86 19.54
N LEU H 31 -22.30 6.93 20.22
CA LEU H 31 -22.37 6.91 21.68
C LEU H 31 -23.16 5.73 22.14
N THR H 32 -22.49 4.72 22.67
CA THR H 32 -23.25 3.57 23.08
C THR H 32 -22.85 3.08 24.44
N GLY H 33 -23.76 2.39 25.09
CA GLY H 33 -23.48 1.77 26.38
C GLY H 33 -23.56 2.78 27.50
N GLN H 34 -22.99 2.47 28.65
CA GLN H 34 -23.12 3.37 29.79
C GLN H 34 -22.37 4.62 29.58
N VAL H 35 -22.91 5.72 30.06
CA VAL H 35 -22.16 6.95 30.00
C VAL H 35 -21.30 7.06 31.23
N GLU H 36 -19.98 7.08 31.03
CA GLU H 36 -19.05 7.19 32.13
C GLU H 36 -17.97 8.21 31.78
N ASP H 37 -16.93 8.28 32.60
CA ASP H 37 -15.87 9.23 32.33
C ASP H 37 -14.88 8.93 31.23
N HIS H 38 -14.46 7.70 31.05
CA HIS H 38 -13.46 7.52 30.01
C HIS H 38 -14.10 7.60 28.66
N MET H 39 -15.26 7.03 28.53
CA MET H 39 -15.98 7.11 27.30
C MET H 39 -16.29 8.55 26.98
N ALA H 40 -16.82 9.28 27.95
CA ALA H 40 -17.19 10.63 27.67
C ALA H 40 -16.02 11.44 27.27
N ASN H 41 -14.90 11.23 27.94
CA ASN H 41 -13.67 11.95 27.65
C ASN H 41 -13.26 11.76 26.20
N LEU H 42 -13.50 10.56 25.66
CA LEU H 42 -13.16 10.28 24.30
C LEU H 42 -14.12 10.95 23.33
N ILE H 43 -15.40 10.95 23.64
CA ILE H 43 -16.32 11.61 22.74
C ILE H 43 -16.04 13.07 22.66
N VAL H 44 -15.74 13.71 23.75
CA VAL H 44 -15.44 15.11 23.66
C VAL H 44 -14.24 15.34 22.77
N ALA H 45 -13.20 14.51 22.88
CA ALA H 45 -12.07 14.68 22.00
C ALA H 45 -12.48 14.54 20.54
N GLN H 46 -13.38 13.63 20.23
CA GLN H 46 -13.78 13.51 18.85
C GLN H 46 -14.52 14.71 18.38
N MET H 47 -15.36 15.30 19.20
CA MET H 47 -16.06 16.46 18.72
C MET H 47 -15.13 17.62 18.48
N LEU H 48 -14.12 17.81 19.33
CA LEU H 48 -13.22 18.92 19.11
C LEU H 48 -12.46 18.71 17.82
N PHE H 49 -12.11 17.46 17.57
CA PHE H 49 -11.38 17.08 16.37
C PHE H 49 -12.17 17.41 15.10
N LEU H 50 -13.47 17.12 15.10
CA LEU H 50 -14.25 17.41 13.93
C LEU H 50 -14.50 18.89 13.78
N GLU H 51 -14.67 19.59 14.89
CA GLU H 51 -14.90 21.03 14.86
C GLU H 51 -13.73 21.76 14.18
N ALA H 52 -12.51 21.32 14.48
CA ALA H 52 -11.34 21.93 13.90
C ALA H 52 -11.20 21.62 12.43
N GLU H 53 -11.57 20.42 12.00
CA GLU H 53 -11.42 20.08 10.60
C GLU H 53 -12.30 20.91 9.69
N ASN H 54 -13.52 21.19 10.11
CA ASN H 54 -14.40 21.99 9.29
C ASN H 54 -15.52 22.57 10.14
N PRO H 55 -15.38 23.78 10.65
CA PRO H 55 -16.32 24.44 11.51
C PRO H 55 -17.69 24.65 10.92
N GLU H 56 -17.82 24.46 9.62
CA GLU H 56 -19.09 24.72 8.95
C GLU H 56 -19.93 23.50 8.63
N LYS H 57 -19.53 22.31 9.08
CA LYS H 57 -20.36 21.15 8.75
C LYS H 57 -20.87 20.39 9.93
N ASP H 58 -22.05 19.83 9.76
CA ASP H 58 -22.71 19.07 10.80
C ASP H 58 -22.00 17.82 11.23
N ILE H 59 -22.16 17.48 12.49
CA ILE H 59 -21.66 16.27 13.10
C ILE H 59 -22.82 15.42 13.45
N TYR H 60 -22.78 14.14 13.10
CA TYR H 60 -23.90 13.25 13.39
C TYR H 60 -23.59 12.39 14.60
N LEU H 61 -24.48 12.41 15.59
CA LEU H 61 -24.24 11.61 16.78
C LEU H 61 -25.27 10.53 16.88
N TYR H 62 -24.82 9.28 16.85
CA TYR H 62 -25.71 8.13 16.94
C TYR H 62 -25.79 7.73 18.41
N ILE H 63 -27.01 7.68 18.94
CA ILE H 63 -27.18 7.33 20.35
C ILE H 63 -27.93 6.06 20.58
N ASN H 64 -27.33 5.18 21.35
CA ASN H 64 -27.93 3.93 21.77
C ASN H 64 -27.43 3.63 23.15
N SER H 65 -28.10 4.10 24.17
CA SER H 65 -27.55 4.04 25.50
C SER H 65 -28.56 3.98 26.62
N PRO H 66 -28.39 3.09 27.61
CA PRO H 66 -29.22 2.89 28.77
C PRO H 66 -29.11 3.95 29.84
N GLY H 67 -28.17 4.86 29.75
CA GLY H 67 -28.05 5.83 30.84
C GLY H 67 -26.64 5.91 31.34
N GLY H 68 -26.43 6.48 32.51
CA GLY H 68 -25.07 6.61 33.02
C GLY H 68 -24.91 7.72 34.05
N VAL H 69 -23.68 8.12 34.25
CA VAL H 69 -23.26 9.10 35.23
C VAL H 69 -23.57 10.49 34.77
N ILE H 70 -24.23 11.29 35.61
CA ILE H 70 -24.59 12.62 35.16
C ILE H 70 -23.40 13.50 34.91
N THR H 71 -22.44 13.52 35.80
CA THR H 71 -21.32 14.38 35.53
C THR H 71 -20.69 14.08 34.20
N ALA H 72 -20.47 12.82 33.88
CA ALA H 72 -19.87 12.52 32.60
C ALA H 72 -20.75 12.98 31.47
N GLY H 73 -22.06 12.79 31.61
CA GLY H 73 -22.97 13.21 30.58
C GLY H 73 -22.96 14.72 30.41
N MET H 74 -22.77 15.47 31.48
CA MET H 74 -22.77 16.91 31.34
C MET H 74 -21.54 17.38 30.62
N SER H 75 -20.46 16.65 30.69
CA SER H 75 -19.29 17.07 29.95
C SER H 75 -19.64 17.07 28.48
N ILE H 76 -20.33 16.02 28.04
CA ILE H 76 -20.70 15.96 26.64
C ILE H 76 -21.66 17.07 26.31
N TYR H 77 -22.66 17.28 27.15
CA TYR H 77 -23.62 18.32 26.87
C TYR H 77 -22.98 19.67 26.70
N ASP H 78 -22.11 20.07 27.60
CA ASP H 78 -21.54 21.40 27.43
C ASP H 78 -20.69 21.52 26.19
N THR H 79 -19.98 20.49 25.78
CA THR H 79 -19.22 20.65 24.54
C THR H 79 -20.16 20.83 23.39
N MET H 80 -21.25 20.08 23.32
CA MET H 80 -22.13 20.22 22.18
C MET H 80 -22.68 21.62 22.06
N GLN H 81 -22.85 22.30 23.18
CA GLN H 81 -23.41 23.63 23.14
C GLN H 81 -22.37 24.72 22.90
N PHE H 82 -21.10 24.35 22.87
CA PHE H 82 -20.02 25.30 22.72
C PHE H 82 -19.49 25.36 21.31
N ILE H 83 -19.26 24.20 20.74
CA ILE H 83 -18.63 24.12 19.44
C ILE H 83 -19.50 24.73 18.39
N LYS H 84 -18.88 25.33 17.39
CA LYS H 84 -19.65 25.99 16.35
C LYS H 84 -20.65 25.17 15.52
N PRO H 85 -20.33 24.04 14.88
CA PRO H 85 -21.21 23.32 14.00
C PRO H 85 -22.33 22.66 14.73
N ASP H 86 -23.45 22.46 14.07
CA ASP H 86 -24.55 21.73 14.67
C ASP H 86 -24.28 20.29 14.90
N VAL H 87 -24.84 19.77 15.96
CA VAL H 87 -24.78 18.35 16.19
C VAL H 87 -26.17 17.81 16.05
N SER H 88 -26.33 16.89 15.14
CA SER H 88 -27.62 16.28 14.91
C SER H 88 -27.62 14.93 15.53
N THR H 89 -28.54 14.71 16.44
CA THR H 89 -28.59 13.47 17.17
C THR H 89 -29.64 12.54 16.63
N ILE H 90 -29.29 11.28 16.50
CA ILE H 90 -30.19 10.25 16.02
C ILE H 90 -30.31 9.15 17.02
N CYS H 91 -31.53 8.85 17.47
CA CYS H 91 -31.72 7.77 18.45
C CYS H 91 -32.12 6.43 17.82
N MET H 92 -31.34 5.38 18.12
CA MET H 92 -31.61 4.05 17.62
C MET H 92 -31.54 3.13 18.79
N GLY H 93 -32.25 2.01 18.80
CA GLY H 93 -32.13 1.24 20.01
C GLY H 93 -32.82 2.02 21.12
N GLN H 94 -32.11 2.43 22.15
CA GLN H 94 -32.77 3.18 23.21
C GLN H 94 -32.02 4.38 23.66
N ALA H 95 -32.72 5.32 24.21
CA ALA H 95 -32.09 6.47 24.83
C ALA H 95 -32.72 6.64 26.17
N ALA H 96 -32.11 6.10 27.18
CA ALA H 96 -32.74 6.15 28.48
C ALA H 96 -32.00 7.04 29.43
N SER H 97 -32.74 7.70 30.28
CA SER H 97 -32.17 8.47 31.35
C SER H 97 -31.23 9.50 30.82
N MET H 98 -29.97 9.45 31.20
CA MET H 98 -29.04 10.44 30.69
C MET H 98 -28.91 10.35 29.19
N GLY H 99 -29.15 9.19 28.62
CA GLY H 99 -29.08 9.06 27.19
C GLY H 99 -30.16 9.89 26.53
N ALA H 100 -31.34 9.98 27.15
CA ALA H 100 -32.43 10.74 26.58
C ALA H 100 -32.12 12.19 26.68
N PHE H 101 -31.46 12.54 27.79
CA PHE H 101 -31.07 13.90 28.07
C PHE H 101 -30.19 14.44 26.96
N LEU H 102 -29.20 13.67 26.55
CA LEU H 102 -28.34 14.13 25.48
C LEU H 102 -29.07 14.11 24.15
N LEU H 103 -29.95 13.17 23.91
CA LEU H 103 -30.67 13.16 22.64
C LEU H 103 -31.37 14.46 22.35
N THR H 104 -32.02 15.05 23.33
CA THR H 104 -32.78 16.25 23.06
C THR H 104 -31.93 17.46 22.99
N ALA H 105 -30.65 17.33 23.26
CA ALA H 105 -29.76 18.47 23.32
C ALA H 105 -29.20 18.78 21.95
N GLY H 106 -29.56 18.01 20.95
CA GLY H 106 -29.03 18.24 19.62
C GLY H 106 -29.66 19.47 19.01
N ALA H 107 -29.18 19.86 17.85
CA ALA H 107 -29.64 21.07 17.18
C ALA H 107 -31.11 21.00 16.88
N LYS H 108 -31.80 22.09 17.11
CA LYS H 108 -33.24 22.09 16.89
C LYS H 108 -33.59 21.84 15.46
N GLY H 109 -34.52 20.92 15.22
CA GLY H 109 -34.95 20.63 13.88
C GLY H 109 -34.19 19.45 13.35
N LYS H 110 -33.16 19.05 14.05
CA LYS H 110 -32.36 17.95 13.63
C LYS H 110 -32.34 16.78 14.59
N ARG H 111 -33.30 16.70 15.52
CA ARG H 111 -33.35 15.57 16.44
C ARG H 111 -34.21 14.48 15.82
N PHE H 112 -33.63 13.34 15.46
CA PHE H 112 -34.45 12.31 14.82
C PHE H 112 -34.24 10.92 15.38
N CYS H 113 -35.29 10.11 15.39
CA CYS H 113 -35.19 8.76 15.92
C CYS H 113 -35.83 7.74 14.99
N LEU H 114 -35.37 6.50 15.09
CA LEU H 114 -35.90 5.44 14.25
C LEU H 114 -37.21 4.96 14.83
N PRO H 115 -38.13 4.41 14.03
CA PRO H 115 -39.46 4.01 14.41
C PRO H 115 -39.63 2.95 15.45
N ASN H 116 -38.66 2.08 15.69
CA ASN H 116 -38.91 1.09 16.74
C ASN H 116 -38.12 1.36 17.98
N SER H 117 -37.61 2.56 18.12
CA SER H 117 -36.84 2.93 19.28
C SER H 117 -37.69 3.24 20.49
N ARG H 118 -37.03 3.36 21.63
CA ARG H 118 -37.66 3.74 22.89
C ARG H 118 -36.90 4.77 23.67
N VAL H 119 -37.62 5.71 24.25
CA VAL H 119 -37.01 6.73 25.05
C VAL H 119 -37.58 6.71 26.44
N MET H 120 -36.73 6.79 27.44
CA MET H 120 -37.28 6.77 28.81
C MET H 120 -36.66 7.85 29.66
N ILE H 121 -37.46 8.55 30.46
CA ILE H 121 -36.91 9.60 31.31
C ILE H 121 -37.26 9.47 32.78
N HIS H 122 -36.41 9.99 33.66
CA HIS H 122 -36.68 9.92 35.11
C HIS H 122 -35.74 10.77 35.96
N GLN H 123 -36.23 11.22 37.12
CA GLN H 123 -35.41 12.04 38.04
C GLN H 123 -34.11 11.32 38.39
N PRO H 124 -33.01 12.01 38.73
CA PRO H 124 -31.71 11.46 39.07
C PRO H 124 -31.69 10.70 40.35
N LEU H 125 -30.80 9.70 40.41
CA LEU H 125 -30.58 8.86 41.59
C LEU H 125 -29.29 9.20 42.29
N GLY H 126 -29.18 8.85 43.56
CA GLY H 126 -27.93 9.07 44.29
C GLY H 126 -28.01 8.49 45.70
N GLY H 127 -27.10 8.88 46.57
CA GLY H 127 -27.10 8.36 47.94
C GLY H 127 -25.90 8.84 48.72
N TYR H 128 -25.82 8.43 49.98
CA TYR H 128 -24.72 8.82 50.88
C TYR H 128 -24.78 8.15 52.24
N GLN H 129 -23.64 8.07 52.92
CA GLN H 129 -23.52 7.54 54.28
C GLN H 129 -22.69 8.45 55.15
N GLY H 130 -23.06 8.66 56.41
CA GLY H 130 -22.21 9.50 57.25
C GLY H 130 -22.93 10.20 58.38
N GLN H 131 -22.33 11.25 58.90
CA GLN H 131 -22.93 11.97 60.01
C GLN H 131 -24.14 12.71 59.55
N ALA H 132 -25.09 12.97 60.42
CA ALA H 132 -26.28 13.70 59.98
C ALA H 132 -25.93 15.00 59.29
N THR H 133 -24.89 15.69 59.74
CA THR H 133 -24.48 16.92 59.08
C THR H 133 -24.05 16.70 57.64
N ASP H 134 -23.37 15.62 57.35
CA ASP H 134 -22.88 15.42 56.01
C ASP H 134 -24.01 14.94 55.15
N ILE H 135 -24.97 14.27 55.74
CA ILE H 135 -26.10 13.84 54.97
C ILE H 135 -26.82 15.05 54.49
N GLU H 136 -27.00 16.06 55.32
CA GLU H 136 -27.63 17.28 54.87
C GLU H 136 -26.92 17.91 53.70
N ILE H 137 -25.61 17.98 53.74
CA ILE H 137 -24.91 18.61 52.65
C ILE H 137 -25.14 17.87 51.37
N HIS H 138 -25.03 16.57 51.42
CA HIS H 138 -25.20 15.82 50.22
C HIS H 138 -26.63 15.80 49.73
N ALA H 139 -27.61 15.84 50.61
CA ALA H 139 -28.96 15.89 50.13
C ALA H 139 -29.23 17.18 49.39
N ARG H 140 -28.71 18.29 49.87
CA ARG H 140 -28.96 19.53 49.18
C ARG H 140 -28.39 19.53 47.80
N GLU H 141 -27.21 18.95 47.62
CA GLU H 141 -26.64 18.96 46.31
C GLU H 141 -27.42 18.12 45.34
N ILE H 142 -27.94 16.96 45.75
CA ILE H 142 -28.66 16.21 44.74
C ILE H 142 -29.93 16.94 44.36
N LEU H 143 -30.57 17.61 45.30
CA LEU H 143 -31.76 18.31 44.93
C LEU H 143 -31.46 19.45 43.98
N LYS H 144 -30.34 20.14 44.14
CA LYS H 144 -30.05 21.19 43.19
C LYS H 144 -29.84 20.62 41.82
N VAL H 145 -29.20 19.47 41.71
CA VAL H 145 -29.03 18.91 40.40
C VAL H 145 -30.35 18.54 39.80
N LYS H 146 -31.24 17.93 40.57
CA LYS H 146 -32.53 17.61 39.99
C LYS H 146 -33.17 18.85 39.42
N GLY H 147 -33.13 19.95 40.15
CA GLY H 147 -33.74 21.17 39.66
C GLY H 147 -33.11 21.63 38.37
N ARG H 148 -31.80 21.57 38.26
CA ARG H 148 -31.17 22.03 37.06
C ARG H 148 -31.50 21.16 35.89
N MET H 149 -31.57 19.86 36.08
CA MET H 149 -31.87 19.02 34.95
C MET H 149 -33.28 19.32 34.45
N ASN H 150 -34.21 19.64 35.34
CA ASN H 150 -35.54 19.92 34.87
C ASN H 150 -35.60 21.18 34.07
N GLU H 151 -34.82 22.18 34.42
CA GLU H 151 -34.86 23.40 33.64
C GLU H 151 -34.36 23.16 32.25
N LEU H 152 -33.32 22.35 32.12
CA LEU H 152 -32.80 22.10 30.80
C LEU H 152 -33.80 21.28 29.99
N MET H 153 -34.51 20.34 30.60
CA MET H 153 -35.53 19.64 29.83
C MET H 153 -36.58 20.61 29.33
N ALA H 154 -37.04 21.50 30.19
CA ALA H 154 -38.07 22.41 29.75
C ALA H 154 -37.56 23.30 28.64
N LEU H 155 -36.32 23.73 28.73
CA LEU H 155 -35.78 24.60 27.71
C LEU H 155 -35.71 23.93 26.38
N HIS H 156 -35.21 22.71 26.33
CA HIS H 156 -35.07 22.04 25.06
C HIS H 156 -36.34 21.45 24.50
N THR H 157 -37.28 21.06 25.34
CA THR H 157 -38.49 20.43 24.82
C THR H 157 -39.65 21.37 24.59
N GLY H 158 -39.72 22.49 25.28
CA GLY H 158 -40.83 23.39 25.08
C GLY H 158 -41.98 23.14 26.04
N GLN H 159 -41.80 22.21 26.95
CA GLN H 159 -42.81 21.91 27.94
C GLN H 159 -42.67 22.92 29.05
N SER H 160 -43.71 23.15 29.82
CA SER H 160 -43.58 24.04 30.95
C SER H 160 -42.74 23.38 32.00
N LEU H 161 -42.22 24.12 32.95
CA LEU H 161 -41.40 23.45 33.93
C LEU H 161 -42.19 22.50 34.80
N GLU H 162 -43.38 22.87 35.20
CA GLU H 162 -44.19 22.00 36.03
C GLU H 162 -44.56 20.74 35.31
N GLN H 163 -44.80 20.82 34.01
CA GLN H 163 -45.11 19.60 33.34
C GLN H 163 -43.92 18.69 33.36
N ILE H 164 -42.72 19.26 33.21
CA ILE H 164 -41.55 18.42 33.29
C ILE H 164 -41.41 17.84 34.65
N GLU H 165 -41.67 18.64 35.68
CA GLU H 165 -41.55 18.19 37.06
C GLU H 165 -42.43 16.98 37.38
N ARG H 166 -43.65 16.97 36.84
CA ARG H 166 -44.55 15.87 37.10
C ARG H 166 -44.17 14.63 36.35
N ASP H 167 -43.73 14.81 35.14
CA ASP H 167 -43.42 13.68 34.31
C ASP H 167 -42.16 12.93 34.62
N THR H 168 -41.32 13.41 35.52
CA THR H 168 -40.12 12.66 35.77
C THR H 168 -40.14 12.05 37.15
N GLU H 169 -41.27 12.15 37.84
CA GLU H 169 -41.38 11.58 39.18
C GLU H 169 -41.07 10.08 39.18
N ARG H 170 -41.54 9.37 38.17
CA ARG H 170 -41.35 7.95 38.02
C ARG H 170 -41.04 7.66 36.57
N ASP H 171 -40.40 6.53 36.31
CA ASP H 171 -40.00 6.23 34.96
C ASP H 171 -41.10 6.40 33.95
N ARG H 172 -40.86 7.21 32.95
CA ARG H 172 -41.83 7.44 31.91
C ARG H 172 -41.32 6.91 30.60
N PHE H 173 -42.06 6.01 29.97
CA PHE H 173 -41.60 5.44 28.70
C PHE H 173 -42.36 6.01 27.54
N LEU H 174 -41.66 6.41 26.49
CA LEU H 174 -42.27 6.96 25.29
C LEU H 174 -41.87 6.21 24.02
N SER H 175 -42.82 5.94 23.15
CA SER H 175 -42.53 5.27 21.88
C SER H 175 -42.05 6.32 20.90
N ALA H 176 -41.52 5.95 19.76
CA ALA H 176 -41.01 7.02 18.89
C ALA H 176 -42.08 8.09 18.59
N PRO H 177 -43.33 7.79 18.19
CA PRO H 177 -44.33 8.79 17.92
C PRO H 177 -44.65 9.67 19.11
N GLU H 178 -44.42 9.14 20.31
CA GLU H 178 -44.71 9.86 21.54
C GLU H 178 -43.60 10.84 21.82
N ALA H 179 -42.38 10.49 21.41
CA ALA H 179 -41.25 11.35 21.62
C ALA H 179 -41.43 12.56 20.73
N VAL H 180 -41.98 12.33 19.54
CA VAL H 180 -42.20 13.44 18.63
C VAL H 180 -43.25 14.36 19.18
N GLU H 181 -44.38 13.80 19.61
CA GLU H 181 -45.48 14.61 20.15
C GLU H 181 -45.11 15.37 21.43
N TYR H 182 -44.33 14.74 22.29
CA TYR H 182 -43.91 15.32 23.54
C TYR H 182 -42.92 16.43 23.31
N GLY H 183 -42.10 16.31 22.27
CA GLY H 183 -41.13 17.34 22.02
C GLY H 183 -39.71 16.89 22.27
N LEU H 184 -39.43 15.61 22.36
CA LEU H 184 -38.06 15.23 22.57
C LEU H 184 -37.36 15.16 21.24
N VAL H 185 -38.07 14.78 20.19
CA VAL H 185 -37.43 14.71 18.90
C VAL H 185 -38.27 15.45 17.89
N ASP H 186 -37.70 15.80 16.76
CA ASP H 186 -38.47 16.50 15.79
C ASP H 186 -39.14 15.57 14.81
N SER H 187 -38.51 14.46 14.47
CA SER H 187 -39.14 13.58 13.50
C SER H 187 -38.62 12.16 13.50
N ILE H 188 -39.31 11.30 12.77
CA ILE H 188 -38.95 9.91 12.65
C ILE H 188 -38.47 9.58 11.27
N LEU H 189 -37.31 8.95 11.17
CA LEU H 189 -36.76 8.56 9.88
C LEU H 189 -37.45 7.28 9.52
N THR H 190 -37.70 7.00 8.25
CA THR H 190 -38.39 5.76 7.91
C THR H 190 -37.60 4.95 6.93
N HIS H 191 -37.61 5.38 5.68
CA HIS H 191 -36.87 4.72 4.62
C HIS H 191 -36.10 5.72 3.88
N ARG H 192 -34.99 5.32 3.30
CA ARG H 192 -34.26 6.24 2.49
C ARG H 192 -35.04 6.56 1.24
N ALA I 1 -10.79 -0.71 18.24
CA ALA I 1 -10.92 0.70 17.95
C ALA I 1 -11.47 1.44 19.11
N LEU I 2 -10.95 1.19 20.29
CA LEU I 2 -11.44 1.95 21.40
C LEU I 2 -11.09 3.39 21.20
N VAL I 3 -9.94 3.63 20.60
CA VAL I 3 -9.50 4.95 20.29
C VAL I 3 -9.30 5.00 18.78
N PRO I 4 -10.01 5.86 18.03
CA PRO I 4 -9.97 5.98 16.60
C PRO I 4 -8.71 6.64 16.11
N MET I 5 -8.40 6.45 14.84
CA MET I 5 -7.29 7.10 14.18
C MET I 5 -7.75 8.28 13.36
N VAL I 6 -6.92 9.29 13.25
CA VAL I 6 -7.20 10.41 12.38
C VAL I 6 -6.03 10.62 11.45
N ILE I 7 -6.26 11.23 10.30
CA ILE I 7 -5.18 11.49 9.32
C ILE I 7 -5.06 12.94 9.01
N GLU I 8 -3.83 13.47 8.94
CA GLU I 8 -3.65 14.88 8.66
C GLU I 8 -2.67 15.13 7.52
N GLN I 9 -2.94 16.14 6.70
CA GLN I 9 -2.05 16.46 5.59
C GLN I 9 -0.96 17.39 6.05
N THR I 10 0.24 17.19 5.53
CA THR I 10 1.37 18.03 5.89
C THR I 10 2.13 18.45 4.65
N SER I 11 3.17 17.69 4.37
CA SER I 11 4.03 17.81 3.21
C SER I 11 3.78 16.53 2.47
N ARG I 12 4.25 15.43 3.05
CA ARG I 12 3.90 14.11 2.56
C ARG I 12 2.41 13.80 2.81
N GLY I 13 1.89 14.15 4.00
CA GLY I 13 0.49 13.92 4.31
C GLY I 13 0.10 12.47 4.50
N GLU I 14 1.05 11.68 4.93
CA GLU I 14 0.76 10.27 5.09
C GLU I 14 0.41 9.89 6.49
N ARG I 15 0.92 10.62 7.46
CA ARG I 15 0.80 10.20 8.83
C ARG I 15 -0.57 10.25 9.44
N SER I 16 -0.87 9.17 10.15
CA SER I 16 -2.07 9.01 10.91
C SER I 16 -1.69 9.02 12.37
N PHE I 17 -2.60 9.48 13.23
CA PHE I 17 -2.26 9.54 14.63
C PHE I 17 -3.43 9.29 15.57
N ASP I 18 -3.21 8.43 16.56
CA ASP I 18 -4.25 8.11 17.52
C ASP I 18 -4.85 9.45 17.87
N ILE I 19 -6.16 9.54 17.99
CA ILE I 19 -6.74 10.83 18.28
C ILE I 19 -6.16 11.51 19.52
N TYR I 20 -5.70 10.78 20.51
CA TYR I 20 -5.16 11.47 21.66
C TYR I 20 -3.79 12.05 21.35
N SER I 21 -3.07 11.45 20.42
CA SER I 21 -1.76 11.94 20.08
C SER I 21 -1.95 13.15 19.19
N ARG I 22 -3.01 13.12 18.40
CA ARG I 22 -3.29 14.23 17.54
C ARG I 22 -3.51 15.46 18.40
N LEU I 23 -4.23 15.31 19.50
CA LEU I 23 -4.41 16.41 20.42
C LEU I 23 -3.15 16.78 21.18
N LEU I 24 -2.30 15.83 21.55
CA LEU I 24 -1.09 16.23 22.25
C LEU I 24 -0.28 17.15 21.36
N LYS I 25 -0.27 16.88 20.08
CA LYS I 25 0.45 17.68 19.11
C LYS I 25 0.03 19.15 19.09
N GLU I 26 -1.18 19.42 19.53
CA GLU I 26 -1.79 20.72 19.55
C GLU I 26 -1.70 21.33 20.93
N ARG I 27 -0.92 20.71 21.78
CA ARG I 27 -0.66 21.07 23.14
C ARG I 27 -1.87 20.96 24.05
N VAL I 28 -2.65 19.90 23.86
CA VAL I 28 -3.79 19.58 24.71
C VAL I 28 -3.61 18.31 25.52
N ILE I 29 -3.71 18.43 26.83
CA ILE I 29 -3.56 17.31 27.76
C ILE I 29 -4.81 17.05 28.55
N PHE I 30 -5.24 15.80 28.65
CA PHE I 30 -6.41 15.53 29.46
C PHE I 30 -6.08 14.85 30.77
N LEU I 31 -6.70 15.29 31.83
CA LEU I 31 -6.62 14.68 33.15
C LEU I 31 -7.94 14.14 33.59
N THR I 32 -8.12 12.84 33.57
CA THR I 32 -9.41 12.33 33.95
C THR I 32 -9.31 11.18 34.90
N GLY I 33 -10.35 10.97 35.67
CA GLY I 33 -10.44 9.82 36.58
C GLY I 33 -9.66 10.08 37.84
N GLN I 34 -9.33 9.04 38.58
CA GLN I 34 -8.65 9.22 39.86
C GLN I 34 -7.25 9.66 39.68
N VAL I 35 -6.77 10.51 40.58
CA VAL I 35 -5.37 10.88 40.53
C VAL I 35 -4.55 9.90 41.31
N GLU I 36 -3.63 9.23 40.61
CA GLU I 36 -2.76 8.25 41.24
C GLU I 36 -1.35 8.44 40.72
N ASP I 37 -0.44 7.53 41.08
CA ASP I 37 0.92 7.66 40.61
C ASP I 37 1.21 7.33 39.17
N HIS I 38 0.60 6.31 38.60
CA HIS I 38 1.00 6.04 37.23
C HIS I 38 0.40 7.04 36.30
N MET I 39 -0.82 7.41 36.55
CA MET I 39 -1.42 8.42 35.76
C MET I 39 -0.64 9.70 35.85
N ALA I 40 -0.33 10.13 37.06
CA ALA I 40 0.35 11.40 37.20
C ALA I 40 1.68 11.35 36.52
N ASN I 41 2.41 10.26 36.63
CA ASN I 41 3.67 10.26 35.96
C ASN I 41 3.53 10.47 34.48
N LEU I 42 2.47 9.96 33.89
CA LEU I 42 2.32 10.16 32.49
C LEU I 42 2.02 11.61 32.18
N ILE I 43 1.20 12.24 32.97
CA ILE I 43 0.94 13.64 32.72
C ILE I 43 2.17 14.46 32.86
N VAL I 44 2.99 14.20 33.86
CA VAL I 44 4.20 14.97 33.95
C VAL I 44 5.08 14.70 32.75
N ALA I 45 5.21 13.47 32.29
CA ALA I 45 6.03 13.28 31.11
C ALA I 45 5.52 14.10 29.96
N GLN I 46 4.21 14.22 29.79
CA GLN I 46 3.71 15.01 28.70
C GLN I 46 4.05 16.45 28.88
N MET I 47 3.98 16.98 30.08
CA MET I 47 4.34 18.38 30.20
C MET I 47 5.80 18.64 29.97
N LEU I 48 6.68 17.74 30.39
CA LEU I 48 8.09 18.01 30.17
C LEU I 48 8.37 18.00 28.69
N PHE I 49 7.70 17.08 28.00
CA PHE I 49 7.82 16.95 26.56
C PHE I 49 7.37 18.20 25.82
N LEU I 50 6.25 18.80 26.22
CA LEU I 50 5.81 19.97 25.54
C LEU I 50 6.67 21.16 25.85
N GLU I 51 7.20 21.23 27.07
CA GLU I 51 8.06 22.34 27.45
C GLU I 51 9.28 22.38 26.54
N ALA I 52 9.83 21.20 26.27
CA ALA I 52 10.98 21.07 25.41
C ALA I 52 10.68 21.44 23.97
N GLU I 53 9.47 21.07 23.52
CA GLU I 53 9.04 21.36 22.15
C GLU I 53 8.97 22.86 21.84
N ASN I 54 8.46 23.65 22.77
CA ASN I 54 8.34 25.07 22.54
C ASN I 54 8.08 25.79 23.84
N PRO I 55 9.08 26.32 24.50
CA PRO I 55 9.02 26.98 25.77
C PRO I 55 8.17 28.22 25.77
N GLU I 56 7.77 28.69 24.60
CA GLU I 56 7.02 29.93 24.50
C GLU I 56 5.52 29.79 24.26
N LYS I 57 5.00 28.57 24.23
CA LYS I 57 3.55 28.47 24.01
C LYS I 57 2.79 27.82 25.14
N ASP I 58 1.56 28.27 25.33
CA ASP I 58 0.70 27.73 26.35
C ASP I 58 0.30 26.30 26.13
N ILE I 59 0.07 25.61 27.25
CA ILE I 59 -0.39 24.24 27.29
C ILE I 59 -1.77 24.22 27.87
N TYR I 60 -2.71 23.53 27.23
CA TYR I 60 -4.06 23.50 27.75
C TYR I 60 -4.34 22.19 28.45
N LEU I 61 -4.79 22.26 29.68
CA LEU I 61 -5.08 21.08 30.46
C LEU I 61 -6.56 20.97 30.73
N TYR I 62 -7.17 19.88 30.33
CA TYR I 62 -8.59 19.66 30.50
C TYR I 62 -8.82 18.75 31.65
N ILE I 63 -9.56 19.21 32.65
CA ILE I 63 -9.75 18.48 33.88
C ILE I 63 -11.14 17.96 34.10
N ASN I 64 -11.26 16.67 34.35
CA ASN I 64 -12.51 16.03 34.69
C ASN I 64 -12.23 14.92 35.65
N SER I 65 -12.21 15.22 36.93
CA SER I 65 -11.73 14.27 37.91
C SER I 65 -12.34 14.37 39.29
N PRO I 66 -12.75 13.24 39.90
CA PRO I 66 -13.33 13.12 41.22
C PRO I 66 -12.36 13.31 42.37
N GLY I 67 -11.06 13.35 42.11
CA GLY I 67 -10.13 13.47 43.22
C GLY I 67 -9.06 12.43 43.13
N GLY I 68 -8.39 12.16 44.24
CA GLY I 68 -7.32 11.17 44.22
C GLY I 68 -6.32 11.36 45.34
N VAL I 69 -5.16 10.76 45.15
CA VAL I 69 -4.08 10.74 46.12
C VAL I 69 -3.33 12.04 46.13
N ILE I 70 -3.16 12.64 47.30
CA ILE I 70 -2.49 13.94 47.32
C ILE I 70 -1.07 13.85 46.88
N THR I 71 -0.33 12.90 47.37
CA THR I 71 1.05 12.83 46.96
C THR I 71 1.20 12.77 45.46
N ALA I 72 0.41 11.97 44.78
CA ALA I 72 0.53 11.91 43.35
C ALA I 72 0.15 13.23 42.73
N GLY I 73 -0.90 13.83 43.21
CA GLY I 73 -1.37 15.09 42.64
C GLY I 73 -0.38 16.22 42.78
N MET I 74 0.36 16.24 43.87
CA MET I 74 1.33 17.30 44.08
C MET I 74 2.49 17.23 43.10
N SER I 75 2.69 16.14 42.40
CA SER I 75 3.78 16.10 41.45
C SER I 75 3.35 16.83 40.19
N ILE I 76 2.05 17.04 40.03
CA ILE I 76 1.55 17.72 38.88
C ILE I 76 1.58 19.17 39.28
N TYR I 77 1.12 19.42 40.51
CA TYR I 77 1.12 20.75 41.07
C TYR I 77 2.49 21.40 40.91
N ASP I 78 3.55 20.72 41.34
CA ASP I 78 4.86 21.32 41.18
C ASP I 78 5.34 21.36 39.76
N THR I 79 5.05 20.37 38.93
CA THR I 79 5.55 20.49 37.58
C THR I 79 4.96 21.71 36.93
N MET I 80 3.69 21.96 37.13
CA MET I 80 3.09 23.10 36.48
C MET I 80 3.75 24.39 36.87
N GLN I 81 4.25 24.49 38.09
CA GLN I 81 4.89 25.72 38.50
C GLN I 81 6.34 25.82 38.02
N PHE I 82 6.98 24.67 37.86
CA PHE I 82 8.39 24.63 37.45
C PHE I 82 8.67 24.84 35.96
N ILE I 83 7.81 24.33 35.10
CA ILE I 83 8.04 24.47 33.66
C ILE I 83 7.79 25.89 33.23
N LYS I 84 8.57 26.37 32.27
CA LYS I 84 8.41 27.75 31.81
C LYS I 84 7.06 28.23 31.25
N PRO I 85 6.41 27.60 30.27
CA PRO I 85 5.19 28.10 29.66
C PRO I 85 4.00 28.02 30.58
N ASP I 86 3.03 28.89 30.40
CA ASP I 86 1.81 28.81 31.18
C ASP I 86 0.96 27.61 30.92
N VAL I 87 0.30 27.14 31.95
CA VAL I 87 -0.66 26.10 31.78
C VAL I 87 -2.02 26.67 32.07
N SER I 88 -2.90 26.56 31.10
CA SER I 88 -4.24 27.04 31.24
C SER I 88 -5.12 25.87 31.52
N THR I 89 -5.84 25.91 32.61
CA THR I 89 -6.66 24.79 33.00
C THR I 89 -8.12 25.02 32.73
N ILE I 90 -8.78 24.03 32.18
CA ILE I 90 -10.18 24.12 31.88
C ILE I 90 -10.95 23.02 32.57
N CYS I 91 -11.96 23.39 33.35
CA CYS I 91 -12.76 22.38 34.06
C CYS I 91 -14.06 22.02 33.33
N MET I 92 -14.25 20.73 33.10
CA MET I 92 -15.42 20.22 32.45
C MET I 92 -15.91 19.06 33.25
N GLY I 93 -17.19 18.77 33.28
CA GLY I 93 -17.53 17.65 34.14
C GLY I 93 -17.31 18.12 35.57
N GLN I 94 -16.39 17.50 36.30
CA GLN I 94 -16.18 17.95 37.67
C GLN I 94 -14.73 18.10 38.05
N ALA I 95 -14.48 18.92 39.03
CA ALA I 95 -13.15 19.03 39.59
C ALA I 95 -13.30 18.93 41.08
N ALA I 96 -13.10 17.75 41.63
CA ALA I 96 -13.35 17.62 43.05
C ALA I 96 -12.14 17.26 43.86
N SER I 97 -12.06 17.82 45.04
CA SER I 97 -11.00 17.50 45.97
C SER I 97 -9.68 17.83 45.34
N MET I 98 -8.85 16.85 45.05
CA MET I 98 -7.58 17.16 44.43
C MET I 98 -7.78 17.73 43.05
N GLY I 99 -8.86 17.38 42.38
CA GLY I 99 -9.08 17.93 41.06
C GLY I 99 -9.26 19.43 41.17
N ALA I 100 -9.98 19.89 42.17
CA ALA I 100 -10.20 21.30 42.34
C ALA I 100 -8.93 22.00 42.65
N PHE I 101 -8.10 21.36 43.44
CA PHE I 101 -6.85 21.96 43.81
C PHE I 101 -6.00 22.22 42.60
N LEU I 102 -5.89 21.25 41.73
CA LEU I 102 -5.09 21.48 40.56
C LEU I 102 -5.77 22.50 39.66
N LEU I 103 -7.08 22.53 39.58
CA LEU I 103 -7.72 23.50 38.70
C LEU I 103 -7.36 24.92 39.02
N THR I 104 -7.29 25.29 40.29
CA THR I 104 -7.02 26.68 40.62
C THR I 104 -5.57 27.01 40.47
N ALA I 105 -4.75 26.03 40.18
CA ALA I 105 -3.32 26.21 40.12
C ALA I 105 -2.89 26.61 38.74
N GLY I 106 -3.84 26.77 37.84
CA GLY I 106 -3.50 27.15 36.48
C GLY I 106 -3.08 28.60 36.46
N ALA I 107 -2.56 29.05 35.33
CA ALA I 107 -2.06 30.39 35.21
C ALA I 107 -3.15 31.38 35.49
N LYS I 108 -2.83 32.41 36.23
CA LYS I 108 -3.83 33.38 36.60
C LYS I 108 -4.38 34.09 35.41
N GLY I 109 -5.70 34.18 35.30
CA GLY I 109 -6.34 34.84 34.21
C GLY I 109 -6.71 33.86 33.15
N LYS I 110 -6.22 32.64 33.27
CA LYS I 110 -6.48 31.62 32.30
C LYS I 110 -7.19 30.41 32.87
N ARG I 111 -7.82 30.54 34.05
CA ARG I 111 -8.53 29.42 34.69
C ARG I 111 -10.00 29.43 34.29
N PHE I 112 -10.45 28.52 33.44
CA PHE I 112 -11.84 28.61 33.03
C PHE I 112 -12.63 27.32 33.11
N CYS I 113 -13.94 27.43 33.29
CA CYS I 113 -14.77 26.25 33.40
C CYS I 113 -16.08 26.39 32.62
N LEU I 114 -16.58 25.26 32.15
CA LEU I 114 -17.83 25.23 31.41
C LEU I 114 -18.99 25.45 32.36
N PRO I 115 -20.12 26.03 31.92
CA PRO I 115 -21.23 26.43 32.72
C PRO I 115 -22.01 25.40 33.51
N ASN I 116 -22.01 24.13 33.17
CA ASN I 116 -22.77 23.21 33.98
C ASN I 116 -21.89 22.34 34.83
N SER I 117 -20.64 22.73 34.99
CA SER I 117 -19.70 21.98 35.78
C SER I 117 -19.85 22.18 37.26
N ARG I 118 -19.16 21.35 38.03
CA ARG I 118 -19.13 21.44 39.49
C ARG I 118 -17.77 21.33 40.08
N VAL I 119 -17.53 22.13 41.08
CA VAL I 119 -16.28 22.10 41.78
C VAL I 119 -16.54 21.84 43.24
N MET I 120 -15.82 20.92 43.83
CA MET I 120 -16.06 20.63 45.24
C MET I 120 -14.76 20.59 46.02
N ILE I 121 -14.73 21.18 47.20
CA ILE I 121 -13.49 21.17 47.98
C ILE I 121 -13.64 20.66 49.41
N HIS I 122 -12.57 20.12 49.98
CA HIS I 122 -12.62 19.61 51.36
C HIS I 122 -11.25 19.23 51.95
N GLN I 123 -11.11 19.35 53.28
CA GLN I 123 -9.86 18.99 53.96
C GLN I 123 -9.43 17.58 53.59
N PRO I 124 -8.13 17.22 53.63
CA PRO I 124 -7.59 15.93 53.27
C PRO I 124 -7.97 14.83 54.19
N LEU I 125 -8.06 13.62 53.64
CA LEU I 125 -8.38 12.41 54.38
C LEU I 125 -7.16 11.56 54.58
N GLY I 126 -7.18 10.70 55.58
CA GLY I 126 -6.08 9.78 55.80
C GLY I 126 -6.36 8.83 56.94
N GLY I 127 -5.35 8.11 57.41
CA GLY I 127 -5.56 7.17 58.49
C GLY I 127 -4.29 6.40 58.81
N TYR I 128 -4.36 5.53 59.83
CA TYR I 128 -3.20 4.74 60.27
C TYR I 128 -3.54 3.72 61.37
N GLN I 129 -2.70 2.69 61.50
CA GLN I 129 -2.79 1.68 62.57
C GLN I 129 -1.42 1.45 63.17
N GLY I 130 -1.31 1.28 64.48
CA GLY I 130 0.04 1.05 65.03
C GLY I 130 0.13 1.34 66.51
N GLN I 131 1.33 1.61 67.00
CA GLN I 131 1.49 1.85 68.42
C GLN I 131 1.10 3.25 68.73
N ALA I 132 0.74 3.57 69.96
CA ALA I 132 0.37 4.94 70.23
C ALA I 132 1.42 5.92 69.77
N THR I 133 2.69 5.58 69.90
CA THR I 133 3.74 6.48 69.43
C THR I 133 3.75 6.67 67.91
N ASP I 134 3.36 5.67 67.14
CA ASP I 134 3.42 5.80 65.70
C ASP I 134 2.22 6.59 65.29
N ILE I 135 1.17 6.44 66.03
CA ILE I 135 -0.02 7.16 65.71
C ILE I 135 0.28 8.61 65.85
N GLU I 136 0.96 9.01 66.91
CA GLU I 136 1.28 10.41 67.02
C GLU I 136 2.11 10.93 65.85
N ILE I 137 3.09 10.17 65.40
CA ILE I 137 3.89 10.67 64.29
C ILE I 137 3.07 10.85 63.06
N HIS I 138 2.26 9.88 62.75
CA HIS I 138 1.48 10.00 61.55
C HIS I 138 0.43 11.05 61.68
N ALA I 139 -0.17 11.24 62.84
CA ALA I 139 -1.11 12.34 62.98
C ALA I 139 -0.47 13.68 62.76
N ARG I 140 0.74 13.88 63.23
CA ARG I 140 1.35 15.17 63.01
C ARG I 140 1.58 15.44 61.56
N GLU I 141 1.99 14.45 60.80
CA GLU I 141 2.22 14.71 59.41
C GLU I 141 0.95 15.03 58.67
N ILE I 142 -0.16 14.37 58.94
CA ILE I 142 -1.33 14.75 58.17
C ILE I 142 -1.76 16.14 58.50
N LEU I 143 -1.62 16.57 59.74
CA LEU I 143 -2.02 17.91 60.04
C LEU I 143 -1.13 18.92 59.35
N LYS I 144 0.17 18.64 59.22
CA LYS I 144 1.00 19.59 58.49
C LYS I 144 0.57 19.69 57.05
N VAL I 145 0.17 18.58 56.45
CA VAL I 145 -0.27 18.63 55.08
C VAL I 145 -1.52 19.45 54.96
N LYS I 146 -2.46 19.28 55.85
CA LYS I 146 -3.64 20.09 55.77
C LYS I 146 -3.27 21.55 55.82
N GLY I 147 -2.40 21.92 56.72
CA GLY I 147 -2.05 23.31 56.82
C GLY I 147 -1.41 23.83 55.55
N ARG I 148 -0.55 23.05 54.94
CA ARG I 148 0.11 23.52 53.76
C ARG I 148 -0.86 23.69 52.63
N MET I 149 -1.80 22.79 52.47
CA MET I 149 -2.69 23.01 51.35
C MET I 149 -3.57 24.19 51.56
N ASN I 150 -3.88 24.49 52.82
CA ASN I 150 -4.72 25.63 53.16
C ASN I 150 -4.04 26.94 52.71
N GLU I 151 -2.72 26.97 52.82
CA GLU I 151 -1.94 28.14 52.45
C GLU I 151 -1.91 28.32 50.94
N LEU I 152 -1.82 27.21 50.21
CA LEU I 152 -1.80 27.29 48.77
C LEU I 152 -3.16 27.70 48.25
N MET I 153 -4.24 27.23 48.84
CA MET I 153 -5.54 27.68 48.38
C MET I 153 -5.68 29.18 48.57
N ALA I 154 -5.25 29.69 49.72
CA ALA I 154 -5.37 31.11 49.93
C ALA I 154 -4.53 31.87 48.91
N LEU I 155 -3.35 31.37 48.61
CA LEU I 155 -2.50 32.06 47.67
C LEU I 155 -3.10 32.16 46.29
N HIS I 156 -3.65 31.06 45.81
CA HIS I 156 -4.19 31.04 44.47
C HIS I 156 -5.57 31.65 44.35
N THR I 157 -6.34 31.69 45.43
CA THR I 157 -7.69 32.24 45.29
C THR I 157 -7.85 33.66 45.76
N GLY I 158 -7.00 34.16 46.64
CA GLY I 158 -7.17 35.53 47.09
C GLY I 158 -8.01 35.62 48.33
N GLN I 159 -8.46 34.50 48.83
CA GLN I 159 -9.25 34.47 50.04
C GLN I 159 -8.29 34.57 51.19
N SER I 160 -8.75 35.01 52.34
CA SER I 160 -7.86 35.04 53.47
C SER I 160 -7.63 33.64 53.93
N LEU I 161 -6.59 33.40 54.70
CA LEU I 161 -6.38 32.04 55.14
C LEU I 161 -7.47 31.55 56.06
N GLU I 162 -7.95 32.40 56.93
CA GLU I 162 -8.97 31.98 57.87
C GLU I 162 -10.23 31.62 57.13
N GLN I 163 -10.56 32.35 56.08
CA GLN I 163 -11.74 31.99 55.35
C GLN I 163 -11.56 30.65 54.68
N ILE I 164 -10.37 30.38 54.16
CA ILE I 164 -10.17 29.08 53.55
C ILE I 164 -10.32 28.00 54.56
N GLU I 165 -9.78 28.23 55.76
CA GLU I 165 -9.85 27.27 56.84
C GLU I 165 -11.28 26.85 57.17
N ARG I 166 -12.21 27.80 57.20
CA ARG I 166 -13.58 27.47 57.52
C ARG I 166 -14.28 26.75 56.39
N ASP I 167 -13.99 27.15 55.18
CA ASP I 167 -14.64 26.58 54.04
C ASP I 167 -14.27 25.17 53.67
N THR I 168 -13.26 24.59 54.27
CA THR I 168 -12.92 23.24 53.86
C THR I 168 -13.23 22.24 54.95
N GLU I 169 -13.84 22.70 56.05
CA GLU I 169 -14.17 21.81 57.15
C GLU I 169 -15.04 20.61 56.72
N ARG I 170 -16.03 20.88 55.86
CA ARG I 170 -16.93 19.87 55.37
C ARG I 170 -17.11 20.08 53.90
N ASP I 171 -17.51 19.06 53.18
CA ASP I 171 -17.62 19.17 51.75
C ASP I 171 -18.36 20.42 51.34
N ARG I 172 -17.74 21.22 50.52
CA ARG I 172 -18.35 22.42 50.04
C ARG I 172 -18.54 22.36 48.55
N PHE I 173 -19.77 22.48 48.07
CA PHE I 173 -20.03 22.40 46.64
C PHE I 173 -20.26 23.75 46.03
N LEU I 174 -19.60 24.01 44.91
CA LEU I 174 -19.73 25.28 44.20
C LEU I 174 -20.16 25.10 42.75
N SER I 175 -21.14 25.87 42.30
CA SER I 175 -21.59 25.82 40.92
C SER I 175 -20.63 26.64 40.10
N ALA I 176 -20.68 26.57 38.78
CA ALA I 176 -19.69 27.35 38.04
C ALA I 176 -19.71 28.84 38.37
N PRO I 177 -20.84 29.56 38.47
CA PRO I 177 -20.85 30.95 38.83
C PRO I 177 -20.32 31.24 40.22
N GLU I 178 -20.32 30.24 41.10
CA GLU I 178 -19.85 30.48 42.44
C GLU I 178 -18.36 30.32 42.43
N ALA I 179 -17.88 29.40 41.62
CA ALA I 179 -16.46 29.22 41.54
C ALA I 179 -15.85 30.51 41.03
N VAL I 180 -16.55 31.20 40.13
CA VAL I 180 -16.02 32.45 39.62
C VAL I 180 -16.01 33.51 40.70
N GLU I 181 -17.11 33.65 41.41
CA GLU I 181 -17.19 34.65 42.46
C GLU I 181 -16.23 34.41 43.60
N TYR I 182 -16.09 33.15 43.99
CA TYR I 182 -15.25 32.73 45.08
C TYR I 182 -13.81 33.00 44.75
N GLY I 183 -13.43 32.72 43.51
CA GLY I 183 -12.06 32.94 43.11
C GLY I 183 -11.37 31.68 42.71
N LEU I 184 -12.10 30.61 42.41
CA LEU I 184 -11.38 29.42 41.99
C LEU I 184 -11.11 29.49 40.51
N VAL I 185 -11.99 30.10 39.75
CA VAL I 185 -11.76 30.20 38.32
C VAL I 185 -11.91 31.63 37.92
N ASP I 186 -11.40 32.01 36.76
CA ASP I 186 -11.54 33.36 36.34
C ASP I 186 -12.79 33.60 35.53
N SER I 187 -13.22 32.63 34.76
CA SER I 187 -14.40 32.87 33.94
C SER I 187 -15.08 31.63 33.44
N ILE I 188 -16.25 31.83 32.88
CA ILE I 188 -17.02 30.74 32.30
C ILE I 188 -17.05 30.86 30.80
N LEU I 189 -16.68 29.79 30.13
CA LEU I 189 -16.68 29.79 28.67
C LEU I 189 -18.10 29.52 28.29
N THR I 190 -18.59 30.06 27.21
CA THR I 190 -19.99 29.83 26.85
C THR I 190 -20.13 29.26 25.49
N HIS I 191 -19.89 30.09 24.49
CA HIS I 191 -19.96 29.65 23.12
C HIS I 191 -18.74 30.08 22.40
N ARG I 192 -18.37 29.32 21.39
CA ARG I 192 -17.27 29.70 20.56
C ARG I 192 -17.42 31.12 20.08
N ALA J 1 -4.22 3.78 23.54
CA ALA J 1 -3.59 5.09 23.65
C ALA J 1 -3.29 5.42 25.08
N LEU J 2 -2.91 4.43 25.84
CA LEU J 2 -2.57 4.75 27.20
C LEU J 2 -1.32 5.61 27.18
N VAL J 3 -0.42 5.34 26.27
CA VAL J 3 0.78 6.12 26.15
C VAL J 3 0.73 6.76 24.79
N PRO J 4 0.73 8.09 24.66
CA PRO J 4 0.63 8.82 23.43
C PRO J 4 1.89 8.72 22.63
N MET J 5 1.77 8.95 21.33
CA MET J 5 2.89 8.98 20.42
C MET J 5 3.32 10.38 20.14
N VAL J 6 4.60 10.57 19.91
CA VAL J 6 5.11 11.87 19.52
C VAL J 6 5.92 11.72 18.27
N ILE J 7 5.92 12.76 17.44
CA ILE J 7 6.62 12.73 16.17
C ILE J 7 7.73 13.76 16.13
N GLU J 8 8.90 13.38 15.63
CA GLU J 8 9.97 14.35 15.53
C GLU J 8 10.61 14.36 14.17
N GLN J 9 11.20 15.48 13.79
CA GLN J 9 11.88 15.58 12.51
C GLN J 9 13.36 15.32 12.66
N THR J 10 13.95 14.77 11.61
CA THR J 10 15.37 14.50 11.58
C THR J 10 15.92 15.00 10.26
N SER J 11 15.96 14.08 9.31
CA SER J 11 16.34 14.27 7.93
C SER J 11 15.05 13.99 7.19
N ARG J 12 14.71 12.72 7.09
CA ARG J 12 13.43 12.29 6.54
C ARG J 12 12.26 12.62 7.48
N GLY J 13 12.48 12.50 8.79
CA GLY J 13 11.43 12.77 9.77
C GLY J 13 10.52 11.60 10.12
N GLU J 14 10.88 10.40 9.69
CA GLU J 14 10.04 9.26 10.01
C GLU J 14 10.35 8.69 11.37
N ARG J 15 9.96 9.44 12.36
CA ARG J 15 10.19 9.05 13.74
C ARG J 15 8.94 9.20 14.53
N SER J 16 8.49 8.07 15.07
CA SER J 16 7.30 7.98 15.88
C SER J 16 7.60 7.19 17.12
N PHE J 17 7.60 7.83 18.27
CA PHE J 17 7.96 7.10 19.48
C PHE J 17 7.00 7.40 20.61
N ASP J 18 6.77 6.39 21.45
CA ASP J 18 5.90 6.56 22.59
C ASP J 18 6.57 7.66 23.38
N ILE J 19 5.80 8.49 24.08
CA ILE J 19 6.46 9.56 24.80
C ILE J 19 7.59 9.13 25.73
N TYR J 20 7.58 7.95 26.30
CA TYR J 20 8.68 7.65 27.18
C TYR J 20 9.96 7.39 26.43
N SER J 21 9.90 6.76 25.28
CA SER J 21 11.11 6.54 24.49
C SER J 21 11.62 7.89 24.05
N ARG J 22 10.72 8.81 23.75
CA ARG J 22 11.15 10.13 23.33
C ARG J 22 11.94 10.84 24.41
N LEU J 23 11.58 10.63 25.67
CA LEU J 23 12.33 11.28 26.74
C LEU J 23 13.61 10.52 27.07
N LEU J 24 13.66 9.22 26.86
CA LEU J 24 14.90 8.51 27.11
C LEU J 24 15.96 9.12 26.23
N LYS J 25 15.59 9.48 25.04
CA LYS J 25 16.49 10.10 24.09
C LYS J 25 17.13 11.39 24.61
N GLU J 26 16.49 12.04 25.58
CA GLU J 26 17.00 13.30 26.14
C GLU J 26 17.74 13.07 27.45
N ARG J 27 17.93 11.79 27.73
CA ARG J 27 18.60 11.29 28.90
C ARG J 27 17.80 11.45 30.17
N VAL J 28 16.48 11.24 30.08
CA VAL J 28 15.61 11.28 31.23
C VAL J 28 14.97 9.94 31.52
N ILE J 29 15.17 9.45 32.74
CA ILE J 29 14.63 8.18 33.20
C ILE J 29 13.68 8.40 34.37
N PHE J 30 12.52 7.76 34.37
CA PHE J 30 11.63 7.92 35.50
C PHE J 30 11.55 6.68 36.35
N LEU J 31 11.52 6.85 37.66
CA LEU J 31 11.33 5.78 38.64
C LEU J 31 10.08 5.97 39.45
N THR J 32 9.08 5.17 39.20
CA THR J 32 7.82 5.31 39.92
C THR J 32 7.29 3.98 40.37
N GLY J 33 6.37 3.99 41.32
CA GLY J 33 5.74 2.75 41.76
C GLY J 33 6.62 2.09 42.79
N GLN J 34 6.39 0.83 43.09
CA GLN J 34 7.17 0.14 44.08
C GLN J 34 8.49 -0.24 43.51
N VAL J 35 9.52 -0.28 44.30
CA VAL J 35 10.76 -0.78 43.75
C VAL J 35 10.74 -2.28 43.85
N GLU J 36 10.88 -2.94 42.71
CA GLU J 36 10.87 -4.40 42.67
C GLU J 36 11.90 -4.89 41.67
N ASP J 37 11.94 -6.19 41.46
CA ASP J 37 12.90 -6.76 40.52
C ASP J 37 12.71 -6.55 39.04
N HIS J 38 11.49 -6.57 38.53
CA HIS J 38 11.38 -6.42 37.09
C HIS J 38 11.51 -5.00 36.69
N MET J 39 10.98 -4.12 37.48
CA MET J 39 11.12 -2.74 37.18
C MET J 39 12.52 -2.25 37.35
N ALA J 40 13.19 -2.61 38.44
CA ALA J 40 14.54 -2.15 38.67
C ALA J 40 15.53 -3.05 38.00
N ASN J 41 15.26 -3.30 36.73
CA ASN J 41 16.07 -4.15 35.91
C ASN J 41 15.98 -3.47 34.57
N LEU J 42 14.95 -2.64 34.44
CA LEU J 42 14.76 -1.92 33.25
C LEU J 42 15.50 -0.64 33.43
N ILE J 43 15.48 -0.11 34.65
CA ILE J 43 16.22 1.10 34.90
C ILE J 43 17.69 0.83 34.71
N VAL J 44 18.17 -0.30 35.16
CA VAL J 44 19.56 -0.57 34.98
C VAL J 44 19.88 -0.65 33.51
N ALA J 45 19.07 -1.32 32.71
CA ALA J 45 19.38 -1.38 31.30
C ALA J 45 19.41 0.01 30.69
N GLN J 46 18.51 0.88 31.09
CA GLN J 46 18.51 2.21 30.52
C GLN J 46 19.72 3.00 30.92
N MET J 47 20.17 2.89 32.14
CA MET J 47 21.34 3.66 32.48
C MET J 47 22.56 3.15 31.74
N LEU J 48 22.68 1.85 31.54
CA LEU J 48 23.86 1.36 30.84
C LEU J 48 23.86 1.84 29.41
N PHE J 49 22.66 1.85 28.82
CA PHE J 49 22.48 2.30 27.45
C PHE J 49 22.89 3.76 27.27
N LEU J 50 22.50 4.61 28.22
CA LEU J 50 22.85 6.00 28.10
C LEU J 50 24.33 6.24 28.33
N GLU J 51 24.94 5.45 29.22
CA GLU J 51 26.36 5.59 29.50
C GLU J 51 27.17 5.43 28.22
N ALA J 52 26.80 4.43 27.42
CA ALA J 52 27.48 4.19 26.17
C ALA J 52 27.21 5.27 25.15
N GLU J 53 25.98 5.76 25.10
CA GLU J 53 25.61 6.80 24.15
C GLU J 53 26.51 8.02 24.26
N ASN J 54 26.83 8.42 25.49
CA ASN J 54 27.69 9.57 25.71
C ASN J 54 28.19 9.58 27.13
N PRO J 55 29.36 9.04 27.40
CA PRO J 55 29.94 8.89 28.70
C PRO J 55 30.21 10.19 29.42
N GLU J 56 30.12 11.31 28.71
CA GLU J 56 30.43 12.59 29.31
C GLU J 56 29.24 13.45 29.65
N LYS J 57 28.04 12.91 29.58
CA LYS J 57 26.89 13.76 29.92
C LYS J 57 25.97 13.22 30.99
N ASP J 58 25.35 14.14 31.71
CA ASP J 58 24.45 13.82 32.79
C ASP J 58 23.22 13.08 32.39
N ILE J 59 22.76 12.24 33.32
CA ILE J 59 21.53 11.48 33.23
C ILE J 59 20.59 11.97 34.29
N TYR J 60 19.34 12.23 33.94
CA TYR J 60 18.39 12.74 34.93
C TYR J 60 17.42 11.66 35.38
N LEU J 61 17.32 11.46 36.69
CA LEU J 61 16.42 10.45 37.19
C LEU J 61 15.35 11.08 38.03
N TYR J 62 14.09 10.91 37.62
CA TYR J 62 12.97 11.47 38.36
C TYR J 62 12.46 10.40 39.32
N ILE J 63 12.40 10.72 40.60
CA ILE J 63 11.96 9.76 41.57
C ILE J 63 10.67 10.12 42.21
N ASN J 64 9.72 9.22 42.14
CA ASN J 64 8.43 9.37 42.79
C ASN J 64 7.94 8.04 43.25
N SER J 65 8.31 7.59 44.44
CA SER J 65 7.94 6.25 44.85
C SER J 65 7.87 6.08 46.35
N PRO J 66 6.95 5.25 46.85
CA PRO J 66 6.75 4.90 48.22
C PRO J 66 7.75 3.99 48.89
N GLY J 67 8.60 3.31 48.14
CA GLY J 67 9.50 2.37 48.79
C GLY J 67 9.58 1.12 48.00
N GLY J 68 9.99 0.03 48.61
CA GLY J 68 10.12 -1.21 47.86
C GLY J 68 11.13 -2.16 48.45
N VAL J 69 11.51 -3.14 47.65
CA VAL J 69 12.41 -4.21 48.02
C VAL J 69 13.84 -3.75 48.04
N ILE J 70 14.58 -4.03 49.11
CA ILE J 70 15.96 -3.56 49.19
C ILE J 70 16.80 -4.17 48.13
N THR J 71 16.67 -5.45 47.86
CA THR J 71 17.52 -6.00 46.84
C THR J 71 17.36 -5.30 45.52
N ALA J 72 16.15 -5.07 45.11
CA ALA J 72 15.97 -4.45 43.83
C ALA J 72 16.56 -3.07 43.85
N GLY J 73 16.38 -2.36 44.94
CA GLY J 73 16.92 -1.03 45.02
C GLY J 73 18.43 -1.04 44.96
N MET J 74 19.07 -2.07 45.50
CA MET J 74 20.51 -2.11 45.46
C MET J 74 21.09 -2.36 44.09
N SER J 75 20.42 -3.04 43.19
CA SER J 75 21.10 -3.17 41.92
C SER J 75 21.12 -1.80 41.27
N ILE J 76 20.11 -0.98 41.53
CA ILE J 76 20.14 0.36 40.96
C ILE J 76 21.21 1.17 41.65
N TYR J 77 21.27 1.04 42.98
CA TYR J 77 22.24 1.76 43.80
C TYR J 77 23.67 1.55 43.33
N ASP J 78 24.05 0.30 43.05
CA ASP J 78 25.40 0.03 42.61
C ASP J 78 25.63 0.46 41.20
N THR J 79 24.67 0.33 40.32
CA THR J 79 24.92 0.75 38.97
C THR J 79 25.16 2.24 38.95
N MET J 80 24.40 3.02 39.69
CA MET J 80 24.61 4.44 39.64
C MET J 80 25.99 4.82 40.06
N GLN J 81 26.57 4.10 40.99
CA GLN J 81 27.91 4.43 41.44
C GLN J 81 29.00 3.95 40.49
N PHE J 82 28.73 2.85 39.80
CA PHE J 82 29.68 2.27 38.88
C PHE J 82 29.91 3.06 37.60
N ILE J 83 28.82 3.47 36.96
CA ILE J 83 28.91 4.12 35.65
C ILE J 83 29.55 5.48 35.71
N LYS J 84 30.25 5.84 34.65
CA LYS J 84 30.96 7.11 34.57
C LYS J 84 30.21 8.45 34.68
N PRO J 85 29.14 8.77 33.93
CA PRO J 85 28.47 10.04 33.98
C PRO J 85 27.73 10.25 35.26
N ASP J 86 27.59 11.48 35.68
CA ASP J 86 26.78 11.78 36.85
C ASP J 86 25.32 11.49 36.70
N VAL J 87 24.71 11.00 37.76
CA VAL J 87 23.28 10.85 37.75
C VAL J 87 22.70 11.85 38.70
N SER J 88 21.85 12.70 38.19
CA SER J 88 21.21 13.70 38.99
C SER J 88 19.85 13.24 39.34
N THR J 89 19.54 13.13 40.61
CA THR J 89 18.26 12.65 41.03
C THR J 89 17.36 13.77 41.46
N ILE J 90 16.13 13.75 40.97
CA ILE J 90 15.16 14.77 41.30
C ILE J 90 13.94 14.17 41.95
N CYS J 91 13.62 14.64 43.15
CA CYS J 91 12.46 14.11 43.88
C CYS J 91 11.18 14.92 43.68
N MET J 92 10.12 14.24 43.24
CA MET J 92 8.84 14.88 43.01
C MET J 92 7.81 14.02 43.67
N GLY J 93 6.71 14.57 44.16
CA GLY J 93 5.81 13.63 44.81
C GLY J 93 6.50 13.17 46.08
N GLN J 94 6.83 11.90 46.18
CA GLN J 94 7.49 11.45 47.38
C GLN J 94 8.66 10.57 47.13
N ALA J 95 9.56 10.54 48.08
CA ALA J 95 10.65 9.59 48.06
C ALA J 95 10.69 8.95 49.40
N ALA J 96 10.05 7.81 49.55
CA ALA J 96 10.00 7.23 50.87
C ALA J 96 10.76 5.95 50.94
N SER J 97 11.36 5.70 52.08
CA SER J 97 12.02 4.45 52.36
C SER J 97 13.12 4.20 51.38
N MET J 98 13.06 3.11 50.63
CA MET J 98 14.12 2.86 49.66
C MET J 98 14.16 3.95 48.63
N GLY J 99 13.05 4.63 48.40
CA GLY J 99 13.06 5.70 47.45
C GLY J 99 13.96 6.82 47.93
N ALA J 100 14.01 7.07 49.24
CA ALA J 100 14.83 8.15 49.76
C ALA J 100 16.25 7.74 49.69
N PHE J 101 16.48 6.43 49.89
CA PHE J 101 17.80 5.86 49.86
C PHE J 101 18.44 6.12 48.50
N LEU J 102 17.68 5.89 47.43
CA LEU J 102 18.22 6.14 46.12
C LEU J 102 18.31 7.63 45.88
N LEU J 103 17.39 8.44 46.36
CA LEU J 103 17.49 9.86 46.09
C LEU J 103 18.77 10.49 46.54
N THR J 104 19.25 10.14 47.73
CA THR J 104 20.44 10.78 48.26
C THR J 104 21.69 10.25 47.64
N ALA J 105 21.59 9.23 46.82
CA ALA J 105 22.71 8.54 46.27
C ALA J 105 23.13 9.14 44.95
N GLY J 106 22.46 10.19 44.54
CA GLY J 106 22.82 10.80 43.28
C GLY J 106 24.12 11.59 43.40
N ALA J 107 24.55 12.18 42.31
CA ALA J 107 25.80 12.91 42.30
C ALA J 107 25.76 14.06 43.24
N LYS J 108 26.85 14.29 43.93
CA LYS J 108 26.89 15.38 44.88
C LYS J 108 26.75 16.72 44.20
N GLY J 109 25.85 17.54 44.70
CA GLY J 109 25.65 18.87 44.17
C GLY J 109 24.51 18.86 43.19
N LYS J 110 24.06 17.68 42.82
CA LYS J 110 23.00 17.55 41.87
C LYS J 110 21.77 16.86 42.39
N ARG J 111 21.64 16.74 43.72
CA ARG J 111 20.47 16.08 44.31
C ARG J 111 19.42 17.13 44.61
N PHE J 112 18.31 17.13 43.89
CA PHE J 112 17.34 18.20 44.14
C PHE J 112 15.91 17.73 44.20
N CYS J 113 15.10 18.45 44.97
CA CYS J 113 13.69 18.09 45.12
C CYS J 113 12.81 19.30 44.90
N LEU J 114 11.60 19.06 44.42
CA LEU J 114 10.66 20.14 44.17
C LEU J 114 10.14 20.58 45.52
N PRO J 115 9.72 21.83 45.69
CA PRO J 115 9.31 22.42 46.94
C PRO J 115 8.14 21.84 47.70
N ASN J 116 7.22 21.11 47.09
CA ASN J 116 6.14 20.58 47.92
C ASN J 116 6.24 19.10 48.10
N SER J 117 7.40 18.55 47.83
CA SER J 117 7.62 17.13 47.97
C SER J 117 7.84 16.70 49.41
N ARG J 118 7.85 15.39 49.61
CA ARG J 118 8.13 14.79 50.92
C ARG J 118 9.08 13.65 50.88
N VAL J 119 9.95 13.61 51.86
CA VAL J 119 10.90 12.53 51.98
C VAL J 119 10.71 11.85 53.30
N MET J 120 10.67 10.54 53.30
CA MET J 120 10.51 9.85 54.57
C MET J 120 11.48 8.72 54.73
N ILE J 121 12.09 8.60 55.91
CA ILE J 121 13.07 7.53 56.12
C ILE J 121 12.79 6.65 57.33
N HIS J 122 13.21 5.39 57.27
CA HIS J 122 13.00 4.48 58.41
C HIS J 122 13.77 3.16 58.29
N GLN J 123 14.09 2.56 59.44
CA GLN J 123 14.82 1.28 59.46
C GLN J 123 14.09 0.22 58.65
N PRO J 124 14.75 -0.78 58.04
CA PRO J 124 14.17 -1.80 57.19
C PRO J 124 13.27 -2.77 57.90
N LEU J 125 12.30 -3.28 57.15
CA LEU J 125 11.32 -4.24 57.61
C LEU J 125 11.58 -5.63 57.08
N GLY J 126 11.06 -6.65 57.76
CA GLY J 126 11.18 -8.02 57.28
C GLY J 126 10.48 -8.97 58.22
N GLY J 127 10.73 -10.27 58.10
CA GLY J 127 10.09 -11.24 58.96
C GLY J 127 10.41 -12.67 58.57
N TYR J 128 10.05 -13.61 59.42
CA TYR J 128 10.31 -15.03 59.17
C TYR J 128 9.46 -16.01 59.97
N GLN J 129 9.25 -17.22 59.45
CA GLN J 129 8.58 -18.32 60.16
C GLN J 129 9.43 -19.56 60.10
N GLY J 130 9.60 -20.29 61.19
CA GLY J 130 10.46 -21.49 61.11
C GLY J 130 10.95 -21.99 62.46
N GLN J 131 12.03 -22.76 62.47
CA GLN J 131 12.50 -23.31 63.73
C GLN J 131 13.29 -22.27 64.46
N ALA J 132 13.44 -22.36 65.76
CA ALA J 132 14.22 -21.33 66.43
C ALA J 132 15.59 -21.16 65.81
N THR J 133 16.21 -22.22 65.36
CA THR J 133 17.51 -22.11 64.70
C THR J 133 17.46 -21.28 63.42
N ASP J 134 16.39 -21.36 62.65
CA ASP J 134 16.34 -20.66 61.40
C ASP J 134 16.00 -19.24 61.70
N ILE J 135 15.26 -19.02 62.74
CA ILE J 135 14.89 -17.69 63.08
C ILE J 135 16.14 -16.95 63.41
N GLU J 136 17.05 -17.54 64.16
CA GLU J 136 18.29 -16.84 64.43
C GLU J 136 19.05 -16.47 63.18
N ILE J 137 19.13 -17.35 62.20
CA ILE J 137 19.87 -17.01 61.00
C ILE J 137 19.26 -15.83 60.29
N HIS J 138 17.95 -15.86 60.15
CA HIS J 138 17.30 -14.78 59.45
C HIS J 138 17.31 -13.50 60.25
N ALA J 139 17.25 -13.55 61.56
CA ALA J 139 17.32 -12.33 62.32
C ALA J 139 18.68 -11.71 62.15
N ARG J 140 19.74 -12.50 62.10
CA ARG J 140 21.04 -11.90 61.94
C ARG J 140 21.20 -11.22 60.62
N GLU J 141 20.68 -11.80 59.57
CA GLU J 141 20.83 -11.17 58.28
C GLU J 141 20.13 -9.86 58.21
N ILE J 142 18.93 -9.74 58.77
CA ILE J 142 18.31 -8.44 58.64
C ILE J 142 19.05 -7.41 59.45
N LEU J 143 19.62 -7.77 60.57
CA LEU J 143 20.37 -6.80 61.31
C LEU J 143 21.61 -6.37 60.59
N LYS J 144 22.27 -7.26 59.85
CA LYS J 144 23.42 -6.79 59.11
C LYS J 144 23.02 -5.78 58.07
N VAL J 145 21.88 -5.99 57.44
CA VAL J 145 21.44 -5.03 56.46
C VAL J 145 21.14 -3.72 57.12
N LYS J 146 20.44 -3.72 58.24
CA LYS J 146 20.19 -2.44 58.85
C LYS J 146 21.48 -1.70 59.08
N GLY J 147 22.50 -2.38 59.56
CA GLY J 147 23.77 -1.72 59.80
C GLY J 147 24.39 -1.16 58.53
N ARG J 148 24.32 -1.91 57.46
CA ARG J 148 24.91 -1.43 56.22
C ARG J 148 24.18 -0.24 55.67
N MET J 149 22.87 -0.24 55.76
CA MET J 149 22.13 0.88 55.22
C MET J 149 22.47 2.13 55.98
N ASN J 150 22.68 2.00 57.28
CA ASN J 150 23.02 3.18 58.03
C ASN J 150 24.37 3.71 57.67
N GLU J 151 25.33 2.86 57.35
CA GLU J 151 26.61 3.43 56.97
C GLU J 151 26.50 4.19 55.69
N LEU J 152 25.74 3.68 54.74
CA LEU J 152 25.65 4.36 53.48
C LEU J 152 24.93 5.68 53.66
N MET J 153 23.92 5.74 54.51
CA MET J 153 23.28 7.03 54.74
C MET J 153 24.26 8.01 55.31
N ALA J 154 25.04 7.59 56.29
CA ALA J 154 25.95 8.53 56.87
C ALA J 154 26.96 9.00 55.85
N LEU J 155 27.41 8.12 55.00
CA LEU J 155 28.38 8.51 54.01
C LEU J 155 27.88 9.56 53.07
N HIS J 156 26.67 9.38 52.57
CA HIS J 156 26.12 10.30 51.61
C HIS J 156 25.57 11.58 52.19
N THR J 157 25.09 11.56 53.41
CA THR J 157 24.51 12.76 53.97
C THR J 157 25.45 13.60 54.81
N GLY J 158 26.49 13.03 55.36
CA GLY J 158 27.39 13.84 56.16
C GLY J 158 27.01 13.84 57.63
N GLN J 159 25.98 13.13 58.00
CA GLN J 159 25.57 13.05 59.38
C GLN J 159 26.46 12.02 60.02
N SER J 160 26.64 12.09 61.32
CA SER J 160 27.43 11.06 61.95
C SER J 160 26.65 9.80 61.94
N LEU J 161 27.29 8.67 62.15
CA LEU J 161 26.53 7.46 62.13
C LEU J 161 25.57 7.37 63.27
N GLU J 162 25.94 7.85 64.43
CA GLU J 162 25.06 7.77 65.56
C GLU J 162 23.83 8.60 65.33
N GLN J 163 23.97 9.75 64.70
CA GLN J 163 22.79 10.52 64.45
C GLN J 163 21.89 9.81 63.48
N ILE J 164 22.46 9.14 62.48
CA ILE J 164 21.61 8.41 61.58
C ILE J 164 20.90 7.33 62.29
N GLU J 165 21.59 6.62 63.17
CA GLU J 165 21.00 5.53 63.93
C GLU J 165 19.82 5.94 64.80
N ARG J 166 19.88 7.15 65.35
CA ARG J 166 18.81 7.65 66.22
C ARG J 166 17.59 8.15 65.45
N ASP J 167 17.82 8.66 64.25
CA ASP J 167 16.76 9.18 63.43
C ASP J 167 16.00 8.20 62.61
N THR J 168 16.39 6.94 62.53
CA THR J 168 15.62 6.06 61.68
C THR J 168 14.86 5.04 62.51
N GLU J 169 14.89 5.22 63.82
CA GLU J 169 14.18 4.30 64.72
C GLU J 169 12.67 4.25 64.44
N ARG J 170 12.12 5.40 64.07
CA ARG J 170 10.70 5.54 63.76
C ARG J 170 10.55 6.42 62.52
N ASP J 171 9.49 6.18 61.76
CA ASP J 171 9.24 6.95 60.53
C ASP J 171 9.48 8.44 60.72
N ARG J 172 10.50 8.96 60.05
CA ARG J 172 10.82 10.36 60.13
C ARG J 172 10.43 11.07 58.87
N PHE J 173 9.62 12.10 58.99
CA PHE J 173 9.21 12.82 57.79
C PHE J 173 9.93 14.14 57.68
N LEU J 174 10.39 14.44 56.48
CA LEU J 174 11.07 15.68 56.18
C LEU J 174 10.43 16.47 55.04
N SER J 175 10.22 17.75 55.24
CA SER J 175 9.68 18.61 54.21
C SER J 175 10.81 18.98 53.27
N ALA J 176 10.53 19.56 52.12
CA ALA J 176 11.66 19.83 51.24
C ALA J 176 12.76 20.68 51.89
N PRO J 177 12.50 21.78 52.60
CA PRO J 177 13.53 22.55 53.24
C PRO J 177 14.30 21.81 54.31
N GLU J 178 13.67 20.80 54.89
CA GLU J 178 14.27 20.01 55.96
C GLU J 178 15.25 19.03 55.36
N ALA J 179 14.89 18.50 54.20
CA ALA J 179 15.75 17.55 53.53
C ALA J 179 17.02 18.27 53.13
N VAL J 180 16.89 19.55 52.75
CA VAL J 180 18.06 20.30 52.36
C VAL J 180 18.97 20.53 53.53
N GLU J 181 18.42 20.94 54.67
CA GLU J 181 19.22 21.20 55.86
C GLU J 181 19.85 19.94 56.48
N TYR J 182 19.11 18.84 56.39
CA TYR J 182 19.54 17.57 56.91
C TYR J 182 20.69 17.05 56.10
N GLY J 183 20.60 17.21 54.78
CA GLY J 183 21.66 16.73 53.92
C GLY J 183 21.19 15.64 52.99
N LEU J 184 19.89 15.44 52.83
CA LEU J 184 19.50 14.41 51.91
C LEU J 184 19.55 14.95 50.51
N VAL J 185 19.28 16.23 50.34
CA VAL J 185 19.35 16.82 49.00
C VAL J 185 20.20 18.05 49.06
N ASP J 186 20.67 18.52 47.92
CA ASP J 186 21.46 19.71 47.94
C ASP J 186 20.62 20.94 47.83
N SER J 187 19.53 20.87 47.08
CA SER J 187 18.70 22.05 46.95
C SER J 187 17.30 21.84 46.46
N ILE J 188 16.58 22.94 46.37
CA ILE J 188 15.22 22.96 45.89
C ILE J 188 15.14 23.63 44.55
N LEU J 189 14.54 22.97 43.59
CA LEU J 189 14.39 23.58 42.30
C LEU J 189 13.21 24.48 42.45
N THR J 190 13.18 25.57 41.75
CA THR J 190 12.05 26.47 41.87
C THR J 190 11.38 26.60 40.55
N HIS J 191 12.01 27.34 39.68
CA HIS J 191 11.54 27.51 38.33
C HIS J 191 12.67 27.18 37.42
N ARG J 192 12.33 26.72 36.24
CA ARG J 192 13.31 26.42 35.24
C ARG J 192 14.36 27.50 35.15
N ALA K 1 4.29 1.40 26.81
CA ALA K 1 5.72 1.69 26.87
C ALA K 1 6.33 0.98 28.05
N LEU K 2 6.01 -0.28 28.22
CA LEU K 2 6.65 -0.99 29.31
C LEU K 2 8.13 -1.11 29.06
N VAL K 3 8.49 -1.29 27.81
CA VAL K 3 9.87 -1.39 27.43
C VAL K 3 10.07 -0.34 26.34
N PRO K 4 10.99 0.63 26.50
CA PRO K 4 11.26 1.69 25.57
C PRO K 4 12.01 1.20 24.36
N MET K 5 11.94 1.98 23.30
CA MET K 5 12.65 1.73 22.06
C MET K 5 13.89 2.58 21.97
N VAL K 6 14.91 2.09 21.32
CA VAL K 6 16.07 2.89 21.07
C VAL K 6 16.41 2.87 19.60
N ILE K 7 17.03 3.92 19.11
CA ILE K 7 17.37 4.02 17.69
C ILE K 7 18.85 4.00 17.48
N GLU K 8 19.32 3.24 16.49
CA GLU K 8 20.74 3.18 16.20
C GLU K 8 21.05 3.45 14.73
N GLN K 9 22.09 4.24 14.47
CA GLN K 9 22.45 4.55 13.10
C GLN K 9 23.51 3.62 12.59
N THR K 10 23.42 3.23 11.34
CA THR K 10 24.39 2.36 10.74
C THR K 10 24.91 2.93 9.43
N SER K 11 24.36 2.41 8.35
CA SER K 11 24.65 2.81 6.98
C SER K 11 23.51 3.67 6.54
N ARG K 12 22.41 3.01 6.19
CA ARG K 12 21.17 3.69 5.83
C ARG K 12 20.57 4.40 7.06
N GLY K 13 20.72 3.82 8.25
CA GLY K 13 20.22 4.48 9.47
C GLY K 13 18.83 4.11 9.99
N GLU K 14 18.19 3.08 9.46
CA GLU K 14 16.89 2.75 10.00
C GLU K 14 16.89 1.51 10.85
N ARG K 15 17.04 1.70 12.15
CA ARG K 15 17.02 0.60 13.07
C ARG K 15 16.31 1.03 14.31
N SER K 16 15.26 0.30 14.67
CA SER K 16 14.48 0.58 15.87
C SER K 16 14.42 -0.70 16.65
N PHE K 17 15.04 -0.76 17.83
CA PHE K 17 15.00 -2.00 18.60
C PHE K 17 14.59 -1.87 20.06
N ASP K 18 13.78 -2.82 20.53
CA ASP K 18 13.34 -2.80 21.91
C ASP K 18 14.65 -2.77 22.68
N ILE K 19 14.73 -2.01 23.76
CA ILE K 19 16.00 -1.94 24.46
C ILE K 19 16.58 -3.30 24.84
N TYR K 20 15.77 -4.34 25.05
CA TYR K 20 16.40 -5.59 25.38
C TYR K 20 17.02 -6.26 24.19
N SER K 21 16.51 -6.00 22.99
CA SER K 21 17.08 -6.62 21.82
C SER K 21 18.32 -5.83 21.49
N ARG K 22 18.32 -4.57 21.83
CA ARG K 22 19.48 -3.75 21.60
C ARG K 22 20.64 -4.28 22.37
N LEU K 23 20.40 -4.77 23.59
CA LEU K 23 21.49 -5.32 24.38
C LEU K 23 21.81 -6.74 24.00
N LEU K 24 20.86 -7.53 23.50
CA LEU K 24 21.26 -8.87 23.06
C LEU K 24 22.30 -8.75 21.99
N LYS K 25 22.16 -7.76 21.15
CA LYS K 25 23.09 -7.51 20.09
C LYS K 25 24.53 -7.26 20.58
N GLU K 26 24.67 -6.87 21.85
CA GLU K 26 26.00 -6.58 22.42
C GLU K 26 26.51 -7.77 23.22
N ARG K 27 25.78 -8.87 23.09
CA ARG K 27 26.04 -10.12 23.74
C ARG K 27 25.77 -10.08 25.22
N VAL K 28 24.71 -9.39 25.63
CA VAL K 28 24.29 -9.34 27.01
C VAL K 28 22.93 -9.97 27.23
N ILE K 29 22.88 -10.95 28.10
CA ILE K 29 21.66 -11.66 28.42
C ILE K 29 21.29 -11.44 29.87
N PHE K 30 20.02 -11.14 30.14
CA PHE K 30 19.61 -10.89 31.53
C PHE K 30 18.73 -11.99 32.12
N LEU K 31 19.12 -12.50 33.28
CA LEU K 31 18.37 -13.54 33.96
C LEU K 31 17.78 -13.00 35.22
N THR K 32 16.47 -12.79 35.24
CA THR K 32 15.89 -12.23 36.45
C THR K 32 14.63 -12.94 36.86
N GLY K 33 14.31 -12.85 38.14
CA GLY K 33 13.06 -13.41 38.65
C GLY K 33 13.17 -14.90 38.88
N GLN K 34 12.07 -15.58 39.04
CA GLN K 34 12.13 -17.01 39.35
C GLN K 34 12.64 -17.79 38.18
N VAL K 35 13.43 -18.82 38.42
CA VAL K 35 13.84 -19.66 37.32
C VAL K 35 12.81 -20.75 37.11
N GLU K 36 12.25 -20.81 35.91
CA GLU K 36 11.24 -21.81 35.59
C GLU K 36 11.46 -22.33 34.18
N ASP K 37 10.56 -23.17 33.69
CA ASP K 37 10.71 -23.69 32.34
C ASP K 37 10.56 -22.75 31.17
N HIS K 38 9.64 -21.82 31.19
CA HIS K 38 9.53 -21.02 29.98
C HIS K 38 10.61 -20.02 29.90
N MET K 39 10.94 -19.40 31.00
CA MET K 39 12.02 -18.48 30.95
C MET K 39 13.35 -19.15 30.70
N ALA K 40 13.60 -20.31 31.29
CA ALA K 40 14.88 -20.94 31.07
C ALA K 40 15.05 -21.28 29.62
N ASN K 41 13.94 -21.70 29.01
CA ASN K 41 13.92 -22.05 27.61
C ASN K 41 14.32 -20.89 26.71
N LEU K 42 13.99 -19.67 27.12
CA LEU K 42 14.34 -18.54 26.32
C LEU K 42 15.81 -18.21 26.49
N ILE K 43 16.34 -18.36 27.69
CA ILE K 43 17.76 -18.07 27.92
C ILE K 43 18.59 -19.01 27.07
N VAL K 44 18.23 -20.27 27.02
CA VAL K 44 18.99 -21.17 26.20
C VAL K 44 18.94 -20.77 24.75
N ALA K 45 17.79 -20.40 24.23
CA ALA K 45 17.76 -20.02 22.84
C ALA K 45 18.67 -18.84 22.57
N GLN K 46 18.73 -17.88 23.47
CA GLN K 46 19.59 -16.74 23.24
C GLN K 46 21.04 -17.14 23.26
N MET K 47 21.45 -18.04 24.14
CA MET K 47 22.85 -18.40 24.12
C MET K 47 23.23 -19.15 22.88
N LEU K 48 22.38 -20.03 22.37
CA LEU K 48 22.76 -20.77 21.18
C LEU K 48 22.89 -19.82 20.03
N PHE K 49 22.01 -18.83 20.00
CA PHE K 49 22.01 -17.81 18.96
C PHE K 49 23.32 -17.03 18.95
N LEU K 50 23.82 -16.65 20.13
CA LEU K 50 25.05 -15.90 20.17
C LEU K 50 26.25 -16.76 19.86
N GLU K 51 26.21 -18.02 20.26
CA GLU K 51 27.32 -18.94 20.01
C GLU K 51 27.57 -19.03 18.51
N ALA K 52 26.49 -19.12 17.74
CA ALA K 52 26.59 -19.20 16.31
C ALA K 52 27.00 -17.90 15.69
N GLU K 53 26.47 -16.78 16.19
CA GLU K 53 26.83 -15.48 15.67
C GLU K 53 28.35 -15.25 15.62
N ASN K 54 29.05 -15.62 16.68
CA ASN K 54 30.49 -15.46 16.76
C ASN K 54 31.08 -16.34 17.84
N PRO K 55 31.56 -17.52 17.53
CA PRO K 55 32.05 -18.51 18.44
C PRO K 55 33.23 -18.10 19.28
N GLU K 56 33.87 -17.00 18.89
CA GLU K 56 35.08 -16.57 19.57
C GLU K 56 34.91 -15.44 20.56
N LYS K 57 33.67 -15.07 20.88
CA LYS K 57 33.54 -13.97 21.84
C LYS K 57 32.70 -14.29 23.05
N ASP K 58 33.06 -13.68 24.16
CA ASP K 58 32.37 -13.89 25.42
C ASP K 58 30.95 -13.45 25.41
N ILE K 59 30.15 -14.12 26.23
CA ILE K 59 28.75 -13.83 26.46
C ILE K 59 28.58 -13.39 27.89
N TYR K 60 27.87 -12.29 28.13
CA TYR K 60 27.72 -11.80 29.49
C TYR K 60 26.33 -12.10 30.05
N LEU K 61 26.28 -12.73 31.22
CA LEU K 61 25.00 -13.04 31.81
C LEU K 61 24.84 -12.30 33.11
N TYR K 62 23.82 -11.44 33.17
CA TYR K 62 23.54 -10.66 34.37
C TYR K 62 22.54 -11.45 35.20
N ILE K 63 22.86 -11.66 36.47
CA ILE K 63 21.97 -12.42 37.32
C ILE K 63 21.41 -11.66 38.48
N ASN K 64 20.10 -11.69 38.59
CA ASN K 64 19.37 -11.10 39.71
C ASN K 64 18.16 -11.92 40.00
N SER K 65 18.26 -12.91 40.89
CA SER K 65 17.11 -13.78 41.08
C SER K 65 17.09 -14.51 42.40
N PRO K 66 15.90 -14.76 42.97
CA PRO K 66 15.64 -15.48 44.18
C PRO K 66 15.75 -16.96 44.13
N GLY K 67 15.89 -17.56 42.99
CA GLY K 67 15.91 -19.01 43.00
C GLY K 67 14.98 -19.54 41.97
N GLY K 68 14.58 -20.78 42.11
CA GLY K 68 13.71 -21.37 41.13
C GLY K 68 13.78 -22.87 41.10
N VAL K 69 13.29 -23.43 40.04
CA VAL K 69 13.18 -24.86 39.82
C VAL K 69 14.50 -25.46 39.43
N ILE K 70 14.96 -26.51 40.08
CA ILE K 70 16.26 -27.06 39.72
C ILE K 70 16.25 -27.62 38.33
N THR K 71 15.24 -28.35 37.97
CA THR K 71 15.21 -28.91 36.65
C THR K 71 15.32 -27.86 35.59
N ALA K 72 14.60 -26.76 35.69
CA ALA K 72 14.72 -25.76 34.67
C ALA K 72 16.08 -25.14 34.67
N GLY K 73 16.62 -24.86 35.84
CA GLY K 73 17.92 -24.22 35.91
C GLY K 73 19.03 -25.06 35.34
N MET K 74 18.95 -26.36 35.49
CA MET K 74 19.99 -27.22 34.97
C MET K 74 20.08 -27.21 33.47
N SER K 75 19.07 -26.74 32.75
CA SER K 75 19.22 -26.72 31.32
C SER K 75 20.08 -25.53 30.91
N ILE K 76 20.15 -24.51 31.76
CA ILE K 76 20.96 -23.37 31.47
C ILE K 76 22.35 -23.80 31.78
N TYR K 77 22.51 -24.48 32.90
CA TYR K 77 23.82 -24.94 33.28
C TYR K 77 24.44 -25.80 32.21
N ASP K 78 23.73 -26.80 31.71
CA ASP K 78 24.37 -27.59 30.70
C ASP K 78 24.66 -26.84 29.44
N THR K 79 23.81 -25.93 29.03
CA THR K 79 24.15 -25.21 27.83
C THR K 79 25.41 -24.39 28.04
N MET K 80 25.55 -23.74 29.18
CA MET K 80 26.73 -22.94 29.38
C MET K 80 27.99 -23.76 29.28
N GLN K 81 27.96 -25.00 29.72
CA GLN K 81 29.15 -25.81 29.67
C GLN K 81 29.40 -26.37 28.27
N PHE K 82 28.35 -26.66 27.54
CA PHE K 82 28.47 -27.22 26.22
C PHE K 82 29.06 -26.26 25.19
N ILE K 83 28.55 -25.04 25.13
CA ILE K 83 28.95 -24.14 24.06
C ILE K 83 30.40 -23.71 24.14
N LYS K 84 30.94 -23.27 23.01
CA LYS K 84 32.33 -22.88 22.95
C LYS K 84 32.81 -21.60 23.67
N PRO K 85 32.25 -20.40 23.50
CA PRO K 85 32.74 -19.19 24.10
C PRO K 85 32.50 -19.18 25.58
N ASP K 86 33.32 -18.45 26.32
CA ASP K 86 33.12 -18.31 27.74
C ASP K 86 31.89 -17.53 28.11
N VAL K 87 31.24 -17.96 29.17
CA VAL K 87 30.14 -17.21 29.71
C VAL K 87 30.58 -16.56 30.98
N SER K 88 30.51 -15.26 31.04
CA SER K 88 30.90 -14.53 32.21
C SER K 88 29.69 -14.07 32.96
N THR K 89 29.55 -14.48 34.19
CA THR K 89 28.38 -14.15 34.96
C THR K 89 28.64 -13.03 35.95
N ILE K 90 27.70 -12.12 36.05
CA ILE K 90 27.81 -11.01 36.99
C ILE K 90 26.62 -10.98 37.91
N CYS K 91 26.85 -11.00 39.22
CA CYS K 91 25.74 -10.98 40.17
C CYS K 91 25.44 -9.59 40.72
N MET K 92 24.19 -9.15 40.57
CA MET K 92 23.77 -7.86 41.07
C MET K 92 22.50 -8.03 41.83
N GLY K 93 22.29 -7.26 42.87
CA GLY K 93 21.06 -7.49 43.59
C GLY K 93 21.26 -8.74 44.43
N GLN K 94 20.84 -9.86 43.92
CA GLN K 94 21.01 -11.09 44.67
C GLN K 94 21.10 -12.29 43.80
N ALA K 95 21.70 -13.32 44.32
CA ALA K 95 21.71 -14.60 43.66
C ALA K 95 21.46 -15.66 44.69
N ALA K 96 20.23 -16.08 44.83
CA ALA K 96 19.95 -17.03 45.88
C ALA K 96 19.62 -18.36 45.32
N SER K 97 19.99 -19.39 46.04
CA SER K 97 19.61 -20.74 45.72
C SER K 97 20.07 -21.13 44.35
N MET K 98 19.16 -21.46 43.47
CA MET K 98 19.57 -21.83 42.15
C MET K 98 20.25 -20.67 41.45
N GLY K 99 19.95 -19.45 41.84
CA GLY K 99 20.60 -18.33 41.22
C GLY K 99 22.09 -18.40 41.51
N ALA K 100 22.45 -18.70 42.76
CA ALA K 100 23.85 -18.77 43.14
C ALA K 100 24.52 -19.90 42.44
N PHE K 101 23.81 -20.98 42.25
CA PHE K 101 24.41 -22.10 41.58
C PHE K 101 24.80 -21.73 40.20
N LEU K 102 23.92 -21.10 39.45
CA LEU K 102 24.31 -20.73 38.11
C LEU K 102 25.41 -19.69 38.15
N LEU K 103 25.41 -18.80 39.11
CA LEU K 103 26.45 -17.78 39.16
C LEU K 103 27.84 -18.37 39.16
N THR K 104 28.07 -19.41 39.95
CA THR K 104 29.41 -19.95 40.06
C THR K 104 29.79 -20.82 38.90
N ALA K 105 28.87 -21.06 38.00
CA ALA K 105 29.09 -21.96 36.90
C ALA K 105 29.68 -21.23 35.72
N GLY K 106 29.92 -19.94 35.86
CA GLY K 106 30.48 -19.19 34.76
C GLY K 106 31.95 -19.51 34.59
N ALA K 107 32.57 -18.97 33.56
CA ALA K 107 33.97 -19.24 33.26
C ALA K 107 34.87 -18.79 34.36
N LYS K 108 35.86 -19.59 34.68
CA LYS K 108 36.77 -19.27 35.76
C LYS K 108 37.53 -18.02 35.51
N GLY K 109 37.55 -17.12 36.49
CA GLY K 109 38.28 -15.89 36.38
C GLY K 109 37.37 -14.79 35.93
N LYS K 110 36.18 -15.17 35.51
CA LYS K 110 35.21 -14.23 35.03
C LYS K 110 33.94 -14.15 35.84
N ARG K 111 33.90 -14.71 37.07
CA ARG K 111 32.70 -14.59 37.90
C ARG K 111 32.81 -13.33 38.74
N PHE K 112 31.95 -12.34 38.53
CA PHE K 112 32.10 -11.11 39.32
C PHE K 112 30.79 -10.58 39.87
N CYS K 113 30.86 -9.98 41.06
CA CYS K 113 29.65 -9.45 41.69
C CYS K 113 29.86 -8.04 42.17
N LEU K 114 28.75 -7.28 42.24
CA LEU K 114 28.83 -5.91 42.69
C LEU K 114 28.93 -5.90 44.20
N PRO K 115 29.53 -4.87 44.80
CA PRO K 115 29.79 -4.76 46.21
C PRO K 115 28.65 -4.78 47.19
N ASN K 116 27.42 -4.42 46.82
CA ASN K 116 26.38 -4.48 47.84
C ASN K 116 25.43 -5.63 47.60
N SER K 117 25.83 -6.57 46.79
CA SER K 117 25.00 -7.71 46.51
C SER K 117 25.03 -8.78 47.61
N ARG K 118 24.14 -9.74 47.51
CA ARG K 118 24.08 -10.88 48.41
C ARG K 118 23.91 -12.19 47.71
N VAL K 119 24.58 -13.18 48.22
CA VAL K 119 24.47 -14.52 47.68
C VAL K 119 24.03 -15.46 48.77
N MET K 120 23.08 -16.32 48.48
CA MET K 120 22.65 -17.23 49.53
C MET K 120 22.54 -18.65 49.01
N ILE K 121 23.01 -19.61 49.79
CA ILE K 121 22.95 -21.01 49.35
C ILE K 121 22.28 -21.95 50.34
N HIS K 122 21.65 -23.00 49.85
CA HIS K 122 21.02 -23.97 50.73
C HIS K 122 20.74 -25.30 50.04
N GLN K 123 20.54 -26.37 50.80
CA GLN K 123 20.12 -27.67 50.27
C GLN K 123 18.75 -27.56 49.60
N PRO K 124 18.41 -28.37 48.58
CA PRO K 124 17.17 -28.34 47.84
C PRO K 124 15.95 -28.72 48.65
N LEU K 125 14.83 -28.14 48.26
CA LEU K 125 13.53 -28.38 48.86
C LEU K 125 12.67 -29.25 47.99
N GLY K 126 11.69 -29.90 48.57
CA GLY K 126 10.75 -30.70 47.78
C GLY K 126 9.69 -31.31 48.67
N GLY K 127 8.94 -32.28 48.15
CA GLY K 127 7.90 -32.91 48.96
C GLY K 127 7.07 -33.89 48.14
N TYR K 128 6.27 -34.68 48.82
CA TYR K 128 5.43 -35.69 48.18
C TYR K 128 4.27 -36.21 49.00
N GLN K 129 3.19 -36.66 48.36
CA GLN K 129 2.07 -37.31 49.04
C GLN K 129 1.79 -38.64 48.37
N GLY K 130 1.48 -39.70 49.11
CA GLY K 130 1.21 -40.97 48.42
C GLY K 130 1.34 -42.19 49.32
N GLN K 131 1.52 -43.36 48.73
CA GLN K 131 1.60 -44.57 49.53
C GLN K 131 2.99 -44.70 50.07
N ALA K 132 3.20 -45.45 51.13
CA ALA K 132 4.56 -45.55 51.65
C ALA K 132 5.54 -46.00 50.57
N THR K 133 5.15 -46.91 49.68
CA THR K 133 6.04 -47.31 48.61
C THR K 133 6.44 -46.14 47.71
N ASP K 134 5.54 -45.20 47.45
CA ASP K 134 5.86 -44.13 46.52
C ASP K 134 6.65 -43.10 47.23
N ILE K 135 6.40 -42.94 48.50
CA ILE K 135 7.12 -41.95 49.24
C ILE K 135 8.56 -42.32 49.19
N GLU K 136 8.88 -43.59 49.37
CA GLU K 136 10.27 -43.97 49.27
C GLU K 136 10.91 -43.62 47.95
N ILE K 137 10.23 -43.86 46.84
CA ILE K 137 10.85 -43.55 45.56
C ILE K 137 11.14 -42.09 45.42
N HIS K 138 10.21 -41.25 45.80
CA HIS K 138 10.43 -39.84 45.67
C HIS K 138 11.45 -39.33 46.67
N ALA K 139 11.53 -39.92 47.85
CA ALA K 139 12.55 -39.48 48.79
C ALA K 139 13.93 -39.80 48.25
N ARG K 140 14.09 -40.96 47.62
CA ARG K 140 15.40 -41.30 47.09
C ARG K 140 15.83 -40.35 46.01
N GLU K 141 14.92 -39.95 45.15
CA GLU K 141 15.32 -39.08 44.09
C GLU K 141 15.74 -37.74 44.61
N ILE K 142 15.07 -37.17 45.60
CA ILE K 142 15.55 -35.88 46.01
C ILE K 142 16.89 -35.98 46.65
N LEU K 143 17.16 -37.07 47.35
CA LEU K 143 18.47 -37.18 47.94
C LEU K 143 19.55 -37.32 46.89
N LYS K 144 19.29 -38.01 45.79
CA LYS K 144 20.33 -38.06 44.77
C LYS K 144 20.61 -36.71 44.20
N VAL K 145 19.58 -35.89 44.05
CA VAL K 145 19.82 -34.57 43.54
C VAL K 145 20.64 -33.78 44.51
N LYS K 146 20.33 -33.85 45.80
CA LYS K 146 21.14 -33.10 46.73
C LYS K 146 22.59 -33.48 46.55
N GLY K 147 22.86 -34.76 46.42
CA GLY K 147 24.21 -35.22 46.25
C GLY K 147 24.87 -34.62 45.03
N ARG K 148 24.20 -34.67 43.90
CA ARG K 148 24.79 -34.15 42.68
C ARG K 148 25.02 -32.67 42.74
N MET K 149 24.12 -31.93 43.36
CA MET K 149 24.32 -30.50 43.44
C MET K 149 25.53 -30.18 44.27
N ASN K 150 25.82 -31.00 45.28
CA ASN K 150 26.96 -30.72 46.11
C ASN K 150 28.23 -31.01 45.38
N GLU K 151 28.23 -32.03 44.53
CA GLU K 151 29.46 -32.31 43.81
C GLU K 151 29.80 -31.17 42.90
N LEU K 152 28.81 -30.60 42.26
CA LEU K 152 29.11 -29.52 41.35
C LEU K 152 29.53 -28.29 42.11
N MET K 153 28.97 -28.00 43.27
CA MET K 153 29.47 -26.86 44.01
C MET K 153 30.92 -27.06 44.35
N ALA K 154 31.27 -28.24 44.81
CA ALA K 154 32.66 -28.43 45.18
C ALA K 154 33.55 -28.31 43.96
N LEU K 155 33.13 -28.82 42.84
CA LEU K 155 33.96 -28.73 41.66
C LEU K 155 34.24 -27.32 41.24
N HIS K 156 33.22 -26.48 41.22
CA HIS K 156 33.41 -25.14 40.76
C HIS K 156 34.01 -24.21 41.81
N THR K 157 33.77 -24.45 43.08
CA THR K 157 34.29 -23.50 44.06
C THR K 157 35.63 -23.85 44.65
N GLY K 158 36.03 -25.10 44.63
CA GLY K 158 37.33 -25.44 45.21
C GLY K 158 37.25 -25.85 46.66
N GLN K 159 36.07 -25.81 47.24
CA GLN K 159 35.91 -26.23 48.60
C GLN K 159 35.85 -27.72 48.59
N SER K 160 36.20 -28.36 49.67
CA SER K 160 36.12 -29.80 49.70
C SER K 160 34.68 -30.18 49.71
N LEU K 161 34.38 -31.43 49.39
CA LEU K 161 32.99 -31.80 49.40
C LEU K 161 32.41 -31.78 50.78
N GLU K 162 33.16 -32.18 51.77
CA GLU K 162 32.64 -32.19 53.11
C GLU K 162 32.33 -30.79 53.56
N GLN K 163 33.15 -29.83 53.18
CA GLN K 163 32.85 -28.48 53.59
C GLN K 163 31.60 -28.00 52.91
N ILE K 164 31.38 -28.36 51.66
CA ILE K 164 30.15 -27.94 51.03
C ILE K 164 28.99 -28.56 51.72
N GLU K 165 29.06 -29.82 52.08
CA GLU K 165 27.90 -30.35 52.73
C GLU K 165 27.59 -29.67 54.03
N ARG K 166 28.59 -29.36 54.84
CA ARG K 166 28.24 -28.74 56.10
C ARG K 166 27.60 -27.38 55.93
N ASP K 167 28.08 -26.63 54.97
CA ASP K 167 27.58 -25.30 54.78
C ASP K 167 26.25 -25.14 54.14
N THR K 168 25.62 -26.20 53.66
CA THR K 168 24.34 -25.99 53.01
C THR K 168 23.23 -26.57 53.83
N GLU K 169 23.53 -27.02 55.04
CA GLU K 169 22.51 -27.58 55.91
C GLU K 169 21.34 -26.60 56.17
N ARG K 170 21.67 -25.34 56.36
CA ARG K 170 20.69 -24.30 56.62
C ARG K 170 21.08 -23.09 55.82
N ASP K 171 20.14 -22.20 55.56
CA ASP K 171 20.42 -21.05 54.73
C ASP K 171 21.69 -20.34 55.14
N ARG K 172 22.59 -20.19 54.21
CA ARG K 172 23.83 -19.50 54.47
C ARG K 172 23.93 -18.24 53.67
N PHE K 173 24.11 -17.11 54.31
CA PHE K 173 24.21 -15.86 53.59
C PHE K 173 25.63 -15.38 53.50
N LEU K 174 26.04 -14.95 52.32
CA LEU K 174 27.37 -14.43 52.09
C LEU K 174 27.35 -13.04 51.49
N SER K 175 28.12 -12.14 52.05
CA SER K 175 28.19 -10.78 51.53
C SER K 175 29.14 -10.78 50.35
N ALA K 176 29.20 -9.72 49.57
CA ALA K 176 30.08 -9.82 48.42
C ALA K 176 31.52 -10.18 48.77
N PRO K 177 32.20 -9.59 49.77
CA PRO K 177 33.55 -9.96 50.11
C PRO K 177 33.70 -11.38 50.58
N GLU K 178 32.63 -11.99 51.06
CA GLU K 178 32.73 -13.34 51.55
C GLU K 178 32.58 -14.26 50.40
N ALA K 179 31.77 -13.89 49.44
CA ALA K 179 31.61 -14.74 48.29
C ALA K 179 32.96 -14.86 47.60
N VAL K 180 33.72 -13.78 47.62
CA VAL K 180 35.04 -13.81 47.00
C VAL K 180 35.96 -14.74 47.74
N GLU K 181 36.01 -14.61 49.05
CA GLU K 181 36.88 -15.47 49.83
C GLU K 181 36.49 -16.93 49.77
N TYR K 182 35.20 -17.19 49.81
CA TYR K 182 34.65 -18.52 49.81
C TYR K 182 35.02 -19.18 48.51
N GLY K 183 34.95 -18.43 47.42
CA GLY K 183 35.26 -18.98 46.13
C GLY K 183 34.08 -19.02 45.20
N LEU K 184 33.00 -18.32 45.51
CA LEU K 184 31.89 -18.37 44.59
C LEU K 184 32.17 -17.40 43.46
N VAL K 185 32.86 -16.31 43.73
CA VAL K 185 33.16 -15.37 42.67
C VAL K 185 34.63 -15.06 42.66
N ASP K 186 35.14 -14.53 41.57
CA ASP K 186 36.54 -14.22 41.51
C ASP K 186 36.84 -12.83 41.99
N SER K 187 35.95 -11.88 41.74
CA SER K 187 36.25 -10.53 42.18
C SER K 187 35.05 -9.61 42.26
N ILE K 188 35.27 -8.45 42.86
CA ILE K 188 34.25 -7.44 42.99
C ILE K 188 34.52 -6.27 42.08
N LEU K 189 33.54 -5.90 41.29
CA LEU K 189 33.68 -4.77 40.38
C LEU K 189 33.46 -3.56 41.24
N THR K 190 34.10 -2.46 40.96
CA THR K 190 33.89 -1.28 41.79
C THR K 190 33.41 -0.10 41.02
N HIS K 191 34.31 0.52 40.28
CA HIS K 191 33.98 1.66 39.45
C HIS K 191 34.56 1.50 38.09
N ARG K 192 33.94 2.13 37.11
CA ARG K 192 34.46 2.15 35.77
C ARG K 192 35.91 2.56 35.76
N ALA L 1 10.02 -6.59 25.18
CA ALA L 1 10.71 -7.81 24.78
C ALA L 1 10.34 -8.98 25.61
N LEU L 2 9.19 -9.56 25.38
CA LEU L 2 8.99 -10.80 26.06
C LEU L 2 9.91 -11.78 25.36
N VAL L 3 9.96 -11.67 24.04
CA VAL L 3 10.81 -12.46 23.18
C VAL L 3 11.62 -11.49 22.35
N PRO L 4 12.95 -11.52 22.37
CA PRO L 4 13.84 -10.63 21.66
C PRO L 4 13.86 -10.87 20.18
N MET L 5 14.23 -9.83 19.44
CA MET L 5 14.39 -9.89 18.00
C MET L 5 15.84 -10.05 17.59
N VAL L 6 16.08 -10.72 16.50
CA VAL L 6 17.43 -10.82 15.99
C VAL L 6 17.44 -10.36 14.55
N ILE L 7 18.56 -9.87 14.07
CA ILE L 7 18.62 -9.39 12.69
C ILE L 7 19.49 -10.24 11.81
N GLU L 8 18.96 -10.63 10.65
CA GLU L 8 19.71 -11.46 9.72
C GLU L 8 20.33 -10.69 8.55
N GLN L 9 21.21 -11.38 7.83
CA GLN L 9 21.90 -10.86 6.67
C GLN L 9 21.82 -11.89 5.60
N THR L 10 21.16 -11.59 4.51
CA THR L 10 20.99 -12.60 3.47
C THR L 10 21.41 -12.05 2.14
N SER L 11 20.46 -11.38 1.51
CA SER L 11 20.63 -10.77 0.21
C SER L 11 20.19 -9.34 0.33
N ARG L 12 18.89 -9.12 0.21
CA ARG L 12 18.35 -7.79 0.34
C ARG L 12 18.30 -7.28 1.77
N GLY L 13 17.98 -8.17 2.72
CA GLY L 13 17.89 -7.78 4.13
C GLY L 13 19.16 -8.24 4.82
N GLU L 14 19.32 -8.06 6.15
CA GLU L 14 18.44 -7.55 7.21
C GLU L 14 17.36 -8.55 7.52
N ARG L 15 16.10 -8.13 7.63
CA ARG L 15 15.02 -9.02 8.05
C ARG L 15 15.07 -9.17 9.55
N SER L 16 14.00 -8.81 10.22
CA SER L 16 13.99 -8.90 11.65
C SER L 16 13.16 -10.07 12.08
N PHE L 17 13.76 -10.97 12.84
CA PHE L 17 13.05 -12.16 13.32
C PHE L 17 12.72 -12.08 14.81
N ASP L 18 11.69 -12.82 15.21
CA ASP L 18 11.26 -12.85 16.61
C ASP L 18 11.89 -14.04 17.33
N ILE L 19 13.22 -14.12 17.27
CA ILE L 19 13.96 -15.20 17.90
C ILE L 19 13.54 -16.63 17.59
N TYR L 20 12.36 -17.01 18.08
CA TYR L 20 11.84 -18.36 17.89
C TYR L 20 11.62 -18.72 16.42
N SER L 21 11.39 -17.72 15.59
CA SER L 21 11.17 -17.97 14.18
C SER L 21 12.51 -18.13 13.57
N ARG L 22 13.48 -17.41 14.13
CA ARG L 22 14.86 -17.48 13.67
C ARG L 22 15.39 -18.91 13.77
N LEU L 23 15.00 -19.62 14.81
CA LEU L 23 15.47 -20.99 14.96
C LEU L 23 14.62 -21.97 14.19
N LEU L 24 13.33 -21.71 13.99
CA LEU L 24 12.55 -22.63 13.16
C LEU L 24 13.16 -22.71 11.79
N LYS L 25 13.67 -21.61 11.33
CA LYS L 25 14.29 -21.52 10.04
C LYS L 25 15.49 -22.46 9.91
N GLU L 26 16.09 -22.84 11.03
CA GLU L 26 17.26 -23.72 11.02
C GLU L 26 16.88 -25.16 11.31
N ARG L 27 15.59 -25.40 11.32
CA ARG L 27 15.00 -26.69 11.56
C ARG L 27 15.07 -27.14 13.01
N VAL L 28 14.93 -26.20 13.95
CA VAL L 28 14.87 -26.54 15.36
C VAL L 28 13.51 -26.22 15.94
N ILE L 29 12.87 -27.21 16.51
CA ILE L 29 11.56 -27.09 17.12
C ILE L 29 11.63 -27.33 18.60
N PHE L 30 11.04 -26.48 19.40
CA PHE L 30 11.08 -26.72 20.84
C PHE L 30 9.78 -27.25 21.37
N LEU L 31 9.85 -28.19 22.28
CA LEU L 31 8.70 -28.72 22.98
C LEU L 31 8.84 -28.51 24.45
N THR L 32 8.10 -27.57 25.01
CA THR L 32 8.24 -27.35 26.44
C THR L 32 6.92 -27.23 27.12
N GLY L 33 6.91 -27.52 28.41
CA GLY L 33 5.72 -27.35 29.23
C GLY L 33 4.77 -28.53 29.07
N GLN L 34 3.55 -28.40 29.52
CA GLN L 34 2.63 -29.52 29.46
C GLN L 34 2.28 -29.86 28.07
N VAL L 35 2.12 -31.13 27.76
CA VAL L 35 1.65 -31.50 26.44
C VAL L 35 0.14 -31.46 26.41
N GLU L 36 -0.40 -30.63 25.53
CA GLU L 36 -1.85 -30.50 25.42
C GLU L 36 -2.22 -30.40 23.96
N ASP L 37 -3.50 -30.13 23.68
CA ASP L 37 -3.92 -30.01 22.29
C ASP L 37 -3.47 -28.81 21.50
N HIS L 38 -3.46 -27.63 22.06
CA HIS L 38 -3.12 -26.52 21.20
C HIS L 38 -1.66 -26.47 20.91
N MET L 39 -0.86 -26.71 21.91
CA MET L 39 0.55 -26.72 21.69
C MET L 39 0.96 -27.89 20.81
N ALA L 40 0.38 -29.06 20.99
CA ALA L 40 0.78 -30.17 20.17
C ALA L 40 0.46 -29.90 18.74
N ASN L 41 -0.70 -29.27 18.52
CA ASN L 41 -1.16 -28.94 17.19
C ASN L 41 -0.19 -28.02 16.47
N LEU L 42 0.45 -27.12 17.21
CA LEU L 42 1.38 -26.21 16.59
C LEU L 42 2.65 -26.95 16.21
N ILE L 43 3.11 -27.87 17.02
CA ILE L 43 4.30 -28.63 16.66
C ILE L 43 4.05 -29.44 15.42
N VAL L 44 2.91 -30.05 15.30
CA VAL L 44 2.68 -30.79 14.09
C VAL L 44 2.74 -29.86 12.90
N ALA L 45 2.14 -28.68 12.97
CA ALA L 45 2.23 -27.80 11.82
C ALA L 45 3.66 -27.48 11.47
N GLN L 46 4.52 -27.27 12.46
CA GLN L 46 5.90 -26.98 12.14
C GLN L 46 6.60 -28.14 11.51
N MET L 47 6.35 -29.35 11.95
CA MET L 47 7.05 -30.44 11.31
C MET L 47 6.61 -30.64 9.89
N LEU L 48 5.34 -30.46 9.59
CA LEU L 48 4.91 -30.66 8.21
C LEU L 48 5.52 -29.61 7.32
N PHE L 49 5.61 -28.39 7.86
CA PHE L 49 6.19 -27.27 7.15
C PHE L 49 7.65 -27.51 6.80
N LEU L 50 8.44 -28.06 7.73
CA LEU L 50 9.82 -28.32 7.45
C LEU L 50 10.01 -29.46 6.49
N GLU L 51 9.15 -30.47 6.58
CA GLU L 51 9.23 -31.63 5.71
C GLU L 51 9.13 -31.19 4.25
N ALA L 52 8.24 -30.24 3.98
CA ALA L 52 8.07 -29.74 2.65
C ALA L 52 9.22 -28.88 2.19
N GLU L 53 9.77 -28.08 3.08
CA GLU L 53 10.90 -27.21 2.74
C GLU L 53 12.08 -27.97 2.16
N ASN L 54 12.43 -29.11 2.77
CA ASN L 54 13.54 -29.91 2.31
C ASN L 54 13.42 -31.30 2.87
N PRO L 55 12.83 -32.23 2.14
CA PRO L 55 12.53 -33.57 2.56
C PRO L 55 13.71 -34.40 2.93
N GLU L 56 14.91 -33.94 2.59
CA GLU L 56 16.11 -34.72 2.83
C GLU L 56 16.95 -34.28 4.03
N LYS L 57 16.44 -33.35 4.83
CA LYS L 57 17.26 -32.95 5.98
C LYS L 57 16.62 -33.18 7.32
N ASP L 58 17.44 -33.49 8.29
CA ASP L 58 16.97 -33.76 9.64
C ASP L 58 16.29 -32.60 10.28
N ILE L 59 15.37 -32.93 11.18
CA ILE L 59 14.63 -32.01 12.01
C ILE L 59 15.02 -32.23 13.45
N TYR L 60 15.33 -31.17 14.17
CA TYR L 60 15.74 -31.33 15.56
C TYR L 60 14.65 -30.91 16.54
N LEU L 61 14.31 -31.80 17.47
CA LEU L 61 13.28 -31.47 18.44
C LEU L 61 13.89 -31.42 19.82
N TYR L 62 13.82 -30.25 20.45
CA TYR L 62 14.36 -30.05 21.79
C TYR L 62 13.24 -30.34 22.77
N ILE L 63 13.50 -31.24 23.71
CA ILE L 63 12.46 -31.60 24.67
C ILE L 63 12.77 -31.26 26.08
N ASN L 64 11.86 -30.53 26.72
CA ASN L 64 11.96 -30.20 28.12
C ASN L 64 10.57 -30.09 28.71
N SER L 65 10.00 -31.18 29.18
CA SER L 65 8.62 -31.11 29.63
C SER L 65 8.28 -32.16 30.67
N PRO L 66 7.41 -31.83 31.64
CA PRO L 66 6.91 -32.66 32.68
C PRO L 66 5.92 -33.72 32.31
N GLY L 67 5.35 -33.69 31.13
CA GLY L 67 4.35 -34.68 30.83
C GLY L 67 3.16 -34.02 30.21
N GLY L 68 2.02 -34.69 30.19
CA GLY L 68 0.84 -34.12 29.57
C GLY L 68 -0.16 -35.17 29.12
N VAL L 69 -1.04 -34.75 28.23
CA VAL L 69 -2.14 -35.54 27.73
C VAL L 69 -1.69 -36.53 26.68
N ILE L 70 -2.06 -37.79 26.83
CA ILE L 70 -1.60 -38.78 25.86
C ILE L 70 -2.15 -38.53 24.51
N THR L 71 -3.42 -38.26 24.38
CA THR L 71 -3.93 -38.04 23.06
C THR L 71 -3.18 -36.97 22.31
N ALA L 72 -2.92 -35.84 22.93
CA ALA L 72 -2.21 -34.80 22.22
C ALA L 72 -0.83 -35.27 21.83
N GLY L 73 -0.16 -35.96 22.75
CA GLY L 73 1.17 -36.44 22.48
C GLY L 73 1.19 -37.46 21.36
N MET L 74 0.15 -38.25 21.22
CA MET L 74 0.18 -39.23 20.17
C MET L 74 0.08 -38.60 18.82
N SER L 75 -0.55 -37.44 18.68
CA SER L 75 -0.58 -36.88 17.35
C SER L 75 0.82 -36.49 16.93
N ILE L 76 1.67 -36.10 17.89
CA ILE L 76 3.04 -35.78 17.54
C ILE L 76 3.76 -37.03 17.17
N TYR L 77 3.60 -38.08 17.95
CA TYR L 77 4.27 -39.32 17.65
C TYR L 77 3.96 -39.79 16.26
N ASP L 78 2.70 -39.83 15.89
CA ASP L 78 2.41 -40.31 14.56
C ASP L 78 2.99 -39.45 13.48
N THR L 79 3.01 -38.15 13.65
CA THR L 79 3.58 -37.34 12.61
C THR L 79 5.05 -37.64 12.47
N MET L 80 5.76 -37.80 13.57
CA MET L 80 7.18 -38.06 13.44
C MET L 80 7.45 -39.33 12.67
N GLN L 81 6.62 -40.33 12.84
CA GLN L 81 6.87 -41.57 12.14
C GLN L 81 6.48 -41.51 10.67
N PHE L 82 5.44 -40.76 10.37
CA PHE L 82 4.95 -40.63 9.01
C PHE L 82 5.89 -39.89 8.07
N ILE L 83 6.38 -38.73 8.49
CA ILE L 83 7.14 -37.90 7.55
C ILE L 83 8.46 -38.50 7.15
N LYS L 84 9.01 -38.02 6.05
CA LYS L 84 10.27 -38.56 5.53
C LYS L 84 11.60 -38.31 6.24
N PRO L 85 12.04 -37.09 6.59
CA PRO L 85 13.32 -36.85 7.18
C PRO L 85 13.40 -37.38 8.58
N ASP L 86 14.58 -37.74 9.04
CA ASP L 86 14.73 -38.16 10.42
C ASP L 86 14.47 -37.08 11.41
N VAL L 87 13.85 -37.44 12.52
CA VAL L 87 13.69 -36.50 13.60
C VAL L 87 14.60 -36.88 14.71
N SER L 88 15.46 -35.97 15.08
CA SER L 88 16.42 -36.20 16.13
C SER L 88 16.00 -35.46 17.36
N THR L 89 15.79 -36.17 18.44
CA THR L 89 15.31 -35.56 19.66
C THR L 89 16.42 -35.39 20.68
N ILE L 90 16.44 -34.25 21.34
CA ILE L 90 17.42 -34.00 22.38
C ILE L 90 16.77 -33.64 23.68
N CYS L 91 17.06 -34.39 24.73
CA CYS L 91 16.46 -34.12 26.04
C CYS L 91 17.33 -33.26 26.97
N MET L 92 16.77 -32.15 27.45
CA MET L 92 17.44 -31.26 28.37
C MET L 92 16.49 -30.92 29.46
N GLY L 93 16.96 -30.59 30.65
CA GLY L 93 15.95 -30.36 31.66
C GLY L 93 15.34 -31.72 31.96
N GLN L 94 14.06 -31.90 31.69
CA GLN L 94 13.46 -33.18 31.98
C GLN L 94 12.61 -33.70 30.87
N ALA L 95 12.47 -34.99 30.82
CA ALA L 95 11.54 -35.61 29.92
C ALA L 95 10.76 -36.58 30.72
N ALA L 96 9.63 -36.14 31.24
CA ALA L 96 8.91 -37.05 32.10
C ALA L 96 7.64 -37.51 31.46
N SER L 97 7.29 -38.74 31.74
CA SER L 97 6.03 -39.29 31.33
C SER L 97 5.88 -39.23 29.84
N MET L 98 4.90 -38.50 29.35
CA MET L 98 4.73 -38.43 27.93
C MET L 98 5.94 -37.78 27.28
N GLY L 99 6.65 -36.93 28.00
CA GLY L 99 7.82 -36.33 27.42
C GLY L 99 8.84 -37.40 27.11
N ALA L 100 9.03 -38.36 28.01
CA ALA L 100 9.99 -39.42 27.83
C ALA L 100 9.58 -40.28 26.67
N PHE L 101 8.27 -40.46 26.55
CA PHE L 101 7.67 -41.27 25.51
C PHE L 101 8.07 -40.72 24.14
N LEU L 102 7.96 -39.41 23.97
CA LEU L 102 8.33 -38.85 22.69
C LEU L 102 9.84 -38.89 22.52
N LEU L 103 10.61 -38.70 23.57
CA LEU L 103 12.05 -38.72 23.41
C LEU L 103 12.57 -39.98 22.75
N THR L 104 12.07 -41.13 23.16
CA THR L 104 12.61 -42.37 22.62
C THR L 104 12.09 -42.68 21.27
N ALA L 105 11.19 -41.88 20.76
CA ALA L 105 10.54 -42.14 19.52
C ALA L 105 11.31 -41.54 18.36
N GLY L 106 12.42 -40.89 18.66
CA GLY L 106 13.17 -40.25 17.60
C GLY L 106 13.95 -41.27 16.76
N ALA L 107 14.64 -40.78 15.76
CA ALA L 107 15.36 -41.65 14.84
C ALA L 107 16.43 -42.40 15.55
N LYS L 108 16.57 -43.68 15.26
CA LYS L 108 17.57 -44.47 15.93
C LYS L 108 18.95 -43.97 15.69
N GLY L 109 19.74 -43.81 16.75
CA GLY L 109 21.10 -43.36 16.60
C GLY L 109 21.19 -41.89 16.80
N LYS L 110 20.06 -41.22 16.81
CA LYS L 110 20.03 -39.80 16.96
C LYS L 110 19.33 -39.30 18.21
N ARG L 111 19.12 -40.16 19.22
CA ARG L 111 18.48 -39.71 20.45
C ARG L 111 19.56 -39.30 21.43
N PHE L 112 19.65 -38.03 21.79
CA PHE L 112 20.72 -37.64 22.70
C PHE L 112 20.26 -36.73 23.81
N CYS L 113 20.87 -36.87 24.99
CA CYS L 113 20.47 -36.05 26.13
C CYS L 113 21.67 -35.41 26.80
N LEU L 114 21.45 -34.30 27.48
CA LEU L 114 22.53 -33.62 28.16
C LEU L 114 22.80 -34.33 29.48
N PRO L 115 24.02 -34.29 30.04
CA PRO L 115 24.44 -35.01 31.20
C PRO L 115 23.74 -34.77 32.51
N ASN L 116 23.11 -33.63 32.73
CA ASN L 116 22.47 -33.49 34.02
C ASN L 116 20.98 -33.60 33.93
N SER L 117 20.49 -34.13 32.83
CA SER L 117 19.07 -34.28 32.64
C SER L 117 18.47 -35.46 33.38
N ARG L 118 17.15 -35.49 33.40
CA ARG L 118 16.41 -36.60 33.99
C ARG L 118 15.30 -37.07 33.17
N VAL L 119 15.15 -38.37 33.11
CA VAL L 119 14.08 -38.96 32.37
C VAL L 119 13.25 -39.80 33.30
N MET L 120 11.94 -39.67 33.27
CA MET L 120 11.14 -40.46 34.18
C MET L 120 10.00 -41.12 33.46
N ILE L 121 9.73 -42.39 33.77
CA ILE L 121 8.64 -43.09 33.10
C ILE L 121 7.63 -43.73 34.05
N HIS L 122 6.38 -43.83 33.62
CA HIS L 122 5.36 -44.48 34.45
C HIS L 122 4.14 -44.88 33.64
N GLN L 123 3.33 -45.81 34.14
CA GLN L 123 2.04 -46.17 33.52
C GLN L 123 1.08 -44.99 33.49
N PRO L 124 0.10 -44.91 32.55
CA PRO L 124 -0.85 -43.83 32.40
C PRO L 124 -1.85 -43.71 33.51
N LEU L 125 -2.29 -42.47 33.74
CA LEU L 125 -3.30 -42.09 34.73
C LEU L 125 -4.63 -41.77 34.09
N GLY L 126 -5.69 -41.88 34.87
CA GLY L 126 -7.01 -41.51 34.39
C GLY L 126 -8.05 -41.65 35.48
N GLY L 127 -9.32 -41.63 35.13
CA GLY L 127 -10.38 -41.76 36.12
C GLY L 127 -11.74 -41.56 35.50
N TYR L 128 -12.78 -41.90 36.26
CA TYR L 128 -14.16 -41.80 35.78
C TYR L 128 -15.21 -41.80 36.88
N GLN L 129 -16.35 -41.15 36.64
CA GLN L 129 -17.49 -41.19 37.55
C GLN L 129 -18.72 -41.56 36.76
N GLY L 130 -19.60 -42.41 37.28
CA GLY L 130 -20.81 -42.75 36.49
C GLY L 130 -21.46 -44.06 36.92
N GLN L 131 -22.26 -44.67 36.06
CA GLN L 131 -22.95 -45.88 36.48
C GLN L 131 -21.98 -47.03 36.41
N ALA L 132 -22.22 -48.12 37.13
CA ALA L 132 -21.27 -49.23 37.05
C ALA L 132 -21.03 -49.66 35.61
N THR L 133 -22.03 -49.62 34.77
CA THR L 133 -21.83 -49.97 33.37
C THR L 133 -20.88 -49.02 32.66
N ASP L 134 -20.88 -47.75 33.01
CA ASP L 134 -20.04 -46.82 32.30
C ASP L 134 -18.66 -46.95 32.83
N ILE L 135 -18.53 -47.32 34.08
CA ILE L 135 -17.23 -47.47 34.64
C ILE L 135 -16.53 -48.56 33.92
N GLU L 136 -17.19 -49.67 33.67
CA GLU L 136 -16.53 -50.74 32.93
C GLU L 136 -16.08 -50.30 31.57
N ILE L 137 -16.87 -49.53 30.85
CA ILE L 137 -16.44 -49.15 29.53
C ILE L 137 -15.19 -48.31 29.58
N HIS L 138 -15.16 -47.35 30.48
CA HIS L 138 -14.00 -46.52 30.54
C HIS L 138 -12.80 -47.23 31.12
N ALA L 139 -13.01 -48.15 32.05
CA ALA L 139 -11.88 -48.86 32.59
C ALA L 139 -11.23 -49.69 31.51
N ARG L 140 -12.00 -50.31 30.64
CA ARG L 140 -11.33 -51.10 29.63
C ARG L 140 -10.56 -50.25 28.68
N GLU L 141 -11.03 -49.07 28.37
CA GLU L 141 -10.28 -48.26 27.45
C GLU L 141 -8.96 -47.83 28.02
N ILE L 142 -8.89 -47.46 29.29
CA ILE L 142 -7.57 -47.06 29.75
C ILE L 142 -6.64 -48.22 29.75
N LEU L 143 -7.12 -49.41 30.04
CA LEU L 143 -6.24 -50.54 30.01
C LEU L 143 -5.74 -50.83 28.60
N LYS L 144 -6.55 -50.65 27.58
CA LYS L 144 -6.04 -50.88 26.25
C LYS L 144 -4.93 -49.91 25.94
N VAL L 145 -5.06 -48.67 26.38
CA VAL L 145 -4.00 -47.71 26.13
C VAL L 145 -2.75 -48.11 26.84
N LYS L 146 -2.84 -48.52 28.08
CA LYS L 146 -1.64 -48.92 28.77
C LYS L 146 -0.93 -49.98 27.98
N GLY L 147 -1.65 -50.97 27.49
CA GLY L 147 -1.02 -52.03 26.74
C GLY L 147 -0.34 -51.51 25.50
N ARG L 148 -0.96 -50.59 24.79
CA ARG L 148 -0.36 -50.08 23.59
C ARG L 148 0.89 -49.28 23.87
N MET L 149 0.90 -48.50 24.91
CA MET L 149 2.08 -47.72 25.19
C MET L 149 3.24 -48.64 25.52
N ASN L 150 2.97 -49.75 26.18
CA ASN L 150 4.05 -50.66 26.52
C ASN L 150 4.61 -51.32 25.28
N GLU L 151 3.77 -51.61 24.31
CA GLU L 151 4.30 -52.20 23.10
C GLU L 151 5.24 -51.24 22.42
N LEU L 152 4.88 -49.97 22.38
CA LEU L 152 5.73 -49.03 21.69
C LEU L 152 7.03 -48.81 22.46
N MET L 153 7.00 -48.78 23.78
CA MET L 153 8.25 -48.64 24.49
C MET L 153 9.17 -49.79 24.18
N ALA L 154 8.64 -51.01 24.18
CA ALA L 154 9.49 -52.12 23.90
C ALA L 154 10.03 -52.04 22.49
N LEU L 155 9.21 -51.62 21.54
CA LEU L 155 9.69 -51.54 20.19
C LEU L 155 10.84 -50.57 20.01
N HIS L 156 10.73 -49.41 20.59
CA HIS L 156 11.78 -48.42 20.43
C HIS L 156 13.00 -48.64 21.29
N THR L 157 12.86 -49.22 22.47
CA THR L 157 14.03 -49.35 23.32
C THR L 157 14.76 -50.66 23.21
N GLY L 158 14.12 -51.72 22.75
CA GLY L 158 14.79 -53.00 22.65
C GLY L 158 14.61 -53.86 23.89
N GLN L 159 13.96 -53.32 24.90
CA GLN L 159 13.72 -54.06 26.09
C GLN L 159 12.62 -55.04 25.79
N SER L 160 12.55 -56.13 26.51
CA SER L 160 11.47 -57.06 26.27
C SER L 160 10.20 -56.45 26.75
N LEU L 161 9.07 -56.97 26.33
CA LEU L 161 7.84 -56.39 26.79
C LEU L 161 7.65 -56.60 28.27
N GLU L 162 8.04 -57.75 28.77
CA GLU L 162 7.86 -58.03 30.18
C GLU L 162 8.69 -57.09 31.01
N GLN L 163 9.88 -56.78 30.54
CA GLN L 163 10.69 -55.87 31.30
C GLN L 163 10.06 -54.51 31.33
N ILE L 164 9.48 -54.07 30.22
CA ILE L 164 8.84 -52.79 30.23
C ILE L 164 7.68 -52.80 31.18
N GLU L 165 6.87 -53.84 31.21
CA GLU L 165 5.78 -53.77 32.14
C GLU L 165 6.26 -53.72 33.57
N ARG L 166 7.27 -54.48 33.94
CA ARG L 166 7.67 -54.41 35.33
C ARG L 166 8.19 -53.04 35.72
N ASP L 167 8.92 -52.41 34.85
CA ASP L 167 9.51 -51.14 35.18
C ASP L 167 8.60 -49.97 35.20
N THR L 168 7.34 -50.09 34.79
CA THR L 168 6.52 -48.91 34.78
C THR L 168 5.42 -48.96 35.80
N GLU L 169 5.41 -49.95 36.66
CA GLU L 169 4.29 -49.95 37.59
C GLU L 169 4.31 -48.73 38.50
N ARG L 170 5.49 -48.26 38.89
CA ARG L 170 5.61 -47.08 39.71
C ARG L 170 6.65 -46.19 39.10
N ASP L 171 6.63 -44.92 39.43
CA ASP L 171 7.56 -43.98 38.86
C ASP L 171 8.97 -44.46 38.88
N ARG L 172 9.64 -44.39 37.75
CA ARG L 172 11.02 -44.79 37.69
C ARG L 172 11.87 -43.68 37.15
N PHE L 173 12.86 -43.26 37.90
CA PHE L 173 13.71 -42.16 37.47
C PHE L 173 15.04 -42.64 36.98
N LEU L 174 15.47 -42.15 35.83
CA LEU L 174 16.76 -42.51 35.27
C LEU L 174 17.66 -41.29 35.05
N SER L 175 18.92 -41.41 35.40
CA SER L 175 19.88 -40.34 35.17
C SER L 175 20.34 -40.42 33.74
N ALA L 176 21.02 -39.41 33.22
CA ALA L 176 21.39 -39.50 31.82
C ALA L 176 22.17 -40.77 31.47
N PRO L 177 23.19 -41.22 32.22
CA PRO L 177 23.89 -42.44 31.93
C PRO L 177 23.04 -43.68 31.99
N GLU L 178 21.97 -43.62 32.77
CA GLU L 178 21.06 -44.75 32.93
C GLU L 178 20.15 -44.84 31.72
N ALA L 179 19.76 -43.69 31.20
CA ALA L 179 18.90 -43.67 30.05
C ALA L 179 19.65 -44.28 28.88
N VAL L 180 20.96 -44.03 28.83
CA VAL L 180 21.74 -44.59 27.75
C VAL L 180 21.81 -46.09 27.88
N GLU L 181 22.12 -46.58 29.07
CA GLU L 181 22.22 -48.01 29.26
C GLU L 181 20.92 -48.73 29.04
N TYR L 182 19.85 -48.14 29.50
CA TYR L 182 18.51 -48.69 29.42
C TYR L 182 18.11 -48.80 27.97
N GLY L 183 18.46 -47.80 27.18
CA GLY L 183 18.08 -47.79 25.79
C GLY L 183 17.09 -46.72 25.45
N LEU L 184 16.94 -45.70 26.28
CA LEU L 184 15.99 -44.68 25.91
C LEU L 184 16.69 -43.70 25.00
N VAL L 185 17.98 -43.50 25.19
CA VAL L 185 18.71 -42.59 24.33
C VAL L 185 19.95 -43.26 23.82
N ASP L 186 20.56 -42.75 22.78
CA ASP L 186 21.76 -43.36 22.28
C ASP L 186 23.03 -42.82 22.91
N SER L 187 23.07 -41.54 23.21
CA SER L 187 24.30 -40.99 23.79
C SER L 187 24.12 -39.67 24.49
N ILE L 188 25.17 -39.27 25.19
CA ILE L 188 25.18 -38.02 25.92
C ILE L 188 26.04 -37.00 25.24
N LEU L 189 25.51 -35.82 25.03
CA LEU L 189 26.31 -34.78 24.42
C LEU L 189 27.08 -34.19 25.56
N THR L 190 28.29 -33.73 25.36
CA THR L 190 29.07 -33.20 26.47
C THR L 190 29.53 -31.80 26.22
N HIS L 191 30.53 -31.67 25.37
CA HIS L 191 31.07 -30.38 24.99
C HIS L 191 31.16 -30.34 23.50
N ARG L 192 31.05 -29.15 22.94
CA ARG L 192 31.21 -29.06 21.51
C ARG L 192 32.61 -29.42 21.12
N ALA M 1 7.18 -15.18 19.88
CA ALA M 1 6.34 -15.87 18.92
C ALA M 1 5.54 -16.97 19.54
N LEU M 2 4.31 -16.65 19.94
CA LEU M 2 3.44 -17.65 20.53
C LEU M 2 3.04 -18.63 19.43
N VAL M 3 3.17 -18.18 18.18
CA VAL M 3 2.85 -18.99 17.02
C VAL M 3 3.95 -18.85 15.98
N PRO M 4 4.09 -19.83 15.09
CA PRO M 4 5.15 -19.77 14.07
C PRO M 4 4.67 -19.29 12.70
N MET M 5 5.46 -18.44 12.05
CA MET M 5 5.12 -17.94 10.72
C MET M 5 5.88 -18.73 9.66
N VAL M 6 6.58 -18.03 8.78
CA VAL M 6 7.36 -18.69 7.74
C VAL M 6 7.54 -17.78 6.54
N ILE M 7 8.73 -17.82 5.93
CA ILE M 7 8.99 -16.97 4.76
C ILE M 7 8.92 -17.75 3.49
N GLU M 8 8.37 -17.20 2.41
CA GLU M 8 8.32 -17.96 1.16
C GLU M 8 8.44 -17.08 -0.08
N GLN M 9 9.23 -17.50 -1.06
CA GLN M 9 9.35 -16.70 -2.28
C GLN M 9 8.57 -17.27 -3.41
N THR M 10 7.80 -16.40 -4.07
CA THR M 10 6.99 -16.75 -5.21
C THR M 10 7.43 -16.00 -6.45
N SER M 11 7.70 -14.72 -6.28
CA SER M 11 8.09 -13.90 -7.41
C SER M 11 8.77 -12.65 -6.95
N ARG M 12 7.96 -11.65 -6.61
CA ARG M 12 8.44 -10.34 -6.23
C ARG M 12 9.22 -10.32 -4.92
N GLY M 13 8.82 -11.34 -4.12
CA GLY M 13 9.20 -11.73 -2.77
C GLY M 13 8.14 -12.84 -2.64
N GLU M 14 7.80 -13.36 -1.44
CA GLU M 14 8.38 -12.97 -0.16
C GLU M 14 8.00 -11.57 0.32
N ARG M 15 6.99 -11.41 1.20
CA ARG M 15 6.15 -12.49 1.76
C ARG M 15 6.56 -13.09 3.12
N SER M 16 5.69 -12.92 4.11
CA SER M 16 5.93 -13.44 5.45
C SER M 16 4.56 -13.81 6.01
N PHE M 17 4.35 -15.08 6.37
CA PHE M 17 3.02 -15.45 6.88
C PHE M 17 3.01 -16.27 8.16
N ASP M 18 2.06 -16.00 9.04
CA ASP M 18 1.94 -16.75 10.28
C ASP M 18 1.88 -18.18 9.79
N ILE M 19 2.50 -19.11 10.51
CA ILE M 19 2.47 -20.48 10.01
C ILE M 19 1.07 -21.01 9.72
N TYR M 20 0.03 -20.55 10.41
CA TYR M 20 -1.27 -21.11 10.08
C TYR M 20 -1.83 -20.53 8.80
N SER M 21 -1.43 -19.32 8.44
CA SER M 21 -1.92 -18.72 7.22
C SER M 21 -1.16 -19.39 6.11
N ARG M 22 0.06 -19.77 6.38
CA ARG M 22 0.85 -20.43 5.39
C ARG M 22 0.21 -21.71 4.97
N LEU M 23 -0.40 -22.42 5.91
CA LEU M 23 -1.04 -23.66 5.56
C LEU M 23 -2.43 -23.47 5.00
N LEU M 24 -3.14 -22.40 5.38
CA LEU M 24 -4.45 -22.19 4.77
C LEU M 24 -4.27 -22.05 3.29
N LYS M 25 -3.21 -21.41 2.90
CA LYS M 25 -2.86 -21.21 1.51
C LYS M 25 -2.72 -22.51 0.72
N GLU M 26 -2.45 -23.63 1.42
CA GLU M 26 -2.25 -24.92 0.76
C GLU M 26 -3.52 -25.75 0.84
N ARG M 27 -4.59 -25.10 1.23
CA ARG M 27 -5.89 -25.68 1.38
C ARG M 27 -5.97 -26.64 2.55
N VAL M 28 -5.34 -26.26 3.65
CA VAL M 28 -5.41 -27.03 4.88
C VAL M 28 -6.07 -26.28 6.02
N ILE M 29 -7.10 -26.86 6.59
CA ILE M 29 -7.82 -26.28 7.71
C ILE M 29 -7.72 -27.15 8.95
N PHE M 30 -7.40 -26.57 10.09
CA PHE M 30 -7.32 -27.38 11.31
C PHE M 30 -8.49 -27.15 12.24
N LEU M 31 -9.09 -28.22 12.70
CA LEU M 31 -10.17 -28.19 13.66
C LEU M 31 -9.75 -28.81 14.96
N THR M 32 -9.51 -28.01 15.97
CA THR M 32 -9.08 -28.59 17.24
C THR M 32 -9.82 -27.99 18.41
N GLY M 33 -9.88 -28.73 19.49
CA GLY M 33 -10.47 -28.22 20.73
C GLY M 33 -11.98 -28.35 20.69
N GLN M 34 -12.69 -27.69 21.59
CA GLN M 34 -14.13 -27.84 21.64
C GLN M 34 -14.79 -27.23 20.46
N VAL M 35 -15.84 -27.86 19.96
CA VAL M 35 -16.59 -27.24 18.89
C VAL M 35 -17.61 -26.30 19.47
N GLU M 36 -17.51 -25.03 19.11
CA GLU M 36 -18.44 -24.03 19.63
C GLU M 36 -18.81 -23.08 18.51
N ASP M 37 -19.59 -22.06 18.84
CA ASP M 37 -19.98 -21.10 17.82
C ASP M 37 -18.93 -20.22 17.22
N HIS M 38 -18.01 -19.70 17.99
CA HIS M 38 -17.10 -18.78 17.34
C HIS M 38 -16.10 -19.51 16.50
N MET M 39 -15.61 -20.60 16.99
CA MET M 39 -14.68 -21.36 16.22
C MET M 39 -15.34 -21.98 15.00
N ALA M 40 -16.57 -22.47 15.12
CA ALA M 40 -17.17 -23.07 13.94
C ALA M 40 -17.38 -22.03 12.90
N ASN M 41 -17.76 -20.84 13.34
CA ASN M 41 -18.00 -19.71 12.44
C ASN M 41 -16.76 -19.41 11.60
N LEU M 42 -15.59 -19.52 12.21
CA LEU M 42 -14.37 -19.25 11.51
C LEU M 42 -14.05 -20.34 10.50
N ILE M 43 -14.28 -21.58 10.84
CA ILE M 43 -14.03 -22.63 9.87
C ILE M 43 -14.90 -22.47 8.68
N VAL M 44 -16.15 -22.13 8.85
CA VAL M 44 -16.95 -21.96 7.67
C VAL M 44 -16.38 -20.84 6.83
N ALA M 45 -15.97 -19.73 7.42
CA ALA M 45 -15.43 -18.70 6.56
C ALA M 45 -14.24 -19.20 5.76
N GLN M 46 -13.40 -20.04 6.34
CA GLN M 46 -12.28 -20.55 5.58
C GLN M 46 -12.70 -21.47 4.47
N MET M 47 -13.70 -22.31 4.69
CA MET M 47 -14.07 -23.18 3.60
C MET M 47 -14.69 -22.42 2.45
N LEU M 48 -15.45 -21.39 2.71
CA LEU M 48 -16.05 -20.67 1.61
C LEU M 48 -14.99 -19.97 0.81
N PHE M 49 -13.99 -19.45 1.51
CA PHE M 49 -12.87 -18.76 0.88
C PHE M 49 -12.08 -19.68 -0.04
N LEU M 50 -11.85 -20.93 0.38
CA LEU M 50 -11.10 -21.82 -0.46
C LEU M 50 -11.90 -22.29 -1.65
N GLU M 51 -13.20 -22.48 -1.47
CA GLU M 51 -14.07 -22.92 -2.54
C GLU M 51 -14.04 -21.92 -3.70
N ALA M 52 -14.01 -20.63 -3.37
CA ALA M 52 -13.98 -19.61 -4.37
C ALA M 52 -12.66 -19.53 -5.08
N GLU M 53 -11.57 -19.69 -4.35
CA GLU M 53 -10.24 -19.63 -4.93
C GLU M 53 -10.01 -20.63 -6.08
N ASN M 54 -10.51 -21.85 -5.91
CA ASN M 54 -10.36 -22.87 -6.91
C ASN M 54 -11.33 -23.99 -6.66
N PRO M 55 -12.50 -23.97 -7.25
CA PRO M 55 -13.57 -24.90 -7.06
C PRO M 55 -13.27 -26.32 -7.39
N GLU M 56 -12.15 -26.56 -8.09
CA GLU M 56 -11.82 -27.91 -8.53
C GLU M 56 -10.82 -28.68 -7.69
N LYS M 57 -10.41 -28.13 -6.55
CA LYS M 57 -9.46 -28.89 -5.75
C LYS M 57 -9.94 -29.23 -4.37
N ASP M 58 -9.50 -30.35 -3.87
CA ASP M 58 -9.89 -30.79 -2.56
C ASP M 58 -9.40 -29.89 -1.47
N ILE M 59 -10.15 -29.89 -0.37
CA ILE M 59 -9.82 -29.18 0.85
C ILE M 59 -9.54 -30.18 1.91
N TYR M 60 -8.45 -30.02 2.65
CA TYR M 60 -8.08 -30.99 3.67
C TYR M 60 -8.42 -30.49 5.07
N LEU M 61 -9.16 -31.28 5.82
CA LEU M 61 -9.52 -30.86 7.16
C LEU M 61 -8.90 -31.79 8.19
N TYR M 62 -8.07 -31.23 9.06
CA TYR M 62 -7.42 -32.02 10.11
C TYR M 62 -8.28 -31.96 11.36
N ILE M 63 -8.63 -33.12 11.91
CA ILE M 63 -9.46 -33.15 13.10
C ILE M 63 -8.81 -33.73 14.32
N ASN M 64 -8.83 -32.98 15.40
CA ASN M 64 -8.35 -33.43 16.70
C ASN M 64 -9.16 -32.77 17.79
N SER M 65 -10.28 -33.35 18.17
CA SER M 65 -11.15 -32.67 19.11
C SER M 65 -12.00 -33.61 19.94
N PRO M 66 -12.29 -33.26 21.20
CA PRO M 66 -13.09 -33.97 22.13
C PRO M 66 -14.58 -33.92 21.96
N GLY M 67 -15.08 -33.05 21.11
CA GLY M 67 -16.53 -32.94 21.02
C GLY M 67 -16.93 -31.49 21.08
N GLY M 68 -18.19 -31.22 21.38
CA GLY M 68 -18.66 -29.84 21.42
C GLY M 68 -20.15 -29.73 21.20
N VAL M 69 -20.58 -28.53 20.85
CA VAL M 69 -21.97 -28.16 20.67
C VAL M 69 -22.51 -28.63 19.35
N ILE M 70 -23.65 -29.31 19.34
CA ILE M 70 -24.17 -29.80 18.08
C ILE M 70 -24.56 -28.71 17.14
N THR M 71 -25.25 -27.70 17.61
CA THR M 71 -25.61 -26.67 16.69
C THR M 71 -24.43 -26.11 15.95
N ALA M 72 -23.35 -25.79 16.64
CA ALA M 72 -22.21 -25.24 15.95
C ALA M 72 -21.65 -26.24 14.96
N GLY M 73 -21.58 -27.49 15.36
CA GLY M 73 -21.06 -28.52 14.50
C GLY M 73 -21.90 -28.72 13.26
N MET M 74 -23.20 -28.53 13.33
CA MET M 74 -23.98 -28.72 12.15
C MET M 74 -23.73 -27.64 11.13
N SER M 75 -23.38 -26.44 11.54
CA SER M 75 -23.14 -25.46 10.50
C SER M 75 -21.94 -25.88 9.68
N ILE M 76 -20.98 -26.56 10.31
CA ILE M 76 -19.83 -27.02 9.54
C ILE M 76 -20.28 -28.11 8.63
N TYR M 77 -21.06 -29.04 9.13
CA TYR M 77 -21.51 -30.14 8.31
C TYR M 77 -22.23 -29.65 7.09
N ASP M 78 -23.16 -28.74 7.24
CA ASP M 78 -23.87 -28.31 6.05
C ASP M 78 -22.99 -27.61 5.06
N THR M 79 -22.03 -26.81 5.49
CA THR M 79 -21.19 -26.18 4.49
C THR M 79 -20.42 -27.22 3.73
N MET M 80 -19.91 -28.23 4.41
CA MET M 80 -19.14 -29.22 3.68
C MET M 80 -19.96 -29.89 2.62
N GLN M 81 -21.24 -30.09 2.84
CA GLN M 81 -22.04 -30.75 1.85
C GLN M 81 -22.40 -29.84 0.69
N PHE M 82 -22.58 -28.57 1.00
CA PHE M 82 -22.97 -27.60 0.00
C PHE M 82 -21.90 -27.25 -1.02
N ILE M 83 -20.69 -26.97 -0.55
CA ILE M 83 -19.65 -26.48 -1.46
C ILE M 83 -19.20 -27.55 -2.42
N LYS M 84 -18.85 -27.15 -3.62
CA LYS M 84 -18.47 -28.08 -4.67
C LYS M 84 -17.26 -29.02 -4.51
N PRO M 85 -16.04 -28.61 -4.14
CA PRO M 85 -14.90 -29.48 -4.06
C PRO M 85 -15.03 -30.46 -2.94
N ASP M 86 -14.45 -31.61 -3.06
CA ASP M 86 -14.48 -32.57 -1.98
C ASP M 86 -13.76 -32.12 -0.76
N VAL M 87 -14.28 -32.48 0.40
CA VAL M 87 -13.56 -32.22 1.61
C VAL M 87 -13.09 -33.53 2.15
N SER M 88 -11.80 -33.64 2.32
CA SER M 88 -11.17 -34.85 2.80
C SER M 88 -10.74 -34.66 4.21
N THR M 89 -11.24 -35.49 5.09
CA THR M 89 -10.97 -35.34 6.50
C THR M 89 -9.96 -36.33 6.98
N ILE M 90 -9.07 -35.86 7.84
CA ILE M 90 -8.05 -36.70 8.43
C ILE M 90 -8.05 -36.63 9.94
N CYS M 91 -8.19 -37.77 10.61
CA CYS M 91 -8.22 -37.77 12.07
C CYS M 91 -6.91 -38.16 12.76
N MET M 92 -6.48 -37.32 13.70
CA MET M 92 -5.27 -37.56 14.47
C MET M 92 -5.54 -37.26 15.90
N GLY M 93 -4.84 -37.86 16.83
CA GLY M 93 -5.22 -37.54 18.18
C GLY M 93 -6.58 -38.18 18.37
N GLN M 94 -7.61 -37.41 18.65
CA GLN M 94 -8.91 -38.02 18.84
C GLN M 94 -10.00 -37.37 18.07
N ALA M 95 -11.02 -38.13 17.80
CA ALA M 95 -12.21 -37.60 17.21
C ALA M 95 -13.36 -38.10 18.01
N ALA M 96 -13.79 -37.36 19.00
CA ALA M 96 -14.83 -37.88 19.85
C ALA M 96 -16.10 -37.11 19.69
N SER M 97 -17.20 -37.83 19.80
CA SER M 97 -18.51 -37.23 19.82
C SER M 97 -18.78 -36.47 18.57
N MET M 98 -19.02 -35.17 18.68
CA MET M 98 -19.27 -34.40 17.48
C MET M 98 -18.06 -34.42 16.56
N GLY M 99 -16.87 -34.60 17.10
CA GLY M 99 -15.70 -34.65 16.26
C GLY M 99 -15.75 -35.87 15.36
N ALA M 100 -16.29 -36.99 15.84
CA ALA M 100 -16.35 -38.20 15.05
C ALA M 100 -17.37 -38.04 14.00
N PHE M 101 -18.43 -37.34 14.33
CA PHE M 101 -19.46 -37.11 13.37
C PHE M 101 -18.93 -36.36 12.20
N LEU M 102 -18.20 -35.29 12.42
CA LEU M 102 -17.71 -34.59 11.26
C LEU M 102 -16.71 -35.46 10.52
N LEU M 103 -15.91 -36.26 11.18
CA LEU M 103 -14.96 -37.07 10.45
C LEU M 103 -15.59 -37.93 9.39
N THR M 104 -16.71 -38.57 9.69
CA THR M 104 -17.29 -39.49 8.73
C THR M 104 -18.06 -38.79 7.66
N ALA M 105 -18.17 -37.48 7.74
CA ALA M 105 -18.95 -36.70 6.83
C ALA M 105 -18.14 -36.28 5.63
N GLY M 106 -16.88 -36.65 5.57
CA GLY M 106 -16.05 -36.23 4.46
C GLY M 106 -16.35 -37.02 3.21
N ALA M 107 -15.63 -36.69 2.15
CA ALA M 107 -15.85 -37.31 0.85
C ALA M 107 -15.56 -38.78 0.88
N LYS M 108 -16.43 -39.58 0.31
CA LYS M 108 -16.22 -41.01 0.36
C LYS M 108 -14.97 -41.41 -0.33
N GLY M 109 -14.15 -42.23 0.31
CA GLY M 109 -12.92 -42.71 -0.27
C GLY M 109 -11.75 -41.88 0.19
N LYS M 110 -12.03 -40.75 0.81
CA LYS M 110 -11.01 -39.87 1.26
C LYS M 110 -10.98 -39.64 2.76
N ARG M 111 -11.58 -40.53 3.55
CA ARG M 111 -11.53 -40.37 5.01
C ARG M 111 -10.38 -41.16 5.58
N PHE M 112 -9.37 -40.49 6.11
CA PHE M 112 -8.22 -41.24 6.62
C PHE M 112 -7.80 -40.84 8.02
N CYS M 113 -7.33 -41.82 8.78
CA CYS M 113 -6.91 -41.56 10.15
C CYS M 113 -5.54 -42.18 10.42
N LEU M 114 -4.83 -41.62 11.38
CA LEU M 114 -3.51 -42.13 11.72
C LEU M 114 -3.67 -43.32 12.65
N PRO M 115 -2.72 -44.26 12.66
CA PRO M 115 -2.76 -45.50 13.39
C PRO M 115 -2.86 -45.46 14.88
N ASN M 116 -2.48 -44.40 15.57
CA ASN M 116 -2.64 -44.45 17.01
C ASN M 116 -3.77 -43.59 17.50
N SER M 117 -4.65 -43.20 16.59
CA SER M 117 -5.78 -42.37 16.95
C SER M 117 -6.92 -43.14 17.59
N ARG M 118 -7.86 -42.39 18.15
CA ARG M 118 -9.08 -42.95 18.72
C ARG M 118 -10.30 -42.22 18.33
N VAL M 119 -11.33 -42.96 17.95
CA VAL M 119 -12.61 -42.36 17.56
C VAL M 119 -13.75 -42.94 18.39
N MET M 120 -14.37 -42.10 19.20
CA MET M 120 -15.48 -42.52 20.04
C MET M 120 -16.80 -41.88 19.63
N ILE M 121 -17.89 -42.63 19.78
CA ILE M 121 -19.22 -42.13 19.45
C ILE M 121 -20.26 -42.36 20.53
N HIS M 122 -21.25 -41.48 20.62
CA HIS M 122 -22.31 -41.65 21.61
C HIS M 122 -23.55 -40.82 21.28
N GLN M 123 -24.71 -41.17 21.85
CA GLN M 123 -25.94 -40.36 21.73
C GLN M 123 -25.74 -38.99 22.37
N PRO M 124 -26.44 -37.93 21.94
CA PRO M 124 -26.32 -36.57 22.44
C PRO M 124 -26.79 -36.34 23.84
N LEU M 125 -26.18 -35.37 24.51
CA LEU M 125 -26.49 -34.94 25.87
C LEU M 125 -27.26 -33.65 25.90
N GLY M 126 -28.00 -33.41 26.98
CA GLY M 126 -28.72 -32.16 27.15
C GLY M 126 -29.40 -32.10 28.50
N GLY M 127 -30.33 -31.16 28.68
CA GLY M 127 -31.01 -31.02 29.97
C GLY M 127 -31.93 -29.82 29.96
N TYR M 128 -32.67 -29.62 31.05
CA TYR M 128 -33.62 -28.51 31.19
C TYR M 128 -34.26 -28.40 32.57
N GLN M 129 -34.66 -27.18 32.97
CA GLN M 129 -35.38 -26.93 34.22
C GLN M 129 -36.61 -26.10 33.93
N GLY M 130 -37.74 -26.35 34.56
CA GLY M 130 -38.93 -25.53 34.27
C GLY M 130 -40.23 -26.21 34.61
N GLN M 131 -41.33 -25.77 34.00
CA GLN M 131 -42.62 -26.36 34.36
C GLN M 131 -42.77 -27.65 33.65
N ALA M 132 -43.59 -28.56 34.13
CA ALA M 132 -43.73 -29.82 33.43
C ALA M 132 -44.05 -29.63 31.96
N THR M 133 -44.83 -28.62 31.63
CA THR M 133 -45.14 -28.34 30.23
C THR M 133 -43.91 -27.95 29.41
N ASP M 134 -42.95 -27.27 30.00
CA ASP M 134 -41.80 -26.84 29.23
C ASP M 134 -40.88 -28.01 29.10
N ILE M 135 -40.88 -28.87 30.09
CA ILE M 135 -40.03 -30.00 30.04
C ILE M 135 -40.45 -30.86 28.89
N GLU M 136 -41.73 -31.07 28.70
CA GLU M 136 -42.15 -31.87 27.57
C GLU M 136 -41.67 -31.31 26.26
N ILE M 137 -41.75 -30.00 26.09
CA ILE M 137 -41.34 -29.41 24.82
C ILE M 137 -39.87 -29.61 24.57
N HIS M 138 -39.06 -29.36 25.56
CA HIS M 138 -37.65 -29.52 25.36
C HIS M 138 -37.26 -30.96 25.23
N ALA M 139 -37.90 -31.86 25.93
CA ALA M 139 -37.55 -33.24 25.77
C ALA M 139 -37.84 -33.72 24.37
N ARG M 140 -38.94 -33.29 23.78
CA ARG M 140 -39.17 -33.77 22.44
C ARG M 140 -38.16 -33.24 21.46
N GLU M 141 -37.71 -32.01 21.63
CA GLU M 141 -36.72 -31.53 20.69
C GLU M 141 -35.43 -32.30 20.77
N ILE M 142 -34.96 -32.65 21.96
CA ILE M 142 -33.71 -33.40 21.95
C ILE M 142 -33.88 -34.74 21.32
N LEU M 143 -35.02 -35.36 21.48
CA LEU M 143 -35.20 -36.64 20.85
C LEU M 143 -35.19 -36.53 19.36
N LYS M 144 -35.75 -35.47 18.80
CA LYS M 144 -35.71 -35.32 17.36
C LYS M 144 -34.28 -35.21 16.87
N VAL M 145 -33.44 -34.50 17.61
CA VAL M 145 -32.06 -34.40 17.19
C VAL M 145 -31.41 -35.74 17.24
N LYS M 146 -31.62 -36.49 18.30
CA LYS M 146 -31.00 -37.80 18.32
C LYS M 146 -31.37 -38.60 17.11
N GLY M 147 -32.63 -38.61 16.73
CA GLY M 147 -33.03 -39.39 15.58
C GLY M 147 -32.34 -38.91 14.33
N ARG M 148 -32.20 -37.61 14.18
CA ARG M 148 -31.57 -37.11 12.99
C ARG M 148 -30.12 -37.46 12.91
N MET M 149 -29.41 -37.42 14.03
CA MET M 149 -28.01 -37.72 13.97
C MET M 149 -27.82 -39.18 13.60
N ASN M 150 -28.71 -40.04 14.06
CA ASN M 150 -28.55 -41.44 13.72
C ASN M 150 -28.76 -41.67 12.26
N GLU M 151 -29.67 -40.94 11.64
CA GLU M 151 -29.88 -41.14 10.23
C GLU M 151 -28.65 -40.76 9.45
N LEU M 152 -28.00 -39.67 9.84
CA LEU M 152 -26.83 -39.26 9.11
C LEU M 152 -25.68 -40.24 9.33
N MET M 153 -25.52 -40.78 10.52
CA MET M 153 -24.48 -41.78 10.69
C MET M 153 -24.74 -42.97 9.80
N ALA M 154 -25.98 -43.43 9.75
CA ALA M 154 -26.23 -44.58 8.93
C ALA M 154 -25.97 -44.27 7.48
N LEU M 155 -26.32 -43.08 7.04
CA LEU M 155 -26.09 -42.75 5.66
C LEU M 155 -24.65 -42.74 5.28
N HIS M 156 -23.83 -42.13 6.11
CA HIS M 156 -22.43 -42.01 5.79
C HIS M 156 -21.62 -43.27 6.03
N THR M 157 -21.99 -44.10 7.00
CA THR M 157 -21.19 -45.29 7.26
C THR M 157 -21.63 -46.55 6.54
N GLY M 158 -22.88 -46.65 6.14
CA GLY M 158 -23.32 -47.86 5.48
C GLY M 158 -23.90 -48.88 6.44
N GLN M 159 -23.97 -48.53 7.70
CA GLN M 159 -24.55 -49.42 8.68
C GLN M 159 -26.04 -49.27 8.60
N SER M 160 -26.78 -50.27 9.03
CA SER M 160 -28.22 -50.12 9.04
C SER M 160 -28.60 -49.16 10.12
N LEU M 161 -29.81 -48.63 10.10
CA LEU M 161 -30.15 -47.70 11.14
C LEU M 161 -30.23 -48.37 12.49
N GLU M 162 -30.75 -49.58 12.55
CA GLU M 162 -30.86 -50.23 13.84
C GLU M 162 -29.50 -50.48 14.42
N GLN M 163 -28.53 -50.82 13.58
CA GLN M 163 -27.22 -51.07 14.12
C GLN M 163 -26.64 -49.79 14.66
N ILE M 164 -26.86 -48.67 14.01
CA ILE M 164 -26.35 -47.44 14.56
C ILE M 164 -27.01 -47.13 15.84
N GLU M 165 -28.31 -47.33 15.97
CA GLU M 165 -28.88 -46.99 17.24
C GLU M 165 -28.32 -47.82 18.36
N ARG M 166 -28.13 -49.10 18.16
CA ARG M 166 -27.62 -49.89 19.26
C ARG M 166 -26.23 -49.48 19.68
N ASP M 167 -25.42 -49.14 18.73
CA ASP M 167 -24.06 -48.83 19.02
C ASP M 167 -23.80 -47.48 19.64
N THR M 168 -24.80 -46.64 19.79
CA THR M 168 -24.52 -45.34 20.37
C THR M 168 -25.19 -45.20 21.72
N GLU M 169 -25.75 -46.30 22.22
CA GLU M 169 -26.41 -46.26 23.54
C GLU M 169 -25.48 -45.75 24.65
N ARG M 170 -24.22 -46.16 24.59
CA ARG M 170 -23.21 -45.80 25.55
C ARG M 170 -21.93 -45.56 24.81
N ASP M 171 -21.02 -44.85 25.40
CA ASP M 171 -19.78 -44.54 24.73
C ASP M 171 -19.16 -45.75 24.10
N ARG M 172 -18.81 -45.64 22.85
CA ARG M 172 -18.15 -46.73 22.18
C ARG M 172 -16.85 -46.26 21.64
N PHE M 173 -15.77 -46.91 22.01
CA PHE M 173 -14.46 -46.50 21.53
C PHE M 173 -13.96 -47.41 20.44
N LEU M 174 -13.41 -46.85 19.38
CA LEU M 174 -12.87 -47.63 18.30
C LEU M 174 -11.41 -47.29 18.02
N SER M 175 -10.59 -48.29 17.76
CA SER M 175 -9.20 -48.04 17.41
C SER M 175 -9.13 -47.72 15.94
N ALA M 176 -8.01 -47.23 15.43
CA ALA M 176 -8.02 -46.90 14.02
C ALA M 176 -8.43 -48.09 13.13
N PRO M 177 -7.95 -49.32 13.30
CA PRO M 177 -8.39 -50.44 12.51
C PRO M 177 -9.86 -50.77 12.65
N GLU M 178 -10.50 -50.38 13.74
CA GLU M 178 -11.89 -50.68 13.90
C GLU M 178 -12.69 -49.64 13.21
N ALA M 179 -12.19 -48.42 13.22
CA ALA M 179 -12.91 -47.38 12.53
C ALA M 179 -12.98 -47.77 11.07
N VAL M 180 -11.92 -48.37 10.55
CA VAL M 180 -11.93 -48.77 9.16
C VAL M 180 -12.92 -49.89 8.95
N GLU M 181 -12.89 -50.89 9.79
CA GLU M 181 -13.80 -52.00 9.63
C GLU M 181 -15.25 -51.63 9.77
N TYR M 182 -15.55 -50.76 10.71
CA TYR M 182 -16.88 -50.31 11.01
C TYR M 182 -17.41 -49.49 9.89
N GLY M 183 -16.54 -48.71 9.25
CA GLY M 183 -16.98 -47.87 8.17
C GLY M 183 -16.94 -46.39 8.51
N LEU M 184 -16.21 -45.99 9.53
CA LEU M 184 -16.17 -44.58 9.82
C LEU M 184 -15.13 -43.96 8.93
N VAL M 185 -14.08 -44.69 8.61
CA VAL M 185 -13.03 -44.16 7.75
C VAL M 185 -12.71 -45.14 6.64
N ASP M 186 -12.03 -44.69 5.61
CA ASP M 186 -11.68 -45.59 4.54
C ASP M 186 -10.32 -46.25 4.73
N SER M 187 -9.34 -45.54 5.27
CA SER M 187 -8.03 -46.16 5.41
C SER M 187 -7.11 -45.51 6.42
N ILE M 188 -6.02 -46.18 6.73
CA ILE M 188 -5.05 -45.70 7.68
C ILE M 188 -3.77 -45.31 7.01
N LEU M 189 -3.30 -44.10 7.29
CA LEU M 189 -2.06 -43.65 6.70
C LEU M 189 -0.95 -44.24 7.52
N THR M 190 0.18 -44.56 6.95
CA THR M 190 1.26 -45.15 7.72
C THR M 190 2.53 -44.37 7.60
N HIS M 191 3.19 -44.51 6.48
CA HIS M 191 4.41 -43.78 6.20
C HIS M 191 4.28 -43.16 4.85
N ARG M 192 4.96 -42.05 4.65
CA ARG M 192 4.92 -41.47 3.33
C ARG M 192 5.57 -42.37 2.32
N ALA N 1 -26.33 -16.92 80.64
CA ALA N 1 -27.71 -16.46 80.63
C ALA N 1 -28.02 -15.55 79.49
N LEU N 2 -28.32 -16.09 78.33
CA LEU N 2 -28.77 -15.15 77.34
C LEU N 2 -30.10 -14.63 77.82
N VAL N 3 -30.87 -15.50 78.43
CA VAL N 3 -32.15 -15.15 78.97
C VAL N 3 -32.15 -15.61 80.43
N PRO N 4 -32.32 -14.74 81.42
CA PRO N 4 -32.32 -15.04 82.84
C PRO N 4 -33.55 -15.75 83.30
N MET N 5 -33.44 -16.42 84.44
CA MET N 5 -34.55 -17.07 85.12
C MET N 5 -35.08 -16.19 86.22
N VAL N 6 -36.37 -16.28 86.51
CA VAL N 6 -36.94 -15.55 87.62
C VAL N 6 -37.72 -16.48 88.54
N ILE N 7 -37.81 -16.11 89.82
CA ILE N 7 -38.52 -16.91 90.82
C ILE N 7 -39.78 -16.25 91.35
N GLU N 8 -40.87 -16.99 91.40
CA GLU N 8 -42.13 -16.45 91.91
C GLU N 8 -42.78 -17.45 92.85
N GLN N 9 -43.54 -16.98 93.84
CA GLN N 9 -44.16 -17.92 94.75
C GLN N 9 -45.64 -17.98 94.56
N THR N 10 -46.16 -19.20 94.59
CA THR N 10 -47.57 -19.48 94.44
C THR N 10 -48.09 -20.29 95.63
N SER N 11 -48.02 -21.61 95.52
CA SER N 11 -48.47 -22.53 96.55
C SER N 11 -47.23 -23.05 97.25
N ARG N 12 -46.60 -24.08 96.68
CA ARG N 12 -45.37 -24.59 97.28
C ARG N 12 -44.18 -23.65 97.02
N GLY N 13 -44.29 -22.80 95.99
CA GLY N 13 -43.25 -21.81 95.67
C GLY N 13 -42.12 -22.25 94.75
N GLU N 14 -42.16 -23.47 94.26
CA GLU N 14 -41.08 -23.96 93.42
C GLU N 14 -41.26 -23.58 91.95
N ARG N 15 -41.23 -22.29 91.69
CA ARG N 15 -41.43 -21.80 90.36
C ARG N 15 -40.30 -20.97 89.84
N SER N 16 -39.60 -21.50 88.85
CA SER N 16 -38.47 -20.82 88.24
C SER N 16 -38.70 -20.81 86.73
N PHE N 17 -39.20 -19.72 86.19
CA PHE N 17 -39.46 -19.68 84.75
C PHE N 17 -38.63 -18.66 83.97
N ASP N 18 -38.28 -19.00 82.74
CA ASP N 18 -37.50 -18.10 81.91
C ASP N 18 -38.24 -16.78 81.95
N ILE N 19 -37.53 -15.66 81.92
CA ILE N 19 -38.23 -14.38 81.99
C ILE N 19 -39.29 -14.19 80.92
N TYR N 20 -39.15 -14.76 79.74
CA TYR N 20 -40.19 -14.53 78.78
C TYR N 20 -41.43 -15.34 79.10
N SER N 21 -41.29 -16.47 79.76
CA SER N 21 -42.45 -17.28 80.08
C SER N 21 -43.11 -16.63 81.26
N ARG N 22 -42.32 -15.97 82.08
CA ARG N 22 -42.86 -15.28 83.20
C ARG N 22 -43.78 -14.18 82.76
N LEU N 23 -43.44 -13.51 81.67
CA LEU N 23 -44.28 -12.45 81.18
C LEU N 23 -45.42 -12.99 80.35
N LEU N 24 -45.26 -14.13 79.69
CA LEU N 24 -46.38 -14.68 78.94
C LEU N 24 -47.52 -14.91 79.91
N LYS N 25 -47.18 -15.32 81.10
CA LYS N 25 -48.12 -15.57 82.17
C LYS N 25 -48.94 -14.33 82.56
N GLU N 26 -48.44 -13.15 82.23
CA GLU N 26 -49.12 -11.89 82.58
C GLU N 26 -49.89 -11.37 81.38
N ARG N 27 -49.98 -12.23 80.38
CA ARG N 27 -50.65 -11.98 79.14
C ARG N 27 -49.95 -10.90 78.35
N VAL N 28 -48.62 -10.95 78.35
CA VAL N 28 -47.81 -10.04 77.58
C VAL N 28 -47.01 -10.75 76.50
N ILE N 29 -47.17 -10.30 75.26
CA ILE N 29 -46.47 -10.85 74.11
C ILE N 29 -45.55 -9.83 73.48
N PHE N 30 -44.32 -10.20 73.20
CA PHE N 30 -43.42 -9.26 72.56
C PHE N 30 -43.20 -9.62 71.12
N LEU N 31 -43.40 -8.68 70.22
CA LEU N 31 -43.15 -8.85 68.80
C LEU N 31 -42.03 -7.99 68.34
N THR N 32 -40.87 -8.56 68.01
CA THR N 32 -39.79 -7.72 67.57
C THR N 32 -39.09 -8.28 66.36
N GLY N 33 -38.39 -7.41 65.66
CA GLY N 33 -37.58 -7.82 64.52
C GLY N 33 -38.43 -8.00 63.27
N GLN N 34 -37.88 -8.60 62.23
CA GLN N 34 -38.62 -8.73 60.97
C GLN N 34 -39.78 -9.64 61.14
N VAL N 35 -40.92 -9.37 60.51
CA VAL N 35 -42.00 -10.32 60.62
C VAL N 35 -41.98 -11.27 59.46
N GLU N 36 -41.66 -12.52 59.76
CA GLU N 36 -41.55 -13.58 58.78
C GLU N 36 -42.31 -14.80 59.27
N ASP N 37 -42.33 -15.87 58.51
CA ASP N 37 -43.16 -17.02 58.85
C ASP N 37 -42.91 -17.77 60.12
N HIS N 38 -41.68 -18.05 60.48
CA HIS N 38 -41.51 -18.87 61.66
C HIS N 38 -41.80 -18.10 62.89
N MET N 39 -41.38 -16.88 62.93
CA MET N 39 -41.67 -16.09 64.07
C MET N 39 -43.14 -15.76 64.16
N ALA N 40 -43.80 -15.42 63.06
CA ALA N 40 -45.19 -15.08 63.16
C ALA N 40 -45.98 -16.23 63.67
N ASN N 41 -45.64 -17.42 63.26
CA ASN N 41 -46.34 -18.60 63.74
C ASN N 41 -46.32 -18.73 65.24
N LEU N 42 -45.27 -18.27 65.89
CA LEU N 42 -45.19 -18.40 67.31
C LEU N 42 -46.07 -17.38 67.95
N ILE N 43 -46.18 -16.21 67.35
CA ILE N 43 -47.01 -15.18 67.94
C ILE N 43 -48.42 -15.70 67.94
N VAL N 44 -48.82 -16.34 66.86
CA VAL N 44 -50.15 -16.87 66.83
C VAL N 44 -50.36 -17.96 67.85
N ALA N 45 -49.41 -18.88 68.02
CA ALA N 45 -49.61 -19.90 69.02
C ALA N 45 -49.77 -19.28 70.39
N GLN N 46 -49.03 -18.24 70.69
CA GLN N 46 -49.16 -17.63 71.99
C GLN N 46 -50.52 -17.01 72.16
N MET N 47 -51.06 -16.38 71.14
CA MET N 47 -52.37 -15.81 71.33
C MET N 47 -53.44 -16.85 71.49
N LEU N 48 -53.34 -17.97 70.79
CA LEU N 48 -54.38 -18.97 70.93
C LEU N 48 -54.36 -19.52 72.34
N PHE N 49 -53.14 -19.71 72.85
CA PHE N 49 -52.93 -20.22 74.19
C PHE N 49 -53.55 -19.30 75.26
N LEU N 50 -53.38 -17.98 75.10
CA LEU N 50 -53.92 -17.08 76.06
C LEU N 50 -55.42 -16.99 75.97
N GLU N 51 -55.97 -17.06 74.77
CA GLU N 51 -57.42 -17.02 74.58
C GLU N 51 -58.10 -18.15 75.34
N ALA N 52 -57.49 -19.34 75.29
CA ALA N 52 -58.03 -20.49 75.96
C ALA N 52 -57.96 -20.38 77.47
N GLU N 53 -56.90 -19.76 77.99
CA GLU N 53 -56.78 -19.63 79.45
C GLU N 53 -57.83 -18.72 80.04
N ASN N 54 -58.16 -17.65 79.37
CA ASN N 54 -59.17 -16.77 79.89
C ASN N 54 -59.71 -15.89 78.81
N PRO N 55 -60.80 -16.26 78.16
CA PRO N 55 -61.41 -15.56 77.07
C PRO N 55 -61.86 -14.16 77.41
N GLU N 56 -61.94 -13.82 78.67
CA GLU N 56 -62.40 -12.50 79.05
C GLU N 56 -61.33 -11.48 79.37
N LYS N 57 -60.06 -11.82 79.29
CA LYS N 57 -59.05 -10.83 79.67
C LYS N 57 -58.15 -10.39 78.54
N ASP N 58 -57.76 -9.13 78.60
CA ASP N 58 -56.93 -8.52 77.60
C ASP N 58 -55.55 -9.10 77.48
N ILE N 59 -55.03 -9.05 76.26
CA ILE N 59 -53.69 -9.47 75.92
C ILE N 59 -52.92 -8.25 75.49
N TYR N 60 -51.72 -8.08 76.01
CA TYR N 60 -50.92 -6.91 75.67
C TYR N 60 -49.84 -7.27 74.67
N LEU N 61 -49.80 -6.57 73.55
CA LEU N 61 -48.79 -6.88 72.56
C LEU N 61 -47.83 -5.74 72.40
N TYR N 62 -46.56 -5.99 72.67
CA TYR N 62 -45.53 -4.97 72.55
C TYR N 62 -44.92 -5.05 71.16
N ILE N 63 -44.91 -3.94 70.44
CA ILE N 63 -44.37 -3.93 69.11
C ILE N 63 -43.16 -3.08 68.95
N ASN N 64 -42.11 -3.67 68.42
CA ASN N 64 -40.89 -2.97 68.10
C ASN N 64 -40.28 -3.61 66.88
N SER N 65 -40.63 -3.16 65.69
CA SER N 65 -40.16 -3.87 64.52
C SER N 65 -40.07 -3.01 63.27
N PRO N 66 -39.07 -3.25 62.41
CA PRO N 66 -38.80 -2.60 61.15
C PRO N 66 -39.58 -3.04 59.93
N GLY N 67 -40.39 -4.08 59.99
CA GLY N 67 -41.02 -4.51 58.74
C GLY N 67 -41.31 -5.98 58.69
N GLY N 68 -41.61 -6.51 57.51
CA GLY N 68 -41.98 -7.91 57.40
C GLY N 68 -42.34 -8.34 55.99
N VAL N 69 -42.89 -9.53 55.86
CA VAL N 69 -43.19 -10.10 54.55
C VAL N 69 -44.66 -10.09 54.16
N ILE N 70 -45.46 -9.42 54.91
CA ILE N 70 -46.90 -9.26 54.69
C ILE N 70 -47.67 -10.51 54.90
N THR N 71 -47.40 -11.56 54.16
CA THR N 71 -48.19 -12.74 54.33
C THR N 71 -48.11 -13.22 55.75
N ALA N 72 -46.92 -13.27 56.31
CA ALA N 72 -46.81 -13.71 57.67
C ALA N 72 -47.57 -12.78 58.58
N GLY N 73 -47.46 -11.50 58.28
CA GLY N 73 -48.10 -10.47 59.05
C GLY N 73 -49.60 -10.59 59.01
N MET N 74 -50.16 -11.03 57.91
CA MET N 74 -51.59 -11.12 57.87
C MET N 74 -52.07 -12.25 58.74
N SER N 75 -51.30 -13.31 58.92
CA SER N 75 -51.84 -14.33 59.78
C SER N 75 -51.91 -13.80 61.21
N ILE N 76 -51.04 -12.87 61.56
CA ILE N 76 -51.12 -12.29 62.89
C ILE N 76 -52.35 -11.41 62.92
N TYR N 77 -52.54 -10.60 61.90
CA TYR N 77 -53.69 -9.72 61.85
C TYR N 77 -54.98 -10.46 61.98
N ASP N 78 -55.17 -11.51 61.19
CA ASP N 78 -56.42 -12.20 61.29
C ASP N 78 -56.63 -12.85 62.62
N THR N 79 -55.59 -13.39 63.25
CA THR N 79 -55.82 -13.98 64.55
C THR N 79 -56.27 -12.92 65.52
N MET N 80 -55.65 -11.75 65.50
CA MET N 80 -56.06 -10.75 66.46
C MET N 80 -57.50 -10.39 66.30
N GLN N 81 -58.01 -10.42 65.09
CA GLN N 81 -59.40 -10.09 64.89
C GLN N 81 -60.34 -11.23 65.24
N PHE N 82 -59.88 -12.47 65.06
CA PHE N 82 -60.70 -13.65 65.32
C PHE N 82 -60.88 -14.09 66.77
N ILE N 83 -59.83 -13.96 67.58
CA ILE N 83 -59.92 -14.40 68.97
C ILE N 83 -60.78 -13.48 69.76
N LYS N 84 -61.50 -14.01 70.73
CA LYS N 84 -62.39 -13.17 71.51
C LYS N 84 -61.84 -11.97 72.32
N PRO N 85 -60.85 -12.08 73.21
CA PRO N 85 -60.42 -10.98 74.05
C PRO N 85 -59.75 -9.89 73.28
N ASP N 86 -59.85 -8.67 73.75
CA ASP N 86 -59.18 -7.56 73.11
C ASP N 86 -57.69 -7.67 73.15
N VAL N 87 -57.05 -7.26 72.07
CA VAL N 87 -55.62 -7.20 72.08
C VAL N 87 -55.27 -5.75 72.04
N SER N 88 -54.54 -5.31 73.03
CA SER N 88 -54.11 -3.94 73.15
C SER N 88 -52.69 -3.85 72.70
N THR N 89 -52.41 -3.03 71.71
CA THR N 89 -51.09 -2.95 71.18
C THR N 89 -50.37 -1.73 71.64
N ILE N 90 -49.10 -1.89 71.95
CA ILE N 90 -48.23 -0.82 72.40
C ILE N 90 -47.00 -0.69 71.57
N CYS N 91 -46.73 0.51 71.04
CA CYS N 91 -45.54 0.72 70.23
C CYS N 91 -44.36 1.34 70.98
N MET N 92 -43.23 0.64 71.00
CA MET N 92 -42.03 1.13 71.66
C MET N 92 -40.92 1.07 70.66
N GLY N 93 -39.95 1.94 70.69
CA GLY N 93 -38.98 1.78 69.63
C GLY N 93 -39.64 2.21 68.34
N GLN N 94 -39.79 1.32 67.37
CA GLN N 94 -40.43 1.72 66.12
C GLN N 94 -41.46 0.75 65.64
N ALA N 95 -42.37 1.24 64.84
CA ALA N 95 -43.32 0.39 64.16
C ALA N 95 -43.34 0.77 62.72
N ALA N 96 -42.57 0.10 61.90
CA ALA N 96 -42.51 0.52 60.52
C ALA N 96 -43.18 -0.47 59.62
N SER N 97 -43.78 0.04 58.57
CA SER N 97 -44.30 -0.80 57.52
C SER N 97 -45.29 -1.79 58.06
N MET N 98 -44.99 -3.07 57.96
CA MET N 98 -45.93 -4.05 58.46
C MET N 98 -46.12 -3.89 59.96
N GLY N 99 -45.13 -3.42 60.66
CA GLY N 99 -45.26 -3.24 62.08
C GLY N 99 -46.30 -2.19 62.35
N ALA N 100 -46.33 -1.15 61.54
CA ALA N 100 -47.30 -0.10 61.74
C ALA N 100 -48.67 -0.62 61.47
N PHE N 101 -48.79 -1.48 60.49
CA PHE N 101 -50.09 -2.01 60.18
C PHE N 101 -50.64 -2.80 61.33
N LEU N 102 -49.84 -3.68 61.92
CA LEU N 102 -50.36 -4.45 63.02
C LEU N 102 -50.64 -3.54 64.21
N LEU N 103 -49.86 -2.51 64.43
CA LEU N 103 -50.11 -1.63 65.57
C LEU N 103 -51.49 -1.06 65.56
N THR N 104 -51.97 -0.62 64.40
CA THR N 104 -53.27 0.03 64.36
C THR N 104 -54.40 -0.94 64.43
N ALA N 105 -54.11 -2.22 64.39
CA ALA N 105 -55.14 -3.23 64.34
C ALA N 105 -55.59 -3.62 65.72
N GLY N 106 -55.01 -3.00 66.74
CA GLY N 106 -55.38 -3.34 68.10
C GLY N 106 -56.77 -2.83 68.40
N ALA N 107 -57.31 -3.24 69.54
CA ALA N 107 -58.66 -2.87 69.93
C ALA N 107 -58.80 -1.39 70.02
N LYS N 108 -59.90 -0.86 69.50
CA LYS N 108 -60.10 0.57 69.52
C LYS N 108 -60.17 1.11 70.91
N GLY N 109 -59.41 2.17 71.19
CA GLY N 109 -59.42 2.78 72.49
C GLY N 109 -58.26 2.27 73.28
N LYS N 110 -57.62 1.23 72.78
CA LYS N 110 -56.51 0.64 73.43
C LYS N 110 -55.20 0.65 72.64
N ARG N 111 -55.07 1.47 71.58
CA ARG N 111 -53.80 1.53 70.84
C ARG N 111 -52.93 2.60 71.45
N PHE N 112 -51.76 2.27 71.99
CA PHE N 112 -50.96 3.33 72.59
C PHE N 112 -49.47 3.24 72.30
N CYS N 113 -48.80 4.37 72.20
CA CYS N 113 -47.38 4.37 71.91
C CYS N 113 -46.58 5.27 72.85
N LEU N 114 -45.34 4.88 73.11
CA LEU N 114 -44.49 5.64 73.99
C LEU N 114 -44.05 6.90 73.26
N PRO N 115 -43.77 8.00 73.97
CA PRO N 115 -43.47 9.30 73.44
C PRO N 115 -42.27 9.48 72.56
N ASN N 116 -41.26 8.63 72.61
CA ASN N 116 -40.16 8.91 71.70
C ASN N 116 -40.09 7.92 70.57
N SER N 117 -41.17 7.22 70.34
CA SER N 117 -41.25 6.25 69.27
C SER N 117 -41.48 6.86 67.90
N ARG N 118 -41.35 6.03 66.88
CA ARG N 118 -41.60 6.42 65.49
C ARG N 118 -42.42 5.43 64.73
N VAL N 119 -43.34 5.95 63.94
CA VAL N 119 -44.17 5.11 63.13
C VAL N 119 -44.01 5.48 61.67
N MET N 120 -43.82 4.51 60.81
CA MET N 120 -43.64 4.82 59.40
C MET N 120 -44.48 3.94 58.50
N ILE N 121 -45.10 4.53 57.48
CA ILE N 121 -45.93 3.71 56.59
C ILE N 121 -45.58 3.87 55.12
N HIS N 122 -45.82 2.83 54.32
CA HIS N 122 -45.58 2.91 52.88
C HIS N 122 -46.29 1.81 52.12
N GLN N 123 -46.48 1.98 50.82
CA GLN N 123 -47.05 0.94 49.94
C GLN N 123 -46.14 -0.30 49.91
N PRO N 124 -46.64 -1.52 49.65
CA PRO N 124 -45.90 -2.76 49.61
C PRO N 124 -44.92 -2.86 48.48
N LEU N 125 -43.84 -3.60 48.72
CA LEU N 125 -42.78 -3.86 47.74
C LEU N 125 -42.86 -5.27 47.21
N GLY N 126 -42.27 -5.51 46.05
CA GLY N 126 -42.24 -6.86 45.49
C GLY N 126 -41.47 -6.92 44.20
N GLY N 127 -41.59 -8.01 43.46
CA GLY N 127 -40.85 -8.14 42.20
C GLY N 127 -41.05 -9.49 41.56
N TYR N 128 -40.42 -9.71 40.40
CA TYR N 128 -40.55 -10.95 39.65
C TYR N 128 -39.67 -11.03 38.40
N GLN N 129 -39.38 -12.25 37.94
CA GLN N 129 -38.67 -12.53 36.70
C GLN N 129 -39.39 -13.60 35.92
N GLY N 130 -39.51 -13.48 34.61
CA GLY N 130 -40.19 -14.54 33.87
C GLY N 130 -40.68 -14.11 32.51
N GLN N 131 -41.67 -14.81 31.95
CA GLN N 131 -42.13 -14.47 30.62
C GLN N 131 -43.03 -13.28 30.71
N ALA N 132 -43.22 -12.53 29.65
CA ALA N 132 -44.13 -11.40 29.76
C ALA N 132 -45.48 -11.81 30.29
N THR N 133 -45.95 -12.99 29.93
CA THR N 133 -47.21 -13.50 30.44
C THR N 133 -47.22 -13.67 31.96
N ASP N 134 -46.11 -14.08 32.54
CA ASP N 134 -46.09 -14.34 33.95
C ASP N 134 -45.93 -13.04 34.66
N ILE N 135 -45.25 -12.11 34.05
CA ILE N 135 -45.05 -10.84 34.67
C ILE N 135 -46.40 -10.22 34.86
N GLU N 136 -47.26 -10.30 33.88
CA GLU N 136 -48.60 -9.78 34.06
C GLU N 136 -49.33 -10.39 35.23
N ILE N 137 -49.26 -11.70 35.39
CA ILE N 137 -49.98 -12.31 36.48
C ILE N 137 -49.48 -11.81 37.80
N HIS N 138 -48.19 -11.75 37.95
CA HIS N 138 -47.66 -11.32 39.21
C HIS N 138 -47.87 -9.85 39.45
N ALA N 139 -47.85 -9.02 38.42
CA ALA N 139 -48.11 -7.61 38.65
C ALA N 139 -49.54 -7.40 39.11
N ARG N 140 -50.49 -8.15 38.58
CA ARG N 140 -51.84 -7.95 39.01
C ARG N 140 -52.02 -8.31 40.46
N GLU N 141 -51.38 -9.37 40.91
CA GLU N 141 -51.55 -9.74 42.28
C GLU N 141 -50.97 -8.73 43.21
N ILE N 142 -49.83 -8.15 42.91
CA ILE N 142 -49.34 -7.19 43.89
C ILE N 142 -50.24 -5.98 43.96
N LEU N 143 -50.81 -5.57 42.85
CA LEU N 143 -51.67 -4.41 42.91
C LEU N 143 -52.92 -4.72 43.71
N LYS N 144 -53.46 -5.93 43.61
CA LYS N 144 -54.63 -6.24 44.40
C LYS N 144 -54.32 -6.13 45.87
N VAL N 145 -53.14 -6.58 46.26
CA VAL N 145 -52.76 -6.47 47.66
C VAL N 145 -52.64 -5.04 48.04
N LYS N 146 -51.99 -4.22 47.24
CA LYS N 146 -51.89 -2.83 47.63
C LYS N 146 -53.26 -2.28 47.91
N GLY N 147 -54.23 -2.56 47.06
CA GLY N 147 -55.56 -2.05 47.27
C GLY N 147 -56.16 -2.55 48.57
N ARG N 148 -56.00 -3.82 48.88
CA ARG N 148 -56.58 -4.34 50.09
C ARG N 148 -55.94 -3.73 51.31
N MET N 149 -54.65 -3.52 51.30
CA MET N 149 -54.02 -2.96 52.48
C MET N 149 -54.54 -1.55 52.71
N ASN N 150 -54.79 -0.80 51.64
CA ASN N 150 -55.27 0.54 51.85
C ASN N 150 -56.65 0.55 52.44
N GLU N 151 -57.49 -0.39 52.07
CA GLU N 151 -58.82 -0.38 52.64
C GLU N 151 -58.77 -0.63 54.11
N LEU N 152 -57.91 -1.54 54.54
CA LEU N 152 -57.82 -1.85 55.95
C LEU N 152 -57.24 -0.66 56.70
N MET N 153 -56.30 0.07 56.13
CA MET N 153 -55.83 1.25 56.83
C MET N 153 -56.95 2.24 57.02
N ALA N 154 -57.70 2.53 55.97
CA ALA N 154 -58.75 3.49 56.12
C ALA N 154 -59.77 3.04 57.14
N LEU N 155 -60.08 1.76 57.15
CA LEU N 155 -61.03 1.25 58.10
C LEU N 155 -60.60 1.46 59.53
N HIS N 156 -59.37 1.12 59.83
CA HIS N 156 -58.90 1.24 61.19
C HIS N 156 -58.53 2.64 61.63
N THR N 157 -58.10 3.49 60.71
CA THR N 157 -57.69 4.81 61.13
C THR N 157 -58.75 5.88 61.06
N GLY N 158 -59.76 5.74 60.22
CA GLY N 158 -60.77 6.77 60.14
C GLY N 158 -60.48 7.78 59.06
N GLN N 159 -59.41 7.59 58.35
CA GLN N 159 -59.05 8.48 57.27
C GLN N 159 -59.85 8.07 56.07
N SER N 160 -60.05 8.95 55.13
CA SER N 160 -60.76 8.54 53.94
C SER N 160 -59.85 7.65 53.15
N LEU N 161 -60.39 6.87 52.23
CA LEU N 161 -59.51 6.01 51.46
C LEU N 161 -58.57 6.78 50.58
N GLU N 162 -59.08 7.84 49.98
CA GLU N 162 -58.30 8.69 49.10
C GLU N 162 -57.12 9.29 49.84
N GLN N 163 -57.32 9.64 51.11
CA GLN N 163 -56.23 10.21 51.87
C GLN N 163 -55.20 9.16 52.15
N ILE N 164 -55.62 7.93 52.44
CA ILE N 164 -54.66 6.89 52.67
C ILE N 164 -53.88 6.64 51.45
N GLU N 165 -54.50 6.60 50.29
CA GLU N 165 -53.71 6.31 49.12
C GLU N 165 -52.67 7.37 48.89
N ARG N 166 -52.99 8.62 49.06
CA ARG N 166 -51.99 9.63 48.82
C ARG N 166 -50.82 9.52 49.78
N ASP N 167 -51.11 9.23 51.03
CA ASP N 167 -50.09 9.18 52.03
C ASP N 167 -49.19 7.98 52.04
N THR N 168 -49.41 6.98 51.21
CA THR N 168 -48.53 5.85 51.26
C THR N 168 -47.67 5.76 50.02
N GLU N 169 -47.79 6.74 49.13
CA GLU N 169 -46.99 6.73 47.90
C GLU N 169 -45.46 6.74 48.14
N ARG N 170 -45.05 7.45 49.18
CA ARG N 170 -43.66 7.60 49.56
C ARG N 170 -43.58 7.40 51.06
N ASP N 171 -42.45 6.96 51.56
CA ASP N 171 -42.33 6.71 52.98
C ASP N 171 -42.78 7.90 53.81
N ARG N 172 -43.71 7.68 54.70
CA ARG N 172 -44.20 8.74 55.54
C ARG N 172 -43.85 8.52 56.98
N PHE N 173 -43.16 9.46 57.60
CA PHE N 173 -42.78 9.30 59.00
C PHE N 173 -43.63 10.13 59.92
N LEU N 174 -44.07 9.54 61.01
CA LEU N 174 -44.89 10.22 61.99
C LEU N 174 -44.29 10.12 63.41
N SER N 175 -44.23 11.23 64.11
CA SER N 175 -43.73 11.23 65.48
C SER N 175 -44.86 10.74 66.36
N ALA N 176 -44.63 10.43 67.62
CA ALA N 176 -45.75 9.91 68.39
C ALA N 176 -46.97 10.84 68.40
N PRO N 177 -46.87 12.18 68.59
CA PRO N 177 -48.01 13.05 68.53
C PRO N 177 -48.70 13.08 67.18
N GLU N 178 -47.98 12.73 66.13
CA GLU N 178 -48.53 12.74 64.78
C GLU N 178 -49.38 11.51 64.59
N ALA N 179 -48.93 10.41 65.19
CA ALA N 179 -49.66 9.17 65.10
C ALA N 179 -50.99 9.35 65.79
N VAL N 180 -50.99 10.13 66.88
CA VAL N 180 -52.25 10.36 67.59
C VAL N 180 -53.21 11.17 66.75
N GLU N 181 -52.73 12.26 66.15
CA GLU N 181 -53.60 13.12 65.35
C GLU N 181 -54.07 12.48 64.04
N TYR N 182 -53.24 11.62 63.47
CA TYR N 182 -53.54 10.95 62.25
C TYR N 182 -54.59 9.91 62.50
N GLY N 183 -54.48 9.23 63.63
CA GLY N 183 -55.44 8.20 63.94
C GLY N 183 -54.82 6.83 63.95
N LEU N 184 -53.52 6.72 64.13
CA LEU N 184 -52.97 5.39 64.18
C LEU N 184 -53.07 4.90 65.59
N VAL N 185 -52.92 5.79 66.56
CA VAL N 185 -52.99 5.36 67.95
C VAL N 185 -53.95 6.23 68.67
N ASP N 186 -54.43 5.79 69.81
CA ASP N 186 -55.37 6.58 70.54
C ASP N 186 -54.67 7.53 71.49
N SER N 187 -53.55 7.13 72.06
CA SER N 187 -52.88 8.02 72.99
C SER N 187 -51.42 7.70 73.23
N ILE N 188 -50.77 8.61 73.93
CA ILE N 188 -49.38 8.45 74.31
C ILE N 188 -49.30 8.19 75.79
N LEU N 189 -48.57 7.16 76.16
CA LEU N 189 -48.38 6.83 77.57
C LEU N 189 -47.34 7.76 78.07
N THR N 190 -47.37 8.15 79.32
CA THR N 190 -46.37 9.08 79.81
C THR N 190 -45.58 8.51 80.94
N HIS N 191 -46.20 8.46 82.08
CA HIS N 191 -45.60 7.92 83.28
C HIS N 191 -46.62 7.05 83.93
N ARG N 192 -46.18 5.95 84.51
CA ARG N 192 -47.09 5.08 85.20
C ARG N 192 -48.09 5.85 86.03
N ALA O 1 -19.02 -24.70 82.27
CA ALA O 1 -19.73 -23.50 82.64
C ALA O 1 -19.25 -22.30 81.91
N LEU O 2 -19.89 -21.96 80.81
CA LEU O 2 -19.53 -20.70 80.23
C LEU O 2 -19.87 -19.64 81.25
N VAL O 3 -21.03 -19.83 81.88
CA VAL O 3 -21.54 -18.98 82.93
C VAL O 3 -21.73 -19.88 84.15
N PRO O 4 -21.09 -19.62 85.29
CA PRO O 4 -21.13 -20.45 86.47
C PRO O 4 -22.45 -20.34 87.17
N MET O 5 -22.76 -21.39 87.94
CA MET O 5 -23.94 -21.45 88.80
C MET O 5 -23.54 -21.10 90.20
N VAL O 6 -24.43 -20.49 90.95
CA VAL O 6 -24.16 -20.22 92.35
C VAL O 6 -25.26 -20.78 93.21
N ILE O 7 -24.92 -21.10 94.45
CA ILE O 7 -25.91 -21.65 95.40
C ILE O 7 -26.22 -20.68 96.48
N GLU O 8 -27.48 -20.46 96.78
CA GLU O 8 -27.86 -19.52 97.83
C GLU O 8 -28.88 -20.14 98.77
N GLN O 9 -28.80 -19.79 100.05
CA GLN O 9 -29.75 -20.36 100.99
C GLN O 9 -30.96 -19.48 101.14
N THR O 10 -32.10 -20.12 101.30
CA THR O 10 -33.37 -19.44 101.51
C THR O 10 -34.10 -20.10 102.67
N SER O 11 -34.95 -21.04 102.32
CA SER O 11 -35.73 -21.86 103.23
C SER O 11 -35.15 -23.26 103.16
N ARG O 12 -35.55 -24.00 102.13
CA ARG O 12 -35.02 -25.34 101.92
C ARG O 12 -33.54 -25.34 101.46
N GLY O 13 -33.09 -24.25 100.81
CA GLY O 13 -31.69 -24.13 100.38
C GLY O 13 -31.36 -24.71 99.01
N GLU O 14 -32.35 -25.36 98.40
CA GLU O 14 -32.19 -25.96 97.09
C GLU O 14 -32.36 -24.92 95.98
N ARG O 15 -31.45 -23.96 95.94
CA ARG O 15 -31.46 -22.91 94.96
C ARG O 15 -30.16 -22.80 94.25
N SER O 16 -30.18 -23.11 92.95
CA SER O 16 -28.99 -23.04 92.12
C SER O 16 -29.32 -22.25 90.86
N PHE O 17 -28.77 -21.05 90.75
CA PHE O 17 -29.06 -20.22 89.59
C PHE O 17 -27.83 -19.71 88.83
N ASP O 18 -28.06 -19.35 87.58
CA ASP O 18 -27.04 -18.82 86.68
C ASP O 18 -26.64 -17.50 87.31
N ILE O 19 -25.36 -17.29 87.52
CA ILE O 19 -24.93 -16.06 88.19
C ILE O 19 -25.66 -14.82 87.69
N TYR O 20 -26.08 -14.75 86.44
CA TYR O 20 -26.76 -13.54 86.03
C TYR O 20 -28.16 -13.48 86.58
N SER O 21 -28.79 -14.61 86.86
CA SER O 21 -30.12 -14.60 87.40
C SER O 21 -29.99 -14.26 88.86
N ARG O 22 -28.89 -14.67 89.44
CA ARG O 22 -28.64 -14.38 90.83
C ARG O 22 -28.56 -12.90 91.03
N LEU O 23 -27.98 -12.18 90.07
CA LEU O 23 -27.88 -10.75 90.19
C LEU O 23 -29.16 -10.06 89.77
N LEU O 24 -29.94 -10.63 88.86
CA LEU O 24 -31.21 -10.00 88.52
C LEU O 24 -32.04 -9.92 89.78
N LYS O 25 -31.95 -10.93 90.61
CA LYS O 25 -32.65 -11.01 91.87
C LYS O 25 -32.32 -9.84 92.82
N GLU O 26 -31.16 -9.21 92.61
CA GLU O 26 -30.72 -8.11 93.48
C GLU O 26 -31.02 -6.77 92.83
N ARG O 27 -31.81 -6.84 91.77
CA ARG O 27 -32.22 -5.70 91.00
C ARG O 27 -31.04 -5.08 90.29
N VAL O 28 -30.17 -5.93 89.76
CA VAL O 28 -29.04 -5.50 88.96
C VAL O 28 -29.14 -5.98 87.54
N ILE O 29 -29.09 -5.05 86.62
CA ILE O 29 -29.15 -5.32 85.21
C ILE O 29 -27.89 -4.90 84.50
N PHE O 30 -27.32 -5.76 83.68
CA PHE O 30 -26.14 -5.36 82.94
C PHE O 30 -26.49 -5.08 81.51
N LEU O 31 -25.98 -4.00 80.97
CA LEU O 31 -26.14 -3.63 79.57
C LEU O 31 -24.81 -3.55 78.92
N THR O 32 -24.46 -4.52 78.09
CA THR O 32 -23.15 -4.46 77.49
C THR O 32 -23.16 -4.76 76.02
N GLY O 33 -22.13 -4.31 75.33
CA GLY O 33 -21.97 -4.61 73.91
C GLY O 33 -22.84 -3.72 73.06
N GLN O 34 -23.04 -4.05 71.81
CA GLN O 34 -23.81 -3.18 70.92
C GLN O 34 -25.23 -3.13 71.31
N VAL O 35 -25.87 -1.97 71.19
CA VAL O 35 -27.29 -1.91 71.44
C VAL O 35 -28.03 -2.18 70.16
N GLU O 36 -28.87 -3.23 70.20
CA GLU O 36 -29.64 -3.60 69.03
C GLU O 36 -31.05 -3.97 69.48
N ASP O 37 -31.87 -4.45 68.56
CA ASP O 37 -33.23 -4.82 68.94
C ASP O 37 -33.44 -6.02 69.82
N HIS O 38 -32.72 -7.10 69.64
CA HIS O 38 -33.06 -8.24 70.48
C HIS O 38 -32.56 -8.06 71.87
N MET O 39 -31.37 -7.53 72.00
CA MET O 39 -30.88 -7.28 73.30
C MET O 39 -31.67 -6.21 74.00
N ALA O 40 -32.05 -5.14 73.32
CA ALA O 40 -32.78 -4.11 74.01
C ALA O 40 -34.08 -4.65 74.50
N ASN O 41 -34.73 -5.48 73.72
CA ASN O 41 -35.99 -6.03 74.16
C ASN O 41 -35.85 -6.78 75.44
N LEU O 42 -34.74 -7.46 75.62
CA LEU O 42 -34.55 -8.20 76.84
C LEU O 42 -34.36 -7.29 78.02
N ILE O 43 -33.64 -6.19 77.83
CA ILE O 43 -33.42 -5.27 78.93
C ILE O 43 -34.76 -4.74 79.38
N VAL O 44 -35.63 -4.43 78.44
CA VAL O 44 -36.93 -3.94 78.81
C VAL O 44 -37.70 -4.96 79.58
N ALA O 45 -37.68 -6.22 79.14
CA ALA O 45 -38.42 -7.22 79.89
C ALA O 45 -37.93 -7.29 81.31
N GLN O 46 -36.63 -7.18 81.52
CA GLN O 46 -36.13 -7.25 82.88
C GLN O 46 -36.59 -6.09 83.70
N MET O 47 -36.64 -4.90 83.14
CA MET O 47 -37.08 -3.80 83.96
C MET O 47 -38.54 -3.91 84.31
N LEU O 48 -39.38 -4.41 83.40
CA LEU O 48 -40.79 -4.52 83.72
C LEU O 48 -40.98 -5.53 84.82
N PHE O 49 -40.21 -6.61 84.74
CA PHE O 49 -40.27 -7.68 85.73
C PHE O 49 -39.90 -7.19 87.13
N LEU O 50 -38.87 -6.33 87.23
CA LEU O 50 -38.47 -5.83 88.50
C LEU O 50 -39.46 -4.82 89.06
N GLU O 51 -40.04 -4.01 88.19
CA GLU O 51 -41.00 -3.00 88.61
C GLU O 51 -42.19 -3.66 89.29
N ALA O 52 -42.62 -4.80 88.75
CA ALA O 52 -43.73 -5.53 89.31
C ALA O 52 -43.43 -6.13 90.66
N GLU O 53 -42.22 -6.65 90.82
CA GLU O 53 -41.79 -7.27 92.07
C GLU O 53 -41.82 -6.31 93.27
N ASN O 54 -41.36 -5.07 93.08
CA ASN O 54 -41.33 -4.12 94.17
C ASN O 54 -41.16 -2.72 93.65
N PRO O 55 -42.24 -1.99 93.40
CA PRO O 55 -42.27 -0.66 92.86
C PRO O 55 -41.55 0.39 93.65
N GLU O 56 -41.19 0.10 94.89
CA GLU O 56 -40.52 1.08 95.70
C GLU O 56 -39.00 1.01 95.73
N LYS O 57 -38.40 0.02 95.09
CA LYS O 57 -36.95 -0.09 95.22
C LYS O 57 -36.18 0.21 93.96
N ASP O 58 -35.04 0.82 94.14
CA ASP O 58 -34.18 1.19 93.03
C ASP O 58 -33.70 0.03 92.22
N ILE O 59 -33.52 0.27 90.94
CA ILE O 59 -32.96 -0.69 90.00
C ILE O 59 -31.62 -0.19 89.56
N TYR O 60 -30.62 -1.05 89.58
CA TYR O 60 -29.27 -0.63 89.21
C TYR O 60 -28.90 -1.11 87.81
N LEU O 61 -28.47 -0.19 86.96
CA LEU O 61 -28.11 -0.59 85.62
C LEU O 61 -26.64 -0.35 85.38
N TYR O 62 -25.92 -1.42 85.03
CA TYR O 62 -24.49 -1.32 84.76
C TYR O 62 -24.30 -1.15 83.27
N ILE O 63 -23.59 -0.11 82.87
CA ILE O 63 -23.37 0.14 81.46
C ILE O 63 -21.95 0.06 81.02
N ASN O 64 -21.71 -0.74 80.01
CA ASN O 64 -20.41 -0.86 79.36
C ASN O 64 -20.63 -1.14 77.90
N SER O 65 -20.76 -0.11 77.09
CA SER O 65 -21.09 -0.37 75.70
C SER O 65 -20.61 0.73 74.77
N PRO O 66 -20.18 0.38 73.56
CA PRO O 66 -19.72 1.24 72.51
C PRO O 66 -20.75 2.03 71.75
N GLY O 67 -22.02 1.71 71.88
CA GLY O 67 -22.99 2.41 71.07
C GLY O 67 -23.97 1.45 70.47
N GLY O 68 -24.69 1.85 69.44
CA GLY O 68 -25.69 0.98 68.84
C GLY O 68 -26.75 1.71 68.06
N VAL O 69 -27.85 1.03 67.83
CA VAL O 69 -28.99 1.49 67.06
C VAL O 69 -29.83 2.47 67.86
N ILE O 70 -30.15 3.62 67.32
CA ILE O 70 -30.91 4.57 68.12
C ILE O 70 -32.26 4.07 68.46
N THR O 71 -32.97 3.51 67.52
CA THR O 71 -34.31 3.06 67.86
C THR O 71 -34.30 2.07 69.00
N ALA O 72 -33.42 1.10 68.99
CA ALA O 72 -33.42 0.14 70.07
C ALA O 72 -33.13 0.83 71.38
N GLY O 73 -32.20 1.76 71.37
CA GLY O 73 -31.86 2.48 72.56
C GLY O 73 -33.01 3.29 73.09
N MET O 74 -33.86 3.81 72.21
CA MET O 74 -34.96 4.59 72.73
C MET O 74 -35.98 3.74 73.42
N SER O 75 -36.16 2.48 73.05
CA SER O 75 -37.15 1.75 73.81
C SER O 75 -36.68 1.57 75.23
N ILE O 76 -35.37 1.50 75.43
CA ILE O 76 -34.86 1.39 76.79
C ILE O 76 -35.11 2.71 77.48
N TYR O 77 -34.80 3.80 76.82
CA TYR O 77 -34.97 5.10 77.43
C TYR O 77 -36.38 5.32 77.88
N ASP O 78 -37.35 5.06 77.03
CA ASP O 78 -38.70 5.31 77.48
C ASP O 78 -39.13 4.42 78.61
N THR O 79 -38.72 3.16 78.65
CA THR O 79 -39.15 2.35 79.77
C THR O 79 -38.58 2.90 81.04
N MET O 80 -37.34 3.33 81.03
CA MET O 80 -36.76 3.86 82.25
C MET O 80 -37.53 5.04 82.78
N GLN O 81 -38.05 5.86 81.89
CA GLN O 81 -38.76 7.02 82.35
C GLN O 81 -40.16 6.67 82.83
N PHE O 82 -40.77 5.67 82.22
CA PHE O 82 -42.13 5.26 82.50
C PHE O 82 -42.35 4.52 83.81
N ILE O 83 -41.49 3.56 84.11
CA ILE O 83 -41.67 2.71 85.30
C ILE O 83 -41.48 3.51 86.57
N LYS O 84 -42.23 3.19 87.61
CA LYS O 84 -42.16 3.95 88.84
C LYS O 84 -40.82 4.05 89.61
N PRO O 85 -40.10 2.98 89.97
CA PRO O 85 -38.91 3.07 90.80
C PRO O 85 -37.78 3.76 90.09
N ASP O 86 -36.94 4.45 90.83
CA ASP O 86 -35.79 5.10 90.23
C ASP O 86 -34.84 4.12 89.61
N VAL O 87 -34.26 4.50 88.48
CA VAL O 87 -33.25 3.66 87.91
C VAL O 87 -31.97 4.41 88.06
N SER O 88 -31.00 3.80 88.69
CA SER O 88 -29.71 4.37 88.94
C SER O 88 -28.72 3.71 88.03
N THR O 89 -28.05 4.51 87.24
CA THR O 89 -27.13 3.97 86.27
C THR O 89 -25.70 4.14 86.71
N ILE O 90 -24.90 3.13 86.44
CA ILE O 90 -23.49 3.13 86.75
C ILE O 90 -22.66 2.82 85.53
N CYS O 91 -21.69 3.66 85.19
CA CYS O 91 -20.85 3.41 84.02
C CYS O 91 -19.47 2.82 84.36
N MET O 92 -19.14 1.71 83.71
CA MET O 92 -17.87 1.05 83.91
C MET O 92 -17.30 0.76 82.56
N GLY O 93 -15.99 0.71 82.39
CA GLY O 93 -15.58 0.47 81.02
C GLY O 93 -15.93 1.72 80.23
N GLN O 94 -16.74 1.62 79.19
CA GLN O 94 -17.06 2.82 78.44
C GLN O 94 -18.53 3.02 78.19
N ALA O 95 -18.92 4.25 78.00
CA ALA O 95 -20.27 4.57 77.60
C ALA O 95 -20.19 5.48 76.42
N ALA O 96 -20.28 4.94 75.24
CA ALA O 96 -20.12 5.79 74.09
C ALA O 96 -21.39 5.90 73.30
N SER O 97 -21.58 7.05 72.71
CA SER O 97 -22.68 7.24 71.79
C SER O 97 -23.99 6.98 72.42
N MET O 98 -24.73 6.01 71.91
CA MET O 98 -26.01 5.73 72.52
C MET O 98 -25.84 5.25 73.95
N GLY O 99 -24.72 4.64 74.28
CA GLY O 99 -24.52 4.20 75.64
C GLY O 99 -24.44 5.40 76.55
N ALA O 100 -23.80 6.47 76.10
CA ALA O 100 -23.66 7.66 76.90
C ALA O 100 -24.99 8.29 77.13
N PHE O 101 -25.82 8.24 76.11
CA PHE O 101 -27.14 8.81 76.22
C PHE O 101 -27.94 8.11 77.29
N LEU O 102 -27.95 6.78 77.28
CA LEU O 102 -28.72 6.11 78.33
C LEU O 102 -28.11 6.36 79.69
N LEU O 103 -26.80 6.47 79.80
CA LEU O 103 -26.22 6.71 81.11
C LEU O 103 -26.78 7.92 81.80
N THR O 104 -26.96 9.02 81.07
CA THR O 104 -27.40 10.24 81.72
C THR O 104 -28.86 10.23 82.01
N ALA O 105 -29.57 9.22 81.57
CA ALA O 105 -31.00 9.18 81.70
C ALA O 105 -31.43 8.66 83.05
N GLY O 106 -30.48 8.29 83.88
CA GLY O 106 -30.81 7.74 85.18
C GLY O 106 -31.37 8.81 86.10
N ALA O 107 -31.90 8.37 87.23
CA ALA O 107 -32.51 9.26 88.20
C ALA O 107 -31.55 10.31 88.66
N LYS O 108 -31.99 11.54 88.73
CA LYS O 108 -31.08 12.59 89.13
C LYS O 108 -30.58 12.37 90.52
N GLY O 109 -29.25 12.46 90.70
CA GLY O 109 -28.63 12.30 91.99
C GLY O 109 -28.07 10.91 92.12
N LYS O 110 -28.44 10.04 91.20
CA LYS O 110 -27.98 8.68 91.22
C LYS O 110 -27.19 8.24 90.00
N ARG O 111 -26.65 9.16 89.19
CA ARG O 111 -25.84 8.74 88.06
C ARG O 111 -24.39 8.65 88.49
N PHE O 112 -23.77 7.48 88.50
CA PHE O 112 -22.39 7.42 88.96
C PHE O 112 -21.48 6.59 88.06
N CYS O 113 -20.22 6.98 87.95
CA CYS O 113 -19.28 6.26 87.10
C CYS O 113 -17.98 5.96 87.83
N LEU O 114 -17.31 4.91 87.40
CA LEU O 114 -16.06 4.52 88.01
C LEU O 114 -14.96 5.42 87.49
N PRO O 115 -13.88 5.65 88.25
CA PRO O 115 -12.79 6.53 87.95
C PRO O 115 -11.98 6.29 86.72
N ASN O 116 -11.91 5.09 86.16
CA ASN O 116 -11.10 5.00 84.97
C ASN O 116 -11.91 4.83 83.72
N SER O 117 -13.19 5.13 83.81
CA SER O 117 -14.08 5.00 82.68
C SER O 117 -13.95 6.14 81.69
N ARG O 118 -14.59 5.96 80.55
CA ARG O 118 -14.65 6.97 79.50
C ARG O 118 -16.01 7.12 78.94
N VAL O 119 -16.40 8.36 78.72
CA VAL O 119 -17.68 8.63 78.14
C VAL O 119 -17.48 9.43 76.87
N MET O 120 -18.16 9.05 75.80
CA MET O 120 -17.98 9.77 74.53
C MET O 120 -19.32 10.10 73.89
N ILE O 121 -19.43 11.32 73.37
CA ILE O 121 -20.69 11.71 72.73
C ILE O 121 -20.53 12.24 71.32
N HIS O 122 -21.54 12.04 70.47
CA HIS O 122 -21.52 12.57 69.11
C HIS O 122 -22.89 12.62 68.47
N GLN O 123 -23.07 13.43 67.42
CA GLN O 123 -24.29 13.45 66.62
C GLN O 123 -24.50 12.10 65.94
N PRO O 124 -25.74 11.65 65.68
CA PRO O 124 -26.08 10.38 65.08
C PRO O 124 -25.68 10.24 63.65
N LEU O 125 -25.42 9.00 63.26
CA LEU O 125 -25.06 8.62 61.90
C LEU O 125 -26.20 7.96 61.16
N GLY O 126 -26.17 7.96 59.84
CA GLY O 126 -27.18 7.27 59.04
C GLY O 126 -26.81 7.31 57.57
N GLY O 127 -27.74 7.00 56.68
CA GLY O 127 -27.44 7.00 55.25
C GLY O 127 -28.63 6.52 54.43
N TYR O 128 -28.50 6.56 53.10
CA TYR O 128 -29.58 6.15 52.20
C TYR O 128 -29.20 6.14 50.73
N GLN O 129 -29.89 5.32 49.93
CA GLN O 129 -29.73 5.25 48.48
C GLN O 129 -31.07 5.29 47.80
N GLY O 130 -31.21 6.00 46.68
CA GLY O 130 -32.50 6.01 45.99
C GLY O 130 -32.73 7.24 45.13
N GLN O 131 -33.97 7.51 44.79
CA GLN O 131 -34.29 8.64 43.93
C GLN O 131 -34.09 9.92 44.69
N ALA O 132 -33.80 11.03 44.02
CA ALA O 132 -33.61 12.28 44.75
C ALA O 132 -34.79 12.59 45.66
N THR O 133 -35.99 12.27 45.24
CA THR O 133 -37.15 12.46 46.09
C THR O 133 -37.08 11.68 47.40
N ASP O 134 -36.58 10.46 47.38
CA ASP O 134 -36.56 9.67 48.59
C ASP O 134 -35.43 10.10 49.43
N ILE O 135 -34.38 10.57 48.83
CA ILE O 135 -33.26 11.03 49.59
C ILE O 135 -33.72 12.17 50.44
N GLU O 136 -34.48 13.09 49.88
CA GLU O 136 -34.96 14.17 50.69
C GLU O 136 -35.77 13.69 51.86
N ILE O 137 -36.64 12.73 51.67
CA ILE O 137 -37.44 12.30 52.79
C ILE O 137 -36.61 11.74 53.90
N HIS O 138 -35.66 10.90 53.57
CA HIS O 138 -34.86 10.31 54.60
C HIS O 138 -33.93 11.33 55.23
N ALA O 139 -33.42 12.28 54.47
CA ALA O 139 -32.56 13.27 55.10
C ALA O 139 -33.34 14.08 56.11
N ARG O 140 -34.59 14.40 55.82
CA ARG O 140 -35.34 15.16 56.79
C ARG O 140 -35.54 14.41 58.07
N GLU O 141 -35.79 13.13 57.98
CA GLU O 141 -36.01 12.39 59.20
C GLU O 141 -34.76 12.30 60.06
N ILE O 142 -33.59 12.10 59.47
CA ILE O 142 -32.46 12.03 60.36
C ILE O 142 -32.21 13.34 61.04
N LEU O 143 -32.44 14.44 60.36
CA LEU O 143 -32.20 15.70 61.01
C LEU O 143 -33.17 15.91 62.16
N LYS O 144 -34.42 15.47 62.02
CA LYS O 144 -35.35 15.61 63.13
C LYS O 144 -34.87 14.85 64.32
N VAL O 145 -34.32 13.67 64.11
CA VAL O 145 -33.82 12.90 65.24
C VAL O 145 -32.66 13.59 65.88
N LYS O 146 -31.74 14.12 65.10
CA LYS O 146 -30.63 14.83 65.70
C LYS O 146 -31.15 15.92 66.60
N GLY O 147 -32.14 16.66 66.15
CA GLY O 147 -32.66 17.73 66.96
C GLY O 147 -33.25 17.20 68.25
N ARG O 148 -33.98 16.11 68.19
CA ARG O 148 -34.59 15.58 69.38
C ARG O 148 -33.57 15.12 70.38
N MET O 149 -32.49 14.53 69.89
CA MET O 149 -31.41 14.03 70.73
C MET O 149 -30.71 15.16 71.48
N ASN O 150 -30.68 16.36 70.90
CA ASN O 150 -30.03 17.46 71.56
C ASN O 150 -30.92 18.02 72.61
N GLU O 151 -32.22 18.01 72.40
CA GLU O 151 -33.10 18.52 73.42
C GLU O 151 -33.02 17.68 74.65
N LEU O 152 -32.97 16.37 74.49
CA LEU O 152 -32.90 15.51 75.65
C LEU O 152 -31.56 15.63 76.37
N MET O 153 -30.47 15.79 75.65
CA MET O 153 -29.21 15.98 76.35
C MET O 153 -29.26 17.23 77.19
N ALA O 154 -29.73 18.32 76.63
CA ALA O 154 -29.78 19.53 77.39
C ALA O 154 -30.71 19.37 78.59
N LEU O 155 -31.80 18.66 78.42
CA LEU O 155 -32.69 18.47 79.53
C LEU O 155 -32.05 17.75 80.68
N HIS O 156 -31.38 16.66 80.40
CA HIS O 156 -30.80 15.85 81.45
C HIS O 156 -29.50 16.38 82.01
N THR O 157 -28.72 17.10 81.22
CA THR O 157 -27.45 17.57 81.75
C THR O 157 -27.48 18.96 82.34
N GLY O 158 -28.43 19.81 81.94
CA GLY O 158 -28.45 21.15 82.49
C GLY O 158 -27.67 22.13 81.63
N GLN O 159 -27.10 21.65 80.54
CA GLN O 159 -26.36 22.47 79.63
C GLN O 159 -27.36 23.22 78.78
N SER O 160 -26.97 24.35 78.22
CA SER O 160 -27.88 25.04 77.34
C SER O 160 -27.98 24.25 76.07
N LEU O 161 -29.02 24.48 75.29
CA LEU O 161 -29.13 23.72 74.08
C LEU O 161 -28.03 24.04 73.08
N GLU O 162 -27.65 25.29 73.00
CA GLU O 162 -26.62 25.67 72.06
C GLU O 162 -25.32 25.02 72.45
N GLN O 163 -25.05 24.91 73.73
CA GLN O 163 -23.81 24.30 74.12
C GLN O 163 -23.81 22.85 73.73
N ILE O 164 -24.94 22.16 73.87
CA ILE O 164 -24.96 20.79 73.47
C ILE O 164 -24.73 20.68 72.00
N GLU O 165 -25.34 21.54 71.21
CA GLU O 165 -25.10 21.37 69.79
C GLU O 165 -23.65 21.55 69.43
N ARG O 166 -22.97 22.51 70.00
CA ARG O 166 -21.59 22.66 69.62
C ARG O 166 -20.77 21.47 69.98
N ASP O 167 -21.03 20.92 71.14
CA ASP O 167 -20.23 19.84 71.64
C ASP O 167 -20.46 18.49 71.02
N THR O 168 -21.43 18.34 70.14
CA THR O 168 -21.61 17.02 69.57
C THR O 168 -21.29 17.02 68.10
N GLU O 169 -20.79 18.13 67.58
CA GLU O 169 -20.44 18.21 66.17
C GLU O 169 -19.48 17.07 65.76
N ARG O 170 -18.48 16.83 66.60
CA ARG O 170 -17.48 15.82 66.39
C ARG O 170 -17.30 15.13 67.71
N ASP O 171 -16.86 13.90 67.71
CA ASP O 171 -16.72 13.15 68.93
C ASP O 171 -16.00 13.86 70.02
N ARG O 172 -16.61 13.86 71.18
CA ARG O 172 -16.00 14.49 72.31
C ARG O 172 -15.80 13.48 73.40
N PHE O 173 -14.56 13.36 73.89
CA PHE O 173 -14.26 12.38 74.92
C PHE O 173 -14.13 13.02 76.27
N LEU O 174 -14.75 12.43 77.27
CA LEU O 174 -14.71 12.93 78.63
C LEU O 174 -14.20 11.89 79.63
N SER O 175 -13.28 12.27 80.50
CA SER O 175 -12.79 11.35 81.52
C SER O 175 -13.78 11.35 82.64
N ALA O 176 -13.70 10.44 83.59
CA ALA O 176 -14.73 10.45 84.62
C ALA O 176 -14.87 11.80 85.33
N PRO O 177 -13.81 12.52 85.75
CA PRO O 177 -13.94 13.82 86.37
C PRO O 177 -14.59 14.86 85.49
N GLU O 178 -14.48 14.67 84.17
CA GLU O 178 -15.04 15.61 83.21
C GLU O 178 -16.52 15.34 83.06
N ALA O 179 -16.91 14.08 83.15
CA ALA O 179 -18.30 13.75 83.04
C ALA O 179 -19.02 14.38 84.21
N VAL O 180 -18.37 14.41 85.36
CA VAL O 180 -19.00 15.02 86.51
C VAL O 180 -19.10 16.51 86.34
N GLU O 181 -18.05 17.17 85.92
CA GLU O 181 -18.11 18.61 85.76
C GLU O 181 -19.10 19.07 84.71
N TYR O 182 -19.18 18.34 83.62
CA TYR O 182 -20.04 18.62 82.49
C TYR O 182 -21.48 18.40 82.87
N GLY O 183 -21.74 17.45 83.76
CA GLY O 183 -23.08 17.17 84.17
C GLY O 183 -23.65 15.88 83.64
N LEU O 184 -22.82 15.00 83.11
CA LEU O 184 -23.41 13.77 82.63
C LEU O 184 -23.66 12.87 83.81
N VAL O 185 -22.82 12.93 84.82
CA VAL O 185 -23.01 12.08 86.00
C VAL O 185 -22.96 12.91 87.24
N ASP O 186 -23.45 12.38 88.34
CA ASP O 186 -23.41 13.13 89.55
C ASP O 186 -22.13 12.92 90.35
N SER O 187 -21.58 11.71 90.32
CA SER O 187 -20.36 11.49 91.09
C SER O 187 -19.55 10.27 90.70
N ILE O 188 -18.34 10.19 91.23
CA ILE O 188 -17.45 9.08 90.99
C ILE O 188 -17.32 8.21 92.21
N LEU O 189 -17.49 6.92 92.00
CA LEU O 189 -17.38 5.95 93.10
C LEU O 189 -15.92 5.65 93.28
N THR O 190 -15.48 5.37 94.49
CA THR O 190 -14.08 5.07 94.72
C THR O 190 -13.90 3.72 95.32
N HIS O 191 -14.25 3.61 96.59
CA HIS O 191 -14.18 2.35 97.30
C HIS O 191 -15.47 2.11 98.02
N ARG O 192 -15.79 0.85 98.21
CA ARG O 192 -16.94 0.48 98.99
C ARG O 192 -16.83 1.09 100.37
N ALA P 1 -18.99 -33.87 77.63
CA ALA P 1 -18.22 -33.42 78.77
C ALA P 1 -17.23 -32.37 78.39
N LEU P 2 -17.68 -31.24 77.90
CA LEU P 2 -16.66 -30.24 77.65
C LEU P 2 -16.12 -29.84 78.99
N VAL P 3 -16.99 -29.78 79.97
CA VAL P 3 -16.61 -29.46 81.31
C VAL P 3 -17.23 -30.55 82.18
N PRO P 4 -16.46 -31.29 82.99
CA PRO P 4 -16.90 -32.37 83.83
C PRO P 4 -17.63 -31.86 85.05
N MET P 5 -18.39 -32.75 85.66
CA MET P 5 -19.11 -32.50 86.90
C MET P 5 -18.35 -33.06 88.08
N VAL P 6 -18.46 -32.43 89.23
CA VAL P 6 -17.85 -32.96 90.43
C VAL P 6 -18.85 -33.04 91.57
N ILE P 7 -18.61 -33.95 92.51
CA ILE P 7 -19.51 -34.17 93.65
C ILE P 7 -18.94 -33.77 95.00
N GLU P 8 -19.73 -33.08 95.81
CA GLU P 8 -19.27 -32.66 97.14
C GLU P 8 -20.39 -32.83 98.16
N GLN P 9 -20.04 -33.12 99.41
CA GLN P 9 -21.09 -33.29 100.40
C GLN P 9 -21.13 -32.18 101.41
N THR P 10 -22.35 -31.78 101.71
CA THR P 10 -22.66 -30.77 102.69
C THR P 10 -23.58 -31.39 103.74
N SER P 11 -24.89 -31.31 103.50
CA SER P 11 -25.90 -31.83 104.39
C SER P 11 -26.47 -33.08 103.75
N ARG P 12 -27.43 -32.89 102.85
CA ARG P 12 -28.07 -34.00 102.13
C ARG P 12 -27.14 -34.72 101.11
N GLY P 13 -26.06 -34.06 100.70
CA GLY P 13 -25.06 -34.63 99.77
C GLY P 13 -25.40 -34.52 98.29
N GLU P 14 -26.53 -33.94 97.97
CA GLU P 14 -26.97 -33.82 96.59
C GLU P 14 -26.38 -32.61 95.90
N ARG P 15 -25.08 -32.63 95.72
CA ARG P 15 -24.43 -31.53 95.07
C ARG P 15 -23.52 -32.01 93.99
N SER P 16 -23.87 -31.66 92.75
CA SER P 16 -23.08 -32.02 91.58
C SER P 16 -22.94 -30.77 90.74
N PHE P 17 -21.84 -30.05 90.88
CA PHE P 17 -21.69 -28.82 90.11
C PHE P 17 -20.60 -28.86 89.05
N ASP P 18 -20.76 -28.07 88.00
CA ASP P 18 -19.77 -27.99 86.92
C ASP P 18 -18.46 -27.65 87.62
N ILE P 19 -17.37 -28.29 87.22
CA ILE P 19 -16.13 -28.01 87.93
C ILE P 19 -15.82 -26.53 88.03
N TYR P 20 -16.23 -25.68 87.11
CA TYR P 20 -15.88 -24.29 87.31
C TYR P 20 -16.72 -23.64 88.39
N SER P 21 -17.93 -24.14 88.62
CA SER P 21 -18.75 -23.55 89.64
C SER P 21 -18.23 -24.08 90.96
N ARG P 22 -17.72 -25.30 90.93
CA ARG P 22 -17.18 -25.86 92.14
C ARG P 22 -16.04 -25.02 92.64
N LEU P 23 -15.23 -24.50 91.73
CA LEU P 23 -14.11 -23.67 92.13
C LEU P 23 -14.55 -22.25 92.44
N LEU P 24 -15.60 -21.74 91.79
CA LEU P 24 -16.07 -20.41 92.16
C LEU P 24 -16.45 -20.41 93.61
N LYS P 25 -17.01 -21.49 94.08
CA LYS P 25 -17.41 -21.65 95.46
C LYS P 25 -16.24 -21.49 96.43
N GLU P 26 -15.01 -21.72 95.95
CA GLU P 26 -13.81 -21.63 96.80
C GLU P 26 -13.15 -20.27 96.65
N ARG P 27 -13.86 -19.39 95.97
CA ARG P 27 -13.43 -18.04 95.70
C ARG P 27 -12.27 -17.99 94.74
N VAL P 28 -12.31 -18.83 93.72
CA VAL P 28 -11.33 -18.83 92.66
C VAL P 28 -11.93 -18.45 91.30
N ILE P 29 -11.37 -17.44 90.67
CA ILE P 29 -11.82 -16.97 89.36
C ILE P 29 -10.74 -17.13 88.31
N PHE P 30 -11.06 -17.68 87.15
CA PHE P 30 -10.04 -17.80 86.12
C PHE P 30 -10.23 -16.81 84.98
N LEU P 31 -9.17 -16.12 84.62
CA LEU P 31 -9.15 -15.20 83.50
C LEU P 31 -8.28 -15.71 82.40
N THR P 32 -8.86 -16.20 81.33
CA THR P 32 -8.02 -16.72 80.27
C THR P 32 -8.41 -16.24 78.91
N GLY P 33 -7.46 -16.22 78.00
CA GLY P 33 -7.74 -15.88 76.61
C GLY P 33 -7.80 -14.39 76.44
N GLN P 34 -8.31 -13.90 75.33
CA GLN P 34 -8.33 -12.47 75.07
C GLN P 34 -9.24 -11.75 76.00
N VAL P 35 -8.86 -10.56 76.43
CA VAL P 35 -9.76 -9.78 77.25
C VAL P 35 -10.66 -8.97 76.35
N GLU P 36 -11.97 -9.16 76.51
CA GLU P 36 -12.94 -8.44 75.70
C GLU P 36 -14.14 -8.07 76.56
N ASP P 37 -15.15 -7.49 75.94
CA ASP P 37 -16.34 -7.10 76.72
C ASP P 37 -17.20 -8.16 77.32
N HIS P 38 -17.46 -9.25 76.64
CA HIS P 38 -18.38 -10.18 77.26
C HIS P 38 -17.73 -10.95 78.36
N MET P 39 -16.52 -11.38 78.13
CA MET P 39 -15.83 -12.10 79.14
C MET P 39 -15.51 -11.22 80.33
N ALA P 40 -15.11 -9.99 80.11
CA ALA P 40 -14.80 -9.16 81.24
C ALA P 40 -16.01 -8.93 82.07
N ASN P 41 -17.15 -8.76 81.41
CA ASN P 41 -18.42 -8.53 82.08
C ASN P 41 -18.77 -9.67 83.03
N LEU P 42 -18.41 -10.89 82.63
CA LEU P 42 -18.69 -12.05 83.45
C LEU P 42 -17.79 -12.08 84.67
N ILE P 43 -16.53 -11.72 84.53
CA ILE P 43 -15.65 -11.68 85.67
C ILE P 43 -16.13 -10.67 86.66
N VAL P 44 -16.56 -9.53 86.20
CA VAL P 44 -17.04 -8.56 87.15
C VAL P 44 -18.20 -9.14 87.92
N ALA P 45 -19.14 -9.81 87.26
CA ALA P 45 -20.24 -10.37 88.01
C ALA P 45 -19.76 -11.34 89.07
N GLN P 46 -18.75 -12.15 88.78
CA GLN P 46 -18.30 -13.09 89.79
C GLN P 46 -17.68 -12.40 90.95
N MET P 47 -16.93 -11.35 90.71
CA MET P 47 -16.33 -10.67 91.82
C MET P 47 -17.35 -10.01 92.70
N LEU P 48 -18.40 -9.44 92.12
CA LEU P 48 -19.41 -8.79 92.95
C LEU P 48 -20.15 -9.82 93.78
N PHE P 49 -20.39 -10.98 93.17
CA PHE P 49 -21.07 -12.07 93.84
C PHE P 49 -20.30 -12.57 95.05
N LEU P 50 -18.98 -12.70 94.93
CA LEU P 50 -18.19 -13.16 96.03
C LEU P 50 -18.06 -12.12 97.12
N GLU P 51 -17.99 -10.84 96.78
CA GLU P 51 -17.91 -9.82 97.82
C GLU P 51 -19.10 -9.93 98.71
N ALA P 52 -20.27 -10.07 98.11
CA ALA P 52 -21.48 -10.14 98.90
C ALA P 52 -21.51 -11.35 99.81
N GLU P 53 -21.03 -12.48 99.30
CA GLU P 53 -21.00 -13.72 100.07
C GLU P 53 -20.22 -13.60 101.38
N ASN P 54 -19.05 -12.96 101.34
CA ASN P 54 -18.24 -12.82 102.53
C ASN P 54 -17.21 -11.74 102.32
N PRO P 55 -17.48 -10.51 102.74
CA PRO P 55 -16.65 -9.35 102.56
C PRO P 55 -15.28 -9.45 103.17
N GLU P 56 -15.06 -10.45 104.01
CA GLU P 56 -13.80 -10.58 104.70
C GLU P 56 -12.86 -11.64 104.16
N LYS P 57 -13.20 -12.26 103.03
CA LYS P 57 -12.29 -13.28 102.53
C LYS P 57 -11.69 -12.97 101.19
N ASP P 58 -10.42 -13.32 101.04
CA ASP P 58 -9.72 -13.06 99.81
C ASP P 58 -10.28 -13.79 98.63
N ILE P 59 -10.13 -13.18 97.47
CA ILE P 59 -10.51 -13.76 96.20
C ILE P 59 -9.28 -14.05 95.40
N TYR P 60 -9.19 -15.23 94.81
CA TYR P 60 -8.02 -15.60 94.04
C TYR P 60 -8.30 -15.53 92.56
N LEU P 61 -7.49 -14.78 91.82
CA LEU P 61 -7.70 -14.66 90.40
C LEU P 61 -6.54 -15.26 89.64
N TYR P 62 -6.82 -16.25 88.81
CA TYR P 62 -5.78 -16.91 88.03
C TYR P 62 -5.70 -16.23 86.67
N ILE P 63 -4.51 -15.82 86.27
CA ILE P 63 -4.36 -15.15 85.00
C ILE P 63 -3.51 -15.87 84.01
N ASN P 64 -4.04 -16.10 82.82
CA ASN P 64 -3.33 -16.71 81.71
C ASN P 64 -3.85 -16.13 80.41
N SER P 65 -3.30 -15.03 79.96
CA SER P 65 -3.89 -14.38 78.80
C SER P 65 -2.89 -13.58 78.00
N PRO P 66 -3.02 -13.54 76.67
CA PRO P 66 -2.23 -12.83 75.71
C PRO P 66 -2.45 -11.34 75.64
N GLY P 67 -3.50 -10.83 76.25
CA GLY P 67 -3.77 -9.42 76.10
C GLY P 67 -5.22 -9.19 75.79
N GLY P 68 -5.56 -8.03 75.24
CA GLY P 68 -6.95 -7.74 74.95
C GLY P 68 -7.25 -6.26 74.89
N VAL P 69 -8.54 -5.95 74.96
CA VAL P 69 -9.10 -4.62 74.85
C VAL P 69 -8.89 -3.84 76.12
N ILE P 70 -8.35 -2.63 76.03
CA ILE P 70 -8.12 -1.87 77.25
C ILE P 70 -9.38 -1.53 77.95
N THR P 71 -10.37 -1.04 77.25
CA THR P 71 -11.59 -0.69 77.94
C THR P 71 -12.14 -1.83 78.75
N ALA P 72 -12.22 -3.03 78.18
CA ALA P 72 -12.77 -4.11 78.95
C ALA P 72 -11.90 -4.41 80.15
N GLY P 73 -10.59 -4.39 79.98
CA GLY P 73 -9.70 -4.67 81.08
C GLY P 73 -9.85 -3.65 82.18
N MET P 74 -10.15 -2.41 81.86
CA MET P 74 -10.29 -1.44 82.90
C MET P 74 -11.51 -1.66 83.73
N SER P 75 -12.57 -2.27 83.20
CA SER P 75 -13.69 -2.45 84.10
C SER P 75 -13.35 -3.48 85.14
N ILE P 76 -12.47 -4.43 84.81
CA ILE P 76 -12.07 -5.42 85.79
C ILE P 76 -11.23 -4.72 86.82
N TYR P 77 -10.30 -3.91 86.38
CA TYR P 77 -9.44 -3.20 87.29
C TYR P 77 -10.23 -2.39 88.27
N ASP P 78 -11.20 -1.62 87.81
CA ASP P 78 -11.92 -0.82 88.78
C ASP P 78 -12.66 -1.66 89.77
N THR P 79 -13.22 -2.79 89.38
CA THR P 79 -13.92 -3.61 90.35
C THR P 79 -12.94 -4.08 91.40
N MET P 80 -11.76 -4.53 91.01
CA MET P 80 -10.80 -5.02 91.99
C MET P 80 -10.50 -3.97 93.03
N GLN P 81 -10.44 -2.72 92.64
CA GLN P 81 -10.13 -1.70 93.60
C GLN P 81 -11.31 -1.27 94.44
N PHE P 82 -12.51 -1.38 93.90
CA PHE P 82 -13.71 -0.97 94.59
C PHE P 82 -14.19 -1.93 95.67
N ILE P 83 -14.22 -3.22 95.37
CA ILE P 83 -14.79 -4.18 96.31
C ILE P 83 -13.92 -4.33 97.53
N LYS P 84 -14.54 -4.55 98.68
CA LYS P 84 -13.82 -4.65 99.94
C LYS P 84 -12.75 -5.75 100.18
N PRO P 85 -12.94 -7.05 99.91
CA PRO P 85 -11.95 -8.07 100.19
C PRO P 85 -10.78 -7.94 99.26
N ASP P 86 -9.60 -8.32 99.70
CA ASP P 86 -8.44 -8.30 98.83
C ASP P 86 -8.53 -9.26 97.69
N VAL P 87 -7.98 -8.87 96.56
CA VAL P 87 -7.91 -9.77 95.44
C VAL P 87 -6.47 -10.11 95.20
N SER P 88 -6.16 -11.38 95.22
CA SER P 88 -4.82 -11.87 95.02
C SER P 88 -4.71 -12.50 93.67
N THR P 89 -3.80 -12.01 92.87
CA THR P 89 -3.66 -12.48 91.53
C THR P 89 -2.48 -13.40 91.38
N ILE P 90 -2.67 -14.48 90.64
CA ILE P 90 -1.64 -15.45 90.37
C ILE P 90 -1.45 -15.69 88.89
N CYS P 91 -0.24 -15.49 88.37
CA CYS P 91 0.01 -15.68 86.95
C CYS P 91 0.65 -17.03 86.57
N MET P 92 0.05 -17.69 85.59
CA MET P 92 0.56 -18.96 85.07
C MET P 92 0.54 -18.91 83.59
N GLY P 93 1.37 -19.66 82.89
CA GLY P 93 1.29 -19.48 81.45
C GLY P 93 1.81 -18.09 81.17
N GLN P 94 0.99 -17.21 80.62
CA GLN P 94 1.49 -15.87 80.35
C GLN P 94 0.58 -14.77 80.80
N ALA P 95 1.16 -13.62 81.05
CA ALA P 95 0.40 -12.43 81.34
C ALA P 95 0.94 -11.36 80.48
N ALA P 96 0.39 -11.19 79.31
CA ALA P 96 0.96 -10.22 78.41
C ALA P 96 0.06 -9.03 78.24
N SER P 97 0.66 -7.88 78.06
CA SER P 97 -0.05 -6.68 77.72
C SER P 97 -1.06 -6.34 78.77
N MET P 98 -2.33 -6.28 78.40
CA MET P 98 -3.34 -5.95 79.38
C MET P 98 -3.39 -7.00 80.47
N GLY P 99 -3.00 -8.22 80.17
CA GLY P 99 -2.98 -9.24 81.18
C GLY P 99 -1.97 -8.92 82.26
N ALA P 100 -0.83 -8.32 81.91
CA ALA P 100 0.18 -8.00 82.88
C ALA P 100 -0.29 -6.89 83.73
N PHE P 101 -1.02 -5.97 83.11
CA PHE P 101 -1.53 -4.86 83.85
C PHE P 101 -2.43 -5.32 84.95
N LEU P 102 -3.36 -6.22 84.64
CA LEU P 102 -4.21 -6.66 85.72
C LEU P 102 -3.42 -7.45 86.73
N LEU P 103 -2.43 -8.21 86.34
CA LEU P 103 -1.68 -8.98 87.34
C LEU P 103 -1.10 -8.12 88.44
N THR P 104 -0.54 -6.97 88.10
CA THR P 104 0.10 -6.16 89.12
C THR P 104 -0.88 -5.42 89.97
N ALA P 105 -2.14 -5.49 89.63
CA ALA P 105 -3.15 -4.70 90.29
C ALA P 105 -3.67 -5.38 91.53
N GLY P 106 -3.18 -6.57 91.81
CA GLY P 106 -3.66 -7.31 92.95
C GLY P 106 -3.20 -6.68 94.25
N ALA P 107 -3.70 -7.20 95.35
CA ALA P 107 -3.39 -6.67 96.66
C ALA P 107 -1.93 -6.73 96.93
N LYS P 108 -1.38 -5.68 97.50
CA LYS P 108 0.05 -5.68 97.75
C LYS P 108 0.44 -6.78 98.69
N GLY P 109 1.46 -7.56 98.34
CA GLY P 109 1.94 -8.62 99.18
C GLY P 109 1.36 -9.93 98.73
N LYS P 110 0.37 -9.87 97.86
CA LYS P 110 -0.28 -11.04 97.37
C LYS P 110 -0.18 -11.26 95.88
N ARG P 111 0.74 -10.60 95.16
CA ARG P 111 0.86 -10.86 93.73
C ARG P 111 1.87 -11.97 93.52
N PHE P 112 1.48 -13.11 92.97
CA PHE P 112 2.46 -14.18 92.81
C PHE P 112 2.38 -14.90 91.48
N CYS P 113 3.51 -15.36 90.96
CA CYS P 113 3.53 -16.05 89.68
C CYS P 113 4.29 -17.36 89.75
N LEU P 114 3.99 -18.26 88.83
CA LEU P 114 4.67 -19.55 88.81
C LEU P 114 6.01 -19.40 88.10
N PRO P 115 7.03 -20.22 88.40
CA PRO P 115 8.38 -20.13 87.91
C PRO P 115 8.62 -20.24 86.44
N ASN P 116 7.76 -20.85 85.64
CA ASN P 116 8.10 -20.87 84.23
C ASN P 116 7.23 -19.94 83.43
N SER P 117 6.55 -19.04 84.09
CA SER P 117 5.68 -18.11 83.42
C SER P 117 6.41 -16.99 82.74
N ARG P 118 5.69 -16.24 81.93
CA ARG P 118 6.23 -15.07 81.26
C ARG P 118 5.33 -13.90 81.34
N VAL P 119 5.92 -12.76 81.59
CA VAL P 119 5.19 -11.54 81.69
C VAL P 119 5.69 -10.58 80.66
N MET P 120 4.81 -9.94 79.92
CA MET P 120 5.28 -9.02 78.88
C MET P 120 4.53 -7.71 78.92
N ILE P 121 5.26 -6.59 78.82
CA ILE P 121 4.58 -5.30 78.84
C ILE P 121 4.89 -4.42 77.64
N HIS P 122 3.94 -3.57 77.23
CA HIS P 122 4.16 -2.67 76.12
C HIS P 122 3.14 -1.53 76.09
N GLN P 123 3.44 -0.44 75.38
CA GLN P 123 2.50 0.67 75.18
C GLN P 123 1.25 0.28 74.37
N PRO P 124 0.09 0.95 74.51
CA PRO P 124 -1.16 0.70 73.83
C PRO P 124 -1.14 0.80 72.33
N LEU P 125 -1.95 -0.02 71.68
CA LEU P 125 -2.14 -0.02 70.23
C LEU P 125 -3.47 0.57 69.85
N GLY P 126 -3.58 1.08 68.64
CA GLY P 126 -4.87 1.62 68.17
C GLY P 126 -4.76 2.07 66.73
N GLY P 127 -5.75 2.84 66.25
CA GLY P 127 -5.73 3.31 64.86
C GLY P 127 -7.00 4.07 64.53
N TYR P 128 -7.08 4.60 63.30
CA TYR P 128 -8.24 5.37 62.83
C TYR P 128 -8.20 5.79 61.37
N GLN P 129 -9.37 5.98 60.76
CA GLN P 129 -9.51 6.50 59.39
C GLN P 129 -10.50 7.63 59.35
N GLY P 130 -10.26 8.68 58.58
CA GLY P 130 -11.23 9.78 58.53
C GLY P 130 -10.62 11.10 58.10
N GLN P 131 -11.27 12.21 58.44
CA GLN P 131 -10.77 13.51 57.98
C GLN P 131 -9.61 13.91 58.84
N ALA P 132 -8.72 14.77 58.37
CA ALA P 132 -7.61 15.17 59.21
C ALA P 132 -8.07 15.68 60.55
N THR P 133 -9.20 16.37 60.61
CA THR P 133 -9.73 16.83 61.88
C THR P 133 -10.12 15.69 62.81
N ASP P 134 -10.59 14.57 62.29
CA ASP P 134 -11.02 13.51 63.15
C ASP P 134 -9.82 12.77 63.62
N ILE P 135 -8.80 12.71 62.80
CA ILE P 135 -7.60 12.03 63.18
C ILE P 135 -7.04 12.72 64.37
N GLU P 136 -7.03 14.05 64.31
CA GLU P 136 -6.52 14.85 65.43
C GLU P 136 -7.22 14.54 66.75
N ILE P 137 -8.53 14.28 66.71
CA ILE P 137 -9.26 13.97 67.92
C ILE P 137 -8.92 12.61 68.47
N HIS P 138 -8.89 11.62 67.62
CA HIS P 138 -8.61 10.28 68.10
C HIS P 138 -7.17 10.10 68.49
N ALA P 139 -6.24 10.72 67.79
CA ALA P 139 -4.87 10.56 68.19
C ALA P 139 -4.66 11.13 69.56
N ARG P 140 -5.29 12.24 69.86
CA ARG P 140 -5.10 12.79 71.17
C ARG P 140 -5.63 11.87 72.23
N GLU P 141 -6.76 11.24 71.99
CA GLU P 141 -7.29 10.35 73.01
C GLU P 141 -6.41 9.16 73.27
N ILE P 142 -5.80 8.55 72.25
CA ILE P 142 -4.99 7.40 72.61
C ILE P 142 -3.80 7.83 73.42
N LEU P 143 -3.26 9.00 73.17
CA LEU P 143 -2.13 9.43 73.96
C LEU P 143 -2.53 9.67 75.39
N LYS P 144 -3.72 10.17 75.64
CA LYS P 144 -4.13 10.34 77.02
C LYS P 144 -4.21 9.01 77.73
N VAL P 145 -4.69 7.98 77.04
CA VAL P 145 -4.76 6.68 77.66
C VAL P 145 -3.37 6.19 77.96
N LYS P 146 -2.45 6.32 77.04
CA LYS P 146 -1.12 5.88 77.32
C LYS P 146 -0.58 6.53 78.56
N GLY P 147 -0.78 7.82 78.71
CA GLY P 147 -0.27 8.47 79.88
C GLY P 147 -0.87 7.91 81.15
N ARG P 148 -2.16 7.62 81.13
CA ARG P 148 -2.78 7.10 82.32
C ARG P 148 -2.30 5.72 82.67
N MET P 149 -2.08 4.88 81.68
CA MET P 149 -1.65 3.53 82.01
C MET P 149 -0.26 3.57 82.64
N ASN P 150 0.59 4.50 82.19
CA ASN P 150 1.91 4.56 82.76
C ASN P 150 1.86 5.02 84.19
N GLU P 151 0.95 5.90 84.53
CA GLU P 151 0.87 6.31 85.91
C GLU P 151 0.47 5.15 86.78
N LEU P 152 -0.46 4.33 86.32
CA LEU P 152 -0.89 3.23 87.14
C LEU P 152 0.23 2.19 87.29
N MET P 153 1.00 1.95 86.25
CA MET P 153 2.11 1.03 86.43
C MET P 153 3.07 1.54 87.46
N ALA P 154 3.43 2.80 87.37
CA ALA P 154 4.37 3.31 88.33
C ALA P 154 3.78 3.24 89.73
N LEU P 155 2.50 3.51 89.87
CA LEU P 155 1.92 3.44 91.19
C LEU P 155 1.97 2.07 91.80
N HIS P 156 1.62 1.06 91.03
CA HIS P 156 1.60 -0.28 91.56
C HIS P 156 2.96 -0.94 91.66
N THR P 157 3.91 -0.58 90.81
CA THR P 157 5.19 -1.27 90.89
C THR P 157 6.26 -0.59 91.69
N GLY P 158 6.19 0.71 91.91
CA GLY P 158 7.24 1.35 92.67
C GLY P 158 8.34 1.93 91.79
N GLN P 159 8.23 1.74 90.51
CA GLN P 159 9.20 2.26 89.58
C GLN P 159 8.90 3.72 89.42
N SER P 160 9.88 4.51 89.02
CA SER P 160 9.61 5.92 88.75
C SER P 160 8.81 6.02 87.49
N LEU P 161 8.17 7.15 87.26
CA LEU P 161 7.40 7.23 86.04
C LEU P 161 8.26 7.22 84.81
N GLU P 162 9.40 7.87 84.86
CA GLU P 162 10.27 7.90 83.71
C GLU P 162 10.76 6.52 83.38
N GLN P 163 11.02 5.72 84.39
CA GLN P 163 11.49 4.40 84.11
C GLN P 163 10.41 3.58 83.45
N ILE P 164 9.17 3.74 83.86
CA ILE P 164 8.12 3.00 83.20
C ILE P 164 8.00 3.43 81.78
N GLU P 165 8.09 4.71 81.50
CA GLU P 165 7.95 5.08 80.11
C GLU P 165 9.03 4.48 79.26
N ARG P 166 10.26 4.46 79.71
CA ARG P 166 11.28 3.89 78.86
C ARG P 166 11.07 2.42 78.59
N ASP P 167 10.63 1.70 79.59
CA ASP P 167 10.48 0.28 79.46
C ASP P 167 9.31 -0.20 78.67
N THR P 168 8.42 0.66 78.23
CA THR P 168 7.29 0.15 77.49
C THR P 168 7.33 0.58 76.05
N GLU P 169 8.44 1.19 75.63
CA GLU P 169 8.57 1.63 74.24
C GLU P 169 8.38 0.49 73.22
N ARG P 170 8.91 -0.69 73.56
CA ARG P 170 8.84 -1.86 72.72
C ARG P 170 8.59 -3.04 73.62
N ASP P 171 8.10 -4.11 73.08
CA ASP P 171 7.78 -5.27 73.88
C ASP P 171 8.90 -5.65 74.81
N ARG P 172 8.60 -5.80 76.07
CA ARG P 172 9.60 -6.18 77.03
C ARG P 172 9.21 -7.43 77.73
N PHE P 173 10.02 -8.46 77.60
CA PHE P 173 9.69 -9.75 78.20
C PHE P 173 10.43 -9.95 79.49
N LEU P 174 9.74 -10.41 80.52
CA LEU P 174 10.35 -10.69 81.80
C LEU P 174 10.11 -12.13 82.25
N SER P 175 11.12 -12.77 82.81
CA SER P 175 10.97 -14.11 83.34
C SER P 175 10.38 -14.02 84.73
N ALA P 176 9.93 -15.10 85.33
CA ALA P 176 9.34 -14.94 86.64
C ALA P 176 10.28 -14.24 87.64
N PRO P 177 11.56 -14.57 87.80
CA PRO P 177 12.43 -13.88 88.70
C PRO P 177 12.65 -12.42 88.40
N GLU P 178 12.46 -12.05 87.13
CA GLU P 178 12.65 -10.68 86.69
C GLU P 178 11.45 -9.86 87.09
N ALA P 179 10.29 -10.48 87.01
CA ALA P 179 9.06 -9.81 87.38
C ALA P 179 9.15 -9.45 88.84
N VAL P 180 9.77 -10.34 89.62
CA VAL P 180 9.92 -10.09 91.04
C VAL P 180 10.85 -8.92 91.29
N GLU P 181 12.00 -8.88 90.63
CA GLU P 181 12.91 -7.76 90.85
C GLU P 181 12.34 -6.44 90.38
N TYR P 182 11.63 -6.47 89.28
CA TYR P 182 11.08 -5.28 88.69
C TYR P 182 10.02 -4.73 89.60
N GLY P 183 9.24 -5.61 90.20
CA GLY P 183 8.18 -5.19 91.09
C GLY P 183 6.79 -5.49 90.56
N LEU P 184 6.68 -6.32 89.53
CA LEU P 184 5.37 -6.63 89.04
C LEU P 184 4.72 -7.61 89.98
N VAL P 185 5.50 -8.49 90.57
CA VAL P 185 4.92 -9.45 91.51
C VAL P 185 5.71 -9.46 92.79
N ASP P 186 5.14 -9.98 93.85
CA ASP P 186 5.87 -10.02 95.09
C ASP P 186 6.70 -11.28 95.24
N SER P 187 6.22 -12.40 94.73
CA SER P 187 6.99 -13.63 94.88
C SER P 187 6.62 -14.74 93.93
N ILE P 188 7.44 -15.77 93.90
CA ILE P 188 7.22 -16.94 93.07
C ILE P 188 6.77 -18.11 93.88
N LEU P 189 5.71 -18.76 93.47
CA LEU P 189 5.24 -19.92 94.20
C LEU P 189 6.08 -21.06 93.74
N THR P 190 6.38 -22.00 94.59
CA THR P 190 7.24 -23.11 94.21
C THR P 190 6.54 -24.43 94.32
N HIS P 191 6.41 -24.92 95.53
CA HIS P 191 5.74 -26.17 95.78
C HIS P 191 4.78 -25.99 96.91
N ARG P 192 3.71 -26.76 96.92
CA ARG P 192 2.77 -26.70 98.01
C ARG P 192 3.47 -26.88 99.34
N ALA Q 1 -26.04 -38.41 72.03
CA ALA Q 1 -25.13 -39.04 72.97
C ALA Q 1 -23.73 -39.02 72.46
N LEU Q 2 -23.14 -37.86 72.31
CA LEU Q 2 -21.75 -37.90 71.90
C LEU Q 2 -20.96 -38.54 73.00
N VAL Q 3 -21.36 -38.28 74.23
CA VAL Q 3 -20.71 -38.86 75.37
C VAL Q 3 -21.81 -39.59 76.15
N PRO Q 4 -21.68 -40.90 76.41
CA PRO Q 4 -22.64 -41.73 77.11
C PRO Q 4 -22.65 -41.47 78.59
N MET Q 5 -23.74 -41.87 79.23
CA MET Q 5 -23.91 -41.82 80.66
C MET Q 5 -23.61 -43.16 81.28
N VAL Q 6 -23.10 -43.16 82.49
CA VAL Q 6 -22.90 -44.40 83.22
C VAL Q 6 -23.54 -44.31 84.60
N ILE Q 7 -23.99 -45.45 85.11
CA ILE Q 7 -24.67 -45.50 86.40
C ILE Q 7 -23.86 -46.20 87.45
N GLU Q 8 -23.75 -45.63 88.65
CA GLU Q 8 -22.98 -46.26 89.72
C GLU Q 8 -23.71 -46.12 91.05
N GLN Q 9 -23.53 -47.08 91.95
CA GLN Q 9 -24.22 -46.96 93.22
C GLN Q 9 -23.29 -46.75 94.37
N THR Q 10 -23.72 -45.88 95.26
CA THR Q 10 -23.06 -45.52 96.48
C THR Q 10 -23.99 -45.82 97.64
N SER Q 11 -24.87 -44.88 97.95
CA SER Q 11 -25.83 -45.00 99.02
C SER Q 11 -27.20 -45.35 98.45
N ARG Q 12 -27.91 -44.33 97.98
CA ARG Q 12 -29.24 -44.51 97.40
C ARG Q 12 -29.24 -44.98 95.95
N GLY Q 13 -28.08 -44.93 95.31
CA GLY Q 13 -27.92 -45.36 93.92
C GLY Q 13 -28.24 -44.31 92.87
N GLU Q 14 -28.61 -43.13 93.31
CA GLU Q 14 -28.99 -42.07 92.38
C GLU Q 14 -27.82 -41.29 91.85
N ARG Q 15 -26.98 -41.97 91.09
CA ARG Q 15 -25.83 -41.34 90.48
C ARG Q 15 -25.69 -41.74 89.04
N SER Q 16 -25.80 -40.73 88.17
CA SER Q 16 -25.68 -40.93 86.73
C SER Q 16 -24.71 -39.87 86.25
N PHE Q 17 -23.48 -40.24 85.91
CA PHE Q 17 -22.53 -39.22 85.47
C PHE Q 17 -22.01 -39.42 84.05
N ASP Q 18 -21.66 -38.31 83.40
CA ASP Q 18 -21.10 -38.36 82.04
C ASP Q 18 -19.88 -39.24 82.17
N ILE Q 19 -19.66 -40.15 81.24
CA ILE Q 19 -18.53 -41.04 81.41
C ILE Q 19 -17.23 -40.31 81.72
N TYR Q 20 -17.02 -39.09 81.26
CA TYR Q 20 -15.76 -38.46 81.62
C TYR Q 20 -15.72 -38.03 83.06
N SER Q 21 -16.88 -37.74 83.65
CA SER Q 21 -16.88 -37.32 85.03
C SER Q 21 -16.74 -38.57 85.84
N ARG Q 22 -17.26 -39.67 85.32
CA ARG Q 22 -17.14 -40.90 86.02
C ARG Q 22 -15.69 -41.26 86.21
N LEU Q 23 -14.87 -40.98 85.19
CA LEU Q 23 -13.46 -41.27 85.31
C LEU Q 23 -12.73 -40.18 86.09
N LEU Q 24 -13.18 -38.93 86.04
CA LEU Q 24 -12.51 -37.91 86.85
C LEU Q 24 -12.60 -38.32 88.31
N LYS Q 25 -13.69 -38.90 88.68
CA LYS Q 25 -13.91 -39.38 90.03
C LYS Q 25 -12.87 -40.40 90.46
N GLU Q 26 -12.25 -41.09 89.51
CA GLU Q 26 -11.27 -42.12 89.81
C GLU Q 26 -9.85 -41.58 89.72
N ARG Q 27 -9.78 -40.27 89.56
CA ARG Q 27 -8.56 -39.53 89.45
C ARG Q 27 -7.86 -39.76 88.14
N VAL Q 28 -8.64 -39.85 87.07
CA VAL Q 28 -8.11 -39.97 85.73
C VAL Q 28 -8.43 -38.77 84.85
N ILE Q 29 -7.40 -38.17 84.30
CA ILE Q 29 -7.52 -37.01 83.43
C ILE Q 29 -7.01 -37.31 82.03
N PHE Q 30 -7.74 -36.94 81.00
CA PHE Q 30 -7.24 -37.19 79.65
C PHE Q 30 -6.79 -35.92 78.98
N LEU Q 31 -5.69 -35.98 78.27
CA LEU Q 31 -5.17 -34.90 77.45
C LEU Q 31 -5.09 -35.24 75.99
N THR Q 32 -5.94 -34.66 75.17
CA THR Q 32 -5.94 -34.94 73.74
C THR Q 32 -6.05 -33.67 72.92
N GLY Q 33 -5.71 -33.72 71.65
CA GLY Q 33 -5.84 -32.55 70.79
C GLY Q 33 -4.63 -31.68 70.93
N GLN Q 34 -4.69 -30.44 70.49
CA GLN Q 34 -3.53 -29.56 70.54
C GLN Q 34 -3.46 -28.96 71.90
N VAL Q 35 -2.29 -28.67 72.44
CA VAL Q 35 -2.33 -28.02 73.72
C VAL Q 35 -2.42 -26.54 73.51
N GLU Q 36 -3.59 -25.98 73.84
CA GLU Q 36 -3.84 -24.55 73.71
C GLU Q 36 -4.29 -23.99 75.05
N ASP Q 37 -4.73 -22.72 75.04
CA ASP Q 37 -5.19 -22.08 76.26
C ASP Q 37 -6.46 -22.56 76.91
N HIS Q 38 -7.50 -22.84 76.16
CA HIS Q 38 -8.72 -23.18 76.87
C HIS Q 38 -8.68 -24.58 77.39
N MET Q 39 -8.19 -25.49 76.59
CA MET Q 39 -8.10 -26.84 77.04
C MET Q 39 -7.12 -26.99 78.18
N ALA Q 40 -5.98 -26.31 78.12
CA ALA Q 40 -5.03 -26.46 79.19
C ALA Q 40 -5.61 -25.95 80.46
N ASN Q 41 -6.36 -24.86 80.35
CA ASN Q 41 -7.01 -24.24 81.50
C ASN Q 41 -7.94 -25.22 82.22
N LEU Q 42 -8.58 -26.12 81.46
CA LEU Q 42 -9.47 -27.06 82.09
C LEU Q 42 -8.70 -28.14 82.81
N ILE Q 43 -7.60 -28.60 82.24
CA ILE Q 43 -6.80 -29.61 82.92
C ILE Q 43 -6.25 -29.06 84.21
N VAL Q 44 -5.81 -27.83 84.22
CA VAL Q 44 -5.35 -27.31 85.47
C VAL Q 44 -6.46 -27.30 86.48
N ALA Q 45 -7.66 -26.90 86.10
CA ALA Q 45 -8.73 -26.89 87.07
C ALA Q 45 -8.99 -28.28 87.63
N GLN Q 46 -8.92 -29.31 86.79
CA GLN Q 46 -9.13 -30.66 87.29
C GLN Q 46 -8.05 -31.10 88.24
N MET Q 47 -6.80 -30.76 87.96
CA MET Q 47 -5.77 -31.19 88.89
C MET Q 47 -5.91 -30.48 90.21
N LEU Q 48 -6.32 -29.22 90.22
CA LEU Q 48 -6.47 -28.53 91.50
C LEU Q 48 -7.59 -29.16 92.30
N PHE Q 49 -8.65 -29.52 91.59
CA PHE Q 49 -9.81 -30.16 92.20
C PHE Q 49 -9.47 -31.50 92.84
N LEU Q 50 -8.64 -32.32 92.18
CA LEU Q 50 -8.30 -33.59 92.74
C LEU Q 50 -7.36 -33.47 93.92
N GLU Q 51 -6.45 -32.49 93.88
CA GLU Q 51 -5.51 -32.28 94.96
C GLU Q 51 -6.26 -32.01 96.26
N ALA Q 52 -7.32 -31.22 96.17
CA ALA Q 52 -8.12 -30.90 97.33
C ALA Q 52 -8.85 -32.10 97.87
N GLU Q 53 -9.37 -32.95 96.98
CA GLU Q 53 -10.11 -34.14 97.37
C GLU Q 53 -9.29 -35.10 98.25
N ASN Q 54 -8.04 -35.34 97.88
CA ASN Q 54 -7.19 -36.23 98.62
C ASN Q 54 -5.75 -36.01 98.26
N PRO Q 55 -5.02 -35.19 99.00
CA PRO Q 55 -3.66 -34.79 98.75
C PRO Q 55 -2.68 -35.92 98.72
N GLU Q 56 -3.04 -37.08 99.23
CA GLU Q 56 -2.08 -38.17 99.27
C GLU Q 56 -2.20 -39.17 98.12
N LYS Q 57 -3.15 -39.00 97.21
CA LYS Q 57 -3.28 -40.02 96.17
C LYS Q 57 -2.86 -39.60 94.78
N ASP Q 58 -2.30 -40.53 94.05
CA ASP Q 58 -1.84 -40.29 92.71
C ASP Q 58 -2.91 -39.90 91.74
N ILE Q 59 -2.52 -39.08 90.77
CA ILE Q 59 -3.36 -38.63 89.68
C ILE Q 59 -2.86 -39.22 88.40
N TYR Q 60 -3.74 -39.78 87.59
CA TYR Q 60 -3.31 -40.40 86.34
C TYR Q 60 -3.64 -39.52 85.15
N LEU Q 61 -2.63 -39.19 84.35
CA LEU Q 61 -2.87 -38.35 83.19
C LEU Q 61 -2.57 -39.11 81.93
N TYR Q 62 -3.58 -39.28 81.08
CA TYR Q 62 -3.41 -40.00 79.82
C TYR Q 62 -3.03 -39.00 78.74
N ILE Q 63 -1.94 -39.25 78.03
CA ILE Q 63 -1.52 -38.32 77.01
C ILE Q 63 -1.56 -38.89 75.63
N ASN Q 64 -2.26 -38.21 74.76
CA ASN Q 64 -2.33 -38.57 73.36
C ASN Q 64 -2.46 -37.33 72.52
N SER Q 65 -1.37 -36.67 72.17
CA SER Q 65 -1.51 -35.41 71.48
C SER Q 65 -0.33 -35.08 70.59
N PRO Q 66 -0.56 -34.43 69.43
CA PRO Q 66 0.40 -33.99 68.47
C PRO Q 66 1.21 -32.75 68.74
N GLY Q 67 0.87 -31.92 69.70
CA GLY Q 67 1.65 -30.70 69.79
C GLY Q 67 0.96 -29.65 70.59
N GLY Q 68 1.41 -28.42 70.51
CA GLY Q 68 0.82 -27.39 71.34
C GLY Q 68 1.47 -26.06 71.18
N VAL Q 69 1.07 -25.11 72.02
CA VAL Q 69 1.58 -23.75 71.91
C VAL Q 69 2.60 -23.36 72.93
N ILE Q 70 3.04 -24.31 73.71
CA ILE Q 70 4.06 -24.16 74.77
C ILE Q 70 3.57 -23.36 75.93
N THR Q 71 3.18 -22.14 75.73
CA THR Q 71 2.76 -21.36 76.87
C THR Q 71 1.67 -22.05 77.63
N ALA Q 72 0.67 -22.55 76.93
CA ALA Q 72 -0.40 -23.22 77.62
C ALA Q 72 0.14 -24.47 78.29
N GLY Q 73 1.04 -25.15 77.63
CA GLY Q 73 1.64 -26.36 78.16
C GLY Q 73 2.45 -26.08 79.41
N MET Q 74 3.06 -24.92 79.51
CA MET Q 74 3.82 -24.67 80.70
C MET Q 74 2.91 -24.46 81.87
N SER Q 75 1.69 -24.00 81.68
CA SER Q 75 0.85 -23.86 82.87
C SER Q 75 0.51 -25.23 83.40
N ILE Q 76 0.42 -26.22 82.52
CA ILE Q 76 0.14 -27.58 82.96
C ILE Q 76 1.36 -28.08 83.70
N TYR Q 77 2.53 -27.88 83.13
CA TYR Q 77 3.75 -28.33 83.75
C TYR Q 77 3.90 -27.76 85.12
N ASP Q 78 3.75 -26.45 85.28
CA ASP Q 78 3.93 -25.92 86.61
C ASP Q 78 2.92 -26.45 87.59
N THR Q 79 1.69 -26.66 87.18
CA THR Q 79 0.76 -27.19 88.15
C THR Q 79 1.20 -28.56 88.58
N MET Q 80 1.64 -29.40 87.65
CA MET Q 80 2.05 -30.74 88.05
C MET Q 80 3.16 -30.71 89.06
N GLN Q 81 4.03 -29.73 88.98
CA GLN Q 81 5.13 -29.69 89.91
C GLN Q 81 4.79 -28.98 91.21
N PHE Q 82 3.65 -28.30 91.25
CA PHE Q 82 3.26 -27.58 92.43
C PHE Q 82 2.44 -28.41 93.41
N ILE Q 83 1.45 -29.12 92.87
CA ILE Q 83 0.50 -29.84 93.71
C ILE Q 83 1.17 -30.99 94.41
N LYS Q 84 0.76 -31.28 95.64
CA LYS Q 84 1.39 -32.34 96.40
C LYS Q 84 1.41 -33.80 95.86
N PRO Q 85 0.31 -34.45 95.41
CA PRO Q 85 0.32 -35.83 94.98
C PRO Q 85 1.10 -36.07 93.71
N ASP Q 86 1.68 -37.23 93.56
CA ASP Q 86 2.36 -37.56 92.33
C ASP Q 86 1.47 -37.62 91.14
N VAL Q 87 1.95 -37.14 90.02
CA VAL Q 87 1.20 -37.28 88.79
C VAL Q 87 1.87 -38.32 87.93
N SER Q 88 1.16 -39.34 87.57
CA SER Q 88 1.70 -40.39 86.73
C SER Q 88 1.18 -40.25 85.34
N THR Q 89 2.06 -40.07 84.39
CA THR Q 89 1.68 -39.84 83.02
C THR Q 89 1.84 -41.07 82.18
N ILE Q 90 0.82 -41.38 81.40
CA ILE Q 90 0.83 -42.53 80.53
C ILE Q 90 0.59 -42.17 79.09
N CYS Q 91 1.52 -42.53 78.20
CA CYS Q 91 1.37 -42.19 76.79
C CYS Q 91 0.82 -43.30 75.89
N MET Q 92 -0.20 -42.95 75.11
CA MET Q 92 -0.82 -43.86 74.16
C MET Q 92 -1.01 -43.16 72.87
N GLY Q 93 -0.99 -43.84 71.74
CA GLY Q 93 -1.12 -43.04 70.54
C GLY Q 93 0.19 -42.29 70.39
N GLN Q 94 0.17 -40.99 70.49
CA GLN Q 94 1.42 -40.26 70.36
C GLN Q 94 1.62 -39.20 71.39
N ALA Q 95 2.86 -38.89 71.63
CA ALA Q 95 3.21 -37.77 72.46
C ALA Q 95 4.24 -36.99 71.72
N ALA Q 96 3.82 -36.03 70.95
CA ALA Q 96 4.80 -35.33 70.15
C ALA Q 96 5.00 -33.94 70.63
N SER Q 97 6.20 -33.44 70.48
CA SER Q 97 6.52 -32.07 70.75
C SER Q 97 6.21 -31.71 72.16
N MET Q 98 5.26 -30.81 72.37
CA MET Q 98 4.94 -30.45 73.73
C MET Q 98 4.32 -31.61 74.46
N GLY Q 99 3.71 -32.53 73.75
CA GLY Q 99 3.14 -33.66 74.42
C GLY Q 99 4.25 -34.46 75.07
N ALA Q 100 5.36 -34.66 74.37
CA ALA Q 100 6.46 -35.43 74.91
C ALA Q 100 7.03 -34.73 76.10
N PHE Q 101 7.07 -33.42 76.03
CA PHE Q 101 7.60 -32.68 77.15
C PHE Q 101 6.79 -32.91 78.37
N LEU Q 102 5.48 -32.83 78.27
CA LEU Q 102 4.71 -33.06 79.47
C LEU Q 102 4.86 -34.51 79.91
N LEU Q 103 4.95 -35.45 79.00
CA LEU Q 103 5.06 -36.85 79.41
C LEU Q 103 6.23 -37.09 80.34
N THR Q 104 7.38 -36.52 80.04
CA THR Q 104 8.55 -36.79 80.84
C THR Q 104 8.55 -36.02 82.12
N ALA Q 105 7.60 -35.15 82.31
CA ALA Q 105 7.55 -34.31 83.48
C ALA Q 105 6.81 -34.98 84.62
N GLY Q 106 6.33 -36.18 84.42
CA GLY Q 106 5.57 -36.84 85.47
C GLY Q 106 6.47 -37.34 86.59
N ALA Q 107 5.87 -37.94 87.60
CA ALA Q 107 6.60 -38.40 88.77
C ALA Q 107 7.59 -39.46 88.42
N LYS Q 108 8.79 -39.37 88.97
CA LYS Q 108 9.80 -40.35 88.62
C LYS Q 108 9.42 -41.73 89.01
N GLY Q 109 9.55 -42.68 88.09
CA GLY Q 109 9.26 -44.05 88.38
C GLY Q 109 7.86 -44.40 87.93
N LYS Q 110 7.09 -43.39 87.59
CA LYS Q 110 5.75 -43.60 87.17
C LYS Q 110 5.42 -43.14 85.76
N ARG Q 111 6.43 -42.94 84.91
CA ARG Q 111 6.14 -42.54 83.53
C ARG Q 111 6.07 -43.76 82.65
N PHE Q 112 4.93 -44.06 82.07
CA PHE Q 112 4.88 -45.28 81.27
C PHE Q 112 4.14 -45.14 79.95
N CYS Q 113 4.60 -45.86 78.93
CA CYS Q 113 3.98 -45.76 77.61
C CYS Q 113 3.60 -47.13 77.08
N LEU Q 114 2.57 -47.17 76.25
CA LEU Q 114 2.13 -48.43 75.68
C LEU Q 114 3.08 -48.82 74.56
N PRO Q 115 3.23 -50.11 74.25
CA PRO Q 115 4.18 -50.64 73.31
C PRO Q 115 4.10 -50.22 71.87
N ASN Q 116 2.97 -49.75 71.34
CA ASN Q 116 3.02 -49.36 69.95
C ASN Q 116 2.96 -47.88 69.78
N SER Q 117 3.20 -47.14 70.83
CA SER Q 117 3.14 -45.71 70.78
C SER Q 117 4.38 -45.08 70.16
N ARG Q 118 4.28 -43.78 69.90
CA ARG Q 118 5.40 -43.01 69.38
C ARG Q 118 5.59 -41.72 70.09
N VAL Q 119 6.83 -41.38 70.34
CA VAL Q 119 7.19 -40.15 70.97
C VAL Q 119 8.07 -39.37 70.05
N MET Q 120 7.83 -38.07 69.91
CA MET Q 120 8.69 -37.32 69.01
C MET Q 120 9.10 -36.00 69.61
N ILE Q 121 10.37 -35.63 69.47
CA ILE Q 121 10.82 -34.37 70.06
C ILE Q 121 11.52 -33.45 69.06
N HIS Q 122 11.43 -32.14 69.28
CA HIS Q 122 12.12 -31.18 68.43
C HIS Q 122 12.22 -29.80 69.08
N GLN Q 123 13.13 -28.96 68.60
CA GLN Q 123 13.25 -27.55 69.03
C GLN Q 123 11.98 -26.77 68.72
N PRO Q 124 11.62 -25.71 69.45
CA PRO Q 124 10.42 -24.93 69.26
C PRO Q 124 10.37 -24.15 68.00
N LEU Q 125 9.15 -23.95 67.51
CA LEU Q 125 8.86 -23.17 66.32
C LEU Q 125 8.29 -21.82 66.67
N GLY Q 126 8.42 -20.87 65.78
CA GLY Q 126 7.83 -19.55 65.99
C GLY Q 126 8.07 -18.67 64.79
N GLY Q 127 7.84 -17.37 64.94
CA GLY Q 127 8.02 -16.46 63.82
C GLY Q 127 7.63 -15.05 64.21
N TYR Q 128 7.82 -14.11 63.30
CA TYR Q 128 7.51 -12.69 63.53
C TYR Q 128 7.67 -11.81 62.30
N GLN Q 129 6.88 -10.74 62.22
CA GLN Q 129 6.98 -9.76 61.14
C GLN Q 129 7.06 -8.37 61.72
N GLY Q 130 7.89 -7.48 61.16
CA GLY Q 130 7.94 -6.12 61.69
C GLY Q 130 9.27 -5.44 61.44
N GLN Q 131 9.56 -4.41 62.20
CA GLN Q 131 10.79 -3.65 61.99
C GLN Q 131 11.98 -4.45 62.43
N ALA Q 132 13.16 -4.20 61.86
CA ALA Q 132 14.32 -4.96 62.28
C ALA Q 132 14.52 -4.93 63.78
N THR Q 133 14.27 -3.82 64.44
CA THR Q 133 14.40 -3.81 65.89
C THR Q 133 13.49 -4.80 66.58
N ASP Q 134 12.27 -4.95 66.12
CA ASP Q 134 11.36 -5.83 66.80
C ASP Q 134 11.70 -7.24 66.47
N ILE Q 135 12.26 -7.45 65.31
CA ILE Q 135 12.63 -8.78 64.98
C ILE Q 135 13.68 -9.20 65.95
N GLU Q 136 14.64 -8.34 66.26
CA GLU Q 136 15.62 -8.71 67.25
C GLU Q 136 15.03 -9.03 68.59
N ILE Q 137 14.05 -8.27 69.05
CA ILE Q 137 13.52 -8.62 70.35
C ILE Q 137 12.85 -9.96 70.35
N HIS Q 138 12.03 -10.23 69.38
CA HIS Q 138 11.32 -11.48 69.36
C HIS Q 138 12.22 -12.65 69.09
N ALA Q 139 13.26 -12.44 68.34
CA ALA Q 139 14.21 -13.49 68.07
C ALA Q 139 15.01 -13.83 69.29
N ARG Q 140 15.08 -12.99 70.31
CA ARG Q 140 15.83 -13.36 71.47
C ARG Q 140 14.97 -14.15 72.39
N GLU Q 141 13.71 -13.79 72.46
CA GLU Q 141 12.85 -14.49 73.37
C GLU Q 141 12.70 -15.92 72.94
N ILE Q 142 12.60 -16.18 71.65
CA ILE Q 142 12.45 -17.56 71.30
C ILE Q 142 13.67 -18.37 71.64
N LEU Q 143 14.85 -17.78 71.63
CA LEU Q 143 16.02 -18.56 71.96
C LEU Q 143 16.10 -18.78 73.44
N LYS Q 144 15.63 -17.83 74.23
CA LYS Q 144 15.67 -18.10 75.66
C LYS Q 144 14.78 -19.27 75.96
N VAL Q 145 13.65 -19.36 75.28
CA VAL Q 145 12.78 -20.48 75.51
C VAL Q 145 13.45 -21.74 75.05
N LYS Q 146 14.05 -21.77 73.88
CA LYS Q 146 14.71 -22.99 73.48
C LYS Q 146 15.69 -23.43 74.53
N GLY Q 147 16.44 -22.50 75.08
CA GLY Q 147 17.40 -22.83 76.10
C GLY Q 147 16.74 -23.46 77.31
N ARG Q 148 15.69 -22.85 77.81
CA ARG Q 148 15.03 -23.36 78.98
C ARG Q 148 14.40 -24.71 78.75
N MET Q 149 13.82 -24.94 77.60
CA MET Q 149 13.20 -26.23 77.40
C MET Q 149 14.26 -27.32 77.41
N ASN Q 150 15.43 -27.03 76.88
CA ASN Q 150 16.47 -28.04 76.87
C ASN Q 150 16.97 -28.34 78.27
N GLU Q 151 16.99 -27.32 79.12
CA GLU Q 151 17.42 -27.48 80.50
C GLU Q 151 16.49 -28.42 81.25
N LEU Q 152 15.19 -28.36 80.96
CA LEU Q 152 14.24 -29.21 81.61
C LEU Q 152 14.28 -30.61 81.04
N MET Q 153 14.49 -30.77 79.75
CA MET Q 153 14.60 -32.12 79.24
C MET Q 153 15.75 -32.83 79.89
N ALA Q 154 16.88 -32.16 80.00
CA ALA Q 154 18.03 -32.81 80.61
C ALA Q 154 17.75 -33.14 82.05
N LEU Q 155 17.09 -32.27 82.76
CA LEU Q 155 16.83 -32.54 84.15
C LEU Q 155 15.98 -33.75 84.35
N HIS Q 156 14.93 -33.88 83.59
CA HIS Q 156 14.03 -34.99 83.77
C HIS Q 156 14.51 -36.30 83.16
N THR Q 157 15.26 -36.27 82.06
CA THR Q 157 15.68 -37.53 81.46
C THR Q 157 17.02 -38.06 81.90
N GLY Q 158 17.91 -37.23 82.40
CA GLY Q 158 19.20 -37.73 82.81
C GLY Q 158 20.26 -37.63 81.72
N GLN Q 159 19.89 -37.13 80.57
CA GLN Q 159 20.82 -36.96 79.49
C GLN Q 159 21.60 -35.72 79.79
N SER Q 160 22.80 -35.59 79.25
CA SER Q 160 23.55 -34.36 79.46
C SER Q 160 22.89 -33.26 78.67
N LEU Q 161 23.19 -32.01 78.99
CA LEU Q 161 22.56 -30.96 78.23
C LEU Q 161 23.02 -30.93 76.81
N GLU Q 162 24.30 -31.19 76.60
CA GLU Q 162 24.90 -31.20 75.28
C GLU Q 162 24.23 -32.26 74.40
N GLN Q 163 23.88 -33.39 75.00
CA GLN Q 163 23.24 -34.43 74.24
C GLN Q 163 21.83 -34.04 73.89
N ILE Q 164 21.12 -33.39 74.79
CA ILE Q 164 19.78 -32.98 74.45
C ILE Q 164 19.82 -31.99 73.35
N GLU Q 165 20.76 -31.06 73.42
CA GLU Q 165 20.92 -30.02 72.42
C GLU Q 165 21.11 -30.58 71.01
N ARG Q 166 21.90 -31.65 70.89
CA ARG Q 166 22.14 -32.24 69.59
C ARG Q 166 20.94 -32.98 69.07
N ASP Q 167 20.24 -33.67 69.94
CA ASP Q 167 19.13 -34.48 69.52
C ASP Q 167 17.88 -33.76 69.14
N THR Q 168 17.75 -32.48 69.37
CA THR Q 168 16.49 -31.84 69.06
C THR Q 168 16.62 -30.92 67.88
N GLU Q 169 17.77 -30.95 67.21
CA GLU Q 169 17.98 -30.10 66.04
C GLU Q 169 16.90 -30.32 64.97
N ARG Q 170 16.53 -31.58 64.76
CA ARG Q 170 15.53 -31.96 63.79
C ARG Q 170 14.62 -33.00 64.40
N ASP Q 171 13.44 -33.17 63.86
CA ASP Q 171 12.51 -34.11 64.44
C ASP Q 171 13.13 -35.44 64.74
N ARG Q 172 13.05 -35.86 65.99
CA ARG Q 172 13.57 -37.13 66.39
C ARG Q 172 12.47 -38.03 66.81
N PHE Q 173 12.33 -39.18 66.17
CA PHE Q 173 11.27 -40.09 66.53
C PHE Q 173 11.79 -41.25 67.31
N LEU Q 174 11.09 -41.61 68.38
CA LEU Q 174 11.46 -42.72 69.23
C LEU Q 174 10.31 -43.71 69.41
N SER Q 175 10.60 -45.00 69.31
CA SER Q 175 9.58 -46.01 69.52
C SER Q 175 9.45 -46.25 71.02
N ALA Q 176 8.42 -46.96 71.45
CA ALA Q 176 8.27 -47.18 72.88
C ALA Q 176 9.55 -47.67 73.59
N PRO Q 177 10.26 -48.74 73.18
CA PRO Q 177 11.45 -49.17 73.87
C PRO Q 177 12.60 -48.21 73.78
N GLU Q 178 12.59 -47.31 72.81
CA GLU Q 178 13.68 -46.40 72.67
C GLU Q 178 13.47 -45.28 73.64
N ALA Q 179 12.22 -44.94 73.87
CA ALA Q 179 11.90 -43.90 74.81
C ALA Q 179 12.35 -44.35 76.17
N VAL Q 180 12.23 -45.65 76.42
CA VAL Q 180 12.64 -46.18 77.71
C VAL Q 180 14.14 -46.09 77.85
N GLU Q 181 14.88 -46.47 76.83
CA GLU Q 181 16.33 -46.39 76.92
C GLU Q 181 16.84 -44.97 77.01
N TYR Q 182 16.20 -44.08 76.28
CA TYR Q 182 16.60 -42.69 76.25
C TYR Q 182 16.39 -42.12 77.62
N GLY Q 183 15.29 -42.52 78.25
CA GLY Q 183 14.98 -42.04 79.57
C GLY Q 183 13.77 -41.13 79.61
N LEU Q 184 12.98 -41.12 78.55
CA LEU Q 184 11.80 -40.27 78.59
C LEU Q 184 10.77 -40.92 79.47
N VAL Q 185 10.72 -42.24 79.46
CA VAL Q 185 9.74 -42.95 80.29
C VAL Q 185 10.44 -43.99 81.10
N ASP Q 186 9.81 -44.50 82.13
CA ASP Q 186 10.44 -45.51 82.91
C ASP Q 186 10.18 -46.90 82.39
N SER Q 187 8.99 -47.16 81.89
CA SER Q 187 8.73 -48.51 81.40
C SER Q 187 7.54 -48.64 80.49
N ILE Q 188 7.39 -49.82 79.93
CA ILE Q 188 6.29 -50.14 79.04
C ILE Q 188 5.26 -51.00 79.72
N LEU Q 189 4.01 -50.61 79.61
CA LEU Q 189 2.96 -51.41 80.22
C LEU Q 189 2.68 -52.49 79.24
N THR Q 190 2.30 -53.65 79.69
CA THR Q 190 2.04 -54.75 78.79
C THR Q 190 0.64 -55.23 78.88
N HIS Q 191 0.33 -55.96 79.93
CA HIS Q 191 -1.00 -56.46 80.16
C HIS Q 191 -1.39 -56.24 81.59
N ARG Q 192 -2.68 -56.09 81.82
CA ARG Q 192 -3.17 -55.96 83.18
C ARG Q 192 -2.66 -57.07 84.05
N ALA R 1 -34.88 -35.22 69.04
CA ALA R 1 -34.53 -36.61 69.26
C ALA R 1 -33.59 -37.12 68.22
N LEU R 2 -32.38 -36.57 68.17
CA LEU R 2 -31.46 -37.17 67.23
C LEU R 2 -31.19 -38.58 67.69
N VAL R 3 -31.14 -38.77 68.99
CA VAL R 3 -30.96 -40.06 69.58
C VAL R 3 -32.11 -40.23 70.56
N PRO R 4 -32.95 -41.26 70.44
CA PRO R 4 -34.10 -41.52 71.29
C PRO R 4 -33.74 -42.00 72.66
N MET R 5 -34.68 -41.83 73.58
CA MET R 5 -34.58 -42.30 74.95
C MET R 5 -35.27 -43.63 75.10
N VAL R 6 -34.77 -44.48 75.97
CA VAL R 6 -35.42 -45.73 76.26
C VAL R 6 -35.62 -45.90 77.76
N ILE R 7 -36.66 -46.63 78.14
CA ILE R 7 -37.03 -46.84 79.54
C ILE R 7 -36.83 -48.28 79.98
N GLU R 8 -36.25 -48.48 81.16
CA GLU R 8 -36.12 -49.84 81.67
C GLU R 8 -36.54 -49.93 83.11
N GLN R 9 -36.94 -51.11 83.54
CA GLN R 9 -37.30 -51.29 84.93
C GLN R 9 -36.24 -52.09 85.62
N THR R 10 -35.86 -51.64 86.80
CA THR R 10 -34.84 -52.28 87.60
C THR R 10 -35.42 -52.64 88.95
N SER R 11 -35.27 -51.72 89.90
CA SER R 11 -35.77 -51.87 91.24
C SER R 11 -36.98 -50.98 91.33
N ARG R 12 -36.76 -49.70 91.60
CA ARG R 12 -37.83 -48.72 91.62
C ARG R 12 -38.35 -48.50 90.19
N GLY R 13 -37.45 -48.57 89.19
CA GLY R 13 -37.83 -48.42 87.79
C GLY R 13 -37.72 -47.02 87.19
N GLU R 14 -37.17 -46.08 87.93
CA GLU R 14 -37.03 -44.74 87.40
C GLU R 14 -35.74 -44.61 86.61
N ARG R 15 -35.71 -45.26 85.46
CA ARG R 15 -34.54 -45.26 84.62
C ARG R 15 -34.89 -44.97 83.18
N SER R 16 -34.29 -43.88 82.70
CA SER R 16 -34.46 -43.38 81.35
C SER R 16 -33.09 -43.07 80.77
N PHE R 17 -32.70 -43.81 79.76
CA PHE R 17 -31.36 -43.61 79.24
C PHE R 17 -31.28 -43.51 77.74
N ASP R 18 -30.41 -42.62 77.27
CA ASP R 18 -30.23 -42.44 75.84
C ASP R 18 -29.97 -43.82 75.30
N ILE R 19 -30.47 -44.13 74.10
CA ILE R 19 -30.24 -45.48 73.60
C ILE R 19 -28.77 -45.86 73.54
N TYR R 20 -27.84 -44.95 73.36
CA TYR R 20 -26.48 -45.42 73.32
C TYR R 20 -25.97 -45.76 74.70
N SER R 21 -26.50 -45.12 75.74
CA SER R 21 -26.03 -45.42 77.07
C SER R 21 -26.68 -46.71 77.48
N ARG R 22 -27.87 -46.94 76.97
CA ARG R 22 -28.57 -48.15 77.28
C ARG R 22 -27.81 -49.35 76.74
N LEU R 23 -27.20 -49.20 75.59
CA LEU R 23 -26.43 -50.30 75.04
C LEU R 23 -25.07 -50.39 75.68
N LEU R 24 -24.48 -49.27 76.12
CA LEU R 24 -23.20 -49.39 76.81
C LEU R 24 -23.37 -50.27 78.01
N LYS R 25 -24.50 -50.15 78.66
CA LYS R 25 -24.83 -50.95 79.82
C LYS R 25 -24.77 -52.45 79.55
N GLU R 26 -24.96 -52.85 78.28
CA GLU R 26 -24.98 -54.27 77.91
C GLU R 26 -23.63 -54.71 77.39
N ARG R 27 -22.67 -53.81 77.51
CA ARG R 27 -21.30 -53.97 77.09
C ARG R 27 -21.15 -53.94 75.59
N VAL R 28 -21.89 -53.06 74.93
CA VAL R 28 -21.77 -52.86 73.51
C VAL R 28 -21.26 -51.48 73.14
N ILE R 29 -20.17 -51.45 72.40
CA ILE R 29 -19.52 -50.23 71.94
C ILE R 29 -19.54 -50.12 70.43
N PHE R 30 -19.93 -48.98 69.88
CA PHE R 30 -19.91 -48.84 68.44
C PHE R 30 -18.78 -47.96 67.94
N LEU R 31 -18.06 -48.43 66.94
CA LEU R 31 -17.03 -47.68 66.26
C LEU R 31 -17.43 -47.36 64.85
N THR R 32 -17.78 -46.12 64.59
CA THR R 32 -18.20 -45.79 63.25
C THR R 32 -17.56 -44.56 62.71
N GLY R 33 -17.46 -44.47 61.41
CA GLY R 33 -16.96 -43.28 60.75
C GLY R 33 -15.45 -43.26 60.74
N GLN R 34 -14.85 -42.11 60.54
CA GLN R 34 -13.40 -42.03 60.42
C GLN R 34 -12.74 -42.24 61.74
N VAL R 35 -11.57 -42.85 61.74
CA VAL R 35 -10.84 -42.93 62.99
C VAL R 35 -9.94 -41.73 63.16
N GLU R 36 -10.15 -41.03 64.27
CA GLU R 36 -9.37 -39.85 64.59
C GLU R 36 -9.09 -39.84 66.08
N ASP R 37 -8.55 -38.74 66.58
CA ASP R 37 -8.27 -38.65 68.01
C ASP R 37 -9.41 -38.44 68.96
N HIS R 38 -10.37 -37.60 68.64
CA HIS R 38 -11.38 -37.37 69.65
C HIS R 38 -12.30 -38.54 69.75
N MET R 39 -12.56 -39.15 68.65
CA MET R 39 -13.40 -40.30 68.63
C MET R 39 -12.71 -41.45 69.35
N ALA R 40 -11.45 -41.73 69.00
CA ALA R 40 -10.76 -42.87 69.57
C ALA R 40 -10.66 -42.73 71.06
N ASN R 41 -10.45 -41.54 71.53
CA ASN R 41 -10.39 -41.34 72.94
C ASN R 41 -11.65 -41.73 73.65
N LEU R 42 -12.80 -41.59 73.03
CA LEU R 42 -13.99 -41.93 73.71
C LEU R 42 -14.11 -43.42 73.81
N ILE R 43 -13.72 -44.13 72.78
CA ILE R 43 -13.80 -45.57 72.84
C ILE R 43 -12.90 -46.10 73.92
N VAL R 44 -11.72 -45.56 74.05
CA VAL R 44 -10.88 -46.04 75.12
C VAL R 44 -11.54 -45.76 76.44
N ALA R 45 -12.10 -44.58 76.64
CA ALA R 45 -12.72 -44.35 77.94
C ALA R 45 -13.80 -45.38 78.22
N GLN R 46 -14.59 -45.74 77.22
CA GLN R 46 -15.62 -46.72 77.45
C GLN R 46 -15.06 -48.07 77.77
N MET R 47 -13.98 -48.48 77.11
CA MET R 47 -13.44 -49.78 77.45
C MET R 47 -12.87 -49.82 78.84
N LEU R 48 -12.25 -48.73 79.30
CA LEU R 48 -11.69 -48.76 80.64
C LEU R 48 -12.81 -48.88 81.64
N PHE R 49 -13.91 -48.18 81.35
CA PHE R 49 -15.09 -48.21 82.18
C PHE R 49 -15.70 -49.61 82.32
N LEU R 50 -15.79 -50.35 81.20
CA LEU R 50 -16.36 -51.67 81.27
C LEU R 50 -15.46 -52.66 81.95
N GLU R 51 -14.15 -52.52 81.77
CA GLU R 51 -13.19 -53.42 82.39
C GLU R 51 -13.32 -53.37 83.91
N ALA R 52 -13.52 -52.17 84.43
CA ALA R 52 -13.67 -51.98 85.86
C ALA R 52 -14.96 -52.55 86.38
N GLU R 53 -16.04 -52.41 85.62
CA GLU R 53 -17.34 -52.92 86.02
C GLU R 53 -17.37 -54.44 86.25
N ASN R 54 -16.72 -55.19 85.37
CA ASN R 54 -16.71 -56.64 85.48
C ASN R 54 -15.61 -57.22 84.64
N PRO R 55 -14.44 -57.46 85.19
CA PRO R 55 -13.26 -57.92 84.53
C PRO R 55 -13.40 -59.26 83.86
N GLU R 56 -14.42 -60.01 84.19
CA GLU R 56 -14.55 -61.33 83.61
C GLU R 56 -15.46 -61.43 82.41
N LYS R 57 -16.10 -60.35 82.00
CA LYS R 57 -17.05 -60.49 80.89
C LYS R 57 -16.66 -59.80 79.60
N ASP R 58 -17.04 -60.41 78.50
CA ASP R 58 -16.74 -59.90 77.17
C ASP R 58 -17.31 -58.55 76.86
N ILE R 59 -16.58 -57.82 76.04
CA ILE R 59 -16.97 -56.53 75.51
C ILE R 59 -17.18 -56.66 74.03
N TYR R 60 -18.30 -56.16 73.52
CA TYR R 60 -18.58 -56.29 72.09
C TYR R 60 -18.33 -54.98 71.34
N LEU R 61 -17.54 -55.04 70.28
CA LEU R 61 -17.27 -53.84 69.53
C LEU R 61 -17.79 -53.97 68.12
N TYR R 62 -18.69 -53.08 67.73
CA TYR R 62 -19.27 -53.11 66.39
C TYR R 62 -18.46 -52.18 65.51
N ILE R 63 -17.95 -52.71 64.39
CA ILE R 63 -17.15 -51.89 63.51
C ILE R 63 -17.80 -51.63 62.19
N ASN R 64 -17.91 -50.37 61.84
CA ASN R 64 -18.39 -49.95 60.54
C ASN R 64 -17.65 -48.70 60.19
N SER R 65 -16.53 -48.83 59.52
CA SER R 65 -15.64 -47.71 59.33
C SER R 65 -14.77 -47.78 58.10
N PRO R 66 -14.65 -46.69 57.34
CA PRO R 66 -13.85 -46.54 56.16
C PRO R 66 -12.37 -46.42 56.40
N GLY R 67 -11.93 -46.24 57.64
CA GLY R 67 -10.50 -46.03 57.82
C GLY R 67 -10.21 -44.86 58.72
N GLY R 68 -9.01 -44.33 58.65
CA GLY R 68 -8.66 -43.21 59.51
C GLY R 68 -7.18 -43.14 59.80
N VAL R 69 -6.83 -42.39 60.82
CA VAL R 69 -5.47 -42.11 61.23
C VAL R 69 -4.89 -43.24 62.02
N ILE R 70 -3.72 -43.73 61.63
CA ILE R 70 -3.11 -44.85 62.33
C ILE R 70 -2.76 -44.52 63.74
N THR R 71 -2.14 -43.39 63.96
CA THR R 71 -1.77 -43.06 65.30
C THR R 71 -2.95 -43.10 66.24
N ALA R 72 -4.08 -42.55 65.86
CA ALA R 72 -5.23 -42.59 66.72
C ALA R 72 -5.73 -43.98 66.90
N GLY R 73 -5.78 -44.75 65.82
CA GLY R 73 -6.28 -46.09 65.89
C GLY R 73 -5.46 -47.00 66.78
N MET R 74 -4.16 -46.79 66.82
CA MET R 74 -3.31 -47.63 67.65
C MET R 74 -3.59 -47.48 69.12
N SER R 75 -4.27 -46.43 69.55
CA SER R 75 -4.54 -46.32 70.96
C SER R 75 -5.69 -47.24 71.33
N ILE R 76 -6.48 -47.64 70.34
CA ILE R 76 -7.59 -48.52 70.60
C ILE R 76 -6.98 -49.87 70.59
N TYR R 77 -6.11 -50.12 69.63
CA TYR R 77 -5.47 -51.41 69.54
C TYR R 77 -4.75 -51.74 70.83
N ASP R 78 -3.92 -50.83 71.34
CA ASP R 78 -3.23 -51.19 72.56
C ASP R 78 -4.15 -51.34 73.73
N THR R 79 -5.19 -50.56 73.83
CA THR R 79 -6.06 -50.76 74.97
C THR R 79 -6.69 -52.13 74.88
N MET R 80 -7.14 -52.55 73.71
CA MET R 80 -7.77 -53.84 73.63
C MET R 80 -6.87 -54.95 74.08
N GLN R 81 -5.58 -54.84 73.84
CA GLN R 81 -4.69 -55.90 74.24
C GLN R 81 -4.35 -55.85 75.73
N PHE R 82 -4.35 -54.66 76.30
CA PHE R 82 -4.03 -54.47 77.70
C PHE R 82 -5.10 -54.92 78.67
N ILE R 83 -6.35 -54.55 78.42
CA ILE R 83 -7.42 -54.80 79.38
C ILE R 83 -7.71 -56.28 79.51
N LYS R 84 -8.05 -56.71 80.71
CA LYS R 84 -8.31 -58.11 80.99
C LYS R 84 -9.40 -58.90 80.21
N PRO R 85 -10.66 -58.47 80.07
CA PRO R 85 -11.71 -59.21 79.38
C PRO R 85 -11.50 -59.26 77.90
N ASP R 86 -11.96 -60.30 77.26
CA ASP R 86 -11.88 -60.39 75.81
C ASP R 86 -12.68 -59.35 75.08
N VAL R 87 -12.17 -58.87 73.98
CA VAL R 87 -12.93 -57.97 73.15
C VAL R 87 -13.30 -58.69 71.88
N SER R 88 -14.56 -58.78 71.60
CA SER R 88 -15.04 -59.44 70.41
C SER R 88 -15.47 -58.41 69.40
N THR R 89 -14.87 -58.45 68.23
CA THR R 89 -15.18 -57.46 67.21
C THR R 89 -16.08 -58.04 66.14
N ILE R 90 -17.09 -57.28 65.77
CA ILE R 90 -18.02 -57.66 64.74
C ILE R 90 -18.06 -56.67 63.60
N CYS R 91 -17.84 -57.12 62.37
CA CYS R 91 -17.83 -56.21 61.23
C CYS R 91 -19.15 -56.18 60.44
N MET R 92 -19.69 -54.97 60.27
CA MET R 92 -20.92 -54.79 59.52
C MET R 92 -20.71 -53.64 58.57
N GLY R 93 -21.40 -53.57 57.46
CA GLY R 93 -21.05 -52.43 56.63
C GLY R 93 -19.65 -52.70 56.13
N GLN R 94 -18.68 -51.89 56.50
CA GLN R 94 -17.33 -52.14 56.03
C GLN R 94 -16.29 -52.00 57.08
N ALA R 95 -15.18 -52.65 56.87
CA ALA R 95 -14.03 -52.44 57.71
C ALA R 95 -12.86 -52.21 56.81
N ALA R 96 -12.56 -50.96 56.53
CA ALA R 96 -11.50 -50.72 55.59
C ALA R 96 -10.31 -50.10 56.24
N SER R 97 -9.15 -50.43 55.74
CA SER R 97 -7.91 -49.82 56.16
C SER R 97 -7.68 -50.00 57.63
N MET R 98 -7.60 -48.92 58.37
CA MET R 98 -7.40 -49.07 59.81
C MET R 98 -8.57 -49.79 60.42
N GLY R 99 -9.73 -49.71 59.82
CA GLY R 99 -10.85 -50.41 60.36
C GLY R 99 -10.62 -51.91 60.31
N ALA R 100 -9.94 -52.41 59.27
CA ALA R 100 -9.71 -53.83 59.15
C ALA R 100 -8.69 -54.24 60.13
N PHE R 101 -7.73 -53.34 60.35
CA PHE R 101 -6.64 -53.57 61.28
C PHE R 101 -7.20 -53.85 62.67
N LEU R 102 -8.16 -53.02 63.09
CA LEU R 102 -8.75 -53.23 64.38
C LEU R 102 -9.65 -54.46 64.35
N LEU R 103 -10.34 -54.74 63.28
CA LEU R 103 -11.21 -55.90 63.29
C LEU R 103 -10.50 -57.18 63.64
N THR R 104 -9.32 -57.39 63.09
CA THR R 104 -8.63 -58.66 63.32
C THR R 104 -7.96 -58.71 64.66
N ALA R 105 -7.98 -57.62 65.39
CA ALA R 105 -7.27 -57.51 66.64
C ALA R 105 -8.12 -57.99 67.80
N GLY R 106 -9.32 -58.45 67.52
CA GLY R 106 -10.18 -58.92 68.60
C GLY R 106 -9.72 -60.27 69.09
N ALA R 107 -10.36 -60.77 70.13
CA ALA R 107 -9.97 -62.03 70.73
C ALA R 107 -10.07 -63.15 69.75
N LYS R 108 -9.10 -64.04 69.74
CA LYS R 108 -9.13 -65.16 68.82
C LYS R 108 -10.31 -66.03 69.03
N GLY R 109 -11.05 -66.33 67.97
CA GLY R 109 -12.19 -67.21 68.05
C GLY R 109 -13.45 -66.39 68.13
N LYS R 110 -13.29 -65.09 68.35
CA LYS R 110 -14.41 -64.20 68.46
C LYS R 110 -14.46 -63.10 67.44
N ARG R 111 -13.72 -63.21 66.32
CA ARG R 111 -13.80 -62.17 65.27
C ARG R 111 -14.89 -62.57 64.27
N PHE R 112 -15.99 -61.85 64.22
CA PHE R 112 -17.04 -62.28 63.29
C PHE R 112 -17.61 -61.16 62.44
N CYS R 113 -18.00 -61.47 61.22
CA CYS R 113 -18.54 -60.47 60.31
C CYS R 113 -19.83 -60.94 59.67
N LEU R 114 -20.69 -59.98 59.34
CA LEU R 114 -21.96 -60.30 58.71
C LEU R 114 -21.70 -60.67 57.27
N PRO R 115 -22.54 -61.48 56.63
CA PRO R 115 -22.36 -61.99 55.31
C PRO R 115 -22.27 -61.02 54.17
N ASN R 116 -22.80 -59.80 54.26
CA ASN R 116 -22.65 -58.92 53.13
C ASN R 116 -21.68 -57.81 53.43
N SER R 117 -20.93 -57.94 54.49
CA SER R 117 -19.98 -56.90 54.84
C SER R 117 -18.81 -57.02 53.93
N ARG R 118 -18.00 -55.96 53.82
CA ARG R 118 -16.79 -56.02 53.01
C ARG R 118 -15.59 -55.55 53.77
N VAL R 119 -14.45 -56.13 53.51
CA VAL R 119 -13.21 -55.77 54.19
C VAL R 119 -12.15 -55.36 53.19
N MET R 120 -11.44 -54.27 53.46
CA MET R 120 -10.40 -53.88 52.52
C MET R 120 -9.11 -53.51 53.22
N ILE R 121 -7.98 -53.96 52.69
CA ILE R 121 -6.70 -53.65 53.33
C ILE R 121 -5.66 -53.03 52.40
N HIS R 122 -4.75 -52.22 52.96
CA HIS R 122 -3.72 -51.58 52.14
C HIS R 122 -2.60 -50.89 52.94
N GLN R 123 -1.41 -50.83 52.36
CA GLN R 123 -0.26 -50.18 53.02
C GLN R 123 -0.55 -48.73 53.44
N PRO R 124 0.13 -48.14 54.46
CA PRO R 124 -0.06 -46.80 54.96
C PRO R 124 0.16 -45.70 53.97
N LEU R 125 -0.58 -44.62 54.13
CA LEU R 125 -0.47 -43.43 53.31
C LEU R 125 0.13 -42.32 54.12
N GLY R 126 0.77 -41.37 53.49
CA GLY R 126 1.31 -40.23 54.22
C GLY R 126 1.97 -39.25 53.28
N GLY R 127 2.71 -38.29 53.81
CA GLY R 127 3.36 -37.31 52.96
C GLY R 127 4.10 -36.26 53.78
N TYR R 128 4.84 -35.41 53.09
CA TYR R 128 5.65 -34.38 53.73
C TYR R 128 6.21 -33.35 52.77
N GLN R 129 6.41 -32.12 53.25
CA GLN R 129 7.06 -31.06 52.48
C GLN R 129 8.18 -30.46 53.30
N GLY R 130 9.32 -30.13 52.71
CA GLY R 130 10.40 -29.56 53.52
C GLY R 130 11.77 -29.68 52.88
N GLN R 131 12.84 -29.64 53.67
CA GLN R 131 14.17 -29.69 53.08
C GLN R 131 14.51 -31.12 52.76
N ALA R 132 15.42 -31.38 51.85
CA ALA R 132 15.74 -32.77 51.57
C ALA R 132 16.09 -33.54 52.84
N THR R 133 16.77 -32.91 53.79
CA THR R 133 17.08 -33.58 55.05
C THR R 133 15.83 -33.99 55.82
N ASP R 134 14.78 -33.20 55.80
CA ASP R 134 13.64 -33.51 56.60
C ASP R 134 12.85 -34.55 55.89
N ILE R 135 12.91 -34.54 54.59
CA ILE R 135 12.18 -35.50 53.85
C ILE R 135 12.71 -36.85 54.20
N GLU R 136 14.02 -37.01 54.26
CA GLU R 136 14.56 -38.31 54.63
C GLU R 136 14.09 -38.77 55.99
N ILE R 137 14.04 -37.88 56.97
CA ILE R 137 13.62 -38.32 58.29
C ILE R 137 12.20 -38.79 58.28
N HIS R 138 11.33 -38.06 57.64
CA HIS R 138 9.96 -38.45 57.63
C HIS R 138 9.72 -39.66 56.77
N ALA R 139 10.45 -39.81 55.68
CA ALA R 139 10.27 -40.99 54.87
C ALA R 139 10.68 -42.23 55.64
N ARG R 140 11.74 -42.17 56.43
CA ARG R 140 12.10 -43.37 57.15
C ARG R 140 11.06 -43.71 58.19
N GLU R 141 10.49 -42.68 58.80
CA GLU R 141 9.46 -42.84 59.81
C GLU R 141 8.24 -43.59 59.28
N ILE R 142 7.82 -43.30 58.05
CA ILE R 142 6.65 -44.00 57.54
C ILE R 142 6.99 -45.41 57.15
N LEU R 143 8.19 -45.65 56.65
CA LEU R 143 8.53 -47.01 56.33
C LEU R 143 8.60 -47.88 57.56
N LYS R 144 9.08 -47.36 58.69
CA LYS R 144 9.07 -48.19 59.89
C LYS R 144 7.68 -48.56 60.27
N VAL R 145 6.74 -47.64 60.12
CA VAL R 145 5.39 -47.97 60.47
C VAL R 145 4.89 -49.04 59.54
N LYS R 146 5.12 -48.92 58.26
CA LYS R 146 4.65 -49.96 57.38
C LYS R 146 5.14 -51.31 57.84
N GLY R 147 6.41 -51.38 58.21
CA GLY R 147 6.97 -52.62 58.67
C GLY R 147 6.24 -53.15 59.89
N ARG R 148 6.01 -52.31 60.86
CA ARG R 148 5.36 -52.75 62.07
C ARG R 148 3.92 -53.18 61.83
N MET R 149 3.21 -52.49 60.97
CA MET R 149 1.84 -52.88 60.74
C MET R 149 1.80 -54.25 60.09
N ASN R 150 2.76 -54.49 59.21
CA ASN R 150 2.87 -55.78 58.53
C ASN R 150 3.12 -56.93 59.51
N GLU R 151 3.92 -56.68 60.55
CA GLU R 151 4.19 -57.73 61.51
C GLU R 151 2.94 -58.06 62.28
N LEU R 152 2.18 -57.05 62.65
CA LEU R 152 1.01 -57.32 63.42
C LEU R 152 -0.04 -58.02 62.58
N MET R 153 -0.18 -57.68 61.31
CA MET R 153 -1.13 -58.43 60.49
C MET R 153 -0.76 -59.88 60.43
N ALA R 154 0.51 -60.18 60.24
CA ALA R 154 0.89 -61.56 60.15
C ALA R 154 0.65 -62.25 61.48
N LEU R 155 0.92 -61.57 62.58
CA LEU R 155 0.72 -62.19 63.86
C LEU R 155 -0.70 -62.61 64.11
N HIS R 156 -1.63 -61.73 63.81
CA HIS R 156 -3.01 -62.03 64.06
C HIS R 156 -3.66 -62.93 63.04
N THR R 157 -3.22 -62.90 61.79
CA THR R 157 -3.91 -63.72 60.80
C THR R 157 -3.29 -65.07 60.52
N GLY R 158 -2.02 -65.27 60.81
CA GLY R 158 -1.43 -66.56 60.54
C GLY R 158 -0.76 -66.62 59.18
N GLN R 159 -0.87 -65.57 58.41
CA GLN R 159 -0.25 -65.53 57.12
C GLN R 159 1.20 -65.29 57.37
N SER R 160 2.06 -65.70 56.47
CA SER R 160 3.46 -65.41 56.67
C SER R 160 3.67 -63.95 56.46
N LEU R 161 4.79 -63.43 56.92
CA LEU R 161 5.02 -62.02 56.70
C LEU R 161 5.21 -61.71 55.24
N GLU R 162 5.85 -62.58 54.50
CA GLU R 162 6.08 -62.31 53.10
C GLU R 162 4.78 -62.23 52.36
N GLN R 163 3.84 -63.09 52.73
CA GLN R 163 2.57 -63.05 52.06
C GLN R 163 1.85 -61.77 52.38
N ILE R 164 1.88 -61.34 53.64
CA ILE R 164 1.24 -60.08 53.94
C ILE R 164 1.85 -58.97 53.18
N GLU R 165 3.15 -58.90 53.07
CA GLU R 165 3.69 -57.79 52.33
C GLU R 165 3.26 -57.79 50.88
N ARG R 166 3.23 -58.93 50.21
CA ARG R 166 2.81 -58.87 48.82
C ARG R 166 1.38 -58.40 48.68
N ASP R 167 0.53 -58.84 49.57
CA ASP R 167 -0.87 -58.53 49.48
C ASP R 167 -1.29 -57.13 49.79
N THR R 168 -0.43 -56.28 50.33
CA THR R 168 -0.92 -54.97 50.66
C THR R 168 -0.34 -53.89 49.79
N GLU R 169 0.38 -54.25 48.74
CA GLU R 169 0.92 -53.17 47.94
C GLU R 169 -0.16 -52.34 47.26
N ARG R 170 -1.24 -52.97 46.85
CA ARG R 170 -2.37 -52.32 46.20
C ARG R 170 -3.62 -52.66 46.98
N ASP R 171 -4.62 -51.82 46.93
CA ASP R 171 -5.83 -52.09 47.67
C ASP R 171 -6.36 -53.47 47.40
N ARG R 172 -6.60 -54.22 48.47
CA ARG R 172 -7.13 -55.57 48.33
C ARG R 172 -8.51 -55.67 48.94
N PHE R 173 -9.48 -56.08 48.15
CA PHE R 173 -10.84 -56.20 48.69
C PHE R 173 -11.20 -57.64 48.92
N LEU R 174 -11.84 -57.91 50.05
CA LEU R 174 -12.26 -59.25 50.42
C LEU R 174 -13.75 -59.33 50.75
N SER R 175 -14.44 -60.32 50.23
CA SER R 175 -15.84 -60.51 50.56
C SER R 175 -15.91 -61.22 51.89
N ALA R 176 -17.06 -61.29 52.53
CA ALA R 176 -17.04 -61.94 53.84
C ALA R 176 -16.46 -63.35 53.82
N PRO R 177 -16.78 -64.27 52.89
CA PRO R 177 -16.20 -65.58 52.85
C PRO R 177 -14.71 -65.58 52.61
N GLU R 178 -14.16 -64.53 52.02
CA GLU R 178 -12.75 -64.53 51.77
C GLU R 178 -12.05 -64.11 53.01
N ALA R 179 -12.66 -63.22 53.76
CA ALA R 179 -12.06 -62.79 55.00
C ALA R 179 -11.91 -63.99 55.91
N VAL R 180 -12.89 -64.90 55.86
CA VAL R 180 -12.78 -66.08 56.70
C VAL R 180 -11.66 -66.98 56.24
N GLU R 181 -11.55 -67.23 54.95
CA GLU R 181 -10.50 -68.09 54.46
C GLU R 181 -9.11 -67.52 54.62
N TYR R 182 -9.00 -66.21 54.46
CA TYR R 182 -7.75 -65.49 54.56
C TYR R 182 -7.29 -65.55 55.99
N GLY R 183 -8.22 -65.42 56.91
CA GLY R 183 -7.88 -65.45 58.31
C GLY R 183 -8.09 -64.13 58.99
N LEU R 184 -8.86 -63.23 58.41
CA LEU R 184 -9.07 -61.98 59.11
C LEU R 184 -10.15 -62.19 60.15
N VAL R 185 -11.10 -63.05 59.88
CA VAL R 185 -12.16 -63.28 60.85
C VAL R 185 -12.32 -64.75 61.10
N ASP R 186 -12.96 -65.14 62.17
CA ASP R 186 -13.15 -66.53 62.43
C ASP R 186 -14.39 -67.08 61.77
N SER R 187 -15.44 -66.30 61.69
CA SER R 187 -16.64 -66.83 61.06
C SER R 187 -17.64 -65.79 60.64
N ILE R 188 -18.67 -66.25 59.96
CA ILE R 188 -19.77 -65.41 59.50
C ILE R 188 -21.00 -65.69 60.30
N LEU R 189 -21.62 -64.65 60.80
CA LEU R 189 -22.83 -64.82 61.57
C LEU R 189 -23.93 -64.95 60.59
N THR R 190 -24.96 -65.68 60.90
CA THR R 190 -26.04 -65.86 59.95
C THR R 190 -27.34 -65.36 60.49
N HIS R 191 -27.93 -66.14 61.36
CA HIS R 191 -29.17 -65.75 61.98
C HIS R 191 -29.05 -66.00 63.45
N ARG R 192 -29.79 -65.22 64.23
CA ARG R 192 -29.80 -65.43 65.66
C ARG R 192 -30.08 -66.89 65.96
N ALA S 1 -39.33 -26.15 70.15
CA ALA S 1 -40.06 -27.36 69.84
C ALA S 1 -39.72 -27.91 68.49
N LEU S 2 -38.47 -28.24 68.25
CA LEU S 2 -38.24 -28.88 66.98
C LEU S 2 -38.94 -30.20 67.02
N VAL S 3 -38.95 -30.84 68.19
CA VAL S 3 -39.64 -32.08 68.34
C VAL S 3 -40.54 -31.95 69.59
N PRO S 4 -41.85 -32.10 69.50
CA PRO S 4 -42.82 -32.02 70.58
C PRO S 4 -42.68 -33.12 71.61
N MET S 5 -43.13 -32.83 72.83
CA MET S 5 -43.19 -33.79 73.92
C MET S 5 -44.58 -34.35 74.07
N VAL S 6 -44.70 -35.59 74.49
CA VAL S 6 -46.00 -36.17 74.76
C VAL S 6 -46.03 -36.80 76.16
N ILE S 7 -47.22 -36.83 76.75
CA ILE S 7 -47.42 -37.37 78.10
C ILE S 7 -48.26 -38.62 78.09
N GLU S 8 -47.85 -39.63 78.84
CA GLU S 8 -48.63 -40.86 78.89
C GLU S 8 -48.89 -41.31 80.30
N GLN S 9 -49.98 -42.04 80.51
CA GLN S 9 -50.23 -42.58 81.82
C GLN S 9 -49.76 -44.00 81.91
N THR S 10 -49.18 -44.35 83.04
CA THR S 10 -48.68 -45.69 83.29
C THR S 10 -49.16 -46.16 84.66
N SER S 11 -48.31 -45.95 85.65
CA SER S 11 -48.53 -46.25 87.05
C SER S 11 -48.72 -44.92 87.75
N ARG S 12 -47.61 -44.24 87.97
CA ARG S 12 -47.62 -42.91 88.56
C ARG S 12 -48.06 -41.84 87.55
N GLY S 13 -47.78 -42.03 86.27
CA GLY S 13 -48.15 -41.06 85.23
C GLY S 13 -47.07 -40.03 84.93
N GLU S 14 -45.96 -40.10 85.64
CA GLU S 14 -44.87 -39.16 85.45
C GLU S 14 -43.95 -39.58 84.32
N ARG S 15 -44.48 -39.53 83.10
CA ARG S 15 -43.70 -39.91 81.92
C ARG S 15 -43.92 -38.98 80.73
N SER S 16 -42.90 -38.18 80.43
CA SER S 16 -42.94 -37.26 79.30
C SER S 16 -41.82 -37.64 78.35
N PHE S 17 -42.15 -37.87 77.09
CA PHE S 17 -41.13 -38.26 76.11
C PHE S 17 -41.19 -37.59 74.75
N ASP S 18 -40.02 -37.41 74.14
CA ASP S 18 -39.93 -36.82 72.81
C ASP S 18 -40.79 -37.71 71.93
N ILE S 19 -41.68 -37.12 71.15
CA ILE S 19 -42.57 -37.91 70.33
C ILE S 19 -41.86 -39.05 69.59
N TYR S 20 -40.59 -38.94 69.25
CA TYR S 20 -40.00 -40.07 68.57
C TYR S 20 -39.71 -41.20 69.53
N SER S 21 -39.49 -40.90 70.80
CA SER S 21 -39.18 -41.93 71.76
C SER S 21 -40.49 -42.61 72.10
N ARG S 22 -41.55 -41.84 72.05
CA ARG S 22 -42.85 -42.39 72.34
C ARG S 22 -43.21 -43.42 71.31
N LEU S 23 -42.88 -43.17 70.06
CA LEU S 23 -43.16 -44.12 69.02
C LEU S 23 -42.17 -45.27 69.03
N LEU S 24 -40.95 -45.05 69.47
CA LEU S 24 -40.05 -46.20 69.54
C LEU S 24 -40.62 -47.24 70.47
N LYS S 25 -41.29 -46.81 71.53
CA LYS S 25 -41.90 -47.77 72.46
C LYS S 25 -42.96 -48.65 71.80
N GLU S 26 -43.49 -48.22 70.65
CA GLU S 26 -44.55 -48.97 69.97
C GLU S 26 -43.93 -49.82 68.87
N ARG S 27 -42.61 -49.83 68.88
CA ARG S 27 -41.80 -50.55 67.94
C ARG S 27 -41.88 -49.98 66.57
N VAL S 28 -41.89 -48.64 66.47
CA VAL S 28 -41.89 -47.94 65.21
C VAL S 28 -40.61 -47.15 64.98
N ILE S 29 -39.95 -47.46 63.88
CA ILE S 29 -38.71 -46.81 63.49
C ILE S 29 -38.87 -46.07 62.19
N PHE S 30 -38.43 -44.82 62.10
CA PHE S 30 -38.53 -44.12 60.83
C PHE S 30 -37.18 -44.02 60.17
N LEU S 31 -37.14 -44.22 58.87
CA LEU S 31 -35.92 -44.06 58.08
C LEU S 31 -36.12 -42.99 57.04
N THR S 32 -35.48 -41.85 57.18
CA THR S 32 -35.66 -40.79 56.21
C THR S 32 -34.35 -40.17 55.83
N GLY S 33 -34.34 -39.48 54.70
CA GLY S 33 -33.14 -38.77 54.27
C GLY S 33 -32.19 -39.70 53.58
N GLN S 34 -30.96 -39.28 53.38
CA GLN S 34 -29.99 -40.07 52.67
C GLN S 34 -29.51 -41.19 53.54
N VAL S 35 -29.23 -42.35 52.98
CA VAL S 35 -28.66 -43.40 53.81
C VAL S 35 -27.18 -43.18 53.89
N GLU S 36 -26.67 -43.03 55.08
CA GLU S 36 -25.25 -42.81 55.29
C GLU S 36 -24.83 -43.47 56.59
N ASP S 37 -23.57 -43.39 56.96
CA ASP S 37 -23.15 -44.15 58.11
C ASP S 37 -23.71 -43.77 59.45
N HIS S 38 -23.85 -42.49 59.74
CA HIS S 38 -24.31 -42.23 61.10
C HIS S 38 -25.77 -42.53 61.24
N MET S 39 -26.54 -42.18 60.26
CA MET S 39 -27.92 -42.49 60.37
C MET S 39 -28.16 -43.99 60.35
N ALA S 40 -27.46 -44.74 59.51
CA ALA S 40 -27.70 -46.16 59.48
C ALA S 40 -27.33 -46.79 60.79
N ASN S 41 -26.23 -46.31 61.35
CA ASN S 41 -25.75 -46.81 62.63
C ASN S 41 -26.78 -46.65 63.73
N LEU S 42 -27.59 -45.59 63.66
CA LEU S 42 -28.59 -45.40 64.67
C LEU S 42 -29.74 -46.34 64.46
N ILE S 43 -30.12 -46.59 63.23
CA ILE S 43 -31.22 -47.52 63.01
C ILE S 43 -30.85 -48.88 63.51
N VAL S 44 -29.63 -49.32 63.26
CA VAL S 44 -29.25 -50.62 63.77
C VAL S 44 -29.33 -50.67 65.27
N ALA S 45 -28.86 -49.64 65.97
CA ALA S 45 -28.96 -49.67 67.40
C ALA S 45 -30.39 -49.82 67.85
N GLN S 46 -31.30 -49.14 67.19
CA GLN S 46 -32.69 -49.25 67.57
C GLN S 46 -33.23 -50.61 67.32
N MET S 47 -32.87 -51.25 66.22
CA MET S 47 -33.40 -52.58 66.04
C MET S 47 -32.85 -53.56 67.05
N LEU S 48 -31.59 -53.43 67.45
CA LEU S 48 -31.06 -54.38 68.42
C LEU S 48 -31.78 -54.22 69.72
N PHE S 49 -32.04 -52.97 70.08
CA PHE S 49 -32.74 -52.64 71.31
C PHE S 49 -34.14 -53.24 71.35
N LEU S 50 -34.86 -53.19 70.24
CA LEU S 50 -36.18 -53.75 70.23
C LEU S 50 -36.19 -55.25 70.26
N GLU S 51 -35.21 -55.87 69.61
CA GLU S 51 -35.12 -57.33 69.58
C GLU S 51 -34.99 -57.86 71.01
N ALA S 52 -34.18 -57.18 71.81
CA ALA S 52 -33.96 -57.58 73.18
C ALA S 52 -35.20 -57.35 74.03
N GLU S 53 -35.91 -56.26 73.78
CA GLU S 53 -37.13 -55.95 74.52
C GLU S 53 -38.17 -57.07 74.44
N ASN S 54 -38.38 -57.62 73.24
CA ASN S 54 -39.34 -58.67 73.06
C ASN S 54 -39.10 -59.39 71.76
N PRO S 55 -38.37 -60.48 71.77
CA PRO S 55 -37.98 -61.26 70.62
C PRO S 55 -39.14 -61.82 69.83
N GLU S 56 -40.34 -61.76 70.40
CA GLU S 56 -41.50 -62.35 69.75
C GLU S 56 -42.45 -61.37 69.08
N LYS S 57 -42.07 -60.10 69.00
CA LYS S 57 -42.98 -59.16 68.36
C LYS S 57 -42.40 -58.35 67.22
N ASP S 58 -43.26 -58.01 66.27
CA ASP S 58 -42.88 -57.28 65.08
C ASP S 58 -42.39 -55.88 65.30
N ILE S 59 -41.53 -55.45 64.39
CA ILE S 59 -40.98 -54.11 64.33
C ILE S 59 -41.41 -53.45 63.06
N TYR S 60 -41.89 -52.21 63.13
CA TYR S 60 -42.36 -51.52 61.94
C TYR S 60 -41.37 -50.48 61.47
N LEU S 61 -40.99 -50.54 60.19
CA LEU S 61 -40.05 -49.58 59.68
C LEU S 61 -40.69 -48.73 58.61
N TYR S 62 -40.75 -47.42 58.84
CA TYR S 62 -41.34 -46.50 57.88
C TYR S 62 -40.24 -45.96 57.01
N ILE S 63 -40.36 -46.14 55.69
CA ILE S 63 -39.34 -45.68 54.78
C ILE S 63 -39.79 -44.56 53.90
N ASN S 64 -39.02 -43.49 53.91
CA ASN S 64 -39.24 -42.35 53.03
C ASN S 64 -37.90 -41.81 52.67
N SER S 65 -37.30 -42.29 51.61
CA SER S 65 -35.92 -41.93 51.33
C SER S 65 -35.46 -41.99 49.90
N PRO S 66 -34.71 -41.00 49.41
CA PRO S 66 -34.16 -40.87 48.09
C PRO S 66 -33.02 -41.78 47.74
N GLY S 67 -32.43 -42.47 48.70
CA GLY S 67 -31.28 -43.31 48.33
C GLY S 67 -30.14 -43.12 49.28
N GLY S 68 -28.94 -43.45 48.86
CA GLY S 68 -27.79 -43.32 49.74
C GLY S 68 -26.64 -44.25 49.42
N VAL S 69 -25.75 -44.37 50.37
CA VAL S 69 -24.52 -45.16 50.29
C VAL S 69 -24.80 -46.62 50.47
N ILE S 70 -24.31 -47.46 49.57
CA ILE S 70 -24.61 -48.87 49.71
C ILE S 70 -24.02 -49.48 50.94
N THR S 71 -22.79 -49.23 51.23
CA THR S 71 -22.24 -49.83 52.42
C THR S 71 -23.07 -49.53 53.64
N ALA S 72 -23.44 -48.29 53.83
CA ALA S 72 -24.19 -47.99 55.02
C ALA S 72 -25.50 -48.73 55.01
N GLY S 73 -26.13 -48.80 53.85
CA GLY S 73 -27.39 -49.50 53.75
C GLY S 73 -27.27 -50.98 53.99
N MET S 74 -26.16 -51.59 53.62
CA MET S 74 -26.04 -53.02 53.82
C MET S 74 -25.98 -53.38 55.28
N SER S 75 -25.54 -52.49 56.13
CA SER S 75 -25.52 -52.81 57.54
C SER S 75 -26.95 -52.87 58.11
N ILE S 76 -27.91 -52.28 57.41
CA ILE S 76 -29.27 -52.31 57.88
C ILE S 76 -29.82 -53.58 57.35
N TYR S 77 -29.50 -53.86 56.08
CA TYR S 77 -29.96 -55.05 55.39
C TYR S 77 -29.62 -56.31 56.18
N ASP S 78 -28.36 -56.44 56.60
CA ASP S 78 -27.99 -57.62 57.34
C ASP S 78 -28.55 -57.64 58.73
N THR S 79 -28.68 -56.52 59.40
CA THR S 79 -29.24 -56.58 60.72
C THR S 79 -30.65 -57.08 60.64
N MET S 80 -31.43 -56.61 59.69
CA MET S 80 -32.81 -57.04 59.60
C MET S 80 -32.93 -58.53 59.42
N GLN S 81 -32.01 -59.13 58.70
CA GLN S 81 -32.09 -60.55 58.47
C GLN S 81 -31.62 -61.37 59.68
N PHE S 82 -30.67 -60.84 60.41
CA PHE S 82 -30.13 -61.53 61.56
C PHE S 82 -31.09 -61.62 62.74
N ILE S 83 -31.69 -60.51 63.11
CA ILE S 83 -32.52 -60.47 64.32
C ILE S 83 -33.75 -61.32 64.21
N LYS S 84 -34.18 -61.90 65.33
CA LYS S 84 -35.34 -62.78 65.34
C LYS S 84 -36.73 -62.29 64.89
N PRO S 85 -37.31 -61.18 65.37
CA PRO S 85 -38.64 -60.75 65.02
C PRO S 85 -38.72 -60.24 63.61
N ASP S 86 -39.87 -60.35 62.99
CA ASP S 86 -40.07 -59.81 61.67
C ASP S 86 -40.02 -58.31 61.59
N VAL S 87 -39.45 -57.80 60.52
CA VAL S 87 -39.50 -56.38 60.29
C VAL S 87 -40.43 -56.13 59.14
N SER S 88 -41.44 -55.35 59.37
CA SER S 88 -42.41 -55.03 58.35
C SER S 88 -42.13 -53.64 57.85
N THR S 89 -41.87 -53.51 56.58
CA THR S 89 -41.52 -52.24 56.03
C THR S 89 -42.69 -51.60 55.33
N ILE S 90 -42.87 -50.32 55.55
CA ILE S 90 -43.93 -49.55 54.93
C ILE S 90 -43.38 -48.38 54.16
N CYS S 91 -43.69 -48.29 52.88
CA CYS S 91 -43.17 -47.20 52.05
C CYS S 91 -44.16 -46.04 51.92
N MET S 92 -43.70 -44.84 52.28
CA MET S 92 -44.51 -43.65 52.18
C MET S 92 -43.70 -42.60 51.49
N GLY S 93 -44.29 -41.66 50.79
CA GLY S 93 -43.35 -40.75 50.14
C GLY S 93 -42.66 -41.56 49.07
N GLN S 94 -41.35 -41.74 49.17
CA GLN S 94 -40.64 -42.51 48.15
C GLN S 94 -39.67 -43.52 48.70
N ALA S 95 -39.40 -44.51 47.91
CA ALA S 95 -38.34 -45.43 48.23
C ALA S 95 -37.48 -45.56 47.02
N ALA S 96 -36.40 -44.80 46.95
CA ALA S 96 -35.62 -44.84 45.74
C ALA S 96 -34.27 -45.43 45.96
N SER S 97 -33.78 -46.12 44.96
CA SER S 97 -32.43 -46.62 44.96
C SER S 97 -32.18 -47.51 46.14
N MET S 98 -31.26 -47.15 47.00
CA MET S 98 -31.03 -48.00 48.15
C MET S 98 -32.26 -48.07 49.03
N GLY S 99 -33.09 -47.05 49.02
CA GLY S 99 -34.29 -47.10 49.83
C GLY S 99 -35.19 -48.20 49.33
N ALA S 100 -35.27 -48.38 48.02
CA ALA S 100 -36.11 -49.40 47.45
C ALA S 100 -35.57 -50.76 47.81
N PHE S 101 -34.26 -50.87 47.83
CA PHE S 101 -33.66 -52.14 48.17
C PHE S 101 -34.03 -52.54 49.56
N LEU S 102 -33.93 -51.63 50.50
CA LEU S 102 -34.29 -52.01 51.85
C LEU S 102 -35.78 -52.28 51.92
N LEU S 103 -36.60 -51.57 51.20
CA LEU S 103 -38.04 -51.82 51.28
C LEU S 103 -38.40 -53.26 50.99
N THR S 104 -37.81 -53.84 49.96
CA THR S 104 -38.20 -55.18 49.57
C THR S 104 -37.58 -56.22 50.44
N ALA S 105 -36.75 -55.83 51.38
CA ALA S 105 -36.03 -56.75 52.22
C ALA S 105 -36.81 -57.06 53.47
N GLY S 106 -38.00 -56.51 53.60
CA GLY S 106 -38.80 -56.74 54.79
C GLY S 106 -39.37 -58.15 54.79
N ALA S 107 -40.04 -58.50 55.87
CA ALA S 107 -40.56 -59.84 56.01
C ALA S 107 -41.56 -60.14 54.96
N LYS S 108 -41.52 -61.33 54.40
CA LYS S 108 -42.44 -61.68 53.34
C LYS S 108 -43.87 -61.65 53.80
N GLY S 109 -44.73 -61.00 53.04
CA GLY S 109 -46.13 -60.93 53.37
C GLY S 109 -46.43 -59.67 54.13
N LYS S 110 -45.38 -58.98 54.56
CA LYS S 110 -45.53 -57.78 55.31
C LYS S 110 -44.95 -56.55 54.66
N ARG S 111 -44.64 -56.58 53.34
CA ARG S 111 -44.12 -55.38 52.67
C ARG S 111 -45.27 -54.55 52.14
N PHE S 112 -45.49 -53.35 52.65
CA PHE S 112 -46.63 -52.58 52.13
C PHE S 112 -46.35 -51.11 51.88
N CYS S 113 -47.00 -50.55 50.88
CA CYS S 113 -46.80 -49.15 50.52
C CYS S 113 -48.10 -48.40 50.38
N LEU S 114 -48.06 -47.10 50.67
CA LEU S 114 -49.23 -46.26 50.56
C LEU S 114 -49.50 -46.00 49.10
N PRO S 115 -50.75 -45.76 48.69
CA PRO S 115 -51.18 -45.61 47.33
C PRO S 115 -50.62 -44.51 46.48
N ASN S 116 -50.10 -43.42 47.03
CA ASN S 116 -49.57 -42.42 46.11
C ASN S 116 -48.07 -42.37 46.14
N SER S 117 -47.46 -43.40 46.67
CA SER S 117 -46.02 -43.46 46.75
C SER S 117 -45.35 -43.82 45.44
N ARG S 118 -44.03 -43.68 45.43
CA ARG S 118 -43.21 -44.05 44.28
C ARG S 118 -42.00 -44.82 44.66
N VAL S 119 -41.69 -45.82 43.86
CA VAL S 119 -40.52 -46.62 44.08
C VAL S 119 -39.64 -46.55 42.86
N MET S 120 -38.37 -46.34 43.03
CA MET S 120 -37.51 -46.27 41.85
C MET S 120 -36.26 -47.11 42.00
N ILE S 121 -35.87 -47.83 40.96
CA ILE S 121 -34.68 -48.66 41.08
C ILE S 121 -33.64 -48.43 39.98
N HIS S 122 -32.38 -48.69 40.28
CA HIS S 122 -31.31 -48.52 39.28
C HIS S 122 -29.96 -49.09 39.71
N GLN S 123 -29.15 -49.51 38.73
CA GLN S 123 -27.81 -50.07 39.01
C GLN S 123 -26.97 -49.09 39.85
N PRO S 124 -25.99 -49.53 40.66
CA PRO S 124 -25.17 -48.71 41.52
C PRO S 124 -24.25 -47.78 40.79
N LEU S 125 -23.97 -46.64 41.43
CA LEU S 125 -23.08 -45.61 40.92
C LEU S 125 -21.78 -45.60 41.67
N GLY S 126 -20.75 -45.05 41.07
CA GLY S 126 -19.47 -44.91 41.76
C GLY S 126 -18.43 -44.26 40.88
N GLY S 127 -17.16 -44.34 41.26
CA GLY S 127 -16.11 -43.73 40.47
C GLY S 127 -14.75 -43.82 41.13
N TYR S 128 -13.69 -43.49 40.38
CA TYR S 128 -12.33 -43.56 40.89
C TYR S 128 -11.31 -42.75 40.07
N GLN S 129 -10.25 -42.28 40.72
CA GLN S 129 -9.13 -41.62 40.05
C GLN S 129 -7.83 -42.31 40.40
N GLY S 130 -6.91 -42.48 39.46
CA GLY S 130 -5.64 -43.13 39.84
C GLY S 130 -4.85 -43.70 38.68
N GLN S 131 -3.97 -44.65 38.95
CA GLN S 131 -3.16 -45.23 37.89
C GLN S 131 -3.95 -46.27 37.20
N ALA S 132 -3.63 -46.61 35.96
CA ALA S 132 -4.42 -47.65 35.32
C ALA S 132 -4.49 -48.91 36.16
N THR S 133 -3.43 -49.29 36.85
CA THR S 133 -3.50 -50.47 37.70
C THR S 133 -4.57 -50.34 38.80
N ASP S 134 -4.75 -49.15 39.37
CA ASP S 134 -5.67 -49.00 40.47
C ASP S 134 -7.06 -48.91 39.93
N ILE S 135 -7.17 -48.35 38.76
CA ILE S 135 -8.46 -48.20 38.19
C ILE S 135 -9.03 -49.56 37.96
N GLU S 136 -8.25 -50.48 37.44
CA GLU S 136 -8.79 -51.82 37.26
C GLU S 136 -9.28 -52.44 38.54
N ILE S 137 -8.56 -52.27 39.64
CA ILE S 137 -9.02 -52.88 40.86
C ILE S 137 -10.33 -52.31 41.29
N HIS S 138 -10.46 -51.01 41.24
CA HIS S 138 -11.69 -50.41 41.66
C HIS S 138 -12.83 -50.69 40.69
N ALA S 139 -12.55 -50.83 39.40
CA ALA S 139 -13.63 -51.17 38.49
C ALA S 139 -14.13 -52.56 38.76
N ARG S 140 -13.25 -53.50 39.05
CA ARG S 140 -13.72 -54.84 39.32
C ARG S 140 -14.58 -54.88 40.52
N GLU S 141 -14.18 -54.09 41.52
CA GLU S 141 -14.89 -53.97 42.78
C GLU S 141 -16.33 -53.48 42.63
N ILE S 142 -16.58 -52.50 41.75
CA ILE S 142 -17.95 -52.06 41.65
C ILE S 142 -18.76 -53.05 40.89
N LEU S 143 -18.18 -53.72 39.92
CA LEU S 143 -18.95 -54.69 39.18
C LEU S 143 -19.36 -55.86 40.06
N LYS S 144 -18.52 -56.28 40.98
CA LYS S 144 -18.95 -57.37 41.85
C LYS S 144 -20.13 -56.94 42.68
N VAL S 145 -20.15 -55.71 43.13
CA VAL S 145 -21.27 -55.27 43.91
C VAL S 145 -22.51 -55.27 43.05
N LYS S 146 -22.42 -54.77 41.85
CA LYS S 146 -23.61 -54.79 41.03
C LYS S 146 -24.17 -56.18 40.94
N GLY S 147 -23.31 -57.17 40.72
CA GLY S 147 -23.80 -58.52 40.61
C GLY S 147 -24.47 -58.99 41.89
N ARG S 148 -23.91 -58.67 43.03
CA ARG S 148 -24.49 -59.13 44.26
C ARG S 148 -25.82 -58.48 44.52
N MET S 149 -25.96 -57.21 44.21
CA MET S 149 -27.22 -56.54 44.44
C MET S 149 -28.30 -57.16 43.60
N ASN S 150 -27.97 -57.53 42.38
CA ASN S 150 -28.98 -58.12 41.54
C ASN S 150 -29.43 -59.47 42.06
N GLU S 151 -28.52 -60.25 42.63
CA GLU S 151 -28.96 -61.54 43.14
C GLU S 151 -29.92 -61.37 44.28
N LEU S 152 -29.66 -60.40 45.14
CA LEU S 152 -30.56 -60.21 46.25
C LEU S 152 -31.90 -59.70 45.78
N MET S 153 -31.94 -58.84 44.77
CA MET S 153 -33.22 -58.40 44.26
C MET S 153 -34.00 -59.58 43.73
N ALA S 154 -33.36 -60.42 42.93
CA ALA S 154 -34.10 -61.52 42.39
C ALA S 154 -34.59 -62.42 43.50
N LEU S 155 -33.80 -62.62 44.54
CA LEU S 155 -34.25 -63.47 45.60
C LEU S 155 -35.47 -62.96 46.30
N HIS S 156 -35.50 -61.69 46.62
CA HIS S 156 -36.62 -61.15 47.35
C HIS S 156 -37.84 -60.89 46.49
N THR S 157 -37.67 -60.58 45.22
CA THR S 157 -38.83 -60.28 44.41
C THR S 157 -39.40 -61.46 43.65
N GLY S 158 -38.63 -62.48 43.37
CA GLY S 158 -39.16 -63.61 42.63
C GLY S 158 -38.97 -63.49 41.14
N GLN S 159 -38.37 -62.42 40.70
CA GLN S 159 -38.11 -62.22 39.29
C GLN S 159 -36.91 -63.03 38.94
N SER S 160 -36.74 -63.40 37.68
CA SER S 160 -35.54 -64.11 37.31
C SER S 160 -34.39 -63.16 37.35
N LEU S 161 -33.18 -63.67 37.37
CA LEU S 161 -32.06 -62.77 37.43
C LEU S 161 -31.92 -61.98 36.15
N GLU S 162 -32.21 -62.58 35.02
CA GLU S 162 -32.06 -61.88 33.76
C GLU S 162 -33.03 -60.73 33.70
N GLN S 163 -34.23 -60.93 34.22
CA GLN S 163 -35.18 -59.86 34.21
C GLN S 163 -34.72 -58.73 35.09
N ILE S 164 -34.13 -59.05 36.24
CA ILE S 164 -33.64 -57.99 37.09
C ILE S 164 -32.55 -57.25 36.42
N GLU S 165 -31.63 -57.91 35.75
CA GLU S 165 -30.60 -57.14 35.14
C GLU S 165 -31.13 -56.19 34.09
N ARG S 166 -32.07 -56.62 33.27
CA ARG S 166 -32.54 -55.69 32.25
C ARG S 166 -33.24 -54.49 32.83
N ASP S 167 -33.99 -54.70 33.87
CA ASP S 167 -34.77 -53.65 34.46
C ASP S 167 -34.01 -52.62 35.26
N THR S 168 -32.73 -52.79 35.50
CA THR S 168 -32.05 -51.79 36.30
C THR S 168 -31.03 -51.03 35.50
N GLU S 169 -30.99 -51.25 34.19
CA GLU S 169 -30.03 -50.54 33.34
C GLU S 169 -30.15 -49.01 33.41
N ARG S 170 -31.40 -48.56 33.46
CA ARG S 170 -31.72 -47.14 33.54
C ARG S 170 -32.77 -46.99 34.61
N ASP S 171 -32.88 -45.79 35.16
CA ASP S 171 -33.84 -45.55 36.20
C ASP S 171 -35.20 -46.05 35.82
N ARG S 172 -35.77 -46.88 36.65
CA ARG S 172 -37.08 -47.42 36.42
C ARG S 172 -38.03 -46.96 37.47
N PHE S 173 -39.12 -46.31 37.10
CA PHE S 173 -40.06 -45.82 38.09
C PHE S 173 -41.28 -46.67 38.15
N LEU S 174 -41.70 -47.04 39.34
CA LEU S 174 -42.88 -47.86 39.55
C LEU S 174 -43.89 -47.19 40.46
N SER S 175 -45.14 -47.18 40.04
CA SER S 175 -46.19 -46.60 40.85
C SER S 175 -46.59 -47.60 41.90
N ALA S 176 -47.39 -47.23 42.89
CA ALA S 176 -47.68 -48.22 43.90
C ALA S 176 -48.29 -49.52 43.33
N PRO S 177 -49.27 -49.53 42.43
CA PRO S 177 -49.80 -50.76 41.88
C PRO S 177 -48.80 -51.54 41.07
N GLU S 178 -47.74 -50.92 40.59
CA GLU S 178 -46.79 -51.64 39.79
C GLU S 178 -45.83 -52.30 40.70
N ALA S 179 -45.53 -51.68 41.81
CA ALA S 179 -44.64 -52.30 42.75
C ALA S 179 -45.27 -53.61 43.19
N VAL S 180 -46.59 -53.62 43.32
CA VAL S 180 -47.26 -54.85 43.72
C VAL S 180 -47.15 -55.90 42.65
N GLU S 181 -47.42 -55.54 41.39
CA GLU S 181 -47.35 -56.51 40.29
C GLU S 181 -45.94 -57.02 40.02
N TYR S 182 -44.96 -56.16 40.21
CA TYR S 182 -43.57 -56.46 39.98
C TYR S 182 -43.10 -57.41 41.06
N GLY S 183 -43.54 -57.17 42.29
CA GLY S 183 -43.14 -58.01 43.39
C GLY S 183 -42.26 -57.29 44.39
N LEU S 184 -42.27 -55.98 44.41
CA LEU S 184 -41.44 -55.31 45.38
C LEU S 184 -42.18 -55.24 46.69
N VAL S 185 -43.49 -55.14 46.63
CA VAL S 185 -44.27 -55.09 47.86
C VAL S 185 -45.34 -56.12 47.77
N ASP S 186 -45.99 -56.43 48.87
CA ASP S 186 -47.06 -57.39 48.82
C ASP S 186 -48.42 -56.72 48.63
N SER S 187 -48.61 -55.54 49.20
CA SER S 187 -49.92 -54.89 49.04
C SER S 187 -49.94 -53.40 49.30
N ILE S 188 -51.07 -52.79 49.00
CA ILE S 188 -51.27 -51.37 49.21
C ILE S 188 -52.24 -51.14 50.36
N LEU S 189 -51.82 -50.34 51.31
CA LEU S 189 -52.67 -50.02 52.44
C LEU S 189 -53.60 -48.95 51.99
N THR S 190 -54.82 -48.92 52.47
CA THR S 190 -55.74 -47.90 52.03
C THR S 190 -56.30 -47.12 53.16
N HIS S 191 -57.17 -47.74 53.93
CA HIS S 191 -57.75 -47.10 55.08
C HIS S 191 -57.66 -47.96 56.30
N ARG S 192 -57.54 -47.29 57.43
CA ARG S 192 -57.56 -47.98 58.70
C ARG S 192 -58.88 -48.71 58.84
N ALA T 1 -35.45 -18.14 75.39
CA ALA T 1 -36.81 -18.58 75.15
C ALA T 1 -37.22 -18.40 73.73
N LEU T 2 -36.65 -19.17 72.83
CA LEU T 2 -37.16 -19.05 71.48
C LEU T 2 -38.58 -19.51 71.51
N VAL T 3 -38.83 -20.52 72.32
CA VAL T 3 -40.15 -21.06 72.51
C VAL T 3 -40.42 -21.02 74.00
N PRO T 4 -41.45 -20.34 74.50
CA PRO T 4 -41.80 -20.18 75.89
C PRO T 4 -42.40 -21.44 76.45
N MET T 5 -42.39 -21.55 77.77
CA MET T 5 -43.02 -22.63 78.49
C MET T 5 -44.36 -22.17 79.02
N VAL T 6 -45.31 -23.07 79.10
CA VAL T 6 -46.60 -22.75 79.69
C VAL T 6 -46.95 -23.71 80.80
N ILE T 7 -47.73 -23.24 81.77
CA ILE T 7 -48.13 -24.05 82.91
C ILE T 7 -49.60 -24.39 82.92
N GLU T 8 -49.94 -25.63 83.22
CA GLU T 8 -51.35 -26.03 83.25
C GLU T 8 -51.62 -26.91 84.47
N GLN T 9 -52.82 -26.81 85.05
CA GLN T 9 -53.12 -27.63 86.21
C GLN T 9 -53.87 -28.86 85.84
N THR T 10 -53.49 -29.98 86.45
CA THR T 10 -54.14 -31.26 86.24
C THR T 10 -54.52 -31.88 87.59
N SER T 11 -53.62 -32.72 88.09
CA SER T 11 -53.78 -33.42 89.36
C SER T 11 -52.88 -32.74 90.37
N ARG T 12 -51.60 -33.08 90.36
CA ARG T 12 -50.67 -32.45 91.29
C ARG T 12 -50.26 -31.03 90.81
N GLY T 13 -50.45 -30.72 89.51
CA GLY T 13 -50.15 -29.39 88.98
C GLY T 13 -48.78 -29.19 88.36
N GLU T 14 -47.91 -30.17 88.45
CA GLU T 14 -46.58 -30.01 87.89
C GLU T 14 -46.54 -30.34 86.42
N ARG T 15 -47.06 -29.43 85.65
CA ARG T 15 -47.04 -29.58 84.23
C ARG T 15 -46.57 -28.31 83.58
N SER T 16 -45.41 -28.41 82.93
CA SER T 16 -44.81 -27.28 82.25
C SER T 16 -44.37 -27.78 80.88
N PHE T 17 -45.09 -27.42 79.82
CA PHE T 17 -44.69 -27.91 78.50
C PHE T 17 -44.37 -26.81 77.50
N ASP T 18 -43.52 -27.13 76.52
CA ASP T 18 -43.17 -26.18 75.47
C ASP T 18 -44.49 -25.79 74.85
N ILE T 19 -44.73 -24.50 74.64
CA ILE T 19 -46.04 -24.14 74.13
C ILE T 19 -46.48 -24.97 72.93
N TYR T 20 -45.59 -25.46 72.10
CA TYR T 20 -46.10 -26.24 70.99
C TYR T 20 -46.59 -27.58 71.44
N SER T 21 -46.06 -28.11 72.53
CA SER T 21 -46.52 -29.40 73.00
C SER T 21 -47.83 -29.19 73.70
N ARG T 22 -47.98 -28.01 74.30
CA ARG T 22 -49.22 -27.72 74.96
C ARG T 22 -50.34 -27.75 73.96
N LEU T 23 -50.09 -27.28 72.74
CA LEU T 23 -51.10 -27.29 71.72
C LEU T 23 -51.23 -28.64 71.07
N LEU T 24 -50.17 -29.43 71.01
CA LEU T 24 -50.32 -30.78 70.46
C LEU T 24 -51.32 -31.52 71.29
N LYS T 25 -51.29 -31.28 72.58
CA LYS T 25 -52.20 -31.89 73.52
C LYS T 25 -53.67 -31.60 73.23
N GLU T 26 -53.94 -30.52 72.50
CA GLU T 26 -55.31 -30.12 72.18
C GLU T 26 -55.68 -30.56 70.77
N ARG T 27 -54.80 -31.40 70.22
CA ARG T 27 -54.91 -31.95 68.91
C ARG T 27 -54.77 -30.91 67.81
N VAL T 28 -53.83 -29.98 68.00
CA VAL T 28 -53.51 -28.96 67.01
C VAL T 28 -52.09 -29.10 66.48
N ILE T 29 -51.96 -29.24 65.18
CA ILE T 29 -50.68 -29.39 64.48
C ILE T 29 -50.42 -28.21 63.57
N PHE T 30 -49.24 -27.64 63.61
CA PHE T 30 -48.96 -26.54 62.69
C PHE T 30 -48.03 -26.96 61.58
N LEU T 31 -48.32 -26.53 60.36
CA LEU T 31 -47.48 -26.73 59.19
C LEU T 31 -47.03 -25.44 58.57
N THR T 32 -45.78 -25.09 58.73
CA THR T 32 -45.27 -23.84 58.19
C THR T 32 -43.97 -24.06 57.49
N GLY T 33 -43.54 -23.10 56.69
CA GLY T 33 -42.25 -23.18 56.03
C GLY T 33 -42.37 -24.04 54.80
N GLN T 34 -41.27 -24.50 54.24
CA GLN T 34 -41.27 -25.29 53.03
C GLN T 34 -41.67 -26.70 53.33
N VAL T 35 -42.25 -27.38 52.36
CA VAL T 35 -42.49 -28.79 52.59
C VAL T 35 -41.34 -29.63 52.07
N GLU T 36 -40.66 -30.30 52.99
CA GLU T 36 -39.54 -31.16 52.66
C GLU T 36 -39.70 -32.49 53.42
N ASP T 37 -38.67 -33.32 53.40
CA ASP T 37 -38.74 -34.59 54.10
C ASP T 37 -38.62 -34.62 55.59
N HIS T 38 -37.75 -33.83 56.19
CA HIS T 38 -37.65 -33.99 57.63
C HIS T 38 -38.83 -33.38 58.31
N MET T 39 -39.22 -32.25 57.81
CA MET T 39 -40.35 -31.59 58.36
C MET T 39 -41.57 -32.46 58.20
N ALA T 40 -41.78 -33.00 57.00
CA ALA T 40 -42.95 -33.80 56.76
C ALA T 40 -42.97 -35.03 57.61
N ASN T 41 -41.80 -35.64 57.78
CA ASN T 41 -41.68 -36.84 58.60
C ASN T 41 -42.16 -36.61 60.03
N LEU T 42 -41.96 -35.39 60.53
CA LEU T 42 -42.38 -35.06 61.86
C LEU T 42 -43.88 -34.91 61.93
N ILE T 43 -44.48 -34.29 60.92
CA ILE T 43 -45.93 -34.17 60.93
C ILE T 43 -46.58 -35.51 60.87
N VAL T 44 -46.07 -36.41 60.07
CA VAL T 44 -46.68 -37.72 60.04
C VAL T 44 -46.61 -38.36 61.40
N ALA T 45 -45.49 -38.27 62.09
CA ALA T 45 -45.43 -38.86 63.41
C ALA T 45 -46.47 -38.26 64.32
N GLN T 46 -46.69 -36.96 64.25
CA GLN T 46 -47.68 -36.37 65.12
C GLN T 46 -49.07 -36.84 64.80
N MET T 47 -49.41 -37.02 63.55
CA MET T 47 -50.74 -37.48 63.28
C MET T 47 -50.93 -38.92 63.74
N LEU T 48 -49.91 -39.76 63.61
CA LEU T 48 -50.10 -41.14 64.05
C LEU T 48 -50.30 -41.17 65.55
N PHE T 49 -49.54 -40.32 66.24
CA PHE T 49 -49.60 -40.21 67.68
C PHE T 49 -50.99 -39.78 68.16
N LEU T 50 -51.61 -38.82 67.49
CA LEU T 50 -52.90 -38.40 67.91
C LEU T 50 -53.96 -39.42 67.60
N GLU T 51 -53.81 -40.14 66.49
CA GLU T 51 -54.79 -41.15 66.11
C GLU T 51 -54.90 -42.20 67.21
N ALA T 52 -53.77 -42.59 67.77
CA ALA T 52 -53.71 -43.57 68.83
C ALA T 52 -54.28 -43.05 70.13
N GLU T 53 -54.03 -41.79 70.44
CA GLU T 53 -54.54 -41.18 71.66
C GLU T 53 -56.06 -41.26 71.76
N ASN T 54 -56.75 -41.01 70.66
CA ASN T 54 -58.20 -41.05 70.64
C ASN T 54 -58.70 -41.12 69.22
N PRO T 55 -58.98 -42.30 68.69
CA PRO T 55 -59.39 -42.54 67.34
C PRO T 55 -60.69 -41.88 66.94
N GLU T 56 -61.45 -41.38 67.89
CA GLU T 56 -62.72 -40.78 67.55
C GLU T 56 -62.73 -39.26 67.44
N LYS T 57 -61.61 -38.58 67.67
CA LYS T 57 -61.69 -37.12 67.65
C LYS T 57 -60.90 -36.41 66.58
N ASP T 58 -61.41 -35.27 66.15
CA ASP T 58 -60.80 -34.45 65.11
C ASP T 58 -59.45 -33.88 65.44
N ILE T 59 -58.64 -33.75 64.40
CA ILE T 59 -57.32 -33.16 64.45
C ILE T 59 -57.32 -31.89 63.64
N TYR T 60 -56.79 -30.82 64.19
CA TYR T 60 -56.77 -29.54 63.49
C TYR T 60 -55.39 -29.23 62.93
N LEU T 61 -55.33 -28.95 61.63
CA LEU T 61 -54.06 -28.64 61.03
C LEU T 61 -54.03 -27.24 60.51
N TYR T 62 -53.11 -26.44 61.04
CA TYR T 62 -52.97 -25.05 60.62
C TYR T 62 -51.95 -24.99 59.50
N ILE T 63 -52.35 -24.43 58.37
CA ILE T 63 -51.45 -24.35 57.24
C ILE T 63 -51.07 -22.96 56.85
N ASN T 64 -49.79 -22.72 56.77
CA ASN T 64 -49.23 -21.47 56.32
C ASN T 64 -47.95 -21.72 55.60
N SER T 65 -47.97 -22.01 54.32
CA SER T 65 -46.72 -22.36 53.65
C SER T 65 -46.69 -22.04 52.18
N PRO T 66 -45.51 -21.66 51.64
CA PRO T 66 -45.24 -21.35 50.26
C PRO T 66 -45.14 -22.50 49.30
N GLY T 67 -45.11 -23.74 49.73
CA GLY T 67 -44.97 -24.81 48.76
C GLY T 67 -43.92 -25.79 49.18
N GLY T 68 -43.40 -26.58 48.25
CA GLY T 68 -42.40 -27.56 48.61
C GLY T 68 -42.31 -28.72 47.64
N VAL T 69 -41.71 -29.78 48.10
CA VAL T 69 -41.42 -30.99 47.35
C VAL T 69 -42.64 -31.87 47.25
N ILE T 70 -42.99 -32.31 46.05
CA ILE T 70 -44.19 -33.11 45.94
C ILE T 70 -44.10 -34.39 46.71
N THR T 71 -43.00 -35.09 46.65
CA THR T 71 -42.92 -36.34 47.36
C THR T 71 -43.10 -36.19 48.83
N ALA T 72 -42.44 -35.23 49.43
CA ALA T 72 -42.58 -35.09 50.85
C ALA T 72 -44.01 -34.79 51.19
N GLY T 73 -44.63 -33.95 50.39
CA GLY T 73 -46.00 -33.60 50.65
C GLY T 73 -46.95 -34.76 50.51
N MET T 74 -46.72 -35.64 49.54
CA MET T 74 -47.64 -36.75 49.42
C MET T 74 -47.61 -37.66 50.62
N SER T 75 -46.51 -37.75 51.33
CA SER T 75 -46.55 -38.61 52.49
C SER T 75 -47.50 -38.07 53.55
N ILE T 76 -47.75 -36.76 53.57
CA ILE T 76 -48.66 -36.18 54.52
C ILE T 76 -50.03 -36.47 54.02
N TYR T 77 -50.21 -36.29 52.71
CA TYR T 77 -51.48 -36.50 52.04
C TYR T 77 -52.03 -37.89 52.30
N ASP T 78 -51.19 -38.91 52.16
CA ASP T 78 -51.67 -40.26 52.39
C ASP T 78 -51.95 -40.55 53.84
N THR T 79 -51.15 -40.02 54.76
CA THR T 79 -51.47 -40.29 56.15
C THR T 79 -52.79 -39.69 56.49
N MET T 80 -53.07 -38.48 56.04
CA MET T 80 -54.33 -37.88 56.38
C MET T 80 -55.47 -38.71 55.89
N GLN T 81 -55.33 -39.33 54.75
CA GLN T 81 -56.44 -40.11 54.25
C GLN T 81 -56.56 -41.45 54.95
N PHE T 82 -55.45 -42.07 55.30
CA PHE T 82 -55.45 -43.38 55.95
C PHE T 82 -56.01 -43.42 57.36
N ILE T 83 -55.60 -42.48 58.22
CA ILE T 83 -55.98 -42.55 59.63
C ILE T 83 -57.47 -42.39 59.84
N LYS T 84 -57.96 -42.97 60.92
CA LYS T 84 -59.38 -42.91 61.18
C LYS T 84 -60.08 -41.56 61.41
N PRO T 85 -59.66 -40.66 62.32
CA PRO T 85 -60.35 -39.42 62.60
C PRO T 85 -60.23 -38.43 61.49
N ASP T 86 -61.19 -37.53 61.36
CA ASP T 86 -61.12 -36.45 60.39
C ASP T 86 -60.04 -35.47 60.66
N VAL T 87 -59.41 -34.98 59.59
CA VAL T 87 -58.47 -33.91 59.75
C VAL T 87 -59.04 -32.66 59.16
N SER T 88 -59.16 -31.64 59.96
CA SER T 88 -59.70 -30.36 59.53
C SER T 88 -58.58 -29.41 59.27
N THR T 89 -58.51 -28.87 58.07
CA THR T 89 -57.43 -28.00 57.74
C THR T 89 -57.86 -26.56 57.71
N ILE T 90 -57.04 -25.69 58.26
CA ILE T 90 -57.31 -24.27 58.31
C ILE T 90 -56.20 -23.48 57.69
N CYS T 91 -56.52 -22.64 56.69
CA CYS T 91 -55.50 -21.84 56.02
C CYS T 91 -55.40 -20.40 56.55
N MET T 92 -54.18 -20.02 56.95
CA MET T 92 -53.91 -18.69 57.44
C MET T 92 -52.69 -18.19 56.72
N GLY T 93 -52.50 -16.91 56.54
CA GLY T 93 -51.29 -16.61 55.80
C GLY T 93 -51.51 -17.12 54.39
N GLN T 94 -50.71 -18.06 53.92
CA GLN T 94 -50.90 -18.55 52.57
C GLN T 94 -50.87 -20.04 52.43
N ALA T 95 -51.48 -20.53 51.40
CA ALA T 95 -51.35 -21.93 51.07
C ALA T 95 -51.02 -22.00 49.61
N ALA T 96 -49.75 -22.09 49.28
CA ALA T 96 -49.41 -22.06 47.87
C ALA T 96 -48.89 -23.38 47.39
N SER T 97 -49.20 -23.70 46.17
CA SER T 97 -48.63 -24.85 45.50
C SER T 97 -48.95 -26.10 46.26
N MET T 98 -47.94 -26.81 46.75
CA MET T 98 -48.24 -28.01 47.48
C MET T 98 -49.01 -27.70 48.75
N GLY T 99 -48.86 -26.51 49.29
CA GLY T 99 -49.62 -26.18 50.48
C GLY T 99 -51.10 -26.16 50.14
N ALA T 100 -51.45 -25.64 48.98
CA ALA T 100 -52.84 -25.59 48.58
C ALA T 100 -53.35 -26.98 48.37
N PHE T 101 -52.52 -27.84 47.84
CA PHE T 101 -52.95 -29.19 47.61
C PHE T 101 -53.32 -29.86 48.90
N LEU T 102 -52.48 -29.72 49.91
CA LEU T 102 -52.84 -30.35 51.17
C LEU T 102 -54.03 -29.67 51.79
N LEU T 103 -54.18 -28.36 51.64
CA LEU T 103 -55.33 -27.70 52.25
C LEU T 103 -56.65 -28.29 51.82
N THR T 104 -56.80 -28.60 50.55
CA THR T 104 -58.08 -29.10 50.07
C THR T 104 -58.29 -30.54 50.41
N ALA T 105 -57.29 -31.20 50.96
CA ALA T 105 -57.34 -32.61 51.20
C ALA T 105 -57.94 -32.91 52.56
N GLY T 106 -58.33 -31.88 53.28
CA GLY T 106 -58.90 -32.09 54.60
C GLY T 106 -60.31 -32.66 54.48
N ALA T 107 -60.88 -33.03 55.60
CA ALA T 107 -62.20 -33.66 55.62
C ALA T 107 -63.21 -32.76 55.02
N LYS T 108 -64.10 -33.32 54.23
CA LYS T 108 -65.10 -32.51 53.58
C LYS T 108 -65.99 -31.85 54.57
N GLY T 109 -66.21 -30.55 54.42
CA GLY T 109 -67.08 -29.81 55.30
C GLY T 109 -66.27 -29.14 56.36
N LYS T 110 -65.01 -29.51 56.45
CA LYS T 110 -64.14 -28.94 57.44
C LYS T 110 -62.95 -28.17 56.91
N ARG T 111 -62.93 -27.81 55.61
CA ARG T 111 -61.79 -27.03 55.08
C ARG T 111 -62.09 -25.55 55.25
N PHE T 112 -61.32 -24.82 56.04
CA PHE T 112 -61.67 -23.39 56.20
C PHE T 112 -60.48 -22.46 56.18
N CYS T 113 -60.68 -21.25 55.67
CA CYS T 113 -59.60 -20.28 55.59
C CYS T 113 -59.99 -18.90 56.12
N LEU T 114 -59.02 -18.22 56.73
CA LEU T 114 -59.25 -16.91 57.28
C LEU T 114 -59.41 -15.92 56.14
N PRO T 115 -60.15 -14.82 56.32
CA PRO T 115 -60.49 -13.86 55.31
C PRO T 115 -59.40 -13.09 54.62
N ASN T 116 -58.20 -12.96 55.17
CA ASN T 116 -57.23 -12.21 54.38
C ASN T 116 -56.15 -13.11 53.84
N SER T 117 -56.42 -14.39 53.79
CA SER T 117 -55.48 -15.34 53.28
C SER T 117 -55.44 -15.40 51.76
N ARG T 118 -54.46 -16.10 51.24
CA ARG T 118 -54.31 -16.34 49.81
C ARG T 118 -53.98 -17.75 49.47
N VAL T 119 -54.60 -18.26 48.43
CA VAL T 119 -54.34 -19.60 47.99
C VAL T 119 -53.87 -19.57 46.57
N MET T 120 -52.79 -20.26 46.26
CA MET T 120 -52.32 -20.21 44.88
C MET T 120 -52.01 -21.58 44.34
N ILE T 121 -52.37 -21.86 43.10
CA ILE T 121 -52.12 -23.17 42.54
C ILE T 121 -51.38 -23.16 41.21
N HIS T 122 -50.67 -24.25 40.89
CA HIS T 122 -49.95 -24.33 39.61
C HIS T 122 -49.34 -25.71 39.32
N GLN T 123 -49.21 -26.05 38.04
CA GLN T 123 -48.62 -27.34 37.63
C GLN T 123 -47.24 -27.54 38.27
N PRO T 124 -46.76 -28.77 38.50
CA PRO T 124 -45.49 -29.06 39.12
C PRO T 124 -44.31 -28.69 38.29
N LEU T 125 -43.21 -28.37 38.98
CA LEU T 125 -41.94 -28.03 38.38
C LEU T 125 -40.95 -29.16 38.51
N GLY T 126 -39.92 -29.15 37.68
CA GLY T 126 -38.87 -30.16 37.79
C GLY T 126 -37.77 -29.90 36.79
N GLY T 127 -36.91 -30.89 36.55
CA GLY T 127 -35.80 -30.70 35.62
C GLY T 127 -34.89 -31.90 35.62
N TYR T 128 -33.88 -31.88 34.75
CA TYR T 128 -32.92 -32.99 34.63
C TYR T 128 -31.78 -32.72 33.67
N GLN T 129 -30.65 -33.40 33.87
CA GLN T 129 -29.48 -33.34 32.98
C GLN T 129 -29.03 -34.75 32.65
N GLY T 130 -28.62 -35.04 31.42
CA GLY T 130 -28.18 -36.40 31.13
C GLY T 130 -28.24 -36.76 29.66
N GLN T 131 -28.29 -38.03 29.34
CA GLN T 131 -28.31 -38.43 27.94
C GLN T 131 -29.68 -38.28 27.39
N ALA T 132 -29.83 -38.15 26.09
CA ALA T 132 -31.18 -38.03 25.57
C ALA T 132 -32.09 -39.14 26.06
N THR T 133 -31.58 -40.35 26.19
CA THR T 133 -32.41 -41.43 26.70
C THR T 133 -32.85 -41.22 28.15
N ASP T 134 -32.04 -40.59 28.98
CA ASP T 134 -32.41 -40.44 30.36
C ASP T 134 -33.37 -39.32 30.46
N ILE T 135 -33.21 -38.36 29.59
CA ILE T 135 -34.09 -37.24 29.61
C ILE T 135 -35.47 -37.73 29.32
N GLU T 136 -35.62 -38.61 28.35
CA GLU T 136 -36.93 -39.15 28.09
C GLU T 136 -37.54 -39.84 29.29
N ILE T 137 -36.78 -40.63 30.01
CA ILE T 137 -37.36 -41.31 31.14
C ILE T 137 -37.83 -40.34 32.17
N HIS T 138 -37.03 -39.35 32.48
CA HIS T 138 -37.40 -38.41 33.49
C HIS T 138 -38.53 -37.51 33.04
N ALA T 139 -38.59 -37.15 31.77
CA ALA T 139 -39.71 -36.35 31.32
C ALA T 139 -41.00 -37.12 31.46
N ARG T 140 -41.00 -38.42 31.17
CA ARG T 140 -42.23 -39.16 31.32
C ARG T 140 -42.71 -39.20 32.73
N GLU T 141 -41.79 -39.34 33.67
CA GLU T 141 -42.23 -39.40 35.04
C GLU T 141 -42.82 -38.09 35.49
N ILE T 142 -42.25 -36.95 35.11
CA ILE T 142 -42.89 -35.75 35.62
C ILE T 142 -44.24 -35.56 35.03
N LEU T 143 -44.44 -35.95 33.79
CA LEU T 143 -45.74 -35.78 33.23
C LEU T 143 -46.74 -36.69 33.91
N LYS T 144 -46.37 -37.90 34.29
CA LYS T 144 -47.32 -38.71 35.01
C LYS T 144 -47.71 -38.10 36.32
N VAL T 145 -46.76 -37.48 37.00
CA VAL T 145 -47.12 -36.85 38.24
C VAL T 145 -48.08 -35.74 37.97
N LYS T 146 -47.83 -34.91 36.97
CA LYS T 146 -48.79 -33.85 36.72
C LYS T 146 -50.17 -34.40 36.54
N GLY T 147 -50.29 -35.49 35.80
CA GLY T 147 -51.58 -36.08 35.58
C GLY T 147 -52.24 -36.54 36.87
N ARG T 148 -51.50 -37.18 37.73
CA ARG T 148 -52.10 -37.65 38.96
C ARG T 148 -52.50 -36.51 39.85
N MET T 149 -51.71 -35.46 39.92
CA MET T 149 -52.08 -34.36 40.77
C MET T 149 -53.37 -33.74 40.30
N ASN T 150 -53.57 -33.66 38.99
CA ASN T 150 -54.79 -33.07 38.52
C ASN T 150 -55.99 -33.91 38.85
N GLU T 151 -55.86 -35.22 38.82
CA GLU T 151 -57.02 -36.02 39.17
C GLU T 151 -57.42 -35.80 40.59
N LEU T 152 -56.44 -35.70 41.48
CA LEU T 152 -56.77 -35.52 42.87
C LEU T 152 -57.38 -34.16 43.09
N MET T 153 -56.92 -33.13 42.40
CA MET T 153 -57.56 -31.85 42.56
C MET T 153 -59.01 -31.91 42.14
N ALA T 154 -59.27 -32.51 40.99
CA ALA T 154 -60.65 -32.57 40.56
C ALA T 154 -61.48 -33.38 41.54
N LEU T 155 -60.93 -34.45 42.08
CA LEU T 155 -61.70 -35.24 43.00
C LEU T 155 -62.09 -34.48 44.24
N HIS T 156 -61.16 -33.76 44.81
CA HIS T 156 -61.43 -33.05 46.04
C HIS T 156 -62.20 -31.77 45.86
N THR T 157 -62.06 -31.10 44.73
CA THR T 157 -62.76 -29.83 44.58
C THR T 157 -64.09 -29.91 43.89
N GLY T 158 -64.35 -30.93 43.09
CA GLY T 158 -65.63 -31.01 42.42
C GLY T 158 -65.61 -30.38 41.05
N GLN T 159 -64.46 -29.88 40.64
CA GLN T 159 -64.32 -29.29 39.34
C GLN T 159 -64.14 -30.41 38.37
N SER T 160 -64.42 -30.20 37.11
CA SER T 160 -64.16 -31.25 36.13
C SER T 160 -62.68 -31.36 35.93
N LEU T 161 -62.22 -32.45 35.35
CA LEU T 161 -60.80 -32.54 35.15
C LEU T 161 -60.29 -31.52 34.17
N GLU T 162 -61.03 -31.27 33.11
CA GLU T 162 -60.59 -30.33 32.10
C GLU T 162 -60.50 -28.95 32.68
N GLN T 163 -61.41 -28.59 33.56
CA GLN T 163 -61.31 -27.29 34.14
C GLN T 163 -60.08 -27.18 35.00
N ILE T 164 -59.75 -28.25 35.72
CA ILE T 164 -58.55 -28.18 36.52
C ILE T 164 -57.36 -28.06 35.64
N GLU T 165 -57.35 -28.80 34.53
CA GLU T 165 -56.24 -28.77 33.59
C GLU T 165 -55.96 -27.36 33.05
N ARG T 166 -57.00 -26.60 32.77
CA ARG T 166 -56.79 -25.27 32.25
C ARG T 166 -56.32 -24.29 33.31
N ASP T 167 -56.86 -24.41 34.49
CA ASP T 167 -56.54 -23.49 35.55
C ASP T 167 -55.18 -23.61 36.17
N THR T 168 -54.41 -24.63 35.87
CA THR T 168 -53.13 -24.73 36.54
C THR T 168 -52.00 -24.48 35.59
N GLU T 169 -52.31 -24.11 34.35
CA GLU T 169 -51.27 -23.85 33.35
C GLU T 169 -50.27 -22.79 33.82
N ARG T 170 -50.77 -21.76 34.49
CA ARG T 170 -49.97 -20.67 35.00
C ARG T 170 -50.44 -20.33 36.38
N ASP T 171 -49.60 -19.70 37.17
CA ASP T 171 -49.96 -19.40 38.53
C ASP T 171 -51.32 -18.75 38.63
N ARG T 172 -52.18 -19.35 39.42
CA ARG T 172 -53.50 -18.81 39.62
C ARG T 172 -53.70 -18.41 41.05
N PHE T 173 -54.03 -17.17 41.30
CA PHE T 173 -54.21 -16.72 42.68
C PHE T 173 -55.67 -16.56 43.01
N LEU T 174 -56.07 -17.04 44.17
CA LEU T 174 -57.44 -16.95 44.64
C LEU T 174 -57.54 -16.27 46.01
N SER T 175 -58.44 -15.33 46.15
CA SER T 175 -58.66 -14.66 47.42
C SER T 175 -59.49 -15.57 48.28
N ALA T 176 -59.65 -15.31 49.57
CA ALA T 176 -60.41 -16.26 50.34
C ALA T 176 -61.82 -16.51 49.79
N PRO T 177 -62.64 -15.52 49.40
CA PRO T 177 -63.94 -15.76 48.84
C PRO T 177 -63.94 -16.53 47.55
N GLU T 178 -62.83 -16.46 46.83
CA GLU T 178 -62.70 -17.13 45.55
C GLU T 178 -62.41 -18.60 45.79
N ALA T 179 -61.66 -18.87 46.86
CA ALA T 179 -61.35 -20.23 47.19
C ALA T 179 -62.64 -20.94 47.58
N VAL T 180 -63.52 -20.20 48.24
CA VAL T 180 -64.78 -20.80 48.63
C VAL T 180 -65.64 -21.10 47.42
N GLU T 181 -65.77 -20.15 46.52
CA GLU T 181 -66.57 -20.36 45.34
C GLU T 181 -66.04 -21.45 44.45
N TYR T 182 -64.74 -21.49 44.29
CA TYR T 182 -64.04 -22.43 43.45
C TYR T 182 -64.24 -23.82 43.99
N GLY T 183 -64.18 -23.95 45.32
CA GLY T 183 -64.34 -25.22 45.94
C GLY T 183 -63.10 -25.72 46.63
N LEU T 184 -62.12 -24.86 46.85
CA LEU T 184 -60.95 -25.36 47.53
C LEU T 184 -61.25 -25.45 49.01
N VAL T 185 -62.08 -24.56 49.52
CA VAL T 185 -62.40 -24.61 50.94
C VAL T 185 -63.89 -24.58 51.08
N ASP T 186 -64.39 -24.95 52.24
CA ASP T 186 -65.81 -24.91 52.43
C ASP T 186 -66.30 -23.57 52.94
N SER T 187 -65.52 -22.90 53.77
CA SER T 187 -65.99 -21.62 54.27
C SER T 187 -64.93 -20.72 54.84
N ILE T 188 -65.33 -19.50 55.16
CA ILE T 188 -64.47 -18.52 55.77
C ILE T 188 -64.83 -18.31 57.21
N LEU T 189 -63.84 -18.39 58.07
CA LEU T 189 -64.06 -18.17 59.49
C LEU T 189 -64.05 -16.69 59.66
N THR T 190 -64.79 -16.16 60.61
CA THR T 190 -64.83 -14.71 60.77
C THR T 190 -64.43 -14.26 62.13
N HIS T 191 -65.22 -14.64 63.11
CA HIS T 191 -64.97 -14.29 64.48
C HIS T 191 -65.39 -15.44 65.32
N ARG T 192 -64.64 -15.71 66.37
CA ARG T 192 -64.98 -16.77 67.27
C ARG T 192 -66.44 -16.74 67.65
N UNK U 1 15.82 18.35 -64.34
CA UNK U 1 14.67 19.16 -63.95
C UNK U 1 14.67 20.52 -64.65
N UNK U 2 14.40 20.53 -65.95
CA UNK U 2 14.39 21.78 -66.67
C UNK U 2 13.82 21.60 -68.07
N UNK U 3 14.31 22.37 -69.02
CA UNK U 3 13.82 22.23 -70.37
C UNK U 3 14.42 23.25 -71.34
N UNK U 4 14.34 24.52 -71.00
CA UNK U 4 14.90 25.51 -71.92
C UNK U 4 14.29 25.33 -73.30
N UNK U 5 13.25 26.09 -73.59
CA UNK U 5 12.56 26.00 -74.89
C UNK U 5 13.74 26.06 -75.84
N UNK U 6 14.12 27.25 -76.27
CA UNK U 6 15.36 27.28 -77.05
C UNK U 6 15.23 28.07 -78.33
N UNK U 7 15.23 29.40 -78.21
CA UNK U 7 15.07 30.34 -79.33
C UNK U 7 16.08 30.31 -80.48
N UNK U 8 15.60 30.25 -81.72
CA UNK U 8 16.48 30.26 -82.87
C UNK U 8 16.96 31.68 -82.97
N UNK U 9 17.42 32.11 -84.13
CA UNK U 9 17.88 33.49 -84.28
C UNK U 9 18.27 33.83 -85.71
N UNK V 1 11.17 5.24 -17.98
CA UNK V 1 10.41 4.67 -19.08
C UNK V 1 9.66 5.74 -19.91
N UNK V 2 9.62 5.54 -21.21
CA UNK V 2 8.94 6.49 -22.07
C UNK V 2 9.13 6.09 -23.53
N UNK V 3 9.68 6.96 -24.37
CA UNK V 3 9.93 6.65 -25.76
C UNK V 3 10.25 7.87 -26.57
N UNK V 4 9.94 7.85 -27.84
CA UNK V 4 10.19 9.03 -28.62
C UNK V 4 9.71 8.96 -30.07
N UNK V 5 10.54 9.31 -31.01
CA UNK V 5 10.09 9.20 -32.34
C UNK V 5 11.10 9.89 -33.16
N UNK V 6 10.70 10.39 -34.29
CA UNK V 6 11.65 11.07 -35.06
C UNK V 6 11.01 11.09 -36.39
N UNK V 7 10.58 12.27 -36.83
CA UNK V 7 9.92 12.41 -38.12
C UNK V 7 10.77 11.79 -39.23
N UNK V 8 10.62 12.33 -40.44
CA UNK V 8 11.37 11.83 -41.59
C UNK V 8 11.60 12.93 -42.62
N UNK V 9 11.00 14.10 -42.38
CA UNK V 9 11.13 15.22 -43.29
C UNK V 9 10.75 14.84 -44.72
PB ADP W . 41.36 5.90 -46.24
O1B ADP W . 41.44 7.26 -46.86
O2B ADP W . 40.17 5.87 -45.28
O3B ADP W . 41.04 4.82 -47.25
PA ADP W . 44.08 5.31 -46.14
O1A ADP W . 44.57 6.56 -46.87
O2A ADP W . 44.01 4.11 -47.08
O3A ADP W . 42.65 5.52 -45.36
O5' ADP W . 45.12 4.98 -44.89
C5' ADP W . 46.10 5.91 -44.47
C4' ADP W . 47.51 5.42 -44.97
O4' ADP W . 47.49 4.86 -46.17
C3' ADP W . 48.58 6.54 -45.29
O3' ADP W . 48.04 7.51 -46.19
C2' ADP W . 49.71 5.70 -45.95
O2' ADP W . 50.62 5.23 -44.97
C1' ADP W . 49.07 4.64 -46.57
N9 ADP W . 49.25 3.14 -46.24
C8 ADP W . 48.49 2.37 -45.44
N7 ADP W . 48.95 1.16 -45.38
C5 ADP W . 50.02 1.05 -46.13
C6 ADP W . 50.95 0.01 -46.42
N6 ADP W . 50.73 -1.30 -45.88
N1 ADP W . 51.98 0.23 -47.25
C2 ADP W . 52.20 1.49 -47.79
N3 ADP W . 51.35 2.52 -47.52
C4 ADP W . 50.24 2.34 -46.69
PB ADP X . 37.02 15.27 3.81
O1B ADP X . 37.15 14.84 2.38
O2B ADP X . 35.88 14.59 4.58
O3B ADP X . 38.22 14.77 4.59
PA ADP X . 37.93 17.94 3.80
O1A ADP X . 38.57 17.96 2.43
O2A ADP X . 38.95 17.61 4.88
O3A ADP X . 36.72 16.87 3.95
O5' ADP X . 37.18 19.41 4.15
C5' ADP X . 37.78 20.69 4.23
C4' ADP X . 38.96 20.77 5.30
O4' ADP X . 40.03 20.27 4.73
C3' ADP X . 39.49 22.19 5.76
O3' ADP X . 38.46 23.13 5.96
C2' ADP X . 40.38 22.60 4.60
O2' ADP X . 41.26 23.66 4.91
C1' ADP X . 41.05 21.46 4.29
N9 ADP X . 42.36 20.92 4.90
C8 ADP X . 43.58 21.25 4.49
N7 ADP X . 44.51 20.60 5.18
C5 ADP X . 43.91 19.81 6.05
C6 ADP X . 44.33 18.83 7.01
N6 ADP X . 45.71 18.59 7.22
N1 ADP X . 43.43 18.18 7.76
C2 ADP X . 42.08 18.42 7.58
N3 ADP X . 41.64 19.27 6.66
C4 ADP X . 42.51 20.00 5.88
PG AGS Y . 18.49 -8.84 -58.70
S1G AGS Y . 16.79 -8.65 -58.01
O2G AGS Y . 18.91 -7.59 -59.63
O3G AGS Y . 19.52 -8.84 -57.47
PB AGS Y . 18.13 -10.44 -60.82
O1B AGS Y . 18.49 -9.26 -61.64
O2B AGS Y . 16.70 -10.73 -61.01
O3B AGS Y . 18.63 -10.28 -59.38
PA AGS Y . 18.55 -13.06 -61.40
O1A AGS Y . 18.20 -13.48 -59.99
O2A AGS Y . 17.36 -13.26 -62.30
O3A AGS Y . 19.06 -11.56 -61.48
O5' AGS Y . 19.61 -13.98 -62.03
C5' AGS Y . 21.00 -14.18 -61.71
C4' AGS Y . 21.16 -15.47 -62.63
O4' AGS Y . 20.22 -16.54 -61.98
C3' AGS Y . 22.33 -16.17 -62.76
O3' AGS Y . 23.18 -15.62 -63.65
C2' AGS Y . 21.70 -17.59 -63.35
O2' AGS Y . 22.69 -18.55 -63.58
C1' AGS Y . 20.84 -17.92 -62.36
N9 AGS Y . 19.68 -18.84 -62.61
C8 AGS Y . 18.62 -18.87 -61.82
N7 AGS Y . 17.77 -19.79 -62.24
C5 AGS Y . 18.29 -20.39 -63.31
C6 AGS Y . 17.86 -21.41 -64.17
N6 AGS Y . 16.65 -22.03 -63.90
N1 AGS Y . 18.64 -21.82 -65.21
C2 AGS Y . 19.83 -21.21 -65.45
N3 AGS Y . 20.30 -20.21 -64.64
C4 AGS Y . 19.55 -19.79 -63.55
PG AGS Z . 35.41 -13.07 -9.69
S1G AGS Z . 33.96 -14.10 -9.14
O2G AGS Z . 35.03 -11.52 -9.49
O3G AGS Z . 36.72 -13.36 -8.77
PB AGS Z . 36.66 -14.45 -11.59
O1B AGS Z . 36.43 -14.59 -13.05
O2B AGS Z . 36.44 -15.77 -10.98
O3B AGS Z . 35.67 -13.35 -11.20
PA AGS Z . 39.33 -14.50 -12.27
O1A AGS Z . 38.98 -15.72 -13.05
O2A AGS Z . 39.79 -13.41 -13.18
O3A AGS Z . 38.13 -13.94 -11.34
O5' AGS Z . 40.49 -14.86 -11.27
C5' AGS Z . 41.49 -13.90 -10.78
C4' AGS Z . 42.60 -13.67 -11.94
O4' AGS Z . 42.98 -14.99 -12.67
C3' AGS Z . 43.85 -13.27 -11.55
O3' AGS Z . 44.56 -12.76 -12.62
C2' AGS Z . 44.56 -14.64 -11.01
O2' AGS Z . 44.23 -14.84 -9.64
C1' AGS Z . 44.14 -15.64 -11.87
N9 AGS Z . 43.70 -16.97 -11.31
C8 AGS Z . 42.66 -17.20 -10.50
N7 AGS Z . 42.56 -18.48 -10.22
C5 AGS Z . 43.54 -19.13 -10.84
C6 AGS Z . 43.95 -20.51 -10.92
N6 AGS Z . 43.25 -21.53 -10.28
N1 AGS Z . 45.03 -20.84 -11.67
C2 AGS Z . 45.75 -19.89 -12.32
N3 AGS Z . 45.40 -18.56 -12.27
C4 AGS Z . 44.29 -18.16 -11.53
PG AGS AA . -8.59 2.84 -64.72
S1G AGS AA . -7.79 3.66 -63.27
O2G AGS AA . -8.16 3.52 -66.11
O3G AGS AA . -8.19 1.31 -64.65
PB AGS AA . -11.10 2.57 -65.32
O1B AGS AA . -11.20 3.66 -66.33
O2B AGS AA . -12.37 2.56 -64.60
O3B AGS AA . -10.08 2.98 -64.28
PA AGS AA . -11.55 0.83 -67.25
O1A AGS AA . -13.02 1.12 -67.33
O2A AGS AA . -10.81 1.69 -68.23
O3A AGS AA . -10.92 1.09 -65.82
O5' AGS AA . -11.12 -0.62 -67.71
C5' AGS AA . -11.62 -1.88 -67.27
C4' AGS AA . -12.96 -2.13 -68.09
O4' AGS AA . -14.17 -1.63 -67.25
C3' AGS AA . -13.28 -3.43 -68.38
O3' AGS AA . -12.68 -3.87 -69.52
C2' AGS AA . -14.88 -3.28 -68.60
O2' AGS AA . -15.50 -4.51 -68.84
C1' AGS AA . -15.25 -2.72 -67.43
N9 AGS AA . -16.62 -2.19 -67.25
C8 AGS AA . -16.97 -1.39 -66.26
N7 AGS AA . -18.24 -1.08 -66.36
C5 AGS AA . -18.75 -1.66 -67.45
C6 AGS AA . -20.02 -1.70 -68.05
N6 AGS AA . -21.05 -0.99 -67.45
N1 AGS AA . -20.24 -2.39 -69.20
C2 AGS AA . -19.22 -3.08 -69.77
N3 AGS AA . -17.96 -3.10 -69.21
C4 AGS AA . -17.70 -2.36 -68.05
PG AGS BA . 10.41 -26.07 -24.64
S1G AGS BA . 10.08 -25.47 -22.95
O2G AGS BA . 9.94 -25.02 -25.77
O3G AGS BA . 11.99 -26.35 -24.71
PB AGS BA . 9.59 -28.07 -26.02
O1B AGS BA . 8.98 -27.21 -27.06
O2B AGS BA . 8.69 -29.21 -25.74
O3B AGS BA . 9.65 -27.41 -24.67
PA AGS BA . 10.87 -29.58 -27.78
O1A AGS BA . 10.59 -30.88 -27.12
O2A AGS BA . 9.68 -29.26 -28.70
O3A AGS BA . 11.02 -28.54 -26.57
O5' AGS BA . 12.21 -29.75 -28.60
C5' AGS BA . 13.33 -30.55 -28.18
C4' AGS BA . 13.58 -31.66 -29.33
O4' AGS BA . 12.29 -32.54 -29.50
C3' AGS BA . 14.54 -32.60 -29.09
O3' AGS BA . 15.05 -33.12 -30.26
C2' AGS BA . 13.75 -33.77 -28.25
O2' AGS BA . 13.54 -33.32 -26.92
C1' AGS BA . 12.61 -33.96 -28.97
N9 AGS BA . 11.40 -34.52 -28.29
C8 AGS BA . 10.79 -34.03 -27.20
N7 AGS BA . 9.76 -34.77 -26.88
C5 AGS BA . 9.65 -35.76 -27.77
C6 AGS BA . 8.76 -36.86 -27.96
N6 AGS BA . 7.67 -37.07 -27.12
N1 AGS BA . 8.95 -37.71 -28.99
C2 AGS BA . 9.99 -37.55 -29.84
N3 AGS BA . 10.88 -36.52 -29.70
C4 AGS BA . 10.72 -35.61 -28.66
PG AGS CA . -12.05 32.63 -60.49
S1G AGS CA . -11.92 31.57 -58.98
O2G AGS CA . -10.76 33.63 -60.39
O3G AGS CA . -11.95 31.59 -61.73
PB AGS CA . -13.76 34.45 -61.32
O1B AGS CA . -13.35 34.09 -62.71
O2B AGS CA . -12.99 35.64 -60.96
O3B AGS CA . -13.47 33.32 -60.32
PA AGS CA . -16.33 34.89 -60.24
O1A AGS CA . -15.62 35.03 -58.92
O2A AGS CA . -17.26 36.04 -60.43
O3A AGS CA . -15.32 34.78 -61.49
O5' AGS CA . -17.19 33.55 -60.23
C5' AGS CA . -18.61 33.48 -59.90
C4' AGS CA . -19.54 33.77 -61.21
O4' AGS CA . -19.32 35.18 -61.84
C3' AGS CA . -20.90 33.76 -60.96
O3' AGS CA . -21.48 32.55 -61.14
C2' AGS CA . -21.52 34.81 -62.04
O2' AGS CA . -22.89 35.05 -61.77
C1' AGS CA . -20.71 35.90 -61.89
N9 AGS CA . -20.97 36.77 -60.67
C8 AGS CA . -20.18 36.90 -59.60
N7 AGS CA . -20.72 37.77 -58.74
C5 AGS CA . -21.85 38.27 -59.26
C6 AGS CA . -22.84 39.23 -58.86
N6 AGS CA . -22.74 39.90 -57.65
N1 AGS CA . -23.91 39.51 -59.67
C2 AGS CA . -24.05 38.87 -60.87
N3 AGS CA . -23.13 37.95 -61.29
C4 AGS CA . -22.01 37.64 -60.52
PG AGS DA . -16.49 -10.77 -28.22
S1G AGS DA . -15.97 -12.45 -28.76
O2G AGS DA . -15.43 -9.69 -28.77
O3G AGS DA . -16.28 -10.93 -26.63
PB AGS DA . -18.53 -10.42 -29.98
O1B AGS DA . -17.61 -9.67 -30.89
O2B AGS DA . -19.76 -9.66 -29.99
O3B AGS DA . -18.00 -10.41 -28.53
PA AGS DA . -19.72 -12.17 -31.79
O1A AGS DA . -21.10 -12.45 -31.43
O2A AGS DA . -19.80 -11.07 -32.83
O3A AGS DA . -18.82 -11.87 -30.50
O5' AGS DA . -19.11 -13.48 -32.42
C5' AGS DA . -19.35 -14.09 -33.72
C4' AGS DA . -20.88 -14.55 -33.87
O4' AGS DA . -21.29 -15.58 -32.79
C3' AGS DA . -21.17 -15.34 -34.94
O3' AGS DA . -21.03 -14.75 -36.17
C2' AGS DA . -22.72 -15.75 -34.63
O2' AGS DA . -23.06 -16.88 -35.39
C1' AGS DA . -22.73 -16.00 -33.27
N9 AGS DA . -23.77 -15.25 -32.45
C8 AGS DA . -23.47 -14.42 -31.48
N7 AGS DA . -24.55 -13.94 -30.91
C5 AGS DA . -25.61 -14.45 -31.53
C6 AGS DA . -27.01 -14.31 -31.39
N6 AGS DA . -27.55 -13.52 -30.37
N1 AGS DA . -27.85 -14.96 -32.22
C2 AGS DA . -27.37 -15.78 -33.20
N3 AGS DA . -26.02 -15.94 -33.38
C4 AGS DA . -25.12 -15.30 -32.54
PB ADP EA . 11.10 55.23 -51.26
O1B ADP EA . 12.10 54.35 -52.02
O2B ADP EA . 11.36 55.12 -49.78
O3B ADP EA . 9.69 54.76 -51.56
PA ADP EA . 10.88 58.15 -50.78
O1A ADP EA . 10.64 59.37 -51.67
O2A ADP EA . 12.02 58.44 -49.82
O3A ADP EA . 11.29 56.83 -51.75
O5' ADP EA . 9.51 57.80 -49.92
C5' ADP EA . 9.50 58.06 -48.57
C4' ADP EA . 10.00 59.52 -48.33
O4' ADP EA . 9.87 59.85 -47.08
C3' ADP EA . 9.11 60.54 -49.14
O3' ADP EA . 9.91 61.46 -49.83
C2' ADP EA . 8.26 61.25 -48.09
O2' ADP EA . 6.90 61.27 -48.48
C1' ADP EA . 8.41 60.55 -46.96
N9 ADP EA . 8.59 61.14 -45.60
C8 ADP EA . 8.72 60.48 -44.46
N7 ADP EA . 8.85 61.34 -43.45
C5 ADP EA . 8.79 62.59 -43.94
C6 ADP EA . 8.87 63.88 -43.37
N6 ADP EA . 9.05 64.06 -41.92
N1 ADP EA . 8.78 64.94 -44.18
C2 ADP EA . 8.62 64.78 -45.49
N3 ADP EA . 8.55 63.58 -46.05
C4 ADP EA . 8.63 62.46 -45.31
PG AGS FA . -18.82 20.01 -22.73
S1G AGS FA . -20.38 18.99 -22.75
O2G AGS FA . -18.25 20.06 -21.21
O3G AGS FA . -17.70 19.32 -23.65
PB AGS FA . -19.47 21.96 -24.42
O1B AGS FA . -18.52 21.39 -25.41
O2B AGS FA . -19.18 23.38 -24.41
O3B AGS FA . -19.13 21.52 -23.01
PA AGS FA . -22.12 22.71 -24.33
O1A AGS FA . -22.38 22.42 -22.88
O2A AGS FA . -21.69 24.18 -24.41
O3A AGS FA . -20.98 21.74 -24.94
O5' AGS FA . -23.45 22.63 -25.18
C5' AGS FA . -24.35 21.52 -25.27
C4' AGS FA . -25.44 22.05 -26.36
O4' AGS FA . -26.01 23.44 -25.98
C3' AGS FA . -26.59 21.32 -26.50
O3' AGS FA . -27.20 21.58 -27.71
C2' AGS FA . -27.54 21.83 -25.28
O2' AGS FA . -27.16 21.13 -24.10
C1' AGS FA . -27.36 23.22 -25.23
N9 AGS FA . -27.30 23.87 -23.86
C8 AGS FA . -26.34 23.63 -22.96
N7 AGS FA . -26.54 24.35 -21.87
C5 AGS FA . -27.63 25.09 -22.05
C6 AGS FA . -28.31 26.04 -21.22
N6 AGS FA . -27.79 26.31 -19.96
N1 AGS FA . -29.43 26.66 -21.68
C2 AGS FA . -29.92 26.39 -22.91
N3 AGS FA . -29.30 25.48 -23.74
C4 AGS FA . -28.13 24.81 -23.33
PB ADP GA . 36.56 38.66 -38.15
O1B ADP GA . 36.21 38.57 -39.62
O2B ADP GA . 37.52 37.56 -37.80
O3B ADP GA . 35.32 38.58 -37.29
PA ADP GA . 38.93 40.14 -38.42
O1A ADP GA . 38.93 40.04 -39.94
O2A ADP GA . 39.65 38.96 -37.81
O3A ADP GA . 37.35 40.08 -37.88
O5' ADP GA . 39.63 41.55 -37.96
C5' ADP GA . 40.59 41.50 -36.95
C4' ADP GA . 40.71 42.88 -36.23
O4' ADP GA . 41.69 42.87 -35.37
C3' ADP GA . 41.09 44.00 -37.26
O3' ADP GA . 40.55 43.70 -38.51
C2' ADP GA . 42.60 43.87 -37.30
O2' ADP GA . 43.15 45.07 -37.80
C1' ADP GA . 42.91 43.73 -36.02
N9 ADP GA . 44.12 43.08 -35.42
C8 ADP GA . 44.13 42.18 -34.44
N7 ADP GA . 45.38 41.84 -34.16
C5 ADP GA . 46.21 42.53 -34.94
C6 ADP GA . 47.62 42.58 -35.07
N6 ADP GA . 48.47 41.75 -34.22
N1 ADP GA . 48.12 43.40 -35.97
C2 ADP GA . 47.34 44.16 -36.73
N3 ADP GA . 46.02 44.13 -36.63
C4 ADP GA . 45.42 43.33 -35.74
PB ADP HA . 2.85 38.74 -5.65
O1B ADP HA . 2.13 37.45 -5.98
O2B ADP HA . 1.82 39.69 -5.16
O3B ADP HA . 3.82 38.53 -4.49
PA ADP HA . 4.23 40.88 -6.77
O1A ADP HA . 4.72 41.32 -8.15
O2A ADP HA . 5.41 40.86 -5.79
O3A ADP HA . 3.55 39.40 -6.96
O5' ADP HA . 3.18 42.04 -6.26
C5' ADP HA . 1.95 42.31 -6.87
C4' ADP HA . 1.41 43.61 -6.16
O4' ADP HA . 2.20 44.65 -6.41
C3' ADP HA . 0.00 44.16 -6.65
O3' ADP HA . -0.10 44.28 -8.06
C2' ADP HA . 0.04 45.55 -5.95
O2' ADP HA . -0.20 45.39 -4.57
C1' ADP HA . 1.31 46.00 -6.22
N9 ADP HA . 2.28 46.80 -5.35
C8 ADP HA . 2.75 48.03 -5.63
N7 ADP HA . 3.57 48.45 -4.67
C5 ADP HA . 3.66 47.52 -3.73
C6 ADP HA . 4.37 47.35 -2.47
N6 ADP HA . 5.24 48.32 -1.89
N1 ADP HA . 4.22 46.23 -1.75
C2 ADP HA . 3.40 45.22 -2.20
N3 ADP HA . 2.73 45.31 -3.36
C4 ADP HA . 2.82 46.44 -4.16
#